data_9NQ7
#
_entry.id   9NQ7
#
_cell.length_a   1.00
_cell.length_b   1.00
_cell.length_c   1.00
_cell.angle_alpha   90.00
_cell.angle_beta   90.00
_cell.angle_gamma   90.00
#
_symmetry.space_group_name_H-M   'P 1'
#
loop_
_entity.id
_entity.type
_entity.pdbx_description
1 polymer 'RNA (41-MER)'
2 polymer 'CRISPR system Cms protein Csm5'
3 polymer 'CRISPR system single-strand-specific deoxyribonuclease Cas10/Csm1 (subtype III-A)'
4 polymer 'CRISPR system Cms protein Csm4'
5 polymer 'CRISPR system Cms endoribonuclease Csm3'
6 polymer 'CRISPR system Cms protein Csm2'
7 polymer Enolase
8 polymer AcrIIIA2
#
loop_
_entity_poly.entity_id
_entity_poly.type
_entity_poly.pdbx_seq_one_letter_code
_entity_poly.pdbx_strand_id
1 'polyribonucleotide' ACGGAAACCUUGAUUCUAACGCUACUUCUAAAUAAGCGUUA R
2 'polypeptide(L)'
;MKNDYRTFKLSLLTLAPIHIGNGEKYTSREFIYENKKFYFPDMGKFYNKMVEKRLAEKFEAFLIQTRPNARNNRLISFLN
DNRIAERSFGGYSISETGLESDRNPNSAGAINEVNKFIRDAFGNPYIPGSSLKGAIRTILMNTTPKWNNENAVNDFGRFP
KENKNLIPWGPKKGKEYDDLFNAIRVSDSKPFDNKRLILVQKWDYSAKTNKAKPLPLYRESISPLTKIEFEITTTTDEAG
RLIEELGKRAQAFYKDYKAFFLSEFPDDKIQANLQYPIYLGAGSGAWTKTLFKQADGILQRRYSRMKTKMVKKGVLKLTK
APLKIVKIPSGNHSLIKNHESFYEMGKANFMIKEIDK
;
H
3 'polypeptide(L)'
;MKKEKIDLFYGALLHDIGKVIQRATGERKKHALVGADWFDEIADNQVISDQIRYHMANYQSDKLGNDHLAYITYIADNIA
SGVDRRQSNEESDEDASAKIWDTYTNQADIFNVFGAQTDKRYFKPTVLNLKSKPNFASATYEPFSKGDYAAIATRIKNEL
AEFEFNQAQIDSLLNLFEAILSFVPSSTNSKEIADISLAEHSRLTAAFALAIYDYLEDKGRHNYKEDLFTKASAFYEEEA
FLLASFDLSGIQDFIYNIATSGAAKQLKARSLYLDFMSEYIADSLLDKLGLNRANLLYVGGGHAYFVLANTEKTVETLVQ
FEKDFNQFLLANFQTRLYVAFGWGSFAAKDIMSELNSPESYRQIYQKASRMISEKKISRYDYRTLMLLNRGGKSSERECE
ICHSVENLVSYHDQKVCDICRGLYQFSKEIAHDHFIITENEGLPIGPNACLKGVAFEKLSQESFSRVYVKNDYKAGTIKA
THVFVGDYQCDEIHKYAALSKNEDGLGIKRLAVVRLDVDDLGAAFMAGFSRQGNGQYSTLSRSATFSRSMSLFFKVYINQ
FASDKKLSIIYAGGDDVFAIGSWQDIIAFTVELRQNFIKWTNGKLTLSAGIGLFADKTPISLMAHQTGELEEAAKGNEKD
SISLFSSDYTFKFDRFITNVYDDKLEQIRYFFNHQDERGKNFIYKLIELLRNYESEEKMNVARLAYYLTRLEELTDKDER
DKFKQFKKLFFKWYTNNESDRKEAELALLLYVYEIRKD
;
A
4 'polypeptide(L)'
;MTYKLYIMTFQNAHFGSGTLDSSKLTFSADRIFSALVLEALKMGKLDAFLAEANQDKFTLTDAFPFQFGPFLPKPIGYPK
HDQIDQSVDVKEVRRQAKLSKKLQFLALENVDDYLNGELFENEEHAVIDTVTKNQPHKDDNLYQVATTRFSNDTSLYVIA
NESDLLNELMSSLQYSGLGGKRSSGFGRFELDIQNIPLELSDRLTKNHSDKVMSLTTALPVDADLEEAMEDGHYLLTKSS
GFAFSHATNENYRKQDLYKFASGSTFSKTFEGQIVDVRPLDFPHAVLNYAKPLFFKLEV
;
B
5 'polypeptide(L)'
;MTFAKIKFSAQIRLETGLHIGGSDAFAAIGAIDSPVIKDPITNLPIIPGSSLKGKMRTLLAKVYNEKVAEKPSDDSDILS
RLFGNSKDKRFKMGRLIFRDAFLSNADELDSLGVRSYTEVKFENTIDRITAEANPRQIERAIRNSTFDFELIYEITDENE
NQVEEDFKVIRDGLKLLELDYLGGSGSRGYGKVAFENLKATTVFGNYDVKTLNELLTAEV
;
F,C,E,G
6 'polypeptide(L)'
;HHHHHHMAILTDENYVDKAERAISLLEKDNKGNYLLTTSQIRKLLSLCSSLYDRSKERKFDELINDVSYLRVQFVYQSGR
NSVRVNRQTFFPVKDLVEKGQILEALKEIKDRETLQRFCRYMEALVAYFKFYGGKD
;
D,I,J
7 'polypeptide(L)'
;MSIITDVYAREVLDSRGNPTLEVEVYTESGAFGRGMVPSGASTGEHEAVELRDGDKARYGGLGTQKAVDNVNNVIAEHII
GFDVRDQQGIDRAMIALDGTPNKGKLGANAILGVSIAVARAAADYLEVPLYSYLGGFNTKVLPTPMMNIINGGSHSDAPI
AFQEFMIVPAGAPTFKEALRWGAEIFHALKKILKERGLETAVGDEGGFAPRFNGTEDGVETIIKAIEAAGYVPGKDVFIG
LDCASSEFYDAEHKVYGYTKFEGEGAAVRTAAEQIDYLEELVNKYPIITIEDGMDENDWDGWKALTERLGGKVQLVGDDF
FVTNTAYLEKGIAEHAANSILIKVNQIGTLTETFDAIEMAKEAGYTAVVSHRSGETEDSTIADIAVATNAGQIKTGSLSR
TDRIAKYNQLLRIEDQLGEVAEYRGLKSFYNLKK
;
S,L,P,K,M,O,N,Q
8 'polypeptide(L)'
;MKNFKISSTYRAARKQQKTANRKSFYNDEGYMISPSEWADGVIKGLINPKNSWSNDHVKGYLPRVSPRSHWTKNGYREYL
GIGKSRDIPEKEPEVIEMMDLELVV
;
T
#
loop_
_chem_comp.id
_chem_comp.type
_chem_comp.name
_chem_comp.formula
A RNA linking ADENOSINE-5'-MONOPHOSPHATE 'C10 H14 N5 O7 P'
C RNA linking CYTIDINE-5'-MONOPHOSPHATE 'C9 H14 N3 O8 P'
G RNA linking GUANOSINE-5'-MONOPHOSPHATE 'C10 H14 N5 O8 P'
U RNA linking URIDINE-5'-MONOPHOSPHATE 'C9 H13 N2 O9 P'
#
# COMPACT_ATOMS: atom_id res chain seq x y z
N ASP B 4 13.53 41.58 8.19
CA ASP B 4 12.22 40.94 8.31
C ASP B 4 12.36 39.44 8.46
N TYR B 5 13.60 38.96 8.45
CA TYR B 5 13.91 37.54 8.58
C TYR B 5 14.50 37.29 9.96
N ARG B 6 14.01 36.24 10.62
CA ARG B 6 14.56 35.79 11.89
C ARG B 6 15.31 34.49 11.67
N THR B 7 16.49 34.37 12.24
CA THR B 7 17.31 33.18 12.11
C THR B 7 17.51 32.55 13.48
N PHE B 8 17.21 31.25 13.57
CA PHE B 8 17.34 30.44 14.77
C PHE B 8 18.36 29.34 14.52
N LYS B 9 19.07 28.97 15.57
CA LYS B 9 19.99 27.85 15.51
C LYS B 9 19.45 26.74 16.40
N LEU B 10 19.26 25.57 15.80
CA LEU B 10 18.74 24.40 16.51
C LEU B 10 19.88 23.41 16.67
N SER B 11 20.29 23.17 17.91
CA SER B 11 21.31 22.19 18.23
C SER B 11 20.62 20.91 18.64
N LEU B 12 20.92 19.82 17.93
CA LEU B 12 20.31 18.52 18.13
C LEU B 12 21.35 17.63 18.79
N LEU B 13 21.01 17.10 19.95
CA LEU B 13 21.79 16.12 20.69
C LEU B 13 21.00 14.83 20.73
N THR B 14 21.48 13.82 20.00
CA THR B 14 20.77 12.54 19.96
C THR B 14 20.87 11.86 21.32
N LEU B 15 19.74 11.45 21.86
CA LEU B 15 19.73 10.64 23.07
C LEU B 15 19.62 9.17 22.77
N ALA B 16 19.52 8.81 21.51
CA ALA B 16 19.27 7.44 21.09
C ALA B 16 19.65 7.35 19.61
N PRO B 17 19.82 6.13 19.08
CA PRO B 17 20.10 5.99 17.65
C PRO B 17 19.01 6.59 16.77
N ILE B 18 19.45 7.27 15.71
CA ILE B 18 18.57 7.97 14.79
C ILE B 18 18.91 7.51 13.39
N HIS B 19 17.93 6.98 12.68
CA HIS B 19 18.12 6.50 11.32
C HIS B 19 17.24 7.29 10.36
N ILE B 20 17.84 7.81 9.31
CA ILE B 20 17.11 8.40 8.19
C ILE B 20 17.58 7.68 6.94
N GLY B 21 16.67 6.99 6.28
CA GLY B 21 17.05 6.15 5.16
C GLY B 21 16.90 6.84 3.81
N ASN B 22 17.44 6.17 2.80
CA ASN B 22 17.32 6.57 1.40
C ASN B 22 16.65 5.53 0.53
N GLY B 23 16.10 4.49 1.15
CA GLY B 23 15.47 3.43 0.41
C GLY B 23 16.38 2.30 0.00
N GLU B 24 17.69 2.42 0.21
CA GLU B 24 18.65 1.41 -0.21
C GLU B 24 19.11 0.59 0.98
N LYS B 25 19.64 -0.59 0.70
CA LYS B 25 20.04 -1.48 1.77
C LYS B 25 21.30 -2.22 1.34
N TYR B 26 22.27 -2.30 2.23
CA TYR B 26 23.44 -3.16 2.05
C TYR B 26 23.03 -4.61 2.20
N THR B 27 23.46 -5.45 1.27
CA THR B 27 23.27 -6.88 1.41
C THR B 27 24.54 -7.48 2.00
N SER B 28 24.42 -8.71 2.50
CA SER B 28 25.54 -9.36 3.16
C SER B 28 26.72 -9.65 2.23
N ARG B 29 26.51 -9.66 0.92
CA ARG B 29 27.59 -9.74 -0.06
C ARG B 29 28.25 -8.39 -0.33
N GLU B 30 28.06 -7.41 0.54
CA GLU B 30 28.60 -6.08 0.39
C GLU B 30 29.39 -5.56 1.55
N PHE B 31 29.37 -6.23 2.70
CA PHE B 31 30.17 -5.81 3.84
C PHE B 31 30.85 -7.02 4.46
N ILE B 32 31.94 -6.73 5.18
CA ILE B 32 32.77 -7.76 5.78
C ILE B 32 32.76 -7.52 7.28
N TYR B 33 32.42 -8.53 8.05
CA TYR B 33 32.50 -8.46 9.49
C TYR B 33 33.83 -9.10 9.90
N GLU B 34 34.77 -8.27 10.36
CA GLU B 34 36.06 -8.79 10.79
C GLU B 34 36.74 -7.74 11.64
N ASN B 35 37.69 -8.20 12.47
CA ASN B 35 38.51 -7.36 13.35
C ASN B 35 37.65 -6.46 14.24
N LYS B 36 36.51 -7.03 14.68
CA LYS B 36 35.51 -6.33 15.50
C LYS B 36 35.04 -5.04 14.82
N LYS B 37 34.74 -5.13 13.51
CA LYS B 37 34.16 -4.00 12.79
C LYS B 37 33.47 -4.49 11.54
N PHE B 38 32.54 -3.68 11.06
CA PHE B 38 31.86 -3.88 9.79
C PHE B 38 32.47 -2.97 8.74
N TYR B 39 33.13 -3.55 7.75
CA TYR B 39 33.78 -2.80 6.70
C TYR B 39 32.86 -2.81 5.48
N PHE B 40 32.52 -1.62 4.99
CA PHE B 40 31.70 -1.45 3.80
C PHE B 40 32.59 -0.92 2.71
N PRO B 41 33.09 -1.77 1.82
CA PRO B 41 33.96 -1.31 0.74
C PRO B 41 33.17 -0.66 -0.38
N ASP B 42 33.89 0.00 -1.26
CA ASP B 42 33.28 0.55 -2.45
C ASP B 42 33.28 -0.60 -3.46
N MET B 43 32.10 -0.90 -4.02
CA MET B 43 31.95 -2.02 -4.94
C MET B 43 32.77 -1.84 -6.22
N GLY B 44 32.81 -0.62 -6.74
CA GLY B 44 33.63 -0.32 -7.91
C GLY B 44 35.12 -0.52 -7.66
N LYS B 45 35.63 -0.03 -6.53
CA LYS B 45 37.03 -0.23 -6.19
C LYS B 45 37.35 -1.69 -5.95
N PHE B 46 36.44 -2.41 -5.27
CA PHE B 46 36.59 -3.84 -5.06
C PHE B 46 36.66 -4.57 -6.38
N TYR B 47 35.74 -4.27 -7.30
CA TYR B 47 35.74 -4.92 -8.59
C TYR B 47 36.98 -4.58 -9.40
N ASN B 48 37.45 -3.33 -9.33
CA ASN B 48 38.67 -2.94 -10.03
C ASN B 48 39.89 -3.68 -9.50
N LYS B 49 39.98 -3.85 -8.17
CA LYS B 49 41.07 -4.65 -7.62
C LYS B 49 40.90 -6.14 -7.89
N MET B 50 39.66 -6.60 -8.15
CA MET B 50 39.41 -8.01 -8.42
C MET B 50 39.56 -8.37 -9.90
N VAL B 51 39.59 -7.40 -10.81
CA VAL B 51 39.91 -7.72 -12.19
C VAL B 51 41.41 -7.81 -12.43
N GLU B 52 42.22 -7.16 -11.57
CA GLU B 52 43.66 -7.26 -11.67
C GLU B 52 44.20 -8.52 -11.02
N LYS B 53 43.37 -9.24 -10.27
CA LYS B 53 43.78 -10.51 -9.66
C LYS B 53 43.13 -11.70 -10.36
N ARG B 54 42.55 -11.48 -11.55
CA ARG B 54 41.98 -12.54 -12.40
C ARG B 54 40.84 -13.26 -11.70
N LEU B 55 40.12 -12.55 -10.83
CA LEU B 55 38.99 -13.13 -10.11
C LEU B 55 37.70 -12.39 -10.43
N ALA B 56 37.66 -11.66 -11.55
CA ALA B 56 36.47 -10.95 -11.94
C ALA B 56 35.33 -11.90 -12.23
N GLU B 57 35.62 -12.98 -12.95
CA GLU B 57 34.58 -13.97 -13.28
C GLU B 57 34.10 -14.70 -12.04
N LYS B 58 35.02 -15.03 -11.12
CA LYS B 58 34.62 -15.68 -9.87
C LYS B 58 33.76 -14.77 -9.02
N PHE B 59 34.12 -13.49 -8.93
CA PHE B 59 33.33 -12.55 -8.15
C PHE B 59 31.97 -12.30 -8.80
N GLU B 60 31.93 -12.25 -10.13
CA GLU B 60 30.67 -12.10 -10.82
C GLU B 60 29.79 -13.31 -10.59
N ALA B 61 30.35 -14.52 -10.61
CA ALA B 61 29.54 -15.70 -10.28
C ALA B 61 29.06 -15.69 -8.82
N PHE B 62 29.88 -15.15 -7.91
CA PHE B 62 29.49 -15.03 -6.51
C PHE B 62 28.31 -14.07 -6.34
N LEU B 63 28.36 -12.92 -7.02
CA LEU B 63 27.30 -11.92 -6.92
C LEU B 63 26.04 -12.30 -7.69
N ILE B 64 26.19 -12.95 -8.86
CA ILE B 64 25.05 -13.40 -9.64
C ILE B 64 24.18 -14.41 -8.93
N GLN B 65 24.78 -15.29 -8.13
CA GLN B 65 24.06 -16.40 -7.52
C GLN B 65 22.90 -15.95 -6.66
N THR B 66 21.67 -16.20 -7.12
CA THR B 66 20.49 -15.67 -6.46
C THR B 66 20.06 -16.45 -5.25
N ARG B 67 20.54 -17.69 -5.09
CA ARG B 67 20.16 -18.53 -3.97
C ARG B 67 21.38 -19.11 -3.27
N PRO B 68 22.12 -18.27 -2.52
CA PRO B 68 23.16 -18.82 -1.65
C PRO B 68 22.53 -19.66 -0.56
N ASN B 69 23.25 -20.69 -0.13
CA ASN B 69 22.66 -21.68 0.76
C ASN B 69 22.58 -21.16 2.19
N ALA B 70 23.73 -21.01 2.86
CA ALA B 70 23.79 -20.33 4.15
C ALA B 70 25.02 -19.45 4.33
N ARG B 71 26.11 -19.70 3.62
CA ARG B 71 27.41 -19.09 3.87
C ARG B 71 27.98 -18.38 2.65
N ASN B 72 27.64 -18.84 1.45
CA ASN B 72 28.00 -18.17 0.20
C ASN B 72 27.26 -16.85 -0.01
N ASN B 73 26.48 -16.42 0.99
CA ASN B 73 25.81 -15.16 0.99
C ASN B 73 26.68 -14.09 1.65
N ARG B 74 27.82 -14.42 2.23
CA ARG B 74 28.65 -13.43 2.90
C ARG B 74 29.89 -13.12 2.07
N LEU B 75 30.33 -11.86 2.09
CA LEU B 75 31.51 -11.48 1.33
C LEU B 75 32.79 -12.05 1.92
N ILE B 76 32.82 -12.26 3.24
CA ILE B 76 33.99 -12.80 3.90
C ILE B 76 34.27 -14.23 3.44
N SER B 77 33.21 -14.97 3.05
CA SER B 77 33.40 -16.31 2.51
C SER B 77 34.12 -16.25 1.17
N PHE B 78 33.77 -15.28 0.32
CA PHE B 78 34.47 -15.11 -0.95
C PHE B 78 35.92 -14.69 -0.71
N LEU B 79 36.14 -13.76 0.23
CA LEU B 79 37.50 -13.27 0.52
C LEU B 79 38.36 -14.35 1.14
N ASN B 80 37.76 -15.33 1.81
CA ASN B 80 38.50 -16.42 2.43
C ASN B 80 38.78 -17.56 1.45
N ASP B 81 37.79 -17.95 0.65
CA ASP B 81 37.97 -19.05 -0.30
C ASP B 81 39.00 -18.70 -1.36
N ASN B 82 38.98 -17.47 -1.85
CA ASN B 82 39.81 -17.10 -2.96
C ASN B 82 41.13 -16.48 -2.55
N ARG B 83 41.40 -16.43 -1.24
CA ARG B 83 42.69 -16.04 -0.68
C ARG B 83 43.03 -14.59 -1.03
N ILE B 84 42.19 -13.68 -0.55
CA ILE B 84 42.43 -12.25 -0.64
C ILE B 84 42.76 -11.76 0.76
N ALA B 85 43.89 -11.07 0.90
CA ALA B 85 44.27 -10.46 2.15
C ALA B 85 44.14 -8.94 2.16
N GLU B 86 44.06 -8.32 0.99
CA GLU B 86 43.93 -6.87 0.92
C GLU B 86 42.58 -6.41 1.41
N ARG B 87 42.56 -5.29 2.13
CA ARG B 87 41.35 -4.69 2.66
C ARG B 87 41.25 -3.21 2.30
N SER B 88 42.00 -2.75 1.28
CA SER B 88 42.00 -1.34 0.92
C SER B 88 41.11 -1.20 -0.33
N PHE B 89 39.81 -1.13 -0.10
CA PHE B 89 38.82 -0.98 -1.15
C PHE B 89 38.01 0.31 -1.00
N GLY B 90 38.56 1.31 -0.33
CA GLY B 90 37.79 2.52 -0.08
C GLY B 90 36.69 2.28 0.92
N GLY B 91 35.55 2.94 0.72
CA GLY B 91 34.43 2.74 1.60
C GLY B 91 34.68 3.29 3.00
N TYR B 92 34.13 2.60 3.99
CA TYR B 92 34.25 3.07 5.37
C TYR B 92 34.06 1.88 6.30
N SER B 93 34.05 2.15 7.59
CA SER B 93 33.92 1.11 8.60
C SER B 93 33.04 1.59 9.74
N ILE B 94 32.40 0.64 10.41
CA ILE B 94 31.57 0.89 11.57
C ILE B 94 32.09 0.01 12.71
N SER B 95 32.40 0.63 13.84
CA SER B 95 32.93 -0.11 14.98
C SER B 95 31.87 -1.05 15.55
N GLU B 96 32.27 -2.29 15.78
CA GLU B 96 31.36 -3.28 16.36
C GLU B 96 30.98 -2.89 17.77
N THR B 97 29.68 -2.90 18.03
CA THR B 97 29.12 -2.58 19.33
C THR B 97 28.92 -3.80 20.22
N GLY B 98 28.46 -4.90 19.65
CA GLY B 98 28.13 -6.07 20.42
C GLY B 98 26.63 -6.24 20.46
N LEU B 99 25.91 -5.14 20.61
CA LEU B 99 24.45 -5.14 20.59
C LEU B 99 23.98 -4.67 19.21
N GLU B 100 24.46 -5.36 18.19
CA GLU B 100 24.06 -5.11 16.81
C GLU B 100 23.13 -6.18 16.26
N SER B 101 23.23 -7.39 16.78
CA SER B 101 22.31 -8.47 16.44
C SER B 101 22.18 -9.36 17.66
N ASP B 102 20.96 -9.81 17.94
CA ASP B 102 20.75 -10.71 19.07
C ASP B 102 21.41 -12.07 18.90
N ARG B 103 21.78 -12.45 17.68
CA ARG B 103 22.47 -13.69 17.42
C ARG B 103 23.93 -13.33 17.08
N ASN B 104 24.69 -14.34 16.69
CA ASN B 104 26.09 -14.10 16.31
C ASN B 104 26.14 -13.66 14.84
N PRO B 105 26.68 -12.47 14.54
CA PRO B 105 26.73 -12.01 13.14
C PRO B 105 27.57 -12.86 12.21
N ASN B 106 28.49 -13.68 12.73
CA ASN B 106 29.36 -14.50 11.91
C ASN B 106 28.98 -15.97 11.93
N SER B 107 27.85 -16.33 12.54
CA SER B 107 27.47 -17.73 12.68
C SER B 107 26.22 -18.09 11.89
N ALA B 108 25.11 -17.42 12.14
CA ALA B 108 23.86 -17.72 11.48
C ALA B 108 23.69 -16.80 10.27
N GLY B 109 22.48 -16.78 9.71
CA GLY B 109 22.16 -15.79 8.68
C GLY B 109 22.38 -14.38 9.16
N ALA B 110 21.88 -14.08 10.36
CA ALA B 110 22.21 -12.89 11.16
C ALA B 110 21.90 -11.63 10.37
N ILE B 111 22.83 -10.70 10.22
CA ILE B 111 22.59 -9.45 9.52
C ILE B 111 22.68 -9.74 8.02
N ASN B 112 21.53 -9.92 7.39
CA ASN B 112 21.47 -10.12 5.95
C ASN B 112 21.37 -8.81 5.19
N GLU B 113 20.62 -7.85 5.72
CA GLU B 113 20.44 -6.55 5.09
C GLU B 113 20.57 -5.46 6.13
N VAL B 114 21.19 -4.36 5.73
CA VAL B 114 21.37 -3.16 6.56
C VAL B 114 20.73 -1.99 5.85
N ASN B 115 19.82 -1.30 6.52
CA ASN B 115 19.21 -0.11 5.96
C ASN B 115 20.23 1.03 5.97
N LYS B 116 20.48 1.62 4.80
CA LYS B 116 21.49 2.64 4.66
C LYS B 116 21.01 3.98 5.21
N PHE B 117 21.94 4.72 5.80
CA PHE B 117 21.69 6.11 6.17
C PHE B 117 21.77 6.99 4.93
N ILE B 118 21.04 8.11 4.97
CA ILE B 118 21.02 9.06 3.87
C ILE B 118 22.38 9.73 3.72
N ARG B 119 22.84 9.81 2.48
CA ARG B 119 24.14 10.39 2.18
C ARG B 119 24.01 11.31 0.98
N ASP B 120 25.03 12.14 0.81
CA ASP B 120 25.11 13.03 -0.34
C ASP B 120 25.89 12.36 -1.46
N ALA B 121 26.27 13.14 -2.47
CA ALA B 121 27.05 12.58 -3.58
C ALA B 121 28.48 12.25 -3.19
N PHE B 122 28.97 12.78 -2.07
CA PHE B 122 30.32 12.49 -1.60
C PHE B 122 30.37 11.34 -0.62
N GLY B 123 29.23 10.72 -0.31
CA GLY B 123 29.21 9.60 0.60
C GLY B 123 29.26 9.97 2.06
N ASN B 124 29.05 11.22 2.40
CA ASN B 124 29.07 11.67 3.79
C ASN B 124 27.65 11.76 4.32
N PRO B 125 27.35 11.16 5.46
CA PRO B 125 26.00 11.21 6.00
C PRO B 125 25.65 12.59 6.52
N TYR B 126 24.37 12.93 6.42
CA TYR B 126 23.85 14.21 6.89
C TYR B 126 22.37 14.03 7.16
N ILE B 127 21.78 15.00 7.87
CA ILE B 127 20.36 14.97 8.17
C ILE B 127 19.67 15.99 7.26
N PRO B 128 18.75 15.57 6.39
CA PRO B 128 18.06 16.53 5.52
C PRO B 128 17.18 17.47 6.31
N GLY B 129 16.99 18.67 5.75
CA GLY B 129 16.13 19.65 6.38
C GLY B 129 14.66 19.29 6.29
N SER B 130 14.30 18.48 5.30
CA SER B 130 12.92 18.03 5.18
C SER B 130 12.54 17.10 6.32
N SER B 131 13.48 16.26 6.79
CA SER B 131 13.18 15.36 7.90
C SER B 131 12.93 16.11 9.19
N LEU B 132 13.85 17.03 9.54
CA LEU B 132 13.67 17.84 10.73
C LEU B 132 12.44 18.73 10.62
N LYS B 133 12.15 19.23 9.41
CA LYS B 133 10.96 20.04 9.22
C LYS B 133 9.69 19.24 9.45
N GLY B 134 9.67 17.97 9.01
CA GLY B 134 8.53 17.12 9.26
C GLY B 134 8.33 16.84 10.74
N ALA B 135 9.42 16.61 11.47
CA ALA B 135 9.32 16.42 12.92
C ALA B 135 8.80 17.67 13.63
N ILE B 136 9.33 18.84 13.25
CA ILE B 136 8.88 20.11 13.81
C ILE B 136 7.42 20.35 13.48
N ARG B 137 7.00 20.00 12.27
CA ARG B 137 5.61 20.18 11.86
C ARG B 137 4.67 19.28 12.66
N THR B 138 5.10 18.04 12.95
CA THR B 138 4.31 17.19 13.83
C THR B 138 4.16 17.78 15.21
N ILE B 139 5.27 18.31 15.76
CA ILE B 139 5.22 18.94 17.09
C ILE B 139 4.27 20.12 17.09
N LEU B 140 4.36 20.97 16.07
CA LEU B 140 3.52 22.18 16.01
C LEU B 140 2.06 21.84 15.78
N MET B 141 1.78 20.87 14.90
CA MET B 141 0.39 20.51 14.62
C MET B 141 -0.27 19.82 15.80
N ASN B 142 0.48 19.05 16.59
CA ASN B 142 -0.12 18.35 17.72
C ASN B 142 -0.41 19.28 18.88
N THR B 143 0.27 20.43 18.96
CA THR B 143 0.11 21.35 20.09
C THR B 143 -0.70 22.59 19.72
N THR B 144 -1.25 22.65 18.52
CA THR B 144 -2.13 23.75 18.13
C THR B 144 -3.57 23.24 18.09
N PRO B 145 -4.44 23.73 18.98
CA PRO B 145 -5.82 23.19 19.02
C PRO B 145 -6.63 23.45 17.77
N LYS B 146 -6.28 24.45 16.96
CA LYS B 146 -7.02 24.70 15.73
C LYS B 146 -6.60 23.78 14.59
N TRP B 147 -5.52 23.02 14.75
CA TRP B 147 -5.13 22.01 13.78
C TRP B 147 -5.31 20.59 14.30
N ASN B 148 -5.29 20.39 15.61
CA ASN B 148 -5.48 19.08 16.21
C ASN B 148 -6.93 18.92 16.67
N ASN B 149 -7.82 18.90 15.69
CA ASN B 149 -9.24 18.69 15.95
C ASN B 149 -9.79 17.74 14.90
N GLU B 150 -11.09 17.44 15.02
CA GLU B 150 -11.76 16.48 14.15
C GLU B 150 -11.87 16.98 12.71
N ASN B 151 -11.67 18.28 12.46
CA ASN B 151 -11.66 18.79 11.10
C ASN B 151 -10.40 18.38 10.34
N ALA B 152 -9.41 17.81 11.01
CA ALA B 152 -8.18 17.35 10.37
C ALA B 152 -8.35 16.00 9.68
N VAL B 153 -9.51 15.36 9.80
CA VAL B 153 -9.77 14.06 9.18
C VAL B 153 -10.72 14.27 8.01
N ASN B 154 -10.30 13.80 6.84
CA ASN B 154 -11.12 13.87 5.62
C ASN B 154 -11.93 12.60 5.55
N ASP B 155 -13.18 12.67 5.99
CA ASP B 155 -14.06 11.51 6.05
C ASP B 155 -14.81 11.25 4.74
N PHE B 156 -14.69 12.13 3.73
CA PHE B 156 -15.46 11.98 2.49
C PHE B 156 -14.77 11.00 1.55
N GLY B 157 -14.71 9.75 1.95
CA GLY B 157 -13.97 8.82 1.12
C GLY B 157 -14.14 7.41 1.62
N ARG B 158 -13.51 6.47 0.90
CA ARG B 158 -13.58 5.06 1.25
C ARG B 158 -13.02 4.81 2.65
N PHE B 159 -11.85 5.36 2.96
CA PHE B 159 -11.25 5.29 4.28
C PHE B 159 -10.73 6.66 4.68
N PRO B 160 -10.70 6.99 5.98
CA PRO B 160 -10.28 8.33 6.42
C PRO B 160 -8.83 8.64 6.06
N LYS B 161 -8.55 9.92 5.89
CA LYS B 161 -7.20 10.37 5.59
C LYS B 161 -7.01 11.76 6.17
N GLU B 162 -5.83 12.33 5.97
CA GLU B 162 -5.55 13.64 6.52
C GLU B 162 -6.16 14.73 5.66
N ASN B 163 -6.57 15.81 6.31
CA ASN B 163 -7.07 17.00 5.65
C ASN B 163 -5.86 17.91 5.42
N LYS B 164 -5.25 17.77 4.24
CA LYS B 164 -4.07 18.56 3.91
C LYS B 164 -4.38 20.05 3.77
N ASN B 165 -5.65 20.39 3.53
CA ASN B 165 -6.07 21.77 3.35
C ASN B 165 -6.44 22.45 4.66
N LEU B 166 -6.27 21.76 5.80
CA LEU B 166 -6.56 22.38 7.09
C LEU B 166 -5.61 23.55 7.38
N ILE B 167 -4.32 23.28 7.17
CA ILE B 167 -3.33 24.46 7.12
C ILE B 167 -3.22 24.81 5.87
N PRO B 168 -3.66 26.09 5.36
CA PRO B 168 -3.67 26.55 4.02
C PRO B 168 -2.27 26.64 3.43
N TRP B 169 -2.15 26.22 2.18
CA TRP B 169 -0.88 26.26 1.47
C TRP B 169 -1.17 26.53 0.01
N GLY B 170 -0.16 27.02 -0.70
CA GLY B 170 -0.28 27.23 -2.12
C GLY B 170 -0.90 28.57 -2.46
N PRO B 171 -0.83 28.95 -3.73
CA PRO B 171 -1.49 30.19 -4.15
C PRO B 171 -2.99 29.99 -4.35
N LYS B 172 -3.73 31.06 -4.09
CA LYS B 172 -5.16 31.10 -4.34
C LYS B 172 -5.47 32.20 -5.34
N LYS B 173 -6.51 32.00 -6.14
CA LYS B 173 -6.87 32.94 -7.19
C LYS B 173 -7.41 34.22 -6.57
N GLY B 174 -6.66 35.31 -6.72
CA GLY B 174 -7.09 36.60 -6.22
C GLY B 174 -7.00 36.79 -4.73
N LYS B 175 -6.37 35.87 -4.01
CA LYS B 175 -6.26 35.95 -2.56
C LYS B 175 -4.80 36.13 -2.17
N GLU B 176 -4.59 36.81 -1.04
CA GLU B 176 -3.24 37.02 -0.52
C GLU B 176 -2.61 35.68 -0.16
N TYR B 177 -1.31 35.57 -0.43
CA TYR B 177 -0.57 34.34 -0.16
C TYR B 177 -0.59 34.01 1.33
N ASP B 178 -1.02 32.79 1.64
CA ASP B 178 -1.28 32.38 3.02
C ASP B 178 -0.67 31.01 3.30
N ASP B 179 0.60 30.84 2.96
CA ASP B 179 1.33 29.63 3.31
C ASP B 179 2.17 29.89 4.55
N LEU B 180 1.75 29.33 5.67
CA LEU B 180 2.51 29.45 6.91
C LEU B 180 3.83 28.69 6.88
N PHE B 181 3.81 27.46 6.42
CA PHE B 181 5.00 26.64 6.47
C PHE B 181 5.96 26.91 5.33
N ASN B 182 5.63 27.81 4.41
CA ASN B 182 6.65 28.38 3.55
C ASN B 182 7.52 29.38 4.29
N ALA B 183 6.98 29.99 5.34
CA ALA B 183 7.77 30.94 6.12
C ALA B 183 8.78 30.23 7.00
N ILE B 184 8.45 29.05 7.51
CA ILE B 184 9.38 28.24 8.28
C ILE B 184 10.25 27.46 7.31
N ARG B 185 11.55 27.75 7.30
CA ARG B 185 12.48 27.16 6.35
C ARG B 185 13.60 26.47 7.12
N VAL B 186 13.57 25.14 7.14
CA VAL B 186 14.53 24.34 7.88
C VAL B 186 15.62 23.89 6.92
N SER B 187 16.85 24.29 7.18
CA SER B 187 17.98 23.85 6.39
C SER B 187 18.48 22.50 6.91
N ASP B 188 19.26 21.82 6.10
CA ASP B 188 19.86 20.57 6.50
C ASP B 188 21.16 20.79 7.25
N SER B 189 21.85 19.71 7.55
CA SER B 189 23.07 19.76 8.36
C SER B 189 24.30 19.74 7.45
N LYS B 190 25.38 20.29 7.97
CA LYS B 190 26.68 19.97 7.41
C LYS B 190 26.97 18.50 7.68
N PRO B 191 27.52 17.78 6.71
CA PRO B 191 27.72 16.33 6.87
C PRO B 191 28.63 16.00 8.04
N PHE B 192 28.25 14.97 8.79
CA PHE B 192 29.06 14.46 9.88
C PHE B 192 29.85 13.25 9.37
N ASP B 193 30.68 12.71 10.24
CA ASP B 193 31.59 11.65 9.86
C ASP B 193 30.96 10.28 10.09
N ASN B 194 31.48 9.28 9.38
CA ASN B 194 31.04 7.91 9.53
C ASN B 194 31.47 7.29 10.85
N LYS B 195 32.34 7.96 11.61
CA LYS B 195 32.69 7.50 12.94
C LYS B 195 31.54 7.63 13.93
N ARG B 196 30.48 8.34 13.58
CA ARG B 196 29.31 8.51 14.43
C ARG B 196 28.20 7.53 14.09
N LEU B 197 28.46 6.49 13.32
CA LEU B 197 27.45 5.56 12.84
C LEU B 197 27.61 4.21 13.52
N ILE B 198 26.48 3.59 13.87
CA ILE B 198 26.38 2.28 14.49
C ILE B 198 25.37 1.45 13.73
N LEU B 199 25.19 0.20 14.17
CA LEU B 199 24.44 -0.81 13.42
C LEU B 199 23.35 -1.42 14.30
N VAL B 200 22.50 -0.55 14.84
CA VAL B 200 21.46 -1.02 15.75
C VAL B 200 20.42 -1.92 15.10
N GLN B 201 19.64 -2.60 15.94
CA GLN B 201 18.63 -3.55 15.51
C GLN B 201 17.30 -3.19 16.16
N LYS B 202 16.20 -3.56 15.49
CA LYS B 202 14.86 -3.25 15.95
C LYS B 202 14.39 -4.24 17.02
N TRP B 203 14.01 -3.74 18.19
CA TRP B 203 13.36 -4.54 19.22
C TRP B 203 12.03 -3.90 19.55
N ASP B 204 11.01 -4.74 19.73
CA ASP B 204 9.66 -4.27 20.03
C ASP B 204 9.26 -4.75 21.42
N TYR B 205 8.84 -3.83 22.26
CA TYR B 205 8.41 -4.12 23.63
C TYR B 205 6.90 -4.07 23.71
N SER B 206 6.29 -5.18 24.08
CA SER B 206 4.82 -5.24 24.12
C SER B 206 4.33 -5.10 25.55
N ALA B 207 3.29 -4.29 25.75
CA ALA B 207 2.71 -4.16 27.09
C ALA B 207 1.94 -5.40 27.53
N LYS B 208 1.47 -6.22 26.59
CA LYS B 208 0.80 -7.50 26.86
C LYS B 208 1.80 -8.63 27.14
N THR B 209 2.84 -8.78 26.31
CA THR B 209 3.84 -9.83 26.52
C THR B 209 4.83 -9.47 27.62
N ASN B 210 4.97 -8.17 27.92
CA ASN B 210 5.86 -7.64 28.96
C ASN B 210 7.32 -7.99 28.71
N LYS B 211 7.72 -8.13 27.45
CA LYS B 211 9.10 -8.43 27.07
C LYS B 211 9.38 -7.84 25.69
N ALA B 212 10.68 -7.71 25.40
CA ALA B 212 11.17 -7.17 24.14
C ALA B 212 11.51 -8.32 23.20
N LYS B 213 11.02 -8.22 21.98
CA LYS B 213 11.22 -9.19 20.93
C LYS B 213 12.06 -8.56 19.83
N PRO B 214 13.15 -9.17 19.46
CA PRO B 214 13.97 -8.68 18.38
C PRO B 214 13.41 -9.03 17.01
N LEU B 215 13.69 -8.17 16.05
CA LEU B 215 13.18 -8.31 14.69
C LEU B 215 14.32 -8.19 13.71
N PRO B 216 14.21 -8.81 12.53
CA PRO B 216 15.28 -8.69 11.51
C PRO B 216 15.20 -7.38 10.74
N LEU B 217 15.60 -6.30 11.42
CA LEU B 217 15.59 -4.96 10.81
C LEU B 217 16.78 -4.20 11.39
N TYR B 218 17.88 -4.19 10.65
CA TYR B 218 19.12 -3.56 11.08
C TYR B 218 19.28 -2.25 10.31
N ARG B 219 19.66 -1.20 11.02
CA ARG B 219 19.73 0.13 10.45
C ARG B 219 21.09 0.75 10.73
N GLU B 220 21.50 1.67 9.86
CA GLU B 220 22.67 2.50 10.09
C GLU B 220 22.21 3.76 10.81
N SER B 221 22.64 3.95 12.05
CA SER B 221 22.08 5.00 12.89
C SER B 221 23.18 5.86 13.46
N ILE B 222 22.83 7.11 13.77
CA ILE B 222 23.75 7.98 14.49
C ILE B 222 23.82 7.53 15.94
N SER B 223 25.04 7.48 16.48
CA SER B 223 25.26 7.08 17.86
C SER B 223 24.63 8.08 18.81
N PRO B 224 24.29 7.66 20.03
CA PRO B 224 23.85 8.61 21.05
C PRO B 224 24.96 9.61 21.37
N LEU B 225 24.53 10.80 21.79
CA LEU B 225 25.36 11.96 22.11
C LEU B 225 26.15 12.42 20.88
N THR B 226 25.40 12.77 19.84
CA THR B 226 25.96 13.41 18.66
C THR B 226 25.37 14.80 18.52
N LYS B 227 26.22 15.78 18.29
CA LYS B 227 25.82 17.17 18.17
C LYS B 227 25.71 17.54 16.69
N ILE B 228 24.53 18.01 16.29
CA ILE B 228 24.24 18.37 14.91
C ILE B 228 23.51 19.70 14.87
N GLU B 229 23.98 20.63 14.04
CA GLU B 229 23.47 21.99 14.03
C GLU B 229 22.59 22.21 12.81
N PHE B 230 21.47 22.91 13.01
CA PHE B 230 20.56 23.29 11.94
C PHE B 230 20.31 24.79 12.04
N GLU B 231 20.05 25.40 10.89
CA GLU B 231 19.63 26.79 10.81
C GLU B 231 18.19 26.84 10.31
N ILE B 232 17.35 27.58 11.04
CA ILE B 232 15.94 27.72 10.70
C ILE B 232 15.66 29.18 10.45
N THR B 233 15.08 29.49 9.29
CA THR B 233 14.79 30.85 8.89
C THR B 233 13.28 31.08 8.88
N THR B 234 12.86 32.24 9.37
CA THR B 234 11.46 32.62 9.42
C THR B 234 11.27 33.95 8.72
N THR B 235 10.25 34.02 7.85
CA THR B 235 10.00 35.21 7.05
C THR B 235 8.75 35.98 7.43
N THR B 236 7.89 35.44 8.29
CA THR B 236 6.73 36.17 8.76
C THR B 236 6.80 36.29 10.28
N ASP B 237 5.74 36.87 10.83
CA ASP B 237 5.68 37.08 12.28
C ASP B 237 5.12 35.88 12.99
N GLU B 238 4.02 35.30 12.50
CA GLU B 238 3.38 34.12 13.12
C GLU B 238 4.31 32.93 13.19
N ALA B 239 5.06 32.70 12.13
CA ALA B 239 6.01 31.62 12.13
C ALA B 239 7.17 31.92 13.07
N GLY B 240 7.46 33.19 13.31
CA GLY B 240 8.48 33.55 14.29
C GLY B 240 8.05 33.21 15.69
N ARG B 241 6.78 33.48 16.03
CA ARG B 241 6.23 33.05 17.31
C ARG B 241 6.22 31.54 17.42
N LEU B 242 5.88 30.84 16.34
CA LEU B 242 5.85 29.38 16.38
C LEU B 242 7.24 28.79 16.62
N ILE B 243 8.26 29.31 15.93
CA ILE B 243 9.60 28.74 16.06
C ILE B 243 10.27 29.16 17.36
N GLU B 244 10.02 30.40 17.83
CA GLU B 244 10.50 30.79 19.15
C GLU B 244 9.82 30.02 20.24
N GLU B 245 8.70 29.36 19.91
CA GLU B 245 8.02 28.56 20.89
C GLU B 245 8.23 27.07 20.58
N LEU B 246 9.30 26.71 19.85
CA LEU B 246 9.54 25.30 19.51
C LEU B 246 9.78 24.46 20.75
N GLY B 247 10.59 24.96 21.69
CA GLY B 247 10.56 24.45 23.05
C GLY B 247 9.35 24.98 23.73
N LYS B 248 8.85 24.28 24.75
CA LYS B 248 7.58 24.48 25.47
C LYS B 248 6.36 24.09 24.62
N ARG B 249 6.58 23.84 23.33
CA ARG B 249 5.66 23.09 22.50
C ARG B 249 6.13 21.67 22.30
N ALA B 250 7.44 21.47 22.16
CA ALA B 250 8.00 20.12 22.21
C ALA B 250 7.74 19.48 23.57
N GLN B 251 7.85 20.26 24.65
CA GLN B 251 7.54 19.75 25.98
C GLN B 251 6.07 19.39 26.13
N ALA B 252 5.17 20.23 25.59
CA ALA B 252 3.74 19.92 25.64
C ALA B 252 3.41 18.68 24.82
N PHE B 253 4.01 18.56 23.63
CA PHE B 253 3.80 17.38 22.80
C PHE B 253 4.30 16.13 23.48
N TYR B 254 5.48 16.20 24.11
CA TYR B 254 6.00 15.04 24.81
C TYR B 254 5.19 14.70 26.05
N LYS B 255 4.65 15.71 26.73
CA LYS B 255 3.76 15.45 27.87
C LYS B 255 2.51 14.70 27.42
N ASP B 256 1.90 15.15 26.31
CA ASP B 256 0.74 14.44 25.78
C ASP B 256 1.08 13.04 25.30
N TYR B 257 2.25 12.89 24.66
CA TYR B 257 2.70 11.59 24.17
C TYR B 257 2.98 10.63 25.33
N LYS B 258 3.56 11.14 26.42
CA LYS B 258 3.80 10.30 27.59
C LYS B 258 2.50 9.93 28.28
N ALA B 259 1.56 10.87 28.37
CA ALA B 259 0.27 10.55 29.00
C ALA B 259 -0.58 9.64 28.12
N PHE B 260 -0.30 9.57 26.82
CA PHE B 260 -1.09 8.80 25.87
C PHE B 260 -0.51 7.40 25.65
N PHE B 261 0.79 7.31 25.41
CA PHE B 261 1.44 6.09 24.99
C PHE B 261 2.49 5.60 25.98
N LEU B 262 3.45 6.44 26.36
CA LEU B 262 4.61 6.01 27.13
C LEU B 262 4.28 5.64 28.57
N SER B 263 3.10 6.02 29.08
CA SER B 263 2.73 5.70 30.44
C SER B 263 2.34 4.24 30.63
N GLU B 264 2.15 3.50 29.54
CA GLU B 264 1.74 2.11 29.61
C GLU B 264 2.91 1.14 29.64
N PHE B 265 4.13 1.66 29.71
CA PHE B 265 5.34 0.87 29.64
C PHE B 265 6.18 1.11 30.89
N PRO B 266 7.06 0.17 31.25
CA PRO B 266 7.90 0.34 32.44
C PRO B 266 8.78 1.58 32.34
N ASP B 267 8.96 2.25 33.49
CA ASP B 267 9.65 3.53 33.52
C ASP B 267 11.12 3.40 33.12
N ASP B 268 11.72 2.24 33.36
CA ASP B 268 13.11 2.03 32.98
C ASP B 268 13.29 1.89 31.46
N LYS B 269 12.22 1.62 30.72
CA LYS B 269 12.29 1.59 29.26
C LYS B 269 12.13 2.96 28.63
N ILE B 270 11.73 3.97 29.41
CA ILE B 270 11.47 5.30 28.89
C ILE B 270 12.64 6.21 29.29
N GLN B 271 13.18 6.93 28.32
CA GLN B 271 14.35 7.76 28.56
C GLN B 271 13.96 9.10 29.20
N ALA B 272 14.95 9.79 29.71
CA ALA B 272 14.78 11.10 30.34
C ALA B 272 15.33 12.18 29.42
N ASN B 273 14.76 13.37 29.55
CA ASN B 273 15.07 14.50 28.67
C ASN B 273 16.03 15.45 29.37
N LEU B 274 17.11 15.78 28.67
CA LEU B 274 18.03 16.82 29.08
C LEU B 274 17.62 18.19 28.55
N GLN B 275 17.04 18.24 27.35
CA GLN B 275 16.70 19.47 26.66
C GLN B 275 15.32 19.25 26.08
N TYR B 276 14.94 20.06 25.10
CA TYR B 276 13.60 19.92 24.55
C TYR B 276 13.50 18.64 23.72
N PRO B 277 12.54 17.77 23.98
CA PRO B 277 12.50 16.47 23.30
C PRO B 277 12.03 16.58 21.86
N ILE B 278 12.43 15.60 21.06
CA ILE B 278 11.99 15.47 19.67
C ILE B 278 12.21 14.02 19.26
N TYR B 279 11.45 13.57 18.26
CA TYR B 279 11.60 12.24 17.68
C TYR B 279 11.85 12.40 16.19
N LEU B 280 12.98 11.84 15.73
CA LEU B 280 13.45 12.06 14.37
C LEU B 280 13.73 10.74 13.68
N GLY B 281 13.32 10.65 12.42
CA GLY B 281 13.70 9.51 11.60
C GLY B 281 12.82 8.29 11.79
N ALA B 282 13.26 7.20 11.17
CA ALA B 282 12.55 5.93 11.22
C ALA B 282 12.69 5.29 12.58
N GLY B 283 11.71 4.46 12.91
CA GLY B 283 11.76 3.62 14.08
C GLY B 283 11.19 4.23 15.34
N SER B 284 10.80 5.51 15.34
CA SER B 284 10.28 6.08 16.57
C SER B 284 8.82 5.75 16.83
N GLY B 285 8.11 5.24 15.85
CA GLY B 285 6.74 4.80 16.02
C GLY B 285 5.76 5.64 15.21
N ALA B 286 4.52 5.16 15.21
CA ALA B 286 3.47 5.79 14.44
C ALA B 286 2.95 7.05 15.13
N TRP B 287 2.87 7.02 16.46
CA TRP B 287 2.29 8.14 17.19
C TRP B 287 3.19 9.36 17.24
N THR B 288 4.49 9.18 16.98
CA THR B 288 5.37 10.33 16.87
C THR B 288 5.26 11.01 15.52
N LYS B 289 4.56 10.41 14.56
CA LYS B 289 4.47 10.97 13.22
C LYS B 289 3.06 11.35 12.82
N THR B 290 2.10 11.25 13.75
CA THR B 290 0.70 11.51 13.46
C THR B 290 0.16 12.48 14.50
N LEU B 291 -1.08 12.93 14.28
CA LEU B 291 -1.86 13.61 15.32
C LEU B 291 -2.55 12.51 16.10
N PHE B 292 -1.87 11.98 17.12
CA PHE B 292 -2.30 10.73 17.75
C PHE B 292 -3.65 10.84 18.45
N LYS B 293 -4.08 12.05 18.80
CA LYS B 293 -5.41 12.23 19.37
C LYS B 293 -6.49 11.91 18.34
N GLN B 294 -6.28 12.29 17.08
CA GLN B 294 -7.24 12.03 16.03
C GLN B 294 -6.97 10.74 15.25
N ALA B 295 -5.73 10.26 15.24
CA ALA B 295 -5.38 9.05 14.53
C ALA B 295 -5.64 7.80 15.35
N ASP B 296 -6.00 7.95 16.63
CA ASP B 296 -6.34 6.80 17.46
C ASP B 296 -7.64 6.17 16.96
N GLY B 297 -7.64 4.87 16.81
CA GLY B 297 -8.76 4.16 16.22
C GLY B 297 -8.60 3.92 14.74
N ILE B 298 -8.34 4.99 13.97
CA ILE B 298 -8.17 4.87 12.52
C ILE B 298 -6.89 4.12 12.17
N LEU B 299 -5.80 4.46 12.84
CA LEU B 299 -4.50 3.84 12.54
C LEU B 299 -4.51 2.34 12.80
N GLN B 300 -5.08 1.93 13.93
CA GLN B 300 -5.10 0.51 14.28
C GLN B 300 -6.02 -0.27 13.36
N ARG B 301 -7.16 0.32 12.97
CA ARG B 301 -8.07 -0.36 12.06
C ARG B 301 -7.49 -0.40 10.65
N ARG B 302 -6.47 0.39 10.35
CA ARG B 302 -5.82 0.27 9.05
C ARG B 302 -5.04 -1.03 8.95
N TYR B 303 -4.61 -1.58 10.09
CA TYR B 303 -3.86 -2.81 10.16
C TYR B 303 -4.60 -3.97 10.77
N SER B 304 -5.92 -3.88 10.87
CA SER B 304 -6.70 -4.91 11.53
C SER B 304 -6.75 -6.20 10.71
N ARG B 305 -6.58 -6.11 9.40
CA ARG B 305 -6.66 -7.29 8.54
C ARG B 305 -5.29 -7.74 8.05
N MET B 306 -4.23 -7.31 8.71
CA MET B 306 -2.88 -7.79 8.40
C MET B 306 -2.45 -8.81 9.46
N LYS B 307 -1.49 -9.65 9.08
CA LYS B 307 -0.97 -10.64 10.02
C LYS B 307 -0.27 -9.98 11.20
N THR B 308 0.54 -8.96 10.93
CA THR B 308 1.16 -8.17 11.99
C THR B 308 0.16 -7.11 12.45
N LYS B 309 -0.80 -7.56 13.25
CA LYS B 309 -1.90 -6.72 13.68
C LYS B 309 -1.46 -5.76 14.77
N MET B 310 -1.89 -4.50 14.64
CA MET B 310 -1.67 -3.50 15.67
C MET B 310 -2.70 -3.70 16.77
N VAL B 311 -2.24 -4.11 17.96
CA VAL B 311 -3.11 -4.42 19.09
C VAL B 311 -3.02 -3.26 20.07
N LYS B 312 -4.19 -2.74 20.48
CA LYS B 312 -4.33 -1.64 21.44
C LYS B 312 -3.62 -0.43 20.83
N LYS B 313 -2.64 0.16 21.51
CA LYS B 313 -1.91 1.30 20.97
C LYS B 313 -0.56 0.90 20.40
N GLY B 314 -0.31 -0.38 20.18
CA GLY B 314 0.92 -0.79 19.58
C GLY B 314 2.00 -1.13 20.59
N VAL B 315 3.20 -1.36 20.06
CA VAL B 315 4.35 -1.73 20.87
C VAL B 315 5.33 -0.58 20.89
N LEU B 316 6.24 -0.63 21.87
CA LEU B 316 7.29 0.36 22.04
C LEU B 316 8.53 -0.05 21.26
N LYS B 317 9.15 0.91 20.60
CA LYS B 317 10.32 0.64 19.78
C LYS B 317 11.55 0.97 20.59
N LEU B 318 12.36 -0.05 20.86
CA LEU B 318 13.51 0.07 21.75
C LEU B 318 14.71 -0.56 21.08
N THR B 319 15.59 0.23 20.51
CA THR B 319 16.79 -0.37 19.94
C THR B 319 17.81 -0.69 21.04
N LYS B 320 18.89 -1.36 20.66
CA LYS B 320 20.01 -1.65 21.56
C LYS B 320 21.28 -0.92 21.11
N ALA B 321 21.90 -0.22 22.06
CA ALA B 321 23.08 0.57 21.78
C ALA B 321 23.84 0.73 23.09
N PRO B 322 25.17 0.95 23.06
CA PRO B 322 25.97 0.92 24.30
C PRO B 322 25.53 1.99 25.28
N LEU B 323 25.56 1.63 26.55
CA LEU B 323 25.27 2.58 27.63
C LEU B 323 26.30 3.70 27.66
N LYS B 324 25.83 4.93 27.83
CA LYS B 324 26.68 6.11 27.88
C LYS B 324 26.28 6.96 29.07
N ILE B 325 27.25 7.32 29.90
CA ILE B 325 27.07 8.30 30.95
C ILE B 325 27.49 9.65 30.39
N VAL B 326 26.84 10.71 30.82
CA VAL B 326 27.18 12.09 30.55
C VAL B 326 27.46 12.89 31.81
N LYS B 327 28.39 13.83 31.71
CA LYS B 327 28.72 14.74 32.79
C LYS B 327 27.98 16.05 32.58
N ILE B 328 27.07 16.38 33.49
CA ILE B 328 26.27 17.59 33.39
C ILE B 328 26.43 18.35 34.71
N PRO B 329 25.95 19.60 34.85
CA PRO B 329 25.98 20.26 36.18
C PRO B 329 25.33 19.48 37.31
N SER B 330 24.27 18.72 37.03
CA SER B 330 23.65 17.89 38.06
C SER B 330 24.51 16.70 38.46
N GLY B 331 25.54 16.37 37.69
CA GLY B 331 26.45 15.30 38.04
C GLY B 331 26.65 14.29 36.92
N ASN B 332 26.40 13.03 37.21
CA ASN B 332 26.51 11.95 36.24
C ASN B 332 25.10 11.50 35.86
N HIS B 333 24.79 11.56 34.56
CA HIS B 333 23.47 11.19 34.07
C HIS B 333 23.58 9.98 33.15
N SER B 334 22.79 8.95 33.44
CA SER B 334 22.68 7.79 32.56
C SER B 334 21.63 8.10 31.50
N LEU B 335 21.96 7.80 30.24
CA LEU B 335 21.01 8.07 29.15
C LEU B 335 19.77 7.21 29.27
N ILE B 336 19.91 5.96 29.72
CA ILE B 336 18.77 5.08 29.91
C ILE B 336 18.77 4.56 31.34
N LYS B 337 17.59 4.24 31.84
CA LYS B 337 17.40 3.80 33.21
C LYS B 337 17.44 2.29 33.38
N ASN B 338 17.65 1.53 32.31
CA ASN B 338 17.65 0.08 32.37
C ASN B 338 19.06 -0.45 32.16
N HIS B 339 19.27 -1.69 32.61
CA HIS B 339 20.56 -2.36 32.48
C HIS B 339 20.57 -3.39 31.37
N GLU B 340 19.52 -3.44 30.57
CA GLU B 340 19.50 -4.32 29.42
C GLU B 340 19.90 -3.59 28.15
N SER B 341 20.33 -2.32 28.27
CA SER B 341 20.87 -1.50 27.19
C SER B 341 19.83 -1.27 26.08
N PHE B 342 18.76 -0.60 26.47
CA PHE B 342 17.60 -0.36 25.63
C PHE B 342 17.39 1.14 25.47
N TYR B 343 17.65 1.64 24.27
CA TYR B 343 17.43 3.03 23.93
C TYR B 343 16.09 3.18 23.24
N GLU B 344 15.38 4.25 23.57
CA GLU B 344 14.13 4.58 22.91
C GLU B 344 14.44 5.09 21.52
N MET B 345 14.29 4.23 20.51
CA MET B 345 14.77 4.50 19.15
C MET B 345 14.15 5.76 18.56
N GLY B 346 14.99 6.61 17.98
CA GLY B 346 14.54 7.83 17.35
C GLY B 346 14.50 9.04 18.25
N LYS B 347 14.81 8.90 19.53
CA LYS B 347 14.71 10.02 20.46
C LYS B 347 15.91 10.93 20.34
N ALA B 348 15.66 12.23 20.46
CA ALA B 348 16.72 13.22 20.48
C ALA B 348 16.24 14.42 21.27
N ASN B 349 17.17 15.29 21.63
CA ASN B 349 16.87 16.54 22.32
C ASN B 349 17.42 17.69 21.50
N PHE B 350 16.88 18.87 21.73
CA PHE B 350 17.35 20.04 21.01
C PHE B 350 17.29 21.26 21.92
N MET B 351 18.09 22.25 21.55
CA MET B 351 18.01 23.60 22.08
C MET B 351 18.01 24.59 20.94
N ILE B 352 17.09 25.54 20.97
CA ILE B 352 16.92 26.50 19.88
C ILE B 352 17.24 27.90 20.40
N LYS B 353 18.17 28.56 19.73
CA LYS B 353 18.56 29.92 20.08
C LYS B 353 18.24 30.85 18.93
N GLU B 354 18.39 32.15 19.19
CA GLU B 354 17.91 33.21 18.29
C GLU B 354 19.06 33.99 17.66
N ILE B 355 20.02 33.26 17.10
CA ILE B 355 21.15 33.91 16.43
C ILE B 355 20.74 34.89 15.31
N MET C 1 -20.44 104.38 -107.80
CA MET C 1 -21.83 104.68 -108.11
C MET C 1 -22.10 106.18 -108.04
N LYS C 2 -23.28 106.57 -108.51
CA LYS C 2 -23.63 107.96 -108.73
C LYS C 2 -23.80 108.71 -107.40
N LYS C 3 -23.77 110.03 -107.49
CA LYS C 3 -23.99 110.88 -106.31
C LYS C 3 -25.41 110.71 -105.78
N GLU C 4 -26.39 110.53 -106.68
CA GLU C 4 -27.76 110.31 -106.26
C GLU C 4 -27.91 109.05 -105.43
N LYS C 5 -27.22 107.98 -105.83
CA LYS C 5 -27.23 106.74 -105.06
C LYS C 5 -26.54 106.91 -103.71
N ILE C 6 -25.46 107.70 -103.67
CA ILE C 6 -24.79 108.01 -102.40
C ILE C 6 -25.73 108.72 -101.45
N ASP C 7 -26.45 109.72 -101.96
CA ASP C 7 -27.40 110.47 -101.13
C ASP C 7 -28.53 109.59 -100.66
N LEU C 8 -29.03 108.70 -101.54
CA LEU C 8 -30.10 107.79 -101.16
C LEU C 8 -29.67 106.83 -100.06
N PHE C 9 -28.47 106.27 -100.21
CA PHE C 9 -27.95 105.36 -99.20
C PHE C 9 -27.79 106.05 -97.86
N TYR C 10 -27.24 107.28 -97.87
CA TYR C 10 -27.03 107.99 -96.63
C TYR C 10 -28.34 108.37 -95.96
N GLY C 11 -29.34 108.78 -96.76
CA GLY C 11 -30.65 109.09 -96.20
C GLY C 11 -31.33 107.86 -95.62
N ALA C 12 -31.19 106.72 -96.28
CA ALA C 12 -31.77 105.50 -95.76
C ALA C 12 -31.06 105.04 -94.49
N LEU C 13 -29.75 105.30 -94.40
CA LEU C 13 -29.02 104.81 -93.23
C LEU C 13 -29.25 105.75 -92.04
N LEU C 14 -29.39 107.04 -92.28
CA LEU C 14 -29.48 108.01 -91.20
C LEU C 14 -30.91 108.41 -90.87
N HIS C 15 -31.91 107.65 -91.33
CA HIS C 15 -33.29 108.08 -91.20
C HIS C 15 -33.77 108.02 -89.75
N ASP C 16 -33.26 107.06 -88.96
CA ASP C 16 -33.73 106.86 -87.60
C ASP C 16 -32.76 107.31 -86.53
N ILE C 17 -31.74 108.10 -86.86
CA ILE C 17 -30.90 108.69 -85.84
C ILE C 17 -31.69 109.66 -84.98
N GLY C 18 -32.80 110.18 -85.50
CA GLY C 18 -33.67 111.03 -84.70
C GLY C 18 -34.29 110.32 -83.53
N LYS C 19 -34.53 109.01 -83.66
CA LYS C 19 -34.97 108.22 -82.52
C LYS C 19 -33.93 108.21 -81.41
N VAL C 20 -32.65 108.08 -81.80
CA VAL C 20 -31.56 108.10 -80.81
C VAL C 20 -31.47 109.46 -80.13
N ILE C 21 -31.56 110.53 -80.92
CA ILE C 21 -31.48 111.88 -80.34
C ILE C 21 -32.68 112.15 -79.43
N GLN C 22 -33.87 111.68 -79.83
CA GLN C 22 -35.06 111.85 -79.01
C GLN C 22 -34.96 111.08 -77.71
N ARG C 23 -34.43 109.85 -77.75
CA ARG C 23 -34.28 109.09 -76.52
C ARG C 23 -33.19 109.67 -75.62
N ALA C 24 -32.14 110.25 -76.20
CA ALA C 24 -31.08 110.82 -75.40
C ALA C 24 -31.52 112.11 -74.72
N THR C 25 -32.20 112.99 -75.46
CA THR C 25 -32.58 114.29 -74.91
C THR C 25 -33.93 114.27 -74.19
N GLY C 26 -34.78 113.29 -74.48
CA GLY C 26 -36.11 113.25 -73.91
C GLY C 26 -37.12 114.15 -74.55
N GLU C 27 -36.84 114.67 -75.75
CA GLU C 27 -37.76 115.56 -76.44
C GLU C 27 -39.03 114.81 -76.87
N ARG C 28 -40.12 115.54 -76.97
CA ARG C 28 -41.41 114.97 -77.36
C ARG C 28 -41.72 115.19 -78.84
N LYS C 29 -40.78 115.73 -79.61
CA LYS C 29 -40.98 115.91 -81.04
C LYS C 29 -40.84 114.58 -81.76
N LYS C 30 -41.41 114.51 -82.97
CA LYS C 30 -41.30 113.31 -83.79
C LYS C 30 -39.85 113.06 -84.17
N HIS C 31 -39.48 111.78 -84.24
CA HIS C 31 -38.08 111.40 -84.42
C HIS C 31 -37.52 111.87 -85.75
N ALA C 32 -38.33 111.88 -86.82
CA ALA C 32 -37.83 112.35 -88.11
C ALA C 32 -37.45 113.82 -88.07
N LEU C 33 -38.26 114.63 -87.38
CA LEU C 33 -37.99 116.06 -87.29
C LEU C 33 -36.74 116.32 -86.50
N VAL C 34 -36.57 115.60 -85.39
CA VAL C 34 -35.37 115.76 -84.55
C VAL C 34 -34.13 115.33 -85.33
N GLY C 35 -34.22 114.22 -86.06
CA GLY C 35 -33.09 113.77 -86.86
C GLY C 35 -32.72 114.73 -87.97
N ALA C 36 -33.72 115.27 -88.67
CA ALA C 36 -33.45 116.23 -89.73
C ALA C 36 -32.82 117.51 -89.17
N ASP C 37 -33.35 118.00 -88.04
CA ASP C 37 -32.80 119.20 -87.42
C ASP C 37 -31.38 118.98 -86.94
N TRP C 38 -31.09 117.82 -86.35
CA TRP C 38 -29.75 117.52 -85.88
C TRP C 38 -28.78 117.35 -87.04
N PHE C 39 -29.23 116.73 -88.14
CA PHE C 39 -28.39 116.59 -89.32
C PHE C 39 -28.08 117.94 -89.94
N ASP C 40 -29.06 118.85 -89.97
CA ASP C 40 -28.82 120.18 -90.50
C ASP C 40 -27.84 121.00 -89.66
N GLU C 41 -27.66 120.64 -88.40
CA GLU C 41 -26.69 121.34 -87.56
C GLU C 41 -25.27 120.90 -87.83
N ILE C 42 -25.06 119.75 -88.47
CA ILE C 42 -23.73 119.20 -88.66
C ILE C 42 -23.33 119.07 -90.12
N ALA C 43 -24.27 119.10 -91.06
CA ALA C 43 -23.96 118.96 -92.47
C ALA C 43 -24.95 119.75 -93.30
N ASP C 44 -24.45 120.31 -94.39
CA ASP C 44 -25.24 121.07 -95.36
C ASP C 44 -25.45 120.18 -96.58
N ASN C 45 -26.44 119.30 -96.45
CA ASN C 45 -26.82 118.40 -97.55
C ASN C 45 -28.34 118.30 -97.50
N GLN C 46 -28.99 118.94 -98.48
CA GLN C 46 -30.45 119.02 -98.48
C GLN C 46 -31.09 117.66 -98.69
N VAL C 47 -30.51 116.84 -99.58
CA VAL C 47 -31.14 115.58 -100.00
C VAL C 47 -31.23 114.60 -98.82
N ILE C 48 -30.14 114.45 -98.08
CA ILE C 48 -30.16 113.57 -96.91
C ILE C 48 -31.09 114.15 -95.84
N SER C 49 -31.13 115.48 -95.72
CA SER C 49 -32.00 116.13 -94.74
C SER C 49 -33.47 115.84 -95.02
N ASP C 50 -33.90 115.95 -96.27
CA ASP C 50 -35.30 115.69 -96.56
C ASP C 50 -35.60 114.20 -96.52
N GLN C 51 -34.62 113.35 -96.82
CA GLN C 51 -34.81 111.91 -96.67
C GLN C 51 -35.05 111.53 -95.22
N ILE C 52 -34.27 112.12 -94.31
CA ILE C 52 -34.48 111.87 -92.88
C ILE C 52 -35.83 112.46 -92.43
N ARG C 53 -36.15 113.67 -92.89
CA ARG C 53 -37.36 114.37 -92.45
C ARG C 53 -38.62 113.64 -92.88
N TYR C 54 -38.65 113.14 -94.12
CA TYR C 54 -39.86 112.59 -94.71
C TYR C 54 -39.78 111.08 -94.92
N HIS C 55 -39.08 110.36 -94.06
CA HIS C 55 -39.04 108.91 -94.21
C HIS C 55 -40.34 108.22 -93.83
N MET C 56 -41.24 108.92 -93.16
CA MET C 56 -42.65 108.51 -93.08
C MET C 56 -43.41 109.22 -94.17
N ALA C 57 -43.98 108.45 -95.08
CA ALA C 57 -44.68 109.03 -96.22
C ALA C 57 -45.94 109.79 -95.82
N ASN C 58 -46.49 109.51 -94.63
CA ASN C 58 -47.67 110.23 -94.16
C ASN C 58 -47.36 111.68 -93.78
N TYR C 59 -46.09 112.05 -93.64
CA TYR C 59 -45.71 113.40 -93.22
C TYR C 59 -45.48 114.24 -94.46
N GLN C 60 -46.51 114.99 -94.87
CA GLN C 60 -46.43 116.02 -95.91
C GLN C 60 -45.93 115.46 -97.24
N SER C 61 -46.59 114.41 -97.73
CA SER C 61 -46.20 113.81 -99.00
C SER C 61 -46.50 114.73 -100.17
N ASP C 62 -47.48 115.61 -100.05
CA ASP C 62 -47.84 116.51 -101.14
C ASP C 62 -46.76 117.53 -101.46
N LYS C 63 -45.88 117.84 -100.52
CA LYS C 63 -44.78 118.77 -100.76
C LYS C 63 -43.61 118.11 -101.48
N LEU C 64 -43.65 116.81 -101.71
CA LEU C 64 -42.54 116.07 -102.28
C LEU C 64 -42.84 115.73 -103.74
N GLY C 65 -41.80 115.75 -104.57
CA GLY C 65 -41.97 115.44 -105.97
C GLY C 65 -42.19 113.95 -106.22
N ASN C 66 -42.69 113.64 -107.41
CA ASN C 66 -42.95 112.25 -107.77
C ASN C 66 -41.68 111.43 -107.91
N ASP C 67 -40.55 112.07 -108.20
CA ASP C 67 -39.26 111.41 -108.33
C ASP C 67 -38.41 111.52 -107.06
N HIS C 68 -39.03 111.85 -105.93
CA HIS C 68 -38.27 112.09 -104.72
C HIS C 68 -37.78 110.77 -104.15
N LEU C 69 -36.53 110.77 -103.69
CA LEU C 69 -35.90 109.55 -103.22
C LEU C 69 -36.50 109.03 -101.93
N ALA C 70 -37.16 109.89 -101.11
CA ALA C 70 -37.67 109.35 -99.85
C ALA C 70 -38.75 108.36 -100.05
N TYR C 71 -39.54 108.46 -101.12
CA TYR C 71 -40.54 107.42 -101.41
C TYR C 71 -39.91 106.05 -101.54
N ILE C 72 -38.64 105.99 -101.96
CA ILE C 72 -37.88 104.75 -101.87
C ILE C 72 -37.57 104.42 -100.42
N THR C 73 -36.86 105.33 -99.72
CA THR C 73 -36.38 105.07 -98.36
C THR C 73 -37.48 104.64 -97.41
N TYR C 74 -38.61 105.35 -97.45
CA TYR C 74 -39.83 105.04 -96.71
C TYR C 74 -40.22 103.58 -96.87
N ILE C 75 -40.41 103.13 -98.13
CA ILE C 75 -40.86 101.76 -98.34
C ILE C 75 -39.77 100.77 -97.92
N ALA C 76 -38.49 101.18 -98.05
CA ALA C 76 -37.39 100.33 -97.60
C ALA C 76 -37.45 100.12 -96.11
N ASP C 77 -37.81 101.17 -95.36
CA ASP C 77 -38.01 101.06 -93.92
C ASP C 77 -39.12 100.07 -93.61
N ASN C 78 -40.21 100.13 -94.39
CA ASN C 78 -41.31 99.18 -94.21
C ASN C 78 -40.82 97.78 -94.46
N ILE C 79 -39.82 97.63 -95.35
CA ILE C 79 -39.22 96.34 -95.60
C ILE C 79 -38.36 95.89 -94.45
N ALA C 80 -37.64 96.83 -93.86
CA ALA C 80 -36.66 96.47 -92.86
C ALA C 80 -37.32 96.05 -91.57
N SER C 81 -38.38 96.74 -91.15
CA SER C 81 -39.07 96.34 -89.94
C SER C 81 -39.84 95.05 -90.11
N GLY C 82 -40.16 94.66 -91.34
CA GLY C 82 -40.91 93.44 -91.48
C GLY C 82 -42.40 93.60 -91.30
N VAL C 83 -42.88 94.81 -90.99
CA VAL C 83 -44.29 95.05 -90.70
C VAL C 83 -44.75 96.27 -91.50
N ASP C 84 -45.88 96.14 -92.17
CA ASP C 84 -46.47 97.25 -92.92
C ASP C 84 -47.08 98.21 -91.90
N ARG C 85 -46.40 99.34 -91.67
CA ARG C 85 -46.83 100.28 -90.65
C ARG C 85 -48.07 101.07 -91.02
N ARG C 86 -48.49 101.04 -92.28
CA ARG C 86 -49.72 101.72 -92.68
C ARG C 86 -50.95 101.09 -92.04
N GLN C 87 -50.94 99.77 -91.87
CA GLN C 87 -52.10 99.07 -91.34
C GLN C 87 -52.26 99.22 -89.83
N SER C 88 -51.20 99.62 -89.12
CA SER C 88 -51.27 99.77 -87.68
C SER C 88 -51.84 101.11 -87.23
N ASN C 89 -51.96 102.08 -88.16
CA ASN C 89 -52.53 103.41 -87.89
C ASN C 89 -51.76 104.15 -86.80
N GLU C 90 -50.47 103.86 -86.67
CA GLU C 90 -49.65 104.46 -85.62
C GLU C 90 -49.03 105.79 -86.03
N GLU C 91 -49.16 106.18 -87.29
CA GLU C 91 -48.58 107.43 -87.77
C GLU C 91 -49.61 108.54 -87.93
N SER C 92 -50.88 108.26 -87.71
CA SER C 92 -51.94 109.23 -87.97
C SER C 92 -52.58 109.80 -86.70
N ASP C 93 -52.39 109.16 -85.55
CA ASP C 93 -52.97 109.64 -84.29
C ASP C 93 -51.84 109.75 -83.27
N GLU C 94 -51.56 110.97 -82.84
CA GLU C 94 -50.50 111.18 -81.84
C GLU C 94 -50.91 110.66 -80.47
N ASP C 95 -52.18 110.85 -80.10
CA ASP C 95 -52.66 110.37 -78.79
C ASP C 95 -52.58 108.86 -78.67
N ALA C 96 -52.96 108.14 -79.72
CA ALA C 96 -52.79 106.69 -79.72
C ALA C 96 -51.33 106.29 -79.76
N SER C 97 -50.49 107.05 -80.46
CA SER C 97 -49.06 106.77 -80.52
C SER C 97 -48.41 106.89 -79.15
N ALA C 98 -48.85 107.87 -78.36
CA ALA C 98 -48.32 108.04 -77.01
C ALA C 98 -48.66 106.87 -76.09
N LYS C 99 -49.72 106.13 -76.38
CA LYS C 99 -50.12 104.99 -75.57
C LYS C 99 -49.66 103.66 -76.15
N ILE C 100 -49.33 103.60 -77.43
CA ILE C 100 -48.85 102.38 -78.07
C ILE C 100 -47.35 102.22 -77.91
N TRP C 101 -46.60 103.32 -78.06
CA TRP C 101 -45.15 103.27 -77.98
C TRP C 101 -44.70 103.24 -76.53
N ASP C 102 -44.06 102.14 -76.14
CA ASP C 102 -43.49 101.99 -74.81
C ASP C 102 -42.00 102.35 -74.92
N THR C 103 -41.70 103.62 -74.70
CA THR C 103 -40.35 104.14 -74.88
C THR C 103 -39.41 103.76 -73.75
N TYR C 104 -39.93 103.12 -72.69
CA TYR C 104 -39.15 102.74 -71.53
C TYR C 104 -38.74 101.26 -71.56
N THR C 105 -38.52 100.71 -72.75
CA THR C 105 -38.12 99.31 -72.91
C THR C 105 -36.85 99.24 -73.75
N ASN C 106 -35.86 98.51 -73.25
CA ASN C 106 -34.60 98.34 -73.98
C ASN C 106 -34.74 97.22 -75.01
N GLN C 107 -33.63 96.96 -75.71
CA GLN C 107 -33.63 95.95 -76.76
C GLN C 107 -33.79 94.55 -76.17
N ALA C 108 -34.71 93.78 -76.72
CA ALA C 108 -34.93 92.42 -76.28
C ALA C 108 -33.87 91.49 -76.88
N ASP C 109 -33.62 90.39 -76.18
CA ASP C 109 -32.67 89.39 -76.66
C ASP C 109 -33.26 88.70 -77.88
N ILE C 110 -32.41 88.46 -78.88
CA ILE C 110 -32.84 87.75 -80.09
C ILE C 110 -33.25 86.31 -79.80
N PHE C 111 -32.81 85.76 -78.68
CA PHE C 111 -33.13 84.40 -78.31
C PHE C 111 -34.43 84.28 -77.53
N ASN C 112 -35.08 85.42 -77.25
CA ASN C 112 -36.40 85.36 -76.62
C ASN C 112 -37.41 84.75 -77.55
N VAL C 113 -37.20 84.94 -78.85
CA VAL C 113 -38.08 84.41 -79.85
C VAL C 113 -37.48 83.22 -80.58
N PHE C 114 -36.40 82.67 -80.05
CA PHE C 114 -35.71 81.53 -80.64
C PHE C 114 -36.12 80.27 -79.91
N GLY C 115 -36.43 79.22 -80.68
CA GLY C 115 -36.71 77.91 -80.12
C GLY C 115 -37.94 77.93 -79.23
N ALA C 116 -37.89 77.14 -78.16
CA ALA C 116 -38.98 77.11 -77.20
C ALA C 116 -39.04 78.40 -76.39
N GLN C 117 -40.24 78.70 -75.89
CA GLN C 117 -40.45 79.93 -75.12
C GLN C 117 -39.76 79.86 -73.78
N THR C 118 -38.97 80.88 -73.49
CA THR C 118 -38.22 80.93 -72.24
C THR C 118 -38.38 82.30 -71.60
N ASP C 119 -37.63 82.55 -70.54
CA ASP C 119 -37.63 83.85 -69.90
C ASP C 119 -37.09 84.95 -70.80
N LYS C 120 -37.69 86.12 -70.73
CA LYS C 120 -37.24 87.24 -71.56
C LYS C 120 -36.03 87.91 -70.93
N ARG C 121 -35.07 88.32 -71.76
CA ARG C 121 -33.91 89.08 -71.33
C ARG C 121 -33.79 90.31 -72.22
N TYR C 122 -33.10 91.33 -71.71
CA TYR C 122 -32.93 92.58 -72.43
C TYR C 122 -31.49 93.06 -72.33
N PHE C 123 -31.00 93.66 -73.40
CA PHE C 123 -29.62 94.12 -73.46
C PHE C 123 -29.49 95.53 -72.90
N LYS C 124 -28.46 95.74 -72.10
CA LYS C 124 -28.13 97.09 -71.65
C LYS C 124 -27.37 97.80 -72.76
N PRO C 125 -27.87 98.93 -73.27
CA PRO C 125 -27.19 99.60 -74.39
C PRO C 125 -25.80 100.09 -74.04
N THR C 126 -24.80 99.51 -74.70
CA THR C 126 -23.41 99.80 -74.42
C THR C 126 -22.67 99.90 -75.76
N VAL C 127 -21.66 100.76 -75.78
CA VAL C 127 -20.77 100.88 -76.94
C VAL C 127 -19.84 99.68 -77.00
N LEU C 128 -19.76 99.07 -78.18
CA LEU C 128 -18.96 97.87 -78.37
C LEU C 128 -17.49 98.22 -78.28
N ASN C 129 -16.75 97.44 -77.50
CA ASN C 129 -15.33 97.66 -77.32
C ASN C 129 -14.65 96.30 -77.35
N LEU C 130 -13.49 96.24 -78.00
CA LEU C 130 -12.76 94.98 -78.18
C LEU C 130 -12.33 94.47 -76.83
N LYS C 131 -11.93 95.22 -75.89
CA LYS C 131 -11.38 94.73 -74.63
C LYS C 131 -12.40 94.59 -73.52
N SER C 132 -13.67 94.86 -73.78
CA SER C 132 -14.67 94.88 -72.73
C SER C 132 -15.21 93.49 -72.41
N LYS C 133 -15.59 93.31 -71.15
CA LYS C 133 -16.23 92.10 -70.72
C LYS C 133 -17.64 92.00 -71.28
N PRO C 134 -18.18 90.78 -71.43
CA PRO C 134 -19.36 90.63 -72.27
C PRO C 134 -20.60 91.34 -71.71
N ASN C 135 -21.45 91.77 -72.63
CA ASN C 135 -22.70 92.45 -72.30
C ASN C 135 -23.86 91.46 -72.41
N PHE C 136 -23.94 90.57 -71.43
CA PHE C 136 -25.00 89.55 -71.43
C PHE C 136 -26.36 90.21 -71.20
N ALA C 137 -27.40 89.77 -71.94
CA ALA C 137 -28.78 90.30 -71.83
C ALA C 137 -29.29 89.98 -70.41
N SER C 138 -30.34 90.59 -69.87
CA SER C 138 -30.72 90.05 -68.56
C SER C 138 -32.11 90.57 -68.38
N ALA C 139 -32.94 89.84 -67.65
CA ALA C 139 -34.29 90.34 -67.40
C ALA C 139 -34.30 91.60 -66.53
N THR C 140 -33.21 91.86 -65.81
CA THR C 140 -33.10 93.05 -64.96
C THR C 140 -32.78 94.31 -65.77
N TYR C 141 -32.37 94.17 -67.03
CA TYR C 141 -31.94 95.31 -67.83
C TYR C 141 -33.07 95.94 -68.64
N GLU C 142 -34.30 95.46 -68.45
CA GLU C 142 -35.45 96.02 -69.18
C GLU C 142 -35.67 97.53 -69.01
N PRO C 143 -35.60 98.16 -67.81
CA PRO C 143 -35.88 99.60 -67.72
C PRO C 143 -34.89 100.44 -68.52
N PHE C 144 -35.43 101.50 -69.10
CA PHE C 144 -34.66 102.41 -69.93
C PHE C 144 -34.04 103.54 -69.12
N SER C 145 -32.82 103.93 -69.49
CA SER C 145 -32.10 104.99 -68.82
C SER C 145 -31.58 105.98 -69.86
N LYS C 146 -31.69 107.28 -69.55
CA LYS C 146 -31.24 108.31 -70.49
C LYS C 146 -29.73 108.47 -70.49
N GLY C 147 -29.07 108.23 -69.36
CA GLY C 147 -27.64 108.42 -69.26
C GLY C 147 -26.84 107.52 -70.17
N ASP C 148 -27.34 106.30 -70.41
CA ASP C 148 -26.70 105.39 -71.34
C ASP C 148 -26.74 105.94 -72.75
N TYR C 149 -27.84 106.62 -73.11
CA TYR C 149 -27.92 107.11 -74.47
C TYR C 149 -27.27 108.48 -74.61
N ALA C 150 -26.97 109.13 -73.49
CA ALA C 150 -26.32 110.44 -73.52
C ALA C 150 -24.94 110.34 -74.14
N ALA C 151 -24.13 109.38 -73.68
CA ALA C 151 -22.80 109.18 -74.26
C ALA C 151 -22.89 108.71 -75.71
N ILE C 152 -23.91 107.91 -76.03
CA ILE C 152 -24.15 107.47 -77.40
C ILE C 152 -24.34 108.67 -78.32
N ALA C 153 -25.23 109.58 -77.93
CA ALA C 153 -25.52 110.76 -78.75
C ALA C 153 -24.31 111.68 -78.83
N THR C 154 -23.58 111.82 -77.72
CA THR C 154 -22.38 112.67 -77.71
C THR C 154 -21.32 112.15 -78.66
N ARG C 155 -21.07 110.83 -78.63
CA ARG C 155 -20.05 110.26 -79.50
C ARG C 155 -20.48 110.28 -80.96
N ILE C 156 -21.78 110.05 -81.22
CA ILE C 156 -22.29 110.12 -82.60
C ILE C 156 -22.12 111.53 -83.15
N LYS C 157 -22.45 112.54 -82.34
CA LYS C 157 -22.28 113.93 -82.77
C LYS C 157 -20.81 114.28 -82.98
N ASN C 158 -19.93 113.79 -82.10
CA ASN C 158 -18.50 114.08 -82.22
C ASN C 158 -17.91 113.45 -83.48
N GLU C 159 -18.31 112.22 -83.80
CA GLU C 159 -17.79 111.55 -84.98
C GLU C 159 -18.39 112.09 -86.27
N LEU C 160 -19.64 112.53 -86.24
CA LEU C 160 -20.30 113.05 -87.43
C LEU C 160 -20.19 114.56 -87.57
N ALA C 161 -19.44 115.23 -86.69
CA ALA C 161 -19.25 116.67 -86.81
C ALA C 161 -18.46 117.03 -88.06
N GLU C 162 -17.44 116.25 -88.39
CA GLU C 162 -16.60 116.51 -89.55
C GLU C 162 -16.70 115.38 -90.58
N PHE C 163 -17.86 114.74 -90.69
CA PHE C 163 -18.01 113.61 -91.59
C PHE C 163 -18.30 114.08 -93.01
N GLU C 164 -17.59 113.48 -93.96
CA GLU C 164 -17.80 113.75 -95.38
C GLU C 164 -18.67 112.65 -95.96
N PHE C 165 -19.81 113.04 -96.52
CA PHE C 165 -20.78 112.08 -97.06
C PHE C 165 -20.45 111.79 -98.53
N ASN C 166 -19.37 111.06 -98.72
CA ASN C 166 -18.92 110.65 -100.05
C ASN C 166 -18.82 109.13 -100.09
N GLN C 167 -18.32 108.62 -101.23
CA GLN C 167 -18.20 107.19 -101.43
C GLN C 167 -17.22 106.53 -100.46
N ALA C 168 -15.99 107.04 -100.40
CA ALA C 168 -14.90 106.35 -99.71
C ALA C 168 -15.11 106.29 -98.20
N GLN C 169 -15.88 107.20 -97.64
CA GLN C 169 -16.14 107.18 -96.22
C GLN C 169 -17.28 106.24 -95.82
N ILE C 170 -18.08 105.78 -96.83
CA ILE C 170 -19.33 105.05 -96.58
C ILE C 170 -19.12 103.88 -95.62
N ASP C 171 -18.14 103.01 -95.94
CA ASP C 171 -17.90 101.80 -95.15
C ASP C 171 -17.58 102.13 -93.71
N SER C 172 -16.78 103.18 -93.51
CA SER C 172 -16.36 103.51 -92.16
C SER C 172 -17.55 103.93 -91.30
N LEU C 173 -18.52 104.63 -91.92
CA LEU C 173 -19.76 105.00 -91.22
C LEU C 173 -20.46 103.77 -90.67
N LEU C 174 -20.55 102.70 -91.49
CA LEU C 174 -21.17 101.46 -91.05
C LEU C 174 -20.49 100.91 -89.82
N ASN C 175 -19.14 100.94 -89.81
CA ASN C 175 -18.40 100.48 -88.63
C ASN C 175 -18.76 101.30 -87.40
N LEU C 176 -18.79 102.64 -87.55
CA LEU C 176 -19.19 103.52 -86.45
C LEU C 176 -20.57 103.19 -85.94
N PHE C 177 -21.48 102.88 -86.86
CA PHE C 177 -22.84 102.56 -86.47
C PHE C 177 -22.88 101.24 -85.72
N GLU C 178 -22.12 100.25 -86.21
CA GLU C 178 -21.98 98.97 -85.54
C GLU C 178 -21.35 99.15 -84.16
N ALA C 179 -20.51 100.17 -84.00
CA ALA C 179 -19.83 100.38 -82.74
C ALA C 179 -20.77 100.91 -81.69
N ILE C 180 -21.90 101.50 -82.07
CA ILE C 180 -22.69 102.32 -81.16
C ILE C 180 -24.10 101.76 -80.96
N LEU C 181 -24.80 101.43 -82.04
CA LEU C 181 -26.22 101.08 -81.93
C LEU C 181 -26.48 99.58 -82.01
N SER C 182 -25.48 98.74 -81.75
CA SER C 182 -25.71 97.31 -81.78
C SER C 182 -26.50 96.81 -80.56
N PHE C 183 -26.69 97.64 -79.55
CA PHE C 183 -27.46 97.27 -78.37
C PHE C 183 -28.60 98.25 -78.10
N VAL C 184 -29.08 98.92 -79.13
CA VAL C 184 -30.16 99.90 -79.03
C VAL C 184 -31.31 99.41 -79.94
N PRO C 185 -32.52 99.25 -79.43
CA PRO C 185 -33.61 98.75 -80.26
C PRO C 185 -34.00 99.74 -81.34
N SER C 186 -34.43 99.21 -82.49
CA SER C 186 -34.90 100.06 -83.57
C SER C 186 -36.26 100.65 -83.26
N SER C 187 -37.16 99.84 -82.72
CA SER C 187 -38.52 100.24 -82.41
C SER C 187 -38.87 99.84 -80.99
N THR C 188 -39.56 100.72 -80.28
CA THR C 188 -40.00 100.46 -78.91
C THR C 188 -41.51 100.28 -78.84
N ASN C 189 -42.11 99.77 -79.92
CA ASN C 189 -43.54 99.51 -79.95
C ASN C 189 -43.86 98.36 -79.01
N SER C 190 -44.88 98.55 -78.16
CA SER C 190 -45.32 97.49 -77.26
C SER C 190 -45.90 96.30 -78.03
N LYS C 191 -46.59 96.56 -79.15
CA LYS C 191 -47.17 95.49 -79.96
C LYS C 191 -46.11 94.66 -80.68
N GLU C 192 -44.93 95.22 -80.91
CA GLU C 192 -43.83 94.52 -81.55
C GLU C 192 -42.81 94.07 -80.52
N ILE C 193 -41.88 93.24 -80.97
CA ILE C 193 -40.78 92.76 -80.13
C ILE C 193 -39.51 93.45 -80.59
N ALA C 194 -38.84 94.13 -79.65
CA ALA C 194 -37.67 94.93 -79.98
C ALA C 194 -36.39 94.10 -80.02
N ASP C 195 -36.38 93.00 -80.74
CA ASP C 195 -35.19 92.17 -80.90
C ASP C 195 -34.31 92.62 -82.06
N ILE C 196 -34.72 93.63 -82.81
CA ILE C 196 -33.98 94.13 -83.96
C ILE C 196 -33.17 95.34 -83.52
N SER C 197 -31.85 95.26 -83.67
CA SER C 197 -31.01 96.41 -83.42
C SER C 197 -31.28 97.46 -84.47
N LEU C 198 -31.16 98.75 -84.08
CA LEU C 198 -31.32 99.83 -85.03
C LEU C 198 -30.18 99.80 -86.02
N ALA C 199 -29.09 99.13 -85.61
CA ALA C 199 -27.93 98.90 -86.42
C ALA C 199 -28.22 98.18 -87.73
N GLU C 200 -28.64 96.96 -87.55
CA GLU C 200 -29.07 96.20 -88.69
C GLU C 200 -30.30 96.74 -89.37
N HIS C 201 -31.20 97.39 -88.64
CA HIS C 201 -32.39 97.95 -89.27
C HIS C 201 -32.04 99.00 -90.30
N SER C 202 -31.11 99.87 -89.96
CA SER C 202 -30.70 100.90 -90.89
C SER C 202 -29.88 100.33 -92.04
N ARG C 203 -29.03 99.33 -91.76
CA ARG C 203 -28.28 98.66 -92.83
C ARG C 203 -29.21 97.97 -93.84
N LEU C 204 -30.23 97.29 -93.34
CA LEU C 204 -31.20 96.63 -94.21
C LEU C 204 -32.03 97.64 -94.99
N THR C 205 -32.41 98.76 -94.35
CA THR C 205 -33.13 99.81 -95.06
C THR C 205 -32.31 100.36 -96.21
N ALA C 206 -31.01 100.60 -95.96
CA ALA C 206 -30.13 101.11 -97.01
C ALA C 206 -29.97 100.09 -98.14
N ALA C 207 -29.78 98.81 -97.78
CA ALA C 207 -29.62 97.77 -98.81
C ALA C 207 -30.86 97.64 -99.67
N PHE C 208 -32.04 97.64 -99.04
CA PHE C 208 -33.27 97.50 -99.80
C PHE C 208 -33.56 98.75 -100.63
N ALA C 209 -33.21 99.94 -100.11
CA ALA C 209 -33.37 101.16 -100.90
C ALA C 209 -32.49 101.12 -102.15
N LEU C 210 -31.25 100.65 -102.00
CA LEU C 210 -30.37 100.50 -103.16
C LEU C 210 -30.92 99.48 -104.15
N ALA C 211 -31.46 98.37 -103.65
CA ALA C 211 -32.03 97.34 -104.52
C ALA C 211 -33.24 97.88 -105.31
N ILE C 212 -34.13 98.62 -104.62
CA ILE C 212 -35.29 99.17 -105.28
C ILE C 212 -34.87 100.23 -106.30
N TYR C 213 -33.86 101.03 -105.96
CA TYR C 213 -33.36 102.04 -106.90
C TYR C 213 -32.81 101.38 -108.16
N ASP C 214 -32.02 100.31 -108.00
CA ASP C 214 -31.49 99.60 -109.15
C ASP C 214 -32.58 98.97 -110.00
N TYR C 215 -33.59 98.38 -109.35
CA TYR C 215 -34.70 97.77 -110.07
C TYR C 215 -35.48 98.80 -110.87
N LEU C 216 -35.82 99.94 -110.24
CA LEU C 216 -36.57 100.98 -110.92
C LEU C 216 -35.76 101.64 -112.03
N GLU C 217 -34.45 101.77 -111.84
CA GLU C 217 -33.60 102.29 -112.92
C GLU C 217 -33.56 101.35 -114.09
N ASP C 218 -33.52 100.03 -113.83
CA ASP C 218 -33.52 99.05 -114.91
C ASP C 218 -34.83 99.08 -115.69
N LYS C 219 -35.95 99.20 -115.00
CA LYS C 219 -37.26 99.19 -115.65
C LYS C 219 -37.69 100.55 -116.18
N GLY C 220 -36.89 101.60 -115.95
CA GLY C 220 -37.26 102.92 -116.41
C GLY C 220 -38.41 103.55 -115.67
N ARG C 221 -38.71 103.07 -114.46
CA ARG C 221 -39.79 103.61 -113.65
C ARG C 221 -39.20 104.61 -112.66
N HIS C 222 -39.50 105.89 -112.88
CA HIS C 222 -38.97 106.96 -112.05
C HIS C 222 -40.04 107.64 -111.21
N ASN C 223 -41.31 107.25 -111.36
CA ASN C 223 -42.40 107.80 -110.54
C ASN C 223 -42.45 107.00 -109.24
N TYR C 224 -41.58 107.38 -108.31
CA TYR C 224 -41.44 106.66 -107.05
C TYR C 224 -42.70 106.75 -106.20
N LYS C 225 -43.36 107.92 -106.20
CA LYS C 225 -44.58 108.10 -105.40
C LYS C 225 -45.68 107.16 -105.86
N GLU C 226 -45.85 107.00 -107.18
CA GLU C 226 -46.88 106.12 -107.69
C GLU C 226 -46.55 104.65 -107.42
N ASP C 227 -45.29 104.26 -107.65
CA ASP C 227 -44.93 102.85 -107.58
C ASP C 227 -44.82 102.35 -106.14
N LEU C 228 -44.30 103.18 -105.23
CA LEU C 228 -43.94 102.72 -103.89
C LEU C 228 -44.84 103.24 -102.79
N PHE C 229 -45.68 104.25 -103.06
CA PHE C 229 -46.60 104.76 -102.04
C PHE C 229 -48.06 104.49 -102.40
N THR C 230 -48.51 104.94 -103.57
CA THR C 230 -49.89 104.70 -103.97
C THR C 230 -50.13 103.23 -104.28
N LYS C 231 -49.14 102.56 -104.86
CA LYS C 231 -49.25 101.15 -105.23
C LYS C 231 -48.24 100.29 -104.47
N ALA C 232 -48.05 100.56 -103.18
CA ALA C 232 -47.11 99.79 -102.38
C ALA C 232 -47.55 98.34 -102.22
N SER C 233 -48.86 98.11 -102.14
CA SER C 233 -49.39 96.74 -102.05
C SER C 233 -49.06 95.93 -103.31
N ALA C 234 -49.15 96.58 -104.48
CA ALA C 234 -48.78 95.89 -105.72
C ALA C 234 -47.28 95.66 -105.80
N PHE C 235 -46.48 96.62 -105.32
CA PHE C 235 -45.03 96.46 -105.35
C PHE C 235 -44.56 95.36 -104.40
N TYR C 236 -45.29 95.15 -103.30
CA TYR C 236 -44.95 94.08 -102.36
C TYR C 236 -45.06 92.70 -103.01
N GLU C 237 -45.97 92.55 -103.98
CA GLU C 237 -46.13 91.25 -104.65
C GLU C 237 -45.08 91.01 -105.73
N GLU C 238 -44.54 92.06 -106.34
CA GLU C 238 -43.53 91.90 -107.38
C GLU C 238 -42.26 91.30 -106.79
N GLU C 239 -41.68 90.33 -107.51
CA GLU C 239 -40.45 89.66 -107.09
C GLU C 239 -39.27 90.62 -107.30
N ALA C 240 -39.07 91.51 -106.33
CA ALA C 240 -38.19 92.66 -106.53
C ALA C 240 -36.77 92.40 -106.08
N PHE C 241 -36.48 91.26 -105.45
CA PHE C 241 -35.17 91.07 -104.86
C PHE C 241 -34.61 89.69 -105.19
N LEU C 242 -33.28 89.60 -105.18
CA LEU C 242 -32.55 88.36 -105.40
C LEU C 242 -31.76 88.06 -104.14
N LEU C 243 -32.02 86.90 -103.55
CA LEU C 243 -31.23 86.41 -102.42
C LEU C 243 -30.07 85.62 -103.02
N ALA C 244 -28.89 86.22 -103.03
CA ALA C 244 -27.71 85.60 -103.62
C ALA C 244 -26.80 85.09 -102.52
N SER C 245 -25.93 84.16 -102.90
CA SER C 245 -24.98 83.56 -101.95
C SER C 245 -23.82 82.97 -102.72
N PHE C 246 -22.68 82.90 -102.06
CA PHE C 246 -21.55 82.15 -102.59
C PHE C 246 -20.94 81.32 -101.48
N ASP C 247 -20.40 80.18 -101.90
CA ASP C 247 -19.73 79.22 -101.03
C ASP C 247 -18.38 78.86 -101.63
N LEU C 248 -17.34 78.88 -100.81
CA LEU C 248 -15.99 78.58 -101.25
C LEU C 248 -15.56 77.26 -100.63
N SER C 249 -15.42 76.23 -101.47
CA SER C 249 -14.98 74.92 -101.02
C SER C 249 -13.47 74.79 -101.13
N GLY C 250 -12.89 74.09 -100.16
CA GLY C 250 -11.47 73.89 -100.09
C GLY C 250 -10.75 74.64 -98.98
N ILE C 251 -11.50 75.30 -98.08
CA ILE C 251 -10.86 76.13 -97.07
C ILE C 251 -10.11 75.28 -96.03
N GLN C 252 -10.72 74.18 -95.57
CA GLN C 252 -10.12 73.37 -94.51
C GLN C 252 -8.87 72.67 -95.01
N ASP C 253 -8.95 72.11 -96.23
CA ASP C 253 -7.80 71.43 -96.81
C ASP C 253 -6.67 72.41 -97.08
N PHE C 254 -6.99 73.60 -97.57
CA PHE C 254 -5.93 74.58 -97.86
C PHE C 254 -5.29 75.06 -96.57
N ILE C 255 -6.08 75.29 -95.51
CA ILE C 255 -5.53 75.81 -94.27
C ILE C 255 -4.67 74.76 -93.57
N TYR C 256 -5.17 73.53 -93.48
CA TYR C 256 -4.57 72.55 -92.58
C TYR C 256 -3.52 71.64 -93.24
N ASN C 257 -3.40 71.64 -94.56
CA ASN C 257 -2.45 70.74 -95.23
C ASN C 257 -1.09 71.40 -95.28
N ILE C 258 -0.34 71.25 -94.19
CA ILE C 258 1.06 71.66 -94.11
C ILE C 258 1.86 70.47 -93.60
N ALA C 259 3.01 70.22 -94.22
CA ALA C 259 3.74 68.98 -94.01
C ALA C 259 5.08 69.14 -93.31
N THR C 260 5.67 70.34 -93.29
CA THR C 260 7.02 70.52 -92.79
C THR C 260 7.03 71.54 -91.65
N SER C 261 8.24 71.90 -91.22
CA SER C 261 8.41 72.92 -90.19
C SER C 261 7.96 74.28 -90.69
N GLY C 262 7.69 75.17 -89.75
CA GLY C 262 7.06 76.44 -90.08
C GLY C 262 5.59 76.34 -90.34
N ALA C 263 4.94 75.26 -89.90
CA ALA C 263 3.54 75.04 -90.18
C ALA C 263 2.64 75.97 -89.39
N ALA C 264 3.10 76.49 -88.25
CA ALA C 264 2.30 77.39 -87.45
C ALA C 264 2.10 78.73 -88.16
N LYS C 265 3.19 79.31 -88.64
CA LYS C 265 3.15 80.62 -89.29
C LYS C 265 2.32 80.55 -90.57
N GLN C 266 2.58 79.52 -91.40
CA GLN C 266 1.74 79.22 -92.55
C GLN C 266 0.29 79.02 -92.18
N LEU C 267 0.03 78.30 -91.09
CA LEU C 267 -1.33 77.94 -90.76
C LEU C 267 -2.15 79.19 -90.43
N LYS C 268 -1.60 80.07 -89.58
CA LYS C 268 -2.30 81.30 -89.25
C LYS C 268 -2.39 82.22 -90.47
N ALA C 269 -1.32 82.26 -91.27
CA ALA C 269 -1.32 83.11 -92.46
C ALA C 269 -2.36 82.66 -93.49
N ARG C 270 -2.50 81.34 -93.68
CA ARG C 270 -3.51 80.84 -94.61
C ARG C 270 -4.91 81.06 -94.06
N SER C 271 -5.11 80.93 -92.75
CA SER C 271 -6.42 81.23 -92.17
C SER C 271 -6.84 82.69 -92.43
N LEU C 272 -5.93 83.63 -92.15
CA LEU C 272 -6.20 85.04 -92.40
C LEU C 272 -6.35 85.32 -93.89
N TYR C 273 -5.53 84.67 -94.72
CA TYR C 273 -5.55 84.86 -96.15
C TYR C 273 -6.89 84.43 -96.75
N LEU C 274 -7.46 83.35 -96.24
CA LEU C 274 -8.70 82.84 -96.81
C LEU C 274 -9.89 83.61 -96.31
N ASP C 275 -9.82 84.08 -95.06
CA ASP C 275 -10.87 84.98 -94.60
C ASP C 275 -10.86 86.27 -95.41
N PHE C 276 -9.69 86.79 -95.69
CA PHE C 276 -9.62 87.99 -96.51
C PHE C 276 -10.00 87.72 -97.96
N MET C 277 -9.77 86.49 -98.45
CA MET C 277 -10.25 86.12 -99.78
C MET C 277 -11.77 86.17 -99.84
N SER C 278 -12.44 85.64 -98.81
CA SER C 278 -13.90 85.71 -98.77
C SER C 278 -14.39 87.15 -98.70
N GLU C 279 -13.74 87.97 -97.86
CA GLU C 279 -14.13 89.37 -97.74
C GLU C 279 -13.91 90.13 -99.04
N TYR C 280 -12.80 89.86 -99.72
CA TYR C 280 -12.52 90.51 -100.99
C TYR C 280 -13.51 90.07 -102.07
N ILE C 281 -13.89 88.78 -102.08
CA ILE C 281 -14.89 88.31 -103.04
C ILE C 281 -16.19 89.06 -102.85
N ALA C 282 -16.63 89.19 -101.60
CA ALA C 282 -17.86 89.92 -101.30
C ALA C 282 -17.75 91.38 -101.71
N ASP C 283 -16.65 92.05 -101.37
CA ASP C 283 -16.51 93.47 -101.65
C ASP C 283 -16.35 93.75 -103.14
N SER C 284 -15.61 92.90 -103.86
CA SER C 284 -15.45 93.08 -105.30
C SER C 284 -16.75 92.81 -106.04
N LEU C 285 -17.52 91.81 -105.59
CA LEU C 285 -18.84 91.57 -106.17
C LEU C 285 -19.76 92.77 -105.95
N LEU C 286 -19.72 93.35 -104.75
CA LEU C 286 -20.51 94.54 -104.47
C LEU C 286 -20.05 95.72 -105.31
N ASP C 287 -18.73 95.89 -105.49
CA ASP C 287 -18.20 96.99 -106.28
C ASP C 287 -18.60 96.86 -107.75
N LYS C 288 -18.59 95.64 -108.30
CA LYS C 288 -18.95 95.45 -109.70
C LYS C 288 -20.40 95.83 -109.98
N LEU C 289 -21.27 95.67 -108.99
CA LEU C 289 -22.67 96.08 -109.14
C LEU C 289 -22.92 97.51 -108.64
N GLY C 290 -21.90 98.18 -108.12
CA GLY C 290 -22.08 99.51 -107.60
C GLY C 290 -22.79 99.58 -106.27
N LEU C 291 -22.83 98.48 -105.52
CA LEU C 291 -23.37 98.43 -104.18
C LEU C 291 -22.22 98.44 -103.19
N ASN C 292 -22.55 98.31 -101.90
CA ASN C 292 -21.56 98.35 -100.84
C ASN C 292 -21.92 97.28 -99.81
N ARG C 293 -21.20 97.30 -98.68
CA ARG C 293 -21.34 96.26 -97.66
C ARG C 293 -22.70 96.28 -96.97
N ALA C 294 -23.50 97.33 -97.16
CA ALA C 294 -24.85 97.37 -96.62
C ALA C 294 -25.71 96.23 -97.17
N ASN C 295 -25.44 95.80 -98.40
CA ASN C 295 -26.16 94.70 -99.01
C ASN C 295 -25.64 93.33 -98.57
N LEU C 296 -24.57 93.27 -97.79
CA LEU C 296 -23.98 92.02 -97.35
C LEU C 296 -24.69 91.60 -96.06
N LEU C 297 -25.45 90.51 -96.12
CA LEU C 297 -26.13 90.01 -94.93
C LEU C 297 -25.17 89.30 -93.98
N TYR C 298 -24.28 88.47 -94.54
CA TYR C 298 -23.42 87.62 -93.73
C TYR C 298 -22.23 87.21 -94.58
N VAL C 299 -21.03 87.35 -94.03
CA VAL C 299 -19.81 86.88 -94.68
C VAL C 299 -18.98 86.14 -93.63
N GLY C 300 -18.48 84.97 -93.99
CA GLY C 300 -17.63 84.23 -93.09
C GLY C 300 -17.73 82.74 -93.32
N GLY C 301 -16.65 82.03 -92.98
CA GLY C 301 -16.60 80.59 -93.16
C GLY C 301 -16.70 80.13 -94.59
N GLY C 302 -16.31 80.99 -95.54
CA GLY C 302 -16.51 80.70 -96.94
C GLY C 302 -17.91 80.90 -97.43
N HIS C 303 -18.86 81.25 -96.56
CA HIS C 303 -20.25 81.45 -96.93
C HIS C 303 -20.57 82.94 -96.88
N ALA C 304 -21.25 83.43 -97.92
CA ALA C 304 -21.71 84.80 -97.86
C ALA C 304 -23.04 84.95 -98.57
N TYR C 305 -23.88 85.80 -98.01
CA TYR C 305 -25.23 86.05 -98.47
C TYR C 305 -25.40 87.52 -98.79
N PHE C 306 -26.21 87.80 -99.79
CA PHE C 306 -26.41 89.16 -100.20
C PHE C 306 -27.87 89.35 -100.67
N VAL C 307 -28.37 90.58 -100.55
CA VAL C 307 -29.67 90.98 -101.09
C VAL C 307 -29.42 91.94 -102.24
N LEU C 308 -29.83 91.54 -103.45
CA LEU C 308 -29.47 92.27 -104.66
C LEU C 308 -30.73 92.60 -105.44
N ALA C 309 -30.59 93.50 -106.40
CA ALA C 309 -31.72 93.81 -107.26
C ALA C 309 -31.96 92.66 -108.24
N ASN C 310 -33.24 92.36 -108.48
CA ASN C 310 -33.62 91.27 -109.37
C ASN C 310 -33.73 91.80 -110.79
N THR C 311 -32.56 91.98 -111.41
CA THR C 311 -32.46 92.45 -112.78
C THR C 311 -31.58 91.49 -113.57
N GLU C 312 -31.77 91.50 -114.90
CA GLU C 312 -30.94 90.68 -115.77
C GLU C 312 -29.47 91.12 -115.73
N LYS C 313 -29.23 92.42 -115.51
CA LYS C 313 -27.87 92.90 -115.38
C LYS C 313 -27.19 92.34 -114.14
N THR C 314 -27.93 92.23 -113.03
CA THR C 314 -27.38 91.64 -111.82
C THR C 314 -27.02 90.17 -112.03
N VAL C 315 -27.89 89.41 -112.70
CA VAL C 315 -27.61 88.01 -112.97
C VAL C 315 -26.42 87.86 -113.88
N GLU C 316 -26.36 88.69 -114.92
CA GLU C 316 -25.20 88.68 -115.81
C GLU C 316 -23.93 88.97 -115.04
N THR C 317 -23.88 90.08 -114.27
CA THR C 317 -22.67 90.43 -113.52
C THR C 317 -22.26 89.34 -112.52
N LEU C 318 -23.24 88.66 -111.91
CA LEU C 318 -22.95 87.52 -111.04
C LEU C 318 -22.29 86.38 -111.80
N VAL C 319 -22.85 86.02 -112.96
CA VAL C 319 -22.31 84.92 -113.76
C VAL C 319 -20.90 85.24 -114.25
N GLN C 320 -20.68 86.46 -114.73
CA GLN C 320 -19.35 86.79 -115.26
C GLN C 320 -18.33 86.91 -114.14
N PHE C 321 -18.73 87.45 -112.98
CA PHE C 321 -17.83 87.51 -111.83
C PHE C 321 -17.46 86.11 -111.34
N GLU C 322 -18.44 85.21 -111.29
CA GLU C 322 -18.16 83.83 -110.87
C GLU C 322 -17.22 83.14 -111.85
N LYS C 323 -17.42 83.36 -113.16
CA LYS C 323 -16.54 82.77 -114.16
C LYS C 323 -15.12 83.31 -114.04
N ASP C 324 -14.99 84.62 -113.83
CA ASP C 324 -13.67 85.24 -113.70
C ASP C 324 -12.94 84.75 -112.45
N PHE C 325 -13.64 84.66 -111.33
CA PHE C 325 -12.99 84.21 -110.11
C PHE C 325 -12.69 82.71 -110.16
N ASN C 326 -13.54 81.93 -110.84
CA ASN C 326 -13.21 80.52 -111.03
C ASN C 326 -11.97 80.35 -111.89
N GLN C 327 -11.82 81.18 -112.93
CA GLN C 327 -10.59 81.17 -113.72
C GLN C 327 -9.38 81.57 -112.90
N PHE C 328 -9.54 82.58 -112.03
CA PHE C 328 -8.45 83.02 -111.16
C PHE C 328 -8.05 81.91 -110.18
N LEU C 329 -9.04 81.23 -109.60
CA LEU C 329 -8.76 80.13 -108.69
C LEU C 329 -8.11 78.95 -109.41
N LEU C 330 -8.53 78.69 -110.65
CA LEU C 330 -7.89 77.63 -111.44
C LEU C 330 -6.44 77.98 -111.72
N ALA C 331 -6.16 79.25 -112.03
CA ALA C 331 -4.80 79.67 -112.33
C ALA C 331 -3.90 79.64 -111.10
N ASN C 332 -4.42 80.04 -109.94
CA ASN C 332 -3.57 80.24 -108.78
C ASN C 332 -3.55 79.08 -107.80
N PHE C 333 -4.62 78.29 -107.71
CA PHE C 333 -4.67 77.18 -106.77
C PHE C 333 -5.19 75.89 -107.40
N GLN C 334 -5.34 75.84 -108.73
CA GLN C 334 -5.77 74.63 -109.48
C GLN C 334 -7.16 74.27 -108.95
N THR C 335 -7.37 73.04 -108.48
CA THR C 335 -8.70 72.60 -108.06
C THR C 335 -8.89 72.62 -106.54
N ARG C 336 -7.91 73.11 -105.77
CA ARG C 336 -8.01 73.10 -104.32
C ARG C 336 -9.13 74.00 -103.82
N LEU C 337 -9.26 75.20 -104.38
CA LEU C 337 -10.29 76.15 -104.00
C LEU C 337 -11.27 76.33 -105.14
N TYR C 338 -12.57 76.36 -104.82
CA TYR C 338 -13.58 76.54 -105.86
C TYR C 338 -14.76 77.32 -105.28
N VAL C 339 -15.16 78.38 -105.97
CA VAL C 339 -16.25 79.24 -105.51
C VAL C 339 -17.49 78.95 -106.35
N ALA C 340 -18.63 78.81 -105.68
CA ALA C 340 -19.89 78.55 -106.35
C ALA C 340 -20.90 79.59 -105.92
N PHE C 341 -21.59 80.17 -106.90
CA PHE C 341 -22.58 81.20 -106.67
C PHE C 341 -23.97 80.67 -106.89
N GLY C 342 -24.88 81.34 -106.17
CA GLY C 342 -26.24 80.99 -105.82
C GLY C 342 -27.22 82.14 -105.84
N TRP C 343 -28.42 81.96 -106.41
CA TRP C 343 -29.38 83.04 -106.18
C TRP C 343 -30.83 82.55 -106.33
N GLY C 344 -31.74 83.21 -105.62
CA GLY C 344 -33.16 82.91 -105.69
C GLY C 344 -34.02 84.17 -105.71
N SER C 345 -34.99 84.23 -106.62
CA SER C 345 -35.83 85.41 -106.74
C SER C 345 -36.95 85.38 -105.70
N PHE C 346 -37.18 86.53 -105.07
CA PHE C 346 -38.24 86.64 -104.08
C PHE C 346 -38.77 88.07 -104.05
N ALA C 347 -39.97 88.20 -103.49
CA ALA C 347 -40.70 89.44 -103.39
C ALA C 347 -40.62 89.99 -101.97
N ALA C 348 -41.10 91.22 -101.80
CA ALA C 348 -41.16 91.83 -100.47
C ALA C 348 -42.11 91.08 -99.56
N LYS C 349 -43.25 90.63 -100.11
CA LYS C 349 -44.26 89.94 -99.31
C LYS C 349 -43.78 88.60 -98.76
N ASP C 350 -42.67 88.07 -99.28
CA ASP C 350 -42.13 86.82 -98.79
C ASP C 350 -41.34 86.97 -97.49
N ILE C 351 -41.10 88.20 -97.03
CA ILE C 351 -40.32 88.41 -95.82
C ILE C 351 -41.00 89.33 -94.81
N MET C 352 -42.17 89.88 -95.11
CA MET C 352 -42.92 90.62 -94.10
C MET C 352 -43.69 89.65 -93.23
N SER C 353 -43.54 89.77 -91.90
CA SER C 353 -44.12 88.81 -90.97
C SER C 353 -45.65 88.78 -91.04
N GLU C 354 -46.28 89.89 -91.41
CA GLU C 354 -47.72 89.93 -91.52
C GLU C 354 -48.25 89.36 -92.84
N LEU C 355 -47.38 89.14 -93.83
CA LEU C 355 -47.82 88.68 -95.14
C LEU C 355 -47.21 87.36 -95.59
N ASN C 356 -46.12 86.92 -95.00
CA ASN C 356 -45.41 85.74 -95.47
C ASN C 356 -45.83 84.50 -94.69
N SER C 357 -45.29 83.37 -95.13
CA SER C 357 -45.51 82.07 -94.51
C SER C 357 -44.16 81.37 -94.38
N PRO C 358 -44.02 80.45 -93.40
CA PRO C 358 -42.69 79.87 -93.12
C PRO C 358 -42.02 79.14 -94.27
N GLU C 359 -42.77 78.36 -95.05
CA GLU C 359 -42.15 77.52 -96.07
C GLU C 359 -41.65 78.35 -97.25
N SER C 360 -42.26 79.51 -97.50
CA SER C 360 -41.73 80.40 -98.54
C SER C 360 -40.43 81.04 -98.09
N TYR C 361 -40.34 81.44 -96.81
CA TYR C 361 -39.11 81.99 -96.27
C TYR C 361 -38.02 80.92 -96.20
N ARG C 362 -38.41 79.65 -96.12
CA ARG C 362 -37.43 78.58 -96.28
C ARG C 362 -37.02 78.42 -97.74
N GLN C 363 -37.99 78.46 -98.66
CA GLN C 363 -37.72 78.20 -100.08
C GLN C 363 -36.84 79.27 -100.71
N ILE C 364 -36.91 80.51 -100.21
CA ILE C 364 -36.05 81.57 -100.75
C ILE C 364 -34.58 81.25 -100.49
N TYR C 365 -34.27 80.60 -99.37
CA TYR C 365 -32.93 80.11 -99.11
C TYR C 365 -32.66 78.83 -99.88
N GLN C 366 -33.68 77.95 -99.96
CA GLN C 366 -33.51 76.62 -100.55
C GLN C 366 -33.18 76.68 -102.03
N LYS C 367 -33.72 77.67 -102.74
CA LYS C 367 -33.42 77.81 -104.17
C LYS C 367 -31.94 78.09 -104.40
N ALA C 368 -31.40 79.06 -103.67
CA ALA C 368 -29.98 79.37 -103.79
C ALA C 368 -29.12 78.21 -103.32
N SER C 369 -29.52 77.54 -102.23
CA SER C 369 -28.75 76.40 -101.72
C SER C 369 -28.71 75.25 -102.72
N ARG C 370 -29.85 74.94 -103.34
CA ARG C 370 -29.93 73.89 -104.35
C ARG C 370 -29.08 74.22 -105.57
N MET C 371 -29.14 75.49 -106.02
CA MET C 371 -28.39 75.85 -107.22
C MET C 371 -26.87 75.86 -106.94
N ILE C 372 -26.48 76.28 -105.73
CA ILE C 372 -25.08 76.18 -105.31
C ILE C 372 -24.64 74.73 -105.26
N SER C 373 -25.48 73.85 -104.74
CA SER C 373 -25.13 72.42 -104.67
C SER C 373 -24.94 71.83 -106.06
N GLU C 374 -25.82 72.17 -107.01
CA GLU C 374 -25.69 71.66 -108.37
C GLU C 374 -24.42 72.19 -109.03
N LYS C 375 -24.07 73.46 -108.79
CA LYS C 375 -22.80 73.98 -109.32
C LYS C 375 -21.60 73.35 -108.65
N LYS C 376 -21.70 73.00 -107.37
CA LYS C 376 -20.59 72.32 -106.69
C LYS C 376 -20.39 70.91 -107.22
N ILE C 377 -21.47 70.21 -107.58
CA ILE C 377 -21.33 68.86 -108.10
C ILE C 377 -20.65 68.88 -109.47
N SER C 378 -21.10 69.74 -110.37
CA SER C 378 -20.53 69.86 -111.71
C SER C 378 -19.69 71.13 -111.75
N ARG C 379 -18.38 70.99 -111.60
CA ARG C 379 -17.52 72.16 -111.39
C ARG C 379 -16.99 72.74 -112.71
N TYR C 380 -16.22 71.96 -113.45
CA TYR C 380 -15.50 72.47 -114.61
C TYR C 380 -16.08 71.91 -115.90
N ASP C 381 -16.06 72.73 -116.94
CA ASP C 381 -16.55 72.32 -118.25
C ASP C 381 -15.49 71.51 -118.99
N TYR C 382 -15.76 71.24 -120.28
CA TYR C 382 -14.88 70.40 -121.08
C TYR C 382 -13.53 71.08 -121.31
N ARG C 383 -13.55 72.36 -121.64
CA ARG C 383 -12.32 73.06 -121.95
C ARG C 383 -11.40 73.18 -120.75
N THR C 384 -11.96 73.51 -119.58
CA THR C 384 -11.17 73.60 -118.36
C THR C 384 -10.56 72.25 -117.97
N LEU C 385 -11.36 71.19 -118.09
CA LEU C 385 -10.86 69.86 -117.75
C LEU C 385 -9.74 69.44 -118.70
N MET C 386 -9.91 69.74 -120.00
CA MET C 386 -8.87 69.43 -120.98
C MET C 386 -7.60 70.23 -120.71
N LEU C 387 -7.74 71.49 -120.31
CA LEU C 387 -6.58 72.30 -119.96
C LEU C 387 -5.87 71.75 -118.73
N LEU C 388 -6.62 71.25 -117.76
CA LEU C 388 -6.01 70.66 -116.57
C LEU C 388 -5.24 69.38 -116.90
N ASN C 389 -5.79 68.54 -117.78
CA ASN C 389 -5.24 67.23 -118.08
C ASN C 389 -4.25 67.23 -119.23
N ARG C 390 -3.71 68.40 -119.61
CA ARG C 390 -2.78 68.46 -120.73
C ARG C 390 -1.45 67.78 -120.40
N GLY C 391 -1.07 67.76 -119.12
CA GLY C 391 0.18 67.13 -118.72
C GLY C 391 1.39 67.80 -119.34
N GLY C 392 2.37 66.99 -119.71
CA GLY C 392 3.52 67.49 -120.46
C GLY C 392 4.54 68.26 -119.67
N LYS C 393 4.55 68.14 -118.35
CA LYS C 393 5.51 68.83 -117.47
C LYS C 393 6.46 67.82 -116.85
N SER C 394 7.75 68.04 -117.03
CA SER C 394 8.80 67.19 -116.46
C SER C 394 9.41 67.92 -115.27
N SER C 395 8.85 67.70 -114.09
CA SER C 395 9.33 68.33 -112.88
C SER C 395 9.93 67.27 -111.95
N GLU C 396 11.20 67.44 -111.62
CA GLU C 396 11.86 66.52 -110.71
C GLU C 396 11.41 66.73 -109.28
N ARG C 397 11.03 67.95 -108.92
CA ARG C 397 10.93 68.37 -107.54
C ARG C 397 9.57 69.03 -107.30
N GLU C 398 9.13 69.04 -106.05
CA GLU C 398 7.83 69.53 -105.66
C GLU C 398 7.96 70.54 -104.52
N CYS C 399 6.83 71.16 -104.19
CA CYS C 399 6.75 72.02 -103.03
C CYS C 399 6.73 71.19 -101.75
N GLU C 400 7.40 71.67 -100.72
CA GLU C 400 7.50 70.90 -99.48
C GLU C 400 6.29 71.11 -98.57
N ILE C 401 5.47 72.13 -98.82
CA ILE C 401 4.28 72.30 -97.99
C ILE C 401 3.01 71.83 -98.66
N CYS C 402 2.68 72.42 -99.81
CA CYS C 402 1.43 72.10 -100.47
C CYS C 402 1.61 71.17 -101.65
N HIS C 403 2.84 70.70 -101.90
CA HIS C 403 3.16 69.74 -102.96
C HIS C 403 2.79 70.25 -104.36
N SER C 404 2.76 71.56 -104.55
CA SER C 404 2.44 72.11 -105.86
C SER C 404 3.69 72.14 -106.74
N VAL C 405 3.46 72.03 -108.05
CA VAL C 405 4.53 72.01 -109.03
C VAL C 405 4.74 73.38 -109.67
N GLU C 406 3.67 74.18 -109.72
CA GLU C 406 3.72 75.45 -110.44
C GLU C 406 4.58 76.47 -109.73
N ASN C 407 5.53 77.05 -110.48
CA ASN C 407 6.35 78.19 -110.05
C ASN C 407 7.12 77.87 -108.76
N LEU C 408 7.96 76.86 -108.84
CA LEU C 408 8.79 76.47 -107.71
C LEU C 408 9.97 77.41 -107.60
N VAL C 409 10.27 77.83 -106.36
CA VAL C 409 11.41 78.68 -106.06
C VAL C 409 12.12 78.14 -104.83
N SER C 410 13.39 78.49 -104.72
CA SER C 410 14.21 78.10 -103.59
C SER C 410 14.22 79.22 -102.56
N TYR C 411 14.09 78.82 -101.31
CA TYR C 411 13.99 79.73 -100.18
C TYR C 411 14.24 79.01 -98.88
N HIS C 412 15.19 79.54 -98.11
CA HIS C 412 15.71 78.92 -96.90
C HIS C 412 15.98 77.46 -97.10
N ASP C 413 16.69 77.16 -98.20
CA ASP C 413 17.03 75.82 -98.71
C ASP C 413 15.82 74.86 -98.74
N GLN C 414 14.62 75.40 -98.84
CA GLN C 414 13.39 74.65 -99.11
C GLN C 414 12.85 75.10 -100.46
N LYS C 415 11.94 74.32 -100.99
CA LYS C 415 11.39 74.56 -102.33
C LYS C 415 9.91 74.83 -102.22
N VAL C 416 9.52 76.09 -102.34
CA VAL C 416 8.14 76.50 -102.12
C VAL C 416 7.57 77.02 -103.43
N CYS C 417 6.25 76.90 -103.57
CA CYS C 417 5.59 77.48 -104.73
C CYS C 417 5.40 78.98 -104.51
N ASP C 418 4.85 79.65 -105.52
CA ASP C 418 4.60 81.10 -105.43
C ASP C 418 3.61 81.45 -104.32
N ILE C 419 2.54 80.65 -104.17
CA ILE C 419 1.56 80.89 -103.13
C ILE C 419 2.17 80.66 -101.76
N CYS C 420 2.96 79.59 -101.62
CA CYS C 420 3.63 79.32 -100.36
C CYS C 420 4.61 80.43 -100.03
N ARG C 421 5.35 80.89 -101.02
CA ARG C 421 6.20 82.04 -100.84
C ARG C 421 5.49 83.29 -100.37
N GLY C 422 4.39 83.62 -101.02
CA GLY C 422 3.63 84.76 -100.59
C GLY C 422 3.06 84.61 -99.20
N LEU C 423 2.67 83.39 -98.83
CA LEU C 423 2.13 83.17 -97.49
C LEU C 423 3.21 83.23 -96.40
N TYR C 424 4.40 82.71 -96.68
CA TYR C 424 5.55 82.96 -95.79
C TYR C 424 5.87 84.43 -95.64
N GLN C 425 5.79 85.20 -96.73
CA GLN C 425 6.01 86.63 -96.62
C GLN C 425 4.92 87.32 -95.82
N PHE C 426 3.68 86.88 -96.00
CA PHE C 426 2.55 87.48 -95.31
C PHE C 426 2.49 87.08 -93.84
N SER C 427 3.12 85.95 -93.47
CA SER C 427 3.12 85.53 -92.07
C SER C 427 3.82 86.54 -91.18
N LYS C 428 4.79 87.27 -91.71
CA LYS C 428 5.41 88.35 -90.96
C LYS C 428 4.60 89.64 -91.00
N GLU C 429 3.66 89.75 -91.94
CA GLU C 429 2.83 90.93 -92.09
C GLU C 429 1.50 90.82 -91.34
N ILE C 430 1.17 89.67 -90.75
CA ILE C 430 -0.09 89.54 -90.02
C ILE C 430 -0.09 90.33 -88.73
N ALA C 431 1.08 90.73 -88.24
CA ALA C 431 1.17 91.54 -87.02
C ALA C 431 0.61 92.94 -87.22
N HIS C 432 0.59 93.45 -88.45
CA HIS C 432 0.05 94.77 -88.72
C HIS C 432 -1.48 94.74 -88.66
N ASP C 433 -2.06 95.93 -88.58
CA ASP C 433 -3.51 96.07 -88.56
C ASP C 433 -4.07 96.65 -89.85
N HIS C 434 -3.24 96.92 -90.84
CA HIS C 434 -3.67 97.51 -92.10
C HIS C 434 -3.26 96.62 -93.26
N PHE C 435 -4.19 96.30 -94.14
CA PHE C 435 -3.95 95.41 -95.27
C PHE C 435 -4.53 96.04 -96.53
N ILE C 436 -3.67 96.29 -97.51
CA ILE C 436 -4.06 97.02 -98.71
C ILE C 436 -4.18 96.05 -99.88
N ILE C 437 -4.89 96.49 -100.92
CA ILE C 437 -5.07 95.73 -102.15
C ILE C 437 -4.35 96.46 -103.27
N THR C 438 -3.29 95.85 -103.80
CA THR C 438 -2.54 96.42 -104.91
C THR C 438 -2.77 95.57 -106.15
N GLU C 439 -2.06 95.90 -107.23
CA GLU C 439 -2.28 95.20 -108.49
C GLU C 439 -1.34 94.01 -108.67
N ASN C 440 -0.12 94.07 -108.13
CA ASN C 440 0.81 92.95 -108.27
C ASN C 440 1.65 92.65 -107.04
N GLU C 441 1.47 93.38 -105.94
CA GLU C 441 2.30 93.20 -104.74
C GLU C 441 1.49 92.48 -103.67
N GLY C 442 1.98 91.34 -103.21
CA GLY C 442 1.32 90.58 -102.18
C GLY C 442 0.73 89.28 -102.71
N LEU C 443 0.03 88.60 -101.81
CA LEU C 443 -0.60 87.34 -102.16
C LEU C 443 -1.76 87.58 -103.11
N PRO C 444 -1.81 86.91 -104.28
CA PRO C 444 -2.89 87.17 -105.24
C PRO C 444 -4.25 86.78 -104.69
N ILE C 445 -5.07 87.78 -104.38
CA ILE C 445 -6.37 87.58 -103.75
C ILE C 445 -7.53 87.71 -104.74
N GLY C 446 -7.28 88.17 -105.95
CA GLY C 446 -8.34 88.28 -106.91
C GLY C 446 -7.80 88.64 -108.27
N PRO C 447 -8.71 88.75 -109.27
CA PRO C 447 -8.27 89.07 -110.64
C PRO C 447 -7.57 90.42 -110.71
N ASN C 448 -6.26 90.36 -111.00
CA ASN C 448 -5.37 91.53 -111.00
C ASN C 448 -5.41 92.27 -109.67
N ALA C 449 -5.47 91.52 -108.57
CA ALA C 449 -5.53 92.12 -107.25
C ALA C 449 -4.80 91.25 -106.25
N CYS C 450 -3.89 91.85 -105.49
CA CYS C 450 -3.09 91.16 -104.50
C CYS C 450 -3.25 91.86 -103.14
N LEU C 451 -3.20 91.06 -102.08
CA LEU C 451 -3.34 91.52 -100.71
C LEU C 451 -1.97 91.64 -100.08
N LYS C 452 -1.70 92.79 -99.45
CA LYS C 452 -0.41 93.02 -98.81
C LYS C 452 -0.63 93.69 -97.46
N GLY C 453 -0.11 93.06 -96.40
CA GLY C 453 -0.18 93.66 -95.09
C GLY C 453 0.90 94.69 -94.87
N VAL C 454 0.51 95.95 -94.70
CA VAL C 454 1.45 97.06 -94.66
C VAL C 454 1.22 97.83 -93.36
N ALA C 455 2.31 98.25 -92.72
CA ALA C 455 2.22 99.07 -91.52
C ALA C 455 1.61 100.43 -91.84
N PHE C 456 1.12 101.10 -90.79
CA PHE C 456 0.42 102.37 -90.97
C PHE C 456 1.34 103.44 -91.55
N GLU C 457 2.56 103.54 -91.02
CA GLU C 457 3.49 104.61 -91.41
C GLU C 457 3.90 104.51 -92.87
N LYS C 458 3.86 103.32 -93.45
CA LYS C 458 4.19 103.15 -94.86
C LYS C 458 2.98 103.25 -95.77
N LEU C 459 1.76 103.38 -95.22
CA LEU C 459 0.56 103.37 -96.05
C LEU C 459 0.52 104.57 -96.98
N SER C 460 1.06 105.71 -96.56
CA SER C 460 1.12 106.89 -97.42
C SER C 460 2.07 106.71 -98.59
N GLN C 461 2.95 105.71 -98.56
CA GLN C 461 3.90 105.46 -99.64
C GLN C 461 3.46 104.33 -100.58
N GLU C 462 2.26 103.80 -100.40
CA GLU C 462 1.80 102.66 -101.18
C GLU C 462 0.61 103.04 -102.05
N SER C 463 0.51 102.38 -103.19
CA SER C 463 -0.62 102.55 -104.11
C SER C 463 -1.57 101.39 -103.96
N PHE C 464 -2.86 101.68 -103.86
CA PHE C 464 -3.85 100.64 -103.56
C PHE C 464 -5.20 101.07 -104.10
N SER C 465 -6.13 100.11 -104.13
CA SER C 465 -7.52 100.37 -104.47
C SER C 465 -8.45 100.28 -103.28
N ARG C 466 -8.12 99.48 -102.27
CA ARG C 466 -8.95 99.32 -101.08
C ARG C 466 -8.05 98.94 -99.91
N VAL C 467 -8.48 99.32 -98.70
CA VAL C 467 -7.72 99.09 -97.47
C VAL C 467 -8.64 98.49 -96.41
N TYR C 468 -8.10 97.55 -95.63
CA TYR C 468 -8.81 96.86 -94.58
C TYR C 468 -8.09 97.08 -93.25
N VAL C 469 -8.87 97.26 -92.19
CA VAL C 469 -8.34 97.40 -90.83
C VAL C 469 -8.93 96.28 -89.98
N LYS C 470 -8.07 95.55 -89.29
CA LYS C 470 -8.44 94.38 -88.51
C LYS C 470 -8.56 94.75 -87.03
N ASN C 471 -9.70 94.41 -86.44
CA ASN C 471 -9.96 94.54 -85.00
C ASN C 471 -9.80 96.00 -84.54
N ASP C 472 -10.68 96.86 -85.05
CA ASP C 472 -10.69 98.26 -84.63
C ASP C 472 -12.07 98.84 -84.88
N TYR C 473 -12.71 99.33 -83.81
CA TYR C 473 -13.98 100.04 -83.91
C TYR C 473 -13.80 101.54 -84.12
N LYS C 474 -12.58 102.06 -83.99
CA LYS C 474 -12.35 103.49 -84.11
C LYS C 474 -12.20 103.88 -85.57
N ALA C 475 -12.92 104.92 -85.97
CA ALA C 475 -12.80 105.46 -87.33
C ALA C 475 -11.48 106.19 -87.46
N GLY C 476 -10.51 105.56 -88.12
CA GLY C 476 -9.19 106.14 -88.25
C GLY C 476 -9.16 107.27 -89.24
N THR C 477 -7.97 107.88 -89.35
CA THR C 477 -7.77 108.97 -90.30
C THR C 477 -7.84 108.52 -91.75
N ILE C 478 -7.78 107.21 -92.01
CA ILE C 478 -7.82 106.67 -93.35
C ILE C 478 -9.13 105.89 -93.51
N LYS C 479 -9.87 106.19 -94.58
CA LYS C 479 -11.15 105.55 -94.85
C LYS C 479 -10.91 104.10 -95.23
N ALA C 480 -11.20 103.19 -94.30
CA ALA C 480 -10.88 101.78 -94.46
C ALA C 480 -12.07 100.91 -94.10
N THR C 481 -12.13 99.75 -94.73
CA THR C 481 -13.14 98.75 -94.39
C THR C 481 -12.69 97.95 -93.17
N HIS C 482 -13.56 97.86 -92.18
CA HIS C 482 -13.23 97.25 -90.89
C HIS C 482 -13.70 95.80 -90.86
N VAL C 483 -12.78 94.90 -90.48
CA VAL C 483 -13.08 93.48 -90.37
C VAL C 483 -12.67 93.01 -88.98
N PHE C 484 -13.34 91.97 -88.50
CA PHE C 484 -13.09 91.42 -87.17
C PHE C 484 -12.84 89.93 -87.26
N VAL C 485 -11.70 89.47 -86.72
CA VAL C 485 -11.33 88.06 -86.75
C VAL C 485 -10.79 87.69 -85.37
N GLY C 486 -10.92 86.42 -85.01
CA GLY C 486 -10.31 85.92 -83.79
C GLY C 486 -8.87 85.51 -84.04
N ASP C 487 -7.91 86.28 -83.50
CA ASP C 487 -6.49 86.14 -83.80
C ASP C 487 -5.62 86.17 -82.53
N TYR C 488 -6.16 85.82 -81.38
CA TYR C 488 -5.34 85.82 -80.16
C TYR C 488 -4.19 84.83 -80.29
N GLN C 489 -3.01 85.25 -79.82
CA GLN C 489 -1.82 84.41 -79.89
C GLN C 489 -0.93 84.76 -78.72
N CYS C 490 -0.62 83.77 -77.88
CA CYS C 490 0.21 83.99 -76.71
C CYS C 490 1.69 83.80 -77.01
N ASP C 491 2.05 82.68 -77.64
CA ASP C 491 3.43 82.41 -78.01
C ASP C 491 3.42 81.59 -79.29
N GLU C 492 4.60 81.11 -79.68
CA GLU C 492 4.72 80.27 -80.85
C GLU C 492 4.21 78.86 -80.55
N ILE C 493 3.74 78.18 -81.61
CA ILE C 493 3.13 76.87 -81.43
C ILE C 493 4.14 75.84 -80.97
N HIS C 494 5.38 75.91 -81.49
CA HIS C 494 6.40 74.95 -81.11
C HIS C 494 6.85 75.10 -79.66
N LYS C 495 6.51 76.21 -78.99
CA LYS C 495 6.80 76.38 -77.58
C LYS C 495 5.69 75.87 -76.68
N TYR C 496 4.48 75.64 -77.21
CA TYR C 496 3.32 75.31 -76.37
C TYR C 496 3.48 73.97 -75.68
N ALA C 497 4.23 73.03 -76.28
CA ALA C 497 4.48 71.74 -75.64
C ALA C 497 5.28 71.91 -74.36
N ALA C 498 6.32 72.75 -74.39
CA ALA C 498 7.11 72.99 -73.20
C ALA C 498 6.41 73.93 -72.21
N LEU C 499 5.56 74.82 -72.71
CA LEU C 499 4.88 75.79 -71.84
C LEU C 499 3.85 75.15 -70.91
N SER C 500 3.49 73.88 -71.11
CA SER C 500 2.54 73.22 -70.21
C SER C 500 3.15 72.92 -68.85
N LYS C 501 4.46 72.96 -68.71
CA LYS C 501 5.11 72.81 -67.41
C LYS C 501 4.96 74.09 -66.59
N ASN C 502 4.78 73.93 -65.30
CA ASN C 502 4.59 75.06 -64.39
C ASN C 502 5.94 75.54 -63.89
N GLU C 503 5.91 76.46 -62.92
CA GLU C 503 7.14 76.98 -62.33
C GLU C 503 7.90 75.90 -61.57
N ASP C 504 7.19 74.93 -61.00
CA ASP C 504 7.80 73.83 -60.29
C ASP C 504 8.16 72.65 -61.19
N GLY C 505 7.96 72.77 -62.50
CA GLY C 505 8.22 71.68 -63.41
C GLY C 505 7.09 70.67 -63.54
N LEU C 506 5.96 70.91 -62.89
CA LEU C 506 4.85 69.98 -62.91
C LEU C 506 4.06 70.14 -64.20
N GLY C 507 3.58 69.03 -64.73
CA GLY C 507 2.80 69.07 -65.95
C GLY C 507 3.45 68.32 -67.09
N ILE C 508 2.65 67.60 -67.86
CA ILE C 508 3.18 66.85 -69.00
C ILE C 508 3.59 67.79 -70.13
N LYS C 509 4.69 67.45 -70.82
CA LYS C 509 5.18 68.24 -71.93
C LYS C 509 4.39 67.85 -73.19
N ARG C 510 3.17 68.37 -73.28
CA ARG C 510 2.24 68.06 -74.37
C ARG C 510 1.51 69.33 -74.76
N LEU C 511 0.86 69.28 -75.91
CA LEU C 511 0.05 70.40 -76.34
C LEU C 511 -1.33 69.84 -76.73
N ALA C 512 -2.30 70.73 -76.85
CA ALA C 512 -3.64 70.34 -77.22
C ALA C 512 -4.17 71.19 -78.36
N VAL C 513 -5.04 70.58 -79.15
CA VAL C 513 -5.79 71.23 -80.22
C VAL C 513 -7.26 70.98 -79.99
N VAL C 514 -8.05 72.04 -79.94
CA VAL C 514 -9.49 71.95 -79.75
C VAL C 514 -10.20 72.43 -81.01
N ARG C 515 -11.14 71.63 -81.47
CA ARG C 515 -12.06 72.02 -82.53
C ARG C 515 -13.47 72.00 -81.98
N LEU C 516 -14.18 73.10 -82.16
CA LEU C 516 -15.50 73.28 -81.59
C LEU C 516 -16.46 73.71 -82.69
N ASP C 517 -17.72 73.29 -82.56
CA ASP C 517 -18.71 73.60 -83.57
C ASP C 517 -20.07 73.87 -82.93
N VAL C 518 -20.77 74.87 -83.43
CA VAL C 518 -22.12 75.19 -83.00
C VAL C 518 -23.08 74.16 -83.57
N ASP C 519 -24.00 73.68 -82.74
CA ASP C 519 -24.87 72.58 -83.12
C ASP C 519 -26.04 73.09 -83.93
N ASP C 520 -26.22 72.51 -85.12
CA ASP C 520 -27.33 72.81 -86.04
C ASP C 520 -27.44 74.30 -86.33
N LEU C 521 -26.30 74.92 -86.64
CA LEU C 521 -26.29 76.35 -86.97
C LEU C 521 -27.15 76.62 -88.18
N GLY C 522 -27.08 75.77 -89.19
CA GLY C 522 -27.88 76.00 -90.36
C GLY C 522 -29.37 75.82 -90.11
N ALA C 523 -29.74 74.84 -89.27
CA ALA C 523 -31.14 74.70 -88.87
C ALA C 523 -31.61 75.91 -88.07
N ALA C 524 -30.72 76.45 -87.22
CA ALA C 524 -31.02 77.66 -86.47
C ALA C 524 -31.26 78.84 -87.40
N PHE C 525 -30.46 78.96 -88.45
CA PHE C 525 -30.63 80.06 -89.40
C PHE C 525 -31.91 79.90 -90.20
N MET C 526 -32.17 78.68 -90.69
CA MET C 526 -33.35 78.43 -91.52
C MET C 526 -34.66 78.53 -90.76
N ALA C 527 -34.79 77.83 -89.62
CA ALA C 527 -36.09 77.80 -88.94
C ALA C 527 -35.98 77.87 -87.41
N GLY C 528 -34.89 78.45 -86.89
CA GLY C 528 -34.74 78.51 -85.43
C GLY C 528 -35.78 79.39 -84.77
N PHE C 529 -36.21 80.44 -85.43
CA PHE C 529 -37.23 81.34 -84.90
C PHE C 529 -38.65 80.93 -85.25
N SER C 530 -38.84 79.92 -86.10
CA SER C 530 -40.16 79.58 -86.59
C SER C 530 -40.97 78.75 -85.59
N ARG C 531 -40.37 78.34 -84.46
CA ARG C 531 -41.09 77.52 -83.51
C ARG C 531 -42.18 78.31 -82.79
N GLN C 532 -41.94 79.58 -82.52
CA GLN C 532 -42.90 80.40 -81.80
C GLN C 532 -43.77 81.19 -82.75
N GLY C 533 -44.98 81.51 -82.29
CA GLY C 533 -45.89 82.38 -83.03
C GLY C 533 -46.39 81.81 -84.34
N ASN C 534 -46.46 80.48 -84.46
CA ASN C 534 -46.94 79.77 -85.66
C ASN C 534 -46.14 80.16 -86.90
N GLY C 535 -44.84 80.39 -86.72
CA GLY C 535 -43.98 80.77 -87.82
C GLY C 535 -43.99 82.23 -88.19
N GLN C 536 -44.62 83.10 -87.38
CA GLN C 536 -44.63 84.54 -87.68
C GLN C 536 -43.26 85.15 -87.49
N TYR C 537 -42.34 84.43 -86.84
CA TYR C 537 -41.03 84.96 -86.54
C TYR C 537 -40.00 84.55 -87.60
N SER C 538 -40.40 84.37 -88.85
CA SER C 538 -39.45 83.99 -89.88
C SER C 538 -39.33 85.14 -90.89
N THR C 539 -38.44 86.10 -90.59
CA THR C 539 -38.14 87.15 -91.56
C THR C 539 -36.64 87.31 -91.63
N LEU C 540 -36.20 88.14 -92.58
CA LEU C 540 -34.78 88.35 -92.80
C LEU C 540 -34.11 89.06 -91.63
N SER C 541 -34.82 90.00 -91.01
CA SER C 541 -34.21 90.88 -90.01
C SER C 541 -33.74 90.10 -88.79
N ARG C 542 -34.59 89.23 -88.25
CA ARG C 542 -34.23 88.49 -87.05
C ARG C 542 -33.20 87.40 -87.33
N SER C 543 -33.25 86.79 -88.52
CA SER C 543 -32.21 85.84 -88.91
C SER C 543 -30.87 86.53 -89.04
N ALA C 544 -30.85 87.74 -89.58
CA ALA C 544 -29.57 88.36 -89.76
C ALA C 544 -29.08 89.02 -88.46
N THR C 545 -29.96 89.43 -87.54
CA THR C 545 -29.52 89.77 -86.17
C THR C 545 -28.91 88.57 -85.45
N PHE C 546 -29.49 87.38 -85.66
CA PHE C 546 -28.90 86.14 -85.16
C PHE C 546 -27.49 85.95 -85.72
N SER C 547 -27.34 86.22 -87.02
CA SER C 547 -26.03 86.10 -87.68
C SER C 547 -25.01 87.08 -87.11
N ARG C 548 -25.41 88.34 -86.90
CA ARG C 548 -24.50 89.32 -86.30
C ARG C 548 -24.19 89.00 -84.85
N SER C 549 -25.14 88.41 -84.12
CA SER C 549 -24.88 87.97 -82.76
C SER C 549 -23.79 86.91 -82.72
N MET C 550 -23.91 85.90 -83.58
CA MET C 550 -22.84 84.89 -83.67
C MET C 550 -21.54 85.48 -84.17
N SER C 551 -21.59 86.47 -85.07
CA SER C 551 -20.36 87.06 -85.58
C SER C 551 -19.62 87.82 -84.48
N LEU C 552 -20.34 88.62 -83.71
CA LEU C 552 -19.70 89.33 -82.61
C LEU C 552 -19.26 88.39 -81.50
N PHE C 553 -19.94 87.25 -81.34
CA PHE C 553 -19.51 86.29 -80.34
C PHE C 553 -18.22 85.59 -80.75
N PHE C 554 -18.08 85.23 -82.03
CA PHE C 554 -17.01 84.34 -82.43
C PHE C 554 -15.83 85.02 -83.12
N LYS C 555 -15.97 86.28 -83.52
CA LYS C 555 -14.84 86.97 -84.15
C LYS C 555 -14.22 88.04 -83.27
N VAL C 556 -14.93 88.52 -82.24
CA VAL C 556 -14.45 89.57 -81.37
C VAL C 556 -14.34 89.08 -79.94
N TYR C 557 -15.26 88.20 -79.51
CA TYR C 557 -15.47 87.93 -78.10
C TYR C 557 -14.59 86.78 -77.63
N ILE C 558 -14.26 85.88 -78.57
CA ILE C 558 -13.38 84.76 -78.30
C ILE C 558 -11.99 85.26 -77.93
N ASN C 559 -11.59 86.43 -78.44
CA ASN C 559 -10.30 87.02 -78.09
C ASN C 559 -10.28 87.42 -76.63
N GLN C 560 -11.42 87.84 -76.08
CA GLN C 560 -11.49 88.15 -74.67
C GLN C 560 -11.57 86.88 -73.82
N PHE C 561 -12.25 85.85 -74.34
CA PHE C 561 -12.28 84.57 -73.62
C PHE C 561 -10.89 83.94 -73.56
N ALA C 562 -10.05 84.20 -74.55
CA ALA C 562 -8.71 83.63 -74.59
C ALA C 562 -7.67 84.46 -73.86
N SER C 563 -8.07 85.57 -73.23
CA SER C 563 -7.11 86.44 -72.56
C SER C 563 -6.45 85.72 -71.39
N ASP C 564 -5.15 85.95 -71.24
CA ASP C 564 -4.29 85.35 -70.21
C ASP C 564 -4.21 83.83 -70.32
N LYS C 565 -4.32 83.29 -71.53
CA LYS C 565 -4.20 81.85 -71.76
C LYS C 565 -3.11 81.59 -72.78
N LYS C 566 -2.32 80.53 -72.53
CA LYS C 566 -1.22 80.15 -73.40
C LYS C 566 -1.75 79.32 -74.57
N LEU C 567 -2.39 80.02 -75.52
CA LEU C 567 -2.96 79.37 -76.68
C LEU C 567 -3.09 80.39 -77.80
N SER C 568 -3.32 79.87 -79.00
CA SER C 568 -3.56 80.68 -80.19
C SER C 568 -4.84 80.20 -80.86
N ILE C 569 -5.69 81.14 -81.25
CA ILE C 569 -6.93 80.85 -81.94
C ILE C 569 -6.66 80.99 -83.44
N ILE C 570 -6.51 79.85 -84.12
CA ILE C 570 -6.13 79.88 -85.53
C ILE C 570 -7.30 80.30 -86.41
N TYR C 571 -8.44 79.64 -86.25
CA TYR C 571 -9.61 79.90 -87.08
C TYR C 571 -10.82 80.06 -86.19
N ALA C 572 -11.50 81.20 -86.32
CA ALA C 572 -12.69 81.47 -85.51
C ALA C 572 -13.64 82.28 -86.38
N GLY C 573 -14.56 81.58 -87.04
CA GLY C 573 -15.51 82.23 -87.92
C GLY C 573 -16.74 81.39 -88.15
N GLY C 574 -17.91 81.99 -88.03
CA GLY C 574 -19.15 81.25 -88.15
C GLY C 574 -19.36 80.30 -86.98
N ASP C 575 -19.26 79.01 -87.26
CA ASP C 575 -19.45 77.96 -86.27
C ASP C 575 -18.21 77.14 -85.94
N ASP C 576 -17.19 77.16 -86.79
CA ASP C 576 -16.02 76.34 -86.57
C ASP C 576 -14.97 77.13 -85.81
N VAL C 577 -14.46 76.54 -84.73
CA VAL C 577 -13.45 77.15 -83.88
C VAL C 577 -12.28 76.19 -83.78
N PHE C 578 -11.07 76.70 -84.04
CA PHE C 578 -9.84 75.93 -83.99
C PHE C 578 -8.86 76.67 -83.10
N ALA C 579 -8.45 76.05 -82.01
CA ALA C 579 -7.47 76.64 -81.12
C ALA C 579 -6.40 75.61 -80.77
N ILE C 580 -5.21 76.11 -80.45
CA ILE C 580 -4.06 75.25 -80.19
C ILE C 580 -3.18 75.88 -79.12
N GLY C 581 -2.78 75.10 -78.13
CA GLY C 581 -1.93 75.64 -77.10
C GLY C 581 -1.54 74.62 -76.06
N SER C 582 -1.25 75.08 -74.85
CA SER C 582 -1.04 74.18 -73.74
C SER C 582 -2.35 73.53 -73.36
N TRP C 583 -2.28 72.27 -72.93
CA TRP C 583 -3.49 71.47 -72.81
C TRP C 583 -4.42 71.93 -71.69
N GLN C 584 -3.84 72.34 -70.54
CA GLN C 584 -4.66 72.86 -69.45
C GLN C 584 -5.40 74.12 -69.87
N ASP C 585 -4.69 75.04 -70.53
CA ASP C 585 -5.31 76.27 -71.01
C ASP C 585 -6.33 75.99 -72.10
N ILE C 586 -6.09 75.00 -72.95
CA ILE C 586 -7.04 74.65 -74.00
C ILE C 586 -8.33 74.13 -73.40
N ILE C 587 -8.23 73.25 -72.39
CA ILE C 587 -9.43 72.73 -71.73
C ILE C 587 -10.19 73.84 -71.04
N ALA C 588 -9.48 74.71 -70.31
CA ALA C 588 -10.11 75.81 -69.60
C ALA C 588 -10.79 76.78 -70.56
N PHE C 589 -10.12 77.08 -71.68
CA PHE C 589 -10.69 77.96 -72.69
C PHE C 589 -11.95 77.38 -73.30
N THR C 590 -11.93 76.08 -73.59
CA THR C 590 -13.11 75.42 -74.16
C THR C 590 -14.28 75.46 -73.19
N VAL C 591 -14.02 75.16 -71.90
CA VAL C 591 -15.09 75.16 -70.91
C VAL C 591 -15.66 76.57 -70.72
N GLU C 592 -14.78 77.57 -70.65
CA GLU C 592 -15.21 78.95 -70.50
C GLU C 592 -16.01 79.42 -71.69
N LEU C 593 -15.57 79.07 -72.91
CA LEU C 593 -16.30 79.45 -74.11
C LEU C 593 -17.68 78.81 -74.13
N ARG C 594 -17.77 77.53 -73.77
CA ARG C 594 -19.06 76.85 -73.75
C ARG C 594 -20.00 77.50 -72.73
N GLN C 595 -19.49 77.80 -71.54
CA GLN C 595 -20.32 78.42 -70.51
C GLN C 595 -20.78 79.81 -70.93
N ASN C 596 -19.90 80.58 -71.55
CA ASN C 596 -20.28 81.92 -71.97
C ASN C 596 -21.25 81.87 -73.15
N PHE C 597 -21.15 80.85 -73.98
CA PHE C 597 -22.11 80.66 -75.06
C PHE C 597 -23.47 80.27 -74.52
N ILE C 598 -23.50 79.36 -73.54
CA ILE C 598 -24.78 78.85 -73.04
C ILE C 598 -25.47 79.98 -72.25
N LYS C 599 -24.67 80.89 -71.68
CA LYS C 599 -25.23 82.09 -71.08
C LYS C 599 -25.62 83.12 -72.13
N TRP C 600 -24.91 83.21 -73.24
CA TRP C 600 -25.23 84.19 -74.27
C TRP C 600 -26.53 83.85 -74.99
N THR C 601 -26.72 82.59 -75.33
CA THR C 601 -27.84 82.14 -76.13
C THR C 601 -28.98 81.58 -75.30
N ASN C 602 -28.96 81.78 -73.97
CA ASN C 602 -29.99 81.29 -73.05
C ASN C 602 -30.11 79.78 -73.08
N GLY C 603 -29.11 79.07 -73.50
CA GLY C 603 -29.32 77.67 -73.46
C GLY C 603 -29.89 77.05 -74.69
N LYS C 604 -30.22 77.85 -75.70
CA LYS C 604 -31.00 77.34 -76.80
C LYS C 604 -30.16 76.74 -77.90
N LEU C 605 -28.85 76.98 -77.88
CA LEU C 605 -27.93 76.35 -78.81
C LEU C 605 -26.76 75.79 -78.02
N THR C 606 -26.28 74.64 -78.46
CA THR C 606 -25.20 73.92 -77.77
C THR C 606 -23.99 73.85 -78.68
N LEU C 607 -22.88 73.34 -78.15
CA LEU C 607 -21.65 73.24 -78.90
C LEU C 607 -21.28 71.77 -78.96
N SER C 608 -20.33 71.39 -79.79
CA SER C 608 -19.70 70.09 -79.63
C SER C 608 -18.21 70.30 -79.79
N ALA C 609 -17.44 69.65 -78.94
CA ALA C 609 -16.02 69.96 -78.84
C ALA C 609 -15.19 68.69 -78.87
N GLY C 610 -14.04 68.77 -79.53
CA GLY C 610 -13.05 67.72 -79.51
C GLY C 610 -11.71 68.29 -79.13
N ILE C 611 -11.05 67.69 -78.14
CA ILE C 611 -9.80 68.19 -77.58
C ILE C 611 -8.77 67.09 -77.73
N GLY C 612 -7.89 67.20 -78.72
CA GLY C 612 -6.85 66.20 -78.94
C GLY C 612 -5.54 66.61 -78.31
N LEU C 613 -4.93 65.67 -77.57
CA LEU C 613 -3.57 65.82 -77.05
C LEU C 613 -2.53 65.26 -77.98
N PHE C 614 -1.41 65.96 -78.07
CA PHE C 614 -0.34 65.61 -78.99
C PHE C 614 0.99 65.99 -78.36
N ALA C 615 2.05 65.38 -78.89
CA ALA C 615 3.39 65.64 -78.41
C ALA C 615 4.01 66.80 -79.19
N ASP C 616 5.24 67.15 -78.81
CA ASP C 616 5.97 68.22 -79.47
C ASP C 616 6.28 67.82 -80.92
N LYS C 617 6.29 68.82 -81.79
CA LYS C 617 6.67 68.72 -83.21
C LYS C 617 5.71 67.87 -84.02
N THR C 618 4.49 67.66 -83.53
CA THR C 618 3.50 66.88 -84.30
C THR C 618 3.06 67.70 -85.51
N PRO C 619 3.07 67.10 -86.71
CA PRO C 619 2.63 67.84 -87.91
C PRO C 619 1.17 68.26 -87.80
N ILE C 620 0.90 69.50 -88.22
CA ILE C 620 -0.36 70.16 -87.92
C ILE C 620 -1.54 69.49 -88.61
N SER C 621 -1.33 68.96 -89.82
CA SER C 621 -2.41 68.27 -90.55
C SER C 621 -2.92 67.06 -89.77
N LEU C 622 -2.01 66.32 -89.13
CA LEU C 622 -2.39 65.18 -88.31
C LEU C 622 -3.20 65.62 -87.08
N MET C 623 -2.78 66.71 -86.44
CA MET C 623 -3.48 67.24 -85.27
C MET C 623 -4.90 67.65 -85.65
N ALA C 624 -5.02 68.37 -86.77
CA ALA C 624 -6.33 68.82 -87.25
C ALA C 624 -7.23 67.64 -87.60
N HIS C 625 -6.66 66.62 -88.26
CA HIS C 625 -7.44 65.44 -88.62
C HIS C 625 -7.95 64.71 -87.40
N GLN C 626 -7.07 64.43 -86.43
CA GLN C 626 -7.48 63.69 -85.23
C GLN C 626 -8.48 64.47 -84.39
N THR C 627 -8.27 65.79 -84.25
CA THR C 627 -9.23 66.61 -83.51
C THR C 627 -10.56 66.71 -84.23
N GLY C 628 -10.55 66.70 -85.57
CA GLY C 628 -11.80 66.63 -86.31
C GLY C 628 -12.55 65.33 -86.07
N GLU C 629 -11.81 64.22 -85.97
CA GLU C 629 -12.44 62.95 -85.62
C GLU C 629 -13.05 62.99 -84.24
N LEU C 630 -12.36 63.61 -83.29
CA LEU C 630 -12.89 63.73 -81.94
C LEU C 630 -14.13 64.62 -81.90
N GLU C 631 -14.13 65.71 -82.67
CA GLU C 631 -15.31 66.57 -82.77
C GLU C 631 -16.49 65.82 -83.36
N GLU C 632 -16.24 65.01 -84.40
CA GLU C 632 -17.29 64.20 -84.99
C GLU C 632 -17.84 63.18 -84.00
N ALA C 633 -16.95 62.57 -83.20
CA ALA C 633 -17.39 61.63 -82.17
C ALA C 633 -18.25 62.32 -81.12
N ALA C 634 -17.88 63.54 -80.73
CA ALA C 634 -18.68 64.32 -79.79
C ALA C 634 -20.05 64.67 -80.38
N LYS C 635 -20.10 65.03 -81.67
CA LYS C 635 -21.38 65.19 -82.37
C LYS C 635 -22.22 63.91 -82.35
N GLY C 636 -21.58 62.75 -82.50
CA GLY C 636 -22.31 61.49 -82.51
C GLY C 636 -22.99 61.14 -81.20
N ASN C 637 -22.56 61.74 -80.09
CA ASN C 637 -23.14 61.47 -78.78
C ASN C 637 -24.36 62.34 -78.54
N GLU C 638 -25.33 62.30 -79.47
CA GLU C 638 -26.54 63.12 -79.47
C GLU C 638 -26.24 64.60 -79.40
N LYS C 639 -25.04 65.00 -79.85
CA LYS C 639 -24.50 66.35 -79.84
C LYS C 639 -24.48 66.88 -78.40
N ASP C 640 -24.17 68.16 -78.25
CA ASP C 640 -23.97 68.79 -76.95
C ASP C 640 -23.03 67.91 -76.12
N SER C 641 -21.90 67.49 -76.75
CA SER C 641 -20.90 66.66 -76.10
C SER C 641 -19.44 67.10 -76.30
N ILE C 642 -18.59 66.73 -75.34
CA ILE C 642 -17.17 67.04 -75.44
C ILE C 642 -16.42 65.69 -75.44
N SER C 643 -15.41 65.58 -76.31
CA SER C 643 -14.61 64.37 -76.43
C SER C 643 -13.15 64.71 -76.18
N LEU C 644 -12.55 64.08 -75.18
CA LEU C 644 -11.22 64.47 -74.72
C LEU C 644 -10.32 63.30 -75.00
N PHE C 645 -9.47 63.48 -75.99
CA PHE C 645 -8.18 62.88 -76.25
C PHE C 645 -8.41 61.54 -76.94
N SER C 646 -9.65 61.07 -77.05
CA SER C 646 -10.10 59.95 -77.86
C SER C 646 -11.62 59.87 -77.76
N SER C 647 -12.19 58.96 -78.55
CA SER C 647 -13.64 58.80 -78.61
C SER C 647 -14.21 58.12 -77.37
N ASP C 648 -13.38 57.44 -76.57
CA ASP C 648 -13.93 56.69 -75.44
C ASP C 648 -14.43 57.59 -74.32
N TYR C 649 -13.87 58.79 -74.17
CA TYR C 649 -14.34 59.74 -73.15
C TYR C 649 -15.18 60.83 -73.80
N THR C 650 -16.34 60.42 -74.28
CA THR C 650 -17.34 61.35 -74.79
C THR C 650 -18.39 61.61 -73.71
N PHE C 651 -18.54 62.86 -73.31
CA PHE C 651 -19.48 63.19 -72.26
C PHE C 651 -20.37 64.32 -72.72
N LYS C 652 -21.54 64.43 -72.10
CA LYS C 652 -22.32 65.65 -72.23
C LYS C 652 -21.51 66.80 -71.64
N PHE C 653 -21.57 67.98 -72.29
CA PHE C 653 -20.82 69.12 -71.79
C PHE C 653 -21.12 69.47 -70.36
N ASP C 654 -22.40 69.50 -69.98
CA ASP C 654 -22.75 69.80 -68.60
C ASP C 654 -22.28 68.71 -67.63
N ARG C 655 -22.25 67.45 -68.06
CA ARG C 655 -21.75 66.38 -67.21
C ARG C 655 -20.26 66.50 -67.00
N PHE C 656 -19.52 66.80 -68.07
CA PHE C 656 -18.08 66.99 -67.95
C PHE C 656 -17.75 68.19 -67.10
N ILE C 657 -18.52 69.28 -67.22
CA ILE C 657 -18.24 70.48 -66.44
C ILE C 657 -18.58 70.26 -64.97
N THR C 658 -19.83 69.88 -64.69
CA THR C 658 -20.29 69.75 -63.31
C THR C 658 -19.58 68.62 -62.59
N ASN C 659 -19.56 67.43 -63.19
CA ASN C 659 -19.14 66.23 -62.47
C ASN C 659 -17.66 65.94 -62.59
N VAL C 660 -17.03 66.23 -63.73
CA VAL C 660 -15.65 65.81 -63.93
C VAL C 660 -14.69 66.93 -63.57
N TYR C 661 -14.79 68.05 -64.29
CA TYR C 661 -13.78 69.11 -64.21
C TYR C 661 -13.79 69.80 -62.86
N ASP C 662 -14.97 70.05 -62.29
CA ASP C 662 -15.07 70.82 -61.05
C ASP C 662 -15.50 69.99 -59.86
N ASP C 663 -15.83 68.70 -60.07
CA ASP C 663 -16.16 67.81 -58.94
C ASP C 663 -15.07 66.78 -58.67
N LYS C 664 -15.02 65.68 -59.45
CA LYS C 664 -14.05 64.58 -59.18
C LYS C 664 -12.61 65.04 -59.28
N LEU C 665 -12.26 65.82 -60.32
CA LEU C 665 -10.83 66.16 -60.49
C LEU C 665 -10.39 67.01 -59.30
N GLU C 666 -11.33 67.78 -58.71
CA GLU C 666 -11.02 68.59 -57.53
C GLU C 666 -10.90 67.70 -56.32
N GLN C 667 -11.81 66.71 -56.19
CA GLN C 667 -11.81 65.77 -55.08
C GLN C 667 -10.78 64.69 -55.31
N ILE C 668 -9.82 64.92 -56.23
CA ILE C 668 -8.70 63.98 -56.43
C ILE C 668 -7.43 64.81 -56.32
N ARG C 669 -7.40 66.03 -56.86
CA ARG C 669 -6.19 66.83 -56.62
C ARG C 669 -6.02 66.99 -55.13
N TYR C 670 -7.15 67.14 -54.41
CA TYR C 670 -7.15 67.35 -52.98
C TYR C 670 -6.45 66.20 -52.27
N PHE C 671 -7.13 65.07 -52.19
CA PHE C 671 -6.64 63.90 -51.47
C PHE C 671 -5.29 63.47 -52.02
N PHE C 672 -5.03 63.65 -53.29
CA PHE C 672 -3.85 63.07 -53.90
C PHE C 672 -2.68 64.03 -53.91
N ASN C 673 -2.80 65.20 -53.27
CA ASN C 673 -1.63 66.03 -53.06
C ASN C 673 -1.22 65.86 -51.62
N HIS C 674 -1.85 64.88 -50.95
CA HIS C 674 -1.58 64.59 -49.58
C HIS C 674 -0.88 63.23 -49.46
N GLN C 675 -0.61 62.59 -50.61
CA GLN C 675 0.01 61.29 -50.72
C GLN C 675 1.35 61.44 -51.42
N ASP C 676 2.35 60.61 -51.07
CA ASP C 676 3.70 60.73 -51.63
C ASP C 676 3.75 60.20 -53.05
N GLU C 677 4.94 59.81 -53.54
CA GLU C 677 5.03 59.20 -54.86
C GLU C 677 4.75 57.71 -54.75
N ARG C 678 4.95 57.13 -53.56
CA ARG C 678 4.68 55.73 -53.31
C ARG C 678 3.17 55.46 -53.31
N GLY C 679 2.36 56.47 -53.03
CA GLY C 679 0.95 56.31 -52.89
C GLY C 679 0.28 57.06 -54.01
N LYS C 680 1.07 57.77 -54.80
CA LYS C 680 0.56 58.41 -56.00
C LYS C 680 0.71 57.48 -57.18
N ASN C 681 0.94 56.19 -56.91
CA ASN C 681 1.02 55.20 -57.96
C ASN C 681 -0.27 54.43 -58.00
N PHE C 682 -1.03 54.49 -56.89
CA PHE C 682 -2.24 53.74 -56.89
C PHE C 682 -3.18 54.36 -57.89
N ILE C 683 -2.87 55.60 -58.29
CA ILE C 683 -3.66 56.32 -59.26
C ILE C 683 -3.68 55.56 -60.59
N TYR C 684 -2.58 54.86 -60.92
CA TYR C 684 -2.50 54.03 -62.08
C TYR C 684 -3.29 52.90 -61.84
N LYS C 685 -3.29 52.19 -60.66
CA LYS C 685 -4.02 50.96 -60.32
C LYS C 685 -5.54 51.18 -60.32
N LEU C 686 -6.00 52.35 -59.82
CA LEU C 686 -7.42 52.65 -59.80
C LEU C 686 -7.90 52.86 -61.23
N ILE C 687 -6.97 53.25 -62.13
CA ILE C 687 -7.31 53.41 -63.56
C ILE C 687 -7.55 52.06 -64.21
N GLU C 688 -6.71 51.06 -63.86
CA GLU C 688 -6.78 49.79 -64.49
C GLU C 688 -8.08 49.06 -64.05
N LEU C 689 -8.41 49.13 -62.75
CA LEU C 689 -9.63 48.53 -62.19
C LEU C 689 -10.88 49.18 -62.78
N LEU C 690 -10.80 50.42 -63.31
CA LEU C 690 -11.94 51.09 -63.93
C LEU C 690 -12.04 50.70 -65.39
N ARG C 691 -10.90 50.33 -65.99
CA ARG C 691 -10.84 49.91 -67.39
C ARG C 691 -11.11 48.42 -67.51
N ASN C 692 -11.18 47.70 -66.37
CA ASN C 692 -11.29 46.25 -66.36
C ASN C 692 -12.46 45.78 -65.51
N TYR C 693 -13.54 46.58 -65.43
CA TYR C 693 -14.66 46.24 -64.56
C TYR C 693 -15.56 45.19 -65.20
N GLU C 694 -15.56 45.07 -66.52
CA GLU C 694 -16.47 44.18 -67.22
C GLU C 694 -15.97 42.74 -67.25
N SER C 695 -14.65 42.54 -67.31
CA SER C 695 -14.05 41.34 -66.73
C SER C 695 -14.32 41.35 -65.25
N GLU C 696 -14.64 40.19 -64.66
CA GLU C 696 -14.55 40.03 -63.21
C GLU C 696 -15.18 41.23 -62.48
N GLU C 697 -16.43 41.55 -62.83
CA GLU C 697 -17.16 42.67 -62.24
C GLU C 697 -17.12 42.69 -60.72
N LYS C 698 -17.42 41.55 -60.07
CA LYS C 698 -17.54 41.53 -58.61
C LYS C 698 -16.21 41.30 -57.90
N MET C 699 -15.23 40.63 -58.58
CA MET C 699 -13.92 40.62 -57.86
C MET C 699 -13.10 41.80 -58.25
N ASN C 700 -13.40 42.52 -59.34
CA ASN C 700 -12.73 43.79 -59.63
C ASN C 700 -13.17 44.79 -58.58
N VAL C 701 -14.43 44.67 -58.10
CA VAL C 701 -14.89 45.57 -57.03
C VAL C 701 -14.16 45.23 -55.74
N ALA C 702 -14.03 43.94 -55.42
CA ALA C 702 -13.29 43.52 -54.22
C ALA C 702 -11.85 43.99 -54.29
N ARG C 703 -11.22 43.79 -55.45
CA ARG C 703 -9.85 44.19 -55.66
C ARG C 703 -9.71 45.68 -55.33
N LEU C 704 -10.81 46.44 -55.53
CA LEU C 704 -10.81 47.86 -55.20
C LEU C 704 -10.82 48.07 -53.71
N ALA C 705 -11.82 47.50 -53.03
CA ALA C 705 -11.94 47.65 -51.60
C ALA C 705 -10.62 47.41 -50.91
N TYR C 706 -9.91 46.35 -51.34
CA TYR C 706 -8.59 46.03 -50.81
C TYR C 706 -7.57 47.12 -51.11
N TYR C 707 -7.48 47.54 -52.40
CA TYR C 707 -6.42 48.46 -52.82
C TYR C 707 -6.63 49.87 -52.29
N LEU C 708 -7.88 50.23 -52.04
CA LEU C 708 -8.22 51.53 -51.48
C LEU C 708 -7.80 51.58 -50.01
N THR C 709 -8.10 50.50 -49.24
CA THR C 709 -7.70 50.41 -47.84
C THR C 709 -6.21 50.19 -47.68
N ARG C 710 -5.44 50.11 -48.77
CA ARG C 710 -3.99 50.06 -48.66
C ARG C 710 -3.38 51.43 -48.87
N LEU C 711 -3.99 52.26 -49.74
CA LEU C 711 -3.57 53.63 -49.84
C LEU C 711 -3.79 54.33 -48.52
N GLU C 712 -4.83 53.88 -47.76
CA GLU C 712 -5.19 54.49 -46.46
C GLU C 712 -4.39 53.81 -45.32
N GLU C 713 -3.23 53.28 -45.61
CA GLU C 713 -2.37 52.69 -44.58
C GLU C 713 -0.94 52.98 -44.95
N LEU C 714 -0.73 53.41 -46.20
CA LEU C 714 0.58 53.76 -46.70
C LEU C 714 0.74 55.24 -46.54
N THR C 715 -0.23 55.87 -45.84
CA THR C 715 -0.25 57.32 -45.72
C THR C 715 0.61 57.74 -44.53
N ASP C 716 0.27 58.84 -43.84
CA ASP C 716 1.12 59.39 -42.81
C ASP C 716 0.33 59.66 -41.53
N LYS C 717 0.62 58.90 -40.46
CA LYS C 717 -0.04 59.13 -39.16
C LYS C 717 -1.48 59.62 -39.36
N ASP C 718 -1.74 60.92 -39.08
CA ASP C 718 -3.10 61.48 -39.17
C ASP C 718 -3.42 62.02 -40.56
N GLU C 719 -2.46 62.05 -41.49
CA GLU C 719 -2.74 62.37 -42.88
C GLU C 719 -3.61 61.30 -43.43
N ARG C 720 -3.67 60.15 -42.71
CA ARG C 720 -4.44 59.00 -43.14
C ARG C 720 -5.87 59.11 -42.64
N ASP C 721 -6.12 59.93 -41.61
CA ASP C 721 -7.49 60.17 -41.15
C ASP C 721 -8.13 61.16 -42.12
N LYS C 722 -7.45 61.38 -43.25
CA LYS C 722 -7.88 62.32 -44.25
C LYS C 722 -8.14 61.56 -45.55
N PHE C 723 -7.47 60.40 -45.72
CA PHE C 723 -7.67 59.55 -46.90
C PHE C 723 -8.74 58.54 -46.59
N LYS C 724 -9.43 58.73 -45.45
CA LYS C 724 -10.55 57.88 -45.09
C LYS C 724 -11.77 58.29 -45.91
N GLN C 725 -11.66 59.45 -46.59
CA GLN C 725 -12.73 59.93 -47.46
C GLN C 725 -12.64 59.35 -48.87
N PHE C 726 -11.41 59.26 -49.43
CA PHE C 726 -11.21 58.68 -50.75
C PHE C 726 -11.85 57.31 -50.85
N LYS C 727 -11.61 56.46 -49.82
CA LYS C 727 -12.09 55.10 -49.89
C LYS C 727 -13.61 55.10 -50.05
N LYS C 728 -14.31 55.96 -49.28
CA LYS C 728 -15.76 55.99 -49.30
C LYS C 728 -16.22 56.63 -50.60
N LEU C 729 -15.42 57.58 -51.11
CA LEU C 729 -15.75 58.35 -52.31
C LEU C 729 -15.59 57.52 -53.58
N PHE C 730 -14.37 57.01 -53.83
CA PHE C 730 -14.09 56.26 -55.04
C PHE C 730 -14.81 54.93 -55.02
N PHE C 731 -15.19 54.42 -53.81
CA PHE C 731 -15.97 53.19 -53.85
C PHE C 731 -17.31 53.41 -54.48
N LYS C 732 -18.05 54.48 -54.08
CA LYS C 732 -19.39 54.65 -54.64
C LYS C 732 -19.35 55.07 -56.10
N TRP C 733 -18.36 55.91 -56.50
CA TRP C 733 -18.12 56.19 -57.91
C TRP C 733 -17.93 54.92 -58.71
N TYR C 734 -17.28 53.92 -58.11
CA TYR C 734 -17.06 52.67 -58.81
C TYR C 734 -18.31 51.82 -58.90
N THR C 735 -19.17 51.89 -57.88
CA THR C 735 -20.30 50.97 -57.78
C THR C 735 -21.62 51.51 -58.30
N ASN C 736 -21.72 52.81 -58.63
CA ASN C 736 -23.00 53.32 -59.09
C ASN C 736 -23.43 52.84 -60.49
N ASN C 737 -22.68 53.16 -61.54
CA ASN C 737 -22.96 52.85 -62.92
C ASN C 737 -21.72 53.21 -63.73
N GLU C 738 -21.84 53.00 -65.04
CA GLU C 738 -20.71 53.12 -65.95
C GLU C 738 -20.32 54.57 -66.20
N SER C 739 -21.30 55.48 -66.20
CA SER C 739 -21.03 56.88 -66.50
C SER C 739 -20.10 57.50 -65.47
N ASP C 740 -20.36 57.25 -64.17
CA ASP C 740 -19.46 57.79 -63.15
C ASP C 740 -18.11 57.09 -63.16
N ARG C 741 -18.06 55.81 -63.57
CA ARG C 741 -16.78 55.14 -63.75
C ARG C 741 -15.94 55.81 -64.83
N LYS C 742 -16.56 56.14 -65.96
CA LYS C 742 -15.86 56.85 -67.03
C LYS C 742 -15.44 58.24 -66.60
N GLU C 743 -16.30 58.93 -65.85
CA GLU C 743 -15.97 60.27 -65.35
C GLU C 743 -14.79 60.23 -64.39
N ALA C 744 -14.76 59.24 -63.49
CA ALA C 744 -13.63 59.08 -62.58
C ALA C 744 -12.37 58.71 -63.33
N GLU C 745 -12.50 57.88 -64.38
CA GLU C 745 -11.35 57.52 -65.21
C GLU C 745 -10.73 58.74 -65.87
N LEU C 746 -11.58 59.60 -66.45
CA LEU C 746 -11.08 60.83 -67.09
C LEU C 746 -10.49 61.78 -66.06
N ALA C 747 -11.10 61.89 -64.88
CA ALA C 747 -10.57 62.75 -63.83
C ALA C 747 -9.19 62.29 -63.37
N LEU C 748 -9.03 60.97 -63.18
CA LEU C 748 -7.74 60.42 -62.82
C LEU C 748 -6.70 60.65 -63.90
N LEU C 749 -7.08 60.48 -65.18
CA LEU C 749 -6.14 60.72 -66.27
C LEU C 749 -5.71 62.18 -66.32
N LEU C 750 -6.66 63.11 -66.11
CA LEU C 750 -6.34 64.53 -66.07
C LEU C 750 -5.39 64.85 -64.93
N TYR C 751 -5.63 64.28 -63.75
CA TYR C 751 -4.74 64.52 -62.61
C TYR C 751 -3.35 63.95 -62.86
N VAL C 752 -3.27 62.78 -63.52
CA VAL C 752 -1.98 62.16 -63.83
C VAL C 752 -1.21 63.05 -64.79
N TYR C 753 -1.90 63.61 -65.78
CA TYR C 753 -1.26 64.54 -66.71
C TYR C 753 -0.83 65.83 -66.01
N GLU C 754 -1.54 66.24 -64.96
CA GLU C 754 -1.18 67.47 -64.26
C GLU C 754 0.06 67.30 -63.41
N ILE C 755 0.21 66.17 -62.72
CA ILE C 755 1.28 66.03 -61.72
C ILE C 755 2.46 65.25 -62.28
N ARG C 756 2.60 65.15 -63.60
CA ARG C 756 3.68 64.37 -64.18
C ARG C 756 4.99 65.16 -64.20
N LYS C 757 6.07 64.55 -63.74
CA LYS C 757 7.41 65.15 -63.71
C LYS C 757 8.29 64.34 -64.66
N ASP C 758 8.51 64.88 -65.85
CA ASP C 758 9.41 64.26 -66.83
C ASP C 758 9.88 65.26 -67.88
N THR D 2 -16.10 42.53 -115.11
CA THR D 2 -17.48 42.16 -115.38
C THR D 2 -17.68 40.67 -115.25
N TYR D 3 -16.61 39.95 -114.94
CA TYR D 3 -16.65 38.49 -114.87
C TYR D 3 -16.53 37.94 -113.47
N LYS D 4 -15.57 38.40 -112.68
CA LYS D 4 -15.36 37.86 -111.35
C LYS D 4 -15.54 38.96 -110.31
N LEU D 5 -15.36 38.58 -109.05
CA LEU D 5 -15.58 39.46 -107.89
C LEU D 5 -14.43 39.34 -106.91
N TYR D 6 -13.19 39.53 -107.40
CA TYR D 6 -11.95 39.43 -106.63
C TYR D 6 -12.06 40.06 -105.25
N ILE D 7 -11.65 39.33 -104.23
CA ILE D 7 -11.68 39.81 -102.85
C ILE D 7 -10.28 39.76 -102.28
N MET D 8 -9.90 40.84 -101.60
CA MET D 8 -8.62 40.96 -100.93
C MET D 8 -8.89 41.26 -99.47
N THR D 9 -8.56 40.33 -98.60
CA THR D 9 -8.72 40.52 -97.16
C THR D 9 -7.41 41.05 -96.59
N PHE D 10 -7.43 42.31 -96.16
CA PHE D 10 -6.27 42.95 -95.57
C PHE D 10 -6.28 42.80 -94.06
N GLN D 11 -5.11 42.98 -93.48
CA GLN D 11 -4.99 43.20 -92.05
C GLN D 11 -4.51 44.60 -91.77
N ASN D 12 -3.44 45.06 -92.38
CA ASN D 12 -2.95 46.43 -92.26
C ASN D 12 -2.65 46.96 -93.64
N ALA D 13 -2.93 48.25 -93.86
CA ALA D 13 -2.67 48.84 -95.16
C ALA D 13 -2.43 50.32 -95.00
N HIS D 14 -1.77 50.93 -95.99
CA HIS D 14 -1.54 52.36 -96.01
C HIS D 14 -1.72 52.85 -97.44
N PHE D 15 -2.80 53.57 -97.70
CA PHE D 15 -3.08 54.11 -99.02
C PHE D 15 -2.94 55.63 -98.93
N GLY D 16 -1.73 56.12 -99.17
CA GLY D 16 -1.45 57.54 -99.08
C GLY D 16 -2.28 58.38 -100.01
N SER D 17 -2.91 59.42 -99.47
CA SER D 17 -3.70 60.35 -100.26
C SER D 17 -2.94 61.64 -100.56
N GLY D 18 -1.63 61.64 -100.34
CA GLY D 18 -0.81 62.79 -100.63
C GLY D 18 0.33 62.96 -99.65
N THR D 19 0.20 62.37 -98.47
CA THR D 19 1.19 62.48 -97.41
C THR D 19 1.35 61.13 -96.72
N LEU D 20 2.50 60.97 -96.06
CA LEU D 20 2.80 59.70 -95.37
C LEU D 20 1.89 59.47 -94.17
N ASP D 21 1.34 60.54 -93.60
CA ASP D 21 0.45 60.46 -92.45
C ASP D 21 -1.03 60.44 -92.83
N SER D 22 -1.33 60.20 -94.10
CA SER D 22 -2.70 60.13 -94.57
C SER D 22 -2.92 58.77 -95.22
N SER D 23 -4.03 58.13 -94.89
CA SER D 23 -4.33 56.80 -95.42
C SER D 23 -5.83 56.69 -95.65
N LYS D 24 -6.22 56.42 -96.89
CA LYS D 24 -7.62 56.26 -97.24
C LYS D 24 -8.09 54.85 -96.88
N LEU D 25 -9.42 54.70 -96.81
CA LEU D 25 -10.00 53.39 -96.52
C LEU D 25 -9.78 52.42 -97.67
N THR D 26 -10.03 52.89 -98.90
CA THR D 26 -9.91 52.07 -100.09
C THR D 26 -9.00 52.77 -101.08
N PHE D 27 -8.42 51.97 -101.98
CA PHE D 27 -7.53 52.51 -103.00
C PHE D 27 -8.30 52.66 -104.31
N SER D 28 -7.64 53.29 -105.26
CA SER D 28 -8.15 53.47 -106.60
C SER D 28 -7.52 52.49 -107.59
N ALA D 29 -8.17 52.35 -108.74
CA ALA D 29 -7.80 51.32 -109.71
C ALA D 29 -6.48 51.60 -110.39
N ASP D 30 -6.05 52.86 -110.45
CA ASP D 30 -4.75 53.15 -111.03
C ASP D 30 -3.63 52.57 -110.17
N ARG D 31 -3.82 52.56 -108.84
CA ARG D 31 -2.83 52.00 -107.92
C ARG D 31 -2.69 50.50 -108.14
N ILE D 32 -3.81 49.80 -108.26
CA ILE D 32 -3.74 48.35 -108.45
C ILE D 32 -3.25 48.01 -109.84
N PHE D 33 -3.57 48.82 -110.86
CA PHE D 33 -3.02 48.59 -112.20
C PHE D 33 -1.52 48.80 -112.20
N SER D 34 -1.04 49.82 -111.50
CA SER D 34 0.40 50.03 -111.39
C SER D 34 1.05 48.89 -110.64
N ALA D 35 0.41 48.40 -109.57
CA ALA D 35 0.95 47.25 -108.84
C ALA D 35 1.05 46.01 -109.72
N LEU D 36 0.04 45.78 -110.56
CA LEU D 36 0.08 44.69 -111.53
C LEU D 36 1.18 44.88 -112.55
N VAL D 37 1.41 46.12 -112.99
CA VAL D 37 2.46 46.40 -113.96
C VAL D 37 3.82 46.09 -113.37
N LEU D 38 4.05 46.49 -112.12
CA LEU D 38 5.34 46.21 -111.47
C LEU D 38 5.53 44.72 -111.22
N GLU D 39 4.48 44.03 -110.79
CA GLU D 39 4.61 42.59 -110.59
C GLU D 39 4.85 41.88 -111.90
N ALA D 40 4.20 42.31 -112.99
CA ALA D 40 4.42 41.70 -114.29
C ALA D 40 5.83 41.96 -114.81
N LEU D 41 6.37 43.17 -114.61
CA LEU D 41 7.71 43.44 -115.10
C LEU D 41 8.77 42.74 -114.26
N LYS D 42 8.51 42.56 -112.97
CA LYS D 42 9.42 41.78 -112.14
C LYS D 42 9.36 40.29 -112.52
N MET D 43 8.15 39.81 -112.86
CA MET D 43 8.01 38.47 -113.44
C MET D 43 8.75 38.33 -114.76
N GLY D 44 8.71 39.34 -115.61
CA GLY D 44 9.21 39.29 -116.96
C GLY D 44 8.13 39.28 -118.03
N LYS D 45 6.88 38.96 -117.66
CA LYS D 45 5.78 38.92 -118.62
C LYS D 45 5.02 40.24 -118.61
N LEU D 46 5.76 41.31 -118.90
CA LEU D 46 5.14 42.61 -118.93
C LEU D 46 4.39 42.79 -120.25
N ASP D 47 4.96 42.30 -121.36
CA ASP D 47 4.36 42.51 -122.68
C ASP D 47 2.98 41.84 -122.80
N ALA D 48 2.82 40.67 -122.20
CA ALA D 48 1.53 39.98 -122.23
C ALA D 48 0.46 40.77 -121.48
N PHE D 49 0.81 41.32 -120.31
CA PHE D 49 -0.15 42.14 -119.56
C PHE D 49 -0.47 43.43 -120.30
N LEU D 50 0.52 44.01 -120.98
CA LEU D 50 0.26 45.21 -121.77
C LEU D 50 -0.68 44.93 -122.92
N ALA D 51 -0.49 43.80 -123.60
CA ALA D 51 -1.39 43.42 -124.68
C ALA D 51 -2.79 43.14 -124.17
N GLU D 52 -2.90 42.50 -123.00
CA GLU D 52 -4.22 42.27 -122.40
C GLU D 52 -4.91 43.58 -122.03
N ALA D 53 -4.14 44.54 -121.50
CA ALA D 53 -4.72 45.84 -121.14
C ALA D 53 -5.12 46.64 -122.38
N ASN D 54 -4.41 46.45 -123.50
CA ASN D 54 -4.79 47.12 -124.74
C ASN D 54 -6.14 46.66 -125.27
N GLN D 55 -6.58 45.46 -124.90
CA GLN D 55 -7.87 44.96 -125.35
C GLN D 55 -9.00 45.66 -124.60
N ASP D 56 -10.16 45.75 -125.27
CA ASP D 56 -11.34 46.36 -124.67
C ASP D 56 -12.04 45.43 -123.69
N LYS D 57 -11.67 44.15 -123.64
CA LYS D 57 -12.27 43.24 -122.67
C LYS D 57 -11.82 43.54 -121.25
N PHE D 58 -10.57 43.97 -121.08
CA PHE D 58 -10.02 44.23 -119.75
C PHE D 58 -10.76 45.37 -119.08
N THR D 59 -11.40 45.07 -117.95
CA THR D 59 -12.09 46.07 -117.16
C THR D 59 -11.67 45.94 -115.70
N LEU D 60 -11.52 47.08 -115.04
CA LEU D 60 -11.09 47.13 -113.65
C LEU D 60 -11.88 48.24 -112.98
N THR D 61 -12.06 48.10 -111.66
CA THR D 61 -12.79 49.04 -110.83
C THR D 61 -12.04 49.32 -109.53
N ASP D 62 -12.34 50.48 -108.95
CA ASP D 62 -11.78 50.84 -107.66
C ASP D 62 -12.24 49.86 -106.59
N ALA D 63 -11.36 49.61 -105.62
CA ALA D 63 -11.70 48.72 -104.53
C ALA D 63 -12.82 49.29 -103.69
N PHE D 64 -13.75 48.44 -103.31
CA PHE D 64 -14.89 48.84 -102.50
C PHE D 64 -14.96 47.90 -101.30
N PRO D 65 -15.62 48.30 -100.21
CA PRO D 65 -15.70 47.44 -99.01
C PRO D 65 -16.51 46.17 -99.20
N PHE D 66 -16.09 45.05 -98.62
CA PHE D 66 -16.80 43.79 -98.80
C PHE D 66 -17.04 43.22 -97.42
N GLN D 67 -18.29 43.27 -96.95
CA GLN D 67 -18.65 42.74 -95.64
C GLN D 67 -19.93 41.93 -95.81
N PHE D 68 -19.76 40.62 -96.07
CA PHE D 68 -20.87 39.70 -96.35
C PHE D 68 -21.70 40.17 -97.53
N GLY D 69 -21.06 40.79 -98.52
CA GLY D 69 -21.73 41.37 -99.65
C GLY D 69 -21.01 42.59 -100.19
N PRO D 70 -20.96 42.70 -101.53
CA PRO D 70 -20.33 43.79 -102.14
C PRO D 70 -21.01 45.11 -101.77
N PHE D 71 -20.22 46.18 -101.61
CA PHE D 71 -20.64 47.57 -101.41
C PHE D 71 -20.45 48.54 -102.63
N LEU D 72 -21.21 49.57 -102.70
CA LEU D 72 -20.93 50.39 -103.87
C LEU D 72 -20.76 51.82 -103.42
N PRO D 73 -19.92 52.60 -104.10
CA PRO D 73 -19.77 54.00 -103.69
C PRO D 73 -21.07 54.76 -103.87
N LYS D 74 -21.25 55.76 -103.02
CA LYS D 74 -22.45 56.58 -103.06
C LYS D 74 -22.52 57.31 -104.40
N PRO D 75 -23.63 57.22 -105.12
CA PRO D 75 -23.72 57.90 -106.42
C PRO D 75 -23.82 59.40 -106.25
N ILE D 76 -22.72 60.09 -106.56
CA ILE D 76 -22.70 61.55 -106.43
C ILE D 76 -23.63 62.17 -107.48
N GLY D 77 -24.55 62.99 -107.03
CA GLY D 77 -25.49 63.61 -107.93
C GLY D 77 -26.91 63.12 -107.80
N TYR D 78 -27.20 62.18 -106.89
CA TYR D 78 -28.57 61.73 -106.67
C TYR D 78 -29.08 61.95 -105.23
N PRO D 79 -29.09 63.22 -104.71
CA PRO D 79 -29.87 63.48 -103.50
C PRO D 79 -31.25 63.96 -103.88
N LYS D 80 -31.66 63.70 -105.13
CA LYS D 80 -32.74 64.41 -105.80
C LYS D 80 -34.04 64.35 -105.02
N HIS D 81 -34.71 65.49 -104.96
CA HIS D 81 -35.93 65.68 -104.19
C HIS D 81 -37.12 64.90 -104.72
N ASP D 82 -37.02 64.34 -105.93
CA ASP D 82 -38.12 63.57 -106.51
C ASP D 82 -38.48 62.33 -105.69
N GLN D 83 -37.55 61.84 -104.86
CA GLN D 83 -37.83 60.76 -103.94
C GLN D 83 -37.58 61.14 -102.49
N ILE D 84 -37.12 62.36 -102.22
CA ILE D 84 -36.83 62.81 -100.86
C ILE D 84 -37.70 63.99 -100.46
N ASP D 85 -38.84 64.17 -101.13
CA ASP D 85 -39.76 65.25 -100.81
C ASP D 85 -40.55 64.89 -99.56
N GLN D 86 -40.31 65.61 -98.46
CA GLN D 86 -40.91 65.30 -97.18
C GLN D 86 -41.38 66.59 -96.52
N SER D 87 -42.30 66.43 -95.56
CA SER D 87 -42.86 67.55 -94.80
C SER D 87 -42.23 67.67 -93.42
N VAL D 88 -41.09 67.01 -93.18
CA VAL D 88 -40.43 67.05 -91.89
C VAL D 88 -39.83 68.43 -91.66
N ASP D 89 -39.42 68.70 -90.42
CA ASP D 89 -38.83 69.98 -90.06
C ASP D 89 -37.43 70.11 -90.66
N VAL D 90 -36.88 71.32 -90.58
CA VAL D 90 -35.57 71.61 -91.17
C VAL D 90 -34.47 70.90 -90.41
N LYS D 91 -34.64 70.68 -89.10
CA LYS D 91 -33.63 69.99 -88.30
C LYS D 91 -33.39 68.57 -88.81
N GLU D 92 -34.48 67.83 -89.09
CA GLU D 92 -34.34 66.48 -89.62
C GLU D 92 -33.82 66.48 -91.04
N VAL D 93 -34.20 67.49 -91.85
CA VAL D 93 -33.69 67.60 -93.22
C VAL D 93 -32.18 67.81 -93.20
N ARG D 94 -31.70 68.69 -92.34
CA ARG D 94 -30.26 68.91 -92.25
C ARG D 94 -29.54 67.70 -91.67
N ARG D 95 -30.17 66.99 -90.72
CA ARG D 95 -29.55 65.79 -90.16
C ARG D 95 -29.41 64.69 -91.20
N GLN D 96 -30.45 64.48 -92.01
CA GLN D 96 -30.36 63.47 -93.07
C GLN D 96 -29.40 63.90 -94.16
N ALA D 97 -29.31 65.21 -94.45
CA ALA D 97 -28.35 65.69 -95.43
C ALA D 97 -26.93 65.45 -94.97
N LYS D 98 -26.65 65.71 -93.69
CA LYS D 98 -25.33 65.43 -93.14
C LYS D 98 -25.02 63.95 -93.14
N LEU D 99 -26.01 63.12 -92.80
CA LEU D 99 -25.81 61.67 -92.80
C LEU D 99 -25.53 61.14 -94.19
N SER D 100 -26.24 61.64 -95.20
CA SER D 100 -25.99 61.23 -96.58
C SER D 100 -24.65 61.74 -97.09
N LYS D 101 -24.25 62.95 -96.67
CA LYS D 101 -22.95 63.48 -97.06
C LYS D 101 -21.82 62.65 -96.47
N LYS D 102 -21.97 62.23 -95.21
CA LYS D 102 -20.95 61.38 -94.59
C LYS D 102 -20.91 60.00 -95.22
N LEU D 103 -22.04 59.52 -95.75
CA LEU D 103 -22.11 58.21 -96.36
C LEU D 103 -21.21 58.16 -97.59
N GLN D 104 -20.48 57.07 -97.72
CA GLN D 104 -19.62 56.87 -98.86
C GLN D 104 -19.82 55.53 -99.54
N PHE D 105 -20.36 54.54 -98.84
CA PHE D 105 -20.53 53.20 -99.37
C PHE D 105 -21.86 52.63 -98.90
N LEU D 106 -22.54 51.93 -99.80
CA LEU D 106 -23.83 51.31 -99.53
C LEU D 106 -23.77 49.84 -99.89
N ALA D 107 -24.52 49.03 -99.16
CA ALA D 107 -24.60 47.61 -99.49
C ALA D 107 -25.30 47.41 -100.82
N LEU D 108 -24.95 46.34 -101.53
CA LEU D 108 -25.52 46.10 -102.86
C LEU D 108 -27.02 45.89 -102.80
N GLU D 109 -27.50 45.18 -101.77
CA GLU D 109 -28.89 44.79 -101.67
C GLU D 109 -29.84 45.96 -101.50
N ASN D 110 -29.35 47.18 -101.23
CA ASN D 110 -30.23 48.31 -100.98
C ASN D 110 -29.81 49.55 -101.75
N VAL D 111 -28.94 49.41 -102.78
CA VAL D 111 -28.48 50.60 -103.51
C VAL D 111 -29.66 51.34 -104.13
N ASP D 112 -30.57 50.60 -104.77
CA ASP D 112 -31.79 51.20 -105.29
C ASP D 112 -32.67 51.73 -104.18
N ASP D 113 -32.60 51.13 -102.98
CA ASP D 113 -33.30 51.67 -101.82
C ASP D 113 -32.80 53.07 -101.49
N TYR D 114 -31.49 53.30 -101.62
CA TYR D 114 -30.96 54.64 -101.46
C TYR D 114 -31.50 55.59 -102.50
N LEU D 115 -31.87 55.08 -103.66
CA LEU D 115 -32.46 55.93 -104.67
C LEU D 115 -33.95 56.13 -104.48
N ASN D 116 -34.55 55.44 -103.52
CA ASN D 116 -35.97 55.59 -103.23
C ASN D 116 -36.24 56.61 -102.13
N GLY D 117 -35.21 57.31 -101.66
CA GLY D 117 -35.35 58.27 -100.58
C GLY D 117 -34.94 57.76 -99.22
N GLU D 118 -34.60 56.48 -99.10
CA GLU D 118 -34.18 55.93 -97.81
C GLU D 118 -32.81 56.47 -97.41
N LEU D 119 -32.61 56.59 -96.10
CA LEU D 119 -31.38 57.10 -95.52
C LEU D 119 -30.65 55.99 -94.78
N PHE D 120 -29.38 55.81 -95.10
CA PHE D 120 -28.54 54.78 -94.50
C PHE D 120 -27.28 55.40 -93.92
N GLU D 121 -26.75 54.74 -92.89
CA GLU D 121 -25.54 55.18 -92.21
C GLU D 121 -24.37 54.29 -92.61
N ASN D 122 -23.16 54.85 -92.46
CA ASN D 122 -21.94 54.08 -92.67
C ASN D 122 -21.78 53.00 -91.62
N GLU D 123 -21.03 51.96 -92.00
CA GLU D 123 -20.77 50.82 -91.13
C GLU D 123 -19.30 50.76 -90.80
N GLU D 124 -18.98 50.21 -89.63
CA GLU D 124 -17.61 50.09 -89.16
C GLU D 124 -16.87 49.12 -90.07
N HIS D 125 -15.91 49.64 -90.83
CA HIS D 125 -15.10 48.86 -91.75
C HIS D 125 -13.64 48.80 -91.33
N ALA D 126 -13.03 49.95 -91.09
CA ALA D 126 -11.64 49.99 -90.66
C ALA D 126 -11.44 51.20 -89.75
N VAL D 127 -10.40 51.11 -88.92
CA VAL D 127 -9.93 52.22 -88.11
C VAL D 127 -8.61 52.73 -88.70
N ILE D 128 -8.53 54.04 -88.84
CA ILE D 128 -7.35 54.69 -89.40
C ILE D 128 -6.61 55.33 -88.24
N ASP D 129 -5.43 54.80 -87.95
CA ASP D 129 -4.65 55.24 -86.81
C ASP D 129 -3.24 55.58 -87.27
N THR D 130 -2.59 56.48 -86.56
CA THR D 130 -1.25 56.93 -86.90
C THR D 130 -0.26 56.36 -85.90
N VAL D 131 0.92 55.97 -86.40
CA VAL D 131 2.02 55.49 -85.59
C VAL D 131 3.24 56.34 -85.85
N THR D 132 3.93 56.70 -84.77
CA THR D 132 5.15 57.48 -84.84
C THR D 132 6.37 56.57 -84.82
N LYS D 133 7.32 56.83 -85.71
CA LYS D 133 8.55 56.07 -85.80
C LYS D 133 9.73 57.04 -85.91
N ASN D 134 10.91 56.56 -85.55
CA ASN D 134 12.09 57.42 -85.52
C ASN D 134 13.27 56.72 -86.16
N GLN D 135 14.41 57.40 -86.17
CA GLN D 135 15.61 56.82 -86.74
C GLN D 135 16.66 57.01 -85.64
N PRO D 136 17.15 55.95 -84.99
CA PRO D 136 18.05 56.15 -83.84
C PRO D 136 19.52 56.28 -84.23
N HIS D 137 19.78 57.03 -85.29
CA HIS D 137 21.13 57.49 -85.58
C HIS D 137 21.24 58.96 -85.93
N LYS D 138 20.18 59.54 -86.45
CA LYS D 138 20.03 60.98 -86.56
C LYS D 138 18.80 61.39 -85.75
N ASP D 139 19.04 62.13 -84.68
CA ASP D 139 17.96 62.38 -83.72
C ASP D 139 17.12 63.59 -84.11
N ASP D 140 16.63 63.61 -85.35
CA ASP D 140 15.71 64.63 -85.83
C ASP D 140 14.53 64.07 -86.60
N ASN D 141 14.58 62.86 -87.13
CA ASN D 141 13.47 62.31 -87.90
C ASN D 141 12.49 61.60 -86.98
N LEU D 142 11.26 62.10 -86.93
CA LEU D 142 10.20 61.48 -86.14
C LEU D 142 8.99 61.53 -87.10
N TYR D 143 8.83 60.48 -87.90
CA TYR D 143 7.83 60.48 -88.97
C TYR D 143 6.61 59.66 -88.56
N GLN D 144 5.45 60.12 -89.00
CA GLN D 144 4.18 59.51 -88.66
C GLN D 144 3.61 58.81 -89.90
N VAL D 145 3.13 57.58 -89.70
CA VAL D 145 2.56 56.78 -90.79
C VAL D 145 1.13 56.42 -90.40
N ALA D 146 0.20 56.63 -91.32
CA ALA D 146 -1.19 56.31 -91.09
C ALA D 146 -1.53 54.94 -91.66
N THR D 147 -2.43 54.23 -91.01
CA THR D 147 -2.81 52.88 -91.40
C THR D 147 -4.32 52.80 -91.63
N THR D 148 -4.80 51.63 -92.06
CA THR D 148 -6.20 51.40 -92.36
C THR D 148 -6.59 50.05 -91.79
N ARG D 149 -6.28 49.81 -90.52
CA ARG D 149 -6.51 48.50 -89.91
C ARG D 149 -7.98 48.09 -89.92
N PHE D 150 -8.31 47.05 -90.70
CA PHE D 150 -9.68 46.63 -90.92
C PHE D 150 -10.21 45.82 -89.74
N SER D 151 -11.53 45.61 -89.72
CA SER D 151 -12.11 44.86 -88.62
C SER D 151 -13.44 44.31 -89.09
N ASN D 152 -13.97 43.35 -88.32
CA ASN D 152 -15.30 42.77 -88.53
C ASN D 152 -15.41 42.03 -89.85
N ASP D 153 -14.34 41.31 -90.22
CA ASP D 153 -14.27 40.47 -91.43
C ASP D 153 -14.57 41.32 -92.67
N THR D 154 -14.09 42.55 -92.68
CA THR D 154 -14.31 43.44 -93.79
C THR D 154 -13.10 43.39 -94.72
N SER D 155 -13.35 43.19 -96.00
CA SER D 155 -12.29 43.10 -97.00
C SER D 155 -12.49 44.20 -98.04
N LEU D 156 -11.64 44.20 -99.05
CA LEU D 156 -11.82 45.03 -100.23
C LEU D 156 -12.10 44.14 -101.42
N TYR D 157 -12.86 44.65 -102.39
CA TYR D 157 -13.17 43.84 -103.54
C TYR D 157 -13.06 44.68 -104.79
N VAL D 158 -12.75 44.02 -105.90
CA VAL D 158 -12.76 44.61 -107.24
C VAL D 158 -13.45 43.63 -108.19
N ILE D 159 -13.84 44.15 -109.33
CA ILE D 159 -14.51 43.41 -110.39
C ILE D 159 -13.62 43.48 -111.63
N ALA D 160 -13.31 42.32 -112.19
CA ALA D 160 -12.42 42.26 -113.34
C ALA D 160 -12.69 40.97 -114.10
N ASN D 161 -12.15 40.89 -115.31
CA ASN D 161 -12.31 39.72 -116.15
C ASN D 161 -11.57 38.53 -115.55
N GLU D 162 -12.07 37.32 -115.84
CA GLU D 162 -11.44 36.09 -115.40
C GLU D 162 -10.33 35.75 -116.38
N SER D 163 -9.09 36.00 -115.99
CA SER D 163 -7.93 35.66 -116.80
C SER D 163 -6.91 34.95 -115.92
N ASP D 164 -6.24 33.95 -116.48
CA ASP D 164 -5.22 33.23 -115.73
C ASP D 164 -4.04 34.12 -115.40
N LEU D 165 -3.67 35.02 -116.31
CA LEU D 165 -2.59 35.97 -116.06
C LEU D 165 -2.98 36.91 -114.92
N LEU D 166 -4.22 37.41 -114.92
CA LEU D 166 -4.68 38.27 -113.84
C LEU D 166 -4.79 37.51 -112.53
N ASN D 167 -5.17 36.23 -112.58
CA ASN D 167 -5.27 35.40 -111.38
C ASN D 167 -3.90 35.21 -110.74
N GLU D 168 -2.89 34.87 -111.56
CA GLU D 168 -1.56 34.66 -111.00
C GLU D 168 -0.94 35.98 -110.57
N LEU D 169 -1.26 37.06 -111.28
CA LEU D 169 -0.78 38.36 -110.86
C LEU D 169 -1.37 38.74 -109.52
N MET D 170 -2.68 38.55 -109.32
CA MET D 170 -3.27 38.76 -107.99
C MET D 170 -2.66 37.88 -106.90
N SER D 171 -2.36 36.62 -107.24
CA SER D 171 -1.71 35.73 -106.29
C SER D 171 -0.29 36.18 -105.95
N SER D 172 0.42 36.77 -106.90
CA SER D 172 1.71 37.32 -106.51
C SER D 172 1.57 38.63 -105.76
N LEU D 173 0.52 39.41 -106.06
CA LEU D 173 0.23 40.62 -105.30
C LEU D 173 -0.03 40.34 -103.84
N GLN D 174 -0.69 39.20 -103.54
CA GLN D 174 -1.11 38.94 -102.16
C GLN D 174 0.06 38.69 -101.22
N TYR D 175 1.26 38.43 -101.75
CA TYR D 175 2.45 38.37 -100.92
C TYR D 175 3.42 39.52 -101.20
N SER D 176 2.98 40.57 -101.88
CA SER D 176 3.83 41.71 -102.18
C SER D 176 3.29 43.01 -101.61
N GLY D 177 2.08 43.02 -101.08
CA GLY D 177 1.51 44.21 -100.51
C GLY D 177 0.82 45.10 -101.54
N LEU D 178 0.13 46.12 -101.02
CA LEU D 178 -0.65 47.02 -101.86
C LEU D 178 -0.61 48.40 -101.21
N GLY D 179 0.18 49.30 -101.79
CA GLY D 179 0.23 50.68 -101.35
C GLY D 179 1.02 50.90 -100.09
N GLY D 180 1.64 52.06 -99.98
CA GLY D 180 2.28 52.43 -98.75
C GLY D 180 3.60 51.73 -98.49
N LYS D 181 3.99 51.70 -97.22
CA LYS D 181 5.25 51.10 -96.79
C LYS D 181 5.08 49.59 -96.74
N ARG D 182 5.16 48.97 -97.92
CA ARG D 182 4.87 47.55 -98.05
C ARG D 182 5.92 46.69 -97.36
N SER D 183 7.18 47.13 -97.36
CA SER D 183 8.20 46.41 -96.62
C SER D 183 8.33 46.96 -95.20
N SER D 184 7.20 47.16 -94.54
CA SER D 184 7.20 47.55 -93.13
C SER D 184 6.04 46.95 -92.34
N GLY D 185 5.20 46.13 -92.94
CA GLY D 185 4.04 45.61 -92.29
C GLY D 185 2.70 46.11 -92.79
N PHE D 186 2.65 46.72 -93.97
CA PHE D 186 1.42 47.27 -94.50
C PHE D 186 1.19 46.78 -95.92
N GLY D 187 -0.08 46.70 -96.31
CA GLY D 187 -0.49 46.43 -97.67
C GLY D 187 -0.77 44.98 -98.00
N ARG D 188 -0.35 44.03 -97.17
CA ARG D 188 -0.48 42.63 -97.50
C ARG D 188 -1.90 42.13 -97.30
N PHE D 189 -2.30 41.16 -98.13
CA PHE D 189 -3.66 40.68 -98.14
C PHE D 189 -3.69 39.21 -98.54
N GLU D 190 -4.84 38.58 -98.29
CA GLU D 190 -5.13 37.23 -98.77
C GLU D 190 -6.25 37.32 -99.80
N LEU D 191 -6.07 36.65 -100.94
CA LEU D 191 -7.00 36.76 -102.06
C LEU D 191 -7.99 35.61 -102.06
N ASP D 192 -9.22 35.93 -102.45
CA ASP D 192 -10.26 34.94 -102.69
C ASP D 192 -10.99 35.28 -103.97
N ILE D 193 -11.38 34.26 -104.72
CA ILE D 193 -12.10 34.40 -105.98
C ILE D 193 -13.54 33.97 -105.73
N GLN D 194 -14.49 34.86 -106.04
CA GLN D 194 -15.91 34.57 -105.88
C GLN D 194 -16.68 34.99 -107.11
N ASN D 195 -17.86 34.38 -107.26
CA ASN D 195 -18.74 34.66 -108.37
C ASN D 195 -19.53 35.93 -108.11
N ILE D 196 -19.75 36.70 -109.16
CA ILE D 196 -20.58 37.90 -109.06
C ILE D 196 -22.03 37.48 -108.79
N PRO D 197 -22.70 38.07 -107.80
CA PRO D 197 -24.10 37.71 -107.53
C PRO D 197 -25.01 38.07 -108.69
N LEU D 198 -26.11 37.32 -108.80
CA LEU D 198 -27.06 37.52 -109.89
C LEU D 198 -27.72 38.88 -109.86
N GLU D 199 -27.80 39.50 -108.67
CA GLU D 199 -28.35 40.84 -108.56
C GLU D 199 -27.36 41.92 -108.93
N LEU D 200 -26.12 41.57 -109.22
CA LEU D 200 -25.10 42.56 -109.53
C LEU D 200 -24.59 42.43 -110.96
N SER D 201 -24.36 41.21 -111.45
CA SER D 201 -23.75 41.01 -112.77
C SER D 201 -24.66 41.51 -113.88
N ASP D 202 -25.97 41.41 -113.70
CA ASP D 202 -26.93 41.94 -114.66
C ASP D 202 -26.93 43.46 -114.75
N ARG D 203 -26.28 44.15 -113.80
CA ARG D 203 -26.20 45.60 -113.79
C ARG D 203 -24.88 46.15 -114.27
N LEU D 204 -23.81 45.36 -114.23
CA LEU D 204 -22.52 45.86 -114.68
C LEU D 204 -22.52 45.94 -116.19
N THR D 205 -22.48 47.16 -116.71
CA THR D 205 -22.60 47.41 -118.14
C THR D 205 -21.48 48.32 -118.59
N LYS D 206 -21.30 48.40 -119.91
CA LYS D 206 -20.27 49.26 -120.47
C LYS D 206 -20.71 50.05 -121.69
N ASN D 207 -21.83 49.72 -122.34
CA ASN D 207 -22.19 50.34 -123.62
C ASN D 207 -23.71 50.40 -123.76
N HIS D 208 -24.26 51.55 -123.48
CA HIS D 208 -25.61 52.03 -123.70
C HIS D 208 -25.78 53.49 -123.29
N SER D 209 -27.00 54.01 -123.45
CA SER D 209 -27.25 55.43 -123.28
C SER D 209 -28.31 55.68 -122.19
N ASP D 210 -28.19 55.02 -121.04
CA ASP D 210 -29.01 55.41 -119.90
C ASP D 210 -28.12 55.87 -118.75
N LYS D 211 -28.74 56.10 -117.59
CA LYS D 211 -28.03 56.63 -116.44
C LYS D 211 -27.06 55.58 -115.90
N VAL D 212 -25.77 55.91 -115.89
CA VAL D 212 -24.70 55.00 -115.50
C VAL D 212 -23.88 55.63 -114.38
N MET D 213 -23.69 54.90 -113.30
CA MET D 213 -22.80 55.33 -112.23
C MET D 213 -21.48 54.59 -112.38
N SER D 214 -20.39 55.35 -112.40
CA SER D 214 -19.07 54.80 -112.63
C SER D 214 -18.56 54.02 -111.42
N LEU D 215 -17.71 53.06 -111.67
CA LEU D 215 -17.10 52.33 -110.58
C LEU D 215 -15.59 52.54 -110.54
N THR D 216 -15.02 53.24 -111.53
CA THR D 216 -13.59 53.41 -111.64
C THR D 216 -13.29 54.90 -111.70
N THR D 217 -12.14 55.30 -111.16
CA THR D 217 -11.64 56.65 -111.32
C THR D 217 -11.16 56.79 -112.77
N ALA D 218 -12.08 57.08 -113.67
CA ALA D 218 -11.83 57.01 -115.10
C ALA D 218 -12.01 58.38 -115.74
N LEU D 219 -11.04 58.78 -116.55
CA LEU D 219 -11.11 60.00 -117.32
C LEU D 219 -11.51 59.64 -118.75
N PRO D 220 -12.68 60.11 -119.21
CA PRO D 220 -13.09 59.84 -120.59
C PRO D 220 -12.20 60.38 -121.66
N VAL D 221 -12.30 59.73 -122.83
CA VAL D 221 -11.59 60.23 -123.99
C VAL D 221 -12.18 61.58 -124.39
N ASP D 222 -11.37 62.35 -125.12
CA ASP D 222 -11.75 63.71 -125.50
C ASP D 222 -12.96 63.75 -126.42
N ALA D 223 -13.30 62.64 -127.09
CA ALA D 223 -14.42 62.63 -128.02
C ALA D 223 -15.76 62.81 -127.31
N ASP D 224 -15.93 62.18 -126.14
CA ASP D 224 -17.24 62.11 -125.49
C ASP D 224 -17.23 62.78 -124.12
N LEU D 225 -16.31 63.71 -123.89
CA LEU D 225 -16.33 64.44 -122.62
C LEU D 225 -17.51 65.38 -122.55
N GLU D 226 -18.03 65.82 -123.70
CA GLU D 226 -19.13 66.77 -123.72
C GLU D 226 -20.33 66.19 -123.00
N GLU D 227 -20.71 64.96 -123.30
CA GLU D 227 -21.87 64.35 -122.65
C GLU D 227 -21.64 64.19 -121.14
N ALA D 228 -20.40 63.96 -120.72
CA ALA D 228 -20.13 63.98 -119.29
C ALA D 228 -20.18 65.39 -118.68
N MET D 229 -19.99 66.43 -119.48
CA MET D 229 -20.01 67.80 -119.00
C MET D 229 -21.43 68.31 -118.83
N GLU D 230 -22.28 68.15 -119.86
CA GLU D 230 -23.64 68.67 -119.75
C GLU D 230 -24.43 67.89 -118.71
N ASP D 231 -24.55 66.57 -118.87
CA ASP D 231 -25.50 65.83 -118.02
C ASP D 231 -24.75 64.83 -117.16
N GLY D 232 -23.60 65.25 -116.62
CA GLY D 232 -22.82 64.39 -115.77
C GLY D 232 -22.56 65.02 -114.42
N HIS D 233 -22.75 64.21 -113.39
CA HIS D 233 -22.44 64.58 -112.02
C HIS D 233 -21.21 63.80 -111.57
N TYR D 234 -20.22 64.50 -111.03
CA TYR D 234 -18.92 63.87 -110.85
C TYR D 234 -18.13 64.61 -109.77
N LEU D 235 -17.02 64.01 -109.37
CA LEU D 235 -16.08 64.63 -108.46
C LEU D 235 -14.69 64.52 -109.08
N LEU D 236 -13.84 65.51 -108.81
CA LEU D 236 -12.54 65.60 -109.44
C LEU D 236 -11.48 65.14 -108.45
N THR D 237 -10.62 64.22 -108.90
CA THR D 237 -9.58 63.65 -108.04
C THR D 237 -8.23 63.79 -108.72
N LYS D 238 -7.23 64.24 -107.96
CA LYS D 238 -5.88 64.37 -108.50
C LYS D 238 -5.25 62.97 -108.48
N SER D 239 -4.24 62.77 -109.34
CA SER D 239 -3.45 61.56 -109.35
C SER D 239 -1.96 61.87 -109.44
N SER D 240 -1.51 62.84 -108.65
CA SER D 240 -0.10 63.21 -108.71
C SER D 240 0.74 62.24 -107.88
N GLY D 241 2.03 62.51 -107.83
CA GLY D 241 2.94 61.69 -107.07
C GLY D 241 4.28 61.58 -107.75
N PHE D 242 5.15 60.77 -107.17
CA PHE D 242 6.46 60.48 -107.73
C PHE D 242 6.39 59.17 -108.51
N ALA D 243 6.88 59.19 -109.74
CA ALA D 243 6.86 58.00 -110.57
C ALA D 243 7.98 57.06 -110.15
N PHE D 244 7.61 55.87 -109.68
CA PHE D 244 8.61 54.86 -109.33
C PHE D 244 9.35 54.44 -110.60
N SER D 245 10.66 54.21 -110.47
CA SER D 245 11.46 53.90 -111.64
C SER D 245 12.75 53.24 -111.19
N HIS D 246 13.06 52.09 -111.77
CA HIS D 246 14.32 51.42 -111.51
C HIS D 246 15.43 51.84 -112.46
N ALA D 247 15.17 52.81 -113.33
CA ALA D 247 16.15 53.24 -114.32
C ALA D 247 16.77 54.59 -114.01
N THR D 248 16.22 55.36 -113.09
CA THR D 248 16.72 56.69 -112.76
C THR D 248 17.04 56.77 -111.28
N ASN D 249 18.24 57.28 -110.95
CA ASN D 249 18.64 57.47 -109.57
C ASN D 249 17.75 58.48 -108.85
N GLU D 250 17.40 59.56 -109.53
CA GLU D 250 16.62 60.64 -108.95
C GLU D 250 15.14 60.41 -109.21
N ASN D 251 14.32 60.78 -108.22
CA ASN D 251 12.88 60.62 -108.28
C ASN D 251 12.23 61.77 -109.04
N TYR D 252 11.43 61.44 -110.04
CA TYR D 252 10.75 62.43 -110.87
C TYR D 252 9.27 62.44 -110.55
N ARG D 253 8.71 63.63 -110.34
CA ARG D 253 7.27 63.76 -110.17
C ARG D 253 6.56 63.52 -111.49
N LYS D 254 5.56 62.66 -111.49
CA LYS D 254 4.78 62.45 -112.69
C LYS D 254 3.74 63.56 -112.83
N GLN D 255 3.20 63.69 -114.04
CA GLN D 255 2.24 64.75 -114.34
C GLN D 255 0.96 64.54 -113.55
N ASP D 256 0.50 65.62 -112.94
CA ASP D 256 -0.76 65.59 -112.22
C ASP D 256 -1.91 65.44 -113.22
N LEU D 257 -2.77 64.46 -112.96
CA LEU D 257 -3.88 64.19 -113.85
C LEU D 257 -5.16 64.18 -113.02
N TYR D 258 -6.20 64.82 -113.54
CA TYR D 258 -7.46 64.98 -112.84
C TYR D 258 -8.50 64.08 -113.51
N LYS D 259 -8.96 63.07 -112.77
CA LYS D 259 -9.93 62.10 -113.28
C LYS D 259 -11.30 62.37 -112.69
N PHE D 260 -12.22 61.45 -112.98
CA PHE D 260 -13.58 61.48 -112.47
C PHE D 260 -13.68 60.39 -111.43
N ALA D 261 -14.19 60.73 -110.25
CA ALA D 261 -14.20 59.81 -109.12
C ALA D 261 -15.31 58.78 -109.28
N SER D 262 -15.53 58.00 -108.23
CA SER D 262 -16.57 56.99 -108.21
C SER D 262 -17.39 57.18 -106.94
N GLY D 263 -18.72 57.05 -107.05
CA GLY D 263 -19.37 56.79 -108.32
C GLY D 263 -20.01 57.96 -108.99
N SER D 264 -19.33 58.50 -110.00
CA SER D 264 -19.87 59.61 -110.75
C SER D 264 -20.95 59.16 -111.71
N THR D 265 -22.05 59.88 -111.74
CA THR D 265 -23.20 59.49 -112.53
C THR D 265 -23.19 60.24 -113.84
N PHE D 266 -23.59 59.56 -114.90
CA PHE D 266 -23.58 60.11 -116.24
C PHE D 266 -24.83 59.64 -116.95
N SER D 267 -25.08 60.20 -118.12
CA SER D 267 -26.20 59.75 -118.91
C SER D 267 -25.80 58.80 -120.02
N LYS D 268 -24.50 58.60 -120.22
CA LYS D 268 -24.03 57.66 -121.23
C LYS D 268 -22.62 57.23 -120.86
N THR D 269 -22.25 56.03 -121.32
CA THR D 269 -20.93 55.49 -121.05
C THR D 269 -19.90 56.10 -121.99
N PHE D 270 -18.64 55.90 -121.65
CA PHE D 270 -17.52 56.42 -122.41
C PHE D 270 -16.40 55.40 -122.47
N GLU D 271 -15.25 55.83 -123.01
CA GLU D 271 -14.07 54.99 -123.09
C GLU D 271 -12.95 55.56 -122.24
N GLY D 272 -12.20 54.67 -121.59
CA GLY D 272 -11.08 55.06 -120.74
C GLY D 272 -9.79 55.27 -121.51
N GLN D 273 -8.74 55.59 -120.76
CA GLN D 273 -7.41 55.82 -121.30
C GLN D 273 -6.36 55.18 -120.41
N ILE D 274 -5.40 54.52 -121.04
CA ILE D 274 -4.13 54.18 -120.40
C ILE D 274 -3.20 55.34 -120.70
N VAL D 275 -3.32 56.39 -119.91
CA VAL D 275 -2.67 57.65 -120.23
C VAL D 275 -1.21 57.65 -119.77
N ASP D 276 -0.34 58.17 -120.63
CA ASP D 276 1.07 58.23 -120.33
C ASP D 276 1.32 59.50 -119.51
N VAL D 277 1.52 59.33 -118.21
CA VAL D 277 1.80 60.44 -117.31
C VAL D 277 3.30 60.57 -117.04
N ARG D 278 4.14 60.06 -117.94
CA ARG D 278 5.57 60.06 -117.67
C ARG D 278 6.07 61.48 -117.88
N PRO D 279 7.12 61.88 -117.20
CA PRO D 279 7.75 63.14 -117.54
C PRO D 279 8.50 63.05 -118.86
N LEU D 280 8.82 64.21 -119.44
CA LEU D 280 9.59 64.23 -120.68
C LEU D 280 10.98 63.65 -120.44
N ASP D 281 11.65 63.31 -121.55
CA ASP D 281 12.96 62.62 -121.58
C ASP D 281 13.06 61.43 -120.62
N PHE D 282 11.98 60.68 -120.48
CA PHE D 282 12.10 59.60 -119.53
C PHE D 282 12.21 58.33 -120.35
N PRO D 283 13.00 57.37 -119.92
CA PRO D 283 13.21 56.14 -120.72
C PRO D 283 11.96 55.28 -120.92
N HIS D 284 11.21 54.98 -119.86
CA HIS D 284 10.08 54.03 -119.92
C HIS D 284 8.68 54.65 -119.69
N ALA D 285 7.55 54.02 -119.96
CA ALA D 285 6.37 54.89 -119.71
C ALA D 285 5.93 54.90 -118.23
N VAL D 286 5.00 55.81 -117.89
CA VAL D 286 4.25 55.69 -116.63
C VAL D 286 2.79 55.62 -117.04
N LEU D 287 2.15 54.49 -116.80
CA LEU D 287 0.78 54.26 -117.25
C LEU D 287 -0.18 54.56 -116.11
N ASN D 288 -1.15 55.43 -116.39
CA ASN D 288 -2.21 55.73 -115.44
C ASN D 288 -3.50 55.15 -116.04
N TYR D 289 -4.15 54.28 -115.28
CA TYR D 289 -5.31 53.51 -115.76
C TYR D 289 -6.58 54.26 -115.42
N ALA D 290 -7.32 54.71 -116.44
CA ALA D 290 -8.63 55.34 -116.25
C ALA D 290 -9.64 54.70 -117.19
N LYS D 291 -10.17 53.55 -116.82
CA LYS D 291 -11.11 52.83 -117.68
C LYS D 291 -12.31 52.42 -116.86
N PRO D 292 -13.52 52.88 -117.20
CA PRO D 292 -14.66 52.73 -116.31
C PRO D 292 -15.42 51.42 -116.49
N LEU D 293 -15.89 50.90 -115.38
CA LEU D 293 -16.95 49.90 -115.32
C LEU D 293 -18.19 50.57 -114.75
N PHE D 294 -19.34 50.36 -115.38
CA PHE D 294 -20.51 51.15 -115.02
C PHE D 294 -21.55 50.30 -114.30
N PHE D 295 -22.47 51.00 -113.65
CA PHE D 295 -23.58 50.41 -112.90
C PHE D 295 -24.87 51.08 -113.34
N LYS D 296 -25.87 50.30 -113.74
CA LYS D 296 -27.12 50.86 -114.23
C LYS D 296 -27.97 51.35 -113.07
N LEU D 297 -28.77 52.39 -113.31
CA LEU D 297 -29.59 52.95 -112.24
C LEU D 297 -31.03 52.89 -112.72
N GLU D 298 -31.97 52.89 -111.77
CA GLU D 298 -33.40 52.88 -112.11
C GLU D 298 -33.85 54.20 -112.73
N THR E 2 36.93 42.16 -86.37
CA THR E 2 35.70 41.62 -86.93
C THR E 2 34.60 41.66 -85.85
N PHE E 3 33.39 41.24 -86.22
CA PHE E 3 32.25 41.27 -85.33
C PHE E 3 32.10 39.92 -84.63
N ALA E 4 31.86 39.97 -83.31
CA ALA E 4 31.63 38.77 -82.53
C ALA E 4 30.73 39.13 -81.36
N LYS E 5 30.09 38.12 -80.79
CA LYS E 5 29.29 38.31 -79.59
C LYS E 5 29.58 37.16 -78.63
N ILE E 6 29.91 37.49 -77.38
CA ILE E 6 30.30 36.53 -76.35
C ILE E 6 29.25 36.57 -75.25
N LYS E 7 28.90 35.40 -74.73
CA LYS E 7 27.88 35.25 -73.71
C LYS E 7 28.52 34.74 -72.42
N PHE E 8 28.61 35.62 -71.43
CA PHE E 8 28.97 35.24 -70.07
C PHE E 8 27.73 34.65 -69.41
N SER E 9 27.84 33.42 -68.95
CA SER E 9 26.74 32.70 -68.32
C SER E 9 27.15 32.30 -66.91
N ALA E 10 26.19 32.39 -65.99
CA ALA E 10 26.43 31.98 -64.62
C ALA E 10 25.10 31.71 -63.93
N GLN E 11 25.20 31.23 -62.70
CA GLN E 11 24.07 31.08 -61.80
C GLN E 11 24.27 32.07 -60.66
N ILE E 12 23.33 33.00 -60.51
CA ILE E 12 23.31 33.87 -59.34
C ILE E 12 22.66 33.08 -58.22
N ARG E 13 23.44 32.63 -57.26
CA ARG E 13 22.93 31.95 -56.09
C ARG E 13 22.97 32.94 -54.93
N LEU E 14 21.82 33.13 -54.28
CA LEU E 14 21.76 34.08 -53.19
C LEU E 14 22.31 33.41 -51.93
N GLU E 15 23.15 34.12 -51.21
CA GLU E 15 23.65 33.65 -49.92
C GLU E 15 22.85 34.20 -48.76
N THR E 16 22.12 35.29 -48.97
CA THR E 16 21.14 35.80 -48.04
C THR E 16 19.88 36.11 -48.84
N GLY E 17 18.79 36.40 -48.12
CA GLY E 17 17.56 36.77 -48.79
C GLY E 17 17.72 38.04 -49.61
N LEU E 18 17.18 38.02 -50.83
CA LEU E 18 17.27 39.15 -51.73
C LEU E 18 15.93 39.85 -51.84
N HIS E 19 15.95 41.16 -51.64
CA HIS E 19 14.74 41.96 -51.76
C HIS E 19 15.03 43.10 -52.74
N ILE E 20 14.68 42.91 -54.01
CA ILE E 20 14.85 44.01 -54.96
C ILE E 20 13.70 44.99 -54.82
N GLY E 21 12.46 44.52 -54.87
CA GLY E 21 11.37 45.43 -54.57
C GLY E 21 10.57 45.88 -55.77
N GLY E 22 9.25 45.77 -55.68
CA GLY E 22 8.37 46.21 -56.72
C GLY E 22 7.61 47.45 -56.31
N SER E 23 6.29 47.41 -56.42
CA SER E 23 5.45 48.53 -56.00
C SER E 23 4.32 48.00 -55.13
N ASP E 24 4.07 48.70 -54.02
CA ASP E 24 2.94 48.36 -53.15
C ASP E 24 1.61 48.50 -53.87
N ALA E 25 1.53 49.39 -54.87
CA ALA E 25 0.31 49.54 -55.65
C ALA E 25 0.00 48.28 -56.45
N PHE E 26 0.98 47.78 -57.19
CA PHE E 26 0.81 46.59 -58.03
C PHE E 26 1.29 45.31 -57.33
N ALA E 27 0.83 45.07 -56.10
CA ALA E 27 1.15 43.85 -55.40
C ALA E 27 -0.06 42.92 -55.42
N ALA E 28 0.03 41.80 -54.73
CA ALA E 28 -1.07 40.85 -54.65
C ALA E 28 -2.04 41.27 -53.54
N ILE E 29 -2.96 40.38 -53.18
CA ILE E 29 -3.95 40.65 -52.14
C ILE E 29 -3.44 40.12 -50.79
N GLY E 30 -2.15 39.80 -50.70
CA GLY E 30 -1.59 39.39 -49.41
C GLY E 30 -1.63 40.49 -48.35
N ALA E 31 -1.08 40.22 -47.19
CA ALA E 31 -0.96 41.14 -46.06
C ALA E 31 0.11 42.14 -46.33
N ILE E 32 0.39 42.89 -45.26
CA ILE E 32 1.34 43.97 -45.33
C ILE E 32 2.72 43.42 -45.55
N ASP E 33 3.39 43.91 -46.58
CA ASP E 33 4.70 43.47 -47.06
C ASP E 33 5.36 44.56 -47.89
N SER E 34 6.67 44.43 -47.99
CA SER E 34 7.40 45.15 -49.02
C SER E 34 7.64 44.14 -50.13
N PRO E 35 6.76 44.06 -51.13
CA PRO E 35 6.86 43.00 -52.13
C PRO E 35 8.09 43.14 -53.00
N VAL E 36 8.63 42.00 -53.39
CA VAL E 36 9.74 41.95 -54.34
C VAL E 36 9.15 41.96 -55.74
N ILE E 37 9.98 42.20 -56.74
CA ILE E 37 9.53 42.19 -58.13
C ILE E 37 9.42 40.74 -58.60
N LYS E 38 8.32 40.44 -59.30
CA LYS E 38 8.02 39.07 -59.68
C LYS E 38 7.65 39.01 -61.16
N ASP E 39 7.71 37.80 -61.71
CA ASP E 39 7.29 37.58 -63.07
C ASP E 39 5.76 37.60 -63.17
N PRO E 40 5.19 38.24 -64.19
CA PRO E 40 3.72 38.24 -64.32
C PRO E 40 3.11 36.87 -64.56
N ILE E 41 3.83 35.96 -65.22
CA ILE E 41 3.26 34.65 -65.56
C ILE E 41 3.29 33.72 -64.36
N THR E 42 4.49 33.43 -63.86
CA THR E 42 4.67 32.40 -62.85
C THR E 42 4.65 32.93 -61.43
N ASN E 43 4.69 34.25 -61.25
CA ASN E 43 4.74 34.94 -59.95
C ASN E 43 6.00 34.46 -59.20
N LEU E 44 7.05 34.27 -59.92
CA LEU E 44 8.30 33.91 -59.26
C LEU E 44 9.21 35.11 -59.17
N PRO E 45 10.02 35.23 -58.12
CA PRO E 45 10.95 36.36 -58.02
C PRO E 45 11.98 36.33 -59.15
N ILE E 46 12.33 37.53 -59.63
CA ILE E 46 13.29 37.69 -60.71
C ILE E 46 14.33 38.71 -60.28
N ILE E 47 15.44 38.74 -61.02
CA ILE E 47 16.45 39.77 -60.85
C ILE E 47 16.49 40.59 -62.14
N PRO E 48 15.87 41.76 -62.18
CA PRO E 48 15.90 42.58 -63.40
C PRO E 48 17.31 43.00 -63.77
N GLY E 49 17.58 43.00 -65.07
CA GLY E 49 18.90 43.35 -65.57
C GLY E 49 19.25 44.81 -65.37
N SER E 50 18.24 45.67 -65.16
CA SER E 50 18.50 47.06 -64.80
C SER E 50 19.17 47.14 -63.44
N SER E 51 18.75 46.32 -62.48
CA SER E 51 19.38 46.30 -61.16
C SER E 51 20.84 45.88 -61.24
N LEU E 52 21.12 44.81 -62.00
CA LEU E 52 22.48 44.35 -62.18
C LEU E 52 23.33 45.40 -62.88
N LYS E 53 22.80 46.00 -63.95
CA LYS E 53 23.54 47.03 -64.69
C LYS E 53 23.84 48.24 -63.81
N GLY E 54 22.86 48.69 -63.04
CA GLY E 54 23.07 49.86 -62.20
C GLY E 54 24.04 49.62 -61.07
N LYS E 55 23.91 48.46 -60.39
CA LYS E 55 24.86 48.14 -59.32
C LYS E 55 26.27 47.98 -59.87
N MET E 56 26.42 47.35 -61.05
CA MET E 56 27.76 47.16 -61.60
C MET E 56 28.37 48.49 -62.00
N ARG E 57 27.58 49.37 -62.62
CA ARG E 57 28.10 50.67 -63.02
C ARG E 57 28.47 51.53 -61.82
N THR E 58 27.65 51.51 -60.77
CA THR E 58 27.95 52.27 -59.56
C THR E 58 29.20 51.74 -58.87
N LEU E 59 29.36 50.41 -58.80
CA LEU E 59 30.54 49.84 -58.17
C LEU E 59 31.80 50.11 -58.98
N LEU E 60 31.71 50.03 -60.31
CA LEU E 60 32.88 50.28 -61.15
C LEU E 60 33.19 51.75 -61.30
N ALA E 61 32.26 52.65 -60.98
CA ALA E 61 32.59 54.07 -60.93
C ALA E 61 33.55 54.36 -59.78
N LYS E 62 33.49 53.59 -58.70
CA LYS E 62 34.42 53.77 -57.60
C LYS E 62 35.83 53.35 -57.96
N VAL E 63 36.00 52.53 -58.98
CA VAL E 63 37.28 51.94 -59.33
C VAL E 63 37.88 52.59 -60.57
N TYR E 64 37.11 52.68 -61.64
CA TYR E 64 37.69 53.01 -62.92
C TYR E 64 37.45 54.46 -63.32
N ASN E 65 36.85 55.27 -62.44
CA ASN E 65 36.70 56.69 -62.68
C ASN E 65 37.87 57.41 -62.02
N GLU E 66 38.68 58.09 -62.83
CA GLU E 66 39.78 58.89 -62.29
C GLU E 66 39.26 60.07 -61.48
N LYS E 67 38.14 60.64 -61.90
CA LYS E 67 37.48 61.73 -61.21
C LYS E 67 36.07 61.30 -60.84
N VAL E 68 35.62 61.70 -59.65
CA VAL E 68 34.27 61.34 -59.19
C VAL E 68 33.24 61.97 -60.12
N ALA E 69 32.38 61.13 -60.67
CA ALA E 69 31.40 61.55 -61.66
C ALA E 69 30.07 61.87 -60.98
N GLU E 70 29.56 63.07 -61.24
CA GLU E 70 28.32 63.52 -60.63
C GLU E 70 27.10 63.02 -61.38
N LYS E 71 27.28 62.57 -62.62
CA LYS E 71 26.22 61.94 -63.41
C LYS E 71 26.83 60.76 -64.15
N PRO E 72 26.01 59.78 -64.58
CA PRO E 72 26.54 58.70 -65.41
C PRO E 72 27.14 59.19 -66.73
N SER E 73 26.71 60.34 -67.23
CA SER E 73 27.31 60.91 -68.43
C SER E 73 28.75 61.32 -68.22
N ASP E 74 29.17 61.57 -66.98
CA ASP E 74 30.53 61.95 -66.65
C ASP E 74 31.42 60.76 -66.35
N ASP E 75 30.96 59.54 -66.64
CA ASP E 75 31.78 58.37 -66.45
C ASP E 75 32.94 58.37 -67.43
N SER E 76 34.00 57.67 -67.04
CA SER E 76 35.17 57.54 -67.90
C SER E 76 34.83 56.78 -69.16
N ASP E 77 35.73 56.85 -70.14
CA ASP E 77 35.52 56.15 -71.40
C ASP E 77 35.47 54.64 -71.21
N ILE E 78 36.18 54.13 -70.22
CA ILE E 78 36.18 52.68 -69.95
C ILE E 78 34.81 52.20 -69.51
N LEU E 79 34.04 53.04 -68.83
CA LEU E 79 32.69 52.67 -68.41
C LEU E 79 31.64 53.14 -69.39
N SER E 80 31.90 54.23 -70.10
CA SER E 80 30.95 54.72 -71.08
C SER E 80 30.89 53.80 -72.29
N ARG E 81 32.03 53.22 -72.69
CA ARG E 81 32.01 52.31 -73.83
C ARG E 81 31.37 50.98 -73.49
N LEU E 82 31.29 50.63 -72.21
CA LEU E 82 30.71 49.37 -71.78
C LEU E 82 29.25 49.48 -71.40
N PHE E 83 28.85 50.56 -70.74
CA PHE E 83 27.48 50.71 -70.26
C PHE E 83 26.67 51.72 -71.05
N GLY E 84 27.29 52.41 -72.00
CA GLY E 84 26.59 53.37 -72.83
C GLY E 84 26.58 54.76 -72.24
N ASN E 85 26.31 55.73 -73.11
CA ASN E 85 26.34 57.15 -72.76
C ASN E 85 25.42 57.88 -73.72
N SER E 86 24.33 58.43 -73.20
CA SER E 86 23.38 59.16 -74.05
C SER E 86 23.88 60.53 -74.46
N LYS E 87 24.95 61.02 -73.84
CA LYS E 87 25.54 62.32 -74.18
C LYS E 87 26.85 62.18 -74.93
N ASP E 88 27.17 61.00 -75.42
CA ASP E 88 28.38 60.78 -76.18
C ASP E 88 28.04 60.21 -77.54
N LYS E 89 28.55 60.84 -78.60
CA LYS E 89 28.30 60.39 -79.97
C LYS E 89 28.85 58.99 -80.23
N ARG E 90 30.04 58.69 -79.71
CA ARG E 90 30.68 57.41 -79.98
C ARG E 90 30.29 56.32 -79.00
N PHE E 91 29.58 56.65 -77.91
CA PHE E 91 29.22 55.64 -76.92
C PHE E 91 27.70 55.56 -76.78
N LYS E 92 26.96 55.85 -77.86
CA LYS E 92 25.50 55.77 -77.80
C LYS E 92 25.02 54.36 -77.51
N MET E 93 25.65 53.36 -78.14
CA MET E 93 25.35 51.97 -77.88
C MET E 93 26.50 51.37 -77.07
N GLY E 94 26.26 51.16 -75.79
CA GLY E 94 27.20 50.39 -74.99
C GLY E 94 27.25 48.95 -75.46
N ARG E 95 28.41 48.32 -75.26
CA ARG E 95 28.65 47.01 -75.85
C ARG E 95 28.23 45.88 -74.91
N LEU E 96 27.67 46.20 -73.75
CA LEU E 96 27.19 45.21 -72.80
C LEU E 96 25.68 45.16 -72.83
N ILE E 97 25.14 43.94 -72.87
CA ILE E 97 23.70 43.68 -72.84
C ILE E 97 23.42 42.80 -71.64
N PHE E 98 22.66 43.34 -70.70
CA PHE E 98 22.23 42.60 -69.53
C PHE E 98 20.86 41.98 -69.81
N ARG E 99 20.56 40.90 -69.09
CA ARG E 99 19.31 40.19 -69.23
C ARG E 99 18.70 39.97 -67.86
N ASP E 100 17.37 39.92 -67.82
CA ASP E 100 16.68 39.59 -66.59
C ASP E 100 16.95 38.13 -66.24
N ALA E 101 17.28 37.89 -64.98
CA ALA E 101 17.56 36.55 -64.49
C ALA E 101 16.31 35.97 -63.84
N PHE E 102 15.93 34.77 -64.26
CA PHE E 102 14.73 34.12 -63.76
C PHE E 102 15.12 32.91 -62.94
N LEU E 103 14.24 32.54 -62.00
CA LEU E 103 14.49 31.43 -61.09
C LEU E 103 14.67 30.14 -61.87
N SER E 104 15.75 29.42 -61.55
CA SER E 104 16.17 28.28 -62.35
C SER E 104 16.16 26.96 -61.61
N ASN E 105 16.15 26.96 -60.29
CA ASN E 105 16.17 25.72 -59.50
C ASN E 105 14.89 25.55 -58.70
N ALA E 106 13.74 25.88 -59.30
CA ALA E 106 12.46 25.72 -58.60
C ALA E 106 12.18 24.25 -58.30
N ASP E 107 12.56 23.34 -59.21
CA ASP E 107 12.43 21.92 -58.94
C ASP E 107 13.30 21.47 -57.77
N GLU E 108 14.55 21.97 -57.72
CA GLU E 108 15.44 21.64 -56.61
C GLU E 108 14.90 22.18 -55.29
N LEU E 109 14.33 23.38 -55.31
CA LEU E 109 13.70 23.94 -54.13
C LEU E 109 12.51 23.08 -53.69
N ASP E 110 11.70 22.62 -54.65
CA ASP E 110 10.57 21.75 -54.32
C ASP E 110 11.02 20.43 -53.72
N SER E 111 12.12 19.86 -54.24
CA SER E 111 12.66 18.63 -53.67
C SER E 111 13.18 18.84 -52.27
N LEU E 112 13.56 20.07 -51.93
CA LEU E 112 13.97 20.42 -50.58
C LEU E 112 12.78 20.78 -49.70
N GLY E 113 11.56 20.67 -50.21
CA GLY E 113 10.35 20.81 -49.43
C GLY E 113 9.90 22.23 -49.15
N VAL E 114 10.51 23.24 -49.78
CA VAL E 114 10.05 24.60 -49.57
C VAL E 114 8.68 24.75 -50.22
N ARG E 115 7.81 25.52 -49.56
CA ARG E 115 6.45 25.71 -50.04
C ARG E 115 6.21 27.07 -50.64
N SER E 116 7.06 28.06 -50.33
CA SER E 116 6.99 29.38 -50.93
C SER E 116 8.39 29.77 -51.38
N TYR E 117 8.46 30.36 -52.57
CA TYR E 117 9.73 30.85 -53.10
C TYR E 117 10.10 32.23 -52.57
N THR E 118 9.24 32.84 -51.77
CA THR E 118 9.55 34.09 -51.09
C THR E 118 9.13 33.97 -49.64
N GLU E 119 10.03 34.36 -48.75
CA GLU E 119 9.76 34.41 -47.32
C GLU E 119 9.40 35.83 -46.91
N VAL E 120 8.89 35.94 -45.68
CA VAL E 120 8.61 37.22 -45.04
C VAL E 120 9.51 37.36 -43.82
N LYS E 121 10.24 38.47 -43.77
CA LYS E 121 11.17 38.73 -42.69
C LYS E 121 10.58 39.81 -41.79
N PHE E 122 10.55 39.53 -40.49
CA PHE E 122 9.96 40.41 -39.50
C PHE E 122 11.08 41.16 -38.79
N GLU E 123 11.05 42.48 -38.87
CA GLU E 123 11.99 43.36 -38.21
C GLU E 123 11.22 44.34 -37.33
N ASN E 124 11.98 45.13 -36.58
CA ASN E 124 11.39 46.23 -35.82
C ASN E 124 12.41 47.36 -35.71
N THR E 125 11.90 48.53 -35.33
CA THR E 125 12.75 49.66 -34.99
C THR E 125 12.42 50.10 -33.57
N ILE E 126 13.46 50.32 -32.77
CA ILE E 126 13.31 50.69 -31.37
C ILE E 126 13.69 52.15 -31.23
N ASP E 127 12.78 52.93 -30.63
CA ASP E 127 13.06 54.34 -30.37
C ASP E 127 14.21 54.47 -29.38
N ARG E 128 14.98 55.55 -29.54
CA ARG E 128 16.16 55.73 -28.71
C ARG E 128 15.82 56.27 -27.32
N ILE E 129 14.62 56.79 -27.11
CA ILE E 129 14.24 57.34 -25.81
C ILE E 129 13.04 56.58 -25.24
N THR E 130 11.92 56.64 -25.95
CA THR E 130 10.73 55.93 -25.51
C THR E 130 10.92 54.42 -25.57
N ALA E 131 11.85 53.94 -26.39
CA ALA E 131 12.20 52.53 -26.57
C ALA E 131 10.98 51.68 -26.93
N GLU E 132 10.07 52.27 -27.69
CA GLU E 132 8.92 51.56 -28.25
C GLU E 132 9.35 50.91 -29.55
N ALA E 133 9.04 49.63 -29.70
CA ALA E 133 9.41 48.88 -30.90
C ALA E 133 8.25 48.91 -31.89
N ASN E 134 8.48 49.56 -33.03
CA ASN E 134 7.52 49.53 -34.13
C ASN E 134 7.88 48.39 -35.07
N PRO E 135 6.99 47.41 -35.28
CA PRO E 135 7.34 46.29 -36.17
C PRO E 135 7.11 46.58 -37.64
N ARG E 136 7.70 45.73 -38.46
CA ARG E 136 7.49 45.75 -39.90
C ARG E 136 7.86 44.37 -40.44
N GLN E 137 7.37 44.07 -41.64
CA GLN E 137 7.72 42.82 -42.29
C GLN E 137 7.86 43.06 -43.78
N ILE E 138 8.91 42.49 -44.36
CA ILE E 138 9.21 42.72 -45.77
C ILE E 138 9.50 41.37 -46.45
N GLU E 139 9.25 41.34 -47.75
CA GLU E 139 9.38 40.11 -48.53
C GLU E 139 10.81 39.94 -49.01
N ARG E 140 11.29 38.69 -48.99
CA ARG E 140 12.61 38.36 -49.50
C ARG E 140 12.51 37.10 -50.34
N ALA E 141 13.40 36.98 -51.30
CA ALA E 141 13.55 35.75 -52.05
C ALA E 141 14.29 34.75 -51.17
N ILE E 142 13.93 33.46 -51.32
CA ILE E 142 14.51 32.39 -50.54
C ILE E 142 16.02 32.38 -50.73
N ARG E 143 16.75 32.06 -49.65
CA ARG E 143 18.20 32.16 -49.63
C ARG E 143 18.83 31.37 -50.77
N ASN E 144 18.67 30.05 -50.80
CA ASN E 144 19.47 29.26 -51.73
C ASN E 144 18.88 29.19 -53.15
N SER E 145 18.05 30.16 -53.54
CA SER E 145 17.57 30.26 -54.90
C SER E 145 18.71 30.56 -55.88
N THR E 146 18.53 30.13 -57.12
CA THR E 146 19.47 30.43 -58.18
C THR E 146 18.73 31.01 -59.38
N PHE E 147 19.41 31.92 -60.07
CA PHE E 147 18.87 32.64 -61.20
C PHE E 147 19.85 32.54 -62.37
N ASP E 148 19.32 32.51 -63.58
CA ASP E 148 20.15 32.32 -64.77
C ASP E 148 20.68 33.68 -65.21
N PHE E 149 21.98 33.91 -65.04
CA PHE E 149 22.60 35.18 -65.40
C PHE E 149 23.26 35.07 -66.76
N GLU E 150 22.92 35.99 -67.66
CA GLU E 150 23.50 36.05 -68.99
C GLU E 150 23.91 37.48 -69.26
N LEU E 151 25.09 37.65 -69.86
CA LEU E 151 25.62 38.96 -70.19
C LEU E 151 26.28 38.86 -71.55
N ILE E 152 25.80 39.64 -72.51
CA ILE E 152 26.26 39.55 -73.89
C ILE E 152 27.16 40.74 -74.19
N TYR E 153 28.39 40.47 -74.63
CA TYR E 153 29.39 41.48 -74.93
C TYR E 153 29.74 41.40 -76.41
N GLU E 154 29.66 42.52 -77.11
CA GLU E 154 29.91 42.56 -78.55
C GLU E 154 31.29 43.13 -78.84
N ILE E 155 31.93 42.59 -79.88
CA ILE E 155 33.25 43.03 -80.33
C ILE E 155 33.11 43.46 -81.78
N THR E 156 33.56 44.68 -82.07
CA THR E 156 33.50 45.28 -83.39
C THR E 156 34.90 45.71 -83.82
N ASP E 157 34.96 46.46 -84.92
CA ASP E 157 36.23 46.95 -85.45
C ASP E 157 36.93 47.90 -84.48
N GLU E 158 36.17 48.58 -83.64
CA GLU E 158 36.76 49.49 -82.66
C GLU E 158 37.23 48.74 -81.42
N ASN E 159 36.62 47.60 -81.12
CA ASN E 159 36.76 47.03 -79.80
C ASN E 159 38.00 46.18 -79.68
N GLU E 160 38.64 45.84 -80.83
CA GLU E 160 39.64 44.78 -80.88
C GLU E 160 40.84 45.06 -79.99
N ASN E 161 41.25 46.32 -79.90
CA ASN E 161 42.36 46.72 -79.04
C ASN E 161 41.97 46.85 -77.58
N GLN E 162 40.68 46.78 -77.24
CA GLN E 162 40.19 46.98 -75.89
C GLN E 162 39.46 45.77 -75.32
N VAL E 163 39.52 44.61 -75.98
CA VAL E 163 38.75 43.45 -75.52
C VAL E 163 39.24 42.98 -74.16
N GLU E 164 40.57 42.91 -73.98
CA GLU E 164 41.14 42.42 -72.73
C GLU E 164 40.82 43.34 -71.55
N GLU E 165 40.90 44.67 -71.77
CA GLU E 165 40.55 45.62 -70.73
C GLU E 165 39.07 45.52 -70.38
N ASP E 166 38.21 45.31 -71.38
CA ASP E 166 36.79 45.15 -71.12
C ASP E 166 36.49 43.88 -70.34
N PHE E 167 37.21 42.80 -70.64
CA PHE E 167 37.08 41.57 -69.87
C PHE E 167 37.54 41.75 -68.43
N LYS E 168 38.62 42.52 -68.24
CA LYS E 168 39.09 42.82 -66.90
C LYS E 168 38.06 43.63 -66.11
N VAL E 169 37.42 44.60 -66.78
CA VAL E 169 36.39 45.40 -66.11
C VAL E 169 35.18 44.55 -65.77
N ILE E 170 34.81 43.62 -66.66
CA ILE E 170 33.68 42.74 -66.41
C ILE E 170 33.96 41.83 -65.22
N ARG E 171 35.17 41.26 -65.15
CA ARG E 171 35.56 40.42 -64.01
C ARG E 171 35.56 41.22 -62.72
N ASP E 172 36.07 42.45 -62.77
CA ASP E 172 36.06 43.32 -61.59
C ASP E 172 34.65 43.64 -61.14
N GLY E 173 33.74 43.89 -62.09
CA GLY E 173 32.36 44.16 -61.74
C GLY E 173 31.67 42.97 -61.10
N LEU E 174 31.94 41.76 -61.61
CA LEU E 174 31.37 40.55 -61.01
C LEU E 174 31.91 40.32 -59.61
N LYS E 175 33.22 40.52 -59.42
CA LYS E 175 33.83 40.35 -58.09
C LYS E 175 33.28 41.40 -57.11
N LEU E 176 33.12 42.63 -57.58
CA LEU E 176 32.59 43.70 -56.74
C LEU E 176 31.14 43.44 -56.37
N LEU E 177 30.35 42.91 -57.30
CA LEU E 177 28.98 42.52 -56.99
C LEU E 177 28.95 41.41 -55.95
N GLU E 178 29.88 40.46 -56.03
CA GLU E 178 29.98 39.42 -55.01
C GLU E 178 30.36 40.01 -53.66
N LEU E 179 31.25 41.01 -53.64
CA LEU E 179 31.70 41.64 -52.40
C LEU E 179 30.75 42.72 -51.90
N ASP E 180 29.71 43.05 -52.66
CA ASP E 180 28.68 43.99 -52.28
C ASP E 180 27.35 43.21 -52.32
N TYR E 181 26.24 43.89 -52.15
CA TYR E 181 24.92 43.33 -52.25
C TYR E 181 24.26 43.70 -53.58
N LEU E 182 23.26 42.92 -53.94
CA LEU E 182 22.33 43.24 -55.00
C LEU E 182 21.16 43.98 -54.38
N GLY E 183 20.55 44.88 -55.18
CA GLY E 183 19.62 45.91 -54.77
C GLY E 183 18.63 45.56 -53.68
N GLY E 184 18.67 46.32 -52.60
CA GLY E 184 17.82 46.07 -51.46
C GLY E 184 18.46 46.60 -50.21
N SER E 185 17.92 46.17 -49.07
CA SER E 185 18.40 46.60 -47.75
C SER E 185 19.64 45.81 -47.33
N GLY E 186 20.68 45.92 -48.14
CA GLY E 186 21.84 45.06 -48.06
C GLY E 186 22.87 45.47 -47.04
N SER E 187 22.81 46.70 -46.53
CA SER E 187 23.62 47.07 -45.38
C SER E 187 23.21 46.31 -44.14
N ARG E 188 21.97 45.81 -44.10
CA ARG E 188 21.45 45.02 -42.99
C ARG E 188 21.43 43.52 -43.29
N GLY E 189 22.14 43.07 -44.30
CA GLY E 189 22.31 41.65 -44.51
C GLY E 189 21.60 41.03 -45.67
N TYR E 190 21.20 41.80 -46.66
CA TYR E 190 20.44 41.27 -47.78
C TYR E 190 21.31 41.27 -49.02
N GLY E 191 20.83 40.54 -50.03
CA GLY E 191 21.37 40.70 -51.36
C GLY E 191 22.76 40.15 -51.59
N LYS E 192 23.31 39.38 -50.65
CA LYS E 192 24.58 38.72 -50.93
C LYS E 192 24.37 37.66 -51.99
N VAL E 193 25.21 37.69 -53.03
CA VAL E 193 25.05 36.81 -54.19
C VAL E 193 26.40 36.18 -54.50
N ALA E 194 26.35 35.08 -55.25
CA ALA E 194 27.55 34.45 -55.79
C ALA E 194 27.28 33.98 -57.20
N PHE E 195 28.26 34.15 -58.07
CA PHE E 195 28.17 33.74 -59.46
C PHE E 195 28.87 32.39 -59.60
N GLU E 196 28.10 31.37 -59.95
CA GLU E 196 28.58 30.01 -60.06
C GLU E 196 28.61 29.60 -61.52
N ASN E 197 29.56 28.72 -61.86
CA ASN E 197 29.75 28.19 -63.21
C ASN E 197 29.94 29.32 -64.22
N LEU E 198 30.69 30.35 -63.82
CA LEU E 198 30.87 31.54 -64.63
C LEU E 198 31.77 31.21 -65.82
N LYS E 199 31.17 31.09 -67.00
CA LYS E 199 31.90 30.75 -68.21
C LYS E 199 31.46 31.68 -69.34
N ALA E 200 32.35 31.88 -70.30
CA ALA E 200 32.09 32.73 -71.45
C ALA E 200 32.17 31.90 -72.71
N THR E 201 31.12 31.95 -73.53
CA THR E 201 31.05 31.22 -74.78
C THR E 201 30.76 32.18 -75.94
N THR E 202 31.55 32.07 -77.00
CA THR E 202 31.33 32.92 -78.16
C THR E 202 30.08 32.42 -78.91
N VAL E 203 29.01 33.22 -78.86
CA VAL E 203 27.77 32.85 -79.52
C VAL E 203 27.64 33.39 -80.93
N PHE E 204 28.42 34.40 -81.31
CA PHE E 204 28.45 34.83 -82.71
C PHE E 204 29.87 35.18 -83.11
N GLY E 205 30.19 34.89 -84.36
CA GLY E 205 31.52 35.13 -84.87
C GLY E 205 32.51 34.10 -84.37
N ASN E 206 33.77 34.32 -84.69
CA ASN E 206 34.85 33.46 -84.26
C ASN E 206 35.70 34.22 -83.25
N TYR E 207 35.89 33.63 -82.07
CA TYR E 207 36.74 34.22 -81.05
C TYR E 207 37.23 33.12 -80.13
N ASP E 208 38.36 33.38 -79.49
CA ASP E 208 39.03 32.45 -78.59
C ASP E 208 38.85 32.96 -77.16
N VAL E 209 38.02 32.27 -76.39
CA VAL E 209 37.74 32.68 -75.02
C VAL E 209 38.34 31.65 -74.07
N LYS E 210 39.40 30.97 -74.51
CA LYS E 210 40.03 29.95 -73.67
C LYS E 210 40.69 30.58 -72.44
N THR E 211 41.62 31.52 -72.67
CA THR E 211 42.27 32.20 -71.56
C THR E 211 41.29 33.02 -70.74
N LEU E 212 40.24 33.53 -71.38
CA LEU E 212 39.24 34.28 -70.65
C LEU E 212 38.52 33.33 -69.71
N ASN E 213 38.16 32.14 -70.19
CA ASN E 213 37.48 31.16 -69.35
C ASN E 213 38.35 30.67 -68.20
N GLU E 214 39.66 30.51 -68.45
CA GLU E 214 40.58 30.17 -67.37
C GLU E 214 40.66 31.30 -66.33
N LEU E 215 40.65 32.56 -66.78
CA LEU E 215 40.62 33.69 -65.86
C LEU E 215 39.33 33.73 -65.04
N LEU E 216 38.19 33.45 -65.69
CA LEU E 216 36.92 33.33 -64.97
C LEU E 216 36.92 32.22 -63.93
N THR E 217 37.49 31.07 -64.26
CA THR E 217 37.53 29.98 -63.30
C THR E 217 38.47 30.27 -62.15
N ALA E 218 39.63 30.86 -62.44
CA ALA E 218 40.63 31.10 -61.40
C ALA E 218 40.24 32.26 -60.49
N GLU E 219 39.71 33.34 -61.07
CA GLU E 219 39.39 34.55 -60.30
C GLU E 219 37.95 34.54 -59.82
N VAL E 220 37.00 34.50 -60.77
CA VAL E 220 35.55 34.53 -60.49
C VAL E 220 35.17 35.74 -59.64
N MET F 7 -23.61 18.99 -56.10
CA MET F 7 -23.78 20.39 -55.76
C MET F 7 -22.47 20.99 -55.25
N ALA F 8 -21.96 21.98 -55.98
CA ALA F 8 -20.71 22.65 -55.63
C ALA F 8 -21.04 23.96 -54.91
N ILE F 9 -20.49 24.13 -53.71
CA ILE F 9 -20.74 25.34 -52.95
C ILE F 9 -20.05 26.54 -53.58
N LEU F 10 -18.87 26.34 -54.16
CA LEU F 10 -18.10 27.40 -54.78
C LEU F 10 -18.23 27.24 -56.28
N THR F 11 -18.87 28.22 -56.92
CA THR F 11 -18.95 28.29 -58.37
C THR F 11 -18.35 29.61 -58.81
N ASP F 12 -18.24 29.79 -60.13
CA ASP F 12 -17.72 31.02 -60.73
C ASP F 12 -18.67 32.20 -60.66
N GLU F 13 -19.82 32.08 -60.00
CA GLU F 13 -20.82 33.13 -60.01
C GLU F 13 -21.18 33.66 -58.63
N ASN F 14 -20.80 32.97 -57.55
CA ASN F 14 -21.24 33.40 -56.23
C ASN F 14 -20.18 33.37 -55.15
N TYR F 15 -18.91 33.08 -55.47
CA TYR F 15 -17.90 32.99 -54.43
C TYR F 15 -17.60 34.36 -53.83
N VAL F 16 -17.64 35.42 -54.66
CA VAL F 16 -17.42 36.76 -54.13
C VAL F 16 -18.52 37.16 -53.17
N ASP F 17 -19.78 36.87 -53.54
CA ASP F 17 -20.91 37.14 -52.64
C ASP F 17 -20.85 36.28 -51.39
N LYS F 18 -20.38 35.03 -51.52
CA LYS F 18 -20.20 34.17 -50.36
C LYS F 18 -19.17 34.74 -49.41
N ALA F 19 -18.07 35.25 -49.94
CA ALA F 19 -17.06 35.91 -49.11
C ALA F 19 -17.63 37.15 -48.44
N GLU F 20 -18.42 37.92 -49.17
CA GLU F 20 -19.08 39.10 -48.60
C GLU F 20 -19.97 38.78 -47.43
N ARG F 21 -20.86 37.80 -47.60
CA ARG F 21 -21.74 37.39 -46.51
C ARG F 21 -20.95 36.78 -45.36
N ALA F 22 -19.93 35.99 -45.68
CA ALA F 22 -19.12 35.40 -44.63
C ALA F 22 -18.49 36.47 -43.78
N ILE F 23 -17.86 37.48 -44.44
CA ILE F 23 -17.19 38.58 -43.74
C ILE F 23 -18.17 39.40 -42.92
N SER F 24 -19.38 39.61 -43.46
CA SER F 24 -20.39 40.33 -42.69
C SER F 24 -20.85 39.54 -41.47
N LEU F 25 -20.78 38.21 -41.53
CA LEU F 25 -21.19 37.39 -40.41
C LEU F 25 -20.12 37.15 -39.35
N LEU F 26 -18.85 37.51 -39.63
CA LEU F 26 -17.80 37.40 -38.61
C LEU F 26 -18.07 38.17 -37.33
N GLU F 27 -17.74 37.52 -36.22
CA GLU F 27 -17.99 38.07 -34.91
C GLU F 27 -17.02 39.21 -34.61
N LYS F 28 -17.47 40.15 -33.78
CA LYS F 28 -16.72 41.35 -33.46
C LYS F 28 -16.61 41.50 -31.94
N ASP F 29 -15.86 42.51 -31.52
CA ASP F 29 -15.62 42.82 -30.12
C ASP F 29 -16.76 43.72 -29.62
N ASN F 30 -16.69 44.13 -28.35
CA ASN F 30 -17.61 45.12 -27.80
C ASN F 30 -17.44 46.49 -28.45
N LYS F 31 -16.24 46.77 -29.01
CA LYS F 31 -15.93 48.03 -29.66
C LYS F 31 -16.17 47.97 -31.15
N GLY F 32 -16.72 46.87 -31.65
CA GLY F 32 -16.97 46.71 -33.06
C GLY F 32 -15.76 46.30 -33.89
N ASN F 33 -14.63 46.03 -33.25
CA ASN F 33 -13.42 45.65 -33.97
C ASN F 33 -13.42 44.16 -34.28
N TYR F 34 -12.84 43.81 -35.43
CA TYR F 34 -12.73 42.41 -35.81
C TYR F 34 -11.76 41.69 -34.88
N LEU F 35 -12.18 40.53 -34.37
CA LEU F 35 -11.28 39.75 -33.53
C LEU F 35 -10.22 39.05 -34.37
N LEU F 36 -10.53 38.74 -35.62
CA LEU F 36 -9.56 38.16 -36.54
C LEU F 36 -8.61 39.24 -37.04
N THR F 37 -7.32 38.90 -37.12
CA THR F 37 -6.32 39.77 -37.70
C THR F 37 -5.66 39.07 -38.87
N THR F 38 -5.07 39.87 -39.76
CA THR F 38 -4.39 39.31 -40.93
C THR F 38 -3.14 38.53 -40.52
N SER F 39 -2.50 38.92 -39.41
CA SER F 39 -1.35 38.18 -38.91
C SER F 39 -1.70 36.77 -38.46
N GLN F 40 -2.96 36.53 -38.09
CA GLN F 40 -3.39 35.19 -37.71
C GLN F 40 -3.51 34.26 -38.92
N ILE F 41 -3.78 34.81 -40.10
CA ILE F 41 -3.98 34.00 -41.29
C ILE F 41 -2.90 34.25 -42.33
N ARG F 42 -1.80 34.87 -41.92
CA ARG F 42 -0.75 35.21 -42.87
C ARG F 42 -0.13 33.97 -43.54
N LYS F 43 0.13 32.94 -42.76
CA LYS F 43 0.66 31.71 -43.34
C LYS F 43 -0.34 31.05 -44.28
N LEU F 44 -1.63 31.09 -43.92
CA LEU F 44 -2.66 30.50 -44.78
C LEU F 44 -2.74 31.23 -46.10
N LEU F 45 -2.64 32.54 -46.06
CA LEU F 45 -2.70 33.32 -47.29
C LEU F 45 -1.46 33.09 -48.15
N SER F 46 -0.28 32.98 -47.52
CA SER F 46 0.94 32.69 -48.28
C SER F 46 0.87 31.33 -48.95
N LEU F 47 0.36 30.32 -48.24
CA LEU F 47 0.23 29.00 -48.82
C LEU F 47 -0.80 28.98 -49.95
N CYS F 48 -1.91 29.72 -49.79
CA CYS F 48 -2.89 29.84 -50.86
C CYS F 48 -2.31 30.49 -52.10
N SER F 49 -1.53 31.56 -51.91
CA SER F 49 -0.90 32.24 -53.04
C SER F 49 0.11 31.34 -53.75
N SER F 50 0.92 30.60 -52.99
CA SER F 50 1.88 29.70 -53.61
C SER F 50 1.18 28.57 -54.37
N LEU F 51 0.10 28.04 -53.80
CA LEU F 51 -0.68 27.02 -54.49
C LEU F 51 -1.30 27.54 -55.77
N TYR F 52 -1.83 28.75 -55.73
CA TYR F 52 -2.41 29.37 -56.93
C TYR F 52 -1.36 29.62 -58.00
N ASP F 53 -0.17 30.08 -57.60
CA ASP F 53 0.91 30.31 -58.56
C ASP F 53 1.36 29.01 -59.20
N ARG F 54 1.50 27.95 -58.39
CA ARG F 54 1.97 26.67 -58.89
C ARG F 54 0.92 25.94 -59.71
N SER F 55 -0.36 26.22 -59.49
CA SER F 55 -1.40 25.54 -60.24
C SER F 55 -1.42 25.93 -61.70
N LYS F 56 -0.81 27.06 -62.08
CA LYS F 56 -0.85 27.49 -63.48
C LYS F 56 -0.01 26.61 -64.39
N GLU F 57 1.10 26.08 -63.90
CA GLU F 57 2.04 25.32 -64.72
C GLU F 57 2.07 23.84 -64.36
N ARG F 58 2.21 23.51 -63.10
CA ARG F 58 2.24 22.13 -62.68
C ARG F 58 0.86 21.50 -62.71
N LYS F 59 0.79 20.20 -62.96
CA LYS F 59 -0.46 19.46 -62.99
C LYS F 59 -0.92 19.19 -61.58
N PHE F 60 -2.22 18.90 -61.42
CA PHE F 60 -2.79 18.66 -60.09
C PHE F 60 -2.27 17.40 -59.41
N ASP F 61 -1.56 16.52 -60.12
CA ASP F 61 -1.05 15.29 -59.52
C ASP F 61 -0.03 15.58 -58.43
N GLU F 62 0.87 16.53 -58.65
CA GLU F 62 1.92 16.86 -57.69
C GLU F 62 1.49 17.94 -56.71
N LEU F 63 0.29 18.49 -56.88
CA LEU F 63 -0.30 19.48 -56.00
C LEU F 63 -1.14 18.93 -54.87
N ILE F 64 -1.36 17.61 -54.84
CA ILE F 64 -2.24 17.03 -53.82
C ILE F 64 -1.62 17.13 -52.43
N ASN F 65 -0.30 16.98 -52.32
CA ASN F 65 0.37 17.11 -51.04
C ASN F 65 0.27 18.54 -50.53
N ASP F 66 0.36 19.51 -51.44
CA ASP F 66 0.25 20.91 -51.08
C ASP F 66 -1.16 21.25 -50.61
N VAL F 67 -2.18 20.68 -51.26
CA VAL F 67 -3.57 20.87 -50.83
C VAL F 67 -3.80 20.25 -49.46
N SER F 68 -3.24 19.04 -49.25
CA SER F 68 -3.38 18.37 -47.95
C SER F 68 -2.72 19.18 -46.84
N TYR F 69 -1.53 19.73 -47.10
CA TYR F 69 -0.87 20.54 -46.09
C TYR F 69 -1.62 21.84 -45.86
N LEU F 70 -2.23 22.36 -46.91
CA LEU F 70 -2.98 23.59 -46.77
C LEU F 70 -4.18 23.33 -45.85
N ARG F 71 -4.90 22.21 -46.06
CA ARG F 71 -6.01 21.81 -45.19
C ARG F 71 -5.56 21.59 -43.74
N VAL F 72 -4.39 20.96 -43.56
CA VAL F 72 -3.82 20.75 -42.23
C VAL F 72 -3.52 22.09 -41.56
N GLN F 73 -2.97 23.02 -42.31
CA GLN F 73 -2.71 24.34 -41.75
C GLN F 73 -4.00 25.07 -41.41
N PHE F 74 -5.03 24.93 -42.25
CA PHE F 74 -6.32 25.56 -41.95
C PHE F 74 -6.91 25.07 -40.65
N VAL F 75 -6.96 23.75 -40.46
CA VAL F 75 -7.54 23.24 -39.22
C VAL F 75 -6.66 23.56 -38.01
N TYR F 76 -5.31 23.59 -38.18
CA TYR F 76 -4.43 23.88 -37.07
C TYR F 76 -4.58 25.31 -36.63
N GLN F 77 -4.70 26.23 -37.58
CA GLN F 77 -4.91 27.62 -37.21
C GLN F 77 -6.31 27.85 -36.65
N SER F 78 -7.30 27.09 -37.12
CA SER F 78 -8.63 27.14 -36.51
C SER F 78 -8.58 26.73 -35.04
N GLY F 79 -7.83 25.67 -34.74
CA GLY F 79 -7.74 25.22 -33.37
C GLY F 79 -6.74 25.93 -32.49
N ARG F 80 -5.82 26.70 -33.07
CA ARG F 80 -4.73 27.29 -32.31
C ARG F 80 -4.98 28.72 -31.89
N ASN F 81 -5.44 29.57 -32.81
CA ASN F 81 -5.60 30.98 -32.51
C ASN F 81 -6.83 31.19 -31.64
N SER F 82 -6.64 31.81 -30.48
CA SER F 82 -7.73 32.12 -29.57
C SER F 82 -7.43 33.45 -28.89
N VAL F 83 -8.45 34.26 -28.74
CA VAL F 83 -8.35 35.57 -28.10
C VAL F 83 -9.32 35.62 -26.92
N ARG F 84 -8.82 36.06 -25.77
CA ARG F 84 -9.64 36.20 -24.57
C ARG F 84 -9.86 37.69 -24.32
N VAL F 85 -11.11 38.11 -24.44
CA VAL F 85 -11.52 39.49 -24.19
C VAL F 85 -12.81 39.47 -23.39
N ASN F 86 -12.91 40.39 -22.42
CA ASN F 86 -14.08 40.53 -21.55
C ASN F 86 -14.41 39.22 -20.83
N ARG F 87 -13.34 38.53 -20.41
CA ARG F 87 -13.41 37.24 -19.72
C ARG F 87 -14.11 36.17 -20.56
N GLN F 88 -14.03 36.29 -21.89
CA GLN F 88 -14.62 35.31 -22.81
C GLN F 88 -13.62 35.01 -23.92
N THR F 89 -13.49 33.73 -24.26
CA THR F 89 -12.54 33.31 -25.28
C THR F 89 -13.26 33.05 -26.60
N PHE F 90 -12.55 33.34 -27.69
CA PHE F 90 -13.07 33.13 -29.03
C PHE F 90 -11.96 32.61 -29.92
N PHE F 91 -12.35 31.93 -30.99
CA PHE F 91 -11.41 31.39 -31.97
C PHE F 91 -11.67 32.07 -33.30
N PRO F 92 -10.92 33.14 -33.63
CA PRO F 92 -11.24 33.90 -34.85
C PRO F 92 -11.03 33.11 -36.13
N VAL F 93 -9.96 32.32 -36.20
CA VAL F 93 -9.71 31.55 -37.42
C VAL F 93 -10.74 30.44 -37.56
N LYS F 94 -11.11 29.79 -36.45
CA LYS F 94 -12.14 28.75 -36.50
C LYS F 94 -13.49 29.30 -36.94
N ASP F 95 -13.83 30.47 -36.42
CA ASP F 95 -15.08 31.13 -36.82
C ASP F 95 -15.01 31.51 -38.30
N LEU F 96 -13.90 32.08 -38.75
CA LEU F 96 -13.76 32.44 -40.16
C LEU F 96 -13.90 31.22 -41.06
N VAL F 97 -13.32 30.09 -40.64
CA VAL F 97 -13.42 28.87 -41.41
C VAL F 97 -14.86 28.35 -41.45
N GLU F 98 -15.54 28.40 -40.31
CA GLU F 98 -16.91 27.89 -40.25
C GLU F 98 -17.87 28.75 -41.08
N LYS F 99 -17.86 30.07 -40.86
CA LYS F 99 -18.81 30.93 -41.55
C LYS F 99 -18.45 31.08 -43.03
N GLY F 100 -17.16 31.12 -43.35
CA GLY F 100 -16.74 31.14 -44.73
C GLY F 100 -16.87 29.81 -45.44
N GLN F 101 -17.13 28.73 -44.71
CA GLN F 101 -17.38 27.41 -45.29
C GLN F 101 -16.16 26.95 -46.12
N ILE F 102 -15.03 26.81 -45.44
CA ILE F 102 -13.76 26.61 -46.11
C ILE F 102 -13.33 25.16 -46.10
N LEU F 103 -13.56 24.45 -44.98
CA LEU F 103 -13.04 23.08 -44.82
C LEU F 103 -13.59 22.11 -45.85
N GLU F 104 -14.89 22.12 -46.06
CA GLU F 104 -15.51 21.30 -47.07
C GLU F 104 -15.45 21.91 -48.46
N ALA F 105 -15.11 23.19 -48.58
CA ALA F 105 -14.75 23.75 -49.86
C ALA F 105 -13.39 23.28 -50.32
N LEU F 106 -12.55 22.82 -49.40
CA LEU F 106 -11.27 22.22 -49.76
C LEU F 106 -11.43 20.79 -50.27
N LYS F 107 -12.41 20.06 -49.75
CA LYS F 107 -12.59 18.68 -50.18
C LYS F 107 -13.07 18.55 -51.62
N GLU F 108 -13.67 19.60 -52.18
CA GLU F 108 -14.12 19.57 -53.57
C GLU F 108 -13.04 20.01 -54.55
N ILE F 109 -11.83 20.30 -54.06
CA ILE F 109 -10.71 20.61 -54.94
C ILE F 109 -10.24 19.32 -55.59
N LYS F 110 -10.64 19.10 -56.84
CA LYS F 110 -10.31 17.89 -57.57
C LYS F 110 -9.48 18.14 -58.82
N ASP F 111 -9.36 19.38 -59.28
CA ASP F 111 -8.58 19.70 -60.46
C ASP F 111 -8.05 21.12 -60.32
N ARG F 112 -7.47 21.65 -61.39
CA ARG F 112 -6.90 22.99 -61.37
C ARG F 112 -7.98 24.07 -61.22
N GLU F 113 -9.13 23.87 -61.88
CA GLU F 113 -10.20 24.86 -61.85
C GLU F 113 -10.77 25.04 -60.45
N THR F 114 -10.98 23.94 -59.72
CA THR F 114 -11.50 24.05 -58.36
C THR F 114 -10.48 24.68 -57.43
N LEU F 115 -9.21 24.36 -57.63
CA LEU F 115 -8.14 24.93 -56.83
C LEU F 115 -8.08 26.45 -57.02
N GLN F 116 -8.11 26.90 -58.28
CA GLN F 116 -8.06 28.32 -58.55
C GLN F 116 -9.33 29.02 -58.08
N ARG F 117 -10.48 28.35 -58.15
CA ARG F 117 -11.71 28.88 -57.59
C ARG F 117 -11.58 29.12 -56.09
N PHE F 118 -11.01 28.14 -55.37
CA PHE F 118 -10.81 28.29 -53.94
C PHE F 118 -9.83 29.41 -53.62
N CYS F 119 -8.76 29.53 -54.40
CA CYS F 119 -7.78 30.60 -54.15
C CYS F 119 -8.37 31.97 -54.39
N ARG F 120 -9.17 32.12 -55.46
CA ARG F 120 -9.86 33.38 -55.70
C ARG F 120 -10.88 33.68 -54.63
N TYR F 121 -11.54 32.64 -54.10
CA TYR F 121 -12.47 32.80 -52.98
C TYR F 121 -11.74 33.32 -51.74
N MET F 122 -10.56 32.79 -51.47
CA MET F 122 -9.76 33.27 -50.34
C MET F 122 -9.32 34.71 -50.53
N GLU F 123 -8.94 35.07 -51.76
CA GLU F 123 -8.58 36.45 -52.08
C GLU F 123 -9.76 37.40 -51.85
N ALA F 124 -10.96 36.97 -52.26
CA ALA F 124 -12.17 37.77 -52.05
C ALA F 124 -12.47 37.91 -50.56
N LEU F 125 -12.28 36.84 -49.79
CA LEU F 125 -12.47 36.89 -48.34
C LEU F 125 -11.54 37.90 -47.70
N VAL F 126 -10.28 37.91 -48.13
CA VAL F 126 -9.31 38.86 -47.58
C VAL F 126 -9.67 40.29 -47.97
N ALA F 127 -10.09 40.50 -49.22
CA ALA F 127 -10.44 41.83 -49.70
C ALA F 127 -11.62 42.40 -48.92
N TYR F 128 -12.66 41.59 -48.72
CA TYR F 128 -13.82 42.08 -48.00
C TYR F 128 -13.59 42.13 -46.49
N PHE F 129 -12.61 41.36 -45.99
CA PHE F 129 -12.25 41.47 -44.57
C PHE F 129 -11.50 42.76 -44.30
N LYS F 130 -10.61 43.14 -45.21
CA LYS F 130 -9.93 44.42 -45.08
C LYS F 130 -10.87 45.58 -45.36
N PHE F 131 -11.88 45.37 -46.20
CA PHE F 131 -12.82 46.44 -46.53
C PHE F 131 -13.69 46.81 -45.34
N TYR F 132 -13.87 45.90 -44.39
CA TYR F 132 -14.74 46.12 -43.25
C TYR F 132 -13.99 46.42 -41.97
N GLY F 133 -12.76 46.90 -42.07
CA GLY F 133 -12.00 47.28 -40.91
C GLY F 133 -11.08 46.22 -40.35
N GLY F 134 -10.84 45.15 -41.09
CA GLY F 134 -9.95 44.10 -40.62
C GLY F 134 -8.53 44.59 -40.47
N LYS F 135 -8.05 44.65 -39.24
CA LYS F 135 -6.71 45.15 -38.96
C LYS F 135 -5.67 44.12 -39.38
N ASP F 136 -4.43 44.55 -39.41
CA ASP F 136 -3.31 43.69 -39.78
C ASP F 136 -2.64 43.09 -38.55
N MET G 1 44.50 55.61 -51.37
CA MET G 1 43.65 56.44 -52.21
C MET G 1 42.73 55.53 -53.00
N THR G 2 43.22 54.39 -53.47
CA THR G 2 42.39 53.55 -54.31
C THR G 2 41.25 52.89 -53.51
N PHE G 3 40.22 52.50 -54.25
CA PHE G 3 39.08 51.79 -53.66
C PHE G 3 39.53 50.44 -53.13
N ALA G 4 38.99 50.07 -51.96
CA ALA G 4 39.32 48.78 -51.37
C ALA G 4 38.14 48.31 -50.52
N LYS G 5 38.10 47.00 -50.28
CA LYS G 5 37.09 46.41 -49.42
C LYS G 5 37.77 45.41 -48.49
N ILE G 6 37.49 45.54 -47.19
CA ILE G 6 38.11 44.74 -46.14
C ILE G 6 37.02 43.95 -45.43
N LYS G 7 37.21 42.66 -45.30
CA LYS G 7 36.24 41.75 -44.73
C LYS G 7 36.69 41.33 -43.33
N PHE G 8 35.95 41.79 -42.32
CA PHE G 8 36.11 41.31 -40.95
C PHE G 8 35.31 40.02 -40.83
N SER G 9 36.00 38.90 -40.69
CA SER G 9 35.38 37.60 -40.53
C SER G 9 35.65 37.06 -39.13
N ALA G 10 34.63 36.47 -38.53
CA ALA G 10 34.73 35.89 -37.21
C ALA G 10 33.69 34.79 -37.07
N GLN G 11 33.69 34.14 -35.91
CA GLN G 11 32.67 33.17 -35.56
C GLN G 11 31.98 33.68 -34.31
N ILE G 12 30.67 33.92 -34.40
CA ILE G 12 29.87 34.25 -33.24
C ILE G 12 29.55 32.94 -32.53
N ARG G 13 30.20 32.70 -31.40
CA ARG G 13 29.90 31.56 -30.55
C ARG G 13 28.99 32.05 -29.43
N LEU G 14 27.81 31.46 -29.33
CA LEU G 14 26.91 31.85 -28.26
C LEU G 14 27.44 31.27 -26.95
N GLU G 15 27.30 32.04 -25.89
CA GLU G 15 27.66 31.60 -24.55
C GLU G 15 26.47 31.28 -23.71
N THR G 16 25.33 31.89 -24.01
CA THR G 16 24.02 31.50 -23.52
C THR G 16 23.12 31.29 -24.73
N GLY G 17 21.92 30.76 -24.48
CA GLY G 17 20.98 30.59 -25.57
C GLY G 17 20.53 31.92 -26.14
N LEU G 18 20.35 31.95 -27.46
CA LEU G 18 19.99 33.17 -28.18
C LEU G 18 18.57 33.06 -28.69
N HIS G 19 17.75 34.07 -28.40
CA HIS G 19 16.39 34.13 -28.90
C HIS G 19 16.20 35.45 -29.63
N ILE G 20 16.25 35.44 -30.95
CA ILE G 20 15.98 36.67 -31.69
C ILE G 20 14.48 36.76 -31.93
N GLY G 21 13.88 35.80 -32.61
CA GLY G 21 12.45 35.79 -32.67
C GLY G 21 11.83 36.19 -34.00
N GLY G 22 10.88 35.39 -34.46
CA GLY G 22 10.21 35.65 -35.72
C GLY G 22 8.72 35.88 -35.57
N SER G 23 7.91 35.02 -36.16
CA SER G 23 6.46 35.15 -36.13
C SER G 23 5.82 33.91 -35.56
N ASP G 24 4.73 34.12 -34.82
CA ASP G 24 4.02 33.01 -34.19
C ASP G 24 3.32 32.13 -35.22
N ALA G 25 2.90 32.71 -36.35
CA ALA G 25 2.20 31.94 -37.37
C ALA G 25 3.12 30.97 -38.10
N PHE G 26 4.43 31.23 -38.10
CA PHE G 26 5.39 30.45 -38.86
C PHE G 26 6.18 29.49 -37.98
N ALA G 27 5.61 29.13 -36.83
CA ALA G 27 6.25 28.18 -35.94
C ALA G 27 5.92 26.76 -36.37
N ALA G 28 6.45 25.78 -35.65
CA ALA G 28 6.15 24.39 -35.90
C ALA G 28 4.77 24.04 -35.37
N ILE G 29 4.13 23.06 -36.01
CA ILE G 29 2.80 22.63 -35.60
C ILE G 29 2.91 21.89 -34.27
N GLY G 30 2.09 22.30 -33.31
CA GLY G 30 2.10 21.73 -31.98
C GLY G 30 2.98 22.46 -30.98
N ALA G 31 3.77 23.44 -31.42
CA ALA G 31 4.64 24.19 -30.54
C ALA G 31 3.91 25.41 -30.00
N ILE G 32 4.01 25.63 -28.70
CA ILE G 32 3.42 26.80 -28.05
C ILE G 32 4.48 27.78 -27.54
N ASP G 33 5.73 27.56 -27.88
CA ASP G 33 6.81 28.44 -27.47
C ASP G 33 6.90 29.66 -28.38
N SER G 34 7.78 30.59 -28.02
CA SER G 34 8.04 31.76 -28.87
C SER G 34 9.12 31.41 -29.87
N PRO G 35 8.81 31.35 -31.16
CA PRO G 35 9.79 30.86 -32.14
C PRO G 35 10.87 31.88 -32.47
N VAL G 36 12.05 31.35 -32.79
CA VAL G 36 13.17 32.18 -33.24
C VAL G 36 13.14 32.26 -34.76
N ILE G 37 13.88 33.23 -35.30
CA ILE G 37 13.98 33.38 -36.75
C ILE G 37 14.83 32.26 -37.31
N LYS G 38 14.34 31.64 -38.39
CA LYS G 38 15.00 30.47 -38.95
C LYS G 38 15.16 30.64 -40.45
N ASP G 39 16.07 29.87 -41.01
CA ASP G 39 16.21 29.81 -42.46
C ASP G 39 15.00 29.10 -43.05
N PRO G 40 14.43 29.62 -44.14
CA PRO G 40 13.25 28.97 -44.74
C PRO G 40 13.52 27.59 -45.32
N ILE G 41 14.78 27.24 -45.61
CA ILE G 41 15.09 25.96 -46.23
C ILE G 41 15.54 24.97 -45.16
N THR G 42 16.63 25.28 -44.48
CA THR G 42 17.22 24.35 -43.52
C THR G 42 16.49 24.33 -42.17
N ASN G 43 15.67 25.35 -41.90
CA ASN G 43 14.95 25.53 -40.63
C ASN G 43 15.96 25.61 -39.48
N LEU G 44 17.10 26.23 -39.74
CA LEU G 44 18.12 26.41 -38.73
C LEU G 44 18.08 27.85 -38.24
N PRO G 45 18.37 28.09 -36.95
CA PRO G 45 18.42 29.47 -36.45
C PRO G 45 19.51 30.27 -37.15
N ILE G 46 19.21 31.55 -37.40
CA ILE G 46 20.13 32.46 -38.05
C ILE G 46 20.23 33.72 -37.21
N ILE G 47 21.30 34.48 -37.44
CA ILE G 47 21.46 35.80 -36.84
C ILE G 47 21.36 36.82 -37.97
N PRO G 48 20.21 37.46 -38.16
CA PRO G 48 20.09 38.45 -39.24
C PRO G 48 21.01 39.64 -39.01
N GLY G 49 21.54 40.18 -40.10
CA GLY G 49 22.44 41.30 -40.05
C GLY G 49 21.78 42.59 -39.59
N SER G 50 20.46 42.67 -39.71
CA SER G 50 19.74 43.80 -39.16
C SER G 50 19.82 43.85 -37.64
N SER G 51 19.73 42.69 -36.96
CA SER G 51 19.89 42.64 -35.51
C SER G 51 21.29 43.08 -35.09
N LEU G 52 22.31 42.57 -35.79
CA LEU G 52 23.69 42.92 -35.48
C LEU G 52 23.94 44.40 -35.70
N LYS G 53 23.50 44.93 -36.85
CA LYS G 53 23.69 46.34 -37.16
C LYS G 53 22.97 47.24 -36.16
N GLY G 54 21.73 46.88 -35.80
CA GLY G 54 20.98 47.68 -34.86
C GLY G 54 21.56 47.68 -33.46
N LYS G 55 21.96 46.51 -32.96
CA LYS G 55 22.56 46.43 -31.64
C LYS G 55 23.91 47.16 -31.59
N MET G 56 24.75 46.97 -32.62
CA MET G 56 25.99 47.74 -32.72
C MET G 56 25.78 49.24 -32.74
N ARG G 57 24.83 49.70 -33.56
CA ARG G 57 24.59 51.14 -33.66
C ARG G 57 24.08 51.71 -32.34
N THR G 58 23.14 51.01 -31.69
CA THR G 58 22.62 51.48 -30.40
C THR G 58 23.70 51.49 -29.33
N LEU G 59 24.56 50.47 -29.31
CA LEU G 59 25.62 50.43 -28.30
C LEU G 59 26.68 51.49 -28.55
N LEU G 60 27.02 51.73 -29.82
CA LEU G 60 28.00 52.75 -30.14
C LEU G 60 27.45 54.15 -29.99
N ALA G 61 26.12 54.32 -30.02
CA ALA G 61 25.53 55.63 -29.80
C ALA G 61 25.76 56.16 -28.39
N LYS G 62 26.05 55.28 -27.44
CA LYS G 62 26.37 55.72 -26.09
C LYS G 62 27.84 56.06 -25.89
N VAL G 63 28.68 55.78 -26.88
CA VAL G 63 30.11 56.03 -26.79
C VAL G 63 30.54 57.18 -27.68
N TYR G 64 30.02 57.24 -28.90
CA TYR G 64 30.55 58.16 -29.87
C TYR G 64 29.55 59.26 -30.23
N ASN G 65 28.55 59.48 -29.39
CA ASN G 65 27.63 60.61 -29.52
C ASN G 65 27.83 61.55 -28.36
N GLU G 66 28.09 62.82 -28.67
CA GLU G 66 28.23 63.84 -27.63
C GLU G 66 26.87 64.20 -27.03
N LYS G 67 25.81 64.10 -27.82
CA LYS G 67 24.47 64.42 -27.37
C LYS G 67 23.56 63.25 -27.71
N VAL G 68 22.67 62.91 -26.77
CA VAL G 68 21.78 61.77 -26.92
C VAL G 68 20.88 61.97 -28.13
N ALA G 69 21.05 61.12 -29.14
CA ALA G 69 20.30 61.27 -30.38
C ALA G 69 18.86 60.87 -30.19
N GLU G 70 17.95 61.75 -30.61
CA GLU G 70 16.54 61.44 -30.52
C GLU G 70 16.17 60.30 -31.45
N LYS G 71 16.81 60.25 -32.62
CA LYS G 71 16.54 59.31 -33.68
C LYS G 71 17.88 58.91 -34.29
N PRO G 72 17.96 57.78 -35.00
CA PRO G 72 19.25 57.40 -35.63
C PRO G 72 19.76 58.40 -36.65
N SER G 73 18.91 59.26 -37.21
CA SER G 73 19.36 60.28 -38.13
C SER G 73 20.09 61.42 -37.41
N ASP G 74 20.08 61.43 -36.08
CA ASP G 74 20.74 62.45 -35.27
C ASP G 74 22.12 62.00 -34.80
N ASP G 75 22.63 60.89 -35.33
CA ASP G 75 23.88 60.34 -34.86
C ASP G 75 25.04 61.23 -35.30
N SER G 76 26.20 60.98 -34.70
CA SER G 76 27.40 61.78 -34.96
C SER G 76 27.93 61.46 -36.37
N ASP G 77 29.03 62.12 -36.73
CA ASP G 77 29.60 61.93 -38.06
C ASP G 77 30.19 60.54 -38.25
N ILE G 78 30.83 59.98 -37.22
CA ILE G 78 31.44 58.65 -37.33
C ILE G 78 30.36 57.60 -37.51
N LEU G 79 29.32 57.68 -36.69
CA LEU G 79 28.25 56.69 -36.73
C LEU G 79 27.44 56.81 -37.99
N SER G 80 27.24 58.03 -38.46
CA SER G 80 26.50 58.23 -39.69
C SER G 80 27.31 57.78 -40.90
N ARG G 81 28.62 58.02 -40.89
CA ARG G 81 29.44 57.61 -42.02
C ARG G 81 29.68 56.11 -42.04
N LEU G 82 29.55 55.44 -40.90
CA LEU G 82 29.71 53.99 -40.89
C LEU G 82 28.39 53.28 -41.17
N PHE G 83 27.32 53.64 -40.47
CA PHE G 83 26.05 52.92 -40.53
C PHE G 83 25.05 53.51 -41.50
N GLY G 84 25.31 54.70 -42.02
CA GLY G 84 24.39 55.30 -42.96
C GLY G 84 23.42 56.25 -42.29
N ASN G 85 22.97 57.24 -43.06
CA ASN G 85 22.06 58.28 -42.60
C ASN G 85 21.15 58.65 -43.75
N SER G 86 19.85 58.38 -43.61
CA SER G 86 18.90 58.68 -44.66
C SER G 86 18.66 60.18 -44.83
N LYS G 87 18.99 60.99 -43.83
CA LYS G 87 18.73 62.42 -43.87
C LYS G 87 19.99 63.25 -44.03
N ASP G 88 21.13 62.62 -44.27
CA ASP G 88 22.39 63.32 -44.50
C ASP G 88 22.90 63.02 -45.89
N LYS G 89 23.14 64.07 -46.69
CA LYS G 89 23.48 63.88 -48.09
C LYS G 89 24.79 63.11 -48.26
N ARG G 90 25.80 63.42 -47.44
CA ARG G 90 27.11 62.83 -47.63
C ARG G 90 27.25 61.47 -46.98
N PHE G 91 26.26 61.03 -46.21
CA PHE G 91 26.35 59.77 -45.48
C PHE G 91 25.19 58.83 -45.81
N LYS G 92 24.54 59.01 -46.96
CA LYS G 92 23.42 58.14 -47.34
C LYS G 92 23.83 56.67 -47.44
N MET G 93 24.98 56.41 -48.04
CA MET G 93 25.50 55.05 -48.15
C MET G 93 26.64 54.90 -47.15
N GLY G 94 26.41 54.13 -46.09
CA GLY G 94 27.46 53.86 -45.13
C GLY G 94 28.52 52.92 -45.69
N ARG G 95 29.68 52.92 -45.03
CA ARG G 95 30.80 52.12 -45.50
C ARG G 95 30.90 50.81 -44.73
N LEU G 96 29.78 50.31 -44.21
CA LEU G 96 29.73 49.03 -43.50
C LEU G 96 28.59 48.20 -44.07
N ILE G 97 28.87 46.93 -44.34
CA ILE G 97 27.87 45.97 -44.79
C ILE G 97 27.86 44.83 -43.78
N PHE G 98 26.76 44.70 -43.05
CA PHE G 98 26.56 43.56 -42.18
C PHE G 98 25.89 42.46 -42.98
N ARG G 99 26.14 41.22 -42.58
CA ARG G 99 25.61 40.06 -43.30
C ARG G 99 24.87 39.15 -42.33
N ASP G 100 23.92 38.39 -42.87
CA ASP G 100 23.23 37.39 -42.08
C ASP G 100 24.19 36.27 -41.73
N ALA G 101 24.21 35.87 -40.47
CA ALA G 101 25.06 34.80 -39.98
C ALA G 101 24.26 33.51 -39.93
N PHE G 102 24.87 32.43 -40.42
CA PHE G 102 24.21 31.14 -40.50
C PHE G 102 25.00 30.12 -39.69
N LEU G 103 24.29 29.11 -39.19
CA LEU G 103 24.89 28.09 -38.35
C LEU G 103 25.98 27.35 -39.12
N SER G 104 27.19 27.36 -38.57
CA SER G 104 28.36 26.82 -39.24
C SER G 104 28.89 25.55 -38.63
N ASN G 105 28.61 25.28 -37.36
CA ASN G 105 29.12 24.09 -36.68
C ASN G 105 28.04 23.04 -36.46
N ALA G 106 27.12 22.90 -37.41
CA ALA G 106 26.05 21.91 -37.28
C ALA G 106 26.59 20.49 -37.22
N ASP G 107 27.68 20.22 -37.95
CA ASP G 107 28.31 18.90 -37.89
C ASP G 107 28.93 18.64 -36.52
N GLU G 108 29.58 19.65 -35.92
CA GLU G 108 30.13 19.49 -34.59
C GLU G 108 29.03 19.28 -33.55
N LEU G 109 27.91 19.98 -33.71
CA LEU G 109 26.76 19.75 -32.84
C LEU G 109 26.23 18.33 -33.00
N ASP G 110 26.15 17.84 -34.24
CA ASP G 110 25.69 16.47 -34.47
C ASP G 110 26.61 15.44 -33.84
N SER G 111 27.93 15.64 -33.95
CA SER G 111 28.88 14.70 -33.35
C SER G 111 28.82 14.74 -31.83
N LEU G 112 28.36 15.83 -31.25
CA LEU G 112 28.17 15.92 -29.81
C LEU G 112 26.84 15.37 -29.38
N GLY G 113 26.03 14.86 -30.32
CA GLY G 113 24.79 14.16 -30.04
C GLY G 113 23.58 15.00 -29.73
N VAL G 114 23.54 16.22 -30.20
CA VAL G 114 22.35 17.04 -30.01
C VAL G 114 21.31 16.60 -31.03
N ARG G 115 20.06 16.56 -30.59
CA ARG G 115 18.96 16.15 -31.45
C ARG G 115 18.20 17.33 -32.05
N SER G 116 18.29 18.51 -31.44
CA SER G 116 17.70 19.72 -32.00
C SER G 116 18.71 20.85 -31.87
N TYR G 117 18.62 21.78 -32.81
CA TYR G 117 19.43 22.99 -32.78
C TYR G 117 18.76 24.14 -32.04
N THR G 118 17.57 23.91 -31.50
CA THR G 118 16.90 24.88 -30.66
C THR G 118 16.34 24.17 -29.45
N GLU G 119 16.57 24.74 -28.28
CA GLU G 119 15.97 24.27 -27.04
C GLU G 119 14.74 25.10 -26.72
N VAL G 120 13.96 24.61 -25.75
CA VAL G 120 12.81 25.33 -25.24
C VAL G 120 13.09 25.61 -23.77
N LYS G 121 13.27 26.89 -23.44
CA LYS G 121 13.48 27.30 -22.06
C LYS G 121 12.14 27.55 -21.41
N PHE G 122 11.94 26.95 -20.24
CA PHE G 122 10.71 27.06 -19.48
C PHE G 122 10.92 28.02 -18.33
N GLU G 123 10.03 28.99 -18.20
CA GLU G 123 10.07 30.01 -17.16
C GLU G 123 8.67 30.18 -16.60
N ASN G 124 8.56 30.98 -15.54
CA ASN G 124 7.24 31.33 -15.02
C ASN G 124 7.32 32.67 -14.33
N THR G 125 6.17 33.32 -14.20
CA THR G 125 6.05 34.58 -13.49
C THR G 125 5.22 34.36 -12.23
N ILE G 126 5.70 34.88 -11.12
CA ILE G 126 5.08 34.70 -9.83
C ILE G 126 4.38 36.00 -9.47
N ASP G 127 3.08 35.93 -9.22
CA ASP G 127 2.30 37.10 -8.83
C ASP G 127 2.83 37.66 -7.52
N ARG G 128 2.95 38.98 -7.46
CA ARG G 128 3.56 39.62 -6.29
C ARG G 128 2.70 39.45 -5.04
N ILE G 129 1.38 39.39 -5.19
CA ILE G 129 0.46 39.32 -4.07
C ILE G 129 -0.08 37.91 -3.88
N THR G 130 -0.57 37.29 -4.94
CA THR G 130 -1.20 35.97 -4.82
C THR G 130 -0.22 34.82 -4.94
N ALA G 131 1.02 35.08 -5.39
CA ALA G 131 2.09 34.10 -5.54
C ALA G 131 1.75 32.99 -6.53
N GLU G 132 0.82 33.24 -7.45
CA GLU G 132 0.49 32.27 -8.49
C GLU G 132 1.55 32.26 -9.57
N ALA G 133 1.89 31.06 -10.03
CA ALA G 133 2.91 30.86 -11.05
C ALA G 133 2.24 30.68 -12.41
N ASN G 134 2.54 31.58 -13.34
CA ASN G 134 2.07 31.46 -14.70
C ASN G 134 3.23 31.02 -15.57
N PRO G 135 3.19 29.83 -16.17
CA PRO G 135 4.33 29.34 -16.93
C PRO G 135 4.38 29.96 -18.33
N ARG G 136 5.54 29.80 -18.96
CA ARG G 136 5.81 30.33 -20.28
C ARG G 136 7.06 29.65 -20.86
N GLN G 137 6.97 29.20 -22.09
CA GLN G 137 8.11 28.58 -22.72
C GLN G 137 8.49 29.36 -23.96
N ILE G 138 9.79 29.53 -24.17
CA ILE G 138 10.27 30.21 -25.38
C ILE G 138 11.36 29.36 -26.03
N GLU G 139 11.62 29.64 -27.29
CA GLU G 139 12.63 28.91 -28.05
C GLU G 139 13.95 29.67 -28.03
N ARG G 140 15.04 28.92 -27.88
CA ARG G 140 16.38 29.50 -27.87
C ARG G 140 17.28 28.65 -28.77
N ALA G 141 18.31 29.27 -29.31
CA ALA G 141 19.33 28.55 -30.03
C ALA G 141 20.25 27.87 -29.02
N ILE G 142 20.80 26.72 -29.43
CA ILE G 142 21.70 25.95 -28.57
C ILE G 142 22.90 26.80 -28.17
N ARG G 143 23.36 26.58 -26.93
CA ARG G 143 24.35 27.46 -26.33
C ARG G 143 25.64 27.47 -27.13
N ASN G 144 26.22 26.32 -27.44
CA ASN G 144 27.52 26.33 -28.09
C ASN G 144 27.44 26.42 -29.62
N SER G 145 26.33 26.93 -30.16
CA SER G 145 26.20 27.12 -31.59
C SER G 145 27.16 28.20 -32.07
N THR G 146 27.65 28.03 -33.29
CA THR G 146 28.61 28.94 -33.91
C THR G 146 28.05 29.43 -35.23
N PHE G 147 28.13 30.74 -35.46
CA PHE G 147 27.62 31.36 -36.67
C PHE G 147 28.76 32.10 -37.36
N ASP G 148 28.68 32.20 -38.68
CA ASP G 148 29.74 32.84 -39.47
C ASP G 148 29.42 34.32 -39.61
N PHE G 149 30.26 35.17 -39.03
CA PHE G 149 30.06 36.61 -39.02
C PHE G 149 30.98 37.24 -40.05
N GLU G 150 30.41 38.02 -40.97
CA GLU G 150 31.16 38.74 -41.99
C GLU G 150 30.69 40.19 -42.01
N LEU G 151 31.64 41.11 -41.98
CA LEU G 151 31.36 42.54 -42.00
C LEU G 151 32.27 43.19 -43.02
N ILE G 152 31.69 43.75 -44.07
CA ILE G 152 32.46 44.37 -45.14
C ILE G 152 32.63 45.85 -44.83
N TYR G 153 33.83 46.37 -45.07
CA TYR G 153 34.14 47.78 -44.87
C TYR G 153 34.76 48.32 -46.14
N GLU G 154 34.26 49.45 -46.62
CA GLU G 154 34.64 50.00 -47.91
C GLU G 154 35.52 51.24 -47.71
N ILE G 155 36.65 51.29 -48.40
CA ILE G 155 37.57 52.41 -48.35
C ILE G 155 37.60 53.10 -49.70
N THR G 156 37.36 54.40 -49.70
CA THR G 156 37.41 55.22 -50.91
C THR G 156 38.37 56.39 -50.69
N ASP G 157 38.41 57.33 -51.65
CA ASP G 157 39.16 58.58 -51.45
C ASP G 157 38.65 59.40 -50.27
N GLU G 158 37.38 59.24 -49.91
CA GLU G 158 36.81 60.01 -48.83
C GLU G 158 37.15 59.44 -47.47
N ASN G 159 37.75 58.25 -47.44
CA ASN G 159 37.89 57.55 -46.19
C ASN G 159 39.30 57.47 -45.73
N GLU G 160 40.24 57.89 -46.59
CA GLU G 160 41.65 57.57 -46.41
C GLU G 160 42.22 58.18 -45.13
N ASN G 161 41.65 59.29 -44.65
CA ASN G 161 42.16 59.91 -43.44
C ASN G 161 41.31 59.45 -42.23
N GLN G 162 40.33 58.59 -42.45
CA GLN G 162 39.47 58.16 -41.35
C GLN G 162 39.46 56.64 -41.19
N VAL G 163 40.38 55.92 -41.82
CA VAL G 163 40.35 54.47 -41.80
C VAL G 163 40.64 53.94 -40.39
N GLU G 164 41.62 54.53 -39.71
CA GLU G 164 42.02 54.08 -38.38
C GLU G 164 40.92 54.36 -37.35
N GLU G 165 40.22 55.50 -37.47
CA GLU G 165 39.14 55.80 -36.56
C GLU G 165 37.99 54.84 -36.79
N ASP G 166 37.72 54.51 -38.06
CA ASP G 166 36.68 53.55 -38.38
C ASP G 166 37.03 52.16 -37.85
N PHE G 167 38.29 51.77 -37.96
CA PHE G 167 38.73 50.49 -37.40
C PHE G 167 38.58 50.46 -35.90
N LYS G 168 38.94 51.56 -35.22
CA LYS G 168 38.78 51.64 -33.77
C LYS G 168 37.32 51.55 -33.37
N VAL G 169 36.43 52.20 -34.12
CA VAL G 169 35.00 52.13 -33.82
C VAL G 169 34.47 50.73 -34.04
N ILE G 170 34.94 50.04 -35.08
CA ILE G 170 34.49 48.68 -35.35
C ILE G 170 34.93 47.73 -34.23
N ARG G 171 36.19 47.85 -33.79
CA ARG G 171 36.67 47.05 -32.66
C ARG G 171 35.89 47.34 -31.39
N ASP G 172 35.60 48.61 -31.12
CA ASP G 172 34.82 48.98 -29.95
C ASP G 172 33.41 48.42 -30.04
N GLY G 173 32.82 48.44 -31.23
CA GLY G 173 31.48 47.91 -31.38
C GLY G 173 31.42 46.40 -31.17
N LEU G 174 32.40 45.66 -31.70
CA LEU G 174 32.47 44.22 -31.45
C LEU G 174 32.68 43.92 -29.97
N LYS G 175 33.54 44.70 -29.30
CA LYS G 175 33.77 44.51 -27.87
C LYS G 175 32.51 44.80 -27.05
N LEU G 176 31.80 45.88 -27.40
CA LEU G 176 30.55 46.22 -26.74
C LEU G 176 29.48 45.16 -26.94
N LEU G 177 29.40 44.60 -28.14
CA LEU G 177 28.45 43.51 -28.37
C LEU G 177 28.81 42.30 -27.54
N GLU G 178 30.11 42.02 -27.40
CA GLU G 178 30.54 40.93 -26.51
C GLU G 178 30.17 41.23 -25.06
N LEU G 179 30.19 42.49 -24.66
CA LEU G 179 29.83 42.89 -23.30
C LEU G 179 28.34 43.10 -23.10
N ASP G 180 27.55 43.00 -24.17
CA ASP G 180 26.10 43.13 -24.11
C ASP G 180 25.53 41.81 -24.65
N TYR G 181 24.23 41.77 -24.86
CA TYR G 181 23.51 40.65 -25.44
C TYR G 181 23.11 40.96 -26.87
N LEU G 182 23.16 39.92 -27.70
CA LEU G 182 22.51 40.02 -28.99
C LEU G 182 21.03 39.78 -28.80
N GLY G 183 20.23 40.43 -29.66
CA GLY G 183 18.80 40.67 -29.51
C GLY G 183 17.97 39.57 -28.89
N GLY G 184 17.20 39.92 -27.86
CA GLY G 184 16.39 38.95 -27.15
C GLY G 184 16.21 39.38 -25.72
N SER G 185 15.80 38.42 -24.89
CA SER G 185 15.55 38.69 -23.47
C SER G 185 16.83 38.59 -22.66
N GLY G 186 17.81 39.42 -23.02
CA GLY G 186 19.15 39.25 -22.50
C GLY G 186 19.44 39.86 -21.17
N SER G 187 18.53 40.68 -20.62
CA SER G 187 18.68 41.06 -19.22
C SER G 187 18.44 39.88 -18.28
N ARG G 188 17.82 38.81 -18.78
CA ARG G 188 17.59 37.58 -18.04
C ARG G 188 18.50 36.45 -18.49
N GLY G 189 19.66 36.76 -19.05
CA GLY G 189 20.66 35.76 -19.33
C GLY G 189 20.67 35.19 -20.73
N TYR G 190 20.26 35.95 -21.74
CA TYR G 190 20.22 35.46 -23.10
C TYR G 190 21.23 36.20 -23.95
N GLY G 191 21.56 35.58 -25.09
CA GLY G 191 22.25 36.29 -26.14
C GLY G 191 23.67 36.70 -25.87
N LYS G 192 24.31 36.17 -24.84
CA LYS G 192 25.74 36.43 -24.65
C LYS G 192 26.52 35.74 -25.76
N VAL G 193 27.40 36.50 -26.43
CA VAL G 193 28.14 36.01 -27.58
C VAL G 193 29.62 36.32 -27.45
N ALA G 194 30.40 35.61 -28.25
CA ALA G 194 31.83 35.86 -28.35
C ALA G 194 32.22 35.82 -29.82
N PHE G 195 33.20 36.65 -30.17
CA PHE G 195 33.72 36.73 -31.52
C PHE G 195 35.08 36.03 -31.56
N GLU G 196 35.11 34.83 -32.10
CA GLU G 196 36.31 34.01 -32.13
C GLU G 196 36.90 34.03 -33.53
N ASN G 197 38.24 33.91 -33.60
CA ASN G 197 39.02 33.97 -34.84
C ASN G 197 38.71 35.25 -35.62
N LEU G 198 38.57 36.35 -34.89
CA LEU G 198 38.23 37.63 -35.48
C LEU G 198 39.44 38.19 -36.21
N LYS G 199 39.35 38.28 -37.53
CA LYS G 199 40.44 38.79 -38.34
C LYS G 199 39.87 39.59 -39.50
N ALA G 200 40.69 40.48 -40.03
CA ALA G 200 40.32 41.33 -41.16
C ALA G 200 41.28 41.09 -42.31
N THR G 201 40.74 40.80 -43.48
CA THR G 201 41.52 40.60 -44.69
C THR G 201 41.04 41.53 -45.78
N THR G 202 41.93 41.95 -46.65
CA THR G 202 41.57 42.81 -47.78
C THR G 202 41.05 41.94 -48.91
N VAL G 203 39.74 41.96 -49.13
CA VAL G 203 39.14 41.18 -50.21
C VAL G 203 39.10 41.92 -51.54
N PHE G 204 39.20 43.25 -51.53
CA PHE G 204 39.33 44.00 -52.78
C PHE G 204 40.29 45.15 -52.59
N GLY G 205 41.00 45.49 -53.66
CA GLY G 205 41.95 46.58 -53.61
C GLY G 205 43.22 46.18 -52.89
N ASN G 206 44.00 47.19 -52.55
CA ASN G 206 45.25 47.01 -51.82
C ASN G 206 45.19 47.82 -50.54
N TYR G 207 45.29 47.14 -49.40
CA TYR G 207 45.38 47.80 -48.11
C TYR G 207 46.11 46.88 -47.14
N ASP G 208 46.92 47.47 -46.27
CA ASP G 208 47.70 46.71 -45.31
C ASP G 208 46.90 46.57 -44.02
N VAL G 209 46.60 45.32 -43.64
CA VAL G 209 45.80 45.04 -42.46
C VAL G 209 46.65 44.30 -41.43
N LYS G 210 47.95 44.56 -41.43
CA LYS G 210 48.82 43.88 -40.48
C LYS G 210 48.64 44.41 -39.07
N THR G 211 48.77 45.74 -38.90
CA THR G 211 48.55 46.34 -37.59
C THR G 211 47.11 46.19 -37.12
N LEU G 212 46.15 46.21 -38.06
CA LEU G 212 44.75 46.01 -37.70
C LEU G 212 44.52 44.60 -37.21
N ASN G 213 45.16 43.62 -37.84
CA ASN G 213 45.05 42.23 -37.40
C ASN G 213 45.69 42.03 -36.03
N GLU G 214 46.84 42.68 -35.80
CA GLU G 214 47.49 42.59 -34.49
C GLU G 214 46.61 43.19 -33.40
N LEU G 215 46.00 44.35 -33.67
CA LEU G 215 45.11 44.98 -32.71
C LEU G 215 43.84 44.14 -32.49
N LEU G 216 43.33 43.52 -33.56
CA LEU G 216 42.15 42.67 -33.45
C LEU G 216 42.43 41.44 -32.60
N THR G 217 43.60 40.83 -32.77
CA THR G 217 43.94 39.65 -31.99
C THR G 217 44.21 40.01 -30.53
N ALA G 218 44.86 41.15 -30.29
CA ALA G 218 45.19 41.51 -28.92
C ALA G 218 43.99 42.05 -28.14
N GLU G 219 43.09 42.77 -28.82
CA GLU G 219 42.01 43.47 -28.15
C GLU G 219 40.66 42.76 -28.23
N VAL G 220 40.40 42.04 -29.32
CA VAL G 220 39.14 41.35 -29.59
C VAL G 220 37.96 42.32 -29.57
N THR H 2 13.14 32.23 -112.33
CA THR H 2 12.00 31.65 -111.63
C THR H 2 11.44 32.63 -110.60
N PHE H 3 10.19 33.04 -110.80
CA PHE H 3 9.53 33.97 -109.90
C PHE H 3 8.83 33.16 -108.80
N ALA H 4 9.40 33.17 -107.60
CA ALA H 4 8.84 32.50 -106.44
C ALA H 4 8.84 33.47 -105.27
N LYS H 5 8.14 33.12 -104.18
CA LYS H 5 8.20 33.95 -102.98
C LYS H 5 8.31 32.97 -101.82
N ILE H 6 9.35 33.10 -101.01
CA ILE H 6 9.54 32.25 -99.83
C ILE H 6 9.08 33.00 -98.60
N LYS H 7 8.49 32.28 -97.63
CA LYS H 7 7.84 32.89 -96.50
C LYS H 7 8.42 32.22 -95.25
N PHE H 8 9.36 32.91 -94.60
CA PHE H 8 9.90 32.50 -93.32
C PHE H 8 8.85 32.80 -92.26
N SER H 9 8.20 31.76 -91.74
CA SER H 9 7.19 31.91 -90.71
C SER H 9 7.71 31.33 -89.40
N ALA H 10 7.39 32.00 -88.30
CA ALA H 10 7.83 31.58 -86.99
C ALA H 10 6.93 32.20 -85.94
N GLN H 11 7.14 31.76 -84.70
CA GLN H 11 6.49 32.34 -83.54
C GLN H 11 7.59 33.00 -82.71
N ILE H 12 7.56 34.33 -82.63
CA ILE H 12 8.47 35.07 -81.77
C ILE H 12 7.93 34.96 -80.35
N ARG H 13 8.62 34.19 -79.51
CA ARG H 13 8.29 34.10 -78.10
C ARG H 13 9.23 34.99 -77.32
N LEU H 14 8.67 35.94 -76.57
CA LEU H 14 9.49 36.78 -75.74
C LEU H 14 10.02 35.95 -74.57
N GLU H 15 11.27 36.19 -74.19
CA GLU H 15 11.85 35.57 -73.03
C GLU H 15 12.09 36.54 -71.91
N THR H 16 11.99 37.84 -72.19
CA THR H 16 11.90 38.89 -71.20
C THR H 16 10.84 39.88 -71.67
N GLY H 17 10.49 40.82 -70.80
CA GLY H 17 9.50 41.82 -71.17
C GLY H 17 9.97 42.71 -72.29
N LEU H 18 9.12 42.94 -73.27
CA LEU H 18 9.45 43.76 -74.44
C LEU H 18 8.79 45.12 -74.35
N HIS H 19 9.53 46.16 -74.70
CA HIS H 19 8.98 47.52 -74.72
C HIS H 19 9.31 48.17 -76.05
N ILE H 20 8.46 47.97 -77.05
CA ILE H 20 8.68 48.67 -78.31
C ILE H 20 8.27 50.14 -78.19
N GLY H 21 7.17 50.42 -77.53
CA GLY H 21 6.87 51.80 -77.22
C GLY H 21 6.15 52.56 -78.31
N GLY H 22 5.00 53.14 -77.97
CA GLY H 22 4.21 53.90 -78.93
C GLY H 22 3.91 55.28 -78.38
N SER H 23 3.37 56.12 -79.26
CA SER H 23 3.01 57.48 -78.89
C SER H 23 1.91 57.46 -77.83
N ASP H 24 1.97 58.43 -76.93
CA ASP H 24 1.10 58.43 -75.76
C ASP H 24 -0.37 58.54 -76.17
N ALA H 25 -0.70 59.50 -77.01
CA ALA H 25 -2.05 59.68 -77.45
C ALA H 25 -2.48 58.88 -78.63
N PHE H 26 -1.55 58.16 -79.25
CA PHE H 26 -1.88 57.40 -80.46
C PHE H 26 -2.34 56.01 -80.12
N ALA H 27 -1.51 55.26 -79.38
CA ALA H 27 -1.83 53.88 -79.00
C ALA H 27 -2.80 53.91 -77.85
N ALA H 28 -3.82 54.78 -77.92
CA ALA H 28 -4.77 55.00 -76.84
C ALA H 28 -4.11 55.92 -75.82
N ILE H 29 -4.89 56.66 -75.04
CA ILE H 29 -4.31 57.50 -73.98
C ILE H 29 -3.93 56.58 -72.82
N GLY H 30 -2.61 56.41 -72.60
CA GLY H 30 -2.12 55.51 -71.55
C GLY H 30 -1.67 56.31 -70.34
N ALA H 31 -2.15 55.89 -69.15
CA ALA H 31 -1.81 56.57 -67.91
C ALA H 31 -0.33 56.45 -67.63
N ILE H 32 0.24 55.27 -67.95
CA ILE H 32 1.67 55.02 -67.68
C ILE H 32 2.50 56.02 -68.48
N ASP H 33 3.74 56.30 -68.01
CA ASP H 33 4.56 57.30 -68.68
C ASP H 33 5.12 56.78 -70.00
N SER H 34 5.44 55.49 -70.09
CA SER H 34 6.05 54.90 -71.28
C SER H 34 5.20 53.73 -71.75
N PRO H 35 4.10 54.00 -72.47
CA PRO H 35 3.27 52.91 -72.97
C PRO H 35 3.93 52.18 -74.13
N VAL H 36 3.50 50.94 -74.34
CA VAL H 36 3.98 50.11 -75.44
C VAL H 36 2.97 50.23 -76.58
N ILE H 37 3.43 49.95 -77.80
CA ILE H 37 2.57 50.03 -78.97
C ILE H 37 1.60 48.84 -78.98
N LYS H 38 0.37 49.10 -79.42
CA LYS H 38 -0.69 48.11 -79.37
C LYS H 38 -1.50 48.17 -80.66
N ASP H 39 -2.34 47.16 -80.82
CA ASP H 39 -3.30 47.14 -81.91
C ASP H 39 -4.43 48.12 -81.61
N PRO H 40 -4.86 48.91 -82.60
CA PRO H 40 -5.91 49.91 -82.34
C PRO H 40 -7.28 49.35 -82.01
N ILE H 41 -7.55 48.06 -82.26
CA ILE H 41 -8.84 47.44 -81.96
C ILE H 41 -8.74 46.46 -80.79
N THR H 42 -7.95 45.40 -80.97
CA THR H 42 -7.86 44.37 -79.94
C THR H 42 -7.10 44.85 -78.70
N ASN H 43 -6.35 45.96 -78.80
CA ASN H 43 -5.56 46.55 -77.72
C ASN H 43 -4.56 45.51 -77.19
N LEU H 44 -4.04 44.72 -78.08
CA LEU H 44 -3.00 43.80 -77.68
C LEU H 44 -1.67 44.27 -78.22
N PRO H 45 -0.56 44.06 -77.49
CA PRO H 45 0.75 44.51 -77.99
C PRO H 45 1.14 43.82 -79.28
N ILE H 46 1.85 44.55 -80.13
CA ILE H 46 2.27 44.05 -81.43
C ILE H 46 3.74 44.38 -81.61
N ILE H 47 4.35 43.69 -82.58
CA ILE H 47 5.71 43.98 -83.00
C ILE H 47 5.66 44.47 -84.44
N PRO H 48 5.71 45.78 -84.69
CA PRO H 48 5.60 46.28 -86.05
C PRO H 48 6.76 45.84 -86.93
N GLY H 49 6.46 45.62 -88.21
CA GLY H 49 7.45 45.17 -89.15
C GLY H 49 8.57 46.17 -89.37
N SER H 50 8.28 47.47 -89.14
CA SER H 50 9.34 48.47 -89.19
C SER H 50 10.37 48.24 -88.11
N SER H 51 9.93 47.80 -86.92
CA SER H 51 10.85 47.51 -85.82
C SER H 51 11.79 46.37 -86.19
N LEU H 52 11.22 45.26 -86.67
CA LEU H 52 12.03 44.11 -87.05
C LEU H 52 12.96 44.46 -88.20
N LYS H 53 12.46 45.20 -89.20
CA LYS H 53 13.28 45.54 -90.35
C LYS H 53 14.46 46.44 -89.95
N GLY H 54 14.19 47.46 -89.14
CA GLY H 54 15.24 48.35 -88.71
C GLY H 54 16.27 47.68 -87.83
N LYS H 55 15.82 46.85 -86.89
CA LYS H 55 16.75 46.17 -86.00
C LYS H 55 17.60 45.15 -86.76
N MET H 56 16.99 44.39 -87.67
CA MET H 56 17.75 43.45 -88.51
C MET H 56 18.75 44.16 -89.40
N ARG H 57 18.36 45.30 -90.00
CA ARG H 57 19.28 46.04 -90.84
C ARG H 57 20.45 46.60 -90.03
N THR H 58 20.17 47.10 -88.82
CA THR H 58 21.24 47.59 -87.95
C THR H 58 22.18 46.46 -87.53
N LEU H 59 21.63 45.29 -87.20
CA LEU H 59 22.47 44.16 -86.79
C LEU H 59 23.34 43.65 -87.93
N LEU H 60 22.77 43.55 -89.13
CA LEU H 60 23.55 43.10 -90.27
C LEU H 60 24.42 44.20 -90.83
N ALA H 61 24.20 45.43 -90.39
CA ALA H 61 25.12 46.50 -90.67
C ALA H 61 26.39 46.43 -89.84
N LYS H 62 26.47 45.58 -88.87
CA LYS H 62 27.74 45.44 -88.21
C LYS H 62 28.52 44.24 -88.72
N VAL H 63 27.95 43.48 -89.66
CA VAL H 63 28.57 42.24 -90.07
C VAL H 63 28.83 42.30 -91.57
N TYR H 64 27.76 42.47 -92.34
CA TYR H 64 27.80 42.49 -93.80
C TYR H 64 27.87 43.90 -94.36
N ASN H 65 28.88 44.63 -93.90
CA ASN H 65 29.09 45.95 -94.47
C ASN H 65 30.50 46.25 -94.89
N GLU H 66 31.45 45.59 -94.23
CA GLU H 66 32.88 45.61 -94.53
C GLU H 66 33.47 47.03 -94.41
N LYS H 67 32.72 47.98 -93.87
CA LYS H 67 33.06 49.39 -93.75
C LYS H 67 32.00 50.02 -92.86
N VAL H 68 32.05 51.34 -92.73
CA VAL H 68 31.10 52.09 -91.92
C VAL H 68 30.26 52.95 -92.86
N ALA H 69 29.05 53.28 -92.41
CA ALA H 69 28.12 54.11 -93.15
C ALA H 69 27.47 55.11 -92.20
N GLU H 70 27.58 56.40 -92.52
CA GLU H 70 26.95 57.44 -91.73
C GLU H 70 25.45 57.52 -91.98
N LYS H 71 24.98 57.00 -93.10
CA LYS H 71 23.57 56.98 -93.47
C LYS H 71 23.24 55.61 -94.01
N PRO H 72 21.95 55.22 -94.00
CA PRO H 72 21.54 53.95 -94.65
C PRO H 72 21.44 54.05 -96.16
N SER H 73 22.40 54.69 -96.80
CA SER H 73 22.50 54.85 -98.24
C SER H 73 23.86 54.42 -98.77
N ASP H 74 24.93 54.70 -98.05
CA ASP H 74 26.25 54.15 -98.39
C ASP H 74 26.46 52.78 -97.73
N ASP H 75 25.49 51.90 -97.94
CA ASP H 75 25.46 50.59 -97.33
C ASP H 75 25.99 49.56 -98.32
N SER H 76 26.15 48.35 -97.82
CA SER H 76 26.64 47.27 -98.67
C SER H 76 25.56 46.86 -99.67
N ASP H 77 26.00 46.25 -100.78
CA ASP H 77 25.05 45.70 -101.76
C ASP H 77 24.15 44.64 -101.13
N ILE H 78 24.67 43.93 -100.14
CA ILE H 78 23.92 42.87 -99.48
C ILE H 78 22.74 43.45 -98.73
N LEU H 79 22.96 44.55 -98.03
CA LEU H 79 21.87 45.13 -97.28
C LEU H 79 20.91 45.88 -98.19
N SER H 80 21.45 46.55 -99.23
CA SER H 80 20.60 47.31 -100.14
C SER H 80 19.69 46.41 -100.96
N ARG H 81 20.17 45.23 -101.33
CA ARG H 81 19.37 44.35 -102.18
C ARG H 81 18.18 43.77 -101.45
N LEU H 82 18.20 43.73 -100.12
CA LEU H 82 17.13 43.14 -99.34
C LEU H 82 16.25 44.17 -98.65
N PHE H 83 16.84 45.23 -98.10
CA PHE H 83 16.06 46.25 -97.42
C PHE H 83 15.74 47.45 -98.31
N GLY H 84 16.53 47.70 -99.33
CA GLY H 84 16.21 48.79 -100.23
C GLY H 84 17.06 50.02 -99.96
N ASN H 85 17.32 50.79 -101.01
CA ASN H 85 18.09 52.01 -100.96
C ASN H 85 17.44 53.00 -101.90
N SER H 86 17.07 54.16 -101.38
CA SER H 86 16.27 55.11 -102.15
C SER H 86 17.10 55.79 -103.25
N LYS H 87 18.39 55.98 -103.03
CA LYS H 87 19.23 56.69 -103.99
C LYS H 87 19.95 55.77 -104.95
N ASP H 88 19.67 54.48 -104.93
CA ASP H 88 20.23 53.52 -105.88
C ASP H 88 19.13 53.06 -106.82
N LYS H 89 19.38 53.17 -108.13
CA LYS H 89 18.37 52.84 -109.12
C LYS H 89 18.03 51.36 -109.10
N ARG H 90 19.03 50.50 -108.91
CA ARG H 90 18.83 49.07 -109.03
C ARG H 90 18.38 48.41 -107.73
N PHE H 91 18.33 49.14 -106.62
CA PHE H 91 17.73 48.62 -105.39
C PHE H 91 16.81 49.66 -104.77
N LYS H 92 15.96 50.30 -105.56
CA LYS H 92 14.99 51.26 -105.01
C LYS H 92 13.94 50.58 -104.14
N MET H 93 13.79 49.27 -104.24
CA MET H 93 13.00 48.53 -103.27
C MET H 93 13.60 47.14 -103.14
N GLY H 94 13.69 46.66 -101.89
CA GLY H 94 14.35 45.40 -101.61
C GLY H 94 13.49 44.19 -101.89
N ARG H 95 14.09 43.02 -101.67
CA ARG H 95 13.43 41.75 -101.87
C ARG H 95 12.81 41.19 -100.59
N LEU H 96 12.87 41.92 -99.49
CA LEU H 96 12.29 41.49 -98.22
C LEU H 96 11.06 42.33 -97.91
N ILE H 97 9.99 41.67 -97.48
CA ILE H 97 8.73 42.31 -97.12
C ILE H 97 8.38 41.87 -95.71
N PHE H 98 8.46 42.80 -94.76
CA PHE H 98 8.16 42.54 -93.36
C PHE H 98 6.69 42.74 -93.08
N ARG H 99 6.23 42.09 -92.01
CA ARG H 99 4.84 42.16 -91.60
C ARG H 99 4.77 42.40 -90.10
N ASP H 100 3.68 43.05 -89.67
CA ASP H 100 3.44 43.23 -88.24
C ASP H 100 3.16 41.88 -87.60
N ALA H 101 3.70 41.70 -86.39
CA ALA H 101 3.55 40.45 -85.65
C ALA H 101 2.53 40.67 -84.54
N PHE H 102 1.31 40.17 -84.74
CA PHE H 102 0.24 40.30 -83.77
C PHE H 102 0.35 39.23 -82.70
N LEU H 103 -0.34 39.46 -81.59
CA LEU H 103 -0.35 38.49 -80.50
C LEU H 103 -1.10 37.23 -80.93
N SER H 104 -0.47 36.07 -80.75
CA SER H 104 -0.99 34.82 -81.28
C SER H 104 -1.39 33.81 -80.21
N ASN H 105 -1.07 34.06 -78.94
CA ASN H 105 -1.34 33.09 -77.88
C ASN H 105 -2.08 33.76 -76.72
N ALA H 106 -3.00 34.67 -77.05
CA ALA H 106 -3.83 35.28 -76.01
C ALA H 106 -4.72 34.25 -75.32
N ASP H 107 -5.16 33.23 -76.05
CA ASP H 107 -5.89 32.11 -75.45
C ASP H 107 -5.07 31.35 -74.40
N GLU H 108 -3.80 31.09 -74.68
CA GLU H 108 -2.93 30.34 -73.80
C GLU H 108 -2.63 31.17 -72.58
N LEU H 109 -2.43 32.47 -72.79
CA LEU H 109 -2.23 33.37 -71.67
C LEU H 109 -3.47 33.46 -70.79
N ASP H 110 -4.65 33.50 -71.40
CA ASP H 110 -5.89 33.49 -70.62
C ASP H 110 -6.05 32.20 -69.83
N SER H 111 -5.68 31.06 -70.43
CA SER H 111 -5.78 29.79 -69.73
C SER H 111 -4.78 29.72 -68.57
N LEU H 112 -3.58 30.29 -68.75
CA LEU H 112 -2.60 30.31 -67.67
C LEU H 112 -3.11 31.11 -66.48
N GLY H 113 -3.80 32.21 -66.73
CA GLY H 113 -4.45 32.94 -65.66
C GLY H 113 -4.11 34.40 -65.62
N VAL H 114 -3.44 34.92 -66.66
CA VAL H 114 -3.06 36.33 -66.64
C VAL H 114 -4.30 37.19 -66.82
N ARG H 115 -4.26 38.37 -66.24
CA ARG H 115 -5.33 39.36 -66.37
C ARG H 115 -5.03 40.42 -67.40
N SER H 116 -3.76 40.72 -67.63
CA SER H 116 -3.36 41.70 -68.63
C SER H 116 -2.22 41.11 -69.47
N TYR H 117 -2.18 41.52 -70.74
CA TYR H 117 -1.11 41.14 -71.65
C TYR H 117 0.02 42.13 -71.62
N THR H 118 0.04 43.00 -70.62
CA THR H 118 1.12 43.95 -70.45
C THR H 118 1.31 44.21 -68.96
N GLU H 119 2.52 44.62 -68.59
CA GLU H 119 2.90 44.81 -67.19
C GLU H 119 3.59 46.14 -67.02
N VAL H 120 3.62 46.61 -65.77
CA VAL H 120 4.30 47.84 -65.40
C VAL H 120 5.53 47.44 -64.60
N LYS H 121 6.70 47.85 -65.07
CA LYS H 121 7.96 47.62 -64.37
C LYS H 121 8.41 48.93 -63.75
N PHE H 122 8.68 48.89 -62.45
CA PHE H 122 9.07 50.05 -61.69
C PHE H 122 10.57 50.04 -61.48
N GLU H 123 11.24 51.07 -61.97
CA GLU H 123 12.66 51.25 -61.79
C GLU H 123 12.92 52.58 -61.10
N ASN H 124 14.19 52.86 -60.85
CA ASN H 124 14.58 54.16 -60.33
C ASN H 124 16.00 54.47 -60.78
N THR H 125 16.36 55.74 -60.70
CA THR H 125 17.74 56.18 -60.88
C THR H 125 18.24 56.80 -59.58
N ILE H 126 19.46 56.45 -59.20
CA ILE H 126 20.03 56.93 -57.95
C ILE H 126 21.11 57.93 -58.28
N ASP H 127 20.98 59.14 -57.72
CA ASP H 127 21.94 60.21 -57.97
C ASP H 127 23.32 59.82 -57.47
N ARG H 128 24.34 60.12 -58.27
CA ARG H 128 25.70 59.75 -57.91
C ARG H 128 26.30 60.64 -56.84
N ILE H 129 25.65 61.75 -56.49
CA ILE H 129 26.12 62.65 -55.45
C ILE H 129 25.21 62.61 -54.22
N THR H 130 23.94 62.97 -54.39
CA THR H 130 23.02 63.06 -53.26
C THR H 130 22.39 61.74 -52.88
N ALA H 131 22.57 60.70 -53.71
CA ALA H 131 22.05 59.34 -53.46
C ALA H 131 20.54 59.34 -53.25
N GLU H 132 19.83 60.15 -54.03
CA GLU H 132 18.38 60.19 -54.01
C GLU H 132 17.85 59.42 -55.21
N ALA H 133 16.81 58.63 -54.99
CA ALA H 133 16.26 57.75 -56.01
C ALA H 133 15.01 58.38 -56.63
N ASN H 134 15.06 58.59 -57.94
CA ASN H 134 13.91 59.07 -58.70
C ASN H 134 13.24 57.88 -59.36
N PRO H 135 11.98 57.59 -59.06
CA PRO H 135 11.31 56.41 -59.63
C PRO H 135 10.92 56.64 -61.09
N ARG H 136 10.44 55.57 -61.71
CA ARG H 136 10.13 55.53 -63.13
C ARG H 136 9.33 54.27 -63.41
N GLN H 137 8.40 54.36 -64.34
CA GLN H 137 7.60 53.21 -64.76
C GLN H 137 7.72 52.99 -66.26
N ILE H 138 7.83 51.72 -66.66
CA ILE H 138 7.95 51.33 -68.06
C ILE H 138 6.98 50.19 -68.31
N GLU H 139 6.24 50.25 -69.42
CA GLU H 139 5.29 49.21 -69.77
C GLU H 139 5.94 48.17 -70.67
N ARG H 140 5.74 46.89 -70.34
CA ARG H 140 6.35 45.80 -71.10
C ARG H 140 5.28 44.79 -71.50
N ALA H 141 5.54 44.05 -72.57
CA ALA H 141 4.73 42.91 -72.92
C ALA H 141 5.16 41.73 -72.08
N ILE H 142 4.19 40.90 -71.69
CA ILE H 142 4.42 39.77 -70.80
C ILE H 142 5.43 38.81 -71.43
N ARG H 143 6.16 38.09 -70.57
CA ARG H 143 7.24 37.20 -70.99
C ARG H 143 6.76 36.19 -72.02
N ASN H 144 5.85 35.30 -71.66
CA ASN H 144 5.53 34.18 -72.53
C ASN H 144 4.64 34.52 -73.72
N SER H 145 4.42 35.80 -74.03
CA SER H 145 3.64 36.18 -75.20
C SER H 145 4.36 35.77 -76.48
N THR H 146 3.59 35.29 -77.45
CA THR H 146 4.09 34.90 -78.75
C THR H 146 3.44 35.75 -79.83
N PHE H 147 4.19 35.99 -80.89
CA PHE H 147 3.75 36.81 -82.00
C PHE H 147 4.03 36.10 -83.32
N ASP H 148 3.10 36.22 -84.27
CA ASP H 148 3.25 35.54 -85.56
C ASP H 148 4.23 36.28 -86.49
N PHE H 149 5.46 35.81 -86.55
CA PHE H 149 6.39 36.41 -87.48
C PHE H 149 6.24 35.74 -88.84
N GLU H 150 6.29 36.55 -89.88
CA GLU H 150 6.12 36.09 -91.25
C GLU H 150 6.74 37.08 -92.22
N LEU H 151 7.89 36.68 -92.76
CA LEU H 151 8.74 37.50 -93.61
C LEU H 151 8.90 36.88 -94.99
N ILE H 152 8.72 37.67 -96.03
CA ILE H 152 8.71 37.16 -97.40
C ILE H 152 9.91 37.69 -98.19
N TYR H 153 10.57 36.77 -98.88
CA TYR H 153 11.67 37.07 -99.78
C TYR H 153 11.29 36.66 -101.20
N GLU H 154 11.49 37.55 -102.16
CA GLU H 154 10.97 37.34 -103.50
C GLU H 154 12.13 36.98 -104.40
N ILE H 155 11.98 35.92 -105.20
CA ILE H 155 12.99 35.46 -106.14
C ILE H 155 12.46 35.72 -107.55
N THR H 156 13.22 36.47 -108.34
CA THR H 156 12.83 36.81 -109.70
C THR H 156 13.92 36.34 -110.66
N ASP H 157 13.67 36.53 -111.96
CA ASP H 157 14.69 36.27 -112.97
C ASP H 157 15.84 37.24 -112.77
N GLU H 158 17.00 36.90 -113.37
CA GLU H 158 18.31 37.55 -113.22
C GLU H 158 18.62 37.91 -111.76
N ASN H 159 18.18 37.06 -110.84
CA ASN H 159 18.42 37.27 -109.41
C ASN H 159 18.72 35.98 -108.67
N GLU H 160 18.77 34.85 -109.35
CA GLU H 160 19.00 33.55 -108.74
C GLU H 160 20.46 33.31 -108.37
N ASN H 161 21.37 34.17 -108.83
CA ASN H 161 22.79 33.96 -108.54
C ASN H 161 23.12 34.24 -107.08
N GLN H 162 22.55 35.29 -106.51
CA GLN H 162 22.84 35.71 -105.14
C GLN H 162 21.94 35.12 -104.09
N VAL H 163 21.03 34.23 -104.46
CA VAL H 163 20.03 33.70 -103.53
C VAL H 163 20.70 32.94 -102.41
N GLU H 164 21.69 32.09 -102.73
CA GLU H 164 22.41 31.34 -101.72
C GLU H 164 23.17 32.26 -100.76
N GLU H 165 23.46 33.49 -101.17
CA GLU H 165 24.01 34.46 -100.24
C GLU H 165 22.91 35.04 -99.37
N ASP H 166 21.81 35.48 -100.01
CA ASP H 166 20.73 36.20 -99.31
C ASP H 166 20.13 35.37 -98.20
N PHE H 167 19.87 34.09 -98.47
CA PHE H 167 19.48 33.09 -97.47
C PHE H 167 20.33 33.19 -96.22
N LYS H 168 21.65 33.07 -96.40
CA LYS H 168 22.61 33.18 -95.31
C LYS H 168 22.44 34.48 -94.55
N VAL H 169 22.31 35.60 -95.30
CA VAL H 169 22.11 36.93 -94.72
C VAL H 169 20.92 36.92 -93.79
N ILE H 170 19.78 36.45 -94.29
CA ILE H 170 18.54 36.41 -93.52
C ILE H 170 18.71 35.57 -92.28
N ARG H 171 19.33 34.39 -92.43
CA ARG H 171 19.56 33.50 -91.30
C ARG H 171 20.40 34.18 -90.24
N ASP H 172 21.50 34.81 -90.66
CA ASP H 172 22.37 35.56 -89.77
C ASP H 172 21.60 36.63 -89.03
N GLY H 173 20.78 37.39 -89.76
CA GLY H 173 19.98 38.44 -89.15
C GLY H 173 19.07 37.90 -88.08
N LEU H 174 18.39 36.78 -88.37
CA LEU H 174 17.49 36.18 -87.38
C LEU H 174 18.26 35.71 -86.16
N LYS H 175 19.43 35.10 -86.39
CA LYS H 175 20.28 34.68 -85.29
C LYS H 175 20.68 35.87 -84.45
N LEU H 176 21.07 36.97 -85.10
CA LEU H 176 21.45 38.17 -84.36
C LEU H 176 20.27 38.77 -83.60
N LEU H 177 19.06 38.64 -84.14
CA LEU H 177 17.87 39.10 -83.44
C LEU H 177 17.60 38.25 -82.20
N GLU H 178 18.05 37.01 -82.21
CA GLU H 178 17.99 36.17 -81.03
C GLU H 178 19.14 36.45 -80.06
N LEU H 179 20.26 36.95 -80.56
CA LEU H 179 21.44 37.27 -79.76
C LEU H 179 21.45 38.70 -79.25
N ASP H 180 20.46 39.50 -79.63
CA ASP H 180 20.38 40.91 -79.27
C ASP H 180 18.96 41.08 -78.72
N TYR H 181 18.54 42.29 -78.47
CA TYR H 181 17.20 42.64 -78.04
C TYR H 181 16.41 43.22 -79.20
N LEU H 182 15.11 42.98 -79.16
CA LEU H 182 14.17 43.74 -79.98
C LEU H 182 13.86 45.06 -79.27
N GLY H 183 13.38 46.04 -80.05
CA GLY H 183 13.23 47.45 -79.72
C GLY H 183 12.82 47.77 -78.31
N GLY H 184 13.64 48.55 -77.64
CA GLY H 184 13.40 48.95 -76.28
C GLY H 184 14.69 49.06 -75.51
N SER H 185 14.55 49.16 -74.19
CA SER H 185 15.69 49.32 -73.29
C SER H 185 16.35 47.95 -73.00
N GLY H 186 16.88 47.35 -74.04
CA GLY H 186 17.32 45.98 -73.92
C GLY H 186 18.70 45.76 -73.39
N SER H 187 19.51 46.81 -73.27
CA SER H 187 20.76 46.68 -72.52
C SER H 187 20.52 46.49 -71.03
N ARG H 188 19.30 46.75 -70.55
CA ARG H 188 18.93 46.53 -69.16
C ARG H 188 17.97 45.35 -69.00
N GLY H 189 17.92 44.45 -69.97
CA GLY H 189 17.17 43.21 -69.81
C GLY H 189 15.90 43.09 -70.61
N TYR H 190 15.51 44.11 -71.37
CA TYR H 190 14.26 44.04 -72.11
C TYR H 190 14.46 43.34 -73.45
N GLY H 191 13.38 42.78 -73.95
CA GLY H 191 13.27 42.50 -75.36
C GLY H 191 13.99 41.30 -75.90
N LYS H 192 14.43 40.39 -75.05
CA LYS H 192 15.12 39.21 -75.54
C LYS H 192 14.06 38.26 -76.11
N VAL H 193 14.28 37.78 -77.32
CA VAL H 193 13.25 37.04 -78.04
C VAL H 193 13.85 35.73 -78.52
N ALA H 194 12.96 34.79 -78.86
CA ALA H 194 13.34 33.54 -79.48
C ALA H 194 12.38 33.26 -80.64
N PHE H 195 12.86 32.54 -81.63
CA PHE H 195 12.06 32.13 -82.78
C PHE H 195 11.75 30.65 -82.66
N GLU H 196 10.47 30.31 -82.80
CA GLU H 196 10.00 28.94 -82.66
C GLU H 196 9.33 28.52 -83.96
N ASN H 197 9.57 27.26 -84.36
CA ASN H 197 9.08 26.70 -85.61
C ASN H 197 9.51 27.56 -86.81
N LEU H 198 10.78 27.94 -86.79
CA LEU H 198 11.35 28.80 -87.84
C LEU H 198 11.58 27.96 -89.09
N LYS H 199 10.61 27.99 -89.99
CA LYS H 199 10.70 27.28 -91.26
C LYS H 199 10.23 28.18 -92.38
N ALA H 200 10.74 27.92 -93.58
CA ALA H 200 10.44 28.70 -94.76
C ALA H 200 9.75 27.86 -95.83
N THR H 201 8.66 28.35 -96.38
CA THR H 201 7.97 27.60 -97.42
C THR H 201 7.82 28.48 -98.65
N THR H 202 7.73 27.86 -99.82
CA THR H 202 7.49 28.60 -101.05
C THR H 202 5.99 28.77 -101.25
N VAL H 203 5.55 29.98 -101.51
CA VAL H 203 4.12 30.24 -101.49
C VAL H 203 3.64 30.69 -102.90
N PHE H 204 4.53 31.18 -103.76
CA PHE H 204 4.15 31.48 -105.12
C PHE H 204 5.28 31.04 -106.02
N GLY H 205 5.00 30.16 -106.97
CA GLY H 205 6.03 29.60 -107.79
C GLY H 205 6.57 28.30 -107.21
N ASN H 206 7.77 27.94 -107.65
CA ASN H 206 8.40 26.68 -107.26
C ASN H 206 9.85 26.92 -106.89
N TYR H 207 10.24 26.42 -105.72
CA TYR H 207 11.64 26.49 -105.30
C TYR H 207 11.92 25.36 -104.33
N ASP H 208 13.19 25.00 -104.24
CA ASP H 208 13.69 23.98 -103.31
C ASP H 208 14.06 24.57 -101.94
N VAL H 209 13.20 24.35 -100.97
CA VAL H 209 13.51 24.91 -99.68
C VAL H 209 13.88 23.84 -98.68
N LYS H 210 14.17 22.61 -99.10
CA LYS H 210 14.50 21.55 -98.14
C LYS H 210 15.83 21.83 -97.43
N THR H 211 16.86 22.19 -98.20
CA THR H 211 18.16 22.52 -97.60
C THR H 211 18.07 23.78 -96.74
N LEU H 212 17.31 24.78 -97.19
CA LEU H 212 17.08 25.99 -96.40
C LEU H 212 16.33 25.67 -95.12
N ASN H 213 15.33 24.79 -95.19
CA ASN H 213 14.55 24.45 -94.01
C ASN H 213 15.40 23.73 -92.96
N GLU H 214 16.21 22.78 -93.41
CA GLU H 214 17.06 22.09 -92.45
C GLU H 214 18.16 22.99 -91.90
N LEU H 215 18.69 23.91 -92.72
CA LEU H 215 19.68 24.85 -92.22
C LEU H 215 19.07 25.89 -91.29
N LEU H 216 17.77 26.17 -91.43
CA LEU H 216 17.10 27.07 -90.51
C LEU H 216 17.07 26.47 -89.11
N THR H 217 16.80 25.16 -89.02
CA THR H 217 16.86 24.54 -87.70
C THR H 217 18.29 24.29 -87.21
N ALA H 218 19.21 23.99 -88.12
CA ALA H 218 20.59 23.68 -87.72
C ALA H 218 21.35 24.94 -87.33
N GLU H 219 21.48 25.88 -88.27
CA GLU H 219 22.27 27.08 -88.00
C GLU H 219 21.51 28.05 -87.10
N VAL H 220 20.20 28.20 -87.31
CA VAL H 220 19.32 29.10 -86.55
C VAL H 220 19.81 30.54 -86.59
N THR I 2 30.75 59.54 -20.64
CA THR I 2 31.23 58.85 -19.45
C THR I 2 30.70 57.42 -19.39
N PHE I 3 30.43 56.86 -20.56
CA PHE I 3 29.89 55.51 -20.64
C PHE I 3 30.93 54.49 -20.15
N ALA I 4 30.46 53.52 -19.36
CA ALA I 4 31.33 52.48 -18.85
C ALA I 4 30.49 51.25 -18.55
N LYS I 5 31.16 50.11 -18.42
CA LYS I 5 30.51 48.87 -18.04
C LYS I 5 31.36 48.15 -17.02
N ILE I 6 30.75 47.75 -15.91
CA ILE I 6 31.42 47.12 -14.77
C ILE I 6 30.82 45.74 -14.61
N LYS I 7 31.67 44.74 -14.56
CA LYS I 7 31.30 43.34 -14.45
C LYS I 7 31.53 42.86 -13.03
N PHE I 8 30.44 42.56 -12.33
CA PHE I 8 30.49 41.86 -11.06
C PHE I 8 30.62 40.38 -11.35
N SER I 9 31.78 39.81 -11.04
CA SER I 9 32.06 38.41 -11.25
C SER I 9 32.21 37.72 -9.91
N ALA I 10 31.56 36.57 -9.76
CA ALA I 10 31.57 35.84 -8.50
C ALA I 10 31.47 34.35 -8.78
N GLN I 11 31.58 33.56 -7.72
CA GLN I 11 31.39 32.13 -7.77
C GLN I 11 30.17 31.81 -6.92
N ILE I 12 29.09 31.34 -7.55
CA ILE I 12 27.93 30.86 -6.81
C ILE I 12 28.28 29.44 -6.35
N ARG I 13 28.70 29.31 -5.10
CA ARG I 13 28.97 28.00 -4.52
C ARG I 13 27.75 27.57 -3.71
N LEU I 14 27.21 26.41 -4.04
CA LEU I 14 26.03 25.95 -3.33
C LEU I 14 26.44 25.48 -1.93
N GLU I 15 25.62 25.81 -0.95
CA GLU I 15 25.73 25.25 0.38
C GLU I 15 24.78 24.09 0.59
N THR I 16 23.78 23.96 -0.29
CA THR I 16 22.87 22.83 -0.32
C THR I 16 22.56 22.56 -1.79
N GLY I 17 22.15 21.33 -2.11
CA GLY I 17 21.58 21.00 -3.40
C GLY I 17 20.53 21.97 -3.90
N LEU I 18 20.66 22.32 -5.17
CA LEU I 18 19.80 23.30 -5.81
C LEU I 18 18.90 22.60 -6.81
N HIS I 19 17.61 22.93 -6.78
CA HIS I 19 16.64 22.39 -7.74
C HIS I 19 15.92 23.58 -8.37
N ILE I 20 16.50 24.15 -9.42
CA ILE I 20 15.80 25.22 -10.12
C ILE I 20 14.67 24.64 -10.98
N GLY I 21 14.86 23.47 -11.55
CA GLY I 21 13.72 22.81 -12.16
C GLY I 21 13.44 23.19 -13.60
N GLY I 22 13.36 22.19 -14.46
CA GLY I 22 13.07 22.36 -15.86
C GLY I 22 11.99 21.40 -16.31
N SER I 23 12.00 21.11 -17.59
CA SER I 23 11.04 20.20 -18.20
C SER I 23 11.69 18.84 -18.42
N ASP I 24 10.95 17.96 -19.09
CA ASP I 24 11.44 16.64 -19.44
C ASP I 24 12.21 16.61 -20.75
N ALA I 25 12.64 17.77 -21.27
CA ALA I 25 13.35 17.83 -22.55
C ALA I 25 14.66 17.07 -22.52
N PHE I 26 15.36 17.10 -21.40
CA PHE I 26 16.61 16.37 -21.24
C PHE I 26 16.55 15.38 -20.10
N ALA I 27 15.34 14.97 -19.71
CA ALA I 27 15.19 13.98 -18.65
C ALA I 27 15.56 12.59 -19.16
N ALA I 28 15.96 11.73 -18.23
CA ALA I 28 16.30 10.35 -18.58
C ALA I 28 15.04 9.60 -19.00
N ILE I 29 15.25 8.51 -19.77
CA ILE I 29 14.13 7.77 -20.36
C ILE I 29 13.54 6.78 -19.36
N GLY I 30 14.01 6.74 -18.13
CA GLY I 30 13.38 5.84 -17.19
C GLY I 30 13.30 6.45 -15.81
N ALA I 31 13.30 7.76 -15.76
CA ALA I 31 13.44 8.51 -14.52
C ALA I 31 12.12 9.18 -14.18
N ILE I 32 11.50 8.73 -13.08
CA ILE I 32 10.35 9.42 -12.48
C ILE I 32 10.91 10.46 -11.51
N ASP I 33 11.19 11.65 -12.04
CA ASP I 33 11.95 12.63 -11.29
C ASP I 33 11.33 14.00 -11.44
N SER I 34 11.84 14.93 -10.65
CA SER I 34 11.64 16.35 -10.90
C SER I 34 12.94 16.87 -11.50
N PRO I 35 13.07 16.91 -12.83
CA PRO I 35 14.35 17.28 -13.44
C PRO I 35 14.69 18.74 -13.23
N VAL I 36 15.99 19.02 -13.22
CA VAL I 36 16.48 20.38 -13.12
C VAL I 36 16.75 20.91 -14.52
N ILE I 37 16.85 22.23 -14.63
CA ILE I 37 17.21 22.84 -15.90
C ILE I 37 18.66 22.55 -16.22
N LYS I 38 18.91 22.16 -17.47
CA LYS I 38 20.20 21.65 -17.89
C LYS I 38 20.65 22.28 -19.20
N ASP I 39 21.97 22.29 -19.39
CA ASP I 39 22.55 22.67 -20.67
C ASP I 39 22.15 21.65 -21.73
N PRO I 40 21.70 22.08 -22.90
CA PRO I 40 21.31 21.11 -23.94
C PRO I 40 22.43 20.21 -24.42
N ILE I 41 23.67 20.71 -24.45
CA ILE I 41 24.78 19.91 -24.99
C ILE I 41 25.42 19.08 -23.89
N THR I 42 25.96 19.75 -22.87
CA THR I 42 26.73 19.07 -21.85
C THR I 42 25.87 18.30 -20.86
N ASN I 43 24.56 18.59 -20.80
CA ASN I 43 23.60 17.98 -19.87
C ASN I 43 24.09 18.22 -18.42
N LEU I 44 24.59 19.38 -18.18
CA LEU I 44 25.01 19.77 -16.85
C LEU I 44 24.01 20.74 -16.25
N PRO I 45 23.85 20.77 -14.92
CA PRO I 45 22.95 21.76 -14.31
C PRO I 45 23.44 23.17 -14.54
N ILE I 46 22.49 24.09 -14.71
CA ILE I 46 22.77 25.50 -14.89
C ILE I 46 21.91 26.31 -13.93
N ILE I 47 22.33 27.54 -13.68
CA ILE I 47 21.53 28.52 -12.96
C ILE I 47 21.12 29.59 -13.95
N PRO I 48 19.90 29.56 -14.48
CA PRO I 48 19.49 30.57 -15.46
C PRO I 48 19.45 31.95 -14.86
N GLY I 49 19.82 32.95 -15.67
CA GLY I 49 19.81 34.33 -15.24
C GLY I 49 18.43 34.85 -14.95
N SER I 50 17.40 34.26 -15.55
CA SER I 50 16.03 34.61 -15.22
C SER I 50 15.68 34.26 -13.78
N SER I 51 16.15 33.11 -13.28
CA SER I 51 15.92 32.74 -11.89
C SER I 51 16.59 33.72 -10.94
N LEU I 52 17.86 34.05 -11.20
CA LEU I 52 18.60 34.99 -10.35
C LEU I 52 17.95 36.36 -10.37
N LYS I 53 17.60 36.85 -11.56
CA LYS I 53 17.01 38.17 -11.69
C LYS I 53 15.65 38.24 -11.00
N GLY I 54 14.81 37.22 -11.21
CA GLY I 54 13.50 37.23 -10.60
C GLY I 54 13.54 37.12 -9.10
N LYS I 55 14.37 36.21 -8.56
CA LYS I 55 14.47 36.06 -7.12
C LYS I 55 15.07 37.30 -6.47
N MET I 56 16.09 37.90 -7.10
CA MET I 56 16.72 39.09 -6.53
C MET I 56 15.74 40.27 -6.56
N ARG I 57 14.98 40.40 -7.66
CA ARG I 57 14.00 41.48 -7.78
C ARG I 57 12.88 41.35 -6.75
N THR I 58 12.37 40.13 -6.55
CA THR I 58 11.35 39.91 -5.53
C THR I 58 11.88 40.16 -4.13
N LEU I 59 13.14 39.78 -3.87
CA LEU I 59 13.71 40.02 -2.54
C LEU I 59 13.95 41.51 -2.29
N LEU I 60 14.41 42.24 -3.30
CA LEU I 60 14.67 43.66 -3.16
C LEU I 60 13.39 44.48 -3.18
N ALA I 61 12.31 43.90 -3.70
CA ALA I 61 11.03 44.56 -3.56
C ALA I 61 10.52 44.59 -2.10
N LYS I 62 11.09 43.87 -1.20
CA LYS I 62 10.56 44.07 0.12
C LYS I 62 11.37 45.08 0.92
N VAL I 63 12.43 45.64 0.35
CA VAL I 63 13.37 46.46 1.10
C VAL I 63 13.48 47.84 0.45
N TYR I 64 13.20 47.90 -0.83
CA TYR I 64 13.42 49.14 -1.55
C TYR I 64 12.18 49.58 -2.29
N ASN I 65 11.01 49.44 -1.67
CA ASN I 65 9.84 49.91 -2.40
C ASN I 65 9.09 51.05 -1.75
N GLU I 66 8.98 51.06 -0.41
CA GLU I 66 8.21 52.01 0.39
C GLU I 66 6.72 51.98 0.09
N LYS I 67 6.25 50.99 -0.68
CA LYS I 67 4.85 50.82 -1.03
C LYS I 67 4.70 49.43 -1.66
N VAL I 68 3.73 48.65 -1.19
CA VAL I 68 3.54 47.29 -1.69
C VAL I 68 3.12 47.33 -3.15
N ALA I 69 3.81 46.54 -3.97
CA ALA I 69 3.62 46.56 -5.41
C ALA I 69 2.86 45.32 -5.83
N GLU I 70 1.77 45.51 -6.57
CA GLU I 70 0.99 44.40 -7.07
C GLU I 70 1.55 43.80 -8.34
N LYS I 71 2.57 44.42 -8.93
CA LYS I 71 3.16 44.01 -10.20
C LYS I 71 4.61 44.46 -10.21
N PRO I 72 5.46 43.82 -11.03
CA PRO I 72 6.81 44.37 -11.27
C PRO I 72 6.79 45.73 -11.91
N SER I 73 5.73 46.08 -12.65
CA SER I 73 5.61 47.41 -13.22
C SER I 73 5.36 48.47 -12.16
N ASP I 74 4.68 48.10 -11.06
CA ASP I 74 4.43 49.01 -9.96
C ASP I 74 5.62 49.15 -9.02
N ASP I 75 6.82 48.78 -9.46
CA ASP I 75 7.97 48.78 -8.58
C ASP I 75 8.45 50.23 -8.48
N SER I 76 9.22 50.53 -7.44
CA SER I 76 9.85 51.80 -7.20
C SER I 76 10.88 52.11 -8.28
N ASP I 77 11.28 53.39 -8.34
CA ASP I 77 12.18 53.87 -9.36
C ASP I 77 13.59 53.31 -9.20
N ILE I 78 14.08 53.21 -7.96
CA ILE I 78 15.42 52.69 -7.71
C ILE I 78 15.58 51.24 -8.16
N LEU I 79 14.47 50.53 -8.27
CA LEU I 79 14.55 49.16 -8.75
C LEU I 79 14.15 49.03 -10.20
N SER I 80 13.28 49.93 -10.66
CA SER I 80 12.89 49.94 -12.07
C SER I 80 14.07 50.36 -12.95
N ARG I 81 14.89 51.30 -12.48
CA ARG I 81 16.03 51.73 -13.29
C ARG I 81 17.14 50.68 -13.33
N LEU I 82 17.11 49.71 -12.43
CA LEU I 82 18.11 48.66 -12.38
C LEU I 82 17.67 47.38 -13.05
N PHE I 83 16.39 47.01 -12.91
CA PHE I 83 15.89 45.77 -13.45
C PHE I 83 15.02 45.93 -14.69
N GLY I 84 14.49 47.12 -14.92
CA GLY I 84 13.68 47.41 -16.08
C GLY I 84 12.21 47.56 -15.72
N ASN I 85 11.49 48.24 -16.60
CA ASN I 85 10.07 48.50 -16.40
C ASN I 85 9.43 48.69 -17.76
N SER I 86 8.57 47.75 -18.16
CA SER I 86 7.97 47.80 -19.48
C SER I 86 6.90 48.88 -19.60
N LYS I 87 6.46 49.47 -18.49
CA LYS I 87 5.46 50.53 -18.48
C LYS I 87 6.06 51.84 -18.00
N ASP I 88 7.28 52.13 -18.42
CA ASP I 88 7.98 53.34 -18.01
C ASP I 88 9.01 53.66 -19.08
N LYS I 89 8.77 54.71 -19.86
CA LYS I 89 9.70 55.09 -20.93
C LYS I 89 11.06 55.49 -20.38
N ARG I 90 11.11 55.95 -19.14
CA ARG I 90 12.38 56.32 -18.53
C ARG I 90 13.25 55.08 -18.25
N PHE I 91 12.63 53.99 -17.80
CA PHE I 91 13.35 52.84 -17.29
C PHE I 91 13.05 51.57 -18.08
N LYS I 92 12.76 51.71 -19.38
CA LYS I 92 12.35 50.55 -20.15
C LYS I 92 13.50 49.57 -20.35
N MET I 93 14.73 50.07 -20.46
CA MET I 93 15.91 49.22 -20.49
C MET I 93 16.71 49.44 -19.22
N GLY I 94 16.89 48.37 -18.44
CA GLY I 94 17.59 48.47 -17.18
C GLY I 94 19.10 48.52 -17.34
N ARG I 95 19.77 48.80 -16.22
CA ARG I 95 21.22 48.89 -16.20
C ARG I 95 21.90 47.59 -15.80
N LEU I 96 21.13 46.53 -15.52
CA LEU I 96 21.68 45.26 -15.08
C LEU I 96 21.44 44.20 -16.14
N ILE I 97 22.49 43.50 -16.52
CA ILE I 97 22.41 42.32 -17.38
C ILE I 97 22.82 41.13 -16.55
N PHE I 98 21.89 40.21 -16.33
CA PHE I 98 22.20 38.94 -15.71
C PHE I 98 22.62 37.94 -16.79
N ARG I 99 23.37 36.93 -16.38
CA ARG I 99 23.89 35.94 -17.29
C ARG I 99 23.64 34.55 -16.72
N ASP I 100 23.41 33.59 -17.61
CA ASP I 100 23.27 32.20 -17.20
C ASP I 100 24.58 31.73 -16.57
N ALA I 101 24.47 31.03 -15.47
CA ALA I 101 25.63 30.53 -14.73
C ALA I 101 25.78 29.04 -15.03
N PHE I 102 26.99 28.64 -15.38
CA PHE I 102 27.27 27.27 -15.76
C PHE I 102 28.30 26.69 -14.80
N LEU I 103 28.26 25.36 -14.66
CA LEU I 103 29.15 24.66 -13.74
C LEU I 103 30.60 24.89 -14.09
N SER I 104 31.40 25.26 -13.09
CA SER I 104 32.77 25.70 -13.32
C SER I 104 33.79 24.93 -12.48
N ASN I 105 33.38 23.89 -11.77
CA ASN I 105 34.31 23.10 -10.96
C ASN I 105 34.02 21.61 -11.10
N ALA I 106 33.66 21.18 -12.32
CA ALA I 106 33.35 19.77 -12.55
C ALA I 106 34.57 18.88 -12.29
N ASP I 107 35.77 19.37 -12.63
CA ASP I 107 37.00 18.65 -12.34
C ASP I 107 37.25 18.45 -10.84
N GLU I 108 36.95 19.46 -10.02
CA GLU I 108 37.14 19.37 -8.58
C GLU I 108 36.14 18.39 -8.00
N LEU I 109 34.92 18.42 -8.52
CA LEU I 109 33.91 17.46 -8.09
C LEU I 109 34.32 16.04 -8.45
N ASP I 110 34.91 15.85 -9.63
CA ASP I 110 35.42 14.53 -10.00
C ASP I 110 36.55 14.09 -9.10
N SER I 111 37.47 14.99 -8.77
CA SER I 111 38.56 14.66 -7.86
C SER I 111 38.05 14.39 -6.44
N LEU I 112 36.89 14.93 -6.09
CA LEU I 112 36.27 14.61 -4.81
C LEU I 112 35.56 13.27 -4.81
N GLY I 113 35.37 12.65 -5.97
CA GLY I 113 34.82 11.31 -6.02
C GLY I 113 33.32 11.25 -6.20
N VAL I 114 32.79 11.95 -7.19
CA VAL I 114 31.37 11.89 -7.52
C VAL I 114 31.21 11.22 -8.88
N ARG I 115 30.06 10.59 -9.07
CA ARG I 115 29.76 9.90 -10.32
C ARG I 115 28.88 10.70 -11.26
N SER I 116 28.13 11.68 -10.75
CA SER I 116 27.34 12.56 -11.58
C SER I 116 27.17 13.88 -10.85
N TYR I 117 26.85 14.92 -11.62
CA TYR I 117 26.77 16.27 -11.08
C TYR I 117 25.37 16.62 -10.61
N THR I 118 24.42 15.71 -10.72
CA THR I 118 23.10 15.85 -10.12
C THR I 118 22.77 14.57 -9.37
N GLU I 119 22.30 14.71 -8.14
CA GLU I 119 21.86 13.58 -7.35
C GLU I 119 20.33 13.58 -7.29
N VAL I 120 19.77 12.47 -6.81
CA VAL I 120 18.33 12.33 -6.64
C VAL I 120 18.04 12.13 -5.16
N LYS I 121 17.33 13.08 -4.57
CA LYS I 121 16.94 13.02 -3.18
C LYS I 121 15.56 12.39 -3.06
N PHE I 122 15.43 11.43 -2.17
CA PHE I 122 14.17 10.75 -1.92
C PHE I 122 13.51 11.37 -0.71
N GLU I 123 12.30 11.90 -0.90
CA GLU I 123 11.45 12.43 0.15
C GLU I 123 10.15 11.64 0.20
N ASN I 124 9.37 11.90 1.23
CA ASN I 124 8.00 11.41 1.26
C ASN I 124 7.15 12.34 2.10
N THR I 125 5.84 12.25 1.91
CA THR I 125 4.88 12.90 2.77
C THR I 125 4.18 11.84 3.61
N ILE I 126 4.10 12.08 4.91
CA ILE I 126 3.51 11.11 5.83
C ILE I 126 2.14 11.64 6.22
N ASP I 127 1.11 10.84 5.97
CA ASP I 127 -0.25 11.15 6.40
C ASP I 127 -0.32 11.19 7.92
N ARG I 128 -0.91 12.24 8.46
CA ARG I 128 -0.95 12.42 9.91
C ARG I 128 -2.16 11.78 10.57
N ILE I 129 -3.00 11.09 9.81
CA ILE I 129 -4.15 10.38 10.38
C ILE I 129 -3.98 8.89 10.14
N THR I 130 -3.34 8.54 9.03
CA THR I 130 -3.20 7.15 8.65
C THR I 130 -1.78 6.63 8.69
N ALA I 131 -0.78 7.50 8.90
CA ALA I 131 0.65 7.16 8.87
C ALA I 131 1.03 6.48 7.55
N GLU I 132 0.49 7.00 6.46
CA GLU I 132 0.74 6.47 5.13
C GLU I 132 1.70 7.37 4.39
N ALA I 133 2.81 6.81 3.93
CA ALA I 133 3.88 7.58 3.31
C ALA I 133 3.78 7.50 1.79
N ASN I 134 3.77 8.67 1.16
CA ASN I 134 3.79 8.78 -0.29
C ASN I 134 5.13 9.35 -0.73
N PRO I 135 5.98 8.57 -1.42
CA PRO I 135 7.33 9.08 -1.75
C PRO I 135 7.42 9.85 -3.05
N ARG I 136 8.46 10.67 -3.13
CA ARG I 136 8.86 11.43 -4.29
C ARG I 136 10.37 11.42 -4.45
N GLN I 137 10.80 11.66 -5.69
CA GLN I 137 12.21 11.82 -6.01
C GLN I 137 12.40 13.18 -6.66
N ILE I 138 13.41 13.92 -6.19
CA ILE I 138 13.69 15.26 -6.68
C ILE I 138 15.14 15.33 -7.08
N GLU I 139 15.41 15.80 -8.29
CA GLU I 139 16.78 15.97 -8.74
C GLU I 139 17.35 17.28 -8.21
N ARG I 140 18.61 17.24 -7.79
CA ARG I 140 19.31 18.40 -7.25
C ARG I 140 20.72 18.44 -7.82
N ALA I 141 21.28 19.63 -7.90
CA ALA I 141 22.68 19.78 -8.20
C ALA I 141 23.51 19.49 -6.97
N ILE I 142 24.75 19.06 -7.17
CA ILE I 142 25.62 18.64 -6.07
C ILE I 142 25.90 19.82 -5.16
N ARG I 143 26.06 19.53 -3.86
CA ARG I 143 26.19 20.58 -2.86
C ARG I 143 27.42 21.44 -3.11
N ASN I 144 28.57 20.86 -3.42
CA ASN I 144 29.77 21.68 -3.53
C ASN I 144 30.02 22.22 -4.94
N SER I 145 28.97 22.34 -5.75
CA SER I 145 29.12 22.90 -7.09
C SER I 145 29.33 24.39 -7.04
N THR I 146 30.14 24.92 -7.96
CA THR I 146 30.32 26.34 -8.13
C THR I 146 29.99 26.73 -9.56
N PHE I 147 29.32 27.86 -9.72
CA PHE I 147 28.88 28.37 -11.00
C PHE I 147 29.45 29.75 -11.22
N ASP I 148 29.90 30.02 -12.45
CA ASP I 148 30.46 31.32 -12.78
C ASP I 148 29.32 32.33 -12.87
N PHE I 149 29.35 33.36 -12.03
CA PHE I 149 28.30 34.36 -11.98
C PHE I 149 28.84 35.67 -12.54
N GLU I 150 28.13 36.21 -13.52
CA GLU I 150 28.54 37.42 -14.20
C GLU I 150 27.34 38.35 -14.22
N LEU I 151 27.53 39.60 -13.78
CA LEU I 151 26.46 40.59 -13.78
C LEU I 151 27.03 41.89 -14.29
N ILE I 152 26.49 42.41 -15.39
CA ILE I 152 27.05 43.57 -16.05
C ILE I 152 26.20 44.78 -15.70
N TYR I 153 26.85 45.83 -15.21
CA TYR I 153 26.19 47.08 -14.84
C TYR I 153 26.72 48.18 -15.74
N GLU I 154 25.82 48.89 -16.40
CA GLU I 154 26.21 49.93 -17.33
C GLU I 154 26.05 51.31 -16.69
N ILE I 155 26.94 52.23 -17.08
CA ILE I 155 26.96 53.58 -16.56
C ILE I 155 26.93 54.55 -17.73
N THR I 156 25.90 55.40 -17.77
CA THR I 156 25.78 56.47 -18.73
C THR I 156 25.60 57.78 -17.98
N ASP I 157 25.21 58.84 -18.68
CA ASP I 157 24.94 60.12 -18.03
C ASP I 157 23.70 60.09 -17.15
N GLU I 158 22.81 59.09 -17.33
CA GLU I 158 21.70 58.90 -16.40
C GLU I 158 22.17 58.36 -15.05
N ASN I 159 23.40 57.86 -14.99
CA ASN I 159 24.00 57.41 -13.74
C ASN I 159 24.90 58.49 -13.14
N GLU I 160 24.53 59.78 -13.30
CA GLU I 160 25.41 60.87 -12.89
C GLU I 160 25.66 60.87 -11.39
N ASN I 161 24.62 60.67 -10.60
CA ASN I 161 24.73 60.65 -9.15
C ASN I 161 23.91 59.52 -8.56
N GLN I 162 23.97 58.34 -9.19
CA GLN I 162 23.20 57.20 -8.75
C GLN I 162 24.01 55.91 -8.68
N VAL I 163 25.27 55.92 -9.11
CA VAL I 163 26.06 54.69 -9.16
C VAL I 163 26.33 54.17 -7.75
N GLU I 164 26.61 55.08 -6.81
CA GLU I 164 26.89 54.63 -5.44
C GLU I 164 25.66 54.05 -4.76
N GLU I 165 24.46 54.34 -5.25
CA GLU I 165 23.25 53.76 -4.71
C GLU I 165 22.93 52.44 -5.40
N ASP I 166 23.17 52.35 -6.71
CA ASP I 166 22.95 51.11 -7.44
C ASP I 166 23.93 50.04 -7.02
N PHE I 167 25.17 50.43 -6.73
CA PHE I 167 26.14 49.49 -6.17
C PHE I 167 25.67 48.93 -4.85
N LYS I 168 25.15 49.77 -3.97
CA LYS I 168 24.59 49.32 -2.70
C LYS I 168 23.40 48.40 -2.89
N VAL I 169 22.55 48.70 -3.88
CA VAL I 169 21.40 47.85 -4.13
C VAL I 169 21.84 46.48 -4.65
N ILE I 170 22.89 46.45 -5.49
CA ILE I 170 23.40 45.18 -6.00
C ILE I 170 23.98 44.33 -4.87
N ARG I 171 24.78 44.96 -3.99
CA ARG I 171 25.30 44.27 -2.81
C ARG I 171 24.19 43.75 -1.91
N ASP I 172 23.16 44.56 -1.68
CA ASP I 172 22.03 44.14 -0.85
C ASP I 172 21.25 43.00 -1.50
N GLY I 173 21.10 43.03 -2.81
CA GLY I 173 20.43 41.94 -3.50
C GLY I 173 21.19 40.64 -3.40
N LEU I 174 22.51 40.68 -3.58
CA LEU I 174 23.33 39.48 -3.43
C LEU I 174 23.28 38.95 -2.00
N LYS I 175 23.35 39.86 -1.02
CA LYS I 175 23.27 39.46 0.39
C LYS I 175 21.92 38.83 0.72
N LEU I 176 20.84 39.43 0.20
CA LEU I 176 19.50 38.87 0.41
C LEU I 176 19.37 37.50 -0.22
N LEU I 177 19.99 37.33 -1.40
CA LEU I 177 20.03 36.00 -2.00
C LEU I 177 20.80 35.01 -1.14
N GLU I 178 21.79 35.49 -0.39
CA GLU I 178 22.52 34.60 0.51
C GLU I 178 21.67 34.21 1.73
N LEU I 179 20.90 35.15 2.28
CA LEU I 179 19.97 34.85 3.37
C LEU I 179 18.62 34.35 2.86
N ASP I 180 18.57 33.86 1.62
CA ASP I 180 17.37 33.25 1.07
C ASP I 180 17.82 32.02 0.28
N TYR I 181 16.92 31.50 -0.53
CA TYR I 181 17.23 30.35 -1.36
C TYR I 181 16.98 30.67 -2.82
N LEU I 182 17.92 30.24 -3.68
CA LEU I 182 17.67 30.27 -5.10
C LEU I 182 16.64 29.22 -5.44
N GLY I 183 15.81 29.53 -6.46
CA GLY I 183 14.56 28.85 -6.79
C GLY I 183 14.52 27.34 -6.63
N GLY I 184 13.51 26.86 -5.93
CA GLY I 184 13.42 25.45 -5.63
C GLY I 184 12.58 25.23 -4.39
N SER I 185 12.66 24.01 -3.86
CA SER I 185 11.94 23.66 -2.63
C SER I 185 12.74 24.07 -1.40
N GLY I 186 13.06 25.37 -1.33
CA GLY I 186 13.97 25.88 -0.34
C GLY I 186 13.39 26.03 1.04
N SER I 187 12.09 25.76 1.18
CA SER I 187 11.51 25.79 2.50
C SER I 187 11.83 24.52 3.27
N ARG I 188 12.27 23.47 2.56
CA ARG I 188 12.73 22.23 3.17
C ARG I 188 14.24 22.08 3.11
N GLY I 189 14.96 23.20 2.94
CA GLY I 189 16.40 23.20 2.99
C GLY I 189 17.03 22.96 1.65
N TYR I 190 16.65 23.75 0.63
CA TYR I 190 17.21 23.67 -0.70
C TYR I 190 17.76 25.03 -1.10
N GLY I 191 18.66 25.01 -2.08
CA GLY I 191 19.02 26.22 -2.78
C GLY I 191 19.78 27.26 -1.98
N LYS I 192 20.45 26.86 -0.91
CA LYS I 192 21.30 27.79 -0.20
C LYS I 192 22.58 28.01 -0.99
N VAL I 193 22.94 29.27 -1.22
CA VAL I 193 24.08 29.64 -2.05
C VAL I 193 24.95 30.65 -1.35
N ALA I 194 26.18 30.77 -1.82
CA ALA I 194 27.13 31.75 -1.33
C ALA I 194 27.88 32.33 -2.52
N PHE I 195 28.23 33.61 -2.41
CA PHE I 195 28.95 34.32 -3.46
C PHE I 195 30.39 34.48 -3.00
N GLU I 196 31.30 33.84 -3.74
CA GLU I 196 32.72 33.82 -3.38
C GLU I 196 33.51 34.62 -4.41
N ASN I 197 34.57 35.27 -3.94
CA ASN I 197 35.47 36.09 -4.76
C ASN I 197 34.69 37.18 -5.49
N LEU I 198 33.72 37.76 -4.81
CA LEU I 198 32.83 38.76 -5.41
C LEU I 198 33.62 40.04 -5.65
N LYS I 199 33.92 40.31 -6.92
CA LYS I 199 34.72 41.47 -7.29
C LYS I 199 34.09 42.14 -8.51
N ALA I 200 34.36 43.42 -8.65
CA ALA I 200 33.84 44.23 -9.74
C ALA I 200 34.99 44.75 -10.59
N THR I 201 34.88 44.55 -11.90
CA THR I 201 35.92 44.94 -12.85
C THR I 201 35.32 45.82 -13.91
N THR I 202 35.89 47.00 -14.12
CA THR I 202 35.42 47.87 -15.20
C THR I 202 35.86 47.26 -16.55
N VAL I 203 34.97 46.53 -17.19
CA VAL I 203 35.33 45.90 -18.46
C VAL I 203 35.21 46.84 -19.64
N PHE I 204 34.49 47.96 -19.50
CA PHE I 204 34.46 48.95 -20.57
C PHE I 204 34.53 50.34 -19.98
N GLY I 205 35.22 51.23 -20.71
CA GLY I 205 35.31 52.61 -20.30
C GLY I 205 36.27 52.81 -19.15
N ASN I 206 36.23 54.02 -18.60
CA ASN I 206 37.06 54.40 -17.46
C ASN I 206 36.17 54.58 -16.25
N TYR I 207 36.45 53.81 -15.20
CA TYR I 207 35.74 53.97 -13.94
C TYR I 207 36.62 53.41 -12.83
N ASP I 208 36.44 53.96 -11.63
CA ASP I 208 37.22 53.57 -10.47
C ASP I 208 36.31 52.74 -9.56
N VAL I 209 36.70 51.48 -9.36
CA VAL I 209 35.92 50.56 -8.56
C VAL I 209 36.67 50.14 -7.29
N LYS I 210 37.65 50.92 -6.83
CA LYS I 210 38.45 50.52 -5.66
C LYS I 210 37.61 50.45 -4.39
N THR I 211 36.83 51.50 -4.11
CA THR I 211 35.99 51.52 -2.91
C THR I 211 34.91 50.47 -2.98
N LEU I 212 34.29 50.31 -4.16
CA LEU I 212 33.24 49.32 -4.33
C LEU I 212 33.83 47.96 -4.07
N ASN I 213 35.00 47.66 -4.68
CA ASN I 213 35.68 46.38 -4.44
C ASN I 213 36.05 46.17 -2.97
N GLU I 214 36.34 47.25 -2.24
CA GLU I 214 36.61 47.14 -0.81
C GLU I 214 35.37 46.68 -0.05
N LEU I 215 34.19 47.27 -0.35
CA LEU I 215 32.99 46.81 0.34
C LEU I 215 32.55 45.41 -0.15
N LEU I 216 32.84 45.09 -1.42
CA LEU I 216 32.61 43.73 -1.94
C LEU I 216 33.41 42.65 -1.24
N THR I 217 34.69 42.87 -1.07
CA THR I 217 35.55 41.86 -0.48
C THR I 217 35.65 41.97 1.03
N ALA I 218 35.06 43.01 1.63
CA ALA I 218 35.07 43.15 3.09
C ALA I 218 33.69 42.95 3.68
N GLU I 219 32.71 43.73 3.24
CA GLU I 219 31.36 43.55 3.77
C GLU I 219 30.72 42.30 3.20
N VAL I 220 30.89 42.05 1.89
CA VAL I 220 30.30 40.92 1.16
C VAL I 220 28.78 40.92 1.25
N MET J 7 0.62 -3.78 -48.27
CA MET J 7 -0.11 -2.52 -48.39
C MET J 7 0.33 -1.54 -47.30
N ALA J 8 0.42 -0.26 -47.67
CA ALA J 8 0.85 0.79 -46.76
C ALA J 8 -0.35 1.50 -46.17
N ILE J 9 -0.26 1.81 -44.87
CA ILE J 9 -1.38 2.48 -44.19
C ILE J 9 -1.33 3.99 -44.38
N LEU J 10 -0.17 4.55 -44.70
CA LEU J 10 -0.01 5.98 -44.92
C LEU J 10 0.28 6.21 -46.39
N THR J 11 -0.62 6.89 -47.05
CA THR J 11 -0.47 7.29 -48.43
C THR J 11 -0.79 8.77 -48.55
N ASP J 12 -0.37 9.37 -49.66
CA ASP J 12 -0.54 10.82 -49.87
C ASP J 12 -2.00 11.23 -50.02
N GLU J 13 -2.91 10.28 -50.19
CA GLU J 13 -4.32 10.55 -50.37
C GLU J 13 -5.15 10.33 -49.11
N ASN J 14 -4.63 9.61 -48.13
CA ASN J 14 -5.46 9.20 -47.02
C ASN J 14 -4.96 9.63 -45.65
N TYR J 15 -3.75 10.20 -45.52
CA TYR J 15 -3.20 10.39 -44.18
C TYR J 15 -3.90 11.52 -43.42
N VAL J 16 -4.34 12.55 -44.15
CA VAL J 16 -5.06 13.64 -43.49
C VAL J 16 -6.43 13.15 -43.02
N ASP J 17 -7.13 12.39 -43.85
CA ASP J 17 -8.39 11.78 -43.42
C ASP J 17 -8.17 10.71 -42.36
N LYS J 18 -7.01 10.05 -42.37
CA LYS J 18 -6.66 9.09 -41.33
C LYS J 18 -6.52 9.78 -39.98
N ALA J 19 -5.85 10.93 -39.97
CA ALA J 19 -5.76 11.72 -38.74
C ALA J 19 -7.13 12.22 -38.30
N GLU J 20 -7.95 12.65 -39.27
CA GLU J 20 -9.36 13.01 -39.02
C GLU J 20 -10.11 11.90 -38.29
N ARG J 21 -9.97 10.67 -38.79
CA ARG J 21 -10.68 9.55 -38.17
C ARG J 21 -10.07 9.14 -36.83
N ALA J 22 -8.75 9.26 -36.70
CA ALA J 22 -8.07 8.80 -35.49
C ALA J 22 -8.33 9.73 -34.31
N ILE J 23 -8.32 11.04 -34.54
CA ILE J 23 -8.50 11.99 -33.43
C ILE J 23 -9.91 11.93 -32.86
N SER J 24 -10.91 11.69 -33.71
CA SER J 24 -12.29 11.65 -33.25
C SER J 24 -12.57 10.47 -32.31
N LEU J 25 -11.75 9.42 -32.34
CA LEU J 25 -11.97 8.25 -31.53
C LEU J 25 -11.19 8.25 -30.23
N LEU J 26 -10.48 9.34 -29.92
CA LEU J 26 -9.67 9.38 -28.71
C LEU J 26 -10.56 9.40 -27.47
N GLU J 27 -10.01 8.90 -26.36
CA GLU J 27 -10.76 8.81 -25.12
C GLU J 27 -11.08 10.21 -24.59
N LYS J 28 -12.27 10.33 -24.01
CA LYS J 28 -12.74 11.60 -23.47
C LYS J 28 -13.26 11.38 -22.05
N ASP J 29 -13.25 12.46 -21.27
CA ASP J 29 -13.87 12.46 -19.96
C ASP J 29 -15.39 12.52 -20.10
N ASN J 30 -16.09 12.35 -18.98
CA ASN J 30 -17.54 12.52 -18.97
C ASN J 30 -17.98 13.95 -19.26
N LYS J 31 -17.07 14.91 -19.11
CA LYS J 31 -17.35 16.30 -19.46
C LYS J 31 -17.18 16.56 -20.95
N GLY J 32 -16.68 15.58 -21.70
CA GLY J 32 -16.55 15.69 -23.13
C GLY J 32 -15.19 16.16 -23.62
N ASN J 33 -14.33 16.63 -22.75
CA ASN J 33 -13.01 17.09 -23.15
C ASN J 33 -12.05 15.91 -23.27
N TYR J 34 -10.98 16.14 -24.03
CA TYR J 34 -9.99 15.10 -24.29
C TYR J 34 -9.14 14.82 -23.06
N LEU J 35 -8.56 13.63 -23.02
CA LEU J 35 -7.62 13.26 -21.97
C LEU J 35 -6.17 13.53 -22.35
N LEU J 36 -5.87 13.53 -23.64
CA LEU J 36 -4.53 13.83 -24.12
C LEU J 36 -4.29 15.34 -24.13
N THR J 37 -3.07 15.75 -23.81
CA THR J 37 -2.67 17.14 -23.88
C THR J 37 -1.43 17.25 -24.77
N THR J 38 -1.18 18.47 -25.25
CA THR J 38 -0.03 18.72 -26.12
C THR J 38 1.27 18.51 -25.37
N SER J 39 1.31 18.85 -24.08
CA SER J 39 2.51 18.70 -23.26
C SER J 39 2.96 17.25 -23.15
N GLN J 40 2.05 16.29 -23.31
CA GLN J 40 2.43 14.89 -23.29
C GLN J 40 3.14 14.47 -24.58
N ILE J 41 2.78 15.09 -25.70
CA ILE J 41 3.36 14.74 -26.99
C ILE J 41 4.35 15.79 -27.47
N ARG J 42 4.80 16.67 -26.58
CA ARG J 42 5.70 17.75 -26.98
C ARG J 42 7.05 17.22 -27.45
N LYS J 43 7.62 16.26 -26.72
CA LYS J 43 8.91 15.69 -27.10
C LYS J 43 8.80 14.92 -28.41
N LEU J 44 7.70 14.19 -28.60
CA LEU J 44 7.52 13.43 -29.83
C LEU J 44 7.37 14.35 -31.03
N LEU J 45 6.61 15.44 -30.86
CA LEU J 45 6.46 16.42 -31.92
C LEU J 45 7.78 17.09 -32.25
N SER J 46 8.58 17.42 -31.23
CA SER J 46 9.89 18.02 -31.47
C SER J 46 10.82 17.08 -32.20
N LEU J 47 10.81 15.80 -31.82
CA LEU J 47 11.67 14.82 -32.49
C LEU J 47 11.24 14.60 -33.94
N CYS J 48 9.92 14.54 -34.18
CA CYS J 48 9.43 14.40 -35.56
C CYS J 48 9.79 15.62 -36.40
N SER J 49 9.68 16.82 -35.82
CA SER J 49 10.02 18.04 -36.55
C SER J 49 11.51 18.10 -36.87
N SER J 50 12.36 17.73 -35.92
CA SER J 50 13.80 17.71 -36.16
C SER J 50 14.17 16.68 -37.21
N LEU J 51 13.55 15.48 -37.15
CA LEU J 51 13.80 14.45 -38.14
C LEU J 51 13.37 14.87 -39.54
N TYR J 52 12.20 15.51 -39.64
CA TYR J 52 11.72 15.98 -40.93
C TYR J 52 12.61 17.07 -41.50
N ASP J 53 13.07 17.98 -40.64
CA ASP J 53 13.97 19.05 -41.09
C ASP J 53 15.30 18.50 -41.57
N ARG J 54 15.86 17.54 -40.85
CA ARG J 54 17.14 16.97 -41.17
C ARG J 54 17.08 15.95 -42.31
N SER J 55 15.90 15.43 -42.62
CA SER J 55 15.80 14.51 -43.73
C SER J 55 15.92 15.18 -45.08
N LYS J 56 15.63 16.48 -45.16
CA LYS J 56 15.76 17.21 -46.42
C LYS J 56 17.20 17.30 -46.89
N GLU J 57 18.13 17.55 -45.96
CA GLU J 57 19.49 17.87 -46.31
C GLU J 57 20.42 16.66 -46.42
N ARG J 58 20.03 15.53 -45.87
CA ARG J 58 20.82 14.31 -45.83
C ARG J 58 20.03 13.06 -46.12
N LYS J 59 20.75 12.05 -46.59
CA LYS J 59 20.12 10.84 -47.08
C LYS J 59 19.63 9.97 -45.91
N PHE J 60 18.75 9.02 -46.25
CA PHE J 60 18.13 8.15 -45.26
C PHE J 60 19.08 7.11 -44.69
N ASP J 61 20.26 6.93 -45.29
CA ASP J 61 21.18 5.88 -44.86
C ASP J 61 21.65 6.10 -43.42
N GLU J 62 21.97 7.35 -43.07
CA GLU J 62 22.42 7.65 -41.71
C GLU J 62 21.36 8.38 -40.89
N LEU J 63 20.09 8.25 -41.26
CA LEU J 63 18.98 8.66 -40.42
C LEU J 63 18.38 7.51 -39.63
N ILE J 64 19.02 6.33 -39.67
CA ILE J 64 18.45 5.15 -39.04
C ILE J 64 18.40 5.29 -37.52
N ASN J 65 19.43 5.91 -36.94
CA ASN J 65 19.46 6.10 -35.49
C ASN J 65 18.38 7.06 -35.04
N ASP J 66 18.12 8.10 -35.82
CA ASP J 66 17.06 9.04 -35.48
C ASP J 66 15.68 8.39 -35.54
N VAL J 67 15.44 7.54 -36.56
CA VAL J 67 14.16 6.86 -36.67
C VAL J 67 13.98 5.85 -35.54
N SER J 68 15.05 5.11 -35.21
CA SER J 68 14.95 4.14 -34.12
C SER J 68 14.73 4.82 -32.78
N TYR J 69 15.40 5.97 -32.56
CA TYR J 69 15.15 6.73 -31.33
C TYR J 69 13.75 7.32 -31.30
N LEU J 70 13.23 7.68 -32.47
CA LEU J 70 11.87 8.19 -32.53
C LEU J 70 10.88 7.09 -32.13
N ARG J 71 11.09 5.87 -32.61
CA ARG J 71 10.24 4.74 -32.23
C ARG J 71 10.37 4.42 -30.74
N VAL J 72 11.60 4.49 -30.21
CA VAL J 72 11.82 4.26 -28.78
C VAL J 72 11.10 5.30 -27.94
N GLN J 73 11.17 6.56 -28.35
CA GLN J 73 10.49 7.61 -27.61
C GLN J 73 8.98 7.48 -27.71
N PHE J 74 8.46 7.04 -28.86
CA PHE J 74 7.02 6.82 -28.98
C PHE J 74 6.55 5.73 -28.03
N VAL J 75 7.22 4.57 -28.04
CA VAL J 75 6.80 3.49 -27.16
C VAL J 75 7.04 3.82 -25.69
N TYR J 76 7.99 4.73 -25.40
CA TYR J 76 8.19 5.12 -24.01
C TYR J 76 7.11 6.07 -23.54
N GLN J 77 6.83 7.11 -24.33
CA GLN J 77 5.84 8.09 -23.94
C GLN J 77 4.44 7.51 -23.93
N SER J 78 4.20 6.43 -24.66
CA SER J 78 2.92 5.74 -24.58
C SER J 78 2.66 5.20 -23.18
N GLY J 79 3.67 4.56 -22.58
CA GLY J 79 3.49 3.96 -21.28
C GLY J 79 3.78 4.89 -20.11
N ARG J 80 4.57 5.93 -20.35
CA ARG J 80 4.93 6.86 -19.29
C ARG J 80 3.75 7.72 -18.87
N ASN J 81 3.05 8.30 -19.84
CA ASN J 81 2.01 9.29 -19.56
C ASN J 81 0.72 8.58 -19.17
N SER J 82 0.33 8.72 -17.90
CA SER J 82 -0.91 8.16 -17.40
C SER J 82 -1.65 9.21 -16.59
N VAL J 83 -2.96 9.33 -16.82
CA VAL J 83 -3.81 10.27 -16.11
C VAL J 83 -4.88 9.47 -15.35
N ARG J 84 -5.05 9.78 -14.08
CA ARG J 84 -6.02 9.10 -13.23
C ARG J 84 -7.21 10.03 -13.05
N VAL J 85 -8.35 9.67 -13.64
CA VAL J 85 -9.56 10.47 -13.58
C VAL J 85 -10.74 9.57 -13.21
N ASN J 86 -11.50 10.00 -12.20
CA ASN J 86 -12.70 9.29 -11.73
C ASN J 86 -12.39 7.85 -11.34
N ARG J 87 -11.28 7.67 -10.60
CA ARG J 87 -10.84 6.37 -10.09
C ARG J 87 -10.62 5.36 -11.23
N GLN J 88 -9.92 5.81 -12.28
CA GLN J 88 -9.61 4.95 -13.40
C GLN J 88 -8.38 5.50 -14.13
N THR J 89 -7.39 4.63 -14.35
CA THR J 89 -6.16 5.04 -15.01
C THR J 89 -6.35 5.02 -16.53
N PHE J 90 -5.82 6.03 -17.20
CA PHE J 90 -5.89 6.15 -18.64
C PHE J 90 -4.50 6.44 -19.20
N PHE J 91 -4.23 5.93 -20.39
CA PHE J 91 -2.97 6.21 -21.09
C PHE J 91 -3.31 6.95 -22.37
N PRO J 92 -3.24 8.29 -22.37
CA PRO J 92 -3.70 9.03 -23.56
C PRO J 92 -2.76 8.94 -24.74
N VAL J 93 -1.45 9.01 -24.50
CA VAL J 93 -0.49 8.90 -25.59
C VAL J 93 -0.50 7.48 -26.17
N LYS J 94 -0.64 6.47 -25.30
CA LYS J 94 -0.76 5.10 -25.78
C LYS J 94 -2.03 4.91 -26.60
N ASP J 95 -3.12 5.53 -26.17
CA ASP J 95 -4.37 5.48 -26.93
C ASP J 95 -4.20 6.13 -28.30
N LEU J 96 -3.55 7.29 -28.35
CA LEU J 96 -3.32 7.96 -29.63
C LEU J 96 -2.42 7.13 -30.55
N VAL J 97 -1.39 6.50 -29.99
CA VAL J 97 -0.47 5.70 -30.79
C VAL J 97 -1.16 4.44 -31.32
N GLU J 98 -2.03 3.83 -30.50
CA GLU J 98 -2.71 2.63 -30.94
C GLU J 98 -3.84 2.93 -31.93
N LYS J 99 -4.45 4.11 -31.83
CA LYS J 99 -5.57 4.42 -32.72
C LYS J 99 -5.13 5.09 -34.01
N GLY J 100 -4.03 5.84 -33.99
CA GLY J 100 -3.47 6.39 -35.20
C GLY J 100 -2.51 5.48 -35.91
N GLN J 101 -2.26 4.27 -35.39
CA GLN J 101 -1.33 3.31 -35.98
C GLN J 101 0.06 3.92 -36.16
N ILE J 102 0.51 4.61 -35.11
CA ILE J 102 1.81 5.29 -35.18
C ILE J 102 2.93 4.27 -35.30
N LEU J 103 2.87 3.18 -34.54
CA LEU J 103 3.95 2.20 -34.58
C LEU J 103 3.98 1.45 -35.92
N GLU J 104 2.82 1.10 -36.46
CA GLU J 104 2.76 0.42 -37.74
C GLU J 104 3.18 1.34 -38.88
N ALA J 105 2.89 2.64 -38.77
CA ALA J 105 3.36 3.60 -39.75
C ALA J 105 4.87 3.81 -39.65
N LEU J 106 5.41 3.79 -38.43
CA LEU J 106 6.86 3.84 -38.23
C LEU J 106 7.56 2.63 -38.82
N LYS J 107 6.96 1.45 -38.70
CA LYS J 107 7.57 0.24 -39.24
C LYS J 107 7.64 0.28 -40.77
N GLU J 108 6.81 1.10 -41.41
CA GLU J 108 6.81 1.20 -42.86
C GLU J 108 7.84 2.20 -43.40
N ILE J 109 8.55 2.90 -42.53
CA ILE J 109 9.52 3.90 -42.97
C ILE J 109 10.76 3.18 -43.49
N LYS J 110 11.05 3.35 -44.78
CA LYS J 110 12.25 2.76 -45.37
C LYS J 110 13.06 3.74 -46.22
N ASP J 111 12.51 4.89 -46.58
CA ASP J 111 13.17 5.85 -47.44
C ASP J 111 12.71 7.25 -47.01
N ARG J 112 13.24 8.27 -47.69
CA ARG J 112 12.95 9.65 -47.32
C ARG J 112 11.48 9.99 -47.52
N GLU J 113 10.87 9.49 -48.60
CA GLU J 113 9.47 9.78 -48.90
C GLU J 113 8.54 9.30 -47.80
N THR J 114 8.76 8.06 -47.32
CA THR J 114 7.92 7.52 -46.27
C THR J 114 8.14 8.23 -44.94
N LEU J 115 9.40 8.63 -44.67
CA LEU J 115 9.70 9.37 -43.45
C LEU J 115 9.00 10.72 -43.43
N GLN J 116 9.06 11.44 -44.54
CA GLN J 116 8.38 12.73 -44.63
C GLN J 116 6.86 12.56 -44.59
N ARG J 117 6.33 11.48 -45.17
CA ARG J 117 4.90 11.20 -45.07
C ARG J 117 4.48 10.96 -43.63
N PHE J 118 5.30 10.22 -42.88
CA PHE J 118 5.00 9.98 -41.46
C PHE J 118 5.03 11.28 -40.66
N CYS J 119 6.02 12.14 -40.93
CA CYS J 119 6.11 13.41 -40.21
C CYS J 119 4.92 14.31 -40.52
N ARG J 120 4.50 14.34 -41.80
CA ARG J 120 3.31 15.10 -42.17
C ARG J 120 2.05 14.52 -41.55
N TYR J 121 1.99 13.19 -41.40
CA TYR J 121 0.87 12.57 -40.72
C TYR J 121 0.81 12.97 -39.25
N MET J 122 1.97 13.03 -38.59
CA MET J 122 2.01 13.49 -37.20
C MET J 122 1.55 14.93 -37.08
N GLU J 123 1.96 15.78 -38.04
CA GLU J 123 1.50 17.16 -38.08
C GLU J 123 -0.02 17.23 -38.25
N ALA J 124 -0.57 16.39 -39.13
CA ALA J 124 -2.02 16.36 -39.33
C ALA J 124 -2.74 15.92 -38.06
N LEU J 125 -2.17 14.93 -37.34
CA LEU J 125 -2.77 14.44 -36.10
C LEU J 125 -2.84 15.54 -35.05
N VAL J 126 -1.73 16.25 -34.82
CA VAL J 126 -1.77 17.32 -33.82
C VAL J 126 -2.64 18.48 -34.28
N ALA J 127 -2.70 18.75 -35.60
CA ALA J 127 -3.54 19.82 -36.11
C ALA J 127 -5.02 19.54 -35.85
N TYR J 128 -5.45 18.31 -36.12
CA TYR J 128 -6.83 17.92 -35.87
C TYR J 128 -7.14 17.75 -34.39
N PHE J 129 -6.13 17.40 -33.59
CA PHE J 129 -6.33 17.37 -32.15
C PHE J 129 -6.60 18.76 -31.60
N LYS J 130 -5.85 19.75 -32.06
CA LYS J 130 -6.09 21.12 -31.63
C LYS J 130 -7.38 21.69 -32.21
N PHE J 131 -7.74 21.27 -33.43
CA PHE J 131 -8.98 21.73 -34.05
C PHE J 131 -10.21 21.28 -33.29
N TYR J 132 -10.14 20.11 -32.64
CA TYR J 132 -11.27 19.55 -31.91
C TYR J 132 -11.26 19.93 -30.43
N GLY J 133 -10.59 21.01 -30.06
CA GLY J 133 -10.62 21.46 -28.68
C GLY J 133 -9.59 20.82 -27.78
N GLY J 134 -8.54 20.21 -28.33
CA GLY J 134 -7.49 19.67 -27.49
C GLY J 134 -6.72 20.76 -26.77
N LYS J 135 -6.24 20.42 -25.58
CA LYS J 135 -5.59 21.39 -24.71
C LYS J 135 -4.08 21.26 -24.77
N ASP J 136 -3.40 22.27 -24.25
CA ASP J 136 -1.95 22.29 -24.20
C ASP J 136 -1.45 21.56 -22.95
N MET K 7 31.43 -10.93 -34.43
CA MET K 7 29.99 -11.06 -34.34
C MET K 7 29.49 -10.35 -33.09
N ALA K 8 28.63 -9.36 -33.29
CA ALA K 8 28.08 -8.57 -32.20
C ALA K 8 26.59 -8.82 -32.06
N ILE K 9 26.11 -8.90 -30.81
CA ILE K 9 24.69 -9.11 -30.58
C ILE K 9 23.88 -7.82 -30.74
N LEU K 10 24.52 -6.66 -30.64
CA LEU K 10 23.86 -5.37 -30.77
C LEU K 10 24.40 -4.67 -32.01
N THR K 11 23.50 -4.29 -32.89
CA THR K 11 23.82 -3.49 -34.07
C THR K 11 22.77 -2.39 -34.18
N ASP K 12 23.07 -1.40 -35.03
CA ASP K 12 22.16 -0.26 -35.19
C ASP K 12 20.84 -0.62 -35.85
N GLU K 13 20.72 -1.82 -36.41
CA GLU K 13 19.54 -2.23 -37.14
C GLU K 13 18.66 -3.19 -36.37
N ASN K 14 19.07 -3.61 -35.17
CA ASN K 14 18.28 -4.61 -34.48
C ASN K 14 18.05 -4.35 -33.00
N TYR K 15 18.66 -3.33 -32.37
CA TYR K 15 18.62 -3.26 -30.91
C TYR K 15 17.22 -2.94 -30.39
N VAL K 16 16.42 -2.20 -31.15
CA VAL K 16 15.08 -1.87 -30.69
C VAL K 16 14.18 -3.11 -30.73
N ASP K 17 14.24 -3.87 -31.83
CA ASP K 17 13.51 -5.14 -31.91
C ASP K 17 14.03 -6.17 -30.92
N LYS K 18 15.35 -6.17 -30.68
CA LYS K 18 15.94 -7.04 -29.69
C LYS K 18 15.39 -6.74 -28.30
N ALA K 19 15.28 -5.46 -27.96
CA ALA K 19 14.68 -5.06 -26.69
C ALA K 19 13.21 -5.43 -26.61
N GLU K 20 12.47 -5.20 -27.70
CA GLU K 20 11.12 -5.74 -27.86
C GLU K 20 10.94 -7.20 -27.48
N ARG K 21 11.70 -8.07 -28.14
CA ARG K 21 11.61 -9.49 -27.85
C ARG K 21 12.07 -9.82 -26.42
N ALA K 22 13.14 -9.14 -25.97
CA ALA K 22 13.70 -9.41 -24.66
C ALA K 22 12.72 -9.11 -23.55
N ILE K 23 12.00 -7.99 -23.66
CA ILE K 23 11.11 -7.69 -22.57
C ILE K 23 9.71 -8.27 -22.77
N SER K 24 9.36 -8.73 -23.98
CA SER K 24 8.12 -9.46 -24.13
C SER K 24 8.20 -10.86 -23.53
N LEU K 25 9.43 -11.34 -23.27
CA LEU K 25 9.59 -12.66 -22.65
C LEU K 25 9.78 -12.62 -21.12
N LEU K 26 9.68 -11.45 -20.49
CA LEU K 26 9.92 -11.34 -19.05
C LEU K 26 8.84 -12.09 -18.28
N GLU K 27 9.22 -12.61 -17.12
CA GLU K 27 8.30 -13.34 -16.27
C GLU K 27 7.15 -12.47 -15.80
N LYS K 28 5.97 -13.08 -15.73
CA LYS K 28 4.75 -12.39 -15.36
C LYS K 28 4.06 -13.15 -14.24
N ASP K 29 3.34 -12.41 -13.41
CA ASP K 29 2.49 -12.99 -12.39
C ASP K 29 1.32 -13.72 -13.04
N ASN K 30 0.59 -14.48 -12.23
CA ASN K 30 -0.60 -15.16 -12.71
C ASN K 30 -1.69 -14.19 -13.15
N LYS K 31 -1.66 -12.95 -12.64
CA LYS K 31 -2.58 -11.91 -13.08
C LYS K 31 -2.12 -11.23 -14.37
N GLY K 32 -0.90 -11.49 -14.83
CA GLY K 32 -0.39 -10.92 -16.05
C GLY K 32 0.54 -9.75 -15.88
N ASN K 33 0.70 -9.23 -14.67
CA ASN K 33 1.57 -8.08 -14.44
C ASN K 33 3.03 -8.51 -14.44
N TYR K 34 3.89 -7.59 -14.87
CA TYR K 34 5.33 -7.83 -14.86
C TYR K 34 5.84 -7.86 -13.42
N LEU K 35 6.79 -8.77 -13.16
CA LEU K 35 7.41 -8.81 -11.85
C LEU K 35 8.46 -7.72 -11.68
N LEU K 36 9.07 -7.29 -12.78
CA LEU K 36 10.04 -6.21 -12.73
C LEU K 36 9.35 -4.87 -12.53
N THR K 37 9.99 -4.00 -11.75
CA THR K 37 9.53 -2.63 -11.56
C THR K 37 10.70 -1.70 -11.83
N THR K 38 10.37 -0.44 -12.14
CA THR K 38 11.38 0.57 -12.47
C THR K 38 12.28 0.88 -11.27
N SER K 39 11.76 0.70 -10.05
CA SER K 39 12.56 0.96 -8.87
C SER K 39 13.73 -0.02 -8.74
N GLN K 40 13.57 -1.23 -9.24
CA GLN K 40 14.64 -2.22 -9.16
C GLN K 40 15.78 -1.93 -10.11
N ILE K 41 15.52 -1.18 -11.19
CA ILE K 41 16.54 -0.89 -12.19
C ILE K 41 16.82 0.61 -12.27
N ARG K 42 16.44 1.38 -11.25
CA ARG K 42 16.61 2.84 -11.30
C ARG K 42 18.07 3.23 -11.30
N LYS K 43 18.90 2.55 -10.48
CA LYS K 43 20.31 2.89 -10.39
C LYS K 43 21.03 2.53 -11.66
N LEU K 44 20.68 1.37 -12.24
CA LEU K 44 21.28 0.95 -13.50
C LEU K 44 20.94 1.92 -14.62
N LEU K 45 19.69 2.37 -14.69
CA LEU K 45 19.29 3.34 -15.70
C LEU K 45 20.01 4.67 -15.51
N SER K 46 20.17 5.11 -14.25
CA SER K 46 20.88 6.36 -13.99
C SER K 46 22.34 6.27 -14.39
N LEU K 47 22.98 5.13 -14.09
CA LEU K 47 24.37 4.95 -14.46
C LEU K 47 24.55 4.88 -15.98
N CYS K 48 23.62 4.22 -16.68
CA CYS K 48 23.67 4.19 -18.14
C CYS K 48 23.48 5.58 -18.73
N SER K 49 22.57 6.38 -18.17
CA SER K 49 22.35 7.73 -18.65
C SER K 49 23.59 8.60 -18.44
N SER K 50 24.22 8.49 -17.27
CA SER K 50 25.43 9.25 -17.00
C SER K 50 26.56 8.82 -17.91
N LEU K 51 26.69 7.52 -18.18
CA LEU K 51 27.73 7.04 -19.09
C LEU K 51 27.52 7.52 -20.51
N TYR K 52 26.26 7.54 -20.97
CA TYR K 52 25.94 8.11 -22.28
C TYR K 52 26.27 9.60 -22.35
N ASP K 53 25.97 10.34 -21.29
CA ASP K 53 26.27 11.76 -21.26
C ASP K 53 27.77 12.01 -21.32
N ARG K 54 28.53 11.19 -20.62
CA ARG K 54 29.96 11.41 -20.50
C ARG K 54 30.70 10.85 -21.72
N SER K 55 30.07 9.95 -22.50
CA SER K 55 30.73 9.43 -23.69
C SER K 55 30.86 10.47 -24.79
N LYS K 56 30.04 11.53 -24.75
CA LYS K 56 30.10 12.54 -25.81
C LYS K 56 31.32 13.43 -25.65
N GLU K 57 31.68 13.78 -24.42
CA GLU K 57 32.78 14.70 -24.18
C GLU K 57 34.11 13.99 -24.10
N ARG K 58 34.20 12.99 -23.25
CA ARG K 58 35.50 12.53 -22.82
C ARG K 58 35.81 11.35 -23.76
N LYS K 59 37.09 10.93 -23.80
CA LYS K 59 37.46 9.81 -24.66
C LYS K 59 37.10 8.49 -23.97
N PHE K 60 37.15 7.39 -24.74
CA PHE K 60 36.77 6.09 -24.19
C PHE K 60 37.75 5.59 -23.14
N ASP K 61 39.06 5.84 -23.33
CA ASP K 61 40.06 5.43 -22.34
C ASP K 61 39.85 6.07 -20.97
N GLU K 62 39.18 7.22 -20.89
CA GLU K 62 38.88 7.79 -19.59
C GLU K 62 37.73 7.05 -18.95
N LEU K 63 36.76 6.62 -19.75
CA LEU K 63 35.61 5.85 -19.27
C LEU K 63 35.86 4.36 -19.25
N ILE K 64 36.98 3.94 -18.65
CA ILE K 64 37.27 2.53 -18.55
C ILE K 64 36.82 1.98 -17.19
N ASN K 65 36.74 2.83 -16.16
CA ASN K 65 36.27 2.40 -14.85
C ASN K 65 34.76 2.48 -14.73
N ASP K 66 34.14 3.26 -15.59
CA ASP K 66 32.69 3.49 -15.48
C ASP K 66 31.93 2.37 -16.02
N VAL K 67 32.46 1.79 -17.08
CA VAL K 67 31.86 0.61 -17.64
C VAL K 67 32.02 -0.56 -16.68
N SER K 68 33.18 -0.67 -16.01
CA SER K 68 33.37 -1.75 -15.05
C SER K 68 32.45 -1.60 -13.85
N TYR K 69 32.27 -0.36 -13.37
CA TYR K 69 31.33 -0.11 -12.29
C TYR K 69 29.91 -0.41 -12.72
N LEU K 70 29.59 -0.11 -13.98
CA LEU K 70 28.26 -0.40 -14.48
C LEU K 70 28.04 -1.91 -14.53
N ARG K 71 29.06 -2.67 -14.96
CA ARG K 71 28.95 -4.14 -15.01
C ARG K 71 28.80 -4.75 -13.62
N VAL K 72 29.59 -4.28 -12.65
CA VAL K 72 29.47 -4.82 -11.29
C VAL K 72 28.12 -4.42 -10.67
N GLN K 73 27.60 -3.24 -11.02
CA GLN K 73 26.27 -2.86 -10.57
C GLN K 73 25.21 -3.75 -11.18
N PHE K 74 25.37 -4.10 -12.46
CA PHE K 74 24.40 -4.98 -13.12
C PHE K 74 24.37 -6.34 -12.45
N VAL K 75 25.56 -6.89 -12.17
CA VAL K 75 25.63 -8.20 -11.53
C VAL K 75 25.08 -8.16 -10.10
N TYR K 76 25.39 -7.10 -9.35
CA TYR K 76 24.90 -6.97 -8.00
C TYR K 76 23.39 -6.83 -7.94
N GLN K 77 22.84 -5.98 -8.80
CA GLN K 77 21.39 -5.77 -8.81
C GLN K 77 20.66 -7.02 -9.28
N SER K 78 21.22 -7.73 -10.27
CA SER K 78 20.57 -8.96 -10.71
C SER K 78 20.61 -10.03 -9.62
N GLY K 79 21.68 -10.06 -8.82
CA GLY K 79 21.76 -11.04 -7.75
C GLY K 79 20.97 -10.70 -6.49
N ARG K 80 20.66 -9.41 -6.27
CA ARG K 80 20.07 -9.02 -4.99
C ARG K 80 18.55 -8.82 -5.05
N ASN K 81 18.01 -8.46 -6.20
CA ASN K 81 16.59 -8.11 -6.28
C ASN K 81 15.74 -9.37 -6.37
N SER K 82 14.81 -9.53 -5.43
CA SER K 82 13.93 -10.68 -5.37
C SER K 82 12.51 -10.23 -5.08
N VAL K 83 11.56 -10.86 -5.75
CA VAL K 83 10.14 -10.63 -5.53
C VAL K 83 9.49 -11.97 -5.22
N ARG K 84 8.79 -12.04 -4.09
CA ARG K 84 8.15 -13.27 -3.65
C ARG K 84 6.64 -13.11 -3.76
N VAL K 85 6.01 -13.97 -4.55
CA VAL K 85 4.56 -14.01 -4.68
C VAL K 85 4.13 -15.46 -4.68
N ASN K 86 3.07 -15.77 -3.91
CA ASN K 86 2.50 -17.10 -3.89
C ASN K 86 3.52 -18.19 -3.54
N ARG K 87 4.35 -17.90 -2.54
CA ARG K 87 5.41 -18.76 -2.04
C ARG K 87 6.50 -19.05 -3.06
N GLN K 88 6.53 -18.30 -4.16
CA GLN K 88 7.54 -18.48 -5.21
C GLN K 88 8.34 -17.20 -5.32
N THR K 89 9.67 -17.34 -5.30
CA THR K 89 10.58 -16.20 -5.37
C THR K 89 11.18 -16.14 -6.75
N PHE K 90 10.99 -15.01 -7.43
CA PHE K 90 11.62 -14.75 -8.69
C PHE K 90 12.60 -13.60 -8.53
N PHE K 91 13.47 -13.43 -9.54
CA PHE K 91 14.53 -12.42 -9.51
C PHE K 91 14.43 -11.64 -10.81
N PRO K 92 13.60 -10.59 -10.84
CA PRO K 92 13.27 -9.95 -12.13
C PRO K 92 14.44 -9.27 -12.82
N VAL K 93 15.37 -8.71 -12.06
CA VAL K 93 16.50 -8.03 -12.69
C VAL K 93 17.42 -9.04 -13.34
N LYS K 94 17.66 -10.19 -12.69
CA LYS K 94 18.46 -11.23 -13.32
C LYS K 94 17.79 -11.80 -14.56
N ASP K 95 16.47 -11.96 -14.51
CA ASP K 95 15.73 -12.41 -15.69
C ASP K 95 15.87 -11.42 -16.83
N LEU K 96 15.77 -10.12 -16.54
CA LEU K 96 15.96 -9.09 -17.56
C LEU K 96 17.37 -9.12 -18.12
N VAL K 97 18.37 -9.30 -17.25
CA VAL K 97 19.77 -9.30 -17.69
C VAL K 97 20.06 -10.49 -18.60
N GLU K 98 19.57 -11.68 -18.25
CA GLU K 98 19.84 -12.84 -19.09
C GLU K 98 19.02 -12.82 -20.37
N LYS K 99 17.76 -12.36 -20.31
CA LYS K 99 16.93 -12.35 -21.50
C LYS K 99 17.23 -11.18 -22.42
N GLY K 100 17.91 -10.16 -21.94
CA GLY K 100 18.35 -9.06 -22.77
C GLY K 100 19.81 -9.13 -23.16
N GLN K 101 20.53 -10.12 -22.62
CA GLN K 101 21.96 -10.33 -22.85
C GLN K 101 22.77 -9.08 -22.52
N ILE K 102 22.49 -8.53 -21.33
CA ILE K 102 23.10 -7.26 -20.94
C ILE K 102 24.60 -7.43 -20.72
N LEU K 103 25.00 -8.50 -20.03
CA LEU K 103 26.41 -8.72 -19.73
C LEU K 103 27.20 -9.01 -21.00
N GLU K 104 26.65 -9.84 -21.89
CA GLU K 104 27.33 -10.13 -23.15
C GLU K 104 27.48 -8.88 -24.01
N ALA K 105 26.46 -8.02 -24.04
CA ALA K 105 26.55 -6.75 -24.74
C ALA K 105 27.59 -5.83 -24.09
N LEU K 106 27.68 -5.86 -22.75
CA LEU K 106 28.69 -5.08 -22.06
C LEU K 106 30.10 -5.56 -22.36
N LYS K 107 30.25 -6.86 -22.68
CA LYS K 107 31.57 -7.37 -23.04
C LYS K 107 32.02 -6.84 -24.40
N GLU K 108 31.07 -6.47 -25.26
CA GLU K 108 31.37 -5.94 -26.59
C GLU K 108 31.40 -4.42 -26.62
N ILE K 109 31.78 -3.77 -25.52
CA ILE K 109 31.95 -2.32 -25.49
C ILE K 109 33.44 -2.04 -25.55
N LYS K 110 33.88 -1.43 -26.63
CA LYS K 110 35.29 -1.17 -26.86
C LYS K 110 35.61 0.25 -27.32
N ASP K 111 34.61 1.07 -27.61
CA ASP K 111 34.83 2.44 -28.06
C ASP K 111 33.53 3.22 -27.82
N ARG K 112 33.49 4.46 -28.31
CA ARG K 112 32.33 5.32 -28.09
C ARG K 112 31.09 4.77 -28.79
N GLU K 113 31.27 4.20 -29.99
CA GLU K 113 30.13 3.73 -30.77
C GLU K 113 29.40 2.58 -30.08
N THR K 114 30.16 1.58 -29.60
CA THR K 114 29.53 0.43 -28.96
C THR K 114 28.91 0.81 -27.62
N LEU K 115 29.58 1.69 -26.88
CA LEU K 115 29.04 2.17 -25.61
C LEU K 115 27.72 2.92 -25.81
N GLN K 116 27.68 3.81 -26.81
CA GLN K 116 26.45 4.54 -27.10
C GLN K 116 25.35 3.62 -27.59
N ARG K 117 25.72 2.60 -28.37
CA ARG K 117 24.74 1.61 -28.82
C ARG K 117 24.15 0.84 -27.65
N PHE K 118 25.00 0.46 -26.69
CA PHE K 118 24.50 -0.25 -25.51
C PHE K 118 23.58 0.65 -24.66
N CYS K 119 23.93 1.92 -24.52
CA CYS K 119 23.09 2.81 -23.74
C CYS K 119 21.75 3.06 -24.43
N ARG K 120 21.76 3.17 -25.76
CA ARG K 120 20.51 3.24 -26.51
C ARG K 120 19.71 1.95 -26.40
N TYR K 121 20.39 0.80 -26.32
CA TYR K 121 19.68 -0.46 -26.11
C TYR K 121 18.99 -0.50 -24.76
N MET K 122 19.64 0.01 -23.73
CA MET K 122 18.99 0.10 -22.42
C MET K 122 17.81 1.07 -22.44
N GLU K 123 17.97 2.19 -23.17
CA GLU K 123 16.85 3.10 -23.44
C GLU K 123 15.66 2.36 -24.03
N ALA K 124 15.92 1.53 -25.05
CA ALA K 124 14.84 0.78 -25.71
C ALA K 124 14.23 -0.25 -24.78
N LEU K 125 15.07 -0.91 -23.95
CA LEU K 125 14.57 -1.90 -22.99
C LEU K 125 13.59 -1.29 -22.01
N VAL K 126 13.97 -0.16 -21.40
CA VAL K 126 13.07 0.45 -20.42
C VAL K 126 11.85 1.07 -21.11
N ALA K 127 12.01 1.56 -22.35
CA ALA K 127 10.90 2.13 -23.08
C ALA K 127 9.84 1.09 -23.35
N TYR K 128 10.27 -0.06 -23.82
CA TYR K 128 9.27 -1.02 -24.13
C TYR K 128 8.73 -1.69 -22.85
N PHE K 129 9.54 -1.74 -21.78
CA PHE K 129 9.05 -2.24 -20.49
C PHE K 129 7.91 -1.38 -19.97
N LYS K 130 8.06 -0.06 -20.09
CA LYS K 130 6.96 0.84 -19.73
C LYS K 130 5.79 0.71 -20.68
N PHE K 131 6.05 0.36 -21.95
CA PHE K 131 4.98 0.27 -22.94
C PHE K 131 4.01 -0.86 -22.61
N TYR K 132 4.51 -2.00 -22.14
CA TYR K 132 3.66 -3.16 -21.84
C TYR K 132 3.27 -3.26 -20.38
N GLY K 133 3.01 -2.14 -19.72
CA GLY K 133 2.43 -2.18 -18.39
C GLY K 133 3.40 -2.33 -17.26
N GLY K 134 4.68 -1.98 -17.46
CA GLY K 134 5.61 -1.98 -16.37
C GLY K 134 5.27 -0.91 -15.35
N LYS K 135 5.52 -1.21 -14.08
CA LYS K 135 5.16 -0.33 -12.98
C LYS K 135 6.40 0.38 -12.46
N ASP K 136 6.18 1.51 -11.81
CA ASP K 136 7.26 2.26 -11.18
C ASP K 136 7.67 1.64 -9.86
N MET L 1 -2.94 -49.35 41.85
CA MET L 1 -2.90 -48.54 40.64
C MET L 1 -2.87 -49.44 39.42
N SER L 2 -1.91 -50.35 39.41
CA SER L 2 -1.86 -51.41 38.41
C SER L 2 -2.45 -52.72 38.90
N ILE L 3 -3.00 -52.74 40.12
CA ILE L 3 -3.63 -53.95 40.63
C ILE L 3 -4.92 -54.21 39.87
N ILE L 4 -5.11 -55.45 39.42
CA ILE L 4 -6.29 -55.83 38.67
C ILE L 4 -7.51 -55.78 39.58
N THR L 5 -8.52 -55.03 39.14
CA THR L 5 -9.75 -54.81 39.88
C THR L 5 -10.93 -55.58 39.31
N ASP L 6 -11.08 -55.64 37.99
CA ASP L 6 -12.23 -56.30 37.37
C ASP L 6 -11.77 -57.20 36.23
N VAL L 7 -12.32 -58.40 36.18
CA VAL L 7 -12.16 -59.32 35.03
C VAL L 7 -13.55 -59.80 34.65
N TYR L 8 -13.96 -59.49 33.41
CA TYR L 8 -15.33 -59.79 32.99
C TYR L 8 -15.31 -60.36 31.58
N ALA L 9 -15.96 -61.50 31.38
CA ALA L 9 -16.08 -62.09 30.06
C ALA L 9 -17.52 -62.02 29.56
N ARG L 10 -17.65 -61.89 28.26
CA ARG L 10 -18.93 -61.93 27.60
C ARG L 10 -18.80 -62.72 26.31
N GLU L 11 -19.94 -63.13 25.78
CA GLU L 11 -20.00 -63.92 24.55
C GLU L 11 -20.29 -63.01 23.37
N VAL L 12 -19.44 -63.08 22.34
CA VAL L 12 -19.59 -62.29 21.12
C VAL L 12 -19.52 -63.26 19.94
N LEU L 13 -19.52 -62.71 18.73
CA LEU L 13 -19.49 -63.53 17.53
C LEU L 13 -18.19 -63.35 16.79
N ASP L 14 -17.72 -64.42 16.17
CA ASP L 14 -16.53 -64.42 15.33
C ASP L 14 -16.88 -64.10 13.88
N SER L 15 -15.89 -64.28 13.00
CA SER L 15 -16.00 -63.96 11.58
C SER L 15 -16.57 -65.10 10.76
N ARG L 16 -17.40 -65.92 11.35
CA ARG L 16 -18.10 -66.97 10.67
C ARG L 16 -19.54 -67.07 11.15
N GLY L 17 -19.94 -66.24 12.11
CA GLY L 17 -21.23 -66.36 12.75
C GLY L 17 -21.25 -67.24 13.98
N ASN L 18 -20.17 -67.96 14.26
CA ASN L 18 -20.09 -68.82 15.42
C ASN L 18 -19.70 -68.02 16.65
N PRO L 19 -20.17 -68.43 17.83
CA PRO L 19 -19.84 -67.69 19.05
C PRO L 19 -18.39 -67.86 19.48
N THR L 20 -17.86 -66.81 20.11
CA THR L 20 -16.60 -66.87 20.82
C THR L 20 -16.79 -65.97 22.04
N LEU L 21 -15.73 -65.70 22.79
CA LEU L 21 -15.82 -64.87 23.98
C LEU L 21 -14.77 -63.78 23.92
N GLU L 22 -15.07 -62.70 24.63
CA GLU L 22 -14.12 -61.62 24.85
C GLU L 22 -14.03 -61.34 26.34
N VAL L 23 -12.85 -60.92 26.77
CA VAL L 23 -12.56 -60.66 28.19
C VAL L 23 -12.10 -59.22 28.31
N GLU L 24 -12.63 -58.52 29.31
CA GLU L 24 -12.20 -57.17 29.66
C GLU L 24 -11.55 -57.20 31.03
N VAL L 25 -10.43 -56.48 31.15
CA VAL L 25 -9.67 -56.38 32.39
C VAL L 25 -9.55 -54.90 32.74
N TYR L 26 -9.89 -54.56 33.97
CA TYR L 26 -9.79 -53.21 34.51
C TYR L 26 -8.85 -53.24 35.70
N THR L 27 -7.92 -52.27 35.77
CA THR L 27 -7.07 -52.13 36.94
C THR L 27 -7.57 -50.96 37.78
N GLU L 28 -6.87 -50.70 38.89
CA GLU L 28 -7.36 -49.74 39.87
C GLU L 28 -7.27 -48.30 39.36
N SER L 29 -6.29 -48.01 38.51
CA SER L 29 -6.13 -46.66 37.97
C SER L 29 -7.02 -46.38 36.78
N GLY L 30 -7.80 -47.36 36.32
CA GLY L 30 -8.61 -47.20 35.14
C GLY L 30 -8.01 -47.75 33.87
N ALA L 31 -6.90 -48.49 33.95
CA ALA L 31 -6.34 -49.08 32.74
C ALA L 31 -7.24 -50.21 32.27
N PHE L 32 -7.50 -50.23 30.97
CA PHE L 32 -8.46 -51.13 30.37
C PHE L 32 -7.79 -51.97 29.30
N GLY L 33 -8.10 -53.26 29.29
CA GLY L 33 -7.64 -54.13 28.24
C GLY L 33 -8.73 -55.08 27.78
N ARG L 34 -8.82 -55.35 26.49
CA ARG L 34 -9.82 -56.27 25.97
C ARG L 34 -9.15 -57.31 25.09
N GLY L 35 -9.45 -58.58 25.34
CA GLY L 35 -8.95 -59.65 24.52
C GLY L 35 -10.05 -60.52 23.95
N MET L 36 -10.12 -60.60 22.62
CA MET L 36 -11.07 -61.47 21.95
C MET L 36 -10.33 -62.69 21.43
N VAL L 37 -10.99 -63.84 21.46
CA VAL L 37 -10.37 -65.12 21.18
C VAL L 37 -10.79 -65.57 19.79
N PRO L 38 -9.86 -65.91 18.90
CA PRO L 38 -10.25 -66.57 17.65
C PRO L 38 -10.75 -67.98 17.91
N SER L 39 -11.68 -68.43 17.08
CA SER L 39 -12.26 -69.76 17.25
C SER L 39 -11.31 -70.84 16.78
N GLY L 40 -11.11 -71.84 17.63
CA GLY L 40 -10.21 -72.94 17.33
C GLY L 40 -10.90 -74.27 17.21
N ALA L 41 -10.32 -75.31 17.81
CA ALA L 41 -10.86 -76.66 17.74
C ALA L 41 -10.98 -77.21 19.16
N SER L 42 -12.16 -77.74 19.48
CA SER L 42 -12.39 -78.36 20.80
C SER L 42 -11.94 -79.81 20.84
N THR L 43 -11.47 -80.37 19.74
CA THR L 43 -10.94 -81.72 19.69
C THR L 43 -9.48 -81.66 19.27
N GLY L 44 -8.60 -82.26 20.07
CA GLY L 44 -7.21 -82.34 19.73
C GLY L 44 -6.43 -83.22 20.67
N GLU L 45 -5.56 -84.07 20.11
CA GLU L 45 -4.80 -85.01 20.93
C GLU L 45 -3.85 -84.29 21.87
N HIS L 46 -3.07 -83.34 21.33
CA HIS L 46 -2.12 -82.61 22.16
C HIS L 46 -2.18 -81.11 21.89
N GLU L 47 -3.28 -80.62 21.34
CA GLU L 47 -3.50 -79.19 21.20
C GLU L 47 -4.57 -78.76 22.19
N ALA L 48 -4.46 -77.51 22.64
CA ALA L 48 -5.35 -77.00 23.67
C ALA L 48 -6.77 -76.90 23.13
N VAL L 49 -7.73 -77.31 23.96
CA VAL L 49 -9.14 -77.41 23.55
C VAL L 49 -9.92 -76.23 24.11
N GLU L 50 -10.86 -75.74 23.31
CA GLU L 50 -11.77 -74.68 23.73
C GLU L 50 -13.05 -75.30 24.28
N LEU L 51 -13.68 -74.58 25.20
CA LEU L 51 -14.87 -75.08 25.88
C LEU L 51 -16.12 -74.57 25.17
N ARG L 52 -16.91 -75.49 24.65
CA ARG L 52 -18.19 -75.17 24.01
C ARG L 52 -19.32 -75.75 24.85
N ASP L 53 -20.48 -75.11 24.77
CA ASP L 53 -21.63 -75.48 25.58
C ASP L 53 -22.15 -76.86 25.18
N GLY L 54 -22.22 -77.15 23.89
CA GLY L 54 -22.79 -78.38 23.42
C GLY L 54 -24.31 -78.40 23.39
N ASP L 55 -24.96 -77.30 23.75
CA ASP L 55 -26.42 -77.20 23.72
C ASP L 55 -26.84 -77.03 22.28
N LYS L 56 -27.49 -78.05 21.72
CA LYS L 56 -27.91 -78.00 20.32
C LYS L 56 -29.04 -77.00 20.07
N ALA L 57 -29.74 -76.58 21.13
CA ALA L 57 -30.80 -75.60 20.98
C ALA L 57 -30.27 -74.16 20.95
N ARG L 58 -28.98 -73.96 21.17
CA ARG L 58 -28.37 -72.63 21.19
C ARG L 58 -27.13 -72.65 20.32
N TYR L 59 -27.19 -71.95 19.19
CA TYR L 59 -26.07 -71.75 18.26
C TYR L 59 -25.54 -73.05 17.69
N GLY L 60 -26.35 -74.10 17.66
CA GLY L 60 -25.92 -75.39 17.14
C GLY L 60 -24.83 -76.05 17.95
N GLY L 61 -24.87 -75.89 19.28
CA GLY L 61 -23.87 -76.50 20.13
C GLY L 61 -22.55 -75.76 20.22
N LEU L 62 -22.48 -74.53 19.72
CA LEU L 62 -21.24 -73.77 19.68
C LEU L 62 -21.21 -72.60 20.65
N GLY L 63 -22.17 -72.52 21.58
CA GLY L 63 -22.17 -71.42 22.53
C GLY L 63 -20.98 -71.46 23.45
N THR L 64 -20.57 -70.28 23.93
CA THR L 64 -19.40 -70.17 24.79
C THR L 64 -19.77 -69.62 26.16
N GLN L 65 -20.98 -69.92 26.64
CA GLN L 65 -21.39 -69.43 27.95
C GLN L 65 -20.67 -70.14 29.08
N LYS L 66 -20.25 -71.40 28.86
CA LYS L 66 -19.49 -72.12 29.87
C LYS L 66 -18.14 -71.47 30.12
N ALA L 67 -17.44 -71.08 29.06
CA ALA L 67 -16.15 -70.41 29.21
C ALA L 67 -16.33 -69.01 29.81
N VAL L 68 -17.41 -68.32 29.45
CA VAL L 68 -17.70 -67.01 30.01
C VAL L 68 -17.94 -67.12 31.52
N ASP L 69 -18.71 -68.13 31.93
CA ASP L 69 -18.91 -68.38 33.36
C ASP L 69 -17.62 -68.80 34.05
N ASN L 70 -16.76 -69.55 33.35
CA ASN L 70 -15.47 -69.93 33.92
C ASN L 70 -14.60 -68.71 34.18
N VAL L 71 -14.62 -67.74 33.28
CA VAL L 71 -13.87 -66.51 33.54
C VAL L 71 -14.52 -65.72 34.66
N ASN L 72 -15.85 -65.60 34.65
CA ASN L 72 -16.53 -64.69 35.57
C ASN L 72 -16.57 -65.21 37.00
N ASN L 73 -16.56 -66.54 37.18
CA ASN L 73 -16.77 -67.13 38.49
C ASN L 73 -15.58 -67.91 39.02
N VAL L 74 -14.56 -68.17 38.20
CA VAL L 74 -13.40 -68.95 38.61
C VAL L 74 -12.11 -68.16 38.41
N ILE L 75 -11.85 -67.72 37.19
CA ILE L 75 -10.60 -67.03 36.88
C ILE L 75 -10.58 -65.64 37.52
N ALA L 76 -11.72 -64.95 37.51
CA ALA L 76 -11.77 -63.58 38.01
C ALA L 76 -11.45 -63.50 39.50
N GLU L 77 -11.98 -64.43 40.30
CA GLU L 77 -11.70 -64.43 41.73
C GLU L 77 -10.24 -64.76 42.03
N HIS L 78 -9.54 -65.40 41.10
CA HIS L 78 -8.14 -65.78 41.28
C HIS L 78 -7.17 -64.74 40.77
N ILE L 79 -7.54 -64.00 39.72
CA ILE L 79 -6.62 -63.06 39.10
C ILE L 79 -6.75 -61.65 39.71
N ILE L 80 -7.94 -61.29 40.20
CA ILE L 80 -8.14 -59.97 40.80
C ILE L 80 -7.26 -59.83 42.04
N GLY L 81 -6.46 -58.76 42.06
CA GLY L 81 -5.46 -58.56 43.07
C GLY L 81 -4.04 -58.71 42.56
N PHE L 82 -3.86 -59.35 41.41
CA PHE L 82 -2.56 -59.43 40.77
C PHE L 82 -2.18 -58.08 40.18
N ASP L 83 -0.88 -57.83 40.08
CA ASP L 83 -0.42 -56.69 39.31
C ASP L 83 -0.64 -56.98 37.83
N VAL L 84 -1.11 -55.98 37.08
CA VAL L 84 -1.44 -56.17 35.67
C VAL L 84 -0.20 -56.44 34.84
N ARG L 85 0.97 -56.04 35.32
CA ARG L 85 2.20 -56.26 34.60
C ARG L 85 2.81 -57.62 34.89
N ASP L 86 2.17 -58.44 35.70
CA ASP L 86 2.64 -59.79 35.99
C ASP L 86 2.01 -60.77 35.00
N GLN L 87 2.39 -60.65 33.73
CA GLN L 87 1.81 -61.52 32.71
C GLN L 87 2.21 -62.98 32.91
N GLN L 88 3.49 -63.22 33.18
CA GLN L 88 3.96 -64.57 33.41
C GLN L 88 3.34 -65.19 34.66
N GLY L 89 3.24 -64.41 35.73
CA GLY L 89 2.60 -64.90 36.95
C GLY L 89 1.13 -65.21 36.78
N ILE L 90 0.39 -64.33 36.10
CA ILE L 90 -1.03 -64.56 35.82
C ILE L 90 -1.24 -65.78 34.94
N ASP L 91 -0.41 -65.94 33.89
CA ASP L 91 -0.56 -67.08 33.00
C ASP L 91 -0.21 -68.39 33.72
N ARG L 92 0.83 -68.39 34.56
CA ARG L 92 1.16 -69.58 35.34
C ARG L 92 0.07 -69.90 36.34
N ALA L 93 -0.52 -68.88 36.97
CA ALA L 93 -1.62 -69.10 37.90
C ALA L 93 -2.83 -69.70 37.22
N MET L 94 -3.15 -69.22 36.01
CA MET L 94 -4.26 -69.78 35.25
C MET L 94 -3.99 -71.21 34.81
N ILE L 95 -2.76 -71.51 34.38
CA ILE L 95 -2.41 -72.87 33.98
C ILE L 95 -2.51 -73.82 35.16
N ALA L 96 -2.02 -73.39 36.33
CA ALA L 96 -2.13 -74.23 37.53
C ALA L 96 -3.59 -74.40 37.96
N LEU L 97 -4.39 -73.34 37.84
CA LEU L 97 -5.80 -73.41 38.20
C LEU L 97 -6.57 -74.36 37.29
N ASP L 98 -6.19 -74.42 36.01
CA ASP L 98 -6.78 -75.42 35.12
C ASP L 98 -6.38 -76.83 35.53
N GLY L 99 -5.08 -77.07 35.72
CA GLY L 99 -4.60 -78.37 36.14
C GLY L 99 -4.75 -79.48 35.13
N THR L 100 -4.89 -79.14 33.85
CA THR L 100 -5.10 -80.13 32.80
C THR L 100 -4.15 -79.81 31.66
N PRO L 101 -3.50 -80.84 31.08
CA PRO L 101 -2.49 -80.57 30.02
C PRO L 101 -3.02 -79.83 28.80
N ASN L 102 -4.25 -80.09 28.38
CA ASN L 102 -4.83 -79.42 27.23
C ASN L 102 -5.83 -78.35 27.62
N LYS L 103 -5.82 -77.90 28.87
CA LYS L 103 -6.63 -76.78 29.37
C LYS L 103 -8.13 -77.04 29.16
N GLY L 104 -8.55 -78.29 29.39
CA GLY L 104 -9.94 -78.64 29.16
C GLY L 104 -10.88 -78.28 30.28
N LYS L 105 -10.37 -78.08 31.50
CA LYS L 105 -11.24 -77.77 32.63
C LYS L 105 -11.80 -76.35 32.52
N LEU L 106 -10.93 -75.38 32.21
CA LEU L 106 -11.36 -73.99 32.09
C LEU L 106 -11.60 -73.56 30.66
N GLY L 107 -11.09 -74.31 29.68
CA GLY L 107 -11.16 -73.89 28.29
C GLY L 107 -9.96 -73.04 27.92
N ALA L 108 -9.30 -73.39 26.82
CA ALA L 108 -8.15 -72.61 26.36
C ALA L 108 -8.58 -71.24 25.85
N ASN L 109 -9.80 -71.15 25.34
CA ASN L 109 -10.32 -69.86 24.90
C ASN L 109 -10.45 -68.88 26.05
N ALA L 110 -10.93 -69.34 27.20
CA ALA L 110 -11.05 -68.48 28.38
C ALA L 110 -9.69 -68.00 28.85
N ILE L 111 -8.72 -68.90 28.93
CA ILE L 111 -7.38 -68.58 29.39
C ILE L 111 -6.69 -67.62 28.43
N LEU L 112 -6.83 -67.86 27.11
CA LEU L 112 -6.23 -66.97 26.12
C LEU L 112 -6.86 -65.59 26.15
N GLY L 113 -8.18 -65.51 26.32
CA GLY L 113 -8.84 -64.22 26.43
C GLY L 113 -8.35 -63.43 27.62
N VAL L 114 -8.19 -64.10 28.77
CA VAL L 114 -7.68 -63.41 29.96
C VAL L 114 -6.23 -62.98 29.75
N SER L 115 -5.42 -63.82 29.09
CA SER L 115 -4.02 -63.46 28.83
C SER L 115 -3.92 -62.22 27.95
N ILE L 116 -4.66 -62.20 26.84
CA ILE L 116 -4.62 -61.06 25.92
C ILE L 116 -5.16 -59.81 26.58
N ALA L 117 -6.25 -59.94 27.35
CA ALA L 117 -6.83 -58.78 28.03
C ALA L 117 -5.88 -58.21 29.07
N VAL L 118 -5.19 -59.08 29.82
CA VAL L 118 -4.24 -58.63 30.83
C VAL L 118 -3.03 -57.95 30.19
N ALA L 119 -2.51 -58.52 29.10
CA ALA L 119 -1.37 -57.91 28.41
C ALA L 119 -1.72 -56.55 27.83
N ARG L 120 -2.92 -56.43 27.24
CA ARG L 120 -3.35 -55.15 26.69
C ARG L 120 -3.63 -54.13 27.79
N ALA L 121 -4.14 -54.58 28.94
CA ALA L 121 -4.35 -53.66 30.06
C ALA L 121 -3.01 -53.18 30.64
N ALA L 122 -2.00 -54.07 30.67
CA ALA L 122 -0.68 -53.67 31.15
C ALA L 122 -0.03 -52.68 30.20
N ALA L 123 -0.21 -52.89 28.89
CA ALA L 123 0.30 -51.92 27.92
C ALA L 123 -0.43 -50.58 28.04
N ASP L 124 -1.74 -50.62 28.30
CA ASP L 124 -2.51 -49.40 28.51
C ASP L 124 -2.08 -48.66 29.76
N TYR L 125 -1.72 -49.40 30.81
CA TYR L 125 -1.31 -48.77 32.06
C TYR L 125 0.04 -48.07 31.92
N LEU L 126 0.98 -48.70 31.22
CA LEU L 126 2.31 -48.12 31.01
C LEU L 126 2.36 -47.11 29.87
N GLU L 127 1.24 -46.94 29.16
CA GLU L 127 1.11 -45.99 28.04
C GLU L 127 2.14 -46.28 26.96
N VAL L 128 2.37 -47.56 26.72
CA VAL L 128 3.29 -48.01 25.68
C VAL L 128 2.48 -48.78 24.65
N PRO L 129 2.98 -48.87 23.42
CA PRO L 129 2.34 -49.77 22.45
C PRO L 129 2.48 -51.22 22.89
N LEU L 130 1.55 -52.05 22.42
CA LEU L 130 1.49 -53.44 22.85
C LEU L 130 2.75 -54.21 22.44
N TYR L 131 3.29 -53.92 21.25
CA TYR L 131 4.51 -54.60 20.83
C TYR L 131 5.71 -54.20 21.68
N SER L 132 5.75 -52.94 22.12
CA SER L 132 6.82 -52.51 23.03
C SER L 132 6.74 -53.23 24.36
N TYR L 133 5.52 -53.37 24.90
CA TYR L 133 5.35 -54.08 26.17
C TYR L 133 5.70 -55.55 26.03
N LEU L 134 5.26 -56.19 24.93
CA LEU L 134 5.45 -57.63 24.79
C LEU L 134 6.90 -57.99 24.45
N GLY L 135 7.52 -57.24 23.56
CA GLY L 135 8.81 -57.68 23.02
C GLY L 135 10.01 -56.89 23.49
N GLY L 136 9.79 -55.77 24.17
CA GLY L 136 10.89 -54.95 24.63
C GLY L 136 11.14 -53.76 23.75
N PHE L 137 12.28 -53.10 24.00
CA PHE L 137 12.59 -51.86 23.31
C PHE L 137 13.01 -52.09 21.86
N ASN L 138 13.62 -53.24 21.57
CA ASN L 138 14.22 -53.48 20.26
C ASN L 138 13.27 -54.24 19.35
N THR L 139 12.10 -53.64 19.14
CA THR L 139 11.06 -54.21 18.28
C THR L 139 10.94 -53.33 17.04
N LYS L 140 11.41 -53.83 15.91
CA LYS L 140 11.47 -53.01 14.70
C LYS L 140 11.06 -53.72 13.42
N VAL L 141 11.00 -55.04 13.39
CA VAL L 141 10.90 -55.78 12.13
C VAL L 141 9.44 -56.02 11.79
N LEU L 142 9.01 -55.43 10.71
CA LEU L 142 7.67 -55.63 10.17
C LEU L 142 7.66 -56.95 9.42
N PRO L 143 6.66 -57.80 9.66
CA PRO L 143 6.69 -59.15 9.09
C PRO L 143 6.45 -59.14 7.59
N THR L 144 6.92 -60.20 6.95
CA THR L 144 6.65 -60.46 5.55
C THR L 144 5.38 -61.28 5.44
N PRO L 145 4.33 -60.77 4.81
CA PRO L 145 3.06 -61.49 4.80
C PRO L 145 2.99 -62.53 3.69
N MET L 146 2.33 -63.64 4.00
CA MET L 146 1.96 -64.63 2.99
C MET L 146 0.44 -64.50 2.77
N MET L 147 0.09 -63.69 1.79
CA MET L 147 -1.30 -63.37 1.53
C MET L 147 -1.95 -64.50 0.76
N ASN L 148 -2.87 -65.23 1.40
CA ASN L 148 -3.61 -66.29 0.74
C ASN L 148 -4.44 -65.70 -0.39
N ILE L 149 -4.40 -66.33 -1.56
CA ILE L 149 -5.07 -65.79 -2.72
C ILE L 149 -5.97 -66.78 -3.43
N ILE L 150 -5.78 -68.09 -3.32
CA ILE L 150 -6.54 -69.10 -4.04
C ILE L 150 -6.74 -70.28 -3.10
N ASN L 151 -7.94 -70.84 -3.08
CA ASN L 151 -8.29 -71.93 -2.18
C ASN L 151 -8.47 -73.23 -2.96
N GLY L 152 -8.54 -74.31 -2.20
CA GLY L 152 -8.66 -75.64 -2.77
C GLY L 152 -8.98 -76.62 -1.67
N GLY L 153 -8.84 -77.90 -2.00
CA GLY L 153 -9.01 -78.97 -1.03
C GLY L 153 -10.43 -79.03 -0.50
N SER L 154 -10.56 -78.90 0.82
CA SER L 154 -11.88 -78.87 1.46
C SER L 154 -12.54 -77.51 1.39
N HIS L 155 -11.81 -76.47 0.96
CA HIS L 155 -12.38 -75.13 0.85
C HIS L 155 -12.86 -74.81 -0.56
N SER L 156 -12.82 -75.77 -1.49
CA SER L 156 -13.24 -75.52 -2.85
C SER L 156 -13.73 -76.81 -3.48
N ASP L 157 -14.56 -76.66 -4.51
CA ASP L 157 -15.02 -77.78 -5.32
C ASP L 157 -14.13 -78.01 -6.54
N ALA L 158 -13.11 -77.20 -6.75
CA ALA L 158 -12.18 -77.40 -7.85
C ALA L 158 -11.33 -78.64 -7.60
N PRO L 159 -10.82 -79.29 -8.66
CA PRO L 159 -9.94 -80.46 -8.48
C PRO L 159 -8.50 -80.09 -8.12
N ILE L 160 -8.34 -79.33 -7.04
CA ILE L 160 -7.04 -78.93 -6.52
C ILE L 160 -6.90 -79.57 -5.16
N ALA L 161 -5.88 -80.43 -5.01
CA ALA L 161 -5.68 -81.11 -3.74
C ALA L 161 -5.07 -80.21 -2.69
N PHE L 162 -4.31 -79.20 -3.12
CA PHE L 162 -3.67 -78.31 -2.17
C PHE L 162 -4.71 -77.42 -1.51
N GLN L 163 -4.51 -77.15 -0.23
CA GLN L 163 -5.52 -76.45 0.55
C GLN L 163 -5.58 -74.97 0.16
N GLU L 164 -4.42 -74.30 -0.02
CA GLU L 164 -4.49 -72.89 -0.39
C GLU L 164 -3.14 -72.46 -0.97
N PHE L 165 -3.14 -71.31 -1.63
CA PHE L 165 -1.99 -70.72 -2.30
C PHE L 165 -1.80 -69.31 -1.78
N MET L 166 -0.55 -68.86 -1.69
CA MET L 166 -0.24 -67.57 -1.11
C MET L 166 0.72 -66.83 -2.03
N ILE L 167 0.66 -65.51 -1.97
CA ILE L 167 1.66 -64.63 -2.59
C ILE L 167 2.47 -63.98 -1.48
N VAL L 168 3.78 -63.97 -1.66
CA VAL L 168 4.72 -63.44 -0.68
C VAL L 168 5.46 -62.28 -1.32
N PRO L 169 5.08 -61.04 -1.01
CA PRO L 169 5.76 -59.87 -1.61
C PRO L 169 7.07 -59.53 -0.90
N ALA L 170 8.04 -60.43 -1.03
CA ALA L 170 9.29 -60.34 -0.29
C ALA L 170 10.28 -59.37 -0.92
N GLY L 171 9.98 -58.81 -2.09
CA GLY L 171 10.84 -57.84 -2.73
C GLY L 171 10.46 -56.39 -2.51
N ALA L 172 9.52 -56.11 -1.62
CA ALA L 172 9.07 -54.75 -1.40
C ALA L 172 10.05 -53.99 -0.50
N PRO L 173 10.16 -52.67 -0.66
CA PRO L 173 11.05 -51.92 0.24
C PRO L 173 10.49 -51.75 1.64
N THR L 174 9.18 -51.51 1.76
CA THR L 174 8.52 -51.30 3.03
C THR L 174 7.31 -52.24 3.11
N PHE L 175 6.74 -52.34 4.31
CA PHE L 175 5.51 -53.11 4.46
C PHE L 175 4.33 -52.43 3.76
N LYS L 176 4.35 -51.08 3.73
CA LYS L 176 3.31 -50.34 3.01
C LYS L 176 3.30 -50.72 1.53
N GLU L 177 4.49 -50.80 0.92
CA GLU L 177 4.60 -51.21 -0.47
C GLU L 177 4.18 -52.66 -0.66
N ALA L 178 4.55 -53.55 0.27
CA ALA L 178 4.15 -54.95 0.16
C ALA L 178 2.64 -55.11 0.23
N LEU L 179 1.99 -54.35 1.09
CA LEU L 179 0.53 -54.37 1.18
C LEU L 179 -0.10 -53.85 -0.11
N ARG L 180 0.46 -52.77 -0.67
CA ARG L 180 -0.05 -52.24 -1.93
C ARG L 180 0.11 -53.25 -3.08
N TRP L 181 1.25 -53.94 -3.12
CA TRP L 181 1.49 -54.97 -4.13
C TRP L 181 0.50 -56.11 -4.00
N GLY L 182 0.27 -56.56 -2.76
CA GLY L 182 -0.69 -57.63 -2.54
C GLY L 182 -2.10 -57.23 -2.93
N ALA L 183 -2.51 -56.01 -2.60
CA ALA L 183 -3.83 -55.52 -2.97
C ALA L 183 -3.99 -55.42 -4.49
N GLU L 184 -2.95 -54.92 -5.17
CA GLU L 184 -3.04 -54.78 -6.62
C GLU L 184 -3.06 -56.13 -7.32
N ILE L 185 -2.28 -57.10 -6.83
CA ILE L 185 -2.32 -58.45 -7.39
C ILE L 185 -3.66 -59.10 -7.12
N PHE L 186 -4.24 -58.85 -5.96
CA PHE L 186 -5.58 -59.36 -5.62
C PHE L 186 -6.63 -58.84 -6.60
N HIS L 187 -6.59 -57.53 -6.88
CA HIS L 187 -7.56 -56.95 -7.80
C HIS L 187 -7.33 -57.41 -9.24
N ALA L 188 -6.06 -57.58 -9.63
CA ALA L 188 -5.75 -58.10 -10.96
C ALA L 188 -6.25 -59.52 -11.12
N LEU L 189 -6.08 -60.36 -10.09
CA LEU L 189 -6.60 -61.71 -10.13
C LEU L 189 -8.12 -61.73 -10.19
N LYS L 190 -8.76 -60.81 -9.47
CA LYS L 190 -10.21 -60.70 -9.54
C LYS L 190 -10.67 -60.37 -10.94
N LYS L 191 -9.98 -59.43 -11.61
CA LYS L 191 -10.30 -59.09 -13.00
C LYS L 191 -10.09 -60.27 -13.94
N ILE L 192 -8.99 -61.02 -13.76
CA ILE L 192 -8.71 -62.17 -14.59
C ILE L 192 -9.78 -63.24 -14.44
N LEU L 193 -10.18 -63.52 -13.20
CA LEU L 193 -11.25 -64.49 -12.95
C LEU L 193 -12.58 -64.02 -13.51
N LYS L 194 -12.83 -62.72 -13.50
CA LYS L 194 -14.03 -62.18 -14.14
C LYS L 194 -14.02 -62.42 -15.65
N GLU L 195 -12.86 -62.22 -16.30
CA GLU L 195 -12.77 -62.47 -17.74
C GLU L 195 -12.98 -63.95 -18.07
N ARG L 196 -12.45 -64.84 -17.23
CA ARG L 196 -12.57 -66.27 -17.49
C ARG L 196 -13.92 -66.84 -17.08
N GLY L 197 -14.79 -66.04 -16.46
CA GLY L 197 -16.08 -66.52 -16.02
C GLY L 197 -16.08 -67.28 -14.72
N LEU L 198 -14.95 -67.34 -14.03
CA LEU L 198 -14.85 -68.06 -12.77
C LEU L 198 -15.46 -67.23 -11.63
N GLU L 199 -15.70 -67.89 -10.51
CA GLU L 199 -16.39 -67.26 -9.40
C GLU L 199 -15.53 -66.20 -8.73
N THR L 200 -16.20 -65.20 -8.16
CA THR L 200 -15.53 -64.04 -7.57
C THR L 200 -15.71 -63.95 -6.06
N ALA L 201 -16.72 -64.61 -5.50
CA ALA L 201 -16.99 -64.51 -4.07
C ALA L 201 -15.84 -65.12 -3.26
N VAL L 202 -15.58 -64.53 -2.11
CA VAL L 202 -14.45 -64.90 -1.29
C VAL L 202 -14.86 -65.95 -0.27
N GLY L 203 -13.87 -66.68 0.24
CA GLY L 203 -14.07 -67.71 1.22
C GLY L 203 -13.89 -67.20 2.63
N ASP L 204 -13.43 -68.09 3.51
CA ASP L 204 -13.32 -67.73 4.93
C ASP L 204 -12.14 -66.81 5.18
N GLU L 205 -11.00 -67.08 4.52
CA GLU L 205 -9.79 -66.29 4.58
C GLU L 205 -9.79 -65.04 3.71
N GLY L 206 -10.83 -64.84 2.91
CA GLY L 206 -10.88 -63.71 2.00
C GLY L 206 -10.39 -64.02 0.61
N GLY L 207 -9.95 -65.24 0.34
CA GLY L 207 -9.41 -65.58 -0.96
C GLY L 207 -10.44 -66.25 -1.86
N PHE L 208 -10.19 -66.16 -3.16
CA PHE L 208 -11.06 -66.79 -4.14
C PHE L 208 -10.88 -68.29 -4.14
N ALA L 209 -11.95 -69.00 -4.49
CA ALA L 209 -11.90 -70.45 -4.71
C ALA L 209 -12.55 -70.78 -6.05
N PRO L 210 -11.89 -70.45 -7.16
CA PRO L 210 -12.50 -70.66 -8.47
C PRO L 210 -12.38 -72.13 -8.89
N ARG L 211 -13.03 -72.45 -10.01
CA ARG L 211 -13.03 -73.81 -10.53
C ARG L 211 -11.92 -73.96 -11.56
N PHE L 212 -10.69 -74.01 -11.04
CA PHE L 212 -9.52 -74.20 -11.88
C PHE L 212 -9.43 -75.65 -12.35
N ASN L 213 -8.57 -75.88 -13.35
CA ASN L 213 -8.35 -77.24 -13.83
C ASN L 213 -7.49 -78.05 -12.87
N GLY L 214 -6.53 -77.42 -12.22
CA GLY L 214 -5.66 -78.14 -11.31
C GLY L 214 -4.74 -77.18 -10.59
N THR L 215 -3.74 -77.78 -9.90
CA THR L 215 -2.77 -77.00 -9.15
C THR L 215 -1.96 -76.08 -10.07
N GLU L 216 -1.51 -76.62 -11.21
CA GLU L 216 -0.71 -75.83 -12.14
C GLU L 216 -1.51 -74.70 -12.75
N ASP L 217 -2.81 -74.93 -13.00
CA ASP L 217 -3.68 -73.87 -13.50
C ASP L 217 -3.77 -72.72 -12.49
N GLY L 218 -3.97 -73.05 -11.21
CA GLY L 218 -4.04 -72.02 -10.19
C GLY L 218 -2.75 -71.25 -10.03
N VAL L 219 -1.61 -71.95 -10.04
CA VAL L 219 -0.32 -71.29 -9.89
C VAL L 219 -0.02 -70.40 -11.10
N GLU L 220 -0.37 -70.87 -12.30
CA GLU L 220 -0.16 -70.07 -13.50
C GLU L 220 -1.06 -68.85 -13.52
N THR L 221 -2.30 -68.97 -13.05
CA THR L 221 -3.16 -67.78 -12.94
C THR L 221 -2.64 -66.80 -11.90
N ILE L 222 -2.04 -67.31 -10.81
CA ILE L 222 -1.41 -66.42 -9.83
C ILE L 222 -0.25 -65.66 -10.46
N ILE L 223 0.59 -66.37 -11.24
CA ILE L 223 1.71 -65.73 -11.92
C ILE L 223 1.21 -64.69 -12.92
N LYS L 224 0.13 -65.00 -13.64
CA LYS L 224 -0.46 -64.06 -14.59
C LYS L 224 -0.98 -62.82 -13.88
N ALA L 225 -1.60 -62.99 -12.71
CA ALA L 225 -2.06 -61.84 -11.92
C ALA L 225 -0.89 -61.00 -11.43
N ILE L 226 0.20 -61.65 -11.01
CA ILE L 226 1.40 -60.94 -10.57
C ILE L 226 1.98 -60.10 -11.70
N GLU L 227 2.07 -60.69 -12.89
CA GLU L 227 2.63 -59.97 -14.03
C GLU L 227 1.69 -58.88 -14.53
N ALA L 228 0.37 -59.11 -14.44
CA ALA L 228 -0.60 -58.09 -14.82
C ALA L 228 -0.54 -56.89 -13.90
N ALA L 229 -0.34 -57.11 -12.61
CA ALA L 229 -0.20 -56.01 -11.67
C ALA L 229 1.08 -55.20 -11.90
N GLY L 230 2.05 -55.76 -12.59
CA GLY L 230 3.28 -55.07 -12.90
C GLY L 230 4.47 -55.47 -12.06
N TYR L 231 4.56 -56.72 -11.64
CA TYR L 231 5.62 -57.18 -10.75
C TYR L 231 6.21 -58.47 -11.29
N VAL L 232 7.47 -58.70 -10.95
CA VAL L 232 8.24 -59.82 -11.49
C VAL L 232 8.11 -61.00 -10.53
N PRO L 233 7.54 -62.13 -10.96
CA PRO L 233 7.58 -63.33 -10.12
C PRO L 233 9.00 -63.82 -9.94
N GLY L 234 9.30 -64.31 -8.73
CA GLY L 234 10.62 -64.78 -8.40
C GLY L 234 11.60 -63.72 -7.97
N LYS L 235 11.27 -62.45 -8.14
CA LYS L 235 12.12 -61.35 -7.70
C LYS L 235 11.39 -60.37 -6.81
N ASP L 236 10.13 -60.06 -7.12
CA ASP L 236 9.29 -59.18 -6.30
C ASP L 236 8.30 -59.97 -5.46
N VAL L 237 7.54 -60.85 -6.09
CA VAL L 237 6.49 -61.61 -5.42
C VAL L 237 6.75 -63.10 -5.66
N PHE L 238 6.75 -63.88 -4.59
CA PHE L 238 6.96 -65.31 -4.62
C PHE L 238 5.63 -66.01 -4.33
N ILE L 239 5.63 -67.33 -4.39
CA ILE L 239 4.44 -68.14 -4.21
C ILE L 239 4.68 -69.12 -3.07
N GLY L 240 3.71 -69.23 -2.17
CA GLY L 240 3.73 -70.26 -1.16
C GLY L 240 2.53 -71.19 -1.28
N LEU L 241 2.64 -72.39 -0.71
CA LEU L 241 1.55 -73.35 -0.77
C LEU L 241 1.26 -73.83 0.64
N ASP L 242 -0.01 -74.06 0.94
CA ASP L 242 -0.42 -74.88 2.08
C ASP L 242 -1.12 -76.08 1.49
N CYS L 243 -0.42 -77.20 1.49
CA CYS L 243 -0.92 -78.42 0.89
C CYS L 243 -1.98 -79.03 1.79
N ALA L 244 -1.75 -78.95 3.12
CA ALA L 244 -2.53 -79.65 4.15
C ALA L 244 -2.71 -81.11 3.78
N SER L 245 -1.56 -81.79 3.64
CA SER L 245 -1.53 -83.17 3.17
C SER L 245 -2.20 -84.14 4.11
N SER L 246 -2.46 -83.74 5.36
CA SER L 246 -3.19 -84.59 6.29
C SER L 246 -4.63 -84.84 5.85
N GLU L 247 -5.18 -83.99 4.98
CA GLU L 247 -6.54 -84.20 4.50
C GLU L 247 -6.62 -85.38 3.54
N PHE L 248 -5.70 -85.45 2.59
CA PHE L 248 -5.70 -86.50 1.57
C PHE L 248 -4.61 -87.53 1.78
N TYR L 249 -4.29 -87.85 3.03
CA TYR L 249 -3.30 -88.87 3.35
C TYR L 249 -4.01 -90.12 3.84
N ASP L 250 -3.72 -91.24 3.19
CA ASP L 250 -4.31 -92.51 3.57
C ASP L 250 -3.34 -93.14 4.59
N ALA L 251 -3.76 -93.18 5.85
CA ALA L 251 -2.87 -93.65 6.93
C ALA L 251 -2.56 -95.13 6.77
N GLU L 252 -3.52 -95.94 6.31
CA GLU L 252 -3.32 -97.38 6.30
C GLU L 252 -2.37 -97.77 5.16
N HIS L 253 -2.59 -97.26 3.95
CA HIS L 253 -1.78 -97.54 2.76
C HIS L 253 -0.51 -96.71 2.70
N LYS L 254 -0.31 -95.73 3.61
CA LYS L 254 0.88 -94.88 3.66
C LYS L 254 1.13 -94.16 2.33
N VAL L 255 0.05 -93.67 1.72
CA VAL L 255 0.13 -92.97 0.44
C VAL L 255 -0.64 -91.66 0.56
N TYR L 256 -0.29 -90.72 -0.30
CA TYR L 256 -0.95 -89.41 -0.41
C TYR L 256 -1.90 -89.50 -1.60
N GLY L 257 -3.15 -89.81 -1.32
CA GLY L 257 -4.14 -89.97 -2.36
C GLY L 257 -4.77 -88.67 -2.80
N TYR L 258 -4.35 -88.16 -3.96
CA TYR L 258 -4.93 -86.93 -4.44
C TYR L 258 -6.34 -87.13 -4.98
N THR L 259 -6.77 -88.38 -5.17
CA THR L 259 -8.10 -88.69 -5.67
C THR L 259 -9.22 -88.17 -4.79
N LYS L 260 -8.94 -87.89 -3.52
CA LYS L 260 -9.93 -87.31 -2.62
C LYS L 260 -10.37 -85.92 -3.11
N PHE L 261 -9.51 -85.21 -3.84
CA PHE L 261 -9.86 -83.87 -4.30
C PHE L 261 -9.74 -83.68 -5.81
N GLU L 262 -8.86 -84.42 -6.47
CA GLU L 262 -8.57 -84.21 -7.89
C GLU L 262 -9.26 -85.24 -8.79
N GLY L 263 -10.20 -86.00 -8.25
CA GLY L 263 -10.95 -86.94 -9.06
C GLY L 263 -10.28 -88.29 -9.17
N GLU L 264 -10.96 -89.18 -9.89
CA GLU L 264 -10.54 -90.57 -10.06
C GLU L 264 -9.26 -90.71 -10.86
N GLY L 265 -8.88 -89.72 -11.66
CA GLY L 265 -7.66 -89.79 -12.44
C GLY L 265 -6.44 -89.26 -11.73
N ALA L 266 -6.56 -88.87 -10.47
CA ALA L 266 -5.44 -88.31 -9.74
C ALA L 266 -4.39 -89.37 -9.42
N ALA L 267 -3.18 -88.90 -9.16
CA ALA L 267 -2.05 -89.79 -8.89
C ALA L 267 -1.97 -90.10 -7.40
N VAL L 268 -1.83 -91.38 -7.08
CA VAL L 268 -1.62 -91.84 -5.72
C VAL L 268 -0.11 -91.99 -5.53
N ARG L 269 0.47 -91.10 -4.75
CA ARG L 269 1.90 -91.04 -4.50
C ARG L 269 2.31 -91.58 -3.15
N THR L 270 3.53 -92.11 -3.07
CA THR L 270 4.11 -92.47 -1.79
C THR L 270 4.81 -91.24 -1.21
N ALA L 271 5.59 -91.43 -0.14
CA ALA L 271 6.33 -90.31 0.43
C ALA L 271 7.40 -89.80 -0.53
N ALA L 272 8.13 -90.71 -1.18
CA ALA L 272 9.18 -90.32 -2.12
C ALA L 272 8.59 -89.64 -3.35
N GLU L 273 7.49 -90.18 -3.88
CA GLU L 273 6.85 -89.54 -5.03
C GLU L 273 6.24 -88.20 -4.66
N GLN L 274 5.73 -88.05 -3.44
CA GLN L 274 5.22 -86.76 -2.97
C GLN L 274 6.34 -85.73 -2.88
N ILE L 275 7.50 -86.15 -2.36
CA ILE L 275 8.65 -85.26 -2.28
C ILE L 275 9.13 -84.86 -3.67
N ASP L 276 9.10 -85.81 -4.62
CA ASP L 276 9.45 -85.51 -6.00
C ASP L 276 8.47 -84.52 -6.63
N TYR L 277 7.18 -84.68 -6.35
CA TYR L 277 6.17 -83.75 -6.87
C TYR L 277 6.38 -82.35 -6.30
N LEU L 278 6.65 -82.25 -5.00
CA LEU L 278 6.91 -80.94 -4.40
C LEU L 278 8.19 -80.32 -4.96
N GLU L 279 9.22 -81.13 -5.19
CA GLU L 279 10.48 -80.62 -5.74
C GLU L 279 10.30 -80.12 -7.17
N GLU L 280 9.54 -80.85 -7.99
CA GLU L 280 9.33 -80.42 -9.37
C GLU L 280 8.43 -79.19 -9.43
N LEU L 281 7.48 -79.06 -8.49
CA LEU L 281 6.71 -77.82 -8.39
C LEU L 281 7.60 -76.65 -8.00
N VAL L 282 8.55 -76.87 -7.09
CA VAL L 282 9.49 -75.83 -6.67
C VAL L 282 10.39 -75.42 -7.84
N ASN L 283 10.83 -76.39 -8.63
CA ASN L 283 11.69 -76.09 -9.77
C ASN L 283 10.92 -75.42 -10.91
N LYS L 284 9.61 -75.67 -11.01
CA LYS L 284 8.82 -75.11 -12.10
C LYS L 284 8.33 -73.69 -11.81
N TYR L 285 8.02 -73.38 -10.58
CA TYR L 285 7.38 -72.13 -10.18
C TYR L 285 8.20 -71.45 -9.10
N PRO L 286 8.06 -70.12 -8.93
CA PRO L 286 8.83 -69.44 -7.87
C PRO L 286 8.27 -69.65 -6.47
N ILE L 287 8.34 -70.89 -5.98
CA ILE L 287 7.75 -71.27 -4.70
C ILE L 287 8.81 -71.13 -3.63
N ILE L 288 8.51 -70.34 -2.60
CA ILE L 288 9.42 -70.09 -1.48
C ILE L 288 8.89 -70.72 -0.19
N THR L 289 7.63 -71.15 -0.14
CA THR L 289 7.07 -71.74 1.05
C THR L 289 6.22 -72.95 0.70
N ILE L 290 6.33 -74.01 1.49
CA ILE L 290 5.46 -75.17 1.45
C ILE L 290 5.06 -75.50 2.88
N GLU L 291 3.77 -75.50 3.15
CA GLU L 291 3.22 -75.70 4.49
C GLU L 291 2.44 -77.00 4.50
N ASP L 292 2.71 -77.83 5.50
CA ASP L 292 2.11 -79.17 5.65
C ASP L 292 2.30 -79.99 4.39
N GLY L 293 3.54 -79.98 3.89
CA GLY L 293 3.86 -80.75 2.69
C GLY L 293 3.72 -82.24 2.90
N MET L 294 3.95 -82.72 4.11
CA MET L 294 3.77 -84.13 4.44
C MET L 294 2.71 -84.26 5.54
N ASP L 295 2.41 -85.50 5.89
CA ASP L 295 1.41 -85.77 6.92
C ASP L 295 1.96 -85.44 8.30
N GLU L 296 1.05 -85.12 9.23
CA GLU L 296 1.44 -84.77 10.60
C GLU L 296 2.09 -85.94 11.34
N ASN L 297 1.88 -87.17 10.88
CA ASN L 297 2.46 -88.35 11.52
C ASN L 297 3.53 -89.03 10.67
N ASP L 298 3.80 -88.52 9.47
CA ASP L 298 4.83 -89.09 8.59
C ASP L 298 6.15 -88.39 8.88
N TRP L 299 6.80 -88.83 9.95
CA TRP L 299 8.07 -88.21 10.36
C TRP L 299 9.20 -88.54 9.40
N ASP L 300 9.22 -89.77 8.87
CA ASP L 300 10.23 -90.13 7.88
C ASP L 300 10.08 -89.30 6.61
N GLY L 301 8.84 -89.08 6.18
CA GLY L 301 8.59 -88.22 5.02
C GLY L 301 9.00 -86.78 5.27
N TRP L 302 8.72 -86.27 6.48
CA TRP L 302 9.14 -84.91 6.83
C TRP L 302 10.65 -84.78 6.83
N LYS L 303 11.35 -85.77 7.39
CA LYS L 303 12.81 -85.74 7.41
C LYS L 303 13.39 -85.79 6.01
N ALA L 304 12.84 -86.65 5.15
CA ALA L 304 13.32 -86.73 3.77
C ALA L 304 13.04 -85.44 3.00
N LEU L 305 11.86 -84.83 3.22
CA LEU L 305 11.53 -83.58 2.56
C LEU L 305 12.44 -82.45 3.02
N THR L 306 12.80 -82.42 4.30
CA THR L 306 13.74 -81.41 4.79
C THR L 306 15.14 -81.64 4.25
N GLU L 307 15.56 -82.90 4.13
CA GLU L 307 16.87 -83.18 3.55
C GLU L 307 16.93 -82.77 2.08
N ARG L 308 15.83 -82.98 1.34
CA ARG L 308 15.82 -82.68 -0.08
C ARG L 308 15.66 -81.18 -0.34
N LEU L 309 14.58 -80.59 0.18
CA LEU L 309 14.19 -79.24 -0.18
C LEU L 309 14.47 -78.20 0.89
N GLY L 310 14.86 -78.59 2.10
CA GLY L 310 14.97 -77.67 3.22
C GLY L 310 16.03 -76.59 3.05
N GLY L 311 16.94 -76.74 2.09
CA GLY L 311 17.96 -75.73 1.89
C GLY L 311 17.51 -74.51 1.12
N LYS L 312 16.52 -74.67 0.24
CA LYS L 312 16.09 -73.59 -0.64
C LYS L 312 14.65 -73.17 -0.49
N VAL L 313 13.80 -73.98 0.15
CA VAL L 313 12.40 -73.65 0.33
C VAL L 313 12.07 -73.77 1.82
N GLN L 314 11.13 -72.96 2.28
CA GLN L 314 10.69 -72.97 3.66
C GLN L 314 9.63 -74.04 3.85
N LEU L 315 9.84 -74.93 4.79
CA LEU L 315 8.91 -76.02 5.11
C LEU L 315 8.30 -75.73 6.47
N VAL L 316 7.00 -75.45 6.48
CA VAL L 316 6.28 -75.01 7.67
C VAL L 316 5.47 -76.19 8.21
N GLY L 317 5.54 -76.41 9.52
CA GLY L 317 4.73 -77.42 10.15
C GLY L 317 3.54 -76.83 10.86
N ASP L 318 2.36 -76.97 10.25
CA ASP L 318 1.15 -76.45 10.89
C ASP L 318 0.50 -77.55 11.73
N ASP L 319 0.05 -78.62 11.08
CA ASP L 319 -0.48 -79.75 11.83
C ASP L 319 0.62 -80.67 12.32
N PHE L 320 1.85 -80.43 11.89
CA PHE L 320 2.97 -81.25 12.35
C PHE L 320 3.33 -80.94 13.79
N PHE L 321 3.35 -79.65 14.13
CA PHE L 321 3.75 -79.23 15.45
C PHE L 321 2.62 -78.79 16.34
N VAL L 322 1.44 -78.45 15.79
CA VAL L 322 0.27 -77.86 16.46
C VAL L 322 0.62 -76.93 17.61
N THR L 323 1.60 -76.03 17.39
CA THR L 323 2.07 -75.05 18.36
C THR L 323 2.50 -75.76 19.68
N ASN L 324 3.21 -76.87 19.54
CA ASN L 324 3.57 -77.68 20.70
C ASN L 324 5.07 -77.69 20.92
N THR L 325 5.47 -77.35 22.14
CA THR L 325 6.88 -77.32 22.50
C THR L 325 7.51 -78.72 22.45
N ALA L 326 6.78 -79.74 22.90
CA ALA L 326 7.27 -81.11 22.81
C ALA L 326 7.46 -81.55 21.37
N TYR L 327 6.45 -81.32 20.52
CA TYR L 327 6.54 -81.68 19.11
C TYR L 327 7.58 -80.87 18.37
N LEU L 328 7.67 -79.57 18.67
CA LEU L 328 8.65 -78.70 18.03
C LEU L 328 10.06 -79.13 18.41
N GLU L 329 10.29 -79.45 19.68
CA GLU L 329 11.59 -79.95 20.12
C GLU L 329 11.93 -81.29 19.47
N LYS L 330 10.93 -82.18 19.35
CA LYS L 330 11.15 -83.46 18.69
C LYS L 330 11.52 -83.25 17.22
N GLY L 331 10.85 -82.31 16.56
CA GLY L 331 11.20 -81.99 15.17
C GLY L 331 12.57 -81.38 15.03
N ILE L 332 12.96 -80.51 15.97
CA ILE L 332 14.30 -79.92 15.97
C ILE L 332 15.36 -81.01 16.15
N ALA L 333 15.06 -82.01 16.97
CA ALA L 333 16.01 -83.11 17.18
C ALA L 333 16.24 -83.91 15.90
N GLU L 334 15.18 -84.16 15.12
CA GLU L 334 15.26 -85.02 13.96
C GLU L 334 15.36 -84.27 12.64
N HIS L 335 15.58 -82.94 12.68
CA HIS L 335 15.75 -82.10 11.50
C HIS L 335 14.52 -82.16 10.59
N ALA L 336 13.34 -82.06 11.20
CA ALA L 336 12.07 -82.09 10.48
C ALA L 336 11.55 -80.67 10.37
N ALA L 337 11.26 -80.23 9.15
CA ALA L 337 10.86 -78.87 8.78
C ALA L 337 11.91 -77.83 9.14
N ASN L 338 11.65 -76.58 8.77
CA ASN L 338 12.52 -75.49 9.23
C ASN L 338 11.69 -74.28 9.64
N SER L 339 10.40 -74.47 9.91
CA SER L 339 9.50 -73.40 10.30
C SER L 339 8.33 -74.02 11.06
N ILE L 340 7.73 -73.23 11.94
CA ILE L 340 6.56 -73.66 12.70
C ILE L 340 5.49 -72.58 12.59
N LEU L 341 4.24 -73.01 12.43
CA LEU L 341 3.14 -72.10 12.34
C LEU L 341 2.65 -71.87 13.78
N ILE L 342 2.77 -70.63 14.26
CA ILE L 342 2.45 -70.29 15.64
C ILE L 342 1.01 -69.80 15.70
N LYS L 343 0.14 -70.58 16.31
CA LYS L 343 -1.26 -70.19 16.53
C LYS L 343 -1.47 -69.97 18.02
N VAL L 344 -1.92 -68.76 18.38
CA VAL L 344 -1.90 -68.35 19.77
C VAL L 344 -2.93 -69.11 20.60
N ASN L 345 -4.02 -69.57 19.98
CA ASN L 345 -5.06 -70.31 20.70
C ASN L 345 -4.87 -71.81 20.62
N GLN L 346 -3.89 -72.29 19.85
CA GLN L 346 -3.55 -73.70 19.85
C GLN L 346 -2.70 -74.09 21.05
N ILE L 347 -2.14 -73.12 21.78
CA ILE L 347 -1.32 -73.41 22.94
C ILE L 347 -1.92 -72.85 24.22
N GLY L 348 -2.59 -71.69 24.15
CA GLY L 348 -3.37 -71.24 25.27
C GLY L 348 -3.03 -69.89 25.88
N THR L 349 -1.75 -69.56 26.03
CA THR L 349 -1.35 -68.32 26.69
C THR L 349 -0.36 -67.57 25.83
N LEU L 350 -0.08 -66.33 26.23
CA LEU L 350 0.95 -65.54 25.57
C LEU L 350 2.35 -65.97 25.98
N THR L 351 2.53 -66.36 27.24
CA THR L 351 3.84 -66.84 27.71
C THR L 351 4.28 -68.08 26.95
N GLU L 352 3.37 -69.03 26.76
CA GLU L 352 3.71 -70.25 26.03
C GLU L 352 3.92 -69.99 24.55
N THR L 353 3.14 -69.07 23.96
CA THR L 353 3.36 -68.68 22.58
C THR L 353 4.74 -68.08 22.38
N PHE L 354 5.15 -67.19 23.29
CA PHE L 354 6.47 -66.58 23.18
C PHE L 354 7.57 -67.59 23.45
N ASP L 355 7.33 -68.56 24.33
CA ASP L 355 8.29 -69.64 24.55
C ASP L 355 8.48 -70.48 23.29
N ALA L 356 7.39 -70.79 22.60
CA ALA L 356 7.49 -71.54 21.34
C ALA L 356 8.23 -70.74 20.28
N ILE L 357 7.93 -69.44 20.18
CA ILE L 357 8.61 -68.58 19.21
C ILE L 357 10.10 -68.51 19.49
N GLU L 358 10.48 -68.36 20.77
CA GLU L 358 11.90 -68.22 21.09
C GLU L 358 12.65 -69.55 20.93
N MET L 359 11.98 -70.69 21.20
CA MET L 359 12.60 -71.99 20.95
C MET L 359 12.84 -72.21 19.47
N ALA L 360 11.85 -71.86 18.63
CA ALA L 360 12.03 -71.97 17.19
C ALA L 360 13.14 -71.06 16.70
N LYS L 361 13.21 -69.82 17.21
CA LYS L 361 14.28 -68.89 16.83
C LYS L 361 15.64 -69.43 17.22
N GLU L 362 15.76 -69.99 18.42
CA GLU L 362 17.02 -70.56 18.88
C GLU L 362 17.43 -71.77 18.06
N ALA L 363 16.47 -72.50 17.50
CA ALA L 363 16.79 -73.67 16.69
C ALA L 363 17.06 -73.35 15.23
N GLY L 364 17.04 -72.08 14.84
CA GLY L 364 17.21 -71.73 13.46
C GLY L 364 15.96 -71.80 12.63
N TYR L 365 14.81 -72.04 13.25
CA TYR L 365 13.53 -72.08 12.57
C TYR L 365 12.95 -70.68 12.51
N THR L 366 11.97 -70.51 11.62
CA THR L 366 11.22 -69.26 11.55
C THR L 366 9.85 -69.48 12.18
N ALA L 367 9.39 -68.49 12.92
CA ALA L 367 8.08 -68.54 13.55
C ALA L 367 7.12 -67.68 12.75
N VAL L 368 6.05 -68.29 12.24
CA VAL L 368 5.08 -67.61 11.42
C VAL L 368 3.79 -67.47 12.23
N VAL L 369 3.48 -66.24 12.65
CA VAL L 369 2.27 -66.01 13.43
C VAL L 369 1.07 -66.11 12.50
N SER L 370 0.08 -66.90 12.89
CA SER L 370 -0.97 -67.29 11.96
C SER L 370 -2.34 -66.91 12.50
N HIS L 371 -3.28 -66.79 11.58
CA HIS L 371 -4.67 -66.56 11.90
C HIS L 371 -5.39 -67.88 12.12
N ARG L 372 -6.68 -67.78 12.41
CA ARG L 372 -7.59 -68.91 12.44
C ARG L 372 -8.68 -68.69 11.41
N SER L 373 -9.45 -69.75 11.12
CA SER L 373 -10.56 -69.63 10.19
C SER L 373 -11.62 -68.67 10.70
N GLY L 374 -11.93 -68.73 11.99
CA GLY L 374 -12.83 -67.77 12.60
C GLY L 374 -12.08 -66.73 13.40
N GLU L 375 -11.98 -65.52 12.86
CA GLU L 375 -11.20 -64.45 13.45
C GLU L 375 -12.12 -63.41 14.08
N THR L 376 -11.52 -62.38 14.66
CA THR L 376 -12.25 -61.31 15.31
C THR L 376 -11.70 -59.97 14.83
N GLU L 377 -12.22 -58.88 15.41
CA GLU L 377 -11.65 -57.56 15.16
C GLU L 377 -10.40 -57.31 15.97
N ASP L 378 -10.03 -58.23 16.86
CA ASP L 378 -8.79 -58.16 17.59
C ASP L 378 -7.60 -58.34 16.65
N SER L 379 -6.56 -57.54 16.85
CA SER L 379 -5.37 -57.55 15.99
C SER L 379 -4.11 -57.68 16.84
N THR L 380 -4.12 -58.58 17.81
CA THR L 380 -2.98 -58.78 18.69
C THR L 380 -1.87 -59.58 18.03
N ILE L 381 -2.19 -60.44 17.06
CA ILE L 381 -1.15 -61.26 16.45
C ILE L 381 -0.19 -60.40 15.62
N ALA L 382 -0.64 -59.24 15.14
CA ALA L 382 0.25 -58.28 14.51
C ALA L 382 1.29 -57.76 15.51
N ASP L 383 0.84 -57.41 16.71
CA ASP L 383 1.77 -56.96 17.75
C ASP L 383 2.67 -58.09 18.23
N ILE L 384 2.19 -59.34 18.18
CA ILE L 384 3.03 -60.48 18.52
C ILE L 384 4.13 -60.66 17.49
N ALA L 385 3.77 -60.57 16.19
CA ALA L 385 4.76 -60.73 15.13
C ALA L 385 5.80 -59.62 15.18
N VAL L 386 5.38 -58.37 15.43
CA VAL L 386 6.35 -57.28 15.51
C VAL L 386 7.19 -57.38 16.78
N ALA L 387 6.57 -57.76 17.91
CA ALA L 387 7.28 -57.80 19.19
C ALA L 387 8.36 -58.86 19.21
N THR L 388 8.08 -60.04 18.66
CA THR L 388 9.08 -61.09 18.62
C THR L 388 10.08 -60.92 17.49
N ASN L 389 9.87 -59.95 16.60
CA ASN L 389 10.67 -59.75 15.39
C ASN L 389 10.73 -61.03 14.56
N ALA L 390 9.57 -61.70 14.47
CA ALA L 390 9.50 -62.99 13.77
C ALA L 390 9.78 -62.83 12.29
N GLY L 391 9.31 -61.75 11.68
CA GLY L 391 9.59 -61.48 10.29
C GLY L 391 8.68 -62.16 9.31
N GLN L 392 7.68 -62.91 9.77
CA GLN L 392 6.71 -63.55 8.88
C GLN L 392 5.36 -63.59 9.57
N ILE L 393 4.30 -63.30 8.81
CA ILE L 393 2.94 -63.38 9.30
C ILE L 393 2.06 -64.01 8.22
N LYS L 394 1.06 -64.76 8.67
CA LYS L 394 0.07 -65.38 7.80
C LYS L 394 -1.29 -64.98 8.34
N THR L 395 -1.82 -63.86 7.86
CA THR L 395 -3.05 -63.31 8.40
C THR L 395 -4.09 -63.12 7.28
N GLY L 396 -4.10 -64.03 6.30
CA GLY L 396 -5.18 -64.11 5.34
C GLY L 396 -5.05 -63.21 4.13
N SER L 397 -6.16 -63.03 3.44
CA SER L 397 -6.20 -62.34 2.16
C SER L 397 -6.52 -60.86 2.37
N LEU L 398 -6.87 -60.18 1.28
CA LEU L 398 -7.05 -58.73 1.27
C LEU L 398 -8.51 -58.39 1.04
N SER L 399 -9.42 -59.17 1.64
CA SER L 399 -10.82 -59.00 1.29
C SER L 399 -11.77 -59.02 2.47
N ARG L 400 -11.32 -59.15 3.71
CA ARG L 400 -12.25 -59.13 4.82
C ARG L 400 -11.59 -58.45 6.00
N THR L 401 -12.38 -57.74 6.82
CA THR L 401 -11.84 -56.97 7.95
C THR L 401 -11.24 -57.86 9.04
N ASP L 402 -11.75 -59.09 9.23
CA ASP L 402 -11.03 -60.07 10.04
C ASP L 402 -9.57 -60.33 9.64
N ARG L 403 -9.20 -60.03 8.39
CA ARG L 403 -7.84 -60.10 7.93
C ARG L 403 -7.21 -58.73 7.75
N ILE L 404 -8.00 -57.75 7.31
CA ILE L 404 -7.52 -56.41 7.02
C ILE L 404 -7.19 -55.66 8.30
N ALA L 405 -7.81 -56.07 9.42
CA ALA L 405 -7.52 -55.43 10.70
C ALA L 405 -6.07 -55.64 11.12
N LYS L 406 -5.54 -56.84 10.88
CA LYS L 406 -4.13 -57.11 11.17
C LYS L 406 -3.22 -56.31 10.26
N TYR L 407 -3.59 -56.17 8.99
CA TYR L 407 -2.78 -55.38 8.06
C TYR L 407 -2.79 -53.91 8.43
N ASN L 408 -3.94 -53.39 8.88
CA ASN L 408 -4.03 -52.01 9.32
C ASN L 408 -3.24 -51.79 10.60
N GLN L 409 -3.24 -52.78 11.49
CA GLN L 409 -2.42 -52.69 12.70
C GLN L 409 -0.94 -52.69 12.36
N LEU L 410 -0.54 -53.49 11.37
CA LEU L 410 0.85 -53.48 10.93
C LEU L 410 1.23 -52.16 10.28
N LEU L 411 0.30 -51.57 9.52
CA LEU L 411 0.53 -50.22 8.97
C LEU L 411 0.71 -49.19 10.07
N ARG L 412 -0.13 -49.27 11.12
CA ARG L 412 0.00 -48.37 12.26
C ARG L 412 1.32 -48.56 12.99
N ILE L 413 1.74 -49.82 13.18
CA ILE L 413 3.00 -50.11 13.86
C ILE L 413 4.17 -49.57 13.05
N GLU L 414 4.13 -49.73 11.73
CA GLU L 414 5.17 -49.18 10.86
C GLU L 414 5.20 -47.66 10.93
N ASP L 415 4.02 -47.03 11.00
CA ASP L 415 3.96 -45.58 11.09
C ASP L 415 4.56 -45.08 12.41
N GLN L 416 4.24 -45.74 13.52
CA GLN L 416 4.82 -45.31 14.79
C GLN L 416 6.31 -45.59 14.87
N LEU L 417 6.76 -46.72 14.31
CA LEU L 417 8.18 -47.05 14.32
C LEU L 417 8.98 -46.05 13.51
N GLY L 418 8.44 -45.61 12.36
CA GLY L 418 9.06 -44.55 11.61
C GLY L 418 10.37 -44.94 10.96
N GLU L 419 11.44 -44.22 11.30
CA GLU L 419 12.72 -44.44 10.65
C GLU L 419 13.41 -45.72 11.09
N VAL L 420 13.06 -46.25 12.27
CA VAL L 420 13.66 -47.50 12.74
C VAL L 420 12.93 -48.73 12.24
N ALA L 421 11.81 -48.55 11.54
CA ALA L 421 11.06 -49.69 11.01
C ALA L 421 11.87 -50.40 9.94
N GLU L 422 11.86 -51.73 10.00
CA GLU L 422 12.64 -52.57 9.10
C GLU L 422 11.72 -53.56 8.42
N TYR L 423 11.73 -53.56 7.09
CA TYR L 423 11.10 -54.61 6.30
C TYR L 423 12.22 -55.37 5.60
N ARG L 424 12.43 -56.61 6.01
CA ARG L 424 13.56 -57.37 5.48
C ARG L 424 13.21 -58.16 4.23
N GLY L 425 11.96 -58.59 4.10
CA GLY L 425 11.55 -59.38 2.95
C GLY L 425 12.28 -60.71 2.89
N LEU L 426 13.15 -60.86 1.88
CA LEU L 426 13.86 -62.12 1.68
C LEU L 426 14.81 -62.41 2.83
N LYS L 427 15.41 -61.38 3.44
CA LYS L 427 16.25 -61.59 4.61
C LYS L 427 15.47 -62.04 5.84
N SER L 428 14.14 -61.97 5.81
CA SER L 428 13.35 -62.56 6.88
C SER L 428 13.34 -64.08 6.82
N PHE L 429 13.68 -64.66 5.67
CA PHE L 429 13.78 -66.11 5.53
C PHE L 429 15.20 -66.54 5.91
N TYR L 430 15.50 -66.41 7.20
CA TYR L 430 16.84 -66.73 7.70
C TYR L 430 17.06 -68.22 7.86
N ASN L 431 16.03 -69.03 7.67
CA ASN L 431 16.16 -70.49 7.70
C ASN L 431 16.65 -71.06 6.37
N LEU L 432 16.85 -70.23 5.36
CA LEU L 432 17.30 -70.66 4.05
C LEU L 432 18.70 -70.13 3.77
N LYS L 433 19.39 -70.80 2.85
CA LYS L 433 20.72 -70.39 2.44
C LYS L 433 20.61 -69.50 1.21
N LYS L 434 21.22 -68.30 1.30
CA LYS L 434 21.30 -67.33 0.20
C LYS L 434 19.90 -66.93 -0.31
N MET M 1 -3.99 -20.47 40.43
CA MET M 1 -5.22 -21.24 40.39
C MET M 1 -6.36 -20.38 40.93
N SER M 2 -6.01 -19.36 41.69
CA SER M 2 -6.94 -18.33 42.12
C SER M 2 -6.85 -17.08 41.26
N ILE M 3 -6.01 -17.09 40.22
CA ILE M 3 -5.90 -15.92 39.35
C ILE M 3 -7.14 -15.84 38.48
N ILE M 4 -7.77 -14.66 38.46
CA ILE M 4 -8.91 -14.41 37.60
C ILE M 4 -8.46 -14.53 36.16
N THR M 5 -9.09 -15.42 35.44
CA THR M 5 -8.79 -15.76 34.07
C THR M 5 -9.77 -15.19 33.05
N ASP M 6 -11.05 -15.18 33.35
CA ASP M 6 -12.03 -14.67 32.40
C ASP M 6 -13.11 -13.92 33.13
N VAL M 7 -13.48 -12.76 32.59
CA VAL M 7 -14.62 -11.97 33.06
C VAL M 7 -15.52 -11.72 31.86
N TYR M 8 -16.80 -12.09 31.98
CA TYR M 8 -17.70 -11.99 30.84
C TYR M 8 -19.08 -11.57 31.31
N ALA M 9 -19.64 -10.52 30.71
CA ALA M 9 -20.98 -10.06 31.03
C ALA M 9 -21.92 -10.30 29.86
N ARG M 10 -23.17 -10.59 30.19
CA ARG M 10 -24.20 -10.77 29.17
C ARG M 10 -25.47 -10.10 29.68
N GLU M 11 -26.37 -9.79 28.76
CA GLU M 11 -27.59 -9.09 29.09
C GLU M 11 -28.69 -10.10 29.35
N VAL M 12 -29.35 -9.97 30.50
CA VAL M 12 -30.51 -10.76 30.89
C VAL M 12 -31.68 -9.89 31.30
N LEU M 13 -32.73 -10.52 31.80
CA LEU M 13 -33.93 -9.81 32.21
C LEU M 13 -34.09 -9.90 33.71
N ASP M 14 -34.58 -8.84 34.31
CA ASP M 14 -34.86 -8.85 35.73
C ASP M 14 -36.34 -9.20 35.91
N SER M 15 -36.81 -9.15 37.15
CA SER M 15 -38.14 -9.66 37.49
C SER M 15 -39.27 -8.80 36.93
N ARG M 16 -39.01 -7.56 36.53
CA ARG M 16 -40.03 -6.72 35.93
C ARG M 16 -40.11 -6.86 34.41
N GLY M 17 -39.29 -7.72 33.82
CA GLY M 17 -39.22 -7.84 32.37
C GLY M 17 -38.30 -6.86 31.70
N ASN M 18 -37.69 -5.95 32.46
CA ASN M 18 -36.73 -4.99 31.97
C ASN M 18 -35.32 -5.60 31.93
N PRO M 19 -34.43 -5.11 31.08
CA PRO M 19 -33.10 -5.71 31.01
C PRO M 19 -32.23 -5.34 32.20
N THR M 20 -31.27 -6.22 32.46
CA THR M 20 -30.15 -5.96 33.35
C THR M 20 -28.99 -6.79 32.81
N LEU M 21 -27.88 -6.84 33.54
CA LEU M 21 -26.72 -7.58 33.09
C LEU M 21 -26.31 -8.59 34.15
N GLU M 22 -25.39 -9.46 33.74
CA GLU M 22 -24.94 -10.52 34.63
C GLU M 22 -23.50 -10.85 34.26
N VAL M 23 -22.66 -11.04 35.26
CA VAL M 23 -21.22 -11.20 35.06
C VAL M 23 -20.80 -12.58 35.56
N GLU M 24 -19.96 -13.25 34.78
CA GLU M 24 -19.36 -14.52 35.15
C GLU M 24 -17.85 -14.36 35.24
N VAL M 25 -17.27 -14.87 36.32
CA VAL M 25 -15.84 -14.80 36.57
C VAL M 25 -15.32 -16.23 36.70
N TYR M 26 -14.32 -16.56 35.90
CA TYR M 26 -13.65 -17.85 35.93
C TYR M 26 -12.21 -17.62 36.37
N THR M 27 -11.73 -18.43 37.31
CA THR M 27 -10.34 -18.41 37.72
C THR M 27 -9.59 -19.56 37.07
N GLU M 28 -8.28 -19.65 37.35
CA GLU M 28 -7.42 -20.59 36.65
C GLU M 28 -7.71 -22.03 37.02
N SER M 29 -8.03 -22.28 38.29
CA SER M 29 -8.39 -23.64 38.73
C SER M 29 -9.77 -24.06 38.28
N GLY M 30 -10.57 -23.15 37.74
CA GLY M 30 -11.91 -23.46 37.34
C GLY M 30 -13.00 -22.97 38.28
N ALA M 31 -12.65 -22.19 39.29
CA ALA M 31 -13.68 -21.64 40.17
C ALA M 31 -14.52 -20.61 39.42
N PHE M 32 -15.82 -20.70 39.62
CA PHE M 32 -16.77 -19.93 38.84
C PHE M 32 -17.66 -19.12 39.78
N GLY M 33 -17.87 -17.86 39.43
CA GLY M 33 -18.80 -17.02 40.15
C GLY M 33 -19.69 -16.28 39.17
N ARG M 34 -20.93 -16.08 39.59
CA ARG M 34 -21.96 -15.44 38.77
C ARG M 34 -22.72 -14.39 39.56
N GLY M 35 -22.57 -13.12 39.17
CA GLY M 35 -23.23 -12.03 39.84
C GLY M 35 -24.27 -11.36 38.97
N MET M 36 -25.50 -11.29 39.45
CA MET M 36 -26.55 -10.64 38.67
C MET M 36 -27.00 -9.40 39.42
N VAL M 37 -27.28 -8.34 38.67
CA VAL M 37 -27.45 -7.00 39.21
C VAL M 37 -28.93 -6.66 39.24
N PRO M 38 -29.47 -6.23 40.38
CA PRO M 38 -30.86 -5.75 40.38
C PRO M 38 -30.99 -4.42 39.66
N SER M 39 -32.18 -4.14 39.15
CA SER M 39 -32.43 -2.90 38.45
C SER M 39 -32.66 -1.75 39.41
N GLY M 40 -31.73 -0.83 39.41
CA GLY M 40 -31.81 0.40 40.14
C GLY M 40 -32.21 1.57 39.26
N ALA M 41 -31.71 2.75 39.62
CA ALA M 41 -32.06 3.99 38.95
C ALA M 41 -30.82 4.58 38.27
N SER M 42 -31.03 5.18 37.10
CA SER M 42 -29.96 5.82 36.35
C SER M 42 -29.84 7.30 36.61
N THR M 43 -30.63 7.84 37.54
CA THR M 43 -30.56 9.26 37.90
C THR M 43 -30.41 9.39 39.41
N GLY M 44 -29.78 10.49 39.84
CA GLY M 44 -29.57 10.75 41.24
C GLY M 44 -28.43 11.71 41.47
N GLU M 45 -28.59 12.63 42.43
CA GLU M 45 -27.56 13.63 42.69
C GLU M 45 -26.31 13.00 43.29
N HIS M 46 -26.48 12.17 44.32
CA HIS M 46 -25.37 11.50 44.99
C HIS M 46 -25.69 10.03 45.20
N GLU M 47 -26.16 9.39 44.14
CA GLU M 47 -26.43 7.96 44.11
C GLU M 47 -25.68 7.37 42.93
N ALA M 48 -25.14 6.16 43.11
CA ALA M 48 -24.46 5.46 42.03
C ALA M 48 -25.42 5.17 40.90
N VAL M 49 -25.22 5.82 39.76
CA VAL M 49 -26.11 5.69 38.61
C VAL M 49 -25.66 4.50 37.78
N GLU M 50 -26.62 3.89 37.10
CA GLU M 50 -26.36 2.73 36.26
C GLU M 50 -26.48 3.11 34.79
N LEU M 51 -25.76 2.38 33.95
CA LEU M 51 -25.68 2.68 32.52
C LEU M 51 -26.81 1.97 31.78
N ARG M 52 -27.61 2.75 31.07
CA ARG M 52 -28.62 2.21 30.16
C ARG M 52 -28.40 2.83 28.78
N ASP M 53 -28.77 2.06 27.75
CA ASP M 53 -28.47 2.46 26.37
C ASP M 53 -29.24 3.72 25.98
N GLY M 54 -30.51 3.80 26.34
CA GLY M 54 -31.34 4.89 25.88
C GLY M 54 -31.88 4.71 24.49
N ASP M 55 -31.62 3.58 23.84
CA ASP M 55 -32.15 3.30 22.51
C ASP M 55 -33.62 2.95 22.62
N LYS M 56 -34.49 3.87 22.19
CA LYS M 56 -35.93 3.69 22.35
C LYS M 56 -36.48 2.56 21.49
N ALA M 57 -35.75 2.13 20.47
CA ALA M 57 -36.18 0.99 19.66
C ALA M 57 -36.00 -0.34 20.40
N ARG M 58 -34.99 -0.43 21.26
CA ARG M 58 -34.66 -1.67 21.96
C ARG M 58 -35.05 -1.50 23.42
N TYR M 59 -36.06 -2.26 23.86
CA TYR M 59 -36.49 -2.36 25.26
C TYR M 59 -36.97 -1.02 25.83
N GLY M 60 -37.34 -0.08 24.97
CA GLY M 60 -37.76 1.24 25.42
C GLY M 60 -36.67 2.04 26.09
N GLY M 61 -35.44 1.94 25.60
CA GLY M 61 -34.34 2.71 26.16
C GLY M 61 -33.74 2.13 27.42
N LEU M 62 -34.13 0.92 27.81
CA LEU M 62 -33.64 0.31 29.04
C LEU M 62 -32.68 -0.84 28.77
N GLY M 63 -32.06 -0.89 27.60
CA GLY M 63 -31.07 -1.90 27.34
C GLY M 63 -29.81 -1.69 28.14
N THR M 64 -29.07 -2.78 28.35
CA THR M 64 -27.84 -2.73 29.12
C THR M 64 -26.64 -3.21 28.31
N GLN M 65 -26.69 -3.02 26.98
CA GLN M 65 -25.58 -3.45 26.15
C GLN M 65 -24.34 -2.58 26.37
N LYS M 66 -24.53 -1.32 26.75
CA LYS M 66 -23.40 -0.43 27.01
C LYS M 66 -22.63 -0.88 28.25
N ALA M 67 -23.33 -1.21 29.33
CA ALA M 67 -22.67 -1.73 30.52
C ALA M 67 -22.02 -3.09 30.26
N VAL M 68 -22.67 -3.93 29.45
CA VAL M 68 -22.11 -5.22 29.06
C VAL M 68 -20.80 -5.01 28.30
N ASP M 69 -20.78 -4.05 27.38
CA ASP M 69 -19.55 -3.74 26.65
C ASP M 69 -18.48 -3.13 27.54
N ASN M 70 -18.89 -2.34 28.54
CA ASN M 70 -17.93 -1.82 29.50
C ASN M 70 -17.27 -2.94 30.29
N VAL M 71 -18.04 -3.94 30.71
CA VAL M 71 -17.45 -5.08 31.41
C VAL M 71 -16.55 -5.87 30.48
N ASN M 72 -17.01 -6.13 29.26
CA ASN M 72 -16.31 -7.05 28.38
C ASN M 72 -15.04 -6.44 27.79
N ASN M 73 -15.02 -5.13 27.57
CA ASN M 73 -13.92 -4.51 26.85
C ASN M 73 -13.05 -3.60 27.71
N VAL M 74 -13.54 -3.16 28.87
CA VAL M 74 -12.79 -2.25 29.74
C VAL M 74 -12.44 -2.93 31.07
N ILE M 75 -13.45 -3.38 31.82
CA ILE M 75 -13.22 -3.93 33.15
C ILE M 75 -12.49 -5.26 33.07
N ALA M 76 -12.80 -6.08 32.07
CA ALA M 76 -12.20 -7.40 31.95
C ALA M 76 -10.70 -7.33 31.73
N GLU M 77 -10.25 -6.38 30.89
CA GLU M 77 -8.83 -6.21 30.63
C GLU M 77 -8.07 -5.78 31.88
N HIS M 78 -8.74 -5.09 32.79
CA HIS M 78 -8.09 -4.59 34.00
C HIS M 78 -8.17 -5.59 35.16
N ILE M 79 -9.19 -6.45 35.17
CA ILE M 79 -9.41 -7.33 36.31
C ILE M 79 -8.74 -8.69 36.12
N ILE M 80 -8.67 -9.18 34.88
CA ILE M 80 -8.04 -10.47 34.60
C ILE M 80 -6.57 -10.39 34.99
N GLY M 81 -6.12 -11.36 35.78
CA GLY M 81 -4.80 -11.37 36.36
C GLY M 81 -4.80 -11.08 37.84
N PHE M 82 -5.88 -10.51 38.37
CA PHE M 82 -5.99 -10.30 39.81
C PHE M 82 -6.22 -11.62 40.53
N ASP M 83 -5.85 -11.66 41.80
CA ASP M 83 -6.27 -12.76 42.64
C ASP M 83 -7.76 -12.64 42.92
N VAL M 84 -8.49 -13.75 42.85
CA VAL M 84 -9.93 -13.72 43.04
C VAL M 84 -10.29 -13.38 44.48
N ARG M 85 -9.38 -13.60 45.42
CA ARG M 85 -9.63 -13.27 46.80
C ARG M 85 -9.28 -11.82 47.13
N ASP M 86 -8.73 -11.07 46.18
CA ASP M 86 -8.43 -9.66 46.38
C ASP M 86 -9.67 -8.82 46.07
N GLN M 87 -10.71 -8.98 46.90
CA GLN M 87 -11.97 -8.28 46.66
C GLN M 87 -11.81 -6.77 46.77
N GLN M 88 -11.16 -6.31 47.84
CA GLN M 88 -10.97 -4.88 48.04
C GLN M 88 -10.07 -4.29 46.98
N GLY M 89 -9.00 -4.99 46.59
CA GLY M 89 -8.14 -4.53 45.52
C GLY M 89 -8.86 -4.40 44.19
N ILE M 90 -9.67 -5.40 43.83
CA ILE M 90 -10.47 -5.36 42.61
C ILE M 90 -11.48 -4.21 42.63
N ASP M 91 -12.17 -4.04 43.76
CA ASP M 91 -13.16 -2.97 43.85
C ASP M 91 -12.53 -1.59 43.77
N ARG M 92 -11.40 -1.38 44.46
CA ARG M 92 -10.71 -0.09 44.38
C ARG M 92 -10.16 0.16 42.99
N ALA M 93 -9.69 -0.88 42.34
CA ALA M 93 -9.22 -0.79 40.98
C ALA M 93 -10.33 -0.38 40.01
N MET M 94 -11.52 -0.97 40.17
CA MET M 94 -12.66 -0.58 39.35
C MET M 94 -13.11 0.85 39.62
N ILE M 95 -13.11 1.26 40.89
CA ILE M 95 -13.49 2.64 41.24
C ILE M 95 -12.51 3.63 40.63
N ALA M 96 -11.21 3.34 40.71
CA ALA M 96 -10.21 4.22 40.11
C ALA M 96 -10.32 4.24 38.58
N LEU M 97 -10.58 3.08 37.98
CA LEU M 97 -10.74 2.99 36.53
C LEU M 97 -11.95 3.78 36.06
N ASP M 98 -12.99 3.86 36.87
CA ASP M 98 -14.15 4.64 36.51
C ASP M 98 -13.87 6.14 36.69
N GLY M 99 -13.39 6.53 37.87
CA GLY M 99 -12.98 7.90 38.09
C GLY M 99 -14.10 8.90 38.23
N THR M 100 -15.30 8.45 38.59
CA THR M 100 -16.43 9.35 38.78
C THR M 100 -17.08 9.01 40.12
N PRO M 101 -17.41 10.02 40.96
CA PRO M 101 -18.05 9.71 42.25
C PRO M 101 -19.36 8.95 42.15
N ASN M 102 -20.19 9.24 41.14
CA ASN M 102 -21.46 8.57 40.98
C ASN M 102 -21.38 7.35 40.07
N LYS M 103 -20.17 7.00 39.62
CA LYS M 103 -19.91 5.82 38.80
C LYS M 103 -20.70 5.83 37.50
N GLY M 104 -20.70 6.97 36.82
CA GLY M 104 -21.48 7.13 35.62
C GLY M 104 -20.78 6.69 34.35
N LYS M 105 -19.44 6.64 34.37
CA LYS M 105 -18.71 6.29 33.15
C LYS M 105 -18.84 4.81 32.84
N LEU M 106 -18.37 3.94 33.75
CA LEU M 106 -18.53 2.51 33.54
C LEU M 106 -19.95 2.05 33.85
N GLY M 107 -20.59 2.63 34.86
CA GLY M 107 -21.91 2.21 35.27
C GLY M 107 -21.86 1.42 36.56
N ALA M 108 -22.70 1.78 37.53
CA ALA M 108 -22.70 1.09 38.82
C ALA M 108 -23.13 -0.35 38.70
N ASN M 109 -24.04 -0.63 37.75
CA ASN M 109 -24.50 -1.99 37.54
C ASN M 109 -23.37 -2.91 37.08
N ALA M 110 -22.51 -2.41 36.19
CA ALA M 110 -21.38 -3.19 35.70
C ALA M 110 -20.40 -3.52 36.83
N ILE M 111 -20.05 -2.49 37.62
CA ILE M 111 -19.10 -2.67 38.72
C ILE M 111 -19.67 -3.58 39.80
N LEU M 112 -20.97 -3.46 40.09
CA LEU M 112 -21.58 -4.33 41.07
C LEU M 112 -21.64 -5.77 40.61
N GLY M 113 -21.94 -5.99 39.33
CA GLY M 113 -21.92 -7.34 38.80
C GLY M 113 -20.56 -7.98 38.88
N VAL M 114 -19.52 -7.21 38.55
CA VAL M 114 -18.17 -7.74 38.63
C VAL M 114 -17.81 -8.02 40.09
N SER M 115 -18.18 -7.13 41.01
CA SER M 115 -17.86 -7.31 42.43
C SER M 115 -18.51 -8.56 43.01
N ILE M 116 -19.80 -8.76 42.71
CA ILE M 116 -20.52 -9.92 43.22
C ILE M 116 -19.98 -11.21 42.60
N ALA M 117 -19.69 -11.18 41.29
CA ALA M 117 -19.15 -12.36 40.62
C ALA M 117 -17.78 -12.73 41.17
N VAL M 118 -16.94 -11.74 41.45
CA VAL M 118 -15.62 -11.99 42.03
C VAL M 118 -15.75 -12.58 43.43
N ALA M 119 -16.65 -12.04 44.25
CA ALA M 119 -16.84 -12.59 45.59
C ALA M 119 -17.35 -14.03 45.56
N ARG M 120 -18.28 -14.31 44.65
CA ARG M 120 -18.81 -15.67 44.53
C ARG M 120 -17.76 -16.65 44.00
N ALA M 121 -16.92 -16.20 43.06
CA ALA M 121 -15.85 -17.05 42.56
C ALA M 121 -14.80 -17.30 43.64
N ALA M 122 -14.54 -16.31 44.48
CA ALA M 122 -13.60 -16.49 45.58
C ALA M 122 -14.14 -17.47 46.61
N ALA M 123 -15.44 -17.40 46.90
CA ALA M 123 -16.05 -18.38 47.80
C ALA M 123 -16.03 -19.78 47.18
N ASP M 124 -16.25 -19.87 45.87
CA ASP M 124 -16.19 -21.16 45.19
C ASP M 124 -14.79 -21.75 45.22
N TYR M 125 -13.78 -20.92 45.03
CA TYR M 125 -12.40 -21.37 45.02
C TYR M 125 -11.97 -21.89 46.38
N LEU M 126 -12.37 -21.21 47.46
CA LEU M 126 -12.06 -21.60 48.83
C LEU M 126 -13.00 -22.67 49.38
N GLU M 127 -14.01 -23.03 48.61
CA GLU M 127 -14.98 -24.08 48.92
C GLU M 127 -15.65 -23.80 50.26
N VAL M 128 -16.02 -22.54 50.46
CA VAL M 128 -16.67 -22.10 51.69
C VAL M 128 -17.98 -21.45 51.29
N PRO M 129 -18.95 -21.39 52.20
CA PRO M 129 -20.18 -20.66 51.93
C PRO M 129 -19.90 -19.17 51.74
N LEU M 130 -20.77 -18.53 50.95
CA LEU M 130 -20.57 -17.11 50.61
C LEU M 130 -20.60 -16.23 51.86
N TYR M 131 -21.48 -16.54 52.81
CA TYR M 131 -21.52 -15.77 54.04
C TYR M 131 -20.26 -15.98 54.87
N SER M 132 -19.70 -17.20 54.85
CA SER M 132 -18.44 -17.46 55.56
C SER M 132 -17.29 -16.69 54.94
N TYR M 133 -17.25 -16.60 53.62
CA TYR M 133 -16.20 -15.84 52.95
C TYR M 133 -16.37 -14.34 53.19
N LEU M 134 -17.60 -13.85 53.16
CA LEU M 134 -17.84 -12.41 53.27
C LEU M 134 -17.69 -11.90 54.70
N GLY M 135 -18.13 -12.68 55.69
CA GLY M 135 -18.19 -12.17 57.04
C GLY M 135 -17.26 -12.85 58.04
N GLY M 136 -16.53 -13.87 57.59
CA GLY M 136 -15.63 -14.57 58.47
C GLY M 136 -16.28 -15.76 59.14
N PHE M 137 -15.65 -16.21 60.23
CA PHE M 137 -16.12 -17.40 60.91
C PHE M 137 -17.31 -17.14 61.83
N ASN M 138 -17.48 -15.92 62.30
CA ASN M 138 -18.51 -15.61 63.29
C ASN M 138 -19.80 -15.13 62.63
N THR M 139 -20.31 -15.90 61.68
CA THR M 139 -21.54 -15.59 60.97
C THR M 139 -22.62 -16.55 61.45
N LYS M 140 -23.54 -16.05 62.26
CA LYS M 140 -24.55 -16.92 62.86
C LYS M 140 -25.95 -16.36 62.90
N VAL M 141 -26.16 -15.06 62.70
CA VAL M 141 -27.45 -14.42 62.98
C VAL M 141 -28.29 -14.40 61.72
N LEU M 142 -29.43 -15.05 61.77
CA LEU M 142 -30.40 -15.02 60.70
C LEU M 142 -31.22 -13.74 60.82
N PRO M 143 -31.32 -12.95 59.75
CA PRO M 143 -31.99 -11.65 59.85
C PRO M 143 -33.46 -11.79 60.14
N THR M 144 -33.99 -10.81 60.86
CA THR M 144 -35.41 -10.72 61.11
C THR M 144 -36.07 -10.09 59.88
N PRO M 145 -36.97 -10.81 59.21
CA PRO M 145 -37.53 -10.28 57.96
C PRO M 145 -38.67 -9.31 58.18
N MET M 146 -38.64 -8.22 57.40
CA MET M 146 -39.77 -7.31 57.33
C MET M 146 -40.47 -7.63 56.02
N MET M 147 -41.49 -8.48 56.11
CA MET M 147 -42.25 -8.97 54.96
C MET M 147 -43.26 -7.93 54.48
N ASN M 148 -43.02 -7.37 53.29
CA ASN M 148 -44.01 -6.51 52.65
C ASN M 148 -45.28 -7.29 52.40
N ILE M 149 -46.42 -6.74 52.80
CA ILE M 149 -47.65 -7.51 52.71
C ILE M 149 -48.73 -6.75 51.95
N ILE M 150 -48.86 -5.46 52.24
CA ILE M 150 -49.80 -4.56 51.57
C ILE M 150 -49.04 -3.32 51.16
N ASN M 151 -49.13 -2.95 49.90
CA ASN M 151 -48.53 -1.73 49.40
C ASN M 151 -49.57 -0.74 48.87
N GLY M 152 -49.42 0.51 49.27
CA GLY M 152 -50.27 1.55 48.74
C GLY M 152 -49.45 2.65 48.12
N GLY M 153 -49.89 3.89 48.31
CA GLY M 153 -49.12 5.02 47.82
C GLY M 153 -49.12 5.09 46.31
N SER M 154 -47.92 5.23 45.75
CA SER M 154 -47.76 5.27 44.31
C SER M 154 -47.84 3.91 43.65
N HIS M 155 -47.90 2.82 44.43
CA HIS M 155 -48.05 1.48 43.91
C HIS M 155 -49.49 0.99 43.94
N SER M 156 -50.44 1.86 44.26
CA SER M 156 -51.83 1.46 44.34
C SER M 156 -52.72 2.65 44.01
N ASP M 157 -53.95 2.35 43.61
CA ASP M 157 -54.93 3.38 43.38
C ASP M 157 -55.79 3.63 44.61
N ALA M 158 -55.53 2.93 45.71
CA ALA M 158 -56.26 3.12 46.94
C ALA M 158 -55.92 4.48 47.56
N PRO M 159 -56.82 5.05 48.36
CA PRO M 159 -56.50 6.30 49.09
C PRO M 159 -55.60 6.07 50.29
N ILE M 160 -54.35 5.69 50.04
CA ILE M 160 -53.35 5.45 51.07
C ILE M 160 -52.10 6.23 50.69
N ALA M 161 -51.64 7.10 51.57
CA ALA M 161 -50.43 7.87 51.30
C ALA M 161 -49.17 7.04 51.49
N PHE M 162 -49.18 6.11 52.42
CA PHE M 162 -47.98 5.33 52.72
C PHE M 162 -47.71 4.32 51.62
N GLN M 163 -46.43 4.14 51.32
CA GLN M 163 -46.04 3.26 50.22
C GLN M 163 -46.16 1.78 50.54
N GLU M 164 -45.67 1.34 51.69
CA GLU M 164 -45.65 -0.08 52.00
C GLU M 164 -46.03 -0.31 53.44
N PHE M 165 -46.57 -1.50 53.69
CA PHE M 165 -46.93 -2.01 54.99
C PHE M 165 -46.29 -3.38 55.09
N MET M 166 -45.70 -3.67 56.25
CA MET M 166 -44.91 -4.86 56.43
C MET M 166 -45.29 -5.53 57.75
N ILE M 167 -45.10 -6.85 57.80
CA ILE M 167 -45.23 -7.62 59.01
C ILE M 167 -43.84 -8.09 59.44
N VAL M 168 -43.55 -7.97 60.73
CA VAL M 168 -42.26 -8.33 61.27
C VAL M 168 -42.49 -9.42 62.31
N PRO M 169 -42.26 -10.69 61.96
CA PRO M 169 -42.48 -11.80 62.91
C PRO M 169 -41.30 -11.97 63.87
N ALA M 170 -41.11 -10.98 64.73
CA ALA M 170 -39.95 -10.93 65.61
C ALA M 170 -40.06 -11.88 66.80
N GLY M 171 -41.22 -12.46 67.06
CA GLY M 171 -41.41 -13.36 68.17
C GLY M 171 -41.18 -14.83 67.88
N ALA M 172 -40.73 -15.17 66.69
CA ALA M 172 -40.52 -16.56 66.31
C ALA M 172 -39.23 -17.10 66.95
N PRO M 173 -39.17 -18.41 67.22
CA PRO M 173 -37.94 -18.97 67.79
C PRO M 173 -36.82 -19.15 66.78
N THR M 174 -37.18 -19.48 65.54
CA THR M 174 -36.21 -19.68 64.47
C THR M 174 -36.65 -18.88 63.26
N PHE M 175 -35.76 -18.82 62.26
CA PHE M 175 -36.14 -18.16 61.01
C PHE M 175 -37.15 -18.98 60.24
N LYS M 176 -37.07 -20.31 60.33
CA LYS M 176 -38.02 -21.18 59.65
C LYS M 176 -39.44 -20.94 60.13
N GLU M 177 -39.59 -20.81 61.46
CA GLU M 177 -40.90 -20.49 62.03
C GLU M 177 -41.37 -19.11 61.63
N ALA M 178 -40.46 -18.13 61.57
CA ALA M 178 -40.84 -16.78 61.15
C ALA M 178 -41.34 -16.76 59.72
N LEU M 179 -40.67 -17.50 58.84
CA LEU M 179 -41.12 -17.63 57.45
C LEU M 179 -42.48 -18.31 57.37
N ARG M 180 -42.69 -19.35 58.18
CA ARG M 180 -43.98 -20.04 58.20
C ARG M 180 -45.10 -19.10 58.67
N TRP M 181 -44.82 -18.31 59.71
CA TRP M 181 -45.80 -17.34 60.21
C TRP M 181 -46.14 -16.30 59.17
N GLY M 182 -45.12 -15.79 58.47
CA GLY M 182 -45.37 -14.81 57.44
C GLY M 182 -46.19 -15.37 56.28
N ALA M 183 -45.89 -16.61 55.86
CA ALA M 183 -46.65 -17.24 54.79
C ALA M 183 -48.10 -17.48 55.21
N GLU M 184 -48.31 -17.91 56.47
CA GLU M 184 -49.67 -18.18 56.93
C GLU M 184 -50.48 -16.89 57.07
N ILE M 185 -49.85 -15.82 57.54
CA ILE M 185 -50.52 -14.52 57.61
C ILE M 185 -50.82 -13.99 56.20
N PHE M 186 -49.90 -14.23 55.26
CA PHE M 186 -50.11 -13.84 53.87
C PHE M 186 -51.32 -14.53 53.27
N HIS M 187 -51.46 -15.84 53.52
CA HIS M 187 -52.61 -16.56 52.99
C HIS M 187 -53.90 -16.19 53.70
N ALA M 188 -53.83 -15.93 55.01
CA ALA M 188 -55.02 -15.49 55.74
C ALA M 188 -55.50 -14.13 55.24
N LEU M 189 -54.57 -13.22 54.95
CA LEU M 189 -54.93 -11.93 54.38
C LEU M 189 -55.50 -12.07 52.98
N LYS M 190 -54.94 -13.01 52.19
CA LYS M 190 -55.49 -13.28 50.87
C LYS M 190 -56.93 -13.75 50.95
N LYS M 191 -57.22 -14.63 51.91
CA LYS M 191 -58.59 -15.10 52.12
C LYS M 191 -59.50 -13.96 52.57
N ILE M 192 -59.01 -13.09 53.47
CA ILE M 192 -59.80 -11.96 53.96
C ILE M 192 -60.13 -10.99 52.83
N LEU M 193 -59.16 -10.72 51.96
CA LEU M 193 -59.42 -9.84 50.82
C LEU M 193 -60.35 -10.49 49.81
N LYS M 194 -60.25 -11.82 49.63
CA LYS M 194 -61.15 -12.51 48.72
C LYS M 194 -62.59 -12.47 49.22
N GLU M 195 -62.80 -12.65 50.53
CA GLU M 195 -64.15 -12.57 51.06
C GLU M 195 -64.66 -11.14 51.18
N ARG M 196 -63.80 -10.13 51.02
CA ARG M 196 -64.20 -8.73 51.04
C ARG M 196 -64.41 -8.17 49.62
N GLY M 197 -64.15 -8.96 48.59
CA GLY M 197 -64.36 -8.47 47.25
C GLY M 197 -63.22 -7.65 46.68
N LEU M 198 -62.12 -7.50 47.42
CA LEU M 198 -60.99 -6.71 46.97
C LEU M 198 -60.07 -7.56 46.09
N GLU M 199 -59.31 -6.88 45.23
CA GLU M 199 -58.48 -7.59 44.26
C GLU M 199 -57.33 -8.32 44.95
N THR M 200 -56.98 -9.47 44.40
CA THR M 200 -56.01 -10.38 45.00
C THR M 200 -54.64 -10.35 44.31
N ALA M 201 -54.58 -9.96 43.03
CA ALA M 201 -53.33 -10.03 42.27
C ALA M 201 -52.22 -9.19 42.91
N VAL M 202 -51.01 -9.74 42.87
CA VAL M 202 -49.88 -9.15 43.58
C VAL M 202 -49.15 -8.17 42.67
N GLY M 203 -48.39 -7.28 43.28
CA GLY M 203 -47.61 -6.28 42.57
C GLY M 203 -46.20 -6.74 42.32
N ASP M 204 -45.28 -5.77 42.23
CA ASP M 204 -43.89 -6.06 41.89
C ASP M 204 -43.05 -6.58 43.07
N GLU M 205 -43.59 -6.61 44.27
CA GLU M 205 -43.00 -7.19 45.49
C GLU M 205 -43.58 -8.53 45.88
N GLY M 206 -44.77 -8.87 45.39
CA GLY M 206 -45.51 -10.02 45.85
C GLY M 206 -46.62 -9.70 46.82
N GLY M 207 -46.77 -8.44 47.21
CA GLY M 207 -47.82 -8.04 48.13
C GLY M 207 -49.05 -7.55 47.41
N PHE M 208 -50.13 -7.42 48.16
CA PHE M 208 -51.40 -6.99 47.61
C PHE M 208 -51.52 -5.47 47.67
N ALA M 209 -52.23 -4.92 46.68
CA ALA M 209 -52.57 -3.49 46.65
C ALA M 209 -54.07 -3.33 46.49
N PRO M 210 -54.86 -3.63 47.52
CA PRO M 210 -56.32 -3.53 47.36
C PRO M 210 -56.82 -2.13 47.66
N ARG M 211 -58.08 -1.90 47.29
CA ARG M 211 -58.71 -0.59 47.43
C ARG M 211 -59.28 -0.46 48.84
N PHE M 212 -58.38 -0.17 49.78
CA PHE M 212 -58.78 0.08 51.15
C PHE M 212 -59.41 1.45 51.29
N ASN M 213 -60.14 1.65 52.40
CA ASN M 213 -60.71 2.97 52.68
C ASN M 213 -59.64 3.96 53.12
N GLY M 214 -58.60 3.49 53.82
CA GLY M 214 -57.55 4.37 54.26
C GLY M 214 -56.43 3.58 54.90
N THR M 215 -55.47 4.33 55.47
CA THR M 215 -54.33 3.71 56.15
C THR M 215 -54.80 2.89 57.35
N GLU M 216 -55.74 3.44 58.13
CA GLU M 216 -56.23 2.74 59.31
C GLU M 216 -56.94 1.45 58.94
N ASP M 217 -57.72 1.47 57.85
CA ASP M 217 -58.37 0.25 57.40
C ASP M 217 -57.35 -0.81 56.99
N GLY M 218 -56.28 -0.39 56.30
CA GLY M 218 -55.24 -1.32 55.91
C GLY M 218 -54.56 -1.95 57.11
N VAL M 219 -54.19 -1.12 58.10
CA VAL M 219 -53.54 -1.65 59.30
C VAL M 219 -54.48 -2.56 60.06
N GLU M 220 -55.76 -2.18 60.18
CA GLU M 220 -56.75 -3.02 60.87
C GLU M 220 -56.91 -4.39 60.19
N THR M 221 -56.89 -4.42 58.85
CA THR M 221 -56.90 -5.68 58.14
C THR M 221 -55.62 -6.48 58.36
N ILE M 222 -54.48 -5.81 58.50
CA ILE M 222 -53.22 -6.49 58.83
C ILE M 222 -53.32 -7.22 60.16
N ILE M 223 -53.76 -6.52 61.21
CA ILE M 223 -53.97 -7.16 62.51
C ILE M 223 -55.02 -8.26 62.44
N LYS M 224 -56.07 -8.05 61.64
CA LYS M 224 -57.10 -9.07 61.48
C LYS M 224 -56.53 -10.34 60.87
N ALA M 225 -55.66 -10.20 59.87
CA ALA M 225 -55.01 -11.37 59.27
C ALA M 225 -54.05 -12.05 60.22
N ILE M 226 -53.29 -11.25 61.00
CA ILE M 226 -52.38 -11.81 62.00
C ILE M 226 -53.14 -12.64 63.02
N GLU M 227 -54.28 -12.14 63.49
CA GLU M 227 -55.08 -12.88 64.45
C GLU M 227 -55.78 -14.09 63.82
N ALA M 228 -56.19 -13.97 62.56
CA ALA M 228 -56.80 -15.10 61.87
C ALA M 228 -55.81 -16.25 61.69
N ALA M 229 -54.55 -15.93 61.40
CA ALA M 229 -53.53 -16.95 61.35
C ALA M 229 -53.21 -17.55 62.72
N GLY M 230 -53.57 -16.86 63.80
CA GLY M 230 -53.40 -17.38 65.13
C GLY M 230 -52.22 -16.84 65.89
N TYR M 231 -51.83 -15.58 65.66
CA TYR M 231 -50.66 -15.00 66.31
C TYR M 231 -51.07 -13.69 66.97
N VAL M 232 -50.34 -13.34 68.03
CA VAL M 232 -50.66 -12.18 68.84
C VAL M 232 -49.92 -10.96 68.25
N PRO M 233 -50.63 -9.95 67.77
CA PRO M 233 -49.95 -8.71 67.37
C PRO M 233 -49.33 -8.02 68.57
N GLY M 234 -48.18 -7.41 68.34
CA GLY M 234 -47.45 -6.75 69.40
C GLY M 234 -46.61 -7.66 70.28
N LYS M 235 -46.75 -8.97 70.13
CA LYS M 235 -45.95 -9.93 70.86
C LYS M 235 -45.21 -10.88 69.94
N ASP M 236 -45.85 -11.35 68.88
CA ASP M 236 -45.24 -12.22 67.89
C ASP M 236 -44.94 -11.50 66.59
N VAL M 237 -45.93 -10.81 66.03
CA VAL M 237 -45.80 -10.11 64.75
C VAL M 237 -46.09 -8.63 64.98
N PHE M 238 -45.22 -7.78 64.47
CA PHE M 238 -45.36 -6.34 64.54
C PHE M 238 -45.61 -5.77 63.15
N ILE M 239 -45.88 -4.48 63.09
CA ILE M 239 -46.23 -3.79 61.85
C ILE M 239 -45.17 -2.75 61.56
N GLY M 240 -44.72 -2.72 60.31
CA GLY M 240 -43.82 -1.70 59.84
C GLY M 240 -44.45 -0.91 58.71
N LEU M 241 -44.03 0.35 58.58
CA LEU M 241 -44.52 1.22 57.52
C LEU M 241 -43.35 1.74 56.72
N ASP M 242 -43.48 1.76 55.41
CA ASP M 242 -42.59 2.49 54.51
C ASP M 242 -43.44 3.64 53.99
N CYS M 243 -43.34 4.79 54.66
CA CYS M 243 -44.14 5.95 54.32
C CYS M 243 -43.78 6.48 52.95
N ALA M 244 -42.48 6.58 52.75
CA ALA M 244 -41.80 7.39 51.78
C ALA M 244 -42.47 8.65 51.38
N SER M 245 -42.40 9.43 52.40
CA SER M 245 -42.98 10.72 52.44
C SER M 245 -42.31 11.69 51.51
N SER M 246 -41.16 11.35 50.92
CA SER M 246 -40.56 12.17 49.89
C SER M 246 -41.44 12.34 48.65
N GLU M 247 -42.29 11.36 48.36
CA GLU M 247 -43.12 11.45 47.16
C GLU M 247 -44.27 12.43 47.31
N PHE M 248 -44.87 12.55 48.50
CA PHE M 248 -45.96 13.48 48.69
C PHE M 248 -45.58 14.69 49.53
N TYR M 249 -44.27 14.97 49.66
CA TYR M 249 -43.82 16.16 50.35
C TYR M 249 -43.70 17.31 49.35
N ASP M 250 -44.37 18.42 49.63
CA ASP M 250 -44.30 19.61 48.81
C ASP M 250 -43.22 20.52 49.37
N ALA M 251 -42.11 20.66 48.64
CA ALA M 251 -40.97 21.41 49.14
C ALA M 251 -41.22 22.91 49.13
N GLU M 252 -42.07 23.40 48.22
CA GLU M 252 -42.31 24.85 48.11
C GLU M 252 -42.98 25.39 49.37
N HIS M 253 -44.01 24.69 49.87
CA HIS M 253 -44.68 25.10 51.09
C HIS M 253 -44.12 24.43 52.33
N LYS M 254 -43.11 23.55 52.18
CA LYS M 254 -42.49 22.82 53.27
C LYS M 254 -43.52 22.03 54.08
N VAL M 255 -44.46 21.39 53.37
CA VAL M 255 -45.55 20.69 54.02
C VAL M 255 -45.68 19.31 53.38
N TYR M 256 -46.23 18.36 54.13
CA TYR M 256 -46.48 16.99 53.66
C TYR M 256 -47.92 16.94 53.16
N GLY M 257 -48.08 16.92 51.83
CA GLY M 257 -49.39 16.90 51.21
C GLY M 257 -49.96 15.50 51.08
N TYR M 258 -50.89 15.16 51.96
CA TYR M 258 -51.58 13.87 51.90
C TYR M 258 -52.65 13.83 50.83
N THR M 259 -52.98 14.98 50.22
CA THR M 259 -54.00 15.04 49.19
C THR M 259 -53.57 14.39 47.88
N LYS M 260 -52.27 14.14 47.70
CA LYS M 260 -51.79 13.52 46.46
C LYS M 260 -52.32 12.11 46.30
N PHE M 261 -52.38 11.36 47.41
CA PHE M 261 -52.78 9.97 47.37
C PHE M 261 -54.10 9.69 48.07
N GLU M 262 -54.42 10.43 49.13
CA GLU M 262 -55.61 10.17 49.93
C GLU M 262 -56.80 11.04 49.52
N GLY M 263 -56.67 11.83 48.46
CA GLY M 263 -57.77 12.65 47.98
C GLY M 263 -57.85 13.98 48.67
N GLU M 264 -58.80 14.81 48.20
CA GLU M 264 -58.94 16.16 48.71
C GLU M 264 -59.48 16.20 50.14
N GLY M 265 -60.10 15.11 50.61
CA GLY M 265 -60.58 15.06 51.98
C GLY M 265 -59.52 14.77 53.02
N ALA M 266 -58.27 14.57 52.60
CA ALA M 266 -57.20 14.27 53.53
C ALA M 266 -56.76 15.52 54.27
N ALA M 267 -55.82 15.34 55.21
CA ALA M 267 -55.31 16.41 56.04
C ALA M 267 -53.89 16.76 55.60
N VAL M 268 -53.64 18.04 55.41
CA VAL M 268 -52.32 18.53 55.04
C VAL M 268 -51.56 18.79 56.34
N ARG M 269 -50.46 18.07 56.53
CA ARG M 269 -49.73 18.07 57.79
C ARG M 269 -48.36 18.70 57.61
N THR M 270 -47.98 19.56 58.56
CA THR M 270 -46.65 20.15 58.58
C THR M 270 -45.66 19.13 59.17
N ALA M 271 -44.44 19.58 59.48
CA ALA M 271 -43.47 18.68 60.10
C ALA M 271 -43.93 18.22 61.47
N ALA M 272 -44.33 19.17 62.32
CA ALA M 272 -44.82 18.83 63.65
C ALA M 272 -46.09 17.99 63.57
N GLU M 273 -47.01 18.33 62.67
CA GLU M 273 -48.22 17.53 62.49
C GLU M 273 -47.90 16.12 62.03
N GLN M 274 -46.89 15.98 61.17
CA GLN M 274 -46.46 14.64 60.72
C GLN M 274 -45.89 13.84 61.88
N ILE M 275 -45.10 14.49 62.75
CA ILE M 275 -44.60 13.82 63.96
C ILE M 275 -45.72 13.34 64.85
N ASP M 276 -46.71 14.21 65.08
CA ASP M 276 -47.83 13.84 65.93
C ASP M 276 -48.65 12.70 65.31
N TYR M 277 -48.82 12.74 63.98
CA TYR M 277 -49.55 11.68 63.28
C TYR M 277 -48.82 10.35 63.41
N LEU M 278 -47.50 10.35 63.17
CA LEU M 278 -46.72 9.13 63.30
C LEU M 278 -46.73 8.61 64.73
N GLU M 279 -46.69 9.52 65.71
CA GLU M 279 -46.72 9.12 67.11
C GLU M 279 -48.06 8.49 67.48
N GLU M 280 -49.17 9.04 67.00
CA GLU M 280 -50.46 8.45 67.37
C GLU M 280 -50.68 7.15 66.62
N LEU M 281 -50.12 7.01 65.41
CA LEU M 281 -50.14 5.72 64.73
C LEU M 281 -49.35 4.66 65.50
N VAL M 282 -48.19 5.05 66.03
CA VAL M 282 -47.38 4.12 66.82
C VAL M 282 -48.09 3.76 68.12
N ASN M 283 -48.80 4.72 68.72
CA ASN M 283 -49.53 4.44 69.95
C ASN M 283 -50.73 3.53 69.69
N LYS M 284 -51.43 3.73 68.58
CA LYS M 284 -52.64 2.95 68.31
C LYS M 284 -52.32 1.51 67.94
N TYR M 285 -51.29 1.30 67.13
CA TYR M 285 -51.00 0.01 66.53
C TYR M 285 -49.64 -0.51 66.98
N PRO M 286 -49.38 -1.81 66.88
CA PRO M 286 -48.05 -2.32 67.24
C PRO M 286 -47.00 -2.09 66.15
N ILE M 287 -46.69 -0.82 65.90
CA ILE M 287 -45.76 -0.41 64.87
C ILE M 287 -44.36 -0.38 65.48
N ILE M 288 -43.45 -1.14 64.88
CA ILE M 288 -42.08 -1.22 65.34
C ILE M 288 -41.10 -0.56 64.38
N THR M 289 -41.48 -0.31 63.12
CA THR M 289 -40.57 0.26 62.14
C THR M 289 -41.32 1.29 61.32
N ILE M 290 -40.71 2.46 61.14
CA ILE M 290 -41.21 3.50 60.24
C ILE M 290 -40.03 3.91 59.36
N GLU M 291 -40.18 3.72 58.05
CA GLU M 291 -39.13 3.96 57.08
C GLU M 291 -39.51 5.16 56.23
N ASP M 292 -38.58 6.11 56.10
CA ASP M 292 -38.76 7.35 55.36
C ASP M 292 -39.98 8.11 55.86
N GLY M 293 -40.01 8.36 57.17
CA GLY M 293 -41.11 9.11 57.75
C GLY M 293 -41.10 10.57 57.34
N MET M 294 -39.94 11.09 56.95
CA MET M 294 -39.83 12.48 56.52
C MET M 294 -39.11 12.55 55.18
N ASP M 295 -39.10 13.74 54.59
CA ASP M 295 -38.45 13.94 53.32
C ASP M 295 -36.93 13.83 53.47
N GLU M 296 -36.28 13.50 52.38
CA GLU M 296 -34.83 13.29 52.32
C GLU M 296 -34.08 14.57 52.65
N ASN M 297 -34.68 15.75 52.41
CA ASN M 297 -34.02 17.02 52.67
C ASN M 297 -34.48 17.67 53.97
N ASP M 298 -35.53 17.15 54.61
CA ASP M 298 -36.04 17.71 55.86
C ASP M 298 -35.20 17.15 57.00
N TRP M 299 -34.04 17.76 57.21
CA TRP M 299 -33.12 17.29 58.24
C TRP M 299 -33.60 17.67 59.63
N ASP M 300 -34.13 18.88 59.79
CA ASP M 300 -34.67 19.30 61.09
C ASP M 300 -35.86 18.47 61.50
N GLY M 301 -36.74 18.18 60.53
CA GLY M 301 -37.83 17.26 60.79
C GLY M 301 -37.32 15.90 61.22
N TRP M 302 -36.33 15.36 60.49
CA TRP M 302 -35.79 14.04 60.80
C TRP M 302 -35.21 14.01 62.21
N LYS M 303 -34.53 15.08 62.60
CA LYS M 303 -33.98 15.16 63.96
C LYS M 303 -35.09 15.19 65.01
N ALA M 304 -36.14 16.00 64.77
CA ALA M 304 -37.24 16.08 65.71
C ALA M 304 -37.98 14.74 65.83
N LEU M 305 -38.10 14.03 64.71
CA LEU M 305 -38.70 12.69 64.72
C LEU M 305 -37.86 11.72 65.51
N THR M 306 -36.54 11.81 65.37
CA THR M 306 -35.66 10.93 66.13
C THR M 306 -35.74 11.20 67.62
N GLU M 307 -35.83 12.47 68.02
CA GLU M 307 -36.03 12.75 69.45
C GLU M 307 -37.39 12.24 69.93
N ARG M 308 -38.43 12.39 69.12
CA ARG M 308 -39.77 12.05 69.57
C ARG M 308 -39.98 10.55 69.68
N LEU M 309 -39.54 9.80 68.67
CA LEU M 309 -39.89 8.41 68.56
C LEU M 309 -38.71 7.45 68.51
N GLY M 310 -37.48 7.94 68.44
CA GLY M 310 -36.33 7.06 68.22
C GLY M 310 -35.98 6.14 69.36
N GLY M 311 -36.61 6.31 70.53
CA GLY M 311 -36.34 5.44 71.65
C GLY M 311 -37.17 4.16 71.65
N LYS M 312 -38.30 4.18 70.94
CA LYS M 312 -39.22 3.04 70.93
C LYS M 312 -39.50 2.48 69.55
N VAL M 313 -39.38 3.27 68.48
CA VAL M 313 -39.64 2.77 67.14
C VAL M 313 -38.34 2.91 66.36
N GLN M 314 -38.19 2.09 65.32
CA GLN M 314 -37.03 2.13 64.44
C GLN M 314 -37.32 3.03 63.24
N LEU M 315 -36.52 4.06 63.08
CA LEU M 315 -36.65 5.04 62.00
C LEU M 315 -35.55 4.74 60.97
N VAL M 316 -35.96 4.26 59.80
CA VAL M 316 -35.04 3.84 58.76
C VAL M 316 -34.98 4.93 57.70
N GLY M 317 -33.76 5.32 57.31
CA GLY M 317 -33.60 6.27 56.23
C GLY M 317 -33.28 5.58 54.92
N ASP M 318 -34.24 5.57 54.00
CA ASP M 318 -34.03 4.95 52.69
C ASP M 318 -33.54 5.96 51.67
N ASP M 319 -34.34 6.98 51.37
CA ASP M 319 -33.91 8.08 50.53
C ASP M 319 -33.22 9.17 51.33
N PHE M 320 -33.28 9.11 52.66
CA PHE M 320 -32.59 10.07 53.50
C PHE M 320 -31.09 9.86 53.47
N PHE M 321 -30.66 8.60 53.41
CA PHE M 321 -29.25 8.28 53.40
C PHE M 321 -28.73 7.77 52.08
N VAL M 322 -29.58 7.20 51.21
CA VAL M 322 -29.31 6.69 49.85
C VAL M 322 -28.04 5.81 49.82
N THR M 323 -27.79 5.08 50.92
CA THR M 323 -26.63 4.20 51.07
C THR M 323 -25.33 5.01 50.84
N ASN M 324 -25.29 6.23 51.36
CA ASN M 324 -24.15 7.10 51.17
C ASN M 324 -23.38 7.16 52.47
N THR M 325 -22.06 6.95 52.41
CA THR M 325 -21.22 7.05 53.60
C THR M 325 -21.22 8.48 54.15
N ALA M 326 -21.13 9.48 53.27
CA ALA M 326 -21.12 10.87 53.72
C ALA M 326 -22.46 11.26 54.35
N TYR M 327 -23.56 10.82 53.75
CA TYR M 327 -24.88 11.16 54.29
C TYR M 327 -25.15 10.42 55.58
N LEU M 328 -24.69 9.18 55.67
CA LEU M 328 -24.82 8.42 56.91
C LEU M 328 -24.00 9.05 58.02
N GLU M 329 -22.78 9.50 57.71
CA GLU M 329 -21.94 10.20 58.70
C GLU M 329 -22.60 11.50 59.16
N LYS M 330 -23.17 12.25 58.22
CA LYS M 330 -23.89 13.47 58.56
C LYS M 330 -25.10 13.18 59.45
N GLY M 331 -25.84 12.12 59.14
CA GLY M 331 -26.99 11.75 59.95
C GLY M 331 -26.61 11.31 61.34
N ILE M 332 -25.51 10.57 61.47
CA ILE M 332 -25.01 10.17 62.79
C ILE M 332 -24.59 11.41 63.58
N ALA M 333 -23.91 12.36 62.92
CA ALA M 333 -23.48 13.57 63.60
C ALA M 333 -24.67 14.41 64.07
N GLU M 334 -25.72 14.50 63.26
CA GLU M 334 -26.88 15.32 63.58
C GLU M 334 -27.96 14.59 64.36
N HIS M 335 -27.71 13.33 64.74
CA HIS M 335 -28.66 12.49 65.49
C HIS M 335 -29.98 12.33 64.73
N ALA M 336 -29.89 12.15 63.42
CA ALA M 336 -31.03 11.93 62.56
C ALA M 336 -31.12 10.45 62.24
N ALA M 337 -32.30 9.87 62.47
CA ALA M 337 -32.63 8.45 62.32
C ALA M 337 -31.81 7.55 63.23
N ASN M 338 -32.15 6.27 63.25
CA ASN M 338 -31.37 5.28 64.00
C ASN M 338 -31.22 4.00 63.19
N SER M 339 -31.47 4.05 61.89
CA SER M 339 -31.36 2.89 61.01
C SER M 339 -31.12 3.38 59.60
N ILE M 340 -30.51 2.54 58.78
CA ILE M 340 -30.24 2.87 57.39
C ILE M 340 -30.63 1.67 56.53
N LEU M 341 -31.25 1.95 55.39
CA LEU M 341 -31.59 0.92 54.42
C LEU M 341 -30.41 0.76 53.45
N ILE M 342 -29.83 -0.42 53.42
CA ILE M 342 -28.64 -0.72 52.64
C ILE M 342 -29.09 -1.38 51.35
N LYS M 343 -28.95 -0.70 50.23
CA LYS M 343 -29.24 -1.32 48.96
C LYS M 343 -27.93 -1.38 48.21
N VAL M 344 -27.56 -2.58 47.79
CA VAL M 344 -26.18 -2.86 47.41
C VAL M 344 -25.85 -2.19 46.08
N ASN M 345 -26.80 -2.18 45.15
CA ASN M 345 -26.59 -1.51 43.87
C ASN M 345 -26.70 0.02 43.95
N GLN M 346 -27.24 0.56 45.06
CA GLN M 346 -27.18 1.99 45.32
C GLN M 346 -25.81 2.56 45.57
N ILE M 347 -24.83 1.75 45.92
CA ILE M 347 -23.49 2.23 46.21
C ILE M 347 -22.48 1.75 45.19
N GLY M 348 -22.62 0.54 44.67
CA GLY M 348 -21.79 0.10 43.58
C GLY M 348 -20.91 -1.12 43.83
N THR M 349 -20.31 -1.26 45.00
CA THR M 349 -19.40 -2.37 45.26
C THR M 349 -19.74 -3.00 46.59
N LEU M 350 -19.24 -4.24 46.79
CA LEU M 350 -19.42 -4.91 48.07
C LEU M 350 -18.58 -4.29 49.17
N THR M 351 -17.40 -3.78 48.83
CA THR M 351 -16.54 -3.13 49.84
C THR M 351 -17.20 -1.91 50.44
N GLU M 352 -17.81 -1.07 49.60
CA GLU M 352 -18.50 0.10 50.12
C GLU M 352 -19.78 -0.26 50.85
N THR M 353 -20.48 -1.30 50.38
CA THR M 353 -21.65 -1.81 51.10
C THR M 353 -21.29 -2.24 52.49
N PHE M 354 -20.24 -3.07 52.58
CA PHE M 354 -19.77 -3.49 53.87
C PHE M 354 -19.40 -2.27 54.66
N ASP M 355 -18.54 -1.37 54.15
CA ASP M 355 -18.11 -0.16 54.90
C ASP M 355 -19.27 0.67 55.47
N ALA M 356 -20.35 0.82 54.71
CA ALA M 356 -21.55 1.51 55.20
C ALA M 356 -22.22 0.75 56.33
N ILE M 357 -22.36 -0.57 56.20
CA ILE M 357 -22.92 -1.41 57.27
C ILE M 357 -22.09 -1.27 58.54
N GLU M 358 -20.74 -1.26 58.43
CA GLU M 358 -19.96 -1.22 59.67
C GLU M 358 -20.02 0.17 60.29
N MET M 359 -20.04 1.22 59.45
CA MET M 359 -20.19 2.58 59.96
C MET M 359 -21.52 2.76 60.68
N ALA M 360 -22.59 2.18 60.13
CA ALA M 360 -23.88 2.24 60.80
C ALA M 360 -23.87 1.45 62.11
N LYS M 361 -23.23 0.28 62.10
CA LYS M 361 -23.18 -0.54 63.31
C LYS M 361 -22.42 0.14 64.43
N GLU M 362 -21.30 0.80 64.10
CA GLU M 362 -20.47 1.44 65.12
C GLU M 362 -21.18 2.63 65.78
N ALA M 363 -22.16 3.21 65.13
CA ALA M 363 -22.89 4.34 65.68
C ALA M 363 -24.15 3.95 66.43
N GLY M 364 -24.42 2.65 66.59
CA GLY M 364 -25.65 2.21 67.21
C GLY M 364 -26.83 2.11 66.26
N TYR M 365 -26.61 2.34 64.97
CA TYR M 365 -27.67 2.21 63.98
C TYR M 365 -27.81 0.76 63.57
N THR M 366 -28.92 0.45 62.91
CA THR M 366 -29.18 -0.87 62.39
C THR M 366 -29.12 -0.81 60.87
N ALA M 367 -28.45 -1.78 60.27
CA ALA M 367 -28.36 -1.88 58.82
C ALA M 367 -29.38 -2.91 58.33
N VAL M 368 -30.25 -2.48 57.45
CA VAL M 368 -31.29 -3.34 56.88
C VAL M 368 -30.97 -3.56 55.42
N VAL M 369 -30.57 -4.77 55.07
CA VAL M 369 -30.26 -5.09 53.69
C VAL M 369 -31.57 -5.19 52.90
N SER M 370 -31.66 -4.46 51.80
CA SER M 370 -32.91 -4.27 51.08
C SER M 370 -32.82 -4.77 49.65
N HIS M 371 -33.96 -5.17 49.12
CA HIS M 371 -34.10 -5.55 47.73
C HIS M 371 -34.27 -4.32 46.85
N ARG M 372 -34.48 -4.55 45.56
CA ARG M 372 -34.91 -3.54 44.62
C ARG M 372 -36.24 -3.96 44.03
N SER M 373 -36.89 -3.03 43.31
CA SER M 373 -38.15 -3.34 42.64
C SER M 373 -37.94 -4.43 41.57
N GLY M 374 -36.87 -4.31 40.80
CA GLY M 374 -36.51 -5.34 39.86
C GLY M 374 -35.38 -6.19 40.37
N GLU M 375 -35.71 -7.40 40.80
CA GLU M 375 -34.75 -8.32 41.37
C GLU M 375 -34.50 -9.44 40.42
N THR M 376 -33.74 -10.41 40.88
CA THR M 376 -33.32 -11.46 40.00
C THR M 376 -33.27 -12.76 40.79
N GLU M 377 -32.83 -13.86 40.16
CA GLU M 377 -32.65 -15.13 40.88
C GLU M 377 -31.42 -15.11 41.79
N ASP M 378 -30.54 -14.13 41.62
CA ASP M 378 -29.41 -13.92 42.51
C ASP M 378 -29.88 -13.56 43.90
N SER M 379 -29.38 -14.26 44.93
CA SER M 379 -29.79 -14.04 46.32
C SER M 379 -28.59 -13.74 47.19
N THR M 380 -27.73 -12.81 46.73
CA THR M 380 -26.53 -12.48 47.48
C THR M 380 -26.83 -11.62 48.70
N ILE M 381 -27.92 -10.85 48.68
CA ILE M 381 -28.21 -9.96 49.80
C ILE M 381 -28.53 -10.75 51.07
N ALA M 382 -29.04 -11.98 50.93
CA ALA M 382 -29.22 -12.85 52.08
C ALA M 382 -27.86 -13.22 52.71
N ASP M 383 -26.89 -13.56 51.87
CA ASP M 383 -25.55 -13.85 52.37
C ASP M 383 -24.87 -12.61 52.94
N ILE M 384 -25.20 -11.43 52.41
CA ILE M 384 -24.68 -10.19 52.98
C ILE M 384 -25.27 -9.95 54.36
N ALA M 385 -26.58 -10.18 54.51
CA ALA M 385 -27.26 -9.98 55.80
C ALA M 385 -26.74 -10.94 56.85
N VAL M 386 -26.49 -12.20 56.47
CA VAL M 386 -25.97 -13.16 57.44
C VAL M 386 -24.49 -12.88 57.73
N ALA M 387 -23.73 -12.50 56.69
CA ALA M 387 -22.29 -12.29 56.84
C ALA M 387 -21.97 -11.13 57.78
N THR M 388 -22.75 -10.05 57.69
CA THR M 388 -22.55 -8.91 58.56
C THR M 388 -23.21 -9.07 59.92
N ASN M 389 -23.97 -10.17 60.13
CA ASN M 389 -24.81 -10.36 61.31
C ASN M 389 -25.74 -9.17 61.51
N ALA M 390 -26.29 -8.67 60.40
CA ALA M 390 -27.06 -7.43 60.39
C ALA M 390 -28.31 -7.56 61.25
N GLY M 391 -28.94 -8.72 61.21
CA GLY M 391 -30.09 -8.99 62.05
C GLY M 391 -31.40 -8.54 61.47
N GLN M 392 -31.42 -7.89 60.32
CA GLN M 392 -32.65 -7.47 59.66
C GLN M 392 -32.50 -7.57 58.16
N ILE M 393 -33.60 -7.88 57.48
CA ILE M 393 -33.63 -7.91 56.03
C ILE M 393 -35.00 -7.45 55.55
N LYS M 394 -35.01 -6.74 54.44
CA LYS M 394 -36.22 -6.28 53.77
C LYS M 394 -36.12 -6.82 52.36
N THR M 395 -36.55 -8.05 52.18
CA THR M 395 -36.32 -8.72 50.92
C THR M 395 -37.64 -9.03 50.24
N GLY M 396 -38.75 -8.40 50.65
CA GLY M 396 -40.05 -8.38 49.96
C GLY M 396 -41.10 -9.33 50.54
N SER M 397 -42.06 -9.73 49.70
CA SER M 397 -43.23 -10.45 50.17
C SER M 397 -43.02 -11.96 50.06
N LEU M 398 -44.09 -12.73 50.15
CA LEU M 398 -44.01 -14.19 50.26
C LEU M 398 -44.51 -14.85 48.99
N SER M 399 -44.77 -14.05 47.95
CA SER M 399 -45.34 -14.60 46.73
C SER M 399 -44.27 -14.91 45.69
N ARG M 400 -43.58 -13.92 45.17
CA ARG M 400 -42.82 -14.13 43.94
C ARG M 400 -41.42 -14.64 44.23
N THR M 401 -40.82 -15.30 43.23
CA THR M 401 -39.51 -15.95 43.37
C THR M 401 -38.38 -14.96 43.59
N ASP M 402 -38.53 -13.72 43.18
CA ASP M 402 -37.54 -12.68 43.45
C ASP M 402 -37.41 -12.33 44.92
N ARG M 403 -38.29 -12.84 45.74
CA ARG M 403 -38.30 -12.74 47.17
C ARG M 403 -38.12 -14.08 47.84
N ILE M 404 -38.83 -15.08 47.31
CA ILE M 404 -38.77 -16.44 47.82
C ILE M 404 -37.38 -17.04 47.63
N ALA M 405 -36.64 -16.58 46.61
CA ALA M 405 -35.27 -17.03 46.41
C ALA M 405 -34.39 -16.63 47.59
N LYS M 406 -34.53 -15.39 48.07
CA LYS M 406 -33.73 -14.95 49.19
C LYS M 406 -34.20 -15.62 50.48
N TYR M 407 -35.52 -15.83 50.60
CA TYR M 407 -36.04 -16.55 51.76
C TYR M 407 -35.55 -17.99 51.80
N ASN M 408 -35.49 -18.65 50.64
CA ASN M 408 -34.95 -20.00 50.56
C ASN M 408 -33.46 -20.03 50.83
N GLN M 409 -32.73 -19.00 50.39
CA GLN M 409 -31.31 -18.90 50.69
C GLN M 409 -31.08 -18.77 52.19
N LEU M 410 -31.92 -18.00 52.87
CA LEU M 410 -31.83 -17.89 54.31
C LEU M 410 -32.20 -19.21 55.00
N LEU M 411 -33.16 -19.94 54.45
CA LEU M 411 -33.48 -21.28 54.96
C LEU M 411 -32.28 -22.21 54.83
N ARG M 412 -31.60 -22.17 53.68
CA ARG M 412 -30.42 -23.00 53.47
C ARG M 412 -29.29 -22.60 54.41
N ILE M 413 -29.11 -21.30 54.64
CA ILE M 413 -28.08 -20.83 55.56
C ILE M 413 -28.36 -21.29 56.98
N GLU M 414 -29.63 -21.21 57.40
CA GLU M 414 -30.01 -21.68 58.73
C GLU M 414 -29.79 -23.17 58.88
N ASP M 415 -30.16 -23.95 57.85
CA ASP M 415 -29.95 -25.39 57.87
C ASP M 415 -28.47 -25.75 57.93
N GLN M 416 -27.64 -25.01 57.18
CA GLN M 416 -26.20 -25.25 57.17
C GLN M 416 -25.56 -24.91 58.51
N LEU M 417 -25.96 -23.77 59.10
CA LEU M 417 -25.41 -23.38 60.40
C LEU M 417 -25.82 -24.36 61.49
N GLY M 418 -27.06 -24.85 61.44
CA GLY M 418 -27.50 -25.88 62.36
C GLY M 418 -27.74 -25.36 63.77
N GLU M 419 -27.02 -25.93 64.75
CA GLU M 419 -27.20 -25.54 66.15
C GLU M 419 -26.56 -24.18 66.47
N VAL M 420 -25.70 -23.67 65.59
CA VAL M 420 -25.09 -22.38 65.87
C VAL M 420 -25.98 -21.23 65.43
N ALA M 421 -26.92 -21.48 64.51
CA ALA M 421 -27.79 -20.43 63.97
C ALA M 421 -28.62 -19.78 65.06
N GLU M 422 -28.67 -18.44 65.01
CA GLU M 422 -29.37 -17.64 65.99
C GLU M 422 -30.41 -16.78 65.30
N TYR M 423 -31.63 -16.81 65.81
CA TYR M 423 -32.67 -15.87 65.40
C TYR M 423 -33.01 -15.03 66.63
N ARG M 424 -32.69 -13.74 66.56
CA ARG M 424 -32.82 -12.87 67.73
C ARG M 424 -34.16 -12.15 67.78
N GLY M 425 -34.76 -11.87 66.63
CA GLY M 425 -36.04 -11.19 66.59
C GLY M 425 -35.99 -9.78 67.13
N LEU M 426 -36.66 -9.55 68.27
CA LEU M 426 -36.68 -8.22 68.88
C LEU M 426 -35.29 -7.78 69.33
N LYS M 427 -34.42 -8.74 69.70
CA LYS M 427 -33.05 -8.41 70.06
C LYS M 427 -32.24 -7.90 68.88
N SER M 428 -32.72 -8.11 67.65
CA SER M 428 -32.08 -7.52 66.48
C SER M 428 -32.29 -6.02 66.39
N PHE M 429 -33.28 -5.48 67.11
CA PHE M 429 -33.52 -4.05 67.17
C PHE M 429 -32.72 -3.47 68.33
N TYR M 430 -31.39 -3.59 68.22
CA TYR M 430 -30.51 -3.11 69.29
C TYR M 430 -30.42 -1.59 69.33
N ASN M 431 -30.92 -0.90 68.31
CA ASN M 431 -31.03 0.54 68.31
C ASN M 431 -32.17 1.05 69.19
N LEU M 432 -33.03 0.16 69.68
CA LEU M 432 -34.15 0.53 70.53
C LEU M 432 -33.86 0.15 71.97
N LYS M 433 -34.26 1.03 72.89
CA LYS M 433 -34.01 0.83 74.32
C LYS M 433 -34.76 -0.39 74.81
N LYS M 434 -34.06 -1.20 75.61
CA LYS M 434 -34.57 -2.46 76.18
C LYS M 434 -34.98 -3.46 75.08
N MET N 1 3.22 -41.29 53.27
CA MET N 1 4.00 -41.58 52.07
C MET N 1 5.40 -42.01 52.44
N SER N 2 5.81 -41.65 53.65
CA SER N 2 7.10 -42.01 54.19
C SER N 2 7.04 -43.19 55.15
N ILE N 3 5.87 -43.82 55.29
CA ILE N 3 5.74 -44.96 56.19
C ILE N 3 6.39 -46.17 55.56
N ILE N 4 7.22 -46.88 56.32
CA ILE N 4 7.86 -48.09 55.84
C ILE N 4 6.81 -49.17 55.60
N THR N 5 6.80 -49.70 54.39
CA THR N 5 5.84 -50.69 53.95
C THR N 5 6.44 -52.08 53.78
N ASP N 6 7.66 -52.18 53.26
CA ASP N 6 8.28 -53.48 53.05
C ASP N 6 9.73 -53.38 53.54
N VAL N 7 10.16 -54.38 54.30
CA VAL N 7 11.58 -54.65 54.56
C VAL N 7 11.91 -56.09 54.15
N TYR N 8 12.86 -56.26 53.23
CA TYR N 8 13.17 -57.58 52.70
C TYR N 8 14.68 -57.77 52.56
N ALA N 9 15.21 -58.87 53.09
CA ALA N 9 16.64 -59.16 52.98
C ALA N 9 16.88 -60.39 52.12
N ARG N 10 18.03 -60.40 51.47
CA ARG N 10 18.45 -61.52 50.65
C ARG N 10 19.94 -61.75 50.85
N GLU N 11 20.40 -62.93 50.44
CA GLU N 11 21.78 -63.34 50.59
C GLU N 11 22.52 -63.17 49.26
N VAL N 12 23.60 -62.38 49.28
CA VAL N 12 24.38 -62.07 48.09
C VAL N 12 25.85 -62.26 48.42
N LEU N 13 26.67 -62.46 47.39
CA LEU N 13 28.09 -62.64 47.63
C LEU N 13 28.77 -61.30 47.91
N ASP N 14 29.92 -61.38 48.58
CA ASP N 14 30.68 -60.18 48.92
C ASP N 14 31.88 -60.13 47.98
N SER N 15 32.83 -59.25 48.29
CA SER N 15 34.00 -59.08 47.44
C SER N 15 34.97 -60.25 47.48
N ARG N 16 34.84 -61.16 48.43
CA ARG N 16 35.76 -62.30 48.53
C ARG N 16 35.09 -63.61 48.13
N GLY N 17 33.86 -63.58 47.64
CA GLY N 17 33.14 -64.79 47.31
C GLY N 17 32.39 -65.44 48.46
N ASN N 18 32.51 -64.93 49.65
CA ASN N 18 31.79 -65.33 50.84
C ASN N 18 30.39 -64.70 50.90
N PRO N 19 29.42 -65.33 51.53
CA PRO N 19 28.08 -64.73 51.57
C PRO N 19 28.02 -63.53 52.49
N THR N 20 27.00 -62.72 52.26
CA THR N 20 26.61 -61.60 53.12
C THR N 20 25.15 -61.31 52.78
N LEU N 21 24.59 -60.27 53.39
CA LEU N 21 23.18 -59.99 53.21
C LEU N 21 23.00 -58.56 52.74
N GLU N 22 21.91 -58.33 52.02
CA GLU N 22 21.48 -57.00 51.63
C GLU N 22 20.00 -56.84 51.93
N VAL N 23 19.63 -55.64 52.38
CA VAL N 23 18.26 -55.32 52.76
C VAL N 23 17.72 -54.28 51.79
N GLU N 24 16.43 -54.39 51.47
CA GLU N 24 15.71 -53.41 50.68
C GLU N 24 14.52 -52.92 51.49
N VAL N 25 14.37 -51.60 51.57
CA VAL N 25 13.29 -50.95 52.29
C VAL N 25 12.45 -50.17 51.28
N TYR N 26 11.15 -50.43 51.28
CA TYR N 26 10.18 -49.76 50.44
C TYR N 26 9.19 -49.01 51.31
N THR N 27 8.94 -47.74 51.00
CA THR N 27 7.88 -46.99 51.65
C THR N 27 6.65 -46.96 50.74
N GLU N 28 5.54 -46.46 51.28
CA GLU N 28 4.27 -46.57 50.56
C GLU N 28 4.19 -45.62 49.36
N SER N 29 5.01 -44.57 49.32
CA SER N 29 5.07 -43.71 48.14
C SER N 29 6.02 -44.23 47.08
N GLY N 30 6.66 -45.38 47.31
CA GLY N 30 7.57 -45.95 46.36
C GLY N 30 9.03 -45.64 46.59
N ALA N 31 9.37 -44.94 47.68
CA ALA N 31 10.78 -44.70 47.97
C ALA N 31 11.47 -46.00 48.30
N PHE N 32 12.69 -46.14 47.82
CA PHE N 32 13.42 -47.38 47.87
C PHE N 32 14.83 -47.13 48.39
N GLY N 33 15.27 -48.01 49.27
CA GLY N 33 16.65 -47.97 49.74
C GLY N 33 17.21 -49.37 49.83
N ARG N 34 18.51 -49.50 49.59
CA ARG N 34 19.17 -50.80 49.62
C ARG N 34 20.47 -50.69 50.39
N GLY N 35 20.60 -51.49 51.44
CA GLY N 35 21.81 -51.51 52.24
C GLY N 35 22.53 -52.84 52.19
N MET N 36 23.80 -52.83 51.81
CA MET N 36 24.55 -54.06 51.66
C MET N 36 25.69 -54.05 52.68
N VAL N 37 25.82 -55.14 53.42
CA VAL N 37 26.64 -55.18 54.62
C VAL N 37 28.01 -55.73 54.27
N PRO N 38 29.09 -55.10 54.69
CA PRO N 38 30.42 -55.71 54.55
C PRO N 38 30.58 -56.88 55.50
N SER N 39 31.56 -57.73 55.18
CA SER N 39 31.82 -58.90 56.01
C SER N 39 32.70 -58.53 57.20
N GLY N 40 32.17 -58.72 58.40
CA GLY N 40 32.92 -58.46 59.62
C GLY N 40 33.36 -59.72 60.32
N ALA N 41 33.15 -59.77 61.63
CA ALA N 41 33.54 -60.92 62.44
C ALA N 41 32.36 -61.42 63.25
N SER N 42 32.19 -62.73 63.28
CA SER N 42 31.12 -63.36 64.06
C SER N 42 31.49 -63.58 65.51
N THR N 43 32.73 -63.25 65.90
CA THR N 43 33.21 -63.40 67.27
C THR N 43 33.81 -62.08 67.74
N GLY N 44 34.25 -62.05 68.99
CA GLY N 44 34.80 -60.85 69.58
C GLY N 44 34.25 -60.56 70.95
N GLU N 45 35.12 -60.22 71.90
CA GLU N 45 34.69 -60.01 73.28
C GLU N 45 33.84 -58.75 73.42
N HIS N 46 34.27 -57.64 72.81
CA HIS N 46 33.56 -56.36 72.96
C HIS N 46 33.27 -55.72 71.60
N GLU N 47 33.18 -56.52 70.56
CA GLU N 47 32.81 -56.09 69.23
C GLU N 47 31.49 -56.73 68.81
N ALA N 48 30.67 -55.96 68.10
CA ALA N 48 29.41 -56.48 67.55
C ALA N 48 29.67 -57.65 66.63
N VAL N 49 28.88 -58.71 66.79
CA VAL N 49 29.12 -59.97 66.11
C VAL N 49 28.06 -60.18 65.04
N GLU N 50 28.48 -60.72 63.90
CA GLU N 50 27.56 -61.07 62.83
C GLU N 50 27.09 -62.50 62.98
N LEU N 51 26.00 -62.82 62.30
CA LEU N 51 25.39 -64.13 62.38
C LEU N 51 25.72 -64.94 61.12
N ARG N 52 26.33 -66.10 61.33
CA ARG N 52 26.61 -67.05 60.26
C ARG N 52 25.81 -68.32 60.49
N ASP N 53 25.52 -69.03 59.40
CA ASP N 53 24.75 -70.26 59.50
C ASP N 53 25.50 -71.34 60.25
N GLY N 54 26.80 -71.45 60.01
CA GLY N 54 27.59 -72.51 60.62
C GLY N 54 27.39 -73.87 59.99
N ASP N 55 26.69 -73.95 58.86
CA ASP N 55 26.43 -75.22 58.19
C ASP N 55 27.60 -75.39 57.23
N LYS N 56 28.45 -76.38 57.49
CA LYS N 56 29.65 -76.58 56.69
C LYS N 56 29.39 -77.13 55.29
N ALA N 57 28.18 -77.64 55.02
CA ALA N 57 27.81 -78.08 53.68
C ALA N 57 27.36 -76.93 52.79
N ARG N 58 27.17 -75.73 53.33
CA ARG N 58 26.76 -74.56 52.57
C ARG N 58 27.77 -73.45 52.82
N TYR N 59 28.56 -73.12 51.78
CA TYR N 59 29.51 -72.02 51.79
C TYR N 59 30.58 -72.15 52.88
N GLY N 60 30.87 -73.37 53.31
CA GLY N 60 31.83 -73.59 54.36
C GLY N 60 31.45 -72.99 55.71
N GLY N 61 30.16 -73.01 56.04
CA GLY N 61 29.70 -72.48 57.31
C GLY N 61 29.56 -70.98 57.38
N LEU N 62 29.73 -70.28 56.26
CA LEU N 62 29.72 -68.83 56.24
C LEU N 62 28.44 -68.26 55.62
N GLY N 63 27.38 -69.05 55.55
CA GLY N 63 26.12 -68.55 55.03
C GLY N 63 25.50 -67.51 55.93
N THR N 64 24.58 -66.73 55.38
CA THR N 64 23.90 -65.68 56.12
C THR N 64 22.39 -65.83 56.06
N GLN N 65 21.90 -67.05 55.89
CA GLN N 65 20.45 -67.26 55.83
C GLN N 65 19.77 -67.04 57.17
N LYS N 66 20.49 -67.29 58.26
CA LYS N 66 19.93 -67.02 59.58
C LYS N 66 19.66 -65.54 59.80
N ALA N 67 20.58 -64.69 59.38
CA ALA N 67 20.35 -63.26 59.52
C ALA N 67 19.34 -62.73 58.51
N VAL N 68 19.24 -63.36 57.33
CA VAL N 68 18.19 -63.01 56.37
C VAL N 68 16.81 -63.34 56.95
N ASP N 69 16.70 -64.51 57.60
CA ASP N 69 15.45 -64.86 58.27
C ASP N 69 15.16 -63.92 59.43
N ASN N 70 16.21 -63.48 60.14
CA ASN N 70 16.03 -62.52 61.22
C ASN N 70 15.48 -61.20 60.71
N VAL N 71 15.96 -60.73 59.56
CA VAL N 71 15.42 -59.51 58.98
C VAL N 71 13.98 -59.72 58.52
N ASN N 72 13.72 -60.83 57.82
CA ASN N 72 12.43 -61.00 57.17
C ASN N 72 11.31 -61.30 58.17
N ASN N 73 11.60 -62.13 59.17
CA ASN N 73 10.58 -62.67 60.07
C ASN N 73 10.56 -62.04 61.44
N VAL N 74 11.56 -61.24 61.80
CA VAL N 74 11.61 -60.62 63.12
C VAL N 74 11.70 -59.09 63.02
N ILE N 75 12.75 -58.59 62.36
CA ILE N 75 13.00 -57.16 62.29
C ILE N 75 11.92 -56.45 61.48
N ALA N 76 11.50 -57.05 60.35
CA ALA N 76 10.58 -56.39 59.43
C ALA N 76 9.22 -56.13 60.05
N GLU N 77 8.72 -57.05 60.86
CA GLU N 77 7.46 -56.90 61.58
C GLU N 77 7.50 -55.75 62.56
N HIS N 78 8.62 -55.60 63.26
CA HIS N 78 8.76 -54.46 64.18
C HIS N 78 8.90 -53.16 63.42
N ILE N 79 9.65 -53.16 62.32
CA ILE N 79 10.02 -51.90 61.66
C ILE N 79 8.91 -51.37 60.75
N ILE N 80 8.15 -52.26 60.12
CA ILE N 80 7.10 -51.83 59.19
C ILE N 80 6.04 -51.04 59.94
N GLY N 81 5.76 -49.84 59.44
CA GLY N 81 4.90 -48.89 60.10
C GLY N 81 5.64 -47.69 60.66
N PHE N 82 6.95 -47.79 60.82
CA PHE N 82 7.76 -46.66 61.23
C PHE N 82 7.86 -45.63 60.12
N ASP N 83 8.11 -44.39 60.49
CA ASP N 83 8.47 -43.39 59.50
C ASP N 83 9.90 -43.64 59.04
N VAL N 84 10.13 -43.54 57.73
CA VAL N 84 11.44 -43.84 57.16
C VAL N 84 12.49 -42.81 57.59
N ARG N 85 12.06 -41.61 57.96
CA ARG N 85 13.00 -40.58 58.38
C ARG N 85 13.37 -40.69 59.85
N ASP N 86 12.76 -41.62 60.59
CA ASP N 86 13.06 -41.83 62.00
C ASP N 86 14.18 -42.85 62.14
N GLN N 87 15.38 -42.44 61.70
CA GLN N 87 16.53 -43.34 61.72
C GLN N 87 16.93 -43.70 63.15
N GLN N 88 16.96 -42.71 64.04
CA GLN N 88 17.33 -42.96 65.43
C GLN N 88 16.32 -43.86 66.12
N GLY N 89 15.04 -43.61 65.90
CA GLY N 89 14.00 -44.44 66.51
C GLY N 89 14.04 -45.87 66.01
N ILE N 90 14.24 -46.06 64.70
CA ILE N 90 14.33 -47.40 64.12
C ILE N 90 15.55 -48.14 64.65
N ASP N 91 16.70 -47.46 64.73
CA ASP N 91 17.91 -48.09 65.23
C ASP N 91 17.80 -48.45 66.70
N ARG N 92 17.20 -47.58 67.52
CA ARG N 92 17.00 -47.89 68.92
C ARG N 92 16.02 -49.04 69.10
N ALA N 93 14.97 -49.09 68.27
CA ALA N 93 14.03 -50.20 68.32
C ALA N 93 14.70 -51.52 67.95
N MET N 94 15.58 -51.51 66.95
CA MET N 94 16.31 -52.72 66.58
C MET N 94 17.27 -53.15 67.68
N ILE N 95 17.95 -52.19 68.32
CA ILE N 95 18.86 -52.52 69.41
C ILE N 95 18.10 -53.12 70.59
N ALA N 96 16.94 -52.54 70.92
CA ALA N 96 16.12 -53.07 72.01
C ALA N 96 15.56 -54.45 71.68
N LEU N 97 15.12 -54.65 70.44
CA LEU N 97 14.61 -55.95 70.02
C LEU N 97 15.70 -57.01 70.04
N ASP N 98 16.93 -56.63 69.72
CA ASP N 98 18.05 -57.56 69.81
C ASP N 98 18.34 -57.95 71.27
N GLY N 99 18.46 -56.98 72.14
CA GLY N 99 18.69 -57.24 73.56
C GLY N 99 20.14 -57.37 74.00
N THR N 100 20.92 -58.18 73.29
CA THR N 100 22.30 -58.42 73.69
C THR N 100 23.15 -57.19 73.41
N PRO N 101 24.17 -56.94 74.24
CA PRO N 101 25.05 -55.78 73.99
C PRO N 101 25.97 -55.94 72.80
N ASN N 102 26.19 -57.16 72.32
CA ASN N 102 27.06 -57.40 71.17
C ASN N 102 26.29 -57.66 69.88
N LYS N 103 24.97 -57.44 69.88
CA LYS N 103 24.12 -57.67 68.72
C LYS N 103 24.22 -59.10 68.20
N GLY N 104 24.18 -60.05 69.12
CA GLY N 104 24.38 -61.45 68.78
C GLY N 104 23.11 -62.23 68.52
N LYS N 105 21.98 -61.76 69.07
CA LYS N 105 20.72 -62.47 68.88
C LYS N 105 20.23 -62.37 67.44
N LEU N 106 20.24 -61.17 66.88
CA LEU N 106 19.81 -60.92 65.51
C LEU N 106 20.97 -60.83 64.54
N GLY N 107 22.17 -60.49 65.02
CA GLY N 107 23.30 -60.29 64.13
C GLY N 107 23.54 -58.83 63.84
N ALA N 108 24.78 -58.37 63.97
CA ALA N 108 25.11 -56.99 63.67
C ALA N 108 24.95 -56.68 62.18
N ASN N 109 25.18 -57.69 61.33
CA ASN N 109 25.02 -57.51 59.90
C ASN N 109 23.57 -57.21 59.53
N ALA N 110 22.61 -57.90 60.14
CA ALA N 110 21.20 -57.65 59.89
C ALA N 110 20.80 -56.24 60.30
N ILE N 111 21.22 -55.83 61.51
CA ILE N 111 20.92 -54.50 62.02
C ILE N 111 21.54 -53.43 61.13
N LEU N 112 22.78 -53.62 60.70
CA LEU N 112 23.45 -52.64 59.86
C LEU N 112 22.80 -52.54 58.49
N GLY N 113 22.40 -53.68 57.91
CA GLY N 113 21.72 -53.65 56.63
C GLY N 113 20.41 -52.91 56.69
N VAL N 114 19.64 -53.14 57.77
CA VAL N 114 18.38 -52.42 57.90
C VAL N 114 18.63 -50.94 58.13
N SER N 115 19.65 -50.58 58.91
CA SER N 115 19.96 -49.17 59.15
C SER N 115 20.34 -48.45 57.85
N ILE N 116 21.21 -49.06 57.04
CA ILE N 116 21.63 -48.44 55.80
C ILE N 116 20.48 -48.36 54.81
N ALA N 117 19.67 -49.43 54.72
CA ALA N 117 18.53 -49.41 53.81
C ALA N 117 17.51 -48.35 54.20
N VAL N 118 17.25 -48.19 55.51
CA VAL N 118 16.33 -47.16 55.98
C VAL N 118 16.87 -45.76 55.69
N ALA N 119 18.17 -45.54 55.93
CA ALA N 119 18.77 -44.23 55.65
C ALA N 119 18.71 -43.88 54.17
N ARG N 120 19.00 -44.86 53.31
CA ARG N 120 18.97 -44.61 51.87
C ARG N 120 17.54 -44.43 51.36
N ALA N 121 16.58 -45.16 51.93
CA ALA N 121 15.18 -44.96 51.53
C ALA N 121 14.66 -43.61 51.99
N ALA N 122 15.12 -43.14 53.16
CA ALA N 122 14.73 -41.81 53.62
C ALA N 122 15.36 -40.71 52.78
N ALA N 123 16.62 -40.91 52.35
CA ALA N 123 17.24 -39.96 51.43
C ALA N 123 16.53 -39.96 50.08
N ASP N 124 16.11 -41.14 49.61
CA ASP N 124 15.39 -41.24 48.34
C ASP N 124 14.03 -40.57 48.43
N TYR N 125 13.34 -40.72 49.57
CA TYR N 125 12.01 -40.14 49.72
C TYR N 125 12.07 -38.61 49.70
N LEU N 126 13.06 -38.03 50.37
CA LEU N 126 13.20 -36.59 50.44
C LEU N 126 13.82 -35.97 49.19
N GLU N 127 14.27 -36.80 48.24
CA GLU N 127 14.92 -36.37 47.00
C GLU N 127 16.16 -35.53 47.30
N VAL N 128 16.92 -35.94 48.30
CA VAL N 128 18.17 -35.27 48.67
C VAL N 128 19.30 -36.29 48.53
N PRO N 129 20.53 -35.83 48.35
CA PRO N 129 21.67 -36.74 48.38
C PRO N 129 21.84 -37.36 49.76
N LEU N 130 22.42 -38.57 49.78
CA LEU N 130 22.53 -39.33 51.02
C LEU N 130 23.42 -38.63 52.05
N TYR N 131 24.50 -38.00 51.59
CA TYR N 131 25.36 -37.26 52.52
C TYR N 131 24.65 -36.04 53.09
N SER N 132 23.80 -35.39 52.29
CA SER N 132 22.99 -34.28 52.81
C SER N 132 21.99 -34.78 53.84
N TYR N 133 21.39 -35.95 53.62
CA TYR N 133 20.47 -36.51 54.59
C TYR N 133 21.19 -36.87 55.89
N LEU N 134 22.36 -37.46 55.78
CA LEU N 134 23.07 -37.94 56.97
C LEU N 134 23.72 -36.80 57.76
N GLY N 135 24.25 -35.79 57.08
CA GLY N 135 25.04 -34.79 57.76
C GLY N 135 24.48 -33.39 57.77
N GLY N 136 23.42 -33.15 57.01
CA GLY N 136 22.80 -31.85 56.96
C GLY N 136 23.27 -31.01 55.79
N PHE N 137 22.99 -29.70 55.90
CA PHE N 137 23.29 -28.79 54.81
C PHE N 137 24.78 -28.48 54.70
N ASN N 138 25.51 -28.56 55.80
CA ASN N 138 26.91 -28.13 55.83
C ASN N 138 27.82 -29.34 55.66
N THR N 139 27.79 -29.88 54.43
CA THR N 139 28.48 -31.11 54.09
C THR N 139 29.32 -30.83 52.84
N LYS N 140 30.60 -30.53 53.04
CA LYS N 140 31.45 -30.12 51.93
C LYS N 140 32.86 -30.69 51.90
N VAL N 141 33.35 -31.30 52.98
CA VAL N 141 34.76 -31.68 53.07
C VAL N 141 34.96 -33.06 52.46
N LEU N 142 35.78 -33.12 51.43
CA LEU N 142 36.18 -34.37 50.80
C LEU N 142 37.31 -35.00 51.60
N PRO N 143 37.21 -36.27 51.94
CA PRO N 143 38.23 -36.89 52.80
C PRO N 143 39.57 -37.03 52.10
N THR N 144 40.62 -36.99 52.89
CA THR N 144 41.96 -37.21 52.40
C THR N 144 42.19 -38.71 52.38
N PRO N 145 42.36 -39.30 51.20
CA PRO N 145 42.42 -40.75 51.12
C PRO N 145 43.76 -41.29 51.58
N MET N 146 43.72 -42.48 52.17
CA MET N 146 44.91 -43.21 52.58
C MET N 146 44.92 -44.53 51.82
N MET N 147 45.62 -44.54 50.69
CA MET N 147 45.51 -45.69 49.80
C MET N 147 46.51 -46.74 50.26
N ASN N 148 46.03 -47.94 50.51
CA ASN N 148 46.93 -49.04 50.81
C ASN N 148 47.66 -49.47 49.55
N ILE N 149 48.99 -49.36 49.54
CA ILE N 149 49.72 -49.61 48.31
C ILE N 149 50.64 -50.84 48.43
N ILE N 150 51.04 -51.24 49.63
CA ILE N 150 51.90 -52.40 49.84
C ILE N 150 51.35 -53.15 51.06
N ASN N 151 51.33 -54.48 50.99
CA ASN N 151 50.85 -55.33 52.07
C ASN N 151 52.01 -56.02 52.76
N GLY N 152 51.69 -56.67 53.87
CA GLY N 152 52.70 -57.33 54.68
C GLY N 152 52.04 -58.06 55.83
N GLY N 153 52.89 -58.61 56.69
CA GLY N 153 52.41 -59.32 57.87
C GLY N 153 51.71 -60.61 57.48
N SER N 154 50.48 -60.77 57.99
CA SER N 154 49.68 -61.95 57.67
C SER N 154 49.14 -61.92 56.24
N HIS N 155 49.25 -60.80 55.54
CA HIS N 155 48.80 -60.69 54.17
C HIS N 155 49.87 -61.02 53.13
N SER N 156 51.10 -61.26 53.57
CA SER N 156 52.20 -61.45 52.62
C SER N 156 53.17 -62.49 53.17
N ASP N 157 53.92 -63.10 52.24
CA ASP N 157 54.99 -64.03 52.59
C ASP N 157 56.33 -63.33 52.72
N ALA N 158 56.36 -62.02 52.49
CA ALA N 158 57.58 -61.24 52.66
C ALA N 158 57.92 -61.16 54.16
N PRO N 159 59.21 -60.97 54.50
CA PRO N 159 59.57 -60.81 55.93
C PRO N 159 59.33 -59.39 56.44
N ILE N 160 58.07 -58.97 56.41
CA ILE N 160 57.62 -57.68 56.91
C ILE N 160 56.57 -57.93 57.97
N ALA N 161 56.74 -57.33 59.14
CA ALA N 161 55.78 -57.54 60.21
C ALA N 161 54.61 -56.58 60.14
N PHE N 162 54.82 -55.40 59.55
CA PHE N 162 53.74 -54.43 59.43
C PHE N 162 52.70 -54.94 58.45
N GLN N 163 51.45 -54.70 58.77
CA GLN N 163 50.41 -55.31 57.98
C GLN N 163 50.26 -54.61 56.64
N GLU N 164 50.50 -53.29 56.55
CA GLU N 164 50.42 -52.63 55.25
C GLU N 164 51.00 -51.23 55.35
N PHE N 165 51.21 -50.65 54.18
CA PHE N 165 51.76 -49.32 53.99
C PHE N 165 50.83 -48.56 53.05
N MET N 166 50.72 -47.25 53.28
CA MET N 166 49.75 -46.43 52.59
C MET N 166 50.44 -45.20 52.04
N ILE N 167 49.87 -44.66 50.96
CA ILE N 167 50.22 -43.35 50.45
C ILE N 167 49.08 -42.39 50.74
N VAL N 168 49.42 -41.21 51.25
CA VAL N 168 48.46 -40.18 51.62
C VAL N 168 48.77 -38.93 50.80
N PRO N 169 48.03 -38.69 49.72
CA PRO N 169 48.27 -37.50 48.86
C PRO N 169 47.64 -36.25 49.43
N ALA N 170 48.18 -35.79 50.56
CA ALA N 170 47.65 -34.65 51.29
C ALA N 170 48.03 -33.32 50.67
N GLY N 171 48.91 -33.31 49.67
CA GLY N 171 49.30 -32.09 49.01
C GLY N 171 48.49 -31.71 47.80
N ALA N 172 47.47 -32.49 47.46
CA ALA N 172 46.68 -32.21 46.28
C ALA N 172 45.74 -31.03 46.51
N PRO N 173 45.41 -30.28 45.45
CA PRO N 173 44.47 -29.16 45.62
C PRO N 173 43.02 -29.61 45.72
N THR N 174 42.68 -30.71 45.04
CA THR N 174 41.33 -31.24 45.00
C THR N 174 41.40 -32.74 45.25
N PHE N 175 40.23 -33.32 45.56
CA PHE N 175 40.18 -34.78 45.71
C PHE N 175 40.41 -35.48 44.38
N LYS N 176 39.97 -34.87 43.28
CA LYS N 176 40.21 -35.42 41.95
C LYS N 176 41.71 -35.58 41.69
N GLU N 177 42.48 -34.53 42.02
CA GLU N 177 43.92 -34.59 41.85
C GLU N 177 44.56 -35.60 42.79
N ALA N 178 44.04 -35.71 44.02
CA ALA N 178 44.57 -36.71 44.95
C ALA N 178 44.38 -38.12 44.45
N LEU N 179 43.20 -38.41 43.89
CA LEU N 179 42.95 -39.72 43.31
C LEU N 179 43.82 -39.97 42.08
N ARG N 180 44.03 -38.93 41.25
CA ARG N 180 44.90 -39.08 40.09
C ARG N 180 46.34 -39.37 40.49
N TRP N 181 46.82 -38.69 41.54
CA TRP N 181 48.17 -38.93 42.04
C TRP N 181 48.31 -40.33 42.61
N GLY N 182 47.30 -40.78 43.35
CA GLY N 182 47.32 -42.13 43.89
C GLY N 182 47.34 -43.18 42.78
N ALA N 183 46.54 -42.96 41.73
CA ALA N 183 46.53 -43.88 40.59
C ALA N 183 47.88 -43.91 39.87
N GLU N 184 48.49 -42.74 39.69
CA GLU N 184 49.77 -42.68 38.98
C GLU N 184 50.89 -43.31 39.81
N ILE N 185 50.89 -43.11 41.13
CA ILE N 185 51.87 -43.76 42.00
C ILE N 185 51.66 -45.27 42.01
N PHE N 186 50.40 -45.71 41.99
CA PHE N 186 50.10 -47.13 41.93
C PHE N 186 50.62 -47.76 40.65
N HIS N 187 50.44 -47.08 39.52
CA HIS N 187 50.91 -47.60 38.24
C HIS N 187 52.43 -47.58 38.16
N ALA N 188 53.07 -46.54 38.71
CA ALA N 188 54.53 -46.49 38.76
C ALA N 188 55.11 -47.60 39.62
N LEU N 189 54.46 -47.90 40.75
CA LEU N 189 54.89 -49.00 41.59
C LEU N 189 54.70 -50.34 40.89
N LYS N 190 53.60 -50.46 40.12
CA LYS N 190 53.38 -51.67 39.32
C LYS N 190 54.50 -51.85 38.31
N LYS N 191 54.90 -50.78 37.64
CA LYS N 191 56.01 -50.85 36.67
C LYS N 191 57.33 -51.20 37.34
N ILE N 192 57.58 -50.62 38.53
CA ILE N 192 58.80 -50.90 39.27
C ILE N 192 58.85 -52.37 39.70
N LEU N 193 57.73 -52.88 40.20
CA LEU N 193 57.71 -54.28 40.62
C LEU N 193 57.81 -55.24 39.43
N LYS N 194 57.24 -54.86 38.28
CA LYS N 194 57.41 -55.65 37.06
C LYS N 194 58.87 -55.69 36.62
N GLU N 195 59.56 -54.55 36.67
CA GLU N 195 60.96 -54.54 36.28
C GLU N 195 61.85 -55.26 37.29
N ARG N 196 61.47 -55.27 38.57
CA ARG N 196 62.25 -55.95 39.59
C ARG N 196 61.98 -57.45 39.67
N GLY N 197 60.98 -57.96 38.95
CA GLY N 197 60.66 -59.37 38.99
C GLY N 197 59.81 -59.82 40.16
N LEU N 198 59.19 -58.89 40.89
CA LEU N 198 58.35 -59.24 42.01
C LEU N 198 56.89 -59.39 41.57
N GLU N 199 56.06 -59.88 42.48
CA GLU N 199 54.68 -60.18 42.16
C GLU N 199 53.87 -58.91 41.90
N THR N 200 52.81 -59.07 41.11
CA THR N 200 51.97 -57.97 40.68
C THR N 200 50.49 -58.17 41.01
N ALA N 201 50.02 -59.42 41.01
CA ALA N 201 48.61 -59.70 41.29
C ALA N 201 48.22 -59.19 42.68
N VAL N 202 47.08 -58.49 42.72
CA VAL N 202 46.71 -57.71 43.90
C VAL N 202 46.09 -58.62 44.95
N GLY N 203 46.00 -58.10 46.17
CA GLY N 203 45.41 -58.81 47.28
C GLY N 203 43.95 -58.42 47.49
N ASP N 204 43.49 -58.60 48.72
CA ASP N 204 42.09 -58.38 49.05
C ASP N 204 41.71 -56.90 48.95
N GLU N 205 42.61 -56.00 49.33
CA GLU N 205 42.34 -54.57 49.31
C GLU N 205 42.79 -53.91 48.02
N GLY N 206 43.27 -54.68 47.05
CA GLY N 206 43.70 -54.14 45.78
C GLY N 206 45.15 -53.72 45.73
N GLY N 207 45.93 -53.95 46.78
CA GLY N 207 47.33 -53.57 46.80
C GLY N 207 48.25 -54.74 46.53
N PHE N 208 49.51 -54.41 46.27
CA PHE N 208 50.53 -55.41 45.99
C PHE N 208 51.07 -56.00 47.29
N ALA N 209 51.46 -57.27 47.24
CA ALA N 209 52.16 -57.93 48.35
C ALA N 209 53.40 -58.63 47.83
N PRO N 210 54.43 -57.88 47.44
CA PRO N 210 55.62 -58.50 46.85
C PRO N 210 56.58 -58.97 47.94
N ARG N 211 57.55 -59.77 47.50
CA ARG N 211 58.52 -60.38 48.40
C ARG N 211 59.69 -59.42 48.57
N PHE N 212 59.46 -58.42 49.41
CA PHE N 212 60.48 -57.41 49.71
C PHE N 212 61.52 -58.00 50.65
N ASN N 213 62.62 -57.25 50.82
CA ASN N 213 63.65 -57.65 51.78
C ASN N 213 63.33 -57.22 53.20
N GLY N 214 62.40 -56.29 53.39
CA GLY N 214 62.07 -55.83 54.72
C GLY N 214 61.19 -54.59 54.65
N THR N 215 60.92 -54.04 55.85
CA THR N 215 60.10 -52.83 55.95
C THR N 215 60.77 -51.64 55.29
N GLU N 216 62.08 -51.46 55.54
CA GLU N 216 62.82 -50.35 54.95
C GLU N 216 62.84 -50.46 53.44
N ASP N 217 62.99 -51.68 52.91
CA ASP N 217 62.95 -51.89 51.47
C ASP N 217 61.58 -51.52 50.91
N GLY N 218 60.50 -51.89 51.61
CA GLY N 218 59.16 -51.55 51.14
C GLY N 218 58.89 -50.06 51.12
N VAL N 219 59.30 -49.35 52.19
CA VAL N 219 59.09 -47.91 52.24
C VAL N 219 59.95 -47.22 51.18
N GLU N 220 61.17 -47.72 50.96
CA GLU N 220 62.00 -47.17 49.91
C GLU N 220 61.39 -47.39 48.53
N THR N 221 60.85 -48.58 48.27
CA THR N 221 60.18 -48.81 46.97
C THR N 221 58.98 -47.91 46.78
N ILE N 222 58.22 -47.66 47.86
CA ILE N 222 57.08 -46.75 47.77
C ILE N 222 57.54 -45.33 47.49
N ILE N 223 58.61 -44.89 48.14
CA ILE N 223 59.12 -43.53 47.95
C ILE N 223 59.66 -43.35 46.53
N LYS N 224 60.39 -44.34 46.02
CA LYS N 224 60.83 -44.31 44.63
C LYS N 224 59.67 -44.34 43.64
N ALA N 225 58.58 -45.04 43.98
CA ALA N 225 57.40 -45.00 43.12
C ALA N 225 56.77 -43.60 43.11
N ILE N 226 56.72 -42.95 44.29
CA ILE N 226 56.22 -41.58 44.37
C ILE N 226 57.08 -40.64 43.54
N GLU N 227 58.40 -40.80 43.61
CA GLU N 227 59.30 -39.94 42.86
C GLU N 227 59.24 -40.23 41.36
N ALA N 228 59.00 -41.50 40.98
CA ALA N 228 58.85 -41.84 39.58
C ALA N 228 57.56 -41.25 39.01
N ALA N 229 56.49 -41.21 39.81
CA ALA N 229 55.25 -40.60 39.34
C ALA N 229 55.41 -39.10 39.11
N GLY N 230 56.32 -38.45 39.83
CA GLY N 230 56.57 -37.04 39.64
C GLY N 230 56.08 -36.18 40.79
N TYR N 231 56.15 -36.72 42.01
CA TYR N 231 55.69 -36.02 43.20
C TYR N 231 56.76 -36.10 44.27
N VAL N 232 56.78 -35.09 45.13
CA VAL N 232 57.82 -34.95 46.15
C VAL N 232 57.31 -35.61 47.43
N PRO N 233 57.95 -36.67 47.92
CA PRO N 233 57.55 -37.23 49.22
C PRO N 233 57.77 -36.23 50.35
N GLY N 234 56.84 -36.22 51.29
CA GLY N 234 56.90 -35.29 52.40
C GLY N 234 56.30 -33.93 52.13
N LYS N 235 56.01 -33.60 50.88
CA LYS N 235 55.33 -32.37 50.54
C LYS N 235 54.00 -32.62 49.83
N ASP N 236 53.99 -33.52 48.85
CA ASP N 236 52.78 -33.88 48.13
C ASP N 236 52.17 -35.18 48.63
N VAL N 237 52.97 -36.23 48.75
CA VAL N 237 52.51 -37.56 49.15
C VAL N 237 53.27 -38.00 50.38
N PHE N 238 52.55 -38.52 51.37
CA PHE N 238 53.13 -38.97 52.62
C PHE N 238 52.96 -40.47 52.76
N ILE N 239 53.67 -41.04 53.70
CA ILE N 239 53.61 -42.48 53.98
C ILE N 239 52.74 -42.69 55.22
N GLY N 240 52.12 -43.86 55.29
CA GLY N 240 51.42 -44.29 56.48
C GLY N 240 51.61 -45.77 56.69
N LEU N 241 51.49 -46.18 57.94
CA LEU N 241 51.67 -47.58 58.32
C LEU N 241 50.44 -48.06 59.05
N ASP N 242 50.10 -49.31 58.82
CA ASP N 242 49.22 -50.07 59.69
C ASP N 242 49.96 -51.33 60.10
N CYS N 243 50.51 -51.27 61.31
CA CYS N 243 51.40 -52.30 61.81
C CYS N 243 50.63 -53.57 62.18
N ALA N 244 49.39 -53.43 62.64
CA ALA N 244 48.60 -54.51 63.24
C ALA N 244 49.42 -55.24 64.28
N SER N 245 49.96 -54.48 65.22
CA SER N 245 50.97 -54.97 66.13
C SER N 245 50.42 -55.98 67.14
N SER N 246 49.09 -56.11 67.23
CA SER N 246 48.51 -57.16 68.05
C SER N 246 48.75 -58.55 67.48
N GLU N 247 49.03 -58.66 66.17
CA GLU N 247 49.23 -59.96 65.56
C GLU N 247 50.53 -60.61 66.00
N PHE N 248 51.61 -59.83 66.07
CA PHE N 248 52.92 -60.35 66.46
C PHE N 248 53.32 -59.92 67.87
N TYR N 249 52.34 -59.68 68.74
CA TYR N 249 52.62 -59.33 70.12
C TYR N 249 52.49 -60.56 71.00
N ASP N 250 53.54 -60.85 71.76
CA ASP N 250 53.56 -62.00 72.66
C ASP N 250 53.11 -61.49 74.04
N ALA N 251 51.89 -61.85 74.44
CA ALA N 251 51.36 -61.40 75.72
C ALA N 251 52.01 -62.09 76.91
N GLU N 252 52.71 -63.21 76.69
CA GLU N 252 53.34 -63.94 77.77
C GLU N 252 54.53 -63.17 78.33
N HIS N 253 55.41 -62.70 77.45
CA HIS N 253 56.60 -61.97 77.86
C HIS N 253 56.47 -60.47 77.71
N LYS N 254 55.28 -59.97 77.33
CA LYS N 254 55.01 -58.54 77.14
C LYS N 254 55.99 -57.93 76.13
N VAL N 255 56.20 -58.65 75.03
CA VAL N 255 57.20 -58.24 74.06
C VAL N 255 56.54 -58.30 72.68
N TYR N 256 57.10 -57.53 71.74
CA TYR N 256 56.64 -57.48 70.35
C TYR N 256 57.58 -58.34 69.52
N GLY N 257 57.14 -59.54 69.18
CA GLY N 257 57.97 -60.49 68.45
C GLY N 257 57.92 -60.32 66.95
N TYR N 258 58.92 -59.65 66.40
CA TYR N 258 59.03 -59.50 64.94
C TYR N 258 59.44 -60.80 64.27
N THR N 259 59.88 -61.80 65.02
CA THR N 259 60.27 -63.07 64.43
C THR N 259 59.11 -63.88 63.90
N LYS N 260 57.87 -63.50 64.22
CA LYS N 260 56.71 -64.19 63.68
C LYS N 260 56.61 -64.03 62.17
N PHE N 261 56.91 -62.83 61.66
CA PHE N 261 56.79 -62.54 60.24
C PHE N 261 58.10 -62.23 59.55
N GLU N 262 59.08 -61.66 60.25
CA GLU N 262 60.33 -61.22 59.64
C GLU N 262 61.44 -62.27 59.76
N GLY N 263 61.11 -63.48 60.21
CA GLY N 263 62.08 -64.55 60.29
C GLY N 263 62.82 -64.57 61.63
N GLU N 264 63.61 -65.63 61.80
CA GLU N 264 64.31 -65.86 63.07
C GLU N 264 65.38 -64.81 63.34
N GLY N 265 65.93 -64.19 62.29
CA GLY N 265 66.94 -63.17 62.48
C GLY N 265 66.42 -61.82 62.88
N ALA N 266 65.10 -61.65 62.97
CA ALA N 266 64.52 -60.37 63.35
C ALA N 266 64.77 -60.09 64.82
N ALA N 267 64.71 -58.80 65.17
CA ALA N 267 64.91 -58.35 66.54
C ALA N 267 63.58 -58.32 67.27
N VAL N 268 63.61 -58.80 68.51
CA VAL N 268 62.42 -58.82 69.35
C VAL N 268 62.48 -57.57 70.22
N ARG N 269 61.47 -56.69 70.08
CA ARG N 269 61.48 -55.39 70.74
C ARG N 269 60.46 -55.36 71.87
N THR N 270 60.85 -54.75 73.00
CA THR N 270 59.93 -54.53 74.11
C THR N 270 59.05 -53.33 73.77
N ALA N 271 58.25 -52.84 74.72
CA ALA N 271 57.40 -51.68 74.47
C ALA N 271 58.23 -50.46 74.16
N ALA N 272 59.26 -50.18 74.96
CA ALA N 272 60.10 -49.00 74.72
C ALA N 272 60.94 -49.16 73.45
N GLU N 273 61.44 -50.36 73.18
CA GLU N 273 62.18 -50.57 71.94
C GLU N 273 61.29 -50.45 70.70
N GLN N 274 60.04 -50.89 70.81
CA GLN N 274 59.05 -50.65 69.76
C GLN N 274 58.79 -49.17 69.58
N ILE N 275 58.73 -48.43 70.70
CA ILE N 275 58.64 -46.98 70.62
C ILE N 275 59.79 -46.37 69.81
N ASP N 276 61.02 -46.70 70.17
CA ASP N 276 62.15 -46.13 69.46
C ASP N 276 62.18 -46.58 68.00
N TYR N 277 61.73 -47.80 67.71
CA TYR N 277 61.65 -48.27 66.32
C TYR N 277 60.66 -47.43 65.52
N LEU N 278 59.48 -47.17 66.08
CA LEU N 278 58.49 -46.34 65.40
C LEU N 278 59.00 -44.91 65.25
N GLU N 279 59.69 -44.40 66.28
CA GLU N 279 60.16 -43.01 66.24
C GLU N 279 61.23 -42.85 65.18
N GLU N 280 62.19 -43.79 65.11
CA GLU N 280 63.24 -43.70 64.09
C GLU N 280 62.67 -43.89 62.69
N LEU N 281 61.64 -44.75 62.53
CA LEU N 281 60.98 -44.86 61.24
C LEU N 281 60.32 -43.54 60.85
N VAL N 282 59.74 -42.85 61.83
CA VAL N 282 59.13 -41.54 61.58
C VAL N 282 60.19 -40.52 61.17
N ASN N 283 61.34 -40.52 61.85
CA ASN N 283 62.37 -39.53 61.48
C ASN N 283 63.00 -39.86 60.13
N LYS N 284 63.09 -41.13 59.76
CA LYS N 284 63.76 -41.49 58.52
C LYS N 284 62.88 -41.22 57.29
N TYR N 285 61.57 -41.39 57.42
CA TYR N 285 60.66 -41.37 56.28
C TYR N 285 59.54 -40.38 56.52
N PRO N 286 58.89 -39.88 55.46
CA PRO N 286 57.77 -38.93 55.66
C PRO N 286 56.47 -39.61 56.09
N ILE N 287 56.48 -40.22 57.26
CA ILE N 287 55.35 -40.98 57.76
C ILE N 287 54.47 -40.06 58.58
N ILE N 288 53.21 -39.93 58.18
CA ILE N 288 52.25 -39.09 58.87
C ILE N 288 51.22 -39.91 59.64
N THR N 289 51.13 -41.21 59.39
CA THR N 289 50.14 -42.02 60.06
C THR N 289 50.75 -43.35 60.48
N ILE N 290 50.47 -43.78 61.70
CA ILE N 290 50.79 -45.12 62.18
C ILE N 290 49.53 -45.66 62.85
N GLU N 291 49.08 -46.82 62.42
CA GLU N 291 47.86 -47.45 62.91
C GLU N 291 48.23 -48.74 63.61
N ASP N 292 47.64 -48.94 64.80
CA ASP N 292 47.86 -50.12 65.63
C ASP N 292 49.34 -50.30 65.92
N GLY N 293 49.98 -49.22 66.37
CA GLY N 293 51.40 -49.29 66.70
C GLY N 293 51.70 -50.14 67.90
N MET N 294 50.72 -50.37 68.77
CA MET N 294 50.86 -51.18 69.98
C MET N 294 49.73 -52.19 70.04
N ASP N 295 49.83 -53.09 71.02
CA ASP N 295 48.83 -54.13 71.20
C ASP N 295 47.50 -53.52 71.64
N GLU N 296 46.41 -54.25 71.33
CA GLU N 296 45.08 -53.83 71.72
C GLU N 296 44.90 -53.72 73.24
N ASN N 297 45.74 -54.38 74.03
CA ASN N 297 45.64 -54.35 75.48
C ASN N 297 46.87 -53.75 76.14
N ASP N 298 47.73 -53.07 75.38
CA ASP N 298 48.91 -52.41 75.95
C ASP N 298 48.59 -50.93 76.12
N TRP N 299 47.86 -50.61 77.19
CA TRP N 299 47.43 -49.24 77.42
C TRP N 299 48.59 -48.35 77.84
N ASP N 300 49.52 -48.89 78.64
CA ASP N 300 50.69 -48.11 79.04
C ASP N 300 51.59 -47.79 77.85
N GLY N 301 51.79 -48.76 76.97
CA GLY N 301 52.56 -48.52 75.75
C GLY N 301 51.87 -47.54 74.82
N TRP N 302 50.54 -47.61 74.74
CA TRP N 302 49.78 -46.65 73.95
C TRP N 302 49.92 -45.24 74.51
N LYS N 303 49.87 -45.11 75.83
CA LYS N 303 50.05 -43.81 76.46
C LYS N 303 51.45 -43.26 76.22
N ALA N 304 52.47 -44.10 76.31
CA ALA N 304 53.84 -43.68 76.01
C ALA N 304 53.99 -43.25 74.55
N LEU N 305 53.36 -44.00 73.65
CA LEU N 305 53.43 -43.68 72.22
C LEU N 305 52.76 -42.35 71.92
N THR N 306 51.61 -42.08 72.54
CA THR N 306 50.95 -40.78 72.38
C THR N 306 51.77 -39.66 72.97
N GLU N 307 52.42 -39.92 74.11
CA GLU N 307 53.24 -38.89 74.72
C GLU N 307 54.44 -38.52 73.85
N ARG N 308 55.10 -39.51 73.26
CA ARG N 308 56.29 -39.16 72.49
C ARG N 308 56.03 -38.82 71.04
N LEU N 309 55.31 -39.67 70.31
CA LEU N 309 55.07 -39.41 68.90
C LEU N 309 53.73 -38.76 68.61
N GLY N 310 52.89 -38.50 69.62
CA GLY N 310 51.55 -38.05 69.31
C GLY N 310 51.42 -36.61 68.86
N GLY N 311 52.50 -35.85 68.89
CA GLY N 311 52.44 -34.45 68.49
C GLY N 311 52.59 -34.23 67.00
N LYS N 312 53.37 -35.07 66.33
CA LYS N 312 53.68 -34.87 64.92
C LYS N 312 53.08 -35.91 63.99
N VAL N 313 52.83 -37.13 64.46
CA VAL N 313 52.26 -38.17 63.63
C VAL N 313 50.91 -38.57 64.19
N GLN N 314 50.09 -39.16 63.34
CA GLN N 314 48.76 -39.60 63.70
C GLN N 314 48.79 -41.05 64.14
N LEU N 315 48.23 -41.34 65.29
CA LEU N 315 48.21 -42.67 65.89
C LEU N 315 46.77 -43.16 65.90
N VAL N 316 46.48 -44.16 65.09
CA VAL N 316 45.13 -44.66 64.88
C VAL N 316 44.94 -45.93 65.69
N GLY N 317 43.83 -46.00 66.41
CA GLY N 317 43.48 -47.22 67.12
C GLY N 317 42.40 -48.00 66.40
N ASP N 318 42.78 -49.09 65.74
CA ASP N 318 41.80 -49.92 65.04
C ASP N 318 41.26 -51.03 65.92
N ASP N 319 42.15 -51.93 66.36
CA ASP N 319 41.77 -52.96 67.32
C ASP N 319 41.84 -52.46 68.75
N PHE N 320 42.50 -51.32 68.97
CA PHE N 320 42.56 -50.72 70.30
C PHE N 320 41.19 -50.26 70.76
N PHE N 321 40.43 -49.67 69.86
CA PHE N 321 39.14 -49.13 70.20
C PHE N 321 37.97 -49.91 69.68
N VAL N 322 38.14 -50.74 68.62
CA VAL N 322 37.13 -51.50 67.88
C VAL N 322 35.81 -50.76 67.77
N THR N 323 35.88 -49.47 67.39
CA THR N 323 34.77 -48.50 67.26
C THR N 323 33.79 -48.53 68.46
N ASN N 324 34.31 -48.87 69.62
CA ASN N 324 33.52 -48.96 70.84
C ASN N 324 33.59 -47.62 71.54
N THR N 325 32.42 -47.11 71.92
CA THR N 325 32.34 -45.84 72.63
C THR N 325 33.01 -45.91 73.99
N ALA N 326 32.87 -47.04 74.69
CA ALA N 326 33.49 -47.19 76.01
C ALA N 326 35.02 -47.14 75.92
N TYR N 327 35.59 -47.89 74.97
CA TYR N 327 37.04 -47.89 74.80
C TYR N 327 37.54 -46.54 74.31
N LEU N 328 36.80 -45.88 73.41
CA LEU N 328 37.18 -44.56 72.95
C LEU N 328 37.16 -43.52 74.06
N GLU N 329 36.14 -43.58 74.92
CA GLU N 329 36.07 -42.68 76.06
C GLU N 329 37.21 -42.94 77.04
N LYS N 330 37.53 -44.21 77.28
CA LYS N 330 38.66 -44.55 78.14
C LYS N 330 39.98 -44.06 77.57
N GLY N 331 40.17 -44.21 76.26
CA GLY N 331 41.38 -43.72 75.62
C GLY N 331 41.48 -42.20 75.64
N ILE N 332 40.35 -41.51 75.50
CA ILE N 332 40.34 -40.05 75.62
C ILE N 332 40.69 -39.64 77.05
N ALA N 333 40.26 -40.43 78.04
CA ALA N 333 40.53 -40.11 79.44
C ALA N 333 42.02 -40.09 79.76
N GLU N 334 42.78 -41.05 79.24
CA GLU N 334 44.20 -41.15 79.56
C GLU N 334 45.12 -40.87 78.39
N HIS N 335 44.62 -40.19 77.35
CA HIS N 335 45.41 -39.73 76.20
C HIS N 335 46.11 -40.90 75.50
N ALA N 336 45.32 -41.86 75.04
CA ALA N 336 45.80 -43.01 74.29
C ALA N 336 45.34 -42.85 72.86
N ALA N 337 46.30 -42.82 71.94
CA ALA N 337 46.17 -42.47 70.52
C ALA N 337 45.58 -41.06 70.33
N ASN N 338 45.48 -40.65 69.07
CA ASN N 338 44.78 -39.40 68.76
C ASN N 338 43.88 -39.58 67.54
N SER N 339 43.52 -40.82 67.22
CA SER N 339 42.66 -41.11 66.08
C SER N 339 42.00 -42.46 66.34
N ILE N 340 40.81 -42.64 65.79
CA ILE N 340 40.07 -43.89 65.87
C ILE N 340 39.63 -44.31 64.47
N LEU N 341 39.77 -45.60 64.18
CA LEU N 341 39.30 -46.15 62.92
C LEU N 341 37.85 -46.57 63.08
N ILE N 342 36.95 -45.91 62.36
CA ILE N 342 35.53 -46.17 62.44
C ILE N 342 35.15 -47.22 61.41
N LYS N 343 34.64 -48.35 61.87
CA LYS N 343 34.11 -49.39 61.01
C LYS N 343 32.64 -49.56 61.33
N VAL N 344 31.77 -49.29 60.35
CA VAL N 344 30.33 -49.20 60.60
C VAL N 344 29.74 -50.55 61.00
N ASN N 345 30.25 -51.64 60.46
CA ASN N 345 29.76 -52.98 60.78
C ASN N 345 30.33 -53.50 62.07
N GLN N 346 31.41 -52.89 62.55
CA GLN N 346 32.00 -53.19 63.84
C GLN N 346 31.18 -52.68 65.02
N ILE N 347 30.21 -51.79 64.79
CA ILE N 347 29.38 -51.27 65.87
C ILE N 347 27.90 -51.63 65.69
N GLY N 348 27.41 -51.65 64.45
CA GLY N 348 26.07 -52.15 64.21
C GLY N 348 25.08 -51.21 63.56
N THR N 349 25.07 -49.93 63.92
CA THR N 349 24.06 -49.01 63.39
C THR N 349 24.76 -47.76 62.87
N LEU N 350 24.00 -46.93 62.15
CA LEU N 350 24.49 -45.62 61.75
C LEU N 350 24.42 -44.61 62.89
N THR N 351 23.43 -44.74 63.78
CA THR N 351 23.33 -43.83 64.93
C THR N 351 24.55 -43.93 65.82
N GLU N 352 24.94 -45.15 66.16
CA GLU N 352 26.10 -45.32 67.01
C GLU N 352 27.41 -44.98 66.29
N THR N 353 27.48 -45.22 64.97
CA THR N 353 28.64 -44.78 64.19
C THR N 353 28.82 -43.27 64.24
N PHE N 354 27.74 -42.53 64.02
CA PHE N 354 27.81 -41.08 64.08
C PHE N 354 28.09 -40.58 65.50
N ASP N 355 27.58 -41.29 66.50
CA ASP N 355 27.87 -40.95 67.90
C ASP N 355 29.35 -41.09 68.20
N ALA N 356 29.96 -42.19 67.74
CA ALA N 356 31.39 -42.39 67.95
C ALA N 356 32.21 -41.36 67.20
N ILE N 357 31.79 -41.00 65.99
CA ILE N 357 32.50 -39.99 65.20
C ILE N 357 32.45 -38.63 65.90
N GLU N 358 31.28 -38.24 66.41
CA GLU N 358 31.16 -36.96 67.10
C GLU N 358 31.95 -36.95 68.41
N MET N 359 31.94 -38.06 69.16
CA MET N 359 32.74 -38.14 70.38
C MET N 359 34.23 -38.03 70.08
N ALA N 360 34.68 -38.68 69.00
CA ALA N 360 36.09 -38.55 68.60
C ALA N 360 36.42 -37.12 68.18
N LYS N 361 35.51 -36.47 67.45
CA LYS N 361 35.74 -35.09 67.04
C LYS N 361 35.83 -34.15 68.22
N GLU N 362 34.98 -34.35 69.23
CA GLU N 362 34.93 -33.46 70.39
C GLU N 362 36.20 -33.50 71.22
N ALA N 363 36.97 -34.60 71.16
CA ALA N 363 38.19 -34.72 71.93
C ALA N 363 39.44 -34.40 71.13
N GLY N 364 39.29 -33.85 69.93
CA GLY N 364 40.42 -33.58 69.08
C GLY N 364 40.90 -34.77 68.27
N TYR N 365 40.33 -35.95 68.49
CA TYR N 365 40.71 -37.13 67.73
C TYR N 365 40.20 -37.02 66.30
N THR N 366 40.82 -37.78 65.42
CA THR N 366 40.40 -37.85 64.03
C THR N 366 39.68 -39.16 63.79
N ALA N 367 38.50 -39.09 63.18
CA ALA N 367 37.74 -40.28 62.84
C ALA N 367 38.02 -40.64 61.39
N VAL N 368 38.49 -41.86 61.15
CA VAL N 368 38.81 -42.35 59.82
C VAL N 368 37.82 -43.44 59.47
N VAL N 369 37.00 -43.21 58.45
CA VAL N 369 36.04 -44.22 58.02
C VAL N 369 36.78 -45.27 57.21
N SER N 370 36.67 -46.53 57.63
CA SER N 370 37.48 -47.60 57.08
C SER N 370 36.64 -48.67 56.44
N HIS N 371 37.20 -49.26 55.39
CA HIS N 371 36.62 -50.41 54.73
C HIS N 371 37.01 -51.67 55.51
N ARG N 372 36.19 -52.70 55.36
CA ARG N 372 36.44 -54.06 55.82
C ARG N 372 37.07 -54.86 54.70
N SER N 373 37.61 -56.04 55.03
CA SER N 373 38.29 -56.88 54.05
C SER N 373 37.33 -57.35 52.95
N GLY N 374 36.15 -57.79 53.33
CA GLY N 374 35.13 -58.12 52.36
C GLY N 374 34.14 -56.99 52.16
N GLU N 375 34.32 -56.21 51.11
CA GLU N 375 33.48 -55.07 50.80
C GLU N 375 32.42 -55.48 49.78
N THR N 376 31.57 -54.55 49.37
CA THR N 376 30.56 -54.70 48.42
C THR N 376 30.58 -53.54 47.44
N GLU N 377 29.64 -53.56 46.49
CA GLU N 377 29.46 -52.45 45.57
C GLU N 377 28.76 -51.26 46.23
N ASP N 378 28.21 -51.46 47.43
CA ASP N 378 27.71 -50.36 48.25
C ASP N 378 28.83 -49.40 48.60
N SER N 379 28.54 -48.11 48.51
CA SER N 379 29.51 -47.05 48.79
C SER N 379 28.96 -46.07 49.81
N THR N 380 28.39 -46.61 50.89
CA THR N 380 27.81 -45.77 51.94
C THR N 380 28.87 -45.09 52.79
N ILE N 381 30.04 -45.71 52.96
CA ILE N 381 31.04 -45.13 53.84
C ILE N 381 31.63 -43.85 53.26
N ALA N 382 31.59 -43.68 51.93
CA ALA N 382 31.98 -42.41 51.34
C ALA N 382 31.01 -41.30 51.73
N ASP N 383 29.71 -41.58 51.69
CA ASP N 383 28.71 -40.63 52.14
C ASP N 383 28.83 -40.37 53.65
N ILE N 384 29.21 -41.39 54.41
CA ILE N 384 29.42 -41.21 55.85
C ILE N 384 30.60 -40.29 56.11
N ALA N 385 31.70 -40.48 55.37
CA ALA N 385 32.88 -39.64 55.52
C ALA N 385 32.60 -38.19 55.15
N VAL N 386 31.87 -37.98 54.05
CA VAL N 386 31.56 -36.61 53.64
C VAL N 386 30.55 -35.98 54.60
N ALA N 387 29.56 -36.76 55.06
CA ALA N 387 28.48 -36.24 55.91
C ALA N 387 29.00 -35.71 57.24
N THR N 388 29.94 -36.43 57.85
CA THR N 388 30.49 -36.02 59.12
C THR N 388 31.63 -35.02 58.99
N ASN N 389 32.06 -34.71 57.76
CA ASN N 389 33.24 -33.88 57.49
C ASN N 389 34.47 -34.43 58.20
N ALA N 390 34.60 -35.76 58.19
CA ALA N 390 35.68 -36.43 58.91
C ALA N 390 37.04 -36.08 58.34
N GLY N 391 37.11 -35.85 57.04
CA GLY N 391 38.33 -35.41 56.41
C GLY N 391 39.32 -36.50 56.12
N GLN N 392 39.00 -37.77 56.43
CA GLN N 392 39.90 -38.89 56.15
C GLN N 392 39.07 -40.13 55.86
N ILE N 393 39.50 -40.89 54.86
CA ILE N 393 38.89 -42.17 54.52
C ILE N 393 40.01 -43.17 54.23
N LYS N 394 39.72 -44.43 54.49
CA LYS N 394 40.62 -45.55 54.24
C LYS N 394 39.83 -46.65 53.53
N THR N 395 39.83 -46.62 52.20
CA THR N 395 39.04 -47.54 51.40
C THR N 395 39.93 -48.19 50.32
N GLY N 396 41.08 -48.69 50.76
CA GLY N 396 41.90 -49.57 49.93
C GLY N 396 42.63 -48.87 48.79
N SER N 397 43.06 -49.67 47.83
CA SER N 397 44.00 -49.25 46.81
C SER N 397 43.21 -48.81 45.58
N LEU N 398 43.87 -48.79 44.43
CA LEU N 398 43.27 -48.33 43.21
C LEU N 398 43.13 -49.50 42.23
N SER N 399 42.64 -50.68 42.68
CA SER N 399 42.65 -51.79 41.74
C SER N 399 41.48 -52.76 41.79
N ARG N 400 40.39 -52.51 42.49
CA ARG N 400 39.24 -53.44 42.53
C ARG N 400 38.02 -52.60 42.87
N THR N 401 36.87 -52.81 42.20
CA THR N 401 35.71 -51.91 42.37
C THR N 401 35.08 -51.97 43.75
N ASP N 402 35.35 -53.02 44.52
CA ASP N 402 35.06 -52.98 45.95
C ASP N 402 35.70 -51.78 46.65
N ARG N 403 36.79 -51.27 46.10
CA ARG N 403 37.53 -50.13 46.58
C ARG N 403 37.34 -48.92 45.69
N ILE N 404 37.31 -49.11 44.36
CA ILE N 404 37.15 -48.03 43.41
C ILE N 404 35.75 -47.44 43.49
N ALA N 405 34.77 -48.21 43.98
CA ALA N 405 33.40 -47.72 44.08
C ALA N 405 33.29 -46.57 45.07
N LYS N 406 33.99 -46.66 46.20
CA LYS N 406 34.03 -45.57 47.18
C LYS N 406 34.69 -44.32 46.61
N TYR N 407 35.79 -44.49 45.88
CA TYR N 407 36.44 -43.35 45.24
C TYR N 407 35.57 -42.74 44.17
N ASN N 408 34.81 -43.56 43.44
CA ASN N 408 33.91 -43.05 42.42
C ASN N 408 32.75 -42.30 43.04
N GLN N 409 32.25 -42.78 44.18
CA GLN N 409 31.21 -42.06 44.90
C GLN N 409 31.74 -40.73 45.44
N LEU N 410 33.00 -40.71 45.88
CA LEU N 410 33.60 -39.46 46.32
C LEU N 410 33.78 -38.48 45.16
N LEU N 411 34.12 -39.00 43.97
CA LEU N 411 34.19 -38.16 42.78
C LEU N 411 32.82 -37.59 42.42
N ARG N 412 31.77 -38.42 42.53
CA ARG N 412 30.42 -37.95 42.27
C ARG N 412 29.99 -36.88 43.27
N ILE N 413 30.32 -37.08 44.55
CA ILE N 413 29.98 -36.09 45.57
C ILE N 413 30.72 -34.78 45.33
N GLU N 414 32.00 -34.86 44.96
CA GLU N 414 32.77 -33.66 44.67
C GLU N 414 32.22 -32.91 43.49
N ASP N 415 31.85 -33.62 42.44
CA ASP N 415 31.28 -32.97 41.28
C ASP N 415 29.89 -32.38 41.55
N GLN N 416 29.08 -33.05 42.37
CA GLN N 416 27.79 -32.51 42.76
C GLN N 416 27.94 -31.25 43.62
N LEU N 417 28.90 -31.25 44.54
CA LEU N 417 29.11 -30.09 45.41
C LEU N 417 29.66 -28.92 44.60
N GLY N 418 30.56 -29.18 43.66
CA GLY N 418 31.03 -28.12 42.78
C GLY N 418 31.96 -27.13 43.45
N GLU N 419 31.57 -25.86 43.46
CA GLU N 419 32.42 -24.83 44.03
C GLU N 419 32.58 -24.97 45.54
N VAL N 420 31.50 -25.36 46.25
CA VAL N 420 31.56 -25.46 47.71
C VAL N 420 32.38 -26.62 48.20
N ALA N 421 32.76 -27.54 47.33
CA ALA N 421 33.55 -28.70 47.74
C ALA N 421 34.93 -28.26 48.21
N GLU N 422 35.39 -28.87 49.29
CA GLU N 422 36.66 -28.50 49.90
C GLU N 422 37.52 -29.74 50.09
N TYR N 423 38.82 -29.60 49.86
CA TYR N 423 39.79 -30.67 50.10
C TYR N 423 40.87 -30.10 51.03
N ARG N 424 40.79 -30.47 52.30
CA ARG N 424 41.71 -29.91 53.28
C ARG N 424 43.11 -30.49 53.14
N GLY N 425 43.22 -31.80 52.91
CA GLY N 425 44.54 -32.39 52.82
C GLY N 425 45.26 -32.44 54.14
N LEU N 426 46.40 -31.74 54.24
CA LEU N 426 47.16 -31.69 55.49
C LEU N 426 46.37 -31.03 56.61
N LYS N 427 45.42 -30.16 56.26
CA LYS N 427 44.58 -29.50 57.26
C LYS N 427 43.58 -30.47 57.86
N SER N 428 43.35 -31.63 57.23
CA SER N 428 42.41 -32.61 57.78
C SER N 428 42.99 -33.30 59.00
N PHE N 429 44.31 -33.30 59.16
CA PHE N 429 44.96 -33.85 60.34
C PHE N 429 45.00 -32.80 61.45
N TYR N 430 43.80 -32.43 61.91
CA TYR N 430 43.66 -31.36 62.90
C TYR N 430 44.14 -31.75 64.28
N ASN N 431 44.45 -33.02 64.49
CA ASN N 431 45.00 -33.54 65.74
C ASN N 431 46.51 -33.37 65.82
N LEU N 432 47.14 -32.75 64.83
CA LEU N 432 48.58 -32.51 64.82
C LEU N 432 48.85 -31.02 64.79
N LYS N 433 49.96 -30.62 65.42
CA LYS N 433 50.32 -29.22 65.49
C LYS N 433 50.73 -28.71 64.12
N LYS N 434 50.73 -27.37 63.99
CA LYS N 434 51.10 -26.65 62.76
C LYS N 434 50.22 -27.06 61.58
N MET O 1 -15.03 -41.41 42.40
CA MET O 1 -15.18 -39.97 42.56
C MET O 1 -16.54 -39.46 42.08
N SER O 2 -17.20 -40.29 41.27
CA SER O 2 -18.57 -40.06 40.85
C SER O 2 -19.60 -40.85 41.67
N ILE O 3 -19.16 -41.56 42.69
CA ILE O 3 -20.09 -42.29 43.53
C ILE O 3 -20.84 -41.32 44.43
N ILE O 4 -22.17 -41.43 44.48
CA ILE O 4 -23.00 -40.57 45.31
C ILE O 4 -22.66 -40.85 46.77
N THR O 5 -22.23 -39.81 47.48
CA THR O 5 -21.89 -39.88 48.89
C THR O 5 -23.01 -39.40 49.79
N ASP O 6 -23.72 -38.33 49.42
CA ASP O 6 -24.74 -37.82 50.31
C ASP O 6 -25.94 -37.31 49.52
N VAL O 7 -27.14 -37.65 49.98
CA VAL O 7 -28.39 -37.13 49.44
C VAL O 7 -29.17 -36.52 50.59
N TYR O 8 -29.58 -35.27 50.44
CA TYR O 8 -30.23 -34.57 51.54
C TYR O 8 -31.31 -33.64 51.02
N ALA O 9 -32.51 -33.75 51.59
CA ALA O 9 -33.62 -32.88 51.21
C ALA O 9 -33.96 -31.92 52.34
N ARG O 10 -34.38 -30.73 51.95
CA ARG O 10 -34.88 -29.76 52.90
C ARG O 10 -36.17 -29.17 52.32
N GLU O 11 -36.94 -28.53 53.19
CA GLU O 11 -38.19 -27.91 52.79
C GLU O 11 -38.00 -26.42 52.58
N VAL O 12 -38.42 -25.94 51.42
CA VAL O 12 -38.29 -24.55 51.01
C VAL O 12 -39.67 -24.07 50.56
N LEU O 13 -39.72 -22.84 50.08
CA LEU O 13 -40.96 -22.25 49.58
C LEU O 13 -40.93 -22.15 48.06
N ASP O 14 -42.11 -22.19 47.47
CA ASP O 14 -42.25 -22.04 46.03
C ASP O 14 -42.67 -20.61 45.70
N SER O 15 -43.02 -20.37 44.44
CA SER O 15 -43.44 -19.05 43.97
C SER O 15 -44.88 -18.72 44.32
N ARG O 16 -45.51 -19.44 45.24
CA ARG O 16 -46.83 -19.08 45.72
C ARG O 16 -46.90 -18.98 47.23
N GLY O 17 -45.78 -19.18 47.94
CA GLY O 17 -45.77 -19.19 49.38
C GLY O 17 -46.05 -20.55 50.01
N ASN O 18 -46.37 -21.56 49.21
CA ASN O 18 -46.60 -22.93 49.64
C ASN O 18 -45.28 -23.68 49.75
N PRO O 19 -45.17 -24.63 50.67
CA PRO O 19 -43.94 -25.40 50.80
C PRO O 19 -43.70 -26.32 49.62
N THR O 20 -42.42 -26.58 49.35
CA THR O 20 -41.98 -27.61 48.44
C THR O 20 -40.66 -28.13 49.00
N LEU O 21 -39.99 -29.01 48.27
CA LEU O 21 -38.74 -29.55 48.77
C LEU O 21 -37.64 -29.32 47.74
N GLU O 22 -36.41 -29.29 48.23
CA GLU O 22 -35.24 -29.29 47.37
C GLU O 22 -34.28 -30.37 47.85
N VAL O 23 -33.56 -30.97 46.90
CA VAL O 23 -32.67 -32.09 47.16
C VAL O 23 -31.27 -31.72 46.70
N GLU O 24 -30.29 -31.94 47.57
CA GLU O 24 -28.89 -31.74 47.25
C GLU O 24 -28.18 -33.08 47.23
N VAL O 25 -27.42 -33.32 46.18
CA VAL O 25 -26.66 -34.56 45.99
C VAL O 25 -25.18 -34.20 45.90
N TYR O 26 -24.38 -34.88 46.71
CA TYR O 26 -22.93 -34.74 46.71
C TYR O 26 -22.31 -36.07 46.33
N THR O 27 -21.35 -36.04 45.41
CA THR O 27 -20.58 -37.24 45.08
C THR O 27 -19.23 -37.18 45.82
N GLU O 28 -18.41 -38.22 45.61
CA GLU O 28 -17.16 -38.37 46.35
C GLU O 28 -16.17 -37.24 46.05
N SER O 29 -16.03 -36.88 44.77
CA SER O 29 -15.09 -35.84 44.38
C SER O 29 -15.57 -34.43 44.71
N GLY O 30 -16.82 -34.27 45.15
CA GLY O 30 -17.35 -32.97 45.45
C GLY O 30 -18.31 -32.42 44.43
N ALA O 31 -18.72 -33.21 43.43
CA ALA O 31 -19.73 -32.74 42.50
C ALA O 31 -21.05 -32.54 43.23
N PHE O 32 -21.70 -31.42 42.96
CA PHE O 32 -22.87 -31.00 43.70
C PHE O 32 -24.02 -30.77 42.73
N GLY O 33 -25.21 -31.21 43.13
CA GLY O 33 -26.40 -30.95 42.35
C GLY O 33 -27.58 -30.60 43.21
N ARG O 34 -28.36 -29.59 42.82
CA ARG O 34 -29.51 -29.14 43.59
C ARG O 34 -30.75 -29.16 42.71
N GLY O 35 -31.78 -29.87 43.15
CA GLY O 35 -33.01 -29.94 42.41
C GLY O 35 -34.22 -29.49 43.22
N MET O 36 -34.96 -28.51 42.71
CA MET O 36 -36.14 -28.00 43.38
C MET O 36 -37.36 -28.45 42.59
N VAL O 37 -38.38 -28.91 43.29
CA VAL O 37 -39.58 -29.50 42.68
C VAL O 37 -40.65 -28.43 42.53
N PRO O 38 -41.21 -28.23 41.35
CA PRO O 38 -42.38 -27.37 41.25
C PRO O 38 -43.59 -27.99 41.92
N SER O 39 -44.48 -27.15 42.42
CA SER O 39 -45.66 -27.60 43.14
C SER O 39 -46.71 -28.07 42.14
N GLY O 40 -47.11 -29.34 42.23
CA GLY O 40 -48.13 -29.89 41.37
C GLY O 40 -49.42 -30.17 42.10
N ALA O 41 -49.96 -31.37 41.93
CA ALA O 41 -51.21 -31.76 42.55
C ALA O 41 -51.05 -33.11 43.23
N SER O 42 -51.83 -33.31 44.30
CA SER O 42 -51.87 -34.57 45.02
C SER O 42 -53.13 -35.36 44.71
N THR O 43 -53.87 -34.99 43.68
CA THR O 43 -55.10 -35.67 43.28
C THR O 43 -55.11 -35.90 41.77
N GLY O 44 -55.67 -37.01 41.36
CA GLY O 44 -55.78 -37.37 39.96
C GLY O 44 -55.85 -38.88 39.80
N GLU O 45 -56.56 -39.30 38.75
CA GLU O 45 -56.73 -40.73 38.52
C GLU O 45 -55.43 -41.37 38.06
N HIS O 46 -54.68 -40.69 37.18
CA HIS O 46 -53.46 -41.29 36.65
C HIS O 46 -52.30 -40.30 36.58
N GLU O 47 -52.33 -39.23 37.35
CA GLU O 47 -51.19 -38.33 37.46
C GLU O 47 -50.36 -38.73 38.67
N ALA O 48 -49.06 -38.44 38.60
CA ALA O 48 -48.17 -38.75 39.71
C ALA O 48 -48.42 -37.78 40.87
N VAL O 49 -48.89 -38.32 41.99
CA VAL O 49 -49.33 -37.49 43.10
C VAL O 49 -48.13 -37.11 43.95
N GLU O 50 -48.17 -35.91 44.51
CA GLU O 50 -47.16 -35.43 45.45
C GLU O 50 -47.62 -35.67 46.88
N LEU O 51 -46.66 -35.83 47.77
CA LEU O 51 -46.95 -36.15 49.16
C LEU O 51 -46.95 -34.88 50.00
N ARG O 52 -48.04 -34.65 50.73
CA ARG O 52 -48.18 -33.51 51.60
C ARG O 52 -48.44 -33.99 53.02
N ASP O 53 -48.18 -33.11 53.99
CA ASP O 53 -48.31 -33.48 55.39
C ASP O 53 -49.78 -33.61 55.79
N GLY O 54 -50.62 -32.67 55.36
CA GLY O 54 -52.00 -32.65 55.77
C GLY O 54 -52.25 -32.07 57.14
N ASP O 55 -51.21 -31.57 57.81
CA ASP O 55 -51.34 -30.96 59.13
C ASP O 55 -51.74 -29.51 58.96
N LYS O 56 -52.97 -29.17 59.33
CA LYS O 56 -53.48 -27.82 59.15
C LYS O 56 -52.81 -26.80 60.09
N ALA O 57 -52.11 -27.26 61.12
CA ALA O 57 -51.37 -26.35 61.99
C ALA O 57 -50.09 -25.84 61.35
N ARG O 58 -49.63 -26.48 60.27
CA ARG O 58 -48.41 -26.09 59.56
C ARG O 58 -48.75 -25.85 58.09
N TYR O 59 -48.67 -24.59 57.67
CA TYR O 59 -48.82 -24.15 56.29
C TYR O 59 -50.19 -24.50 55.70
N GLY O 60 -51.19 -24.71 56.54
CA GLY O 60 -52.50 -25.10 56.07
C GLY O 60 -52.55 -26.46 55.41
N GLY O 61 -51.83 -27.44 55.97
CA GLY O 61 -51.85 -28.79 55.45
C GLY O 61 -50.96 -29.04 54.25
N LEU O 62 -50.17 -28.06 53.83
CA LEU O 62 -49.38 -28.17 52.61
C LEU O 62 -47.90 -28.39 52.90
N GLY O 63 -47.55 -28.81 54.12
CA GLY O 63 -46.16 -29.05 54.43
C GLY O 63 -45.58 -30.22 53.65
N THR O 64 -44.26 -30.22 53.51
CA THR O 64 -43.57 -31.25 52.75
C THR O 64 -42.54 -31.98 53.60
N GLN O 65 -42.76 -32.02 54.92
CA GLN O 65 -41.83 -32.70 55.81
C GLN O 65 -41.84 -34.21 55.60
N LYS O 66 -42.99 -34.78 55.23
CA LYS O 66 -43.08 -36.21 54.99
C LYS O 66 -42.23 -36.64 53.79
N ALA O 67 -42.30 -35.87 52.70
CA ALA O 67 -41.50 -36.19 51.54
C ALA O 67 -40.02 -35.92 51.77
N VAL O 68 -39.69 -34.89 52.56
CA VAL O 68 -38.31 -34.63 52.96
C VAL O 68 -37.76 -35.81 53.77
N ASP O 69 -38.57 -36.34 54.68
CA ASP O 69 -38.17 -37.51 55.46
C ASP O 69 -38.02 -38.74 54.57
N ASN O 70 -38.89 -38.87 53.55
CA ASN O 70 -38.77 -39.96 52.60
C ASN O 70 -37.45 -39.89 51.84
N VAL O 71 -37.04 -38.69 51.44
CA VAL O 71 -35.76 -38.54 50.78
C VAL O 71 -34.62 -38.84 51.76
N ASN O 72 -34.70 -38.32 52.97
CA ASN O 72 -33.57 -38.37 53.90
C ASN O 72 -33.39 -39.73 54.56
N ASN O 73 -34.43 -40.56 54.59
CA ASN O 73 -34.38 -41.82 55.33
C ASN O 73 -34.62 -43.05 54.48
N VAL O 74 -35.33 -42.93 53.35
CA VAL O 74 -35.65 -44.07 52.49
C VAL O 74 -34.85 -44.02 51.20
N ILE O 75 -34.99 -42.93 50.44
CA ILE O 75 -34.35 -42.84 49.13
C ILE O 75 -32.84 -42.71 49.26
N ALA O 76 -32.37 -41.95 50.27
CA ALA O 76 -30.94 -41.63 50.38
C ALA O 76 -30.11 -42.88 50.61
N GLU O 77 -30.57 -43.80 51.47
CA GLU O 77 -29.80 -45.01 51.73
C GLU O 77 -29.80 -45.95 50.52
N HIS O 78 -30.85 -45.92 49.70
CA HIS O 78 -30.89 -46.74 48.50
C HIS O 78 -30.04 -46.15 47.39
N ILE O 79 -29.92 -44.82 47.33
CA ILE O 79 -29.22 -44.18 46.23
C ILE O 79 -27.73 -43.99 46.51
N ILE O 80 -27.35 -43.81 47.78
CA ILE O 80 -25.95 -43.61 48.14
C ILE O 80 -25.15 -44.85 47.79
N GLY O 81 -24.07 -44.66 47.04
CA GLY O 81 -23.29 -45.74 46.48
C GLY O 81 -23.46 -45.91 44.99
N PHE O 82 -24.53 -45.37 44.43
CA PHE O 82 -24.73 -45.41 42.98
C PHE O 82 -23.78 -44.47 42.28
N ASP O 83 -23.46 -44.79 41.03
CA ASP O 83 -22.73 -43.83 40.20
C ASP O 83 -23.67 -42.70 39.84
N VAL O 84 -23.18 -41.46 39.94
CA VAL O 84 -24.03 -40.29 39.68
C VAL O 84 -24.44 -40.19 38.22
N ARG O 85 -23.69 -40.84 37.32
CA ARG O 85 -24.01 -40.82 35.91
C ARG O 85 -24.98 -41.91 35.51
N ASP O 86 -25.44 -42.71 36.46
CA ASP O 86 -26.42 -43.76 36.18
C ASP O 86 -27.83 -43.23 36.43
N GLN O 87 -28.24 -42.25 35.63
CA GLN O 87 -29.53 -41.60 35.85
C GLN O 87 -30.70 -42.57 35.65
N GLN O 88 -30.62 -43.40 34.60
CA GLN O 88 -31.70 -44.34 34.33
C GLN O 88 -31.79 -45.41 35.40
N GLY O 89 -30.64 -45.92 35.86
CA GLY O 89 -30.65 -46.90 36.94
C GLY O 89 -31.17 -46.34 38.25
N ILE O 90 -30.77 -45.12 38.59
CA ILE O 90 -31.26 -44.44 39.79
C ILE O 90 -32.77 -44.20 39.71
N ASP O 91 -33.26 -43.76 38.55
CA ASP O 91 -34.69 -43.49 38.42
C ASP O 91 -35.49 -44.79 38.46
N ARG O 92 -34.99 -45.86 37.84
CA ARG O 92 -35.66 -47.14 37.91
C ARG O 92 -35.66 -47.70 39.33
N ALA O 93 -34.55 -47.52 40.07
CA ALA O 93 -34.50 -47.93 41.46
C ALA O 93 -35.49 -47.16 42.31
N MET O 94 -35.63 -45.86 42.07
CA MET O 94 -36.60 -45.07 42.83
C MET O 94 -38.04 -45.46 42.50
N ILE O 95 -38.32 -45.75 41.23
CA ILE O 95 -39.65 -46.20 40.84
C ILE O 95 -39.98 -47.54 41.49
N ALA O 96 -39.02 -48.46 41.51
CA ALA O 96 -39.22 -49.75 42.16
C ALA O 96 -39.39 -49.59 43.67
N LEU O 97 -38.61 -48.70 44.28
CA LEU O 97 -38.68 -48.49 45.72
C LEU O 97 -40.01 -47.88 46.14
N ASP O 98 -40.56 -46.98 45.31
CA ASP O 98 -41.89 -46.45 45.59
C ASP O 98 -42.94 -47.55 45.53
N GLY O 99 -42.91 -48.36 44.47
CA GLY O 99 -43.76 -49.52 44.38
C GLY O 99 -45.18 -49.27 43.92
N THR O 100 -45.55 -48.03 43.60
CA THR O 100 -46.91 -47.74 43.20
C THR O 100 -46.90 -47.05 41.83
N PRO O 101 -47.96 -47.24 41.02
CA PRO O 101 -48.00 -46.57 39.71
C PRO O 101 -48.03 -45.05 39.79
N ASN O 102 -48.69 -44.49 40.80
CA ASN O 102 -48.84 -43.05 40.93
C ASN O 102 -47.78 -42.40 41.79
N LYS O 103 -46.78 -43.17 42.24
CA LYS O 103 -45.68 -42.69 43.09
C LYS O 103 -46.20 -42.02 44.36
N GLY O 104 -47.26 -42.61 44.94
CA GLY O 104 -47.90 -42.01 46.10
C GLY O 104 -47.23 -42.35 47.41
N LYS O 105 -46.43 -43.41 47.45
CA LYS O 105 -45.84 -43.83 48.71
C LYS O 105 -44.71 -42.87 49.09
N LEU O 106 -43.66 -42.80 48.27
CA LEU O 106 -42.57 -41.86 48.54
C LEU O 106 -42.96 -40.44 48.18
N GLY O 107 -43.84 -40.27 47.20
CA GLY O 107 -44.18 -38.95 46.72
C GLY O 107 -43.49 -38.66 45.41
N ALA O 108 -44.23 -38.20 44.39
CA ALA O 108 -43.60 -37.88 43.12
C ALA O 108 -42.64 -36.70 43.23
N ASN O 109 -42.93 -35.78 44.15
CA ASN O 109 -42.02 -34.65 44.38
C ASN O 109 -40.66 -35.10 44.90
N ALA O 110 -40.64 -36.06 45.83
CA ALA O 110 -39.39 -36.57 46.37
C ALA O 110 -38.55 -37.23 45.29
N ILE O 111 -39.17 -38.10 44.49
CA ILE O 111 -38.48 -38.82 43.44
C ILE O 111 -37.98 -37.86 42.37
N LEU O 112 -38.80 -36.87 42.00
CA LEU O 112 -38.39 -35.89 41.00
C LEU O 112 -37.23 -35.03 41.49
N GLY O 113 -37.29 -34.60 42.75
CA GLY O 113 -36.19 -33.82 43.30
C GLY O 113 -34.89 -34.59 43.32
N VAL O 114 -34.95 -35.87 43.68
CA VAL O 114 -33.75 -36.69 43.68
C VAL O 114 -33.23 -36.87 42.26
N SER O 115 -34.13 -37.10 41.29
CA SER O 115 -33.69 -37.30 39.91
C SER O 115 -33.04 -36.05 39.32
N ILE O 116 -33.62 -34.87 39.58
CA ILE O 116 -33.06 -33.62 39.09
C ILE O 116 -31.71 -33.35 39.74
N ALA O 117 -31.61 -33.58 41.06
CA ALA O 117 -30.35 -33.38 41.77
C ALA O 117 -29.27 -34.32 41.26
N VAL O 118 -29.63 -35.57 40.97
CA VAL O 118 -28.67 -36.53 40.43
C VAL O 118 -28.19 -36.12 39.04
N ALA O 119 -29.11 -35.66 38.19
CA ALA O 119 -28.73 -35.19 36.86
C ALA O 119 -27.80 -33.98 36.94
N ARG O 120 -28.09 -33.05 37.83
CA ARG O 120 -27.26 -31.85 37.95
C ARG O 120 -25.91 -32.17 38.56
N ALA O 121 -25.86 -33.10 39.51
CA ALA O 121 -24.58 -33.52 40.08
C ALA O 121 -23.73 -34.27 39.05
N ALA O 122 -24.37 -35.06 38.18
CA ALA O 122 -23.63 -35.74 37.13
C ALA O 122 -23.10 -34.75 36.10
N ALA O 123 -23.89 -33.73 35.76
CA ALA O 123 -23.42 -32.69 34.85
C ALA O 123 -22.27 -31.90 35.46
N ASP O 124 -22.34 -31.62 36.77
CA ASP O 124 -21.25 -30.95 37.46
C ASP O 124 -19.99 -31.81 37.50
N TYR O 125 -20.16 -33.13 37.68
CA TYR O 125 -19.01 -34.02 37.74
C TYR O 125 -18.28 -34.07 36.41
N LEU O 126 -19.02 -34.11 35.31
CA LEU O 126 -18.42 -34.16 33.98
C LEU O 126 -17.99 -32.79 33.47
N GLU O 127 -18.32 -31.71 34.19
CA GLU O 127 -17.99 -30.33 33.81
C GLU O 127 -18.56 -30.00 32.43
N VAL O 128 -19.79 -30.42 32.20
CA VAL O 128 -20.49 -30.16 30.94
C VAL O 128 -21.78 -29.44 31.27
N PRO O 129 -22.34 -28.69 30.33
CA PRO O 129 -23.66 -28.09 30.54
C PRO O 129 -24.74 -29.15 30.72
N LEU O 130 -25.78 -28.78 31.47
CA LEU O 130 -26.84 -29.73 31.81
C LEU O 130 -27.59 -30.20 30.57
N TYR O 131 -27.83 -29.31 29.60
CA TYR O 131 -28.45 -29.72 28.36
C TYR O 131 -27.55 -30.67 27.56
N SER O 132 -26.23 -30.47 27.63
CA SER O 132 -25.30 -31.39 26.98
C SER O 132 -25.34 -32.77 27.63
N TYR O 133 -25.40 -32.81 28.96
CA TYR O 133 -25.47 -34.10 29.65
C TYR O 133 -26.79 -34.81 29.36
N LEU O 134 -27.90 -34.06 29.33
CA LEU O 134 -29.20 -34.68 29.14
C LEU O 134 -29.43 -35.12 27.70
N GLY O 135 -29.02 -34.31 26.73
CA GLY O 135 -29.41 -34.56 25.36
C GLY O 135 -28.32 -34.93 24.39
N GLY O 136 -27.08 -34.96 24.85
CA GLY O 136 -25.97 -35.32 23.99
C GLY O 136 -25.32 -34.11 23.35
N PHE O 137 -24.51 -34.40 22.34
CA PHE O 137 -23.72 -33.36 21.69
C PHE O 137 -24.58 -32.48 20.77
N ASN O 138 -25.67 -33.03 20.24
CA ASN O 138 -26.46 -32.33 19.21
C ASN O 138 -27.63 -31.57 19.83
N THR O 139 -27.29 -30.67 20.74
CA THR O 139 -28.28 -29.85 21.44
C THR O 139 -28.10 -28.40 20.99
N LYS O 140 -28.96 -27.95 20.08
CA LYS O 140 -28.76 -26.61 19.53
C LYS O 140 -30.02 -25.79 19.36
N VAL O 141 -31.22 -26.38 19.45
CA VAL O 141 -32.45 -25.67 19.09
C VAL O 141 -32.99 -24.94 20.31
N LEU O 142 -33.16 -23.65 20.19
CA LEU O 142 -33.74 -22.79 21.21
C LEU O 142 -35.25 -22.79 21.06
N PRO O 143 -36.00 -23.10 22.13
CA PRO O 143 -37.45 -23.26 21.99
C PRO O 143 -38.16 -21.95 21.67
N THR O 144 -39.28 -22.09 20.99
CA THR O 144 -40.14 -20.97 20.66
C THR O 144 -41.07 -20.72 21.84
N PRO O 145 -41.00 -19.56 22.47
CA PRO O 145 -41.77 -19.36 23.71
C PRO O 145 -43.23 -19.04 23.43
N MET O 146 -44.10 -19.69 24.21
CA MET O 146 -45.53 -19.35 24.20
C MET O 146 -45.77 -18.56 25.48
N MET O 147 -45.61 -17.24 25.38
CA MET O 147 -45.58 -16.36 26.54
C MET O 147 -47.02 -16.02 26.93
N ASN O 148 -47.46 -16.47 28.10
CA ASN O 148 -48.78 -16.12 28.59
C ASN O 148 -48.87 -14.62 28.86
N ILE O 149 -49.93 -13.99 28.35
CA ILE O 149 -50.07 -12.55 28.52
C ILE O 149 -51.42 -12.13 29.09
N ILE O 150 -52.47 -12.94 28.97
CA ILE O 150 -53.81 -12.60 29.44
C ILE O 150 -54.39 -13.83 30.11
N ASN O 151 -55.01 -13.64 31.27
CA ASN O 151 -55.61 -14.70 32.05
C ASN O 151 -57.13 -14.64 31.93
N GLY O 152 -57.75 -15.73 32.36
CA GLY O 152 -59.18 -15.87 32.24
C GLY O 152 -59.63 -17.14 32.90
N GLY O 153 -60.91 -17.45 32.71
CA GLY O 153 -61.51 -18.63 33.28
C GLY O 153 -61.56 -18.59 34.80
N SER O 154 -60.83 -19.49 35.45
CA SER O 154 -60.75 -19.50 36.91
C SER O 154 -59.64 -18.59 37.44
N HIS O 155 -58.86 -17.98 36.56
CA HIS O 155 -57.77 -17.10 36.95
C HIS O 155 -58.13 -15.63 36.83
N SER O 156 -59.38 -15.31 36.48
CA SER O 156 -59.79 -13.93 36.31
C SER O 156 -61.29 -13.81 36.58
N ASP O 157 -61.70 -12.59 36.93
CA ASP O 157 -63.10 -12.29 37.18
C ASP O 157 -63.84 -11.83 35.92
N ALA O 158 -63.14 -11.67 34.81
CA ALA O 158 -63.76 -11.22 33.56
C ALA O 158 -64.64 -12.32 32.99
N PRO O 159 -65.63 -11.96 32.15
CA PRO O 159 -66.43 -12.99 31.46
C PRO O 159 -65.69 -13.61 30.28
N ILE O 160 -64.62 -14.35 30.57
CA ILE O 160 -63.83 -15.05 29.58
C ILE O 160 -63.73 -16.50 30.01
N ALA O 161 -64.18 -17.42 29.15
CA ALA O 161 -64.14 -18.84 29.48
C ALA O 161 -62.75 -19.43 29.34
N PHE O 162 -61.97 -18.95 28.37
CA PHE O 162 -60.65 -19.53 28.13
C PHE O 162 -59.70 -19.16 29.26
N GLN O 163 -58.96 -20.16 29.74
CA GLN O 163 -57.98 -19.92 30.80
C GLN O 163 -56.85 -18.99 30.43
N GLU O 164 -56.19 -19.20 29.32
CA GLU O 164 -54.98 -18.44 29.05
C GLU O 164 -54.94 -17.99 27.61
N PHE O 165 -54.28 -16.86 27.39
CA PHE O 165 -53.97 -16.34 26.08
C PHE O 165 -52.48 -16.09 26.02
N MET O 166 -51.86 -16.44 24.91
CA MET O 166 -50.41 -16.39 24.77
C MET O 166 -50.01 -15.71 23.48
N ILE O 167 -48.87 -15.04 23.52
CA ILE O 167 -48.19 -14.54 22.33
C ILE O 167 -47.05 -15.49 21.98
N VAL O 168 -46.94 -15.80 20.70
CA VAL O 168 -45.91 -16.71 20.21
C VAL O 168 -45.07 -15.95 19.18
N PRO O 169 -43.88 -15.48 19.55
CA PRO O 169 -43.02 -14.74 18.60
C PRO O 169 -42.28 -15.67 17.65
N ALA O 170 -43.03 -16.35 16.79
CA ALA O 170 -42.47 -17.35 15.88
C ALA O 170 -41.65 -16.72 14.77
N GLY O 171 -41.88 -15.46 14.44
CA GLY O 171 -41.18 -14.83 13.35
C GLY O 171 -39.84 -14.24 13.69
N ALA O 172 -39.40 -14.35 14.94
CA ALA O 172 -38.15 -13.72 15.34
C ALA O 172 -36.95 -14.48 14.77
N PRO O 173 -35.85 -13.78 14.50
CA PRO O 173 -34.67 -14.48 13.97
C PRO O 173 -33.96 -15.35 15.01
N THR O 174 -33.80 -14.85 16.22
CA THR O 174 -33.11 -15.54 17.29
C THR O 174 -34.01 -15.59 18.51
N PHE O 175 -33.58 -16.35 19.53
CA PHE O 175 -34.33 -16.38 20.77
C PHE O 175 -34.23 -15.06 21.53
N LYS O 176 -33.07 -14.39 21.44
CA LYS O 176 -32.89 -13.10 22.10
C LYS O 176 -33.88 -12.07 21.56
N GLU O 177 -34.05 -12.05 20.24
CA GLU O 177 -35.02 -11.15 19.62
C GLU O 177 -36.45 -11.54 19.97
N ALA O 178 -36.75 -12.85 20.05
CA ALA O 178 -38.08 -13.28 20.46
C ALA O 178 -38.42 -12.84 21.88
N LEU O 179 -37.45 -12.96 22.78
CA LEU O 179 -37.63 -12.49 24.15
C LEU O 179 -37.83 -10.98 24.20
N ARG O 180 -37.06 -10.24 23.39
CA ARG O 180 -37.23 -8.79 23.32
C ARG O 180 -38.61 -8.41 22.81
N TRP O 181 -39.08 -9.09 21.76
CA TRP O 181 -40.41 -8.83 21.20
C TRP O 181 -41.49 -9.10 22.22
N GLY O 182 -41.35 -10.18 22.97
CA GLY O 182 -42.36 -10.47 23.96
C GLY O 182 -42.37 -9.51 25.13
N ALA O 183 -41.19 -9.07 25.58
CA ALA O 183 -41.14 -8.06 26.62
C ALA O 183 -41.75 -6.75 26.13
N GLU O 184 -41.50 -6.38 24.87
CA GLU O 184 -42.02 -5.12 24.38
C GLU O 184 -43.54 -5.19 24.20
N ILE O 185 -44.05 -6.33 23.75
CA ILE O 185 -45.51 -6.51 23.65
C ILE O 185 -46.15 -6.51 25.02
N PHE O 186 -45.48 -7.13 26.01
CA PHE O 186 -45.97 -7.13 27.39
C PHE O 186 -46.08 -5.72 27.95
N HIS O 187 -45.06 -4.91 27.72
CA HIS O 187 -45.08 -3.54 28.23
C HIS O 187 -46.08 -2.67 27.49
N ALA O 188 -46.22 -2.88 26.18
CA ALA O 188 -47.21 -2.14 25.40
C ALA O 188 -48.63 -2.51 25.86
N LEU O 189 -48.88 -3.79 26.14
CA LEU O 189 -50.17 -4.20 26.67
C LEU O 189 -50.43 -3.61 28.04
N LYS O 190 -49.39 -3.52 28.87
CA LYS O 190 -49.51 -2.87 30.17
C LYS O 190 -49.91 -1.40 30.02
N LYS O 191 -49.29 -0.71 29.07
CA LYS O 191 -49.64 0.68 28.79
C LYS O 191 -51.09 0.81 28.30
N ILE O 192 -51.51 -0.11 27.43
CA ILE O 192 -52.89 -0.10 26.92
C ILE O 192 -53.90 -0.33 28.03
N LEU O 193 -53.60 -1.28 28.92
CA LEU O 193 -54.49 -1.55 30.06
C LEU O 193 -54.54 -0.37 31.02
N LYS O 194 -53.40 0.29 31.25
CA LYS O 194 -53.40 1.50 32.08
C LYS O 194 -54.23 2.61 31.46
N GLU O 195 -54.13 2.77 30.14
CA GLU O 195 -54.96 3.77 29.45
C GLU O 195 -56.45 3.43 29.56
N ARG O 196 -56.78 2.14 29.44
CA ARG O 196 -58.18 1.72 29.54
C ARG O 196 -58.69 1.68 30.97
N GLY O 197 -57.82 1.88 31.97
CA GLY O 197 -58.25 1.86 33.34
C GLY O 197 -58.48 0.49 33.94
N LEU O 198 -57.90 -0.55 33.35
CA LEU O 198 -58.07 -1.91 33.83
C LEU O 198 -56.93 -2.29 34.76
N GLU O 199 -57.03 -3.48 35.35
CA GLU O 199 -56.04 -3.94 36.31
C GLU O 199 -54.74 -4.31 35.62
N THR O 200 -53.64 -4.08 36.33
CA THR O 200 -52.30 -4.34 35.82
C THR O 200 -51.52 -5.35 36.67
N ALA O 201 -51.87 -5.52 37.95
CA ALA O 201 -51.18 -6.47 38.81
C ALA O 201 -51.24 -7.89 38.25
N VAL O 202 -50.11 -8.57 38.32
CA VAL O 202 -49.94 -9.85 37.64
C VAL O 202 -50.41 -10.98 38.54
N GLY O 203 -50.66 -12.13 37.93
CA GLY O 203 -51.10 -13.32 38.61
C GLY O 203 -49.95 -14.27 38.90
N ASP O 204 -50.26 -15.58 38.89
CA ASP O 204 -49.26 -16.58 39.24
C ASP O 204 -48.16 -16.67 38.18
N GLU O 205 -48.55 -16.73 36.91
CA GLU O 205 -47.58 -16.85 35.82
C GLU O 205 -46.96 -15.53 35.43
N GLY O 206 -47.46 -14.41 35.94
CA GLY O 206 -46.98 -13.10 35.58
C GLY O 206 -47.79 -12.37 34.55
N GLY O 207 -48.93 -12.92 34.14
CA GLY O 207 -49.77 -12.24 33.17
C GLY O 207 -50.85 -11.42 33.83
N PHE O 208 -51.51 -10.59 33.02
CA PHE O 208 -52.58 -9.75 33.51
C PHE O 208 -53.89 -10.52 33.52
N ALA O 209 -54.80 -10.13 34.41
CA ALA O 209 -56.19 -10.60 34.35
C ALA O 209 -57.18 -9.44 34.32
N PRO O 210 -57.31 -8.71 33.20
CA PRO O 210 -58.20 -7.54 33.20
C PRO O 210 -59.65 -7.97 33.02
N ARG O 211 -60.55 -7.01 33.23
CA ARG O 211 -61.98 -7.26 33.09
C ARG O 211 -62.43 -6.90 31.68
N PHE O 212 -62.00 -7.72 30.73
CA PHE O 212 -62.41 -7.56 29.35
C PHE O 212 -63.89 -7.93 29.18
N ASN O 213 -64.48 -7.42 28.10
CA ASN O 213 -65.87 -7.74 27.81
C ASN O 213 -66.05 -9.21 27.43
N GLY O 214 -65.05 -9.80 26.77
CA GLY O 214 -65.15 -11.19 26.38
C GLY O 214 -63.84 -11.66 25.80
N THR O 215 -63.87 -12.91 25.32
CA THR O 215 -62.66 -13.52 24.75
C THR O 215 -62.22 -12.77 23.49
N GLU O 216 -63.16 -12.38 22.64
CA GLU O 216 -62.83 -11.63 21.43
C GLU O 216 -62.24 -10.27 21.78
N ASP O 217 -62.77 -9.64 22.84
CA ASP O 217 -62.20 -8.38 23.30
C ASP O 217 -60.76 -8.56 23.76
N GLY O 218 -60.47 -9.64 24.50
CA GLY O 218 -59.12 -9.90 24.94
C GLY O 218 -58.17 -10.17 23.79
N VAL O 219 -58.62 -10.94 22.80
CA VAL O 219 -57.77 -11.23 21.65
C VAL O 219 -57.51 -9.97 20.83
N GLU O 220 -58.53 -9.12 20.68
CA GLU O 220 -58.35 -7.86 19.97
C GLU O 220 -57.42 -6.90 20.71
N THR O 221 -57.50 -6.87 22.04
CA THR O 221 -56.55 -6.08 22.83
C THR O 221 -55.12 -6.60 22.68
N ILE O 222 -54.95 -7.92 22.64
CA ILE O 222 -53.63 -8.51 22.44
C ILE O 222 -53.07 -8.14 21.07
N ILE O 223 -53.92 -8.21 20.03
CA ILE O 223 -53.51 -7.81 18.69
C ILE O 223 -53.15 -6.32 18.65
N LYS O 224 -53.92 -5.49 19.36
CA LYS O 224 -53.62 -4.07 19.45
C LYS O 224 -52.26 -3.83 20.11
N ALA O 225 -51.95 -4.62 21.15
CA ALA O 225 -50.65 -4.52 21.80
C ALA O 225 -49.51 -4.95 20.89
N ILE O 226 -49.73 -6.02 20.12
CA ILE O 226 -48.73 -6.49 19.16
C ILE O 226 -48.44 -5.42 18.12
N GLU O 227 -49.49 -4.76 17.63
CA GLU O 227 -49.31 -3.69 16.66
C GLU O 227 -48.67 -2.46 17.29
N ALA O 228 -49.00 -2.15 18.54
CA ALA O 228 -48.42 -1.01 19.24
C ALA O 228 -46.93 -1.20 19.46
N ALA O 229 -46.50 -2.43 19.76
CA ALA O 229 -45.07 -2.70 19.88
C ALA O 229 -44.35 -2.54 18.55
N GLY O 230 -45.04 -2.80 17.44
CA GLY O 230 -44.45 -2.59 16.13
C GLY O 230 -44.15 -3.88 15.39
N TYR O 231 -44.97 -4.90 15.62
CA TYR O 231 -44.80 -6.20 14.98
C TYR O 231 -46.09 -6.60 14.31
N VAL O 232 -45.97 -7.39 13.24
CA VAL O 232 -47.09 -7.77 12.40
C VAL O 232 -47.76 -9.02 13.03
N PRO O 233 -49.01 -8.92 13.47
CA PRO O 233 -49.70 -10.15 13.88
C PRO O 233 -49.93 -11.07 12.69
N GLY O 234 -49.81 -12.37 12.93
CA GLY O 234 -49.97 -13.34 11.88
C GLY O 234 -48.76 -13.62 11.04
N LYS O 235 -47.72 -12.80 11.15
CA LYS O 235 -46.46 -13.04 10.47
C LYS O 235 -45.28 -13.05 11.43
N ASP O 236 -45.26 -12.14 12.41
CA ASP O 236 -44.22 -12.07 13.41
C ASP O 236 -44.64 -12.71 14.71
N VAL O 237 -45.80 -12.34 15.24
CA VAL O 237 -46.30 -12.80 16.52
C VAL O 237 -47.66 -13.43 16.31
N PHE O 238 -47.87 -14.60 16.89
CA PHE O 238 -49.10 -15.37 16.75
C PHE O 238 -49.78 -15.49 18.11
N ILE O 239 -50.98 -16.07 18.09
CA ILE O 239 -51.83 -16.14 19.27
C ILE O 239 -52.04 -17.61 19.62
N GLY O 240 -51.88 -17.94 20.89
CA GLY O 240 -52.25 -19.25 21.39
C GLY O 240 -53.31 -19.13 22.48
N LEU O 241 -54.12 -20.17 22.61
CA LEU O 241 -55.14 -20.22 23.65
C LEU O 241 -54.97 -21.47 24.48
N ASP O 242 -55.25 -21.36 25.77
CA ASP O 242 -55.43 -22.49 26.66
C ASP O 242 -56.86 -22.40 27.14
N CYS O 243 -57.76 -23.13 26.46
CA CYS O 243 -59.18 -23.03 26.74
C CYS O 243 -59.52 -23.61 28.09
N ALA O 244 -58.88 -24.74 28.36
CA ALA O 244 -59.23 -25.70 29.38
C ALA O 244 -60.67 -25.95 29.58
N SER O 245 -61.12 -26.55 28.53
CA SER O 245 -62.49 -26.89 28.38
C SER O 245 -62.93 -27.92 29.41
N SER O 246 -62.01 -28.62 30.07
CA SER O 246 -62.40 -29.56 31.13
C SER O 246 -62.96 -28.85 32.35
N GLU O 247 -62.68 -27.56 32.53
CA GLU O 247 -63.24 -26.82 33.66
C GLU O 247 -64.72 -26.53 33.49
N PHE O 248 -65.14 -26.13 32.30
CA PHE O 248 -66.53 -25.76 32.04
C PHE O 248 -67.24 -26.78 31.17
N TYR O 249 -66.97 -28.06 31.40
CA TYR O 249 -67.59 -29.13 30.65
C TYR O 249 -68.61 -29.85 31.54
N ASP O 250 -69.83 -29.98 31.05
CA ASP O 250 -70.88 -30.71 31.75
C ASP O 250 -70.76 -32.17 31.36
N ALA O 251 -70.25 -32.98 32.27
CA ALA O 251 -70.13 -34.42 32.00
C ALA O 251 -71.49 -35.10 31.94
N GLU O 252 -72.46 -34.61 32.73
CA GLU O 252 -73.78 -35.22 32.75
C GLU O 252 -74.51 -34.99 31.43
N HIS O 253 -74.51 -33.76 30.93
CA HIS O 253 -75.24 -33.41 29.72
C HIS O 253 -74.41 -33.46 28.46
N LYS O 254 -73.11 -33.77 28.56
CA LYS O 254 -72.18 -33.90 27.42
C LYS O 254 -72.18 -32.64 26.56
N VAL O 255 -71.94 -31.50 27.21
CA VAL O 255 -72.01 -30.21 26.55
C VAL O 255 -71.07 -29.25 27.27
N TYR O 256 -70.47 -28.33 26.52
CA TYR O 256 -69.53 -27.35 27.05
C TYR O 256 -70.32 -26.13 27.51
N GLY O 257 -70.52 -26.01 28.83
CA GLY O 257 -71.27 -24.91 29.39
C GLY O 257 -70.44 -23.67 29.63
N TYR O 258 -70.61 -22.66 28.78
CA TYR O 258 -69.82 -21.44 28.85
C TYR O 258 -70.36 -20.46 29.88
N THR O 259 -71.54 -20.74 30.46
CA THR O 259 -72.13 -19.86 31.45
C THR O 259 -71.40 -19.89 32.79
N LYS O 260 -70.47 -20.83 32.99
CA LYS O 260 -69.73 -20.91 34.24
C LYS O 260 -68.85 -19.68 34.45
N PHE O 261 -68.26 -19.15 33.36
CA PHE O 261 -67.37 -18.01 33.47
C PHE O 261 -67.84 -16.79 32.69
N GLU O 262 -68.50 -16.96 31.56
CA GLU O 262 -68.86 -15.84 30.70
C GLU O 262 -70.21 -15.21 31.06
N GLY O 263 -70.89 -15.72 32.09
CA GLY O 263 -72.17 -15.18 32.51
C GLY O 263 -73.34 -15.95 31.92
N GLU O 264 -74.54 -15.58 32.37
CA GLU O 264 -75.75 -16.28 31.96
C GLU O 264 -76.07 -16.08 30.47
N GLY O 265 -75.59 -14.99 29.89
CA GLY O 265 -75.79 -14.79 28.47
C GLY O 265 -74.86 -15.56 27.56
N ALA O 266 -73.95 -16.34 28.13
CA ALA O 266 -73.01 -17.11 27.32
C ALA O 266 -73.72 -18.18 26.51
N ALA O 267 -73.22 -18.41 25.31
CA ALA O 267 -73.75 -19.46 24.45
C ALA O 267 -73.26 -20.82 24.94
N VAL O 268 -74.19 -21.76 25.07
CA VAL O 268 -73.87 -23.11 25.51
C VAL O 268 -73.74 -23.97 24.27
N ARG O 269 -72.56 -24.57 24.10
CA ARG O 269 -72.19 -25.24 22.86
C ARG O 269 -71.91 -26.71 23.11
N THR O 270 -72.38 -27.57 22.21
CA THR O 270 -72.12 -29.01 22.26
C THR O 270 -70.73 -29.26 21.70
N ALA O 271 -70.40 -30.53 21.44
CA ALA O 271 -69.08 -30.87 20.91
C ALA O 271 -68.87 -30.30 19.51
N ALA O 272 -69.81 -30.55 18.59
CA ALA O 272 -69.68 -30.07 17.22
C ALA O 272 -69.72 -28.54 17.18
N GLU O 273 -70.55 -27.92 18.01
CA GLU O 273 -70.54 -26.47 18.13
C GLU O 273 -69.23 -25.96 18.70
N GLN O 274 -68.54 -26.78 19.51
CA GLN O 274 -67.23 -26.37 19.99
C GLN O 274 -66.21 -26.43 18.85
N ILE O 275 -66.33 -27.43 17.96
CA ILE O 275 -65.41 -27.49 16.82
C ILE O 275 -65.64 -26.24 15.96
N ASP O 276 -66.92 -25.89 15.78
CA ASP O 276 -67.28 -24.74 14.96
C ASP O 276 -66.79 -23.44 15.57
N TYR O 277 -66.93 -23.29 16.89
CA TYR O 277 -66.49 -22.08 17.58
C TYR O 277 -64.97 -21.93 17.52
N LEU O 278 -64.24 -23.02 17.74
CA LEU O 278 -62.79 -22.96 17.63
C LEU O 278 -62.34 -22.68 16.19
N GLU O 279 -63.07 -23.23 15.21
CA GLU O 279 -62.73 -22.98 13.82
C GLU O 279 -62.95 -21.53 13.43
N GLU O 280 -64.05 -20.91 13.89
CA GLU O 280 -64.26 -19.50 13.54
C GLU O 280 -63.32 -18.60 14.32
N LEU O 281 -62.91 -19.00 15.53
CA LEU O 281 -61.87 -18.26 16.24
C LEU O 281 -60.54 -18.32 15.49
N VAL O 282 -60.18 -19.49 14.97
CA VAL O 282 -58.95 -19.62 14.20
C VAL O 282 -59.04 -18.85 12.89
N ASN O 283 -60.20 -18.82 12.27
CA ASN O 283 -60.34 -18.08 11.03
C ASN O 283 -60.30 -16.58 11.26
N LYS O 284 -60.80 -16.12 12.41
CA LYS O 284 -60.92 -14.68 12.61
C LYS O 284 -59.59 -14.08 13.07
N TYR O 285 -58.80 -14.82 13.82
CA TYR O 285 -57.57 -14.32 14.43
C TYR O 285 -56.38 -15.18 14.03
N PRO O 286 -55.14 -14.66 14.18
CA PRO O 286 -53.96 -15.50 13.86
C PRO O 286 -53.61 -16.52 14.94
N ILE O 287 -54.55 -17.40 15.26
CA ILE O 287 -54.36 -18.39 16.30
C ILE O 287 -53.64 -19.59 15.72
N ILE O 288 -52.52 -19.95 16.32
CA ILE O 288 -51.70 -21.04 15.83
C ILE O 288 -51.70 -22.24 16.78
N THR O 289 -51.96 -22.05 18.08
CA THR O 289 -52.03 -23.15 19.03
C THR O 289 -53.31 -23.02 19.85
N ILE O 290 -53.96 -24.15 20.12
CA ILE O 290 -55.08 -24.26 21.03
C ILE O 290 -54.78 -25.43 21.95
N GLU O 291 -54.86 -25.20 23.26
CA GLU O 291 -54.49 -26.16 24.28
C GLU O 291 -55.70 -26.51 25.11
N ASP O 292 -55.91 -27.82 25.33
CA ASP O 292 -57.02 -28.36 26.12
C ASP O 292 -58.36 -27.82 25.64
N GLY O 293 -58.54 -27.84 24.33
CA GLY O 293 -59.78 -27.35 23.76
C GLY O 293 -60.97 -28.25 24.01
N MET O 294 -60.75 -29.45 24.56
CA MET O 294 -61.83 -30.37 24.83
C MET O 294 -61.60 -31.02 26.19
N ASP O 295 -62.64 -31.69 26.69
CA ASP O 295 -62.56 -32.36 27.97
C ASP O 295 -61.56 -33.51 27.90
N GLU O 296 -60.96 -33.83 29.06
CA GLU O 296 -59.94 -34.85 29.09
C GLU O 296 -60.49 -36.23 28.77
N ASN O 297 -61.79 -36.43 28.91
CA ASN O 297 -62.44 -37.71 28.62
C ASN O 297 -63.32 -37.64 27.39
N ASP O 298 -63.28 -36.55 26.63
CA ASP O 298 -64.09 -36.41 25.42
C ASP O 298 -63.22 -36.80 24.22
N TRP O 299 -63.03 -38.11 24.06
CA TRP O 299 -62.17 -38.62 23.01
C TRP O 299 -62.75 -38.38 21.62
N ASP O 300 -64.07 -38.54 21.47
CA ASP O 300 -64.72 -38.30 20.18
C ASP O 300 -64.61 -36.84 19.77
N GLY O 301 -64.81 -35.92 20.73
CA GLY O 301 -64.64 -34.50 20.44
C GLY O 301 -63.21 -34.15 20.06
N TRP O 302 -62.24 -34.78 20.74
CA TRP O 302 -60.84 -34.58 20.39
C TRP O 302 -60.54 -35.09 18.99
N LYS O 303 -61.09 -36.24 18.62
CA LYS O 303 -60.90 -36.79 17.28
C LYS O 303 -61.52 -35.90 16.21
N ALA O 304 -62.72 -35.38 16.47
CA ALA O 304 -63.35 -34.45 15.54
C ALA O 304 -62.54 -33.16 15.40
N LEU O 305 -61.96 -32.68 16.51
CA LEU O 305 -61.17 -31.45 16.48
C LEU O 305 -59.90 -31.63 15.70
N THR O 306 -59.26 -32.78 15.87
CA THR O 306 -58.05 -33.07 15.11
C THR O 306 -58.35 -33.29 13.64
N GLU O 307 -59.51 -33.88 13.32
CA GLU O 307 -59.88 -34.01 11.92
C GLU O 307 -60.13 -32.64 11.29
N ARG O 308 -60.76 -31.73 12.03
CA ARG O 308 -61.13 -30.45 11.46
C ARG O 308 -59.96 -29.47 11.41
N LEU O 309 -59.40 -29.12 12.57
CA LEU O 309 -58.39 -28.08 12.67
C LEU O 309 -56.98 -28.63 12.86
N GLY O 310 -56.79 -29.94 12.80
CA GLY O 310 -55.50 -30.51 13.18
C GLY O 310 -54.40 -30.32 12.16
N GLY O 311 -54.72 -29.84 10.96
CA GLY O 311 -53.69 -29.63 9.96
C GLY O 311 -53.19 -28.21 9.90
N LYS O 312 -53.86 -27.30 10.59
CA LYS O 312 -53.56 -25.88 10.50
C LYS O 312 -53.14 -25.28 11.82
N VAL O 313 -53.69 -25.75 12.94
CA VAL O 313 -53.32 -25.27 14.26
C VAL O 313 -52.81 -26.45 15.08
N GLN O 314 -52.11 -26.12 16.16
CA GLN O 314 -51.51 -27.10 17.04
C GLN O 314 -52.46 -27.33 18.21
N LEU O 315 -52.91 -28.56 18.38
CA LEU O 315 -53.81 -28.96 19.46
C LEU O 315 -53.00 -29.66 20.53
N VAL O 316 -52.86 -29.02 21.68
CA VAL O 316 -52.04 -29.51 22.79
C VAL O 316 -52.97 -30.19 23.79
N GLY O 317 -52.59 -31.39 24.23
CA GLY O 317 -53.32 -32.05 25.30
C GLY O 317 -52.58 -32.00 26.62
N ASP O 318 -53.03 -31.14 27.52
CA ASP O 318 -52.50 -31.06 28.88
C ASP O 318 -53.22 -31.96 29.87
N ASP O 319 -54.48 -31.68 30.09
CA ASP O 319 -55.33 -32.61 30.81
C ASP O 319 -55.69 -33.87 30.03
N PHE O 320 -55.64 -33.83 28.70
CA PHE O 320 -56.01 -34.98 27.88
C PHE O 320 -55.05 -36.14 28.06
N PHE O 321 -53.75 -35.86 28.17
CA PHE O 321 -52.74 -36.89 28.31
C PHE O 321 -52.17 -37.00 29.71
N VAL O 322 -51.88 -35.86 30.36
CA VAL O 322 -51.29 -35.73 31.69
C VAL O 322 -49.92 -36.43 31.60
N THR O 323 -49.17 -36.13 30.53
CA THR O 323 -47.75 -36.52 30.29
C THR O 323 -47.38 -37.94 30.78
N ASN O 324 -48.20 -38.91 30.41
CA ASN O 324 -47.85 -40.30 30.64
C ASN O 324 -48.10 -41.07 29.36
N THR O 325 -47.34 -42.15 29.17
CA THR O 325 -47.27 -42.79 27.87
C THR O 325 -48.54 -43.56 27.50
N ALA O 326 -49.36 -43.96 28.47
CA ALA O 326 -50.57 -44.72 28.16
C ALA O 326 -51.57 -43.87 27.37
N TYR O 327 -51.89 -42.69 27.89
CA TYR O 327 -52.80 -41.80 27.19
C TYR O 327 -52.20 -41.25 25.92
N LEU O 328 -50.89 -41.02 25.88
CA LEU O 328 -50.24 -40.55 24.66
C LEU O 328 -50.29 -41.60 23.57
N GLU O 329 -50.05 -42.87 23.91
CA GLU O 329 -50.18 -43.96 22.95
C GLU O 329 -51.61 -44.09 22.49
N LYS O 330 -52.54 -43.96 23.44
CA LYS O 330 -53.93 -44.00 23.07
C LYS O 330 -54.24 -42.82 22.14
N GLY O 331 -53.86 -41.59 22.47
CA GLY O 331 -54.09 -40.46 21.54
C GLY O 331 -53.45 -40.59 20.15
N ILE O 332 -52.24 -41.16 20.08
CA ILE O 332 -51.55 -41.34 18.80
C ILE O 332 -52.25 -42.39 17.94
N ALA O 333 -52.66 -43.51 18.54
CA ALA O 333 -53.33 -44.57 17.78
C ALA O 333 -54.73 -44.17 17.32
N GLU O 334 -55.31 -43.13 17.92
CA GLU O 334 -56.65 -42.64 17.61
C GLU O 334 -56.67 -41.30 16.92
N HIS O 335 -55.50 -40.76 16.56
CA HIS O 335 -55.35 -39.47 15.88
C HIS O 335 -56.03 -38.35 16.67
N ALA O 336 -55.79 -38.33 17.97
CA ALA O 336 -56.32 -37.30 18.86
C ALA O 336 -55.18 -36.35 19.21
N ALA O 337 -55.42 -35.05 18.98
CA ALA O 337 -54.46 -33.96 19.13
C ALA O 337 -53.24 -34.12 18.22
N ASN O 338 -52.35 -33.13 18.25
CA ASN O 338 -51.06 -33.28 17.58
C ASN O 338 -49.92 -32.78 18.45
N SER O 339 -50.18 -32.53 19.74
CA SER O 339 -49.17 -32.02 20.66
C SER O 339 -49.51 -32.48 22.05
N ILE O 340 -48.50 -32.51 22.91
CA ILE O 340 -48.66 -32.93 24.30
C ILE O 340 -47.90 -31.95 25.18
N LEU O 341 -48.53 -31.53 26.27
CA LEU O 341 -47.90 -30.65 27.24
C LEU O 341 -47.10 -31.50 28.22
N ILE O 342 -45.79 -31.37 28.20
CA ILE O 342 -44.90 -32.16 29.05
C ILE O 342 -44.69 -31.41 30.36
N LYS O 343 -45.15 -31.99 31.46
CA LYS O 343 -44.89 -31.46 32.79
C LYS O 343 -44.10 -32.48 33.59
N VAL O 344 -42.92 -32.06 34.05
CA VAL O 344 -41.94 -33.01 34.58
C VAL O 344 -42.41 -33.59 35.90
N ASN O 345 -43.07 -32.78 36.74
CA ASN O 345 -43.55 -33.24 38.03
C ASN O 345 -44.87 -34.00 37.96
N GLN O 346 -45.54 -34.01 36.82
CA GLN O 346 -46.72 -34.83 36.62
C GLN O 346 -46.42 -36.27 36.24
N ILE O 347 -45.19 -36.60 35.90
CA ILE O 347 -44.81 -37.95 35.56
C ILE O 347 -43.86 -38.55 36.60
N GLY O 348 -42.93 -37.74 37.12
CA GLY O 348 -42.18 -38.18 38.28
C GLY O 348 -40.68 -38.22 38.16
N THR O 349 -40.14 -38.63 37.02
CA THR O 349 -38.69 -38.74 36.86
C THR O 349 -38.30 -38.10 35.53
N LEU O 350 -36.99 -37.90 35.35
CA LEU O 350 -36.48 -37.38 34.08
C LEU O 350 -36.46 -38.45 32.99
N THR O 351 -36.23 -39.71 33.37
CA THR O 351 -36.23 -40.81 32.39
C THR O 351 -37.58 -40.93 31.70
N GLU O 352 -38.66 -40.91 32.47
CA GLU O 352 -39.98 -41.03 31.88
C GLU O 352 -40.41 -39.76 31.17
N THR O 353 -39.93 -38.59 31.61
CA THR O 353 -40.15 -37.35 30.87
C THR O 353 -39.54 -37.42 29.48
N PHE O 354 -38.29 -37.88 29.40
CA PHE O 354 -37.65 -37.99 28.10
C PHE O 354 -38.26 -39.10 27.26
N ASP O 355 -38.74 -40.18 27.90
CA ASP O 355 -39.47 -41.21 27.18
C ASP O 355 -40.75 -40.68 26.56
N ALA O 356 -41.50 -39.87 27.30
CA ALA O 356 -42.72 -39.28 26.76
C ALA O 356 -42.40 -38.31 25.62
N ILE O 357 -41.33 -37.54 25.76
CA ILE O 357 -40.92 -36.60 24.71
C ILE O 357 -40.56 -37.35 23.43
N GLU O 358 -39.78 -38.43 23.56
CA GLU O 358 -39.36 -39.14 22.35
C GLU O 358 -40.51 -39.92 21.73
N MET O 359 -41.42 -40.45 22.55
CA MET O 359 -42.59 -41.14 22.01
C MET O 359 -43.51 -40.19 21.26
N ALA O 360 -43.69 -38.97 21.80
CA ALA O 360 -44.46 -37.97 21.09
C ALA O 360 -43.77 -37.54 19.80
N LYS O 361 -42.45 -37.36 19.84
CA LYS O 361 -41.70 -36.95 18.66
C LYS O 361 -41.79 -37.98 17.54
N GLU O 362 -41.71 -39.27 17.90
CA GLU O 362 -41.72 -40.34 16.89
C GLU O 362 -43.04 -40.41 16.13
N ALA O 363 -44.13 -39.93 16.72
CA ALA O 363 -45.42 -39.93 16.05
C ALA O 363 -45.71 -38.64 15.30
N GLY O 364 -44.75 -37.72 15.24
CA GLY O 364 -44.97 -36.43 14.64
C GLY O 364 -45.61 -35.40 15.55
N TYR O 365 -45.88 -35.77 16.80
CA TYR O 365 -46.47 -34.84 17.75
C TYR O 365 -45.39 -33.89 18.26
N THR O 366 -45.84 -32.81 18.88
CA THR O 366 -44.94 -31.81 19.45
C THR O 366 -44.92 -31.96 20.96
N ALA O 367 -43.72 -31.94 21.54
CA ALA O 367 -43.55 -31.90 22.98
C ALA O 367 -43.32 -30.46 23.41
N VAL O 368 -44.15 -29.98 24.32
CA VAL O 368 -44.05 -28.63 24.83
C VAL O 368 -43.69 -28.73 26.30
N VAL O 369 -42.43 -28.46 26.63
CA VAL O 369 -42.00 -28.47 28.02
C VAL O 369 -42.64 -27.30 28.76
N SER O 370 -43.33 -27.59 29.85
CA SER O 370 -44.20 -26.63 30.49
C SER O 370 -43.84 -26.46 31.96
N HIS O 371 -44.28 -25.32 32.51
CA HIS O 371 -44.08 -24.95 33.90
C HIS O 371 -45.30 -25.37 34.71
N ARG O 372 -45.25 -25.05 36.00
CA ARG O 372 -46.37 -25.23 36.89
C ARG O 372 -46.78 -23.89 37.48
N SER O 373 -47.93 -23.87 38.16
CA SER O 373 -48.38 -22.66 38.83
C SER O 373 -47.41 -22.24 39.93
N GLY O 374 -46.92 -23.21 40.70
CA GLY O 374 -45.89 -22.93 41.68
C GLY O 374 -44.53 -23.35 41.21
N GLU O 375 -43.73 -22.40 40.76
CA GLU O 375 -42.40 -22.66 40.24
C GLU O 375 -41.36 -22.24 41.26
N THR O 376 -40.10 -22.40 40.87
CA THR O 376 -39.00 -22.08 41.76
C THR O 376 -37.95 -21.29 40.99
N GLU O 377 -36.79 -21.06 41.60
CA GLU O 377 -35.66 -20.46 40.89
C GLU O 377 -34.90 -21.48 40.07
N ASP O 378 -35.21 -22.77 40.23
CA ASP O 378 -34.64 -23.83 39.40
C ASP O 378 -35.08 -23.67 37.96
N SER O 379 -34.15 -23.74 37.01
CA SER O 379 -34.50 -23.57 35.60
C SER O 379 -34.14 -24.81 34.80
N THR O 380 -34.49 -25.98 35.32
CA THR O 380 -34.14 -27.24 34.66
C THR O 380 -34.94 -27.46 33.38
N ILE O 381 -36.19 -26.98 33.33
CA ILE O 381 -37.02 -27.24 32.17
C ILE O 381 -36.52 -26.53 30.92
N ALA O 382 -35.79 -25.42 31.08
CA ALA O 382 -35.12 -24.80 29.94
C ALA O 382 -34.07 -25.72 29.33
N ASP O 383 -33.26 -26.35 30.19
CA ASP O 383 -32.29 -27.33 29.73
C ASP O 383 -32.97 -28.57 29.19
N ILE O 384 -34.16 -28.92 29.71
CA ILE O 384 -34.92 -30.05 29.18
C ILE O 384 -35.40 -29.75 27.76
N ALA O 385 -35.91 -28.54 27.54
CA ALA O 385 -36.36 -28.14 26.21
C ALA O 385 -35.20 -28.08 25.21
N VAL O 386 -34.05 -27.57 25.63
CA VAL O 386 -32.90 -27.49 24.72
C VAL O 386 -32.32 -28.88 24.46
N ALA O 387 -32.28 -29.74 25.49
CA ALA O 387 -31.67 -31.06 25.37
C ALA O 387 -32.45 -31.96 24.42
N THR O 388 -33.78 -31.92 24.50
CA THR O 388 -34.60 -32.75 23.64
C THR O 388 -34.76 -32.17 22.24
N ASN O 389 -34.29 -30.94 22.00
CA ASN O 389 -34.55 -30.19 20.78
C ASN O 389 -36.05 -30.12 20.50
N ALA O 390 -36.82 -29.89 21.57
CA ALA O 390 -38.28 -29.91 21.48
C ALA O 390 -38.79 -28.79 20.57
N GLY O 391 -38.18 -27.62 20.67
CA GLY O 391 -38.48 -26.54 19.77
C GLY O 391 -39.51 -25.56 20.28
N GLN O 392 -40.24 -25.88 21.35
CA GLN O 392 -41.18 -24.97 21.99
C GLN O 392 -41.20 -25.19 23.49
N ILE O 393 -41.45 -24.10 24.23
CA ILE O 393 -41.53 -24.12 25.68
C ILE O 393 -42.72 -23.25 26.09
N LYS O 394 -43.29 -23.56 27.24
CA LYS O 394 -44.39 -22.79 27.82
C LYS O 394 -43.98 -22.55 29.24
N THR O 395 -43.26 -21.45 29.46
CA THR O 395 -42.69 -21.21 30.76
C THR O 395 -43.26 -19.95 31.37
N GLY O 396 -44.27 -19.28 30.80
CA GLY O 396 -45.00 -18.20 31.48
C GLY O 396 -44.77 -16.82 30.88
N SER O 397 -45.02 -15.78 31.69
CA SER O 397 -45.02 -14.41 31.21
C SER O 397 -43.65 -13.77 31.42
N LEU O 398 -43.58 -12.45 31.34
CA LEU O 398 -42.34 -11.69 31.39
C LEU O 398 -42.36 -10.77 32.59
N SER O 399 -42.94 -11.23 33.70
CA SER O 399 -43.14 -10.34 34.83
C SER O 399 -42.81 -10.95 36.18
N ARG O 400 -42.42 -12.22 36.26
CA ARG O 400 -41.98 -12.80 37.51
C ARG O 400 -40.80 -13.72 37.23
N THR O 401 -39.82 -13.72 38.13
CA THR O 401 -38.57 -14.43 37.90
C THR O 401 -38.68 -15.95 38.07
N ASP O 402 -39.80 -16.45 38.58
CA ASP O 402 -40.11 -17.88 38.39
C ASP O 402 -40.27 -18.30 36.93
N ARG O 403 -40.40 -17.34 36.03
CA ARG O 403 -40.49 -17.44 34.58
C ARG O 403 -39.27 -16.83 33.91
N ILE O 404 -38.87 -15.66 34.40
CA ILE O 404 -37.68 -14.97 33.89
C ILE O 404 -36.42 -15.78 34.18
N ALA O 405 -36.45 -16.64 35.20
CA ALA O 405 -35.33 -17.53 35.47
C ALA O 405 -35.11 -18.50 34.31
N LYS O 406 -36.21 -19.06 33.80
CA LYS O 406 -36.10 -19.98 32.67
C LYS O 406 -35.74 -19.22 31.40
N TYR O 407 -36.28 -18.01 31.25
CA TYR O 407 -35.93 -17.20 30.08
C TYR O 407 -34.45 -16.81 30.09
N ASN O 408 -33.92 -16.48 31.26
CA ASN O 408 -32.50 -16.14 31.38
C ASN O 408 -31.61 -17.35 31.19
N GLN O 409 -32.06 -18.52 31.65
CA GLN O 409 -31.32 -19.74 31.38
C GLN O 409 -31.28 -20.05 29.89
N LEU O 410 -32.38 -19.79 29.19
CA LEU O 410 -32.39 -19.96 27.74
C LEU O 410 -31.46 -18.96 27.04
N LEU O 411 -31.43 -17.72 27.55
CA LEU O 411 -30.48 -16.72 27.04
C LEU O 411 -29.03 -17.18 27.25
N ARG O 412 -28.74 -17.73 28.43
CA ARG O 412 -27.40 -18.25 28.72
C ARG O 412 -27.04 -19.39 27.80
N ILE O 413 -27.98 -20.32 27.57
CA ILE O 413 -27.73 -21.47 26.71
C ILE O 413 -27.47 -21.01 25.28
N GLU O 414 -28.24 -20.04 24.79
CA GLU O 414 -27.99 -19.48 23.46
C GLU O 414 -26.63 -18.82 23.39
N ASP O 415 -26.23 -18.12 24.46
CA ASP O 415 -24.92 -17.47 24.48
C ASP O 415 -23.79 -18.49 24.42
N GLN O 416 -23.90 -19.60 25.19
CA GLN O 416 -22.89 -20.65 25.12
C GLN O 416 -22.86 -21.33 23.76
N LEU O 417 -24.04 -21.60 23.18
CA LEU O 417 -24.09 -22.27 21.89
C LEU O 417 -23.49 -21.43 20.78
N GLY O 418 -23.73 -20.11 20.83
CA GLY O 418 -23.07 -19.20 19.91
C GLY O 418 -23.58 -19.27 18.50
N GLU O 419 -22.69 -19.59 17.57
CA GLU O 419 -23.02 -19.65 16.15
C GLU O 419 -23.69 -20.96 15.78
N VAL O 420 -23.75 -21.92 16.70
CA VAL O 420 -24.43 -23.17 16.43
C VAL O 420 -25.91 -23.12 16.82
N ALA O 421 -26.29 -22.21 17.74
CA ALA O 421 -27.66 -22.11 18.21
C ALA O 421 -28.63 -21.83 17.07
N GLU O 422 -29.72 -22.59 17.03
CA GLU O 422 -30.75 -22.46 16.01
C GLU O 422 -32.07 -22.09 16.65
N TYR O 423 -32.67 -21.01 16.18
CA TYR O 423 -34.03 -20.66 16.54
C TYR O 423 -34.89 -20.85 15.30
N ARG O 424 -35.86 -21.76 15.38
CA ARG O 424 -36.61 -22.13 14.19
C ARG O 424 -37.95 -21.42 14.08
N GLY O 425 -38.56 -21.05 15.20
CA GLY O 425 -39.81 -20.30 15.16
C GLY O 425 -40.94 -21.10 14.55
N LEU O 426 -41.46 -20.65 13.40
CA LEU O 426 -42.54 -21.36 12.74
C LEU O 426 -42.12 -22.75 12.28
N LYS O 427 -40.83 -22.95 11.98
CA LYS O 427 -40.33 -24.27 11.61
C LYS O 427 -40.37 -25.25 12.77
N SER O 428 -40.45 -24.76 14.00
CA SER O 428 -40.55 -25.65 15.15
C SER O 428 -41.92 -26.31 15.26
N PHE O 429 -42.91 -25.84 14.50
CA PHE O 429 -44.22 -26.46 14.45
C PHE O 429 -44.25 -27.49 13.31
N TYR O 430 -43.44 -28.54 13.47
CA TYR O 430 -43.34 -29.58 12.46
C TYR O 430 -44.58 -30.45 12.38
N ASN O 431 -45.48 -30.35 13.34
CA ASN O 431 -46.73 -31.10 13.34
C ASN O 431 -47.77 -30.50 12.40
N LEU O 432 -47.50 -29.35 11.81
CA LEU O 432 -48.42 -28.69 10.89
C LEU O 432 -47.85 -28.71 9.48
N LYS O 433 -48.75 -28.88 8.50
CA LYS O 433 -48.35 -28.97 7.11
C LYS O 433 -48.10 -27.57 6.56
N LYS O 434 -46.91 -27.37 5.98
CA LYS O 434 -46.46 -26.11 5.37
C LYS O 434 -46.47 -24.94 6.35
N MET P 1 -10.53 -33.57 53.78
CA MET P 1 -9.09 -33.38 53.85
C MET P 1 -8.73 -32.27 54.83
N SER P 2 -9.77 -31.57 55.30
CA SER P 2 -9.64 -30.60 56.36
C SER P 2 -10.06 -31.17 57.71
N ILE P 3 -10.26 -32.47 57.80
CA ILE P 3 -10.66 -33.11 59.04
C ILE P 3 -9.51 -33.06 60.03
N ILE P 4 -9.81 -32.67 61.27
CA ILE P 4 -8.81 -32.66 62.34
C ILE P 4 -8.44 -34.10 62.67
N THR P 5 -7.14 -34.40 62.64
CA THR P 5 -6.64 -35.72 62.97
C THR P 5 -5.73 -35.75 64.19
N ASP P 6 -5.18 -34.62 64.63
CA ASP P 6 -4.32 -34.65 65.81
C ASP P 6 -4.45 -33.36 66.58
N VAL P 7 -4.68 -33.48 67.89
CA VAL P 7 -4.66 -32.35 68.81
C VAL P 7 -3.73 -32.70 69.95
N TYR P 8 -2.71 -31.87 70.18
CA TYR P 8 -1.68 -32.19 71.17
C TYR P 8 -1.28 -30.93 71.91
N ALA P 9 -1.39 -30.95 73.24
CA ALA P 9 -0.95 -29.85 74.07
C ALA P 9 0.36 -30.20 74.75
N ARG P 10 1.17 -29.17 74.96
CA ARG P 10 2.42 -29.29 75.70
C ARG P 10 2.57 -28.08 76.60
N GLU P 11 3.39 -28.24 77.64
CA GLU P 11 3.60 -27.19 78.63
C GLU P 11 4.85 -26.39 78.27
N VAL P 12 4.69 -25.07 78.21
CA VAL P 12 5.75 -24.14 77.86
C VAL P 12 5.83 -23.06 78.91
N LEU P 13 6.67 -22.05 78.70
CA LEU P 13 6.82 -20.94 79.61
C LEU P 13 6.32 -19.66 78.97
N ASP P 14 5.70 -18.80 79.78
CA ASP P 14 5.21 -17.52 79.30
C ASP P 14 6.32 -16.48 79.44
N SER P 15 5.99 -15.22 79.19
CA SER P 15 6.99 -14.16 79.21
C SER P 15 7.45 -13.79 80.60
N ARG P 16 6.79 -14.28 81.65
CA ARG P 16 7.20 -14.02 83.02
C ARG P 16 7.90 -15.20 83.66
N GLY P 17 8.17 -16.25 82.90
CA GLY P 17 8.80 -17.44 83.43
C GLY P 17 7.88 -18.43 84.11
N ASN P 18 6.62 -18.19 84.11
CA ASN P 18 5.62 -19.08 84.68
C ASN P 18 5.04 -20.00 83.62
N PRO P 19 4.67 -21.22 83.97
CA PRO P 19 4.17 -22.17 82.97
C PRO P 19 2.88 -21.72 82.32
N THR P 20 2.73 -22.10 81.06
CA THR P 20 1.47 -22.02 80.33
C THR P 20 1.47 -23.23 79.39
N LEU P 21 0.52 -23.27 78.46
CA LEU P 21 0.44 -24.39 77.54
C LEU P 21 0.31 -23.88 76.12
N GLU P 22 0.64 -24.75 75.18
CA GLU P 22 0.36 -24.51 73.77
C GLU P 22 -0.23 -25.77 73.15
N VAL P 23 -1.12 -25.56 72.18
CA VAL P 23 -1.86 -26.63 71.53
C VAL P 23 -1.51 -26.63 70.05
N GLU P 24 -1.23 -27.80 69.51
CA GLU P 24 -0.95 -27.99 68.09
C GLU P 24 -2.04 -28.87 67.49
N VAL P 25 -2.59 -28.41 66.36
CA VAL P 25 -3.64 -29.11 65.64
C VAL P 25 -3.13 -29.45 64.25
N TYR P 26 -3.27 -30.72 63.88
CA TYR P 26 -2.91 -31.22 62.55
C TYR P 26 -4.16 -31.77 61.88
N THR P 27 -4.42 -31.31 60.66
CA THR P 27 -5.51 -31.85 59.86
C THR P 27 -4.96 -32.91 58.91
N GLU P 28 -5.88 -33.58 58.21
CA GLU P 28 -5.52 -34.74 57.40
C GLU P 28 -4.63 -34.36 56.23
N SER P 29 -4.87 -33.19 55.62
CA SER P 29 -4.02 -32.74 54.52
C SER P 29 -2.66 -32.22 54.99
N GLY P 30 -2.49 -32.02 56.30
CA GLY P 30 -1.23 -31.53 56.83
C GLY P 30 -1.25 -30.09 57.28
N ALA P 31 -2.41 -29.42 57.29
CA ALA P 31 -2.48 -28.07 57.81
C ALA P 31 -2.20 -28.07 59.31
N PHE P 32 -1.39 -27.12 59.74
CA PHE P 32 -0.88 -27.08 61.09
C PHE P 32 -1.26 -25.76 61.74
N GLY P 33 -1.71 -25.83 62.98
CA GLY P 33 -1.99 -24.64 63.76
C GLY P 33 -1.45 -24.77 65.16
N ARG P 34 -0.92 -23.67 65.69
CA ARG P 34 -0.38 -23.63 67.04
C ARG P 34 -0.97 -22.46 67.80
N GLY P 35 -1.57 -22.75 68.95
CA GLY P 35 -2.14 -21.73 69.80
C GLY P 35 -1.49 -21.67 71.16
N MET P 36 -0.97 -20.51 71.51
CA MET P 36 -0.33 -20.26 72.79
C MET P 36 -1.27 -19.45 73.68
N VAL P 37 -1.29 -19.77 74.96
CA VAL P 37 -2.25 -19.19 75.88
C VAL P 37 -1.53 -18.17 76.76
N PRO P 38 -2.00 -16.94 76.86
CA PRO P 38 -1.45 -16.02 77.86
C PRO P 38 -1.89 -16.40 79.26
N SER P 39 -1.08 -16.00 80.24
CA SER P 39 -1.35 -16.34 81.64
C SER P 39 -2.39 -15.40 82.22
N GLY P 40 -3.44 -15.98 82.81
CA GLY P 40 -4.51 -15.19 83.38
C GLY P 40 -4.74 -15.41 84.86
N ALA P 41 -6.00 -15.53 85.26
CA ALA P 41 -6.37 -15.70 86.66
C ALA P 41 -7.09 -17.03 86.83
N SER P 42 -6.69 -17.79 87.84
CA SER P 42 -7.29 -19.09 88.12
C SER P 42 -8.41 -19.01 89.16
N THR P 43 -8.70 -17.84 89.69
CA THR P 43 -9.70 -17.68 90.73
C THR P 43 -10.61 -16.49 90.42
N GLY P 44 -11.89 -16.68 90.67
CA GLY P 44 -12.88 -15.64 90.43
C GLY P 44 -14.26 -16.24 90.39
N GLU P 45 -15.24 -15.36 90.24
CA GLU P 45 -16.63 -15.79 90.15
C GLU P 45 -17.12 -15.83 88.71
N HIS P 46 -17.01 -14.71 88.01
CA HIS P 46 -17.47 -14.60 86.63
C HIS P 46 -16.34 -14.69 85.62
N GLU P 47 -15.11 -14.44 86.03
CA GLU P 47 -13.96 -14.61 85.16
C GLU P 47 -13.80 -16.08 84.79
N ALA P 48 -13.44 -16.34 83.55
CA ALA P 48 -13.07 -17.69 83.15
C ALA P 48 -11.77 -18.07 83.86
N VAL P 49 -11.74 -19.29 84.42
CA VAL P 49 -10.67 -19.69 85.31
C VAL P 49 -9.75 -20.67 84.57
N GLU P 50 -8.45 -20.44 84.68
CA GLU P 50 -7.46 -21.35 84.14
C GLU P 50 -7.12 -22.41 85.18
N LEU P 51 -6.66 -23.57 84.70
CA LEU P 51 -6.41 -24.71 85.56
C LEU P 51 -4.91 -24.80 85.85
N ARG P 52 -4.58 -24.91 87.13
CA ARG P 52 -3.20 -25.03 87.58
C ARG P 52 -3.02 -26.35 88.33
N ASP P 53 -1.80 -26.85 88.31
CA ASP P 53 -1.48 -28.11 88.99
C ASP P 53 -1.66 -28.00 90.49
N GLY P 54 -1.20 -26.89 91.08
CA GLY P 54 -1.26 -26.72 92.51
C GLY P 54 -0.16 -27.43 93.27
N ASP P 55 0.76 -28.09 92.58
CA ASP P 55 1.88 -28.76 93.23
C ASP P 55 2.94 -27.72 93.53
N LYS P 56 3.15 -27.43 94.82
CA LYS P 56 4.14 -26.44 95.22
C LYS P 56 5.57 -26.88 94.92
N ALA P 57 5.80 -28.18 94.75
CA ALA P 57 7.13 -28.68 94.40
C ALA P 57 7.49 -28.40 92.94
N ARG P 58 6.52 -28.11 92.10
CA ARG P 58 6.75 -27.87 90.67
C ARG P 58 6.25 -26.47 90.34
N TYR P 59 7.18 -25.57 90.02
CA TYR P 59 6.91 -24.21 89.56
C TYR P 59 6.12 -23.38 90.56
N GLY P 60 6.18 -23.74 91.83
CA GLY P 60 5.43 -23.02 92.86
C GLY P 60 3.92 -23.10 92.71
N GLY P 61 3.41 -24.24 92.26
CA GLY P 61 1.99 -24.44 92.09
C GLY P 61 1.41 -23.96 90.79
N LEU P 62 2.24 -23.43 89.89
CA LEU P 62 1.76 -22.81 88.66
C LEU P 62 1.94 -23.68 87.42
N GLY P 63 2.24 -24.97 87.59
CA GLY P 63 2.35 -25.84 86.44
C GLY P 63 1.02 -26.05 85.76
N THR P 64 1.06 -26.37 84.47
CA THR P 64 -0.15 -26.54 83.68
C THR P 64 -0.22 -27.93 83.08
N GLN P 65 0.26 -28.94 83.81
CA GLN P 65 0.20 -30.31 83.30
C GLN P 65 -1.21 -30.87 83.31
N LYS P 66 -2.04 -30.41 84.26
CA LYS P 66 -3.42 -30.88 84.33
C LYS P 66 -4.22 -30.45 83.11
N ALA P 67 -4.06 -29.21 82.68
CA ALA P 67 -4.75 -28.75 81.49
C ALA P 67 -4.18 -29.37 80.21
N VAL P 68 -2.88 -29.65 80.19
CA VAL P 68 -2.28 -30.38 79.08
C VAL P 68 -2.88 -31.77 78.96
N ASP P 69 -3.05 -32.45 80.09
CA ASP P 69 -3.70 -33.76 80.08
C ASP P 69 -5.17 -33.66 79.73
N ASN P 70 -5.83 -32.56 80.10
CA ASN P 70 -7.21 -32.35 79.69
C ASN P 70 -7.33 -32.23 78.18
N VAL P 71 -6.41 -31.50 77.54
CA VAL P 71 -6.43 -31.41 76.08
C VAL P 71 -6.11 -32.76 75.46
N ASN P 72 -5.09 -33.45 75.98
CA ASN P 72 -4.59 -34.66 75.32
C ASN P 72 -5.54 -35.83 75.47
N ASN P 73 -6.20 -35.97 76.63
CA ASN P 73 -6.99 -37.15 76.91
C ASN P 73 -8.48 -36.93 76.83
N VAL P 74 -8.96 -35.68 76.92
CA VAL P 74 -10.38 -35.39 76.97
C VAL P 74 -10.83 -34.61 75.73
N ILE P 75 -10.25 -33.44 75.52
CA ILE P 75 -10.68 -32.58 74.41
C ILE P 75 -10.33 -33.19 73.07
N ALA P 76 -9.16 -33.85 72.97
CA ALA P 76 -8.68 -34.35 71.68
C ALA P 76 -9.59 -35.43 71.11
N GLU P 77 -10.13 -36.31 71.97
CA GLU P 77 -11.02 -37.37 71.48
C GLU P 77 -12.30 -36.78 70.90
N HIS P 78 -12.86 -35.76 71.56
CA HIS P 78 -14.08 -35.14 71.06
C HIS P 78 -13.82 -34.33 69.80
N ILE P 79 -12.67 -33.64 69.73
CA ILE P 79 -12.43 -32.71 68.63
C ILE P 79 -11.96 -33.43 67.37
N ILE P 80 -11.19 -34.51 67.51
CA ILE P 80 -10.66 -35.22 66.34
C ILE P 80 -11.81 -35.83 65.57
N GLY P 81 -11.83 -35.58 64.26
CA GLY P 81 -12.93 -35.95 63.40
C GLY P 81 -13.78 -34.78 62.96
N PHE P 82 -13.71 -33.67 63.68
CA PHE P 82 -14.40 -32.46 63.26
C PHE P 82 -13.71 -31.87 62.04
N ASP P 83 -14.46 -31.06 61.30
CA ASP P 83 -13.81 -30.22 60.30
C ASP P 83 -12.97 -29.16 60.99
N VAL P 84 -12.00 -28.59 60.26
CA VAL P 84 -11.17 -27.56 60.88
C VAL P 84 -11.78 -26.18 60.67
N ARG P 85 -12.71 -26.04 59.73
CA ARG P 85 -13.25 -24.73 59.37
C ARG P 85 -14.50 -24.35 60.17
N ASP P 86 -15.03 -25.24 61.01
CA ASP P 86 -16.19 -24.92 61.84
C ASP P 86 -15.68 -24.56 63.24
N GLN P 87 -15.21 -23.32 63.37
CA GLN P 87 -14.72 -22.83 64.65
C GLN P 87 -15.85 -22.78 65.69
N GLN P 88 -17.03 -22.34 65.27
CA GLN P 88 -18.17 -22.24 66.17
C GLN P 88 -18.61 -23.60 66.69
N GLY P 89 -18.66 -24.61 65.82
CA GLY P 89 -19.06 -25.94 66.24
C GLY P 89 -18.08 -26.55 67.23
N ILE P 90 -16.77 -26.39 66.98
CA ILE P 90 -15.75 -26.91 67.89
C ILE P 90 -15.81 -26.18 69.23
N ASP P 91 -15.97 -24.86 69.21
CA ASP P 91 -16.02 -24.09 70.45
C ASP P 91 -17.26 -24.44 71.27
N ARG P 92 -18.41 -24.60 70.61
CA ARG P 92 -19.62 -25.00 71.31
C ARG P 92 -19.50 -26.41 71.86
N ALA P 93 -18.85 -27.32 71.12
CA ALA P 93 -18.62 -28.67 71.62
C ALA P 93 -17.73 -28.67 72.85
N MET P 94 -16.69 -27.83 72.85
CA MET P 94 -15.80 -27.73 74.01
C MET P 94 -16.52 -27.14 75.21
N ILE P 95 -17.36 -26.12 74.98
CA ILE P 95 -18.14 -25.52 76.07
C ILE P 95 -19.11 -26.53 76.66
N ALA P 96 -19.77 -27.33 75.79
CA ALA P 96 -20.67 -28.37 76.26
C ALA P 96 -19.93 -29.44 77.05
N LEU P 97 -18.72 -29.80 76.58
CA LEU P 97 -17.92 -30.79 77.30
C LEU P 97 -17.55 -30.28 78.69
N ASP P 98 -17.17 -29.00 78.80
CA ASP P 98 -16.81 -28.45 80.09
C ASP P 98 -18.00 -28.45 81.05
N GLY P 99 -19.13 -27.92 80.60
CA GLY P 99 -20.35 -27.94 81.39
C GLY P 99 -20.41 -26.93 82.51
N THR P 100 -19.43 -26.05 82.65
CA THR P 100 -19.48 -25.08 83.72
C THR P 100 -19.39 -23.66 83.14
N PRO P 101 -20.06 -22.68 83.78
CA PRO P 101 -20.02 -21.30 83.26
C PRO P 101 -18.63 -20.68 83.27
N ASN P 102 -17.77 -21.07 84.20
CA ASN P 102 -16.43 -20.53 84.31
C ASN P 102 -15.37 -21.39 83.65
N LYS P 103 -15.77 -22.48 82.98
CA LYS P 103 -14.87 -23.40 82.27
C LYS P 103 -13.82 -23.98 83.21
N GLY P 104 -14.23 -24.29 84.45
CA GLY P 104 -13.29 -24.76 85.44
C GLY P 104 -12.95 -26.23 85.38
N LYS P 105 -13.79 -27.03 84.72
CA LYS P 105 -13.53 -28.46 84.65
C LYS P 105 -12.34 -28.77 83.74
N LEU P 106 -12.31 -28.16 82.55
CA LEU P 106 -11.20 -28.35 81.62
C LEU P 106 -10.16 -27.25 81.70
N GLY P 107 -10.51 -26.09 82.24
CA GLY P 107 -9.59 -24.97 82.25
C GLY P 107 -9.82 -24.08 81.05
N ALA P 108 -9.93 -22.76 81.28
CA ALA P 108 -10.11 -21.83 80.16
C ALA P 108 -8.88 -21.75 79.29
N ASN P 109 -7.70 -21.98 79.88
CA ASN P 109 -6.47 -22.00 79.11
C ASN P 109 -6.46 -23.12 78.08
N ALA P 110 -6.90 -24.32 78.47
CA ALA P 110 -6.96 -25.46 77.56
C ALA P 110 -7.91 -25.19 76.40
N ILE P 111 -9.11 -24.69 76.72
CA ILE P 111 -10.11 -24.40 75.70
C ILE P 111 -9.65 -23.31 74.76
N LEU P 112 -9.04 -22.25 75.29
CA LEU P 112 -8.55 -21.16 74.45
C LEU P 112 -7.42 -21.61 73.55
N GLY P 113 -6.50 -22.41 74.07
CA GLY P 113 -5.44 -22.93 73.25
C GLY P 113 -5.94 -23.79 72.11
N VAL P 114 -6.93 -24.65 72.40
CA VAL P 114 -7.49 -25.48 71.34
C VAL P 114 -8.22 -24.64 70.32
N SER P 115 -8.99 -23.64 70.76
CA SER P 115 -9.74 -22.79 69.81
C SER P 115 -8.81 -21.97 68.91
N ILE P 116 -7.74 -21.40 69.49
CA ILE P 116 -6.78 -20.63 68.70
C ILE P 116 -6.05 -21.53 67.72
N ALA P 117 -5.63 -22.71 68.17
CA ALA P 117 -4.92 -23.64 67.29
C ALA P 117 -5.81 -24.11 66.14
N VAL P 118 -7.10 -24.35 66.42
CA VAL P 118 -8.04 -24.73 65.37
C VAL P 118 -8.23 -23.61 64.37
N ALA P 119 -8.38 -22.37 64.84
CA ALA P 119 -8.55 -21.24 63.93
C ALA P 119 -7.33 -21.03 63.05
N ARG P 120 -6.13 -21.17 63.63
CA ARG P 120 -4.91 -21.00 62.86
C ARG P 120 -4.69 -22.15 61.86
N ALA P 121 -5.05 -23.38 62.25
CA ALA P 121 -4.97 -24.50 61.32
C ALA P 121 -5.95 -24.34 60.18
N ALA P 122 -7.14 -23.78 60.45
CA ALA P 122 -8.10 -23.52 59.39
C ALA P 122 -7.61 -22.44 58.45
N ALA P 123 -6.98 -21.39 58.99
CA ALA P 123 -6.38 -20.35 58.14
C ALA P 123 -5.24 -20.92 57.30
N ASP P 124 -4.46 -21.85 57.86
CA ASP P 124 -3.40 -22.49 57.10
C ASP P 124 -3.95 -23.40 56.00
N TYR P 125 -5.05 -24.09 56.28
CA TYR P 125 -5.63 -25.01 55.30
C TYR P 125 -6.18 -24.24 54.10
N LEU P 126 -6.82 -23.11 54.34
CA LEU P 126 -7.36 -22.28 53.27
C LEU P 126 -6.30 -21.45 52.58
N GLU P 127 -5.07 -21.42 53.10
CA GLU P 127 -3.95 -20.62 52.57
C GLU P 127 -4.32 -19.15 52.51
N VAL P 128 -4.91 -18.66 53.59
CA VAL P 128 -5.32 -17.26 53.71
C VAL P 128 -4.73 -16.71 54.99
N PRO P 129 -4.56 -15.38 55.09
CA PRO P 129 -4.13 -14.79 56.36
C PRO P 129 -5.17 -14.99 57.44
N LEU P 130 -4.69 -15.03 58.69
CA LEU P 130 -5.57 -15.33 59.82
C LEU P 130 -6.66 -14.28 60.00
N TYR P 131 -6.32 -13.01 59.81
CA TYR P 131 -7.33 -11.96 59.93
C TYR P 131 -8.38 -12.06 58.84
N SER P 132 -8.00 -12.52 57.65
CA SER P 132 -8.98 -12.76 56.58
C SER P 132 -9.92 -13.90 56.95
N TYR P 133 -9.39 -14.96 57.56
CA TYR P 133 -10.24 -16.06 57.98
C TYR P 133 -11.19 -15.65 59.11
N LEU P 134 -10.69 -14.87 60.06
CA LEU P 134 -11.49 -14.50 61.23
C LEU P 134 -12.53 -13.43 60.91
N GLY P 135 -12.17 -12.43 60.11
CA GLY P 135 -13.05 -11.29 59.93
C GLY P 135 -13.68 -11.17 58.56
N GLY P 136 -13.21 -11.97 57.61
CA GLY P 136 -13.76 -11.95 56.26
C GLY P 136 -12.90 -11.17 55.29
N PHE P 137 -13.54 -10.72 54.22
CA PHE P 137 -12.82 -10.02 53.17
C PHE P 137 -12.56 -8.57 53.53
N ASN P 138 -13.44 -7.95 54.32
CA ASN P 138 -13.37 -6.51 54.57
C ASN P 138 -12.56 -6.19 55.82
N THR P 139 -11.35 -6.71 55.89
CA THR P 139 -10.45 -6.48 57.03
C THR P 139 -9.37 -5.51 56.57
N LYS P 140 -9.47 -4.26 57.02
CA LYS P 140 -8.57 -3.22 56.54
C LYS P 140 -8.04 -2.27 57.60
N VAL P 141 -8.63 -2.20 58.78
CA VAL P 141 -8.32 -1.14 59.73
C VAL P 141 -7.22 -1.59 60.67
N LEU P 142 -6.12 -0.88 60.66
CA LEU P 142 -5.00 -1.13 61.54
C LEU P 142 -5.27 -0.43 62.87
N PRO P 143 -5.21 -1.15 63.98
CA PRO P 143 -5.62 -0.57 65.26
C PRO P 143 -4.69 0.52 65.74
N THR P 144 -5.29 1.50 66.40
CA THR P 144 -4.54 2.57 67.03
C THR P 144 -3.97 2.09 68.35
N PRO P 145 -2.66 2.16 68.54
CA PRO P 145 -2.10 1.51 69.72
C PRO P 145 -2.01 2.48 70.88
N MET P 146 -2.30 1.97 72.07
CA MET P 146 -2.12 2.72 73.32
C MET P 146 -0.93 2.09 74.03
N MET P 147 0.25 2.66 73.82
CA MET P 147 1.48 2.06 74.30
C MET P 147 1.67 2.41 75.75
N ASN P 148 1.81 1.40 76.60
CA ASN P 148 2.17 1.63 77.99
C ASN P 148 3.57 2.21 78.06
N ILE P 149 3.76 3.27 78.81
CA ILE P 149 5.05 3.94 78.87
C ILE P 149 5.57 4.05 80.30
N ILE P 150 4.69 4.34 81.27
CA ILE P 150 5.05 4.51 82.67
C ILE P 150 4.09 3.68 83.50
N ASN P 151 4.62 2.92 84.44
CA ASN P 151 3.83 2.13 85.37
C ASN P 151 3.69 2.87 86.69
N GLY P 152 2.82 2.33 87.53
CA GLY P 152 2.42 2.98 88.75
C GLY P 152 1.58 2.05 89.59
N GLY P 153 1.30 2.50 90.82
CA GLY P 153 0.40 1.78 91.69
C GLY P 153 1.01 0.51 92.25
N SER P 154 0.38 -0.63 91.97
CA SER P 154 0.92 -1.91 92.40
C SER P 154 2.13 -2.33 91.59
N HIS P 155 2.40 -1.69 90.45
CA HIS P 155 3.52 -2.11 89.62
C HIS P 155 4.74 -1.22 89.81
N SER P 156 4.73 -0.31 90.79
CA SER P 156 5.90 0.51 91.03
C SER P 156 5.91 0.95 92.49
N ASP P 157 7.05 1.47 92.92
CA ASP P 157 7.21 1.98 94.27
C ASP P 157 7.02 3.49 94.36
N ALA P 158 6.80 4.16 93.23
CA ALA P 158 6.57 5.58 93.22
C ALA P 158 5.21 5.90 93.85
N PRO P 159 5.03 7.10 94.43
CA PRO P 159 3.71 7.49 94.98
C PRO P 159 2.73 7.94 93.90
N ILE P 160 2.44 7.04 92.96
CA ILE P 160 1.44 7.23 91.93
C ILE P 160 0.39 6.15 92.12
N ALA P 161 -0.86 6.55 92.29
CA ALA P 161 -1.93 5.57 92.46
C ALA P 161 -2.33 4.93 91.14
N PHE P 162 -2.18 5.65 90.03
CA PHE P 162 -2.60 5.13 88.74
C PHE P 162 -1.70 4.02 88.27
N GLN P 163 -2.32 2.95 87.76
CA GLN P 163 -1.60 1.72 87.47
C GLN P 163 -0.73 1.88 86.23
N GLU P 164 -1.25 2.52 85.17
CA GLU P 164 -0.50 2.63 83.92
C GLU P 164 -0.75 3.98 83.26
N PHE P 165 0.24 4.43 82.52
CA PHE P 165 0.17 5.63 81.68
C PHE P 165 0.52 5.22 80.25
N MET P 166 -0.16 5.83 79.29
CA MET P 166 -0.08 5.37 77.91
C MET P 166 0.09 6.55 76.98
N ILE P 167 0.77 6.32 75.87
CA ILE P 167 0.83 7.25 74.75
C ILE P 167 -0.03 6.68 73.62
N VAL P 168 -0.88 7.52 73.05
CA VAL P 168 -1.77 7.12 71.97
C VAL P 168 -1.46 8.01 70.77
N PRO P 169 -0.68 7.52 69.80
CA PRO P 169 -0.29 8.29 68.61
C PRO P 169 -1.40 8.30 67.57
N ALA P 170 -2.49 8.96 67.90
CA ALA P 170 -3.67 8.99 67.06
C ALA P 170 -3.54 9.90 65.85
N GLY P 171 -2.53 10.77 65.83
CA GLY P 171 -2.32 11.69 64.74
C GLY P 171 -1.42 11.18 63.63
N ALA P 172 -1.02 9.93 63.67
CA ALA P 172 -0.11 9.40 62.67
C ALA P 172 -0.84 9.09 61.36
N PRO P 173 -0.15 9.22 60.22
CA PRO P 173 -0.82 8.89 58.95
C PRO P 173 -1.03 7.40 58.75
N THR P 174 -0.07 6.57 59.16
CA THR P 174 -0.14 5.13 59.02
C THR P 174 0.28 4.48 60.33
N PHE P 175 0.04 3.17 60.42
CA PHE P 175 0.44 2.43 61.62
C PHE P 175 1.96 2.36 61.73
N LYS P 176 2.67 2.29 60.60
CA LYS P 176 4.12 2.28 60.62
C LYS P 176 4.67 3.56 61.23
N GLU P 177 4.10 4.71 60.85
CA GLU P 177 4.51 5.98 61.43
C GLU P 177 4.13 6.06 62.90
N ALA P 178 2.97 5.51 63.29
CA ALA P 178 2.58 5.50 64.69
C ALA P 178 3.55 4.70 65.54
N LEU P 179 3.98 3.55 65.03
CA LEU P 179 4.96 2.73 65.73
C LEU P 179 6.30 3.44 65.84
N ARG P 180 6.72 4.13 64.77
CA ARG P 180 7.96 4.89 64.81
C ARG P 180 7.88 6.02 65.84
N TRP P 181 6.74 6.70 65.90
CA TRP P 181 6.53 7.75 66.90
C TRP P 181 6.59 7.19 68.30
N GLY P 182 5.97 6.04 68.52
CA GLY P 182 6.00 5.40 69.83
C GLY P 182 7.40 5.01 70.25
N ALA P 183 8.18 4.45 69.31
CA ALA P 183 9.56 4.08 69.61
C ALA P 183 10.42 5.30 69.91
N GLU P 184 10.23 6.38 69.14
CA GLU P 184 10.99 7.61 69.36
C GLU P 184 10.66 8.24 70.71
N ILE P 185 9.37 8.26 71.09
CA ILE P 185 8.97 8.80 72.39
C ILE P 185 9.50 7.92 73.51
N PHE P 186 9.50 6.60 73.30
CA PHE P 186 10.05 5.68 74.30
C PHE P 186 11.52 5.95 74.54
N HIS P 187 12.29 6.13 73.46
CA HIS P 187 13.72 6.41 73.61
C HIS P 187 13.97 7.79 74.20
N ALA P 188 13.14 8.78 73.85
CA ALA P 188 13.27 10.12 74.42
C ALA P 188 12.98 10.11 75.92
N LEU P 189 11.96 9.36 76.35
CA LEU P 189 11.68 9.26 77.77
C LEU P 189 12.77 8.48 78.50
N LYS P 190 13.35 7.46 77.86
CA LYS P 190 14.49 6.77 78.44
C LYS P 190 15.65 7.73 78.68
N LYS P 191 15.92 8.60 77.69
CA LYS P 191 16.97 9.59 77.83
C LYS P 191 16.65 10.60 78.94
N ILE P 192 15.38 11.02 79.03
CA ILE P 192 14.98 11.99 80.07
C ILE P 192 15.13 11.39 81.46
N LEU P 193 14.72 10.12 81.63
CA LEU P 193 14.86 9.45 82.91
C LEU P 193 16.32 9.22 83.26
N LYS P 194 17.15 8.91 82.27
CA LYS P 194 18.58 8.74 82.52
C LYS P 194 19.23 10.06 82.95
N GLU P 195 18.84 11.17 82.32
CA GLU P 195 19.38 12.47 82.70
C GLU P 195 18.87 12.93 84.05
N ARG P 196 17.71 12.43 84.48
CA ARG P 196 17.14 12.78 85.77
C ARG P 196 17.61 11.86 86.89
N GLY P 197 18.38 10.83 86.58
CA GLY P 197 18.85 9.90 87.60
C GLY P 197 17.85 8.86 88.03
N LEU P 198 16.73 8.74 87.34
CA LEU P 198 15.68 7.78 87.69
C LEU P 198 15.99 6.42 87.06
N GLU P 199 15.10 5.47 87.31
CA GLU P 199 15.34 4.10 86.88
C GLU P 199 15.15 3.96 85.37
N THR P 200 15.68 2.86 84.83
CA THR P 200 15.73 2.65 83.38
C THR P 200 15.15 1.27 83.03
N ALA P 201 15.24 0.34 83.99
CA ALA P 201 14.76 -1.02 83.75
C ALA P 201 13.24 -1.04 83.58
N VAL P 202 12.76 -2.00 82.79
CA VAL P 202 11.37 -2.07 82.41
C VAL P 202 10.66 -3.13 83.24
N GLY P 203 9.34 -3.08 83.22
CA GLY P 203 8.50 -4.01 83.97
C GLY P 203 7.99 -5.14 83.10
N ASP P 204 6.91 -5.77 83.58
CA ASP P 204 6.34 -6.93 82.89
C ASP P 204 5.81 -6.56 81.50
N GLU P 205 5.18 -5.40 81.38
CA GLU P 205 4.60 -4.95 80.12
C GLU P 205 5.59 -4.15 79.27
N GLY P 206 6.83 -3.99 79.72
CA GLY P 206 7.84 -3.30 78.96
C GLY P 206 7.99 -1.82 79.26
N GLY P 207 7.30 -1.31 80.27
CA GLY P 207 7.34 0.10 80.56
C GLY P 207 8.17 0.43 81.79
N PHE P 208 8.67 1.66 81.84
CA PHE P 208 9.47 2.10 82.96
C PHE P 208 8.59 2.29 84.20
N ALA P 209 9.19 2.07 85.37
CA ALA P 209 8.54 2.36 86.65
C ALA P 209 9.46 3.21 87.50
N PRO P 210 9.65 4.48 87.16
CA PRO P 210 10.57 5.32 87.90
C PRO P 210 9.90 5.91 89.14
N ARG P 211 10.74 6.46 90.01
CA ARG P 211 10.29 7.03 91.28
C ARG P 211 9.92 8.49 91.06
N PHE P 212 8.70 8.70 90.57
CA PHE P 212 8.19 10.04 90.32
C PHE P 212 7.73 10.66 91.64
N ASN P 213 7.35 11.94 91.57
CA ASN P 213 6.85 12.67 92.73
C ASN P 213 5.32 12.79 92.73
N GLY P 214 4.64 12.05 91.87
CA GLY P 214 3.19 12.09 91.83
C GLY P 214 2.70 11.81 90.42
N THR P 215 1.37 11.75 90.31
CA THR P 215 0.74 11.51 89.00
C THR P 215 1.02 12.65 88.04
N GLU P 216 0.91 13.89 88.52
CA GLU P 216 1.11 15.07 87.68
C GLU P 216 2.54 15.12 87.17
N ASP P 217 3.49 14.72 88.01
CA ASP P 217 4.89 14.67 87.60
C ASP P 217 5.10 13.67 86.47
N GLY P 218 4.49 12.49 86.57
CA GLY P 218 4.64 11.50 85.52
C GLY P 218 3.99 11.94 84.21
N VAL P 219 2.80 12.55 84.30
CA VAL P 219 2.14 13.04 83.10
C VAL P 219 2.99 14.12 82.45
N GLU P 220 3.50 15.07 83.25
CA GLU P 220 4.32 16.17 82.72
C GLU P 220 5.60 15.65 82.08
N THR P 221 6.23 14.62 82.66
CA THR P 221 7.39 13.99 82.03
C THR P 221 7.03 13.31 80.71
N ILE P 222 5.85 12.68 80.63
CA ILE P 222 5.44 12.05 79.38
C ILE P 222 5.22 13.10 78.30
N ILE P 223 4.51 14.17 78.65
CA ILE P 223 4.42 15.31 77.73
C ILE P 223 5.79 15.75 77.32
N LYS P 224 6.74 15.93 78.28
CA LYS P 224 8.12 16.37 77.99
C LYS P 224 8.84 15.46 77.00
N ALA P 225 8.62 14.15 77.12
CA ALA P 225 9.19 13.19 76.19
C ALA P 225 8.57 13.31 74.79
N ILE P 226 7.27 13.57 74.72
CA ILE P 226 6.59 13.82 73.44
C ILE P 226 7.21 15.04 72.76
N GLU P 227 7.50 16.10 73.54
CA GLU P 227 8.18 17.26 72.92
C GLU P 227 9.58 16.91 72.47
N ALA P 228 10.30 16.13 73.28
CA ALA P 228 11.68 15.78 72.96
C ALA P 228 11.76 14.94 71.70
N ALA P 229 10.75 14.09 71.45
CA ALA P 229 10.71 13.35 70.20
C ALA P 229 10.37 14.25 69.02
N GLY P 230 9.64 15.33 69.25
CA GLY P 230 9.33 16.29 68.21
C GLY P 230 7.89 16.26 67.75
N TYR P 231 6.98 15.91 68.65
CA TYR P 231 5.56 15.76 68.33
C TYR P 231 4.73 16.63 69.25
N VAL P 232 3.53 16.95 68.78
CA VAL P 232 2.63 17.87 69.46
C VAL P 232 1.67 17.07 70.32
N PRO P 233 1.69 17.24 71.65
CA PRO P 233 0.65 16.64 72.49
C PRO P 233 -0.72 17.22 72.16
N GLY P 234 -1.72 16.35 72.16
CA GLY P 234 -3.08 16.76 71.87
C GLY P 234 -3.42 16.90 70.41
N LYS P 235 -2.42 16.83 69.53
CA LYS P 235 -2.68 16.80 68.09
C LYS P 235 -2.12 15.54 67.45
N ASP P 236 -0.86 15.21 67.74
CA ASP P 236 -0.19 14.00 67.26
C ASP P 236 -0.28 12.84 68.25
N VAL P 237 0.09 13.08 69.50
CA VAL P 237 0.17 12.04 70.51
C VAL P 237 -0.67 12.46 71.70
N PHE P 238 -1.50 11.56 72.18
CA PHE P 238 -2.39 11.81 73.31
C PHE P 238 -1.97 10.94 74.48
N ILE P 239 -2.59 11.17 75.64
CA ILE P 239 -2.26 10.45 76.86
C ILE P 239 -3.44 9.55 77.20
N GLY P 240 -3.15 8.40 77.81
CA GLY P 240 -4.19 7.55 78.36
C GLY P 240 -3.83 7.09 79.75
N LEU P 241 -4.85 6.86 80.55
CA LEU P 241 -4.68 6.45 81.93
C LEU P 241 -5.29 5.07 82.13
N ASP P 242 -4.67 4.28 83.00
CA ASP P 242 -5.23 3.02 83.48
C ASP P 242 -5.16 3.14 84.99
N CYS P 243 -6.24 3.64 85.61
CA CYS P 243 -6.25 3.91 87.03
C CYS P 243 -6.24 2.63 87.86
N ALA P 244 -6.99 1.60 87.40
CA ALA P 244 -7.24 0.37 88.15
C ALA P 244 -7.71 0.69 89.57
N SER P 245 -8.84 1.41 89.63
CA SER P 245 -9.33 1.95 90.88
C SER P 245 -9.77 0.89 91.88
N SER P 246 -9.94 -0.36 91.44
CA SER P 246 -10.29 -1.43 92.36
C SER P 246 -9.22 -1.71 93.40
N GLU P 247 -7.96 -1.33 93.13
CA GLU P 247 -6.90 -1.59 94.09
C GLU P 247 -6.99 -0.65 95.29
N PHE P 248 -7.30 0.62 95.07
CA PHE P 248 -7.33 1.62 96.13
C PHE P 248 -8.76 2.10 96.40
N TYR P 249 -9.73 1.19 96.36
CA TYR P 249 -11.11 1.50 96.66
C TYR P 249 -11.49 0.81 97.96
N ASP P 250 -11.95 1.58 98.92
CA ASP P 250 -12.45 1.06 100.19
C ASP P 250 -13.91 0.70 100.02
N ALA P 251 -14.22 -0.60 100.06
CA ALA P 251 -15.57 -1.06 99.83
C ALA P 251 -16.52 -0.60 100.93
N GLU P 252 -16.06 -0.64 102.17
CA GLU P 252 -16.96 -0.27 103.24
C GLU P 252 -17.20 1.23 103.33
N HIS P 253 -16.15 2.06 103.14
CA HIS P 253 -16.39 3.49 103.31
C HIS P 253 -16.80 4.12 101.98
N LYS P 254 -16.77 3.35 100.88
CA LYS P 254 -17.13 3.81 99.53
C LYS P 254 -16.31 5.03 99.09
N VAL P 255 -15.01 5.01 99.41
CA VAL P 255 -14.11 6.09 99.05
C VAL P 255 -12.89 5.50 98.34
N TYR P 256 -12.26 6.32 97.51
CA TYR P 256 -11.06 5.94 96.78
C TYR P 256 -9.87 6.49 97.54
N GLY P 257 -9.26 5.65 98.36
CA GLY P 257 -8.15 6.08 99.20
C GLY P 257 -6.81 5.99 98.52
N TYR P 258 -6.23 7.15 98.18
CA TYR P 258 -4.91 7.19 97.58
C TYR P 258 -3.79 6.98 98.59
N THR P 259 -4.12 6.82 99.87
CA THR P 259 -3.12 6.53 100.89
C THR P 259 -2.45 5.18 100.71
N LYS P 260 -3.05 4.29 99.91
CA LYS P 260 -2.45 2.98 99.68
C LYS P 260 -1.15 3.07 98.87
N PHE P 261 -1.08 4.01 97.93
CA PHE P 261 0.09 4.13 97.06
C PHE P 261 0.77 5.49 97.14
N GLU P 262 0.02 6.58 97.22
CA GLU P 262 0.55 7.92 97.10
C GLU P 262 1.07 8.49 98.42
N GLY P 263 0.98 7.74 99.51
CA GLY P 263 1.52 8.16 100.78
C GLY P 263 0.43 8.49 101.80
N GLU P 264 0.86 8.65 103.05
CA GLU P 264 -0.08 8.90 104.13
C GLU P 264 -0.74 10.27 104.02
N GLY P 265 -0.08 11.23 103.36
CA GLY P 265 -0.66 12.53 103.13
C GLY P 265 -1.56 12.63 101.92
N ALA P 266 -1.80 11.53 101.22
CA ALA P 266 -2.62 11.55 100.01
C ALA P 266 -4.07 11.82 100.37
N ALA P 267 -4.81 12.32 99.37
CA ALA P 267 -6.19 12.73 99.56
C ALA P 267 -7.13 11.56 99.33
N VAL P 268 -8.04 11.35 100.27
CA VAL P 268 -9.10 10.35 100.15
C VAL P 268 -10.36 11.07 99.70
N ARG P 269 -10.95 10.60 98.60
CA ARG P 269 -12.10 11.28 98.03
C ARG P 269 -13.21 10.29 97.71
N THR P 270 -14.44 10.79 97.68
CA THR P 270 -15.62 9.99 97.37
C THR P 270 -15.74 9.83 95.85
N ALA P 271 -16.86 9.26 95.39
CA ALA P 271 -17.05 9.03 93.96
C ALA P 271 -17.15 10.34 93.18
N ALA P 272 -17.92 11.30 93.70
CA ALA P 272 -18.09 12.58 93.02
C ALA P 272 -16.79 13.37 92.97
N GLU P 273 -16.03 13.35 94.06
CA GLU P 273 -14.75 14.03 94.05
C GLU P 273 -13.72 13.29 93.19
N GLN P 274 -13.84 11.96 93.07
CA GLN P 274 -13.01 11.21 92.13
C GLN P 274 -13.30 11.61 90.69
N ILE P 275 -14.58 11.79 90.37
CA ILE P 275 -14.97 12.26 89.04
C ILE P 275 -14.46 13.67 88.79
N ASP P 276 -14.51 14.52 89.83
CA ASP P 276 -13.93 15.86 89.72
C ASP P 276 -12.44 15.82 89.46
N TYR P 277 -11.73 14.91 90.13
CA TYR P 277 -10.28 14.78 89.93
C TYR P 277 -9.97 14.32 88.52
N LEU P 278 -10.71 13.32 88.02
CA LEU P 278 -10.50 12.85 86.66
C LEU P 278 -10.82 13.94 85.65
N GLU P 279 -11.86 14.73 85.90
CA GLU P 279 -12.23 15.83 85.01
C GLU P 279 -11.15 16.90 84.99
N GLU P 280 -10.59 17.25 86.15
CA GLU P 280 -9.53 18.25 86.15
C GLU P 280 -8.26 17.69 85.52
N LEU P 281 -8.02 16.38 85.62
CA LEU P 281 -6.89 15.77 84.92
C LEU P 281 -7.06 15.85 83.42
N VAL P 282 -8.25 15.56 82.91
CA VAL P 282 -8.45 15.63 81.46
C VAL P 282 -8.53 17.07 80.97
N ASN P 283 -8.83 18.02 81.85
CA ASN P 283 -8.75 19.43 81.47
C ASN P 283 -7.30 19.91 81.41
N LYS P 284 -6.48 19.48 82.37
CA LYS P 284 -5.09 19.93 82.43
C LYS P 284 -4.21 19.30 81.36
N TYR P 285 -4.49 18.05 80.98
CA TYR P 285 -3.64 17.26 80.13
C TYR P 285 -4.43 16.71 78.95
N PRO P 286 -3.76 16.38 77.82
CA PRO P 286 -4.47 15.81 76.67
C PRO P 286 -4.79 14.33 76.84
N ILE P 287 -5.65 14.03 77.81
CA ILE P 287 -6.02 12.67 78.14
C ILE P 287 -7.22 12.29 77.30
N ILE P 288 -7.12 11.18 76.57
CA ILE P 288 -8.16 10.76 75.67
C ILE P 288 -8.87 9.50 76.16
N THR P 289 -8.18 8.62 76.89
CA THR P 289 -8.78 7.40 77.41
C THR P 289 -8.48 7.31 78.89
N ILE P 290 -9.45 6.84 79.67
CA ILE P 290 -9.29 6.53 81.08
C ILE P 290 -9.87 5.14 81.30
N GLU P 291 -9.06 4.23 81.81
CA GLU P 291 -9.43 2.84 82.01
C GLU P 291 -9.57 2.60 83.50
N ASP P 292 -10.69 1.98 83.89
CA ASP P 292 -11.03 1.64 85.27
C ASP P 292 -10.99 2.87 86.17
N GLY P 293 -11.64 3.95 85.70
CA GLY P 293 -11.69 5.18 86.47
C GLY P 293 -12.40 5.02 87.79
N MET P 294 -13.39 4.13 87.86
CA MET P 294 -14.12 3.84 89.07
C MET P 294 -13.96 2.35 89.41
N ASP P 295 -14.53 1.95 90.54
CA ASP P 295 -14.42 0.58 91.00
C ASP P 295 -15.29 -0.34 90.15
N GLU P 296 -14.91 -1.62 90.11
CA GLU P 296 -15.63 -2.60 89.32
C GLU P 296 -17.06 -2.80 89.80
N ASN P 297 -17.33 -2.59 91.08
CA ASN P 297 -18.67 -2.75 91.63
C ASN P 297 -19.38 -1.42 91.85
N ASP P 298 -18.72 -0.30 91.55
CA ASP P 298 -19.31 1.03 91.72
C ASP P 298 -20.08 1.37 90.45
N TRP P 299 -21.30 0.84 90.36
CA TRP P 299 -22.11 1.06 89.17
C TRP P 299 -22.65 2.48 89.08
N ASP P 300 -23.09 3.04 90.22
CA ASP P 300 -23.54 4.42 90.24
C ASP P 300 -22.39 5.38 89.94
N GLY P 301 -21.21 5.10 90.48
CA GLY P 301 -20.04 5.90 90.16
C GLY P 301 -19.65 5.82 88.70
N TRP P 302 -19.75 4.62 88.11
CA TRP P 302 -19.47 4.45 86.69
C TRP P 302 -20.46 5.23 85.83
N LYS P 303 -21.75 5.19 86.21
CA LYS P 303 -22.76 5.93 85.47
C LYS P 303 -22.55 7.44 85.57
N ALA P 304 -22.21 7.92 86.77
CA ALA P 304 -21.95 9.35 86.95
C ALA P 304 -20.72 9.79 86.15
N LEU P 305 -19.67 8.96 86.15
CA LEU P 305 -18.46 9.27 85.40
C LEU P 305 -18.72 9.30 83.90
N THR P 306 -19.50 8.33 83.40
CA THR P 306 -19.75 8.28 81.96
C THR P 306 -20.74 9.33 81.49
N GLU P 307 -21.61 9.86 82.37
CA GLU P 307 -22.39 11.02 81.97
C GLU P 307 -21.55 12.28 82.02
N ARG P 308 -20.65 12.40 82.99
CA ARG P 308 -19.86 13.63 83.11
C ARG P 308 -18.82 13.75 82.01
N LEU P 309 -18.10 12.66 81.72
CA LEU P 309 -16.94 12.72 80.84
C LEU P 309 -17.05 11.84 79.61
N GLY P 310 -18.13 11.07 79.45
CA GLY P 310 -18.19 10.09 78.38
C GLY P 310 -18.34 10.66 76.99
N GLY P 311 -18.54 11.98 76.87
CA GLY P 311 -18.66 12.56 75.55
C GLY P 311 -17.34 12.91 74.90
N LYS P 312 -16.35 13.30 75.69
CA LYS P 312 -15.06 13.72 75.17
C LYS P 312 -13.91 12.80 75.55
N VAL P 313 -14.09 11.92 76.52
CA VAL P 313 -13.03 11.03 76.98
C VAL P 313 -13.56 9.60 76.95
N GLN P 314 -12.79 8.69 76.34
CA GLN P 314 -13.14 7.28 76.29
C GLN P 314 -12.90 6.67 77.66
N LEU P 315 -13.86 5.96 78.18
CA LEU P 315 -13.87 5.31 79.48
C LEU P 315 -13.98 3.80 79.27
N VAL P 316 -12.91 3.09 79.62
CA VAL P 316 -12.77 1.67 79.35
C VAL P 316 -13.07 0.89 80.61
N GLY P 317 -13.87 -0.17 80.48
CA GLY P 317 -14.11 -1.06 81.60
C GLY P 317 -13.33 -2.35 81.49
N ASP P 318 -12.29 -2.51 82.29
CA ASP P 318 -11.53 -3.73 82.17
C ASP P 318 -12.04 -4.73 83.20
N ASP P 319 -12.20 -4.26 84.42
CA ASP P 319 -12.64 -5.12 85.49
C ASP P 319 -14.12 -4.89 85.81
N PHE P 320 -14.72 -3.88 85.19
CA PHE P 320 -16.14 -3.63 85.34
C PHE P 320 -16.86 -4.71 84.57
N PHE P 321 -16.41 -4.95 83.36
CA PHE P 321 -16.93 -5.99 82.49
C PHE P 321 -15.75 -6.88 82.21
N VAL P 322 -15.61 -8.00 82.89
CA VAL P 322 -14.44 -8.84 82.67
C VAL P 322 -14.69 -9.71 81.41
N THR P 323 -14.76 -9.07 80.24
CA THR P 323 -15.08 -9.71 78.96
C THR P 323 -16.30 -10.62 79.09
N ASN P 324 -17.29 -10.18 79.88
CA ASN P 324 -18.53 -10.90 80.08
C ASN P 324 -19.58 -10.15 79.28
N THR P 325 -20.21 -10.83 78.32
CA THR P 325 -21.29 -10.20 77.58
C THR P 325 -22.46 -9.86 78.50
N ALA P 326 -22.59 -10.57 79.61
CA ALA P 326 -23.65 -10.38 80.60
C ALA P 326 -23.54 -9.05 81.35
N TYR P 327 -22.33 -8.64 81.74
CA TYR P 327 -22.12 -7.36 82.39
C TYR P 327 -22.09 -6.23 81.38
N LEU P 328 -21.62 -6.54 80.16
CA LEU P 328 -21.60 -5.56 79.08
C LEU P 328 -23.01 -5.22 78.64
N GLU P 329 -23.94 -6.20 78.65
CA GLU P 329 -25.35 -5.89 78.38
C GLU P 329 -25.88 -4.91 79.41
N LYS P 330 -25.57 -5.14 80.69
CA LYS P 330 -26.04 -4.30 81.78
C LYS P 330 -25.38 -2.93 81.75
N GLY P 331 -24.15 -2.85 81.26
CA GLY P 331 -23.48 -1.57 81.14
C GLY P 331 -24.04 -0.78 79.99
N ILE P 332 -24.39 -1.46 78.89
CA ILE P 332 -24.94 -0.77 77.73
C ILE P 332 -26.31 -0.23 78.07
N ALA P 333 -27.01 -0.87 79.00
CA ALA P 333 -28.35 -0.48 79.38
C ALA P 333 -28.39 0.57 80.49
N GLU P 334 -27.50 0.46 81.50
CA GLU P 334 -27.38 1.43 82.56
C GLU P 334 -26.66 2.68 82.09
N HIS P 335 -26.10 2.62 80.88
CA HIS P 335 -25.37 3.69 80.23
C HIS P 335 -24.06 3.95 80.96
N ALA P 336 -23.29 2.89 81.27
CA ALA P 336 -22.02 2.92 81.99
C ALA P 336 -20.87 2.57 81.05
N ALA P 337 -19.83 3.42 81.00
CA ALA P 337 -18.64 3.24 80.16
C ALA P 337 -18.97 3.47 78.69
N ASN P 338 -17.95 3.46 77.84
CA ASN P 338 -18.12 3.69 76.42
C ASN P 338 -17.12 2.81 75.70
N SER P 339 -16.56 1.82 76.39
CA SER P 339 -15.56 0.93 75.83
C SER P 339 -15.38 -0.26 76.75
N ILE P 340 -14.95 -1.38 76.18
CA ILE P 340 -14.70 -2.60 76.93
C ILE P 340 -13.29 -3.04 76.57
N LEU P 341 -12.53 -3.59 77.53
CA LEU P 341 -11.22 -4.17 77.22
C LEU P 341 -11.44 -5.65 77.01
N ILE P 342 -11.25 -6.14 75.80
CA ILE P 342 -11.46 -7.55 75.47
C ILE P 342 -10.16 -8.31 75.68
N LYS P 343 -10.12 -9.21 76.64
CA LYS P 343 -9.00 -10.12 76.89
C LYS P 343 -9.52 -11.53 76.68
N VAL P 344 -9.09 -12.19 75.59
CA VAL P 344 -9.61 -13.48 75.13
C VAL P 344 -9.56 -14.61 76.17
N ASN P 345 -8.77 -14.50 77.23
CA ASN P 345 -8.62 -15.58 78.20
C ASN P 345 -9.49 -15.37 79.42
N GLN P 346 -10.28 -14.33 79.42
CA GLN P 346 -11.23 -14.01 80.46
C GLN P 346 -12.58 -14.47 79.94
N ILE P 347 -12.59 -15.06 78.73
CA ILE P 347 -13.82 -15.55 78.15
C ILE P 347 -13.54 -17.01 77.78
N GLY P 348 -12.44 -17.33 77.06
CA GLY P 348 -12.04 -18.70 76.87
C GLY P 348 -12.04 -19.17 75.44
N THR P 349 -12.90 -18.64 74.57
CA THR P 349 -12.97 -19.16 73.20
C THR P 349 -12.96 -17.96 72.27
N LEU P 350 -12.75 -18.19 70.98
CA LEU P 350 -12.64 -17.13 69.99
C LEU P 350 -14.01 -16.72 69.47
N THR P 351 -14.97 -17.66 69.54
CA THR P 351 -16.36 -17.40 69.18
C THR P 351 -17.01 -16.44 70.14
N GLU P 352 -16.73 -16.61 71.39
CA GLU P 352 -17.30 -15.81 72.44
C GLU P 352 -16.62 -14.45 72.65
N THR P 353 -15.41 -14.32 72.11
CA THR P 353 -14.67 -13.06 72.09
C THR P 353 -15.22 -12.16 71.03
N PHE P 354 -15.59 -12.76 69.90
CA PHE P 354 -16.01 -12.01 68.73
C PHE P 354 -17.49 -11.68 68.89
N ASP P 355 -18.17 -12.42 69.78
CA ASP P 355 -19.55 -12.12 70.14
C ASP P 355 -19.64 -10.93 71.09
N ALA P 356 -18.63 -10.77 71.97
CA ALA P 356 -18.54 -9.62 72.85
C ALA P 356 -17.98 -8.41 72.14
N ILE P 357 -17.17 -8.62 71.10
CA ILE P 357 -16.74 -7.49 70.28
C ILE P 357 -17.90 -6.93 69.46
N GLU P 358 -18.71 -7.82 68.85
CA GLU P 358 -19.82 -7.34 68.03
C GLU P 358 -20.92 -6.72 68.88
N MET P 359 -21.17 -7.28 70.07
CA MET P 359 -22.12 -6.65 71.00
C MET P 359 -21.68 -5.27 71.42
N ALA P 360 -20.38 -5.09 71.71
CA ALA P 360 -19.88 -3.76 72.04
C ALA P 360 -20.00 -2.81 70.85
N LYS P 361 -19.68 -3.29 69.64
CA LYS P 361 -19.77 -2.45 68.45
C LYS P 361 -21.20 -1.99 68.18
N GLU P 362 -22.16 -2.89 68.37
CA GLU P 362 -23.56 -2.57 68.11
C GLU P 362 -24.13 -1.49 69.03
N ALA P 363 -23.52 -1.29 70.19
CA ALA P 363 -23.97 -0.30 71.14
C ALA P 363 -23.18 1.00 71.09
N GLY P 364 -22.29 1.14 70.11
CA GLY P 364 -21.46 2.32 70.02
C GLY P 364 -20.19 2.26 70.83
N TYR P 365 -19.97 1.19 71.58
CA TYR P 365 -18.75 1.04 72.36
C TYR P 365 -17.60 0.71 71.44
N THR P 366 -16.39 1.08 71.86
CA THR P 366 -15.18 0.67 71.16
C THR P 366 -14.55 -0.47 71.94
N ALA P 367 -14.46 -1.63 71.32
CA ALA P 367 -13.77 -2.76 71.92
C ALA P 367 -12.27 -2.63 71.69
N VAL P 368 -11.50 -2.80 72.75
CA VAL P 368 -10.04 -2.70 72.68
C VAL P 368 -9.47 -4.07 72.97
N VAL P 369 -8.81 -4.67 71.99
CA VAL P 369 -8.13 -5.94 72.20
C VAL P 369 -6.92 -5.71 73.09
N SER P 370 -6.76 -6.55 74.11
CA SER P 370 -5.77 -6.31 75.17
C SER P 370 -4.89 -7.52 75.37
N HIS P 371 -3.69 -7.25 75.87
CA HIS P 371 -2.71 -8.26 76.24
C HIS P 371 -2.85 -8.62 77.71
N ARG P 372 -2.12 -9.66 78.11
CA ARG P 372 -2.02 -10.07 79.50
C ARG P 372 -0.61 -9.77 80.02
N SER P 373 -0.45 -9.87 81.34
CA SER P 373 0.86 -9.64 81.94
C SER P 373 1.87 -10.66 81.48
N GLY P 374 1.48 -11.93 81.43
CA GLY P 374 2.31 -12.95 80.85
C GLY P 374 1.87 -13.32 79.46
N GLU P 375 2.57 -12.81 78.46
CA GLU P 375 2.23 -13.06 77.08
C GLU P 375 3.16 -14.12 76.51
N THR P 376 3.04 -14.38 75.22
CA THR P 376 3.84 -15.40 74.55
C THR P 376 4.38 -14.83 73.25
N GLU P 377 5.00 -15.68 72.43
CA GLU P 377 5.44 -15.28 71.10
C GLU P 377 4.28 -15.27 70.10
N ASP P 378 3.11 -15.78 70.50
CA ASP P 378 1.91 -15.72 69.67
C ASP P 378 1.49 -14.29 69.42
N SER P 379 0.88 -14.01 68.28
CA SER P 379 0.39 -12.67 67.97
C SER P 379 -1.01 -12.77 67.36
N THR P 380 -1.87 -13.58 67.98
CA THR P 380 -3.23 -13.76 67.48
C THR P 380 -4.11 -12.54 67.78
N ILE P 381 -3.82 -11.81 68.86
CA ILE P 381 -4.68 -10.68 69.20
C ILE P 381 -4.55 -9.56 68.18
N ALA P 382 -3.41 -9.46 67.50
CA ALA P 382 -3.28 -8.51 66.39
C ALA P 382 -4.21 -8.87 65.24
N ASP P 383 -4.27 -10.16 64.90
CA ASP P 383 -5.19 -10.62 63.87
C ASP P 383 -6.64 -10.46 64.30
N ILE P 384 -6.93 -10.61 65.60
CA ILE P 384 -8.26 -10.36 66.12
C ILE P 384 -8.64 -8.89 65.97
N ALA P 385 -7.69 -7.99 66.31
CA ALA P 385 -7.96 -6.56 66.21
C ALA P 385 -8.19 -6.12 64.77
N VAL P 386 -7.39 -6.63 63.84
CA VAL P 386 -7.58 -6.26 62.43
C VAL P 386 -8.85 -6.92 61.87
N ALA P 387 -9.12 -8.16 62.27
CA ALA P 387 -10.26 -8.90 61.73
C ALA P 387 -11.58 -8.28 62.12
N THR P 388 -11.69 -7.78 63.35
CA THR P 388 -12.92 -7.16 63.81
C THR P 388 -13.03 -5.70 63.41
N ASN P 389 -11.97 -5.12 62.83
CA ASN P 389 -11.88 -3.68 62.54
C ASN P 389 -12.14 -2.87 63.80
N ALA P 390 -11.61 -3.34 64.93
CA ALA P 390 -11.84 -2.68 66.21
C ALA P 390 -11.21 -1.30 66.23
N GLY P 391 -10.06 -1.14 65.59
CA GLY P 391 -9.42 0.14 65.48
C GLY P 391 -8.62 0.56 66.69
N GLN P 392 -8.53 -0.29 67.72
CA GLN P 392 -7.79 0.02 68.93
C GLN P 392 -7.16 -1.25 69.47
N ILE P 393 -5.95 -1.12 70.01
CA ILE P 393 -5.25 -2.24 70.62
C ILE P 393 -4.45 -1.70 71.80
N LYS P 394 -4.32 -2.52 72.83
CA LYS P 394 -3.50 -2.25 74.00
C LYS P 394 -2.66 -3.48 74.14
N THR P 395 -1.52 -3.49 73.46
CA THR P 395 -0.72 -4.67 73.41
C THR P 395 0.58 -4.51 74.16
N GLY P 396 0.93 -3.30 74.67
CA GLY P 396 2.02 -3.06 75.63
C GLY P 396 3.00 -1.99 75.18
N SER P 397 4.27 -2.13 75.56
CA SER P 397 5.28 -1.09 75.35
C SER P 397 6.18 -1.45 74.18
N LEU P 398 7.27 -0.69 74.01
CA LEU P 398 8.21 -0.85 72.90
C LEU P 398 9.54 -1.40 73.39
N SER P 399 9.50 -2.36 74.32
CA SER P 399 10.73 -2.83 74.94
C SER P 399 10.85 -4.35 75.06
N ARG P 400 9.80 -5.12 74.83
CA ARG P 400 9.91 -6.57 74.97
C ARG P 400 9.10 -7.22 73.86
N THR P 401 9.59 -8.34 73.32
CA THR P 401 8.95 -8.95 72.16
C THR P 401 7.67 -9.71 72.48
N ASP P 402 7.26 -9.78 73.74
CA ASP P 402 5.89 -10.19 74.05
C ASP P 402 4.88 -9.16 73.63
N ARG P 403 5.34 -7.99 73.29
CA ARG P 403 4.61 -6.86 72.80
C ARG P 403 5.04 -6.49 71.39
N ILE P 404 6.36 -6.53 71.16
CA ILE P 404 6.93 -6.26 69.85
C ILE P 404 6.50 -7.33 68.85
N ALA P 405 6.19 -8.55 69.32
CA ALA P 405 5.67 -9.57 68.43
C ALA P 405 4.32 -9.15 67.83
N LYS P 406 3.46 -8.59 68.66
CA LYS P 406 2.16 -8.14 68.16
C LYS P 406 2.33 -6.91 67.28
N TYR P 407 3.25 -6.02 67.66
CA TYR P 407 3.52 -4.84 66.82
C TYR P 407 4.07 -5.25 65.45
N ASN P 408 4.95 -6.26 65.43
CA ASN P 408 5.50 -6.74 64.17
C ASN P 408 4.45 -7.44 63.33
N GLN P 409 3.54 -8.18 63.97
CA GLN P 409 2.44 -8.80 63.24
C GLN P 409 1.52 -7.74 62.63
N LEU P 410 1.31 -6.64 63.35
CA LEU P 410 0.51 -5.56 62.79
C LEU P 410 1.23 -4.88 61.63
N LEU P 411 2.56 -4.75 61.72
CA LEU P 411 3.34 -4.24 60.59
C LEU P 411 3.21 -5.15 59.38
N ARG P 412 3.26 -6.47 59.59
CA ARG P 412 3.09 -7.43 58.50
C ARG P 412 1.70 -7.33 57.89
N ILE P 413 0.67 -7.20 58.74
CA ILE P 413 -0.70 -7.07 58.25
C ILE P 413 -0.87 -5.81 57.42
N GLU P 414 -0.29 -4.69 57.87
CA GLU P 414 -0.36 -3.45 57.11
C GLU P 414 0.34 -3.56 55.78
N ASP P 415 1.52 -4.20 55.76
CA ASP P 415 2.25 -4.41 54.52
C ASP P 415 1.47 -5.29 53.55
N GLN P 416 0.83 -6.34 54.07
CA GLN P 416 0.04 -7.23 53.23
C GLN P 416 -1.20 -6.54 52.69
N LEU P 417 -1.80 -5.65 53.48
CA LEU P 417 -3.00 -4.95 53.02
C LEU P 417 -2.66 -3.89 51.99
N GLY P 418 -1.52 -3.21 52.14
CA GLY P 418 -1.05 -2.27 51.12
C GLY P 418 -1.91 -1.02 51.04
N GLU P 419 -2.39 -0.71 49.84
CA GLU P 419 -3.23 0.47 49.64
C GLU P 419 -4.54 0.37 50.40
N VAL P 420 -5.05 -0.86 50.59
CA VAL P 420 -6.32 -1.10 51.26
C VAL P 420 -6.21 -0.69 52.74
N ALA P 421 -5.02 -0.83 53.33
CA ALA P 421 -4.82 -0.60 54.76
C ALA P 421 -5.22 0.81 55.18
N GLU P 422 -5.95 0.89 56.28
CA GLU P 422 -6.47 2.15 56.80
C GLU P 422 -6.01 2.32 58.23
N TYR P 423 -5.47 3.49 58.55
CA TYR P 423 -5.14 3.85 59.92
C TYR P 423 -5.98 5.07 60.28
N ARG P 424 -7.09 4.84 60.99
CA ARG P 424 -8.02 5.92 61.26
C ARG P 424 -7.55 6.83 62.39
N GLY P 425 -6.84 6.30 63.37
CA GLY P 425 -6.35 7.12 64.48
C GLY P 425 -7.46 7.70 65.31
N LEU P 426 -7.61 9.02 65.31
CA LEU P 426 -8.65 9.69 66.09
C LEU P 426 -10.06 9.32 65.63
N LYS P 427 -10.21 8.81 64.42
CA LYS P 427 -11.50 8.38 63.93
C LYS P 427 -11.89 6.99 64.42
N SER P 428 -10.97 6.25 65.05
CA SER P 428 -11.34 4.97 65.63
C SER P 428 -11.97 5.12 67.01
N PHE P 429 -11.91 6.32 67.59
CA PHE P 429 -12.65 6.64 68.81
C PHE P 429 -14.06 7.10 68.43
N TYR P 430 -14.81 6.18 67.82
CA TYR P 430 -16.15 6.49 67.34
C TYR P 430 -17.17 6.58 68.47
N ASN P 431 -16.78 6.23 69.69
CA ASN P 431 -17.63 6.39 70.87
C ASN P 431 -17.66 7.81 71.39
N LEU P 432 -16.85 8.71 70.83
CA LEU P 432 -16.79 10.10 71.27
C LEU P 432 -17.45 11.01 70.24
N LYS P 433 -18.13 12.05 70.73
CA LYS P 433 -18.76 13.01 69.85
C LYS P 433 -17.71 13.80 69.08
N LYS P 434 -18.00 14.05 67.79
CA LYS P 434 -17.14 14.81 66.88
C LYS P 434 -15.76 14.15 66.72
N MET Q 1 9.60 -26.90 41.90
CA MET Q 1 8.62 -26.89 42.99
C MET Q 1 9.31 -26.51 44.31
N SER Q 2 10.61 -26.72 44.35
CA SER Q 2 11.45 -26.23 45.42
C SER Q 2 12.28 -25.03 45.00
N ILE Q 3 12.01 -24.45 43.85
CA ILE Q 3 12.77 -23.30 43.38
C ILE Q 3 12.27 -22.04 44.05
N ILE Q 4 13.21 -21.25 44.57
CA ILE Q 4 12.89 -19.95 45.18
C ILE Q 4 12.29 -19.04 44.11
N THR Q 5 11.08 -18.55 44.37
CA THR Q 5 10.40 -17.62 43.48
C THR Q 5 10.21 -16.24 44.06
N ASP Q 6 10.19 -16.08 45.38
CA ASP Q 6 9.99 -14.76 45.97
C ASP Q 6 10.88 -14.60 47.18
N VAL Q 7 11.64 -13.50 47.23
CA VAL Q 7 12.41 -13.10 48.40
C VAL Q 7 12.04 -11.66 48.70
N TYR Q 8 11.50 -11.42 49.89
CA TYR Q 8 10.99 -10.10 50.24
C TYR Q 8 11.40 -9.75 51.67
N ALA Q 9 11.98 -8.57 51.85
CA ALA Q 9 12.37 -8.09 53.17
C ALA Q 9 11.49 -6.93 53.59
N ARG Q 10 11.22 -6.87 54.89
CA ARG Q 10 10.47 -5.77 55.47
C ARG Q 10 11.14 -5.36 56.77
N GLU Q 11 10.86 -4.14 57.20
CA GLU Q 11 11.44 -3.58 58.41
C GLU Q 11 10.50 -3.80 59.59
N VAL Q 12 11.04 -4.42 60.64
CA VAL Q 12 10.29 -4.73 61.86
C VAL Q 12 11.07 -4.18 63.05
N LEU Q 13 10.60 -4.48 64.26
CA LEU Q 13 11.25 -4.00 65.47
C LEU Q 13 11.84 -5.17 66.25
N ASP Q 14 12.93 -4.89 66.95
CA ASP Q 14 13.60 -5.88 67.77
C ASP Q 14 13.12 -5.74 69.22
N SER Q 15 13.85 -6.38 70.15
CA SER Q 15 13.52 -6.31 71.56
C SER Q 15 13.61 -4.91 72.10
N ARG Q 16 14.70 -4.20 71.82
CA ARG Q 16 14.94 -2.89 72.42
C ARG Q 16 14.07 -1.79 71.83
N GLY Q 17 13.20 -2.10 70.87
CA GLY Q 17 12.42 -1.09 70.19
C GLY Q 17 13.12 -0.43 69.03
N ASN Q 18 14.28 -0.90 68.66
CA ASN Q 18 15.11 -0.48 67.54
C ASN Q 18 14.75 -1.27 66.28
N PRO Q 19 14.92 -0.68 65.10
CA PRO Q 19 14.56 -1.38 63.87
C PRO Q 19 15.49 -2.56 63.59
N THR Q 20 14.94 -3.52 62.86
CA THR Q 20 15.69 -4.60 62.25
C THR Q 20 14.89 -5.01 61.02
N LEU Q 21 15.29 -6.09 60.37
CA LEU Q 21 14.65 -6.53 59.14
C LEU Q 21 14.34 -8.01 59.22
N GLU Q 22 13.31 -8.40 58.48
CA GLU Q 22 12.92 -9.80 58.35
C GLU Q 22 12.73 -10.12 56.87
N VAL Q 23 13.05 -11.35 56.51
CA VAL Q 23 13.04 -11.80 55.12
C VAL Q 23 12.11 -13.00 55.01
N GLU Q 24 11.25 -12.97 54.00
CA GLU Q 24 10.36 -14.07 53.67
C GLU Q 24 10.76 -14.65 52.32
N VAL Q 25 10.85 -15.98 52.26
CA VAL Q 25 11.19 -16.70 51.04
C VAL Q 25 10.05 -17.64 50.72
N TYR Q 26 9.56 -17.56 49.48
CA TYR Q 26 8.53 -18.42 48.94
C TYR Q 26 9.10 -19.21 47.78
N THR Q 27 8.86 -20.52 47.75
CA THR Q 27 9.27 -21.35 46.64
C THR Q 27 8.07 -21.57 45.70
N GLU Q 28 8.28 -22.41 44.67
CA GLU Q 28 7.27 -22.60 43.63
C GLU Q 28 6.01 -23.27 44.18
N SER Q 29 6.17 -24.28 45.02
CA SER Q 29 5.05 -25.05 45.52
C SER Q 29 4.37 -24.41 46.74
N GLY Q 30 4.85 -23.26 47.18
CA GLY Q 30 4.27 -22.58 48.32
C GLY Q 30 5.01 -22.75 49.63
N ALA Q 31 6.19 -23.36 49.62
CA ALA Q 31 6.96 -23.48 50.87
C ALA Q 31 7.43 -22.10 51.30
N PHE Q 32 7.34 -21.86 52.61
CA PHE Q 32 7.51 -20.54 53.17
C PHE Q 32 8.58 -20.57 54.25
N GLY Q 33 9.41 -19.53 54.28
CA GLY Q 33 10.37 -19.39 55.35
C GLY Q 33 10.54 -17.93 55.75
N ARG Q 34 10.65 -17.65 57.05
CA ARG Q 34 10.78 -16.28 57.52
C ARG Q 34 11.93 -16.19 58.51
N GLY Q 35 12.94 -15.39 58.19
CA GLY Q 35 14.08 -15.18 59.06
C GLY Q 35 14.15 -13.74 59.57
N MET Q 36 14.28 -13.61 60.89
CA MET Q 36 14.39 -12.31 61.54
C MET Q 36 15.78 -12.16 62.12
N VAL Q 37 16.39 -11.00 61.91
CA VAL Q 37 17.81 -10.80 62.18
C VAL Q 37 17.96 -10.15 63.55
N PRO Q 38 18.83 -10.67 64.41
CA PRO Q 38 19.14 -9.97 65.67
C PRO Q 38 19.92 -8.69 65.40
N SER Q 39 19.77 -7.74 66.31
CA SER Q 39 20.47 -6.46 66.18
C SER Q 39 21.91 -6.60 66.64
N GLY Q 40 22.84 -6.21 65.77
CA GLY Q 40 24.25 -6.28 66.09
C GLY Q 40 24.91 -4.93 66.15
N ALA Q 41 26.18 -4.85 65.75
CA ALA Q 41 26.95 -3.63 65.77
C ALA Q 41 27.30 -3.22 64.34
N SER Q 42 26.95 -1.97 63.98
CA SER Q 42 27.28 -1.46 62.66
C SER Q 42 28.75 -1.11 62.52
N THR Q 43 29.50 -1.04 63.61
CA THR Q 43 30.93 -0.75 63.59
C THR Q 43 31.70 -1.93 64.15
N GLY Q 44 32.79 -2.28 63.47
CA GLY Q 44 33.62 -3.39 63.88
C GLY Q 44 34.85 -3.54 63.00
N GLU Q 45 35.96 -3.99 63.58
CA GLU Q 45 37.20 -4.10 62.83
C GLU Q 45 37.23 -5.36 61.97
N HIS Q 46 37.17 -6.53 62.61
CA HIS Q 46 37.15 -7.82 61.92
C HIS Q 46 35.87 -8.58 62.24
N GLU Q 47 34.76 -7.87 62.26
CA GLU Q 47 33.43 -8.41 62.50
C GLU Q 47 32.48 -7.90 61.43
N ALA Q 48 31.58 -8.79 60.99
CA ALA Q 48 30.59 -8.43 59.97
C ALA Q 48 29.70 -7.30 60.46
N VAL Q 49 29.52 -6.30 59.63
CA VAL Q 49 28.81 -5.08 60.00
C VAL Q 49 27.44 -5.07 59.34
N GLU Q 50 26.47 -4.52 60.04
CA GLU Q 50 25.13 -4.36 59.51
C GLU Q 50 24.97 -2.97 58.91
N LEU Q 51 23.90 -2.81 58.14
CA LEU Q 51 23.64 -1.58 57.40
C LEU Q 51 22.53 -0.79 58.08
N ARG Q 52 22.84 0.43 58.48
CA ARG Q 52 21.88 1.34 59.08
C ARG Q 52 21.76 2.57 58.18
N ASP Q 53 20.58 3.19 58.22
CA ASP Q 53 20.29 4.35 57.36
C ASP Q 53 21.19 5.52 57.71
N GLY Q 54 21.39 5.78 59.00
CA GLY Q 54 22.12 6.95 59.43
C GLY Q 54 21.33 8.24 59.41
N ASP Q 55 20.04 8.18 59.08
CA ASP Q 55 19.19 9.35 59.06
C ASP Q 55 18.61 9.54 60.46
N LYS Q 56 19.04 10.59 61.16
CA LYS Q 56 18.58 10.85 62.52
C LYS Q 56 17.12 11.28 62.58
N ALA Q 57 16.51 11.64 61.45
CA ALA Q 57 15.10 11.99 61.43
C ALA Q 57 14.19 10.77 61.59
N ARG Q 58 14.72 9.56 61.41
CA ARG Q 58 13.94 8.34 61.51
C ARG Q 58 14.67 7.38 62.44
N TYR Q 59 14.03 7.03 63.55
CA TYR Q 59 14.46 5.98 64.48
C TYR Q 59 15.83 6.27 65.10
N GLY Q 60 16.24 7.54 65.12
CA GLY Q 60 17.55 7.90 65.64
C GLY Q 60 18.72 7.36 64.86
N GLY Q 61 18.59 7.27 63.53
CA GLY Q 61 19.67 6.77 62.70
C GLY Q 61 19.79 5.26 62.66
N LEU Q 62 18.87 4.54 63.30
CA LEU Q 62 18.95 3.09 63.39
C LEU Q 62 18.00 2.38 62.42
N GLY Q 63 17.44 3.11 61.46
CA GLY Q 63 16.53 2.48 60.51
C GLY Q 63 17.25 1.48 59.60
N THR Q 64 16.49 0.50 59.10
CA THR Q 64 17.06 -0.57 58.28
C THR Q 64 16.34 -0.54 56.93
N GLN Q 65 16.21 0.63 56.33
CA GLN Q 65 15.64 0.69 54.99
C GLN Q 65 16.66 0.33 53.92
N LYS Q 66 17.92 0.64 54.16
CA LYS Q 66 18.95 0.37 53.17
C LYS Q 66 19.15 -1.14 52.97
N ALA Q 67 19.19 -1.92 54.06
CA ALA Q 67 19.33 -3.37 53.94
C ALA Q 67 18.07 -4.00 53.34
N VAL Q 68 16.89 -3.47 53.67
CA VAL Q 68 15.65 -3.96 53.08
C VAL Q 68 15.63 -3.74 51.57
N ASP Q 69 16.05 -2.55 51.13
CA ASP Q 69 16.18 -2.28 49.70
C ASP Q 69 17.23 -3.16 49.05
N ASN Q 70 18.33 -3.43 49.75
CA ASN Q 70 19.36 -4.31 49.22
C ASN Q 70 18.82 -5.72 49.00
N VAL Q 71 18.03 -6.24 49.94
CA VAL Q 71 17.43 -7.55 49.77
C VAL Q 71 16.42 -7.53 48.62
N ASN Q 72 15.57 -6.50 48.58
CA ASN Q 72 14.47 -6.49 47.62
C ASN Q 72 14.95 -6.26 46.19
N ASN Q 73 16.02 -5.49 46.01
CA ASN Q 73 16.46 -5.09 44.68
C ASN Q 73 17.70 -5.79 44.19
N VAL Q 74 18.57 -6.27 45.07
CA VAL Q 74 19.85 -6.86 44.70
C VAL Q 74 19.87 -8.37 44.93
N ILE Q 75 19.68 -8.78 46.19
CA ILE Q 75 19.80 -10.20 46.54
C ILE Q 75 18.65 -11.01 45.93
N ALA Q 76 17.44 -10.44 45.89
CA ALA Q 76 16.27 -11.18 45.46
C ALA Q 76 16.39 -11.64 44.00
N GLU Q 77 16.87 -10.76 43.12
CA GLU Q 77 17.04 -11.16 41.73
C GLU Q 77 18.20 -12.14 41.54
N HIS Q 78 19.19 -12.12 42.45
CA HIS Q 78 20.30 -13.04 42.37
C HIS Q 78 19.91 -14.43 42.85
N ILE Q 79 19.01 -14.51 43.83
CA ILE Q 79 18.69 -15.78 44.49
C ILE Q 79 17.53 -16.50 43.82
N ILE Q 80 16.56 -15.76 43.26
CA ILE Q 80 15.39 -16.36 42.64
C ILE Q 80 15.82 -17.22 41.46
N GLY Q 81 15.39 -18.48 41.46
CA GLY Q 81 15.81 -19.46 40.50
C GLY Q 81 16.64 -20.58 41.09
N PHE Q 82 17.23 -20.36 42.26
CA PHE Q 82 17.97 -21.38 42.97
C PHE Q 82 17.01 -22.36 43.62
N ASP Q 83 17.48 -23.59 43.81
CA ASP Q 83 16.75 -24.52 44.66
C ASP Q 83 16.86 -24.04 46.10
N VAL Q 84 15.77 -24.12 46.85
CA VAL Q 84 15.77 -23.64 48.23
C VAL Q 84 16.64 -24.53 49.12
N ARG Q 85 16.93 -25.75 48.68
CA ARG Q 85 17.79 -26.65 49.45
C ARG Q 85 19.27 -26.43 49.19
N ASP Q 86 19.63 -25.48 48.32
CA ASP Q 86 21.03 -25.19 48.02
C ASP Q 86 21.52 -24.06 48.92
N GLN Q 87 21.63 -24.38 50.21
CA GLN Q 87 21.98 -23.37 51.21
C GLN Q 87 23.39 -22.84 51.03
N GLN Q 88 24.36 -23.76 50.86
CA GLN Q 88 25.75 -23.38 50.71
C GLN Q 88 25.97 -22.56 49.45
N GLY Q 89 25.36 -22.97 48.34
CA GLY Q 89 25.48 -22.21 47.10
C GLY Q 89 24.88 -20.81 47.19
N ILE Q 90 23.72 -20.70 47.84
CA ILE Q 90 23.09 -19.39 48.01
C ILE Q 90 23.93 -18.49 48.90
N ASP Q 91 24.47 -19.02 49.99
CA ASP Q 91 25.31 -18.22 50.88
C ASP Q 91 26.60 -17.78 50.20
N ARG Q 92 27.24 -18.67 49.44
CA ARG Q 92 28.44 -18.30 48.71
C ARG Q 92 28.15 -17.27 47.63
N ALA Q 93 27.00 -17.40 46.94
CA ALA Q 93 26.61 -16.42 45.94
C ALA Q 93 26.36 -15.05 46.56
N MET Q 94 25.71 -15.02 47.73
CA MET Q 94 25.49 -13.75 48.42
C MET Q 94 26.80 -13.12 48.89
N ILE Q 95 27.71 -13.95 49.40
CA ILE Q 95 29.02 -13.45 49.85
C ILE Q 95 29.81 -12.87 48.68
N ALA Q 96 29.78 -13.56 47.53
CA ALA Q 96 30.45 -13.05 46.34
C ALA Q 96 29.79 -11.78 45.83
N LEU Q 97 28.45 -11.70 45.87
CA LEU Q 97 27.74 -10.51 45.41
C LEU Q 97 28.06 -9.31 46.29
N ASP Q 98 28.23 -9.52 47.59
CA ASP Q 98 28.66 -8.44 48.47
C ASP Q 98 30.07 -8.00 48.12
N GLY Q 99 31.00 -8.94 48.01
CA GLY Q 99 32.36 -8.62 47.61
C GLY Q 99 33.20 -7.91 48.65
N THR Q 100 32.74 -7.86 49.91
CA THR Q 100 33.43 -7.15 50.96
C THR Q 100 33.67 -8.12 52.10
N PRO Q 101 34.88 -8.17 52.69
CA PRO Q 101 35.15 -9.13 53.78
C PRO Q 101 34.24 -8.98 54.99
N ASN Q 102 33.86 -7.76 55.33
CA ASN Q 102 32.95 -7.52 56.44
C ASN Q 102 31.49 -7.48 56.01
N LYS Q 103 31.21 -7.76 54.73
CA LYS Q 103 29.85 -7.75 54.17
C LYS Q 103 29.18 -6.40 54.36
N GLY Q 104 29.97 -5.33 54.24
CA GLY Q 104 29.45 -3.98 54.46
C GLY Q 104 28.68 -3.39 53.30
N LYS Q 105 28.78 -3.98 52.11
CA LYS Q 105 28.08 -3.43 50.96
C LYS Q 105 26.59 -3.73 51.03
N LEU Q 106 26.22 -5.01 51.05
CA LEU Q 106 24.82 -5.38 51.20
C LEU Q 106 24.35 -5.26 52.64
N GLY Q 107 25.22 -5.54 53.60
CA GLY Q 107 24.84 -5.59 54.99
C GLY Q 107 24.81 -7.02 55.49
N ALA Q 108 25.51 -7.29 56.59
CA ALA Q 108 25.51 -8.64 57.15
C ALA Q 108 24.14 -9.05 57.66
N ASN Q 109 23.36 -8.09 58.15
CA ASN Q 109 22.00 -8.35 58.60
C ASN Q 109 21.12 -8.85 57.46
N ALA Q 110 21.23 -8.22 56.28
CA ALA Q 110 20.45 -8.62 55.12
C ALA Q 110 20.81 -10.04 54.67
N ILE Q 111 22.11 -10.33 54.62
CA ILE Q 111 22.59 -11.64 54.19
C ILE Q 111 22.16 -12.72 55.17
N LEU Q 112 22.25 -12.43 56.48
CA LEU Q 112 21.81 -13.39 57.50
C LEU Q 112 20.31 -13.64 57.42
N GLY Q 113 19.53 -12.58 57.20
CA GLY Q 113 18.09 -12.76 57.06
C GLY Q 113 17.72 -13.62 55.89
N VAL Q 114 18.36 -13.40 54.73
CA VAL Q 114 18.10 -14.25 53.57
C VAL Q 114 18.54 -15.69 53.83
N SER Q 115 19.67 -15.86 54.53
CA SER Q 115 20.18 -17.20 54.84
C SER Q 115 19.21 -17.98 55.73
N ILE Q 116 18.73 -17.34 56.79
CA ILE Q 116 17.79 -17.99 57.71
C ILE Q 116 16.46 -18.28 57.01
N ALA Q 117 15.99 -17.32 56.21
CA ALA Q 117 14.72 -17.53 55.49
C ALA Q 117 14.83 -18.68 54.49
N VAL Q 118 15.97 -18.79 53.80
CA VAL Q 118 16.17 -19.89 52.85
C VAL Q 118 16.23 -21.23 53.58
N ALA Q 119 16.94 -21.28 54.72
CA ALA Q 119 17.00 -22.52 55.49
C ALA Q 119 15.62 -22.94 56.00
N ARG Q 120 14.83 -21.97 56.47
CA ARG Q 120 13.51 -22.28 57.01
C ARG Q 120 12.55 -22.70 55.91
N ALA Q 121 12.62 -22.06 54.74
CA ALA Q 121 11.79 -22.47 53.62
C ALA Q 121 12.18 -23.85 53.10
N ALA Q 122 13.48 -24.18 53.15
CA ALA Q 122 13.91 -25.51 52.76
C ALA Q 122 13.43 -26.57 53.74
N ALA Q 123 13.44 -26.25 55.04
CA ALA Q 123 12.89 -27.16 56.03
C ALA Q 123 11.38 -27.34 55.85
N ASP Q 124 10.68 -26.25 55.54
CA ASP Q 124 9.24 -26.33 55.30
C ASP Q 124 8.92 -27.14 54.06
N TYR Q 125 9.73 -26.99 53.02
CA TYR Q 125 9.51 -27.72 51.77
C TYR Q 125 9.69 -29.21 51.97
N LEU Q 126 10.71 -29.63 52.74
CA LEU Q 126 11.02 -31.03 53.01
C LEU Q 126 10.20 -31.63 54.13
N GLU Q 127 9.37 -30.81 54.79
CA GLU Q 127 8.44 -31.19 55.84
C GLU Q 127 9.19 -31.88 56.98
N VAL Q 128 10.34 -31.30 57.34
CA VAL Q 128 11.19 -31.82 58.40
C VAL Q 128 11.42 -30.69 59.39
N PRO Q 129 11.78 -31.02 60.64
CA PRO Q 129 12.16 -29.97 61.58
C PRO Q 129 13.44 -29.26 61.14
N LEU Q 130 13.58 -28.00 61.59
CA LEU Q 130 14.71 -27.18 61.19
C LEU Q 130 16.04 -27.76 61.66
N TYR Q 131 16.07 -28.30 62.89
CA TYR Q 131 17.31 -28.90 63.38
C TYR Q 131 17.65 -30.16 62.59
N SER Q 132 16.63 -30.92 62.16
CA SER Q 132 16.87 -32.09 61.33
C SER Q 132 17.45 -31.69 59.98
N TYR Q 133 16.95 -30.61 59.40
CA TYR Q 133 17.47 -30.14 58.12
C TYR Q 133 18.89 -29.62 58.26
N LEU Q 134 19.17 -28.89 59.33
CA LEU Q 134 20.48 -28.25 59.49
C LEU Q 134 21.56 -29.26 59.88
N GLY Q 135 21.24 -30.21 60.77
CA GLY Q 135 22.26 -31.06 61.32
C GLY Q 135 22.17 -32.53 60.94
N GLY Q 136 21.22 -32.87 60.08
CA GLY Q 136 21.09 -34.25 59.65
C GLY Q 136 20.27 -35.09 60.60
N PHE Q 137 20.43 -36.41 60.44
CA PHE Q 137 19.62 -37.35 61.21
C PHE Q 137 20.08 -37.46 62.66
N ASN Q 138 21.36 -37.23 62.94
CA ASN Q 138 21.94 -37.50 64.25
C ASN Q 138 21.94 -36.25 65.12
N THR Q 139 20.75 -35.70 65.34
CA THR Q 139 20.55 -34.53 66.18
C THR Q 139 19.73 -34.95 67.40
N LYS Q 140 20.37 -35.00 68.56
CA LYS Q 140 19.68 -35.47 69.77
C LYS Q 140 20.00 -34.67 71.02
N VAL Q 141 21.04 -33.85 71.06
CA VAL Q 141 21.54 -33.28 72.30
C VAL Q 141 20.87 -31.95 72.56
N LEU Q 142 20.16 -31.87 73.67
CA LEU Q 142 19.56 -30.65 74.14
C LEU Q 142 20.60 -29.85 74.91
N PRO Q 143 20.79 -28.58 74.58
CA PRO Q 143 21.91 -27.83 75.16
C PRO Q 143 21.72 -27.53 76.63
N THR Q 144 22.84 -27.40 77.32
CA THR Q 144 22.86 -26.95 78.69
C THR Q 144 22.79 -25.43 78.71
N PRO Q 145 21.77 -24.84 79.33
CA PRO Q 145 21.62 -23.39 79.28
C PRO Q 145 22.44 -22.68 80.34
N MET Q 146 22.99 -21.53 79.97
CA MET Q 146 23.66 -20.65 80.90
C MET Q 146 22.73 -19.44 81.06
N MET Q 147 21.90 -19.49 82.09
CA MET Q 147 20.83 -18.52 82.33
C MET Q 147 21.36 -17.33 83.12
N ASN Q 148 21.39 -16.16 82.48
CA ASN Q 148 21.75 -14.92 83.17
C ASN Q 148 20.72 -14.61 84.22
N ILE Q 149 21.16 -14.26 85.42
CA ILE Q 149 20.21 -13.80 86.42
C ILE Q 149 20.59 -12.46 87.03
N ILE Q 150 21.85 -12.05 87.02
CA ILE Q 150 22.29 -10.79 87.61
C ILE Q 150 23.25 -10.11 86.66
N ASN Q 151 23.03 -8.83 86.41
CA ASN Q 151 23.86 -8.03 85.54
C ASN Q 151 24.81 -7.15 86.34
N GLY Q 152 25.59 -6.37 85.62
CA GLY Q 152 26.72 -5.69 86.23
C GLY Q 152 27.43 -4.85 85.21
N GLY Q 153 28.46 -4.16 85.68
CA GLY Q 153 29.34 -3.42 84.80
C GLY Q 153 28.67 -2.26 84.13
N SER Q 154 28.67 -2.25 82.79
CA SER Q 154 28.04 -1.19 82.04
C SER Q 154 26.53 -1.35 81.92
N HIS Q 155 25.98 -2.45 82.43
CA HIS Q 155 24.54 -2.69 82.39
C HIS Q 155 23.86 -2.46 83.74
N SER Q 156 24.60 -1.98 84.74
CA SER Q 156 23.98 -1.67 86.02
C SER Q 156 24.80 -0.60 86.72
N ASP Q 157 24.21 -0.01 87.75
CA ASP Q 157 24.87 1.02 88.55
C ASP Q 157 25.53 0.47 89.81
N ALA Q 158 25.47 -0.84 90.02
CA ALA Q 158 26.11 -1.44 91.17
C ALA Q 158 27.63 -1.42 90.99
N PRO Q 159 28.41 -1.40 92.10
CA PRO Q 159 29.87 -1.52 92.00
C PRO Q 159 30.34 -2.95 91.75
N ILE Q 160 29.98 -3.49 90.58
CA ILE Q 160 30.38 -4.82 90.15
C ILE Q 160 30.99 -4.66 88.77
N ALA Q 161 32.24 -5.10 88.62
CA ALA Q 161 32.92 -4.95 87.34
C ALA Q 161 32.45 -5.98 86.31
N PHE Q 162 32.03 -7.15 86.76
CA PHE Q 162 31.63 -8.21 85.83
C PHE Q 162 30.28 -7.88 85.20
N GLN Q 163 30.18 -8.15 83.89
CA GLN Q 163 28.92 -7.90 83.18
C GLN Q 163 27.78 -8.81 83.57
N GLU Q 164 27.95 -10.12 83.50
CA GLU Q 164 26.84 -11.03 83.76
C GLU Q 164 27.24 -12.12 84.72
N PHE Q 165 26.23 -12.62 85.43
CA PHE Q 165 26.30 -13.77 86.31
C PHE Q 165 25.20 -14.72 85.91
N MET Q 166 25.54 -15.99 85.71
CA MET Q 166 24.64 -16.99 85.16
C MET Q 166 24.61 -18.22 86.04
N ILE Q 167 23.48 -18.89 86.02
CA ILE Q 167 23.33 -20.22 86.60
C ILE Q 167 23.35 -21.25 85.48
N VAL Q 168 24.08 -22.33 85.70
CA VAL Q 168 24.20 -23.41 84.75
C VAL Q 168 23.71 -24.69 85.42
N PRO Q 169 22.44 -25.07 85.19
CA PRO Q 169 21.87 -26.27 85.85
C PRO Q 169 22.28 -27.57 85.17
N ALA Q 170 23.56 -27.91 85.29
CA ALA Q 170 24.14 -29.06 84.61
C ALA Q 170 23.80 -30.37 85.28
N GLY Q 171 23.21 -30.36 86.47
CA GLY Q 171 22.85 -31.56 87.19
C GLY Q 171 21.45 -32.07 86.92
N ALA Q 172 20.74 -31.48 85.97
CA ALA Q 172 19.38 -31.89 85.69
C ALA Q 172 19.35 -33.14 84.83
N PRO Q 173 18.31 -33.97 84.98
CA PRO Q 173 18.23 -35.15 84.11
C PRO Q 173 17.82 -34.83 82.68
N THR Q 174 16.88 -33.90 82.49
CA THR Q 174 16.40 -33.51 81.17
C THR Q 174 16.45 -32.00 81.06
N PHE Q 175 16.22 -31.50 79.84
CA PHE Q 175 16.18 -30.06 79.64
C PHE Q 175 14.95 -29.44 80.26
N LYS Q 176 13.84 -30.18 80.31
CA LYS Q 176 12.63 -29.71 80.98
C LYS Q 176 12.90 -29.42 82.45
N GLU Q 177 13.59 -30.36 83.11
CA GLU Q 177 13.93 -30.18 84.51
C GLU Q 177 14.94 -29.05 84.70
N ALA Q 178 15.90 -28.90 83.78
CA ALA Q 178 16.85 -27.80 83.87
C ALA Q 178 16.16 -26.45 83.76
N LEU Q 179 15.19 -26.34 82.85
CA LEU Q 179 14.42 -25.11 82.70
C LEU Q 179 13.59 -24.83 83.96
N ARG Q 180 12.98 -25.87 84.53
CA ARG Q 180 12.20 -25.68 85.76
C ARG Q 180 13.08 -25.22 86.92
N TRP Q 181 14.29 -25.81 87.03
CA TRP Q 181 15.23 -25.40 88.07
C TRP Q 181 15.65 -23.95 87.89
N GLY Q 182 15.93 -23.55 86.64
CA GLY Q 182 16.30 -22.18 86.37
C GLY Q 182 15.19 -21.19 86.70
N ALA Q 183 13.95 -21.54 86.35
CA ALA Q 183 12.81 -20.69 86.66
C ALA Q 183 12.59 -20.56 88.16
N GLU Q 184 12.73 -21.68 88.89
CA GLU Q 184 12.51 -21.65 90.33
C GLU Q 184 13.61 -20.86 91.04
N ILE Q 185 14.86 -20.98 90.58
CA ILE Q 185 15.94 -20.17 91.14
C ILE Q 185 15.74 -18.69 90.81
N PHE Q 186 15.24 -18.41 89.61
CA PHE Q 186 14.93 -17.03 89.22
C PHE Q 186 13.88 -16.42 90.14
N HIS Q 187 12.81 -17.17 90.44
CA HIS Q 187 11.77 -16.66 91.32
C HIS Q 187 12.24 -16.56 92.77
N ALA Q 188 13.08 -17.50 93.21
CA ALA Q 188 13.66 -17.43 94.55
C ALA Q 188 14.56 -16.21 94.71
N LEU Q 189 15.36 -15.90 93.68
CA LEU Q 189 16.18 -14.71 93.69
C LEU Q 189 15.35 -13.45 93.67
N LYS Q 190 14.26 -13.46 92.89
CA LYS Q 190 13.32 -12.36 92.87
C LYS Q 190 12.80 -12.10 94.29
N LYS Q 191 12.40 -13.18 94.99
CA LYS Q 191 11.89 -13.05 96.36
C LYS Q 191 12.95 -12.53 97.32
N ILE Q 192 14.18 -13.03 97.18
CA ILE Q 192 15.29 -12.61 98.02
C ILE Q 192 15.58 -11.11 97.81
N LEU Q 193 15.56 -10.67 96.56
CA LEU Q 193 15.80 -9.25 96.30
C LEU Q 193 14.66 -8.39 96.84
N LYS Q 194 13.42 -8.87 96.73
CA LYS Q 194 12.30 -8.09 97.24
C LYS Q 194 12.34 -7.97 98.76
N GLU Q 195 12.77 -9.05 99.44
CA GLU Q 195 12.89 -9.00 100.90
C GLU Q 195 14.13 -8.23 101.34
N ARG Q 196 15.08 -7.97 100.44
CA ARG Q 196 16.27 -7.19 100.74
C ARG Q 196 16.14 -5.73 100.35
N GLY Q 197 14.98 -5.32 99.84
CA GLY Q 197 14.75 -3.92 99.50
C GLY Q 197 15.42 -3.44 98.22
N LEU Q 198 15.87 -4.36 97.37
CA LEU Q 198 16.56 -4.00 96.14
C LEU Q 198 15.60 -4.05 94.95
N GLU Q 199 15.97 -3.34 93.89
CA GLU Q 199 15.15 -3.28 92.69
C GLU Q 199 15.09 -4.63 92.00
N THR Q 200 13.96 -4.89 91.34
CA THR Q 200 13.68 -6.20 90.77
C THR Q 200 13.29 -6.10 89.27
N ALA Q 201 13.14 -4.90 88.73
CA ALA Q 201 12.85 -4.77 87.32
C ALA Q 201 14.01 -5.29 86.47
N VAL Q 202 13.68 -6.02 85.43
CA VAL Q 202 14.67 -6.73 84.62
C VAL Q 202 15.23 -5.80 83.55
N GLY Q 203 16.35 -6.20 82.97
CA GLY Q 203 17.03 -5.40 81.97
C GLY Q 203 16.89 -5.94 80.56
N ASP Q 204 17.96 -5.80 79.77
CA ASP Q 204 17.92 -6.17 78.37
C ASP Q 204 17.72 -7.66 78.17
N GLU Q 205 18.42 -8.47 78.97
CA GLU Q 205 18.43 -9.92 78.83
C GLU Q 205 17.45 -10.62 79.75
N GLY Q 206 16.61 -9.86 80.44
CA GLY Q 206 15.70 -10.44 81.39
C GLY Q 206 16.26 -10.69 82.78
N GLY Q 207 17.48 -10.35 83.03
CA GLY Q 207 18.04 -10.58 84.34
C GLY Q 207 17.97 -9.32 85.19
N PHE Q 208 18.01 -9.53 86.50
CA PHE Q 208 17.99 -8.41 87.43
C PHE Q 208 19.31 -7.66 87.40
N ALA Q 209 19.25 -6.38 87.74
CA ALA Q 209 20.45 -5.55 87.88
C ALA Q 209 20.40 -4.79 89.20
N PRO Q 210 20.53 -5.48 90.33
CA PRO Q 210 20.35 -4.83 91.63
C PRO Q 210 21.62 -4.10 92.06
N ARG Q 211 21.47 -3.28 93.10
CA ARG Q 211 22.59 -2.53 93.66
C ARG Q 211 23.25 -3.36 94.75
N PHE Q 212 24.12 -4.27 94.32
CA PHE Q 212 24.86 -5.12 95.23
C PHE Q 212 26.10 -4.42 95.74
N ASN Q 213 26.74 -5.02 96.75
CA ASN Q 213 27.99 -4.47 97.26
C ASN Q 213 29.14 -4.75 96.31
N GLY Q 214 29.21 -5.97 95.78
CA GLY Q 214 30.29 -6.32 94.89
C GLY Q 214 30.03 -7.66 94.25
N THR Q 215 31.07 -8.19 93.59
CA THR Q 215 30.96 -9.48 92.90
C THR Q 215 30.68 -10.61 93.89
N GLU Q 216 31.35 -10.58 95.04
CA GLU Q 216 31.20 -11.64 96.04
C GLU Q 216 29.81 -11.65 96.62
N ASP Q 217 29.25 -10.45 96.85
CA ASP Q 217 27.88 -10.36 97.33
C ASP Q 217 26.89 -10.90 96.31
N GLY Q 218 27.11 -10.59 95.03
CA GLY Q 218 26.23 -11.12 93.99
C GLY Q 218 26.28 -12.63 93.89
N VAL Q 219 27.48 -13.22 93.95
CA VAL Q 219 27.62 -14.67 93.88
C VAL Q 219 26.98 -15.33 95.10
N GLU Q 220 27.16 -14.71 96.28
CA GLU Q 220 26.55 -15.25 97.49
C GLU Q 220 25.03 -15.19 97.42
N THR Q 221 24.47 -14.10 96.89
CA THR Q 221 23.02 -14.01 96.71
C THR Q 221 22.51 -15.06 95.72
N ILE Q 222 23.28 -15.31 94.65
CA ILE Q 222 22.91 -16.38 93.69
C ILE Q 222 22.88 -17.72 94.38
N ILE Q 223 23.89 -18.02 95.19
CA ILE Q 223 23.95 -19.29 95.91
C ILE Q 223 22.80 -19.40 96.91
N LYS Q 224 22.46 -18.29 97.57
CA LYS Q 224 21.32 -18.28 98.48
C LYS Q 224 20.02 -18.58 97.74
N ALA Q 225 19.86 -18.02 96.54
CA ALA Q 225 18.69 -18.31 95.72
C ALA Q 225 18.65 -19.78 95.30
N ILE Q 226 19.81 -20.34 94.94
CA ILE Q 226 19.89 -21.76 94.57
C ILE Q 226 19.47 -22.64 95.73
N GLU Q 227 19.97 -22.33 96.94
CA GLU Q 227 19.64 -23.14 98.11
C GLU Q 227 18.18 -22.98 98.50
N ALA Q 228 17.64 -21.76 98.40
CA ALA Q 228 16.23 -21.52 98.72
C ALA Q 228 15.31 -22.22 97.74
N ALA Q 229 15.71 -22.31 96.47
CA ALA Q 229 14.92 -23.06 95.50
C ALA Q 229 14.92 -24.56 95.80
N GLY Q 230 15.96 -25.06 96.46
CA GLY Q 230 16.01 -26.45 96.86
C GLY Q 230 17.01 -27.27 96.07
N TYR Q 231 18.13 -26.65 95.68
CA TYR Q 231 19.13 -27.32 94.87
C TYR Q 231 20.51 -27.07 95.46
N VAL Q 232 21.41 -28.02 95.22
CA VAL Q 232 22.73 -28.02 95.79
C VAL Q 232 23.67 -27.20 94.86
N PRO Q 233 24.25 -26.11 95.32
CA PRO Q 233 25.27 -25.44 94.50
C PRO Q 233 26.50 -26.31 94.33
N GLY Q 234 27.04 -26.33 93.12
CA GLY Q 234 28.19 -27.14 92.80
C GLY Q 234 27.89 -28.58 92.46
N LYS Q 235 26.67 -29.04 92.70
CA LYS Q 235 26.26 -30.38 92.30
C LYS Q 235 25.13 -30.36 91.29
N ASP Q 236 24.07 -29.62 91.57
CA ASP Q 236 22.96 -29.44 90.65
C ASP Q 236 23.14 -28.23 89.75
N VAL Q 237 23.46 -27.07 90.35
CA VAL Q 237 23.53 -25.82 89.64
C VAL Q 237 24.90 -25.20 89.86
N PHE Q 238 25.54 -24.77 88.78
CA PHE Q 238 26.84 -24.12 88.81
C PHE Q 238 26.67 -22.64 88.48
N ILE Q 239 27.77 -21.90 88.57
CA ILE Q 239 27.76 -20.46 88.36
C ILE Q 239 28.76 -20.13 87.26
N GLY Q 240 28.33 -19.32 86.29
CA GLY Q 240 29.22 -18.80 85.28
C GLY Q 240 29.29 -17.28 85.31
N LEU Q 241 30.35 -16.71 84.76
CA LEU Q 241 30.53 -15.27 84.76
C LEU Q 241 30.83 -14.82 83.34
N ASP Q 242 30.39 -13.64 82.97
CA ASP Q 242 30.90 -12.81 81.88
C ASP Q 242 31.47 -11.54 82.42
N CYS Q 243 32.79 -11.54 82.51
CA CYS Q 243 33.49 -10.42 83.09
C CYS Q 243 33.42 -9.25 82.17
N ALA Q 244 33.63 -9.56 80.89
CA ALA Q 244 34.00 -8.65 79.86
C ALA Q 244 34.99 -7.63 80.36
N SER Q 245 36.13 -8.17 80.48
CA SER Q 245 37.18 -7.35 80.98
C SER Q 245 37.73 -6.40 79.94
N SER Q 246 37.30 -6.48 78.67
CA SER Q 246 37.70 -5.50 77.67
C SER Q 246 37.14 -4.10 77.93
N GLU Q 247 36.09 -4.00 78.74
CA GLU Q 247 35.47 -2.73 79.14
C GLU Q 247 36.26 -1.96 80.15
N PHE Q 248 36.90 -2.63 81.09
CA PHE Q 248 37.69 -1.94 82.09
C PHE Q 248 39.17 -2.24 81.94
N TYR Q 249 39.63 -2.46 80.71
CA TYR Q 249 41.04 -2.66 80.42
C TYR Q 249 41.54 -1.51 79.57
N ASP Q 250 42.63 -0.88 80.01
CA ASP Q 250 43.28 0.19 79.29
C ASP Q 250 44.58 -0.32 78.68
N ALA Q 251 44.73 -0.14 77.38
CA ALA Q 251 45.96 -0.56 76.72
C ALA Q 251 47.13 0.37 77.00
N GLU Q 252 46.87 1.58 77.47
CA GLU Q 252 47.94 2.52 77.78
C GLU Q 252 48.80 2.02 78.93
N HIS Q 253 48.19 1.44 79.95
CA HIS Q 253 48.92 0.94 81.11
C HIS Q 253 48.93 -0.57 81.24
N LYS Q 254 48.21 -1.29 80.36
CA LYS Q 254 48.17 -2.76 80.33
C LYS Q 254 47.70 -3.35 81.66
N VAL Q 255 46.67 -2.74 82.24
CA VAL Q 255 46.10 -3.22 83.51
C VAL Q 255 44.59 -3.31 83.38
N TYR Q 256 43.99 -4.12 84.23
CA TYR Q 256 42.55 -4.28 84.34
C TYR Q 256 42.08 -3.40 85.50
N GLY Q 257 41.68 -2.17 85.18
CA GLY Q 257 41.27 -1.23 86.19
C GLY Q 257 39.84 -1.41 86.64
N TYR Q 258 39.68 -1.99 87.83
CA TYR Q 258 38.36 -2.19 88.40
C TYR Q 258 37.74 -0.90 88.90
N THR Q 259 38.50 0.19 88.94
CA THR Q 259 37.98 1.47 89.39
C THR Q 259 36.94 2.05 88.44
N LYS Q 260 36.84 1.54 87.21
CA LYS Q 260 35.83 2.01 86.27
C LYS Q 260 34.42 1.71 86.76
N PHE Q 261 34.24 0.55 87.38
CA PHE Q 261 32.92 0.10 87.79
C PHE Q 261 32.75 -0.07 89.29
N GLU Q 262 33.83 -0.35 90.03
CA GLU Q 262 33.75 -0.66 91.45
C GLU Q 262 34.18 0.51 92.33
N GLY Q 263 34.11 1.73 91.81
CA GLY Q 263 34.40 2.91 92.62
C GLY Q 263 35.87 3.24 92.70
N GLU Q 264 36.16 4.29 93.46
CA GLU Q 264 37.54 4.78 93.54
C GLU Q 264 38.42 3.87 94.40
N GLY Q 265 37.82 3.16 95.35
CA GLY Q 265 38.59 2.27 96.20
C GLY Q 265 38.94 0.94 95.58
N ALA Q 266 38.50 0.69 94.35
CA ALA Q 266 38.74 -0.59 93.69
C ALA Q 266 40.23 -0.78 93.39
N ALA Q 267 40.62 -2.05 93.33
CA ALA Q 267 42.02 -2.41 93.13
C ALA Q 267 42.29 -2.59 91.65
N VAL Q 268 43.39 -1.99 91.18
CA VAL Q 268 43.84 -2.14 89.81
C VAL Q 268 44.77 -3.35 89.75
N ARG Q 269 44.48 -4.27 88.83
CA ARG Q 269 45.21 -5.52 88.73
C ARG Q 269 45.92 -5.63 87.40
N THR Q 270 47.04 -6.34 87.38
CA THR Q 270 47.75 -6.66 86.14
C THR Q 270 47.16 -7.95 85.57
N ALA Q 271 47.84 -8.53 84.57
CA ALA Q 271 47.37 -9.78 83.99
C ALA Q 271 47.48 -10.93 85.00
N ALA Q 272 48.65 -11.08 85.63
CA ALA Q 272 48.86 -12.13 86.61
C ALA Q 272 47.95 -11.95 87.83
N GLU Q 273 47.77 -10.69 88.26
CA GLU Q 273 46.84 -10.41 89.35
C GLU Q 273 45.41 -10.75 88.97
N GLN Q 274 45.04 -10.52 87.71
CA GLN Q 274 43.72 -10.88 87.22
C GLN Q 274 43.51 -12.40 87.23
N ILE Q 275 44.54 -13.15 86.81
CA ILE Q 275 44.46 -14.61 86.87
C ILE Q 275 44.34 -15.08 88.31
N ASP Q 276 45.09 -14.45 89.22
CA ASP Q 276 45.01 -14.80 90.64
C ASP Q 276 43.62 -14.55 91.21
N TYR Q 277 43.02 -13.41 90.84
CA TYR Q 277 41.67 -13.09 91.30
C TYR Q 277 40.64 -14.06 90.76
N LEU Q 278 40.74 -14.40 89.47
CA LEU Q 278 39.81 -15.36 88.88
C LEU Q 278 39.97 -16.74 89.50
N GLU Q 279 41.21 -17.16 89.77
CA GLU Q 279 41.46 -18.44 90.42
C GLU Q 279 40.90 -18.46 91.83
N GLU Q 280 41.01 -17.33 92.53
CA GLU Q 280 40.45 -17.26 93.88
C GLU Q 280 38.93 -17.35 93.85
N LEU Q 281 38.30 -16.69 92.89
CA LEU Q 281 36.85 -16.79 92.73
C LEU Q 281 36.44 -18.22 92.38
N VAL Q 282 37.23 -18.90 91.55
CA VAL Q 282 36.94 -20.28 91.18
C VAL Q 282 37.06 -21.21 92.38
N ASN Q 283 38.10 -21.01 93.20
CA ASN Q 283 38.27 -21.86 94.38
C ASN Q 283 37.21 -21.58 95.43
N LYS Q 284 36.77 -20.33 95.56
CA LYS Q 284 35.81 -19.95 96.59
C LYS Q 284 34.38 -20.36 96.26
N TYR Q 285 34.01 -20.34 95.00
CA TYR Q 285 32.63 -20.50 94.56
C TYR Q 285 32.52 -21.61 93.53
N PRO Q 286 31.33 -22.20 93.36
CA PRO Q 286 31.16 -23.23 92.30
C PRO Q 286 31.07 -22.64 90.90
N ILE Q 287 32.15 -22.05 90.41
CA ILE Q 287 32.19 -21.41 89.11
C ILE Q 287 32.70 -22.43 88.09
N ILE Q 288 31.94 -22.60 87.02
CA ILE Q 288 32.29 -23.52 85.95
C ILE Q 288 32.58 -22.80 84.63
N THR Q 289 32.19 -21.54 84.50
CA THR Q 289 32.36 -20.79 83.27
C THR Q 289 32.87 -19.40 83.59
N ILE Q 290 33.90 -18.96 82.87
CA ILE Q 290 34.40 -17.59 82.92
C ILE Q 290 34.50 -17.11 81.48
N GLU Q 291 33.79 -16.03 81.17
CA GLU Q 291 33.58 -15.69 79.79
C GLU Q 291 34.14 -14.27 79.64
N ASP Q 292 35.01 -14.08 78.64
CA ASP Q 292 35.73 -12.83 78.42
C ASP Q 292 36.48 -12.38 79.67
N GLY Q 293 37.27 -13.29 80.23
CA GLY Q 293 38.03 -13.00 81.42
C GLY Q 293 39.26 -12.15 81.20
N MET Q 294 39.63 -11.91 79.94
CA MET Q 294 40.76 -11.05 79.57
C MET Q 294 40.34 -10.14 78.43
N ASP Q 295 41.25 -9.26 78.03
CA ASP Q 295 40.97 -8.33 76.95
C ASP Q 295 40.95 -9.05 75.60
N GLU Q 296 40.28 -8.42 74.64
CA GLU Q 296 40.23 -8.94 73.27
C GLU Q 296 41.60 -8.94 72.60
N ASN Q 297 42.56 -8.16 73.11
CA ASN Q 297 43.90 -8.08 72.55
C ASN Q 297 44.98 -8.62 73.46
N ASP Q 298 44.65 -9.02 74.70
CA ASP Q 298 45.64 -9.52 75.64
C ASP Q 298 45.81 -11.03 75.42
N TRP Q 299 46.59 -11.35 74.39
CA TRP Q 299 46.79 -12.75 74.01
C TRP Q 299 47.65 -13.49 75.02
N ASP Q 300 48.71 -12.84 75.52
CA ASP Q 300 49.58 -13.48 76.51
C ASP Q 300 48.84 -13.75 77.82
N GLY Q 301 48.03 -12.78 78.26
CA GLY Q 301 47.20 -13.01 79.43
C GLY Q 301 46.19 -14.11 79.21
N TRP Q 302 45.65 -14.21 77.99
CA TRP Q 302 44.73 -15.29 77.66
C TRP Q 302 45.41 -16.65 77.74
N LYS Q 303 46.64 -16.75 77.21
CA LYS Q 303 47.37 -18.01 77.27
C LYS Q 303 47.71 -18.40 78.70
N ALA Q 304 48.12 -17.42 79.52
CA ALA Q 304 48.43 -17.70 80.92
C ALA Q 304 47.18 -18.12 81.68
N LEU Q 305 46.04 -17.48 81.40
CA LEU Q 305 44.78 -17.85 82.04
C LEU Q 305 44.34 -19.25 81.64
N THR Q 306 44.52 -19.61 80.36
CA THR Q 306 44.18 -20.97 79.92
C THR Q 306 45.11 -22.01 80.54
N GLU Q 307 46.38 -21.65 80.73
CA GLU Q 307 47.28 -22.59 81.40
C GLU Q 307 46.91 -22.78 82.86
N ARG Q 308 46.51 -21.70 83.53
CA ARG Q 308 46.25 -21.79 84.96
C ARG Q 308 44.88 -22.37 85.29
N LEU Q 309 43.87 -22.11 84.45
CA LEU Q 309 42.50 -22.47 84.78
C LEU Q 309 41.77 -23.24 83.69
N GLY Q 310 42.41 -23.53 82.56
CA GLY Q 310 41.70 -24.14 81.45
C GLY Q 310 41.40 -25.61 81.59
N GLY Q 311 41.93 -26.27 82.62
CA GLY Q 311 41.69 -27.69 82.79
C GLY Q 311 40.45 -28.01 83.59
N LYS Q 312 39.95 -27.03 84.35
CA LYS Q 312 38.81 -27.24 85.22
C LYS Q 312 37.73 -26.18 85.12
N VAL Q 313 37.98 -25.07 84.43
CA VAL Q 313 37.01 -24.00 84.28
C VAL Q 313 36.90 -23.67 82.79
N GLN Q 314 35.67 -23.65 82.29
CA GLN Q 314 35.44 -23.30 80.90
C GLN Q 314 35.71 -21.81 80.69
N LEU Q 315 36.54 -21.51 79.70
CA LEU Q 315 36.91 -20.14 79.36
C LEU Q 315 36.40 -19.84 77.98
N VAL Q 316 35.51 -18.85 77.85
CA VAL Q 316 34.97 -18.66 76.51
C VAL Q 316 35.41 -17.26 76.09
N GLY Q 317 35.52 -17.06 74.78
CA GLY Q 317 35.91 -15.80 74.20
C GLY Q 317 34.86 -15.24 73.24
N ASP Q 318 34.26 -14.12 73.59
CA ASP Q 318 33.30 -13.43 72.73
C ASP Q 318 34.00 -12.37 71.90
N ASP Q 319 34.59 -11.36 72.56
CA ASP Q 319 35.35 -10.36 71.81
C ASP Q 319 36.76 -10.83 71.47
N PHE Q 320 37.22 -11.89 72.13
CA PHE Q 320 38.50 -12.49 71.79
C PHE Q 320 38.48 -13.10 70.40
N PHE Q 321 37.39 -13.78 70.06
CA PHE Q 321 37.28 -14.45 68.78
C PHE Q 321 36.33 -13.78 67.81
N VAL Q 322 35.43 -12.91 68.27
CA VAL Q 322 34.31 -12.27 67.54
C VAL Q 322 33.68 -13.15 66.47
N THR Q 323 33.48 -14.45 66.80
CA THR Q 323 32.94 -15.47 65.90
C THR Q 323 33.71 -15.47 64.56
N ASN Q 324 35.01 -15.42 64.64
CA ASN Q 324 35.84 -15.34 63.46
C ASN Q 324 36.64 -16.63 63.35
N THR Q 325 36.61 -17.26 62.17
CA THR Q 325 37.33 -18.51 62.00
C THR Q 325 38.85 -18.29 62.02
N ALA Q 326 39.32 -17.12 61.60
CA ALA Q 326 40.75 -16.84 61.64
C ALA Q 326 41.23 -16.62 63.06
N TYR Q 327 40.47 -15.84 63.84
CA TYR Q 327 40.79 -15.63 65.25
C TYR Q 327 40.71 -16.93 66.02
N LEU Q 328 39.72 -17.77 65.71
CA LEU Q 328 39.58 -19.06 66.37
C LEU Q 328 40.74 -19.98 66.03
N GLU Q 329 41.17 -20.00 64.77
CA GLU Q 329 42.32 -20.81 64.38
C GLU Q 329 43.60 -20.34 65.07
N LYS Q 330 43.78 -19.02 65.16
CA LYS Q 330 44.94 -18.46 65.87
C LYS Q 330 44.91 -18.81 67.35
N GLY Q 331 43.72 -18.74 67.97
CA GLY Q 331 43.60 -19.10 69.37
C GLY Q 331 43.83 -20.57 69.63
N ILE Q 332 43.38 -21.44 68.70
CA ILE Q 332 43.62 -22.87 68.82
C ILE Q 332 45.12 -23.16 68.71
N ALA Q 333 45.80 -22.49 67.77
CA ALA Q 333 47.24 -22.67 67.62
C ALA Q 333 48.00 -22.19 68.86
N GLU Q 334 47.55 -21.10 69.47
CA GLU Q 334 48.24 -20.49 70.59
C GLU Q 334 47.76 -20.98 71.95
N HIS Q 335 46.87 -21.98 71.98
CA HIS Q 335 46.34 -22.58 73.21
C HIS Q 335 45.68 -21.53 74.11
N ALA Q 336 44.94 -20.62 73.51
CA ALA Q 336 44.22 -19.57 74.23
C ALA Q 336 42.75 -19.91 74.23
N ALA Q 337 42.14 -19.87 75.42
CA ALA Q 337 40.76 -20.24 75.71
C ALA Q 337 40.47 -21.71 75.38
N ASN Q 338 39.27 -22.15 75.73
CA ASN Q 338 38.83 -23.48 75.32
C ASN Q 338 37.37 -23.48 74.92
N SER Q 339 36.83 -22.31 74.57
CA SER Q 339 35.46 -22.22 74.10
C SER Q 339 35.35 -20.97 73.24
N ILE Q 340 34.31 -20.94 72.41
CA ILE Q 340 34.02 -19.79 71.56
C ILE Q 340 32.53 -19.49 71.65
N LEU Q 341 32.19 -18.21 71.72
CA LEU Q 341 30.81 -17.76 71.71
C LEU Q 341 30.39 -17.51 70.26
N ILE Q 342 29.45 -18.30 69.77
CA ILE Q 342 29.02 -18.24 68.38
C ILE Q 342 27.82 -17.32 68.28
N LYS Q 343 27.90 -16.32 67.41
CA LYS Q 343 26.74 -15.48 67.15
C LYS Q 343 26.59 -15.37 65.64
N VAL Q 344 25.38 -15.68 65.17
CA VAL Q 344 25.16 -15.87 63.74
C VAL Q 344 25.27 -14.56 62.98
N ASN Q 345 24.86 -13.45 63.58
CA ASN Q 345 24.94 -12.15 62.93
C ASN Q 345 26.31 -11.51 63.05
N GLN Q 346 27.22 -12.12 63.82
CA GLN Q 346 28.63 -11.73 63.81
C GLN Q 346 29.40 -12.09 62.57
N ILE Q 347 28.89 -13.01 61.78
CA ILE Q 347 29.46 -13.38 60.50
C ILE Q 347 28.50 -13.15 59.35
N GLY Q 348 27.22 -13.45 59.51
CA GLY Q 348 26.21 -13.13 58.54
C GLY Q 348 25.67 -14.28 57.72
N THR Q 349 26.11 -15.53 57.91
CA THR Q 349 25.56 -16.66 57.16
C THR Q 349 25.48 -17.87 58.08
N LEU Q 350 24.64 -18.83 57.70
CA LEU Q 350 24.59 -20.10 58.43
C LEU Q 350 25.76 -21.01 58.08
N THR Q 351 26.25 -20.93 56.83
CA THR Q 351 27.38 -21.75 56.41
C THR Q 351 28.63 -21.44 57.21
N GLU Q 352 28.95 -20.16 57.35
CA GLU Q 352 30.13 -19.80 58.12
C GLU Q 352 29.92 -20.06 59.62
N THR Q 353 28.66 -20.00 60.10
CA THR Q 353 28.37 -20.29 61.50
C THR Q 353 28.66 -21.74 61.81
N PHE Q 354 28.19 -22.63 60.94
CA PHE Q 354 28.42 -24.04 61.13
C PHE Q 354 29.89 -24.39 60.89
N ASP Q 355 30.56 -23.66 60.00
CA ASP Q 355 32.01 -23.85 59.81
C ASP Q 355 32.79 -23.49 61.07
N ALA Q 356 32.43 -22.37 61.71
CA ALA Q 356 33.09 -22.00 62.95
C ALA Q 356 32.81 -22.99 64.07
N ILE Q 357 31.57 -23.48 64.14
CA ILE Q 357 31.21 -24.47 65.16
C ILE Q 357 32.00 -25.75 64.96
N GLU Q 358 32.12 -26.22 63.71
CA GLU Q 358 32.85 -27.46 63.48
C GLU Q 358 34.35 -27.29 63.68
N MET Q 359 34.90 -26.10 63.36
CA MET Q 359 36.31 -25.84 63.63
C MET Q 359 36.59 -25.85 65.13
N ALA Q 360 35.69 -25.25 65.91
CA ALA Q 360 35.83 -25.27 67.36
C ALA Q 360 35.71 -26.68 67.91
N LYS Q 361 34.74 -27.46 67.41
CA LYS Q 361 34.53 -28.83 67.89
C LYS Q 361 35.73 -29.72 67.61
N GLU Q 362 36.34 -29.57 66.43
CA GLU Q 362 37.48 -30.42 66.05
C GLU Q 362 38.69 -30.20 66.97
N ALA Q 363 38.81 -29.02 67.56
CA ALA Q 363 39.96 -28.68 68.38
C ALA Q 363 39.74 -28.97 69.87
N GLY Q 364 38.58 -29.48 70.26
CA GLY Q 364 38.28 -29.69 71.65
C GLY Q 364 37.65 -28.52 72.35
N TYR Q 365 37.23 -27.49 71.62
CA TYR Q 365 36.54 -26.35 72.18
C TYR Q 365 35.05 -26.60 72.15
N THR Q 366 34.33 -26.03 73.11
CA THR Q 366 32.88 -26.10 73.11
C THR Q 366 32.32 -24.83 72.49
N ALA Q 367 31.43 -24.99 71.52
CA ALA Q 367 30.78 -23.87 70.88
C ALA Q 367 29.51 -23.54 71.64
N VAL Q 368 29.38 -22.28 72.02
CA VAL Q 368 28.24 -21.81 72.79
C VAL Q 368 27.43 -20.88 71.92
N VAL Q 369 26.28 -21.36 71.45
CA VAL Q 369 25.40 -20.55 70.61
C VAL Q 369 24.75 -19.48 71.48
N SER Q 370 24.94 -18.21 71.10
CA SER Q 370 24.58 -17.10 71.96
C SER Q 370 23.60 -16.17 71.25
N HIS Q 371 22.83 -15.47 72.07
CA HIS Q 371 21.90 -14.45 71.61
C HIS Q 371 22.60 -13.10 71.55
N ARG Q 372 21.86 -12.08 71.13
CA ARG Q 372 22.32 -10.71 71.06
C ARG Q 372 21.55 -9.87 72.04
N SER Q 373 21.91 -8.58 72.17
CA SER Q 373 21.21 -7.69 73.08
C SER Q 373 19.78 -7.42 72.61
N GLY Q 374 19.63 -7.07 71.34
CA GLY Q 374 18.31 -6.90 70.76
C GLY Q 374 17.85 -8.14 70.04
N GLU Q 375 17.00 -8.93 70.67
CA GLU Q 375 16.56 -10.21 70.13
C GLU Q 375 15.21 -10.03 69.41
N THR Q 376 14.74 -11.08 68.75
CA THR Q 376 13.50 -11.14 68.01
C THR Q 376 12.70 -12.36 68.47
N GLU Q 377 11.52 -12.54 67.85
CA GLU Q 377 10.73 -13.74 68.07
C GLU Q 377 11.29 -14.94 67.32
N ASP Q 378 12.28 -14.72 66.45
CA ASP Q 378 12.96 -15.80 65.76
C ASP Q 378 13.75 -16.64 66.76
N SER Q 379 13.55 -17.95 66.71
CA SER Q 379 14.23 -18.86 67.62
C SER Q 379 15.08 -19.86 66.84
N THR Q 380 15.80 -19.38 65.82
CA THR Q 380 16.64 -20.25 65.01
C THR Q 380 17.88 -20.74 65.75
N ILE Q 381 18.37 -19.96 66.72
CA ILE Q 381 19.59 -20.35 67.42
C ILE Q 381 19.38 -21.61 68.26
N ALA Q 382 18.15 -21.85 68.71
CA ALA Q 382 17.85 -23.10 69.41
C ALA Q 382 17.98 -24.30 68.48
N ASP Q 383 17.44 -24.18 67.27
CA ASP Q 383 17.59 -25.24 66.27
C ASP Q 383 19.04 -25.39 65.83
N ILE Q 384 19.80 -24.30 65.84
CA ILE Q 384 21.23 -24.38 65.54
C ILE Q 384 21.97 -25.15 66.62
N ALA Q 385 21.66 -24.85 67.89
CA ALA Q 385 22.32 -25.54 69.00
C ALA Q 385 21.99 -27.02 69.02
N VAL Q 386 20.73 -27.38 68.73
CA VAL Q 386 20.38 -28.81 68.69
C VAL Q 386 21.00 -29.47 67.46
N ALA Q 387 20.99 -28.78 66.32
CA ALA Q 387 21.47 -29.36 65.07
C ALA Q 387 22.97 -29.66 65.13
N THR Q 388 23.75 -28.77 65.72
CA THR Q 388 25.18 -28.96 65.80
C THR Q 388 25.61 -29.92 66.91
N ASN Q 389 24.68 -30.31 67.79
CA ASN Q 389 24.98 -31.04 69.02
C ASN Q 389 26.03 -30.30 69.84
N ALA Q 390 25.89 -28.97 69.88
CA ALA Q 390 26.85 -28.13 70.58
C ALA Q 390 26.80 -28.36 72.08
N GLY Q 391 25.63 -28.68 72.61
CA GLY Q 391 25.50 -29.04 74.00
C GLY Q 391 25.44 -27.88 74.96
N GLN Q 392 25.52 -26.64 74.47
CA GLN Q 392 25.45 -25.46 75.32
C GLN Q 392 24.78 -24.33 74.56
N ILE Q 393 24.12 -23.45 75.30
CA ILE Q 393 23.44 -22.29 74.72
C ILE Q 393 23.41 -21.20 75.78
N LYS Q 394 23.54 -19.96 75.32
CA LYS Q 394 23.49 -18.77 76.18
C LYS Q 394 22.43 -17.84 75.58
N THR Q 395 21.20 -17.94 76.08
CA THR Q 395 20.07 -17.18 75.53
C THR Q 395 19.31 -16.48 76.66
N GLY Q 396 20.05 -15.81 77.54
CA GLY Q 396 19.43 -14.91 78.49
C GLY Q 396 18.66 -15.57 79.61
N SER Q 397 17.82 -14.78 80.26
CA SER Q 397 17.16 -15.14 81.50
C SER Q 397 15.77 -15.71 81.21
N LEU Q 398 14.92 -15.75 82.24
CA LEU Q 398 13.61 -16.39 82.19
C LEU Q 398 12.54 -15.35 82.45
N SER Q 399 12.69 -14.14 81.90
CA SER Q 399 11.67 -13.14 82.19
C SER Q 399 11.29 -12.30 80.98
N ARG Q 400 11.72 -12.64 79.77
CA ARG Q 400 11.28 -11.94 78.58
C ARG Q 400 11.11 -12.95 77.46
N THR Q 401 10.04 -12.84 76.67
CA THR Q 401 9.75 -13.91 75.72
C THR Q 401 10.68 -13.90 74.50
N ASP Q 402 11.43 -12.82 74.27
CA ASP Q 402 12.56 -12.87 73.36
C ASP Q 402 13.65 -13.84 73.78
N ARG Q 403 13.74 -14.12 75.07
CA ARG Q 403 14.61 -15.13 75.64
C ARG Q 403 13.87 -16.43 75.87
N ILE Q 404 12.61 -16.34 76.29
CA ILE Q 404 11.79 -17.50 76.62
C ILE Q 404 11.41 -18.26 75.37
N ALA Q 405 11.39 -17.59 74.21
CA ALA Q 405 11.02 -18.25 72.96
C ALA Q 405 12.01 -19.32 72.57
N LYS Q 406 13.31 -19.07 72.81
CA LYS Q 406 14.34 -20.08 72.57
C LYS Q 406 14.18 -21.28 73.47
N TYR Q 407 13.87 -21.04 74.75
CA TYR Q 407 13.62 -22.14 75.68
C TYR Q 407 12.37 -22.92 75.29
N ASN Q 408 11.34 -22.23 74.80
CA ASN Q 408 10.12 -22.89 74.35
C ASN Q 408 10.38 -23.73 73.11
N GLN Q 409 11.20 -23.22 72.19
CA GLN Q 409 11.61 -24.00 71.03
C GLN Q 409 12.41 -25.22 71.43
N LEU Q 410 13.28 -25.09 72.43
CA LEU Q 410 14.04 -26.24 72.91
C LEU Q 410 13.14 -27.26 73.58
N LEU Q 411 12.12 -26.79 74.30
CA LEU Q 411 11.11 -27.69 74.87
C LEU Q 411 10.38 -28.46 73.78
N ARG Q 412 9.99 -27.76 72.70
CA ARG Q 412 9.34 -28.41 71.57
C ARG Q 412 10.25 -29.44 70.91
N ILE Q 413 11.53 -29.08 70.73
CA ILE Q 413 12.50 -29.98 70.10
C ILE Q 413 12.70 -31.23 70.94
N GLU Q 414 12.81 -31.07 72.26
CA GLU Q 414 12.93 -32.23 73.13
C GLU Q 414 11.67 -33.10 73.09
N ASP Q 415 10.50 -32.46 72.99
CA ASP Q 415 9.25 -33.21 72.89
C ASP Q 415 9.17 -34.04 71.61
N GLN Q 416 9.51 -33.45 70.47
CA GLN Q 416 9.56 -34.25 69.23
C GLN Q 416 10.67 -35.29 69.21
N LEU Q 417 11.82 -35.01 69.82
CA LEU Q 417 12.87 -36.02 69.87
C LEU Q 417 12.43 -37.21 70.72
N GLY Q 418 11.74 -36.96 71.82
CA GLY Q 418 11.13 -38.02 72.59
C GLY Q 418 12.12 -38.90 73.32
N GLU Q 419 12.17 -40.18 72.94
CA GLU Q 419 13.03 -41.13 73.63
C GLU Q 419 14.51 -40.95 73.30
N VAL Q 420 14.83 -40.32 72.16
CA VAL Q 420 16.22 -40.15 71.75
C VAL Q 420 16.82 -38.84 72.21
N ALA Q 421 16.05 -37.97 72.86
CA ALA Q 421 16.59 -36.71 73.35
C ALA Q 421 17.56 -36.96 74.50
N GLU Q 422 18.69 -36.26 74.47
CA GLU Q 422 19.74 -36.43 75.46
C GLU Q 422 20.09 -35.09 76.06
N TYR Q 423 20.14 -35.02 77.38
CA TYR Q 423 20.64 -33.85 78.09
C TYR Q 423 21.90 -34.27 78.83
N ARG Q 424 23.05 -33.90 78.30
CA ARG Q 424 24.32 -34.32 78.89
C ARG Q 424 24.66 -33.54 80.14
N GLY Q 425 24.30 -32.26 80.20
CA GLY Q 425 24.58 -31.45 81.36
C GLY Q 425 26.06 -31.23 81.59
N LEU Q 426 26.59 -31.80 82.67
CA LEU Q 426 28.03 -31.70 82.95
C LEU Q 426 28.86 -32.35 81.87
N LYS Q 427 28.34 -33.41 81.23
CA LYS Q 427 29.04 -34.06 80.13
C LYS Q 427 29.12 -33.18 78.89
N SER Q 428 28.32 -32.10 78.82
CA SER Q 428 28.41 -31.20 77.68
C SER Q 428 29.69 -30.36 77.72
N PHE Q 429 30.36 -30.31 78.87
CA PHE Q 429 31.65 -29.62 79.01
C PHE Q 429 32.77 -30.62 78.71
N TYR Q 430 32.83 -31.04 77.44
CA TYR Q 430 33.85 -31.98 77.02
C TYR Q 430 35.23 -31.35 76.92
N ASN Q 431 35.32 -30.03 76.99
CA ASN Q 431 36.60 -29.32 77.00
C ASN Q 431 37.32 -29.40 78.34
N LEU Q 432 36.65 -29.86 79.40
CA LEU Q 432 37.23 -29.89 80.73
C LEU Q 432 37.71 -31.30 81.06
N LYS Q 433 38.82 -31.38 81.80
CA LYS Q 433 39.35 -32.66 82.25
C LYS Q 433 38.38 -33.30 83.22
N LYS Q 434 38.21 -34.61 83.10
CA LYS Q 434 37.31 -35.43 83.93
C LYS Q 434 35.86 -34.94 83.83
N MET R 1 -6.30 -29.68 28.74
CA MET R 1 -6.75 -30.92 29.35
C MET R 1 -7.67 -31.63 28.36
N SER R 2 -8.72 -30.95 27.94
CA SER R 2 -9.56 -31.43 26.85
C SER R 2 -9.24 -30.75 25.53
N ILE R 3 -8.18 -29.98 25.46
CA ILE R 3 -7.84 -29.24 24.25
C ILE R 3 -7.17 -30.19 23.27
N ILE R 4 -7.64 -30.20 22.02
CA ILE R 4 -7.06 -31.02 20.97
C ILE R 4 -5.64 -30.55 20.68
N THR R 5 -4.67 -31.44 20.84
CA THR R 5 -3.28 -31.13 20.56
C THR R 5 -2.72 -31.84 19.35
N ASP R 6 -3.35 -32.90 18.87
CA ASP R 6 -2.84 -33.59 17.69
C ASP R 6 -3.97 -34.18 16.88
N VAL R 7 -3.99 -33.89 15.59
CA VAL R 7 -4.91 -34.51 14.63
C VAL R 7 -4.06 -35.08 13.51
N TYR R 8 -4.10 -36.40 13.34
CA TYR R 8 -3.19 -37.06 12.41
C TYR R 8 -3.93 -38.12 11.62
N ALA R 9 -3.87 -38.05 10.30
CA ALA R 9 -4.47 -39.07 9.44
C ALA R 9 -3.41 -39.97 8.84
N ARG R 10 -3.83 -41.21 8.56
CA ARG R 10 -2.99 -42.15 7.85
C ARG R 10 -3.88 -42.98 6.93
N GLU R 11 -3.26 -43.53 5.90
CA GLU R 11 -3.98 -44.31 4.90
C GLU R 11 -3.95 -45.78 5.28
N VAL R 12 -5.14 -46.39 5.36
CA VAL R 12 -5.31 -47.79 5.71
C VAL R 12 -6.15 -48.46 4.64
N LEU R 13 -6.52 -49.71 4.85
CA LEU R 13 -7.33 -50.47 3.90
C LEU R 13 -8.72 -50.72 4.47
N ASP R 14 -9.72 -50.71 3.59
CA ASP R 14 -11.08 -51.02 3.97
C ASP R 14 -11.31 -52.52 3.77
N SER R 15 -12.57 -52.94 3.84
CA SER R 15 -12.91 -54.35 3.84
C SER R 15 -12.79 -54.97 2.46
N ARG R 16 -12.68 -54.20 1.39
CA ARG R 16 -12.50 -54.74 0.05
C ARG R 16 -11.07 -54.74 -0.42
N GLY R 17 -10.13 -54.28 0.41
CA GLY R 17 -8.76 -54.10 -0.01
C GLY R 17 -8.45 -52.79 -0.67
N ASN R 18 -9.40 -51.91 -0.78
CA ASN R 18 -9.23 -50.57 -1.32
C ASN R 18 -8.81 -49.58 -0.24
N PRO R 19 -8.04 -48.56 -0.58
CA PRO R 19 -7.58 -47.61 0.45
C PRO R 19 -8.72 -46.79 1.03
N THR R 20 -8.57 -46.48 2.32
CA THR R 20 -9.38 -45.49 3.01
C THR R 20 -8.42 -44.79 3.96
N LEU R 21 -8.94 -43.96 4.85
CA LEU R 21 -8.10 -43.22 5.78
C LEU R 21 -8.67 -43.36 7.18
N GLU R 22 -7.79 -43.19 8.16
CA GLU R 22 -8.18 -43.14 9.56
C GLU R 22 -7.52 -41.92 10.20
N VAL R 23 -8.21 -41.35 11.18
CA VAL R 23 -7.79 -40.13 11.85
C VAL R 23 -7.67 -40.42 13.34
N GLU R 24 -6.56 -39.99 13.94
CA GLU R 24 -6.33 -40.10 15.37
C GLU R 24 -6.27 -38.70 15.97
N VAL R 25 -6.99 -38.52 17.06
CA VAL R 25 -7.04 -37.24 17.77
C VAL R 25 -6.52 -37.46 19.19
N TYR R 26 -5.54 -36.65 19.58
CA TYR R 26 -4.97 -36.65 20.92
C TYR R 26 -5.24 -35.31 21.56
N THR R 27 -5.75 -35.32 22.79
CA THR R 27 -5.97 -34.10 23.54
C THR R 27 -4.81 -33.90 24.53
N GLU R 28 -4.90 -32.80 25.29
CA GLU R 28 -3.80 -32.37 26.14
C GLU R 28 -3.56 -33.33 27.29
N SER R 29 -4.63 -33.89 27.83
CA SER R 29 -4.50 -34.81 28.94
C SER R 29 -4.22 -36.23 28.54
N GLY R 30 -4.18 -36.52 27.26
CA GLY R 30 -3.92 -37.86 26.81
C GLY R 30 -5.12 -38.62 26.34
N ALA R 31 -6.30 -38.01 26.26
CA ALA R 31 -7.44 -38.70 25.70
C ALA R 31 -7.23 -38.92 24.21
N PHE R 32 -7.64 -40.09 23.75
CA PHE R 32 -7.33 -40.54 22.40
C PHE R 32 -8.60 -41.03 21.71
N GLY R 33 -8.75 -40.64 20.45
CA GLY R 33 -9.84 -41.17 19.64
C GLY R 33 -9.37 -41.53 18.25
N ARG R 34 -9.94 -42.59 17.67
CA ARG R 34 -9.58 -43.02 16.32
C ARG R 34 -10.84 -43.24 15.51
N GLY R 35 -10.96 -42.53 14.39
CA GLY R 35 -12.09 -42.69 13.50
C GLY R 35 -11.68 -43.23 12.15
N MET R 36 -12.32 -44.31 11.72
CA MET R 36 -12.05 -44.96 10.45
C MET R 36 -13.24 -44.72 9.52
N VAL R 37 -12.95 -44.37 8.28
CA VAL R 37 -13.96 -43.95 7.31
C VAL R 37 -14.36 -45.14 6.46
N PRO R 38 -15.65 -45.41 6.28
CA PRO R 38 -16.05 -46.39 5.27
C PRO R 38 -15.90 -45.81 3.87
N SER R 39 -15.74 -46.71 2.90
CA SER R 39 -15.52 -46.30 1.51
C SER R 39 -16.86 -45.99 0.86
N GLY R 40 -16.99 -44.77 0.35
CA GLY R 40 -18.21 -44.34 -0.32
C GLY R 40 -18.02 -44.16 -1.81
N ALA R 41 -18.52 -43.05 -2.34
CA ALA R 41 -18.43 -42.75 -3.76
C ALA R 41 -17.76 -41.40 -3.96
N SER R 42 -16.75 -41.36 -4.83
CA SER R 42 -16.01 -40.13 -5.11
C SER R 42 -16.71 -39.23 -6.11
N THR R 43 -17.75 -39.70 -6.78
CA THR R 43 -18.53 -38.91 -7.70
C THR R 43 -19.99 -38.94 -7.27
N GLY R 44 -20.63 -37.77 -7.29
CA GLY R 44 -22.01 -37.66 -6.87
C GLY R 44 -22.57 -36.27 -7.10
N GLU R 45 -23.77 -36.21 -7.65
CA GLU R 45 -24.34 -34.92 -8.03
C GLU R 45 -24.81 -34.15 -6.80
N HIS R 46 -25.46 -34.83 -5.85
CA HIS R 46 -26.01 -34.16 -4.68
C HIS R 46 -25.64 -34.89 -3.38
N GLU R 47 -24.59 -35.69 -3.43
CA GLU R 47 -24.06 -36.38 -2.27
C GLU R 47 -22.63 -35.93 -2.02
N ALA R 48 -22.21 -36.05 -0.76
CA ALA R 48 -20.84 -35.72 -0.40
C ALA R 48 -19.88 -36.68 -1.10
N VAL R 49 -18.80 -36.14 -1.65
CA VAL R 49 -17.86 -36.90 -2.44
C VAL R 49 -16.57 -37.07 -1.65
N GLU R 50 -15.95 -38.24 -1.79
CA GLU R 50 -14.68 -38.52 -1.16
C GLU R 50 -13.54 -38.21 -2.11
N LEU R 51 -12.45 -37.68 -1.56
CA LEU R 51 -11.31 -37.29 -2.37
C LEU R 51 -10.41 -38.50 -2.61
N ARG R 52 -10.29 -38.91 -3.87
CA ARG R 52 -9.40 -39.99 -4.27
C ARG R 52 -8.22 -39.41 -5.05
N ASP R 53 -7.13 -40.17 -5.08
CA ASP R 53 -5.89 -39.70 -5.69
C ASP R 53 -6.02 -39.62 -7.21
N GLY R 54 -6.58 -40.66 -7.83
CA GLY R 54 -6.63 -40.72 -9.27
C GLY R 54 -5.35 -41.14 -9.93
N ASP R 55 -4.31 -41.47 -9.16
CA ASP R 55 -3.04 -41.90 -9.71
C ASP R 55 -3.14 -43.38 -10.04
N LYS R 56 -3.16 -43.70 -11.35
CA LYS R 56 -3.36 -45.08 -11.80
C LYS R 56 -2.20 -46.00 -11.39
N ALA R 57 -1.04 -45.44 -11.05
CA ALA R 57 0.09 -46.26 -10.64
C ALA R 57 -0.12 -46.89 -9.27
N ARG R 58 -0.80 -46.20 -8.36
CA ARG R 58 -0.97 -46.65 -6.99
C ARG R 58 -2.43 -47.01 -6.75
N TYR R 59 -2.68 -48.27 -6.37
CA TYR R 59 -3.99 -48.76 -5.92
C TYR R 59 -5.09 -48.59 -6.95
N GLY R 60 -4.72 -48.58 -8.24
CA GLY R 60 -5.70 -48.39 -9.30
C GLY R 60 -6.41 -47.06 -9.27
N GLY R 61 -5.73 -46.00 -8.86
CA GLY R 61 -6.34 -44.70 -8.78
C GLY R 61 -7.16 -44.44 -7.55
N LEU R 62 -7.12 -45.33 -6.55
CA LEU R 62 -7.99 -45.25 -5.39
C LEU R 62 -7.26 -44.86 -4.11
N GLY R 63 -6.03 -44.36 -4.22
CA GLY R 63 -5.30 -43.95 -3.03
C GLY R 63 -5.95 -42.77 -2.33
N THR R 64 -5.69 -42.65 -1.04
CA THR R 64 -6.28 -41.59 -0.23
C THR R 64 -5.22 -40.68 0.37
N GLN R 65 -4.07 -40.55 -0.31
CA GLN R 65 -3.01 -39.69 0.20
C GLN R 65 -3.39 -38.22 0.16
N LYS R 66 -4.25 -37.82 -0.78
CA LYS R 66 -4.66 -36.43 -0.86
C LYS R 66 -5.56 -36.04 0.31
N ALA R 67 -6.50 -36.91 0.67
CA ALA R 67 -7.35 -36.65 1.83
C ALA R 67 -6.54 -36.69 3.13
N VAL R 68 -5.56 -37.60 3.20
CA VAL R 68 -4.68 -37.68 4.37
C VAL R 68 -3.87 -36.39 4.51
N ASP R 69 -3.37 -35.86 3.39
CA ASP R 69 -2.66 -34.60 3.41
C ASP R 69 -3.57 -33.44 3.80
N ASN R 70 -4.82 -33.47 3.33
CA ASN R 70 -5.78 -32.44 3.71
C ASN R 70 -6.04 -32.45 5.21
N VAL R 71 -6.10 -33.65 5.81
CA VAL R 71 -6.28 -33.73 7.26
C VAL R 71 -5.03 -33.22 7.98
N ASN R 72 -3.85 -33.66 7.53
CA ASN R 72 -2.64 -33.38 8.28
C ASN R 72 -2.20 -31.92 8.16
N ASN R 73 -2.44 -31.29 7.01
CA ASN R 73 -1.92 -29.96 6.75
C ASN R 73 -2.95 -28.85 6.81
N VAL R 74 -4.22 -29.15 6.57
CA VAL R 74 -5.28 -28.14 6.54
C VAL R 74 -6.20 -28.25 7.74
N ILE R 75 -6.81 -29.42 7.95
CA ILE R 75 -7.76 -29.59 9.04
C ILE R 75 -7.04 -29.53 10.39
N ALA R 76 -5.83 -30.08 10.46
CA ALA R 76 -5.10 -30.15 11.72
C ALA R 76 -4.75 -28.77 12.24
N GLU R 77 -4.37 -27.84 11.35
CA GLU R 77 -4.03 -26.49 11.79
C GLU R 77 -5.25 -25.76 12.33
N HIS R 78 -6.42 -25.97 11.73
CA HIS R 78 -7.63 -25.31 12.18
C HIS R 78 -8.15 -25.92 13.48
N ILE R 79 -8.12 -27.24 13.59
CA ILE R 79 -8.83 -27.93 14.68
C ILE R 79 -8.00 -28.02 15.95
N ILE R 80 -6.67 -28.07 15.84
CA ILE R 80 -5.82 -28.14 17.02
C ILE R 80 -5.97 -26.84 17.81
N GLY R 81 -6.35 -26.97 19.08
CA GLY R 81 -6.70 -25.86 19.92
C GLY R 81 -8.16 -25.82 20.30
N PHE R 82 -9.02 -26.48 19.53
CA PHE R 82 -10.43 -26.61 19.89
C PHE R 82 -10.60 -27.50 21.11
N ASP R 83 -11.68 -27.29 21.83
CA ASP R 83 -12.06 -28.23 22.87
C ASP R 83 -12.61 -29.50 22.21
N VAL R 84 -12.19 -30.66 22.74
CA VAL R 84 -12.57 -31.94 22.12
C VAL R 84 -14.06 -32.19 22.24
N ARG R 85 -14.71 -31.61 23.25
CA ARG R 85 -16.15 -31.80 23.43
C ARG R 85 -16.97 -30.85 22.56
N ASP R 86 -16.33 -29.95 21.82
CA ASP R 86 -17.03 -29.04 20.93
C ASP R 86 -17.22 -29.68 19.56
N GLN R 87 -18.07 -30.73 19.55
CA GLN R 87 -18.30 -31.48 18.32
C GLN R 87 -18.94 -30.61 17.24
N GLN R 88 -19.94 -29.82 17.64
CA GLN R 88 -20.67 -29.01 16.67
C GLN R 88 -19.79 -27.88 16.13
N GLY R 89 -19.01 -27.25 17.01
CA GLY R 89 -18.09 -26.21 16.59
C GLY R 89 -17.02 -26.71 15.64
N ILE R 90 -16.45 -27.88 15.95
CA ILE R 90 -15.42 -28.49 15.08
C ILE R 90 -16.02 -28.85 13.72
N ASP R 91 -17.21 -29.44 13.73
CA ASP R 91 -17.85 -29.83 12.49
C ASP R 91 -18.22 -28.63 11.62
N ARG R 92 -18.74 -27.57 12.24
CA ARG R 92 -19.05 -26.36 11.49
C ARG R 92 -17.79 -25.68 10.98
N ALA R 93 -16.70 -25.71 11.76
CA ALA R 93 -15.43 -25.17 11.30
C ALA R 93 -14.90 -25.93 10.10
N MET R 94 -15.02 -27.26 10.11
CA MET R 94 -14.60 -28.06 8.97
C MET R 94 -15.47 -27.80 7.75
N ILE R 95 -16.79 -27.64 7.95
CA ILE R 95 -17.70 -27.34 6.85
C ILE R 95 -17.37 -25.99 6.23
N ALA R 96 -17.10 -24.99 7.07
CA ALA R 96 -16.71 -23.67 6.57
C ALA R 96 -15.35 -23.71 5.90
N LEU R 97 -14.41 -24.49 6.43
CA LEU R 97 -13.08 -24.60 5.82
C LEU R 97 -13.15 -25.26 4.44
N ASP R 98 -14.04 -26.23 4.28
CA ASP R 98 -14.22 -26.85 2.97
C ASP R 98 -14.84 -25.88 1.97
N GLY R 99 -15.91 -25.21 2.36
CA GLY R 99 -16.46 -24.14 1.56
C GLY R 99 -17.32 -24.56 0.38
N THR R 100 -17.52 -25.85 0.17
CA THR R 100 -18.28 -26.33 -0.98
C THR R 100 -19.41 -27.22 -0.49
N PRO R 101 -20.55 -27.23 -1.18
CA PRO R 101 -21.69 -28.05 -0.74
C PRO R 101 -21.43 -29.55 -0.74
N ASN R 102 -20.62 -30.05 -1.67
CA ASN R 102 -20.37 -31.48 -1.79
C ASN R 102 -19.12 -31.94 -1.08
N LYS R 103 -18.41 -31.04 -0.38
CA LYS R 103 -17.21 -31.36 0.38
C LYS R 103 -16.12 -31.96 -0.50
N GLY R 104 -15.98 -31.43 -1.70
CA GLY R 104 -15.06 -31.99 -2.68
C GLY R 104 -13.65 -31.48 -2.58
N LYS R 105 -13.46 -30.35 -1.90
CA LYS R 105 -12.12 -29.78 -1.76
C LYS R 105 -11.33 -30.54 -0.70
N LEU R 106 -11.86 -30.59 0.52
CA LEU R 106 -11.19 -31.34 1.58
C LEU R 106 -11.41 -32.84 1.43
N GLY R 107 -12.58 -33.25 0.94
CA GLY R 107 -12.93 -34.66 0.91
C GLY R 107 -13.86 -34.98 2.05
N ALA R 108 -15.03 -35.56 1.74
CA ALA R 108 -16.00 -35.91 2.77
C ALA R 108 -15.45 -36.98 3.70
N ASN R 109 -14.61 -37.86 3.18
CA ASN R 109 -13.97 -38.88 4.00
C ASN R 109 -13.06 -38.27 5.06
N ALA R 110 -12.32 -37.22 4.69
CA ALA R 110 -11.44 -36.53 5.63
C ALA R 110 -12.23 -35.88 6.76
N ILE R 111 -13.31 -35.17 6.40
CA ILE R 111 -14.14 -34.49 7.39
C ILE R 111 -14.84 -35.50 8.30
N LEU R 112 -15.34 -36.60 7.72
CA LEU R 112 -16.01 -37.62 8.52
C LEU R 112 -15.04 -38.31 9.48
N GLY R 113 -13.83 -38.60 9.01
CA GLY R 113 -12.83 -39.22 9.87
C GLY R 113 -12.45 -38.33 11.03
N VAL R 114 -12.27 -37.03 10.76
CA VAL R 114 -11.97 -36.10 11.85
C VAL R 114 -13.14 -36.00 12.80
N SER R 115 -14.37 -35.99 12.28
CA SER R 115 -15.56 -35.90 13.12
C SER R 115 -15.70 -37.09 14.07
N ILE R 116 -15.52 -38.31 13.54
CA ILE R 116 -15.64 -39.51 14.35
C ILE R 116 -14.50 -39.60 15.36
N ALA R 117 -13.28 -39.25 14.95
CA ALA R 117 -12.14 -39.27 15.87
C ALA R 117 -12.32 -38.27 17.00
N VAL R 118 -12.85 -37.08 16.70
CA VAL R 118 -13.11 -36.07 17.72
C VAL R 118 -14.18 -36.55 18.70
N ALA R 119 -15.26 -37.16 18.18
CA ALA R 119 -16.32 -37.67 19.06
C ALA R 119 -15.81 -38.77 19.98
N ARG R 120 -14.98 -39.67 19.44
CA ARG R 120 -14.45 -40.76 20.25
C ARG R 120 -13.44 -40.26 21.28
N ALA R 121 -12.64 -39.25 20.91
CA ALA R 121 -11.70 -38.66 21.86
C ALA R 121 -12.42 -37.93 22.98
N ALA R 122 -13.54 -37.26 22.65
CA ALA R 122 -14.32 -36.58 23.69
C ALA R 122 -14.97 -37.59 24.64
N ALA R 123 -15.49 -38.70 24.07
CA ALA R 123 -16.05 -39.75 24.92
C ALA R 123 -14.98 -40.38 25.80
N ASP R 124 -13.77 -40.56 25.27
CA ASP R 124 -12.67 -41.10 26.07
C ASP R 124 -12.32 -40.12 27.18
N TYR R 125 -12.24 -38.83 26.87
CA TYR R 125 -11.88 -37.82 27.87
C TYR R 125 -12.91 -37.78 28.99
N LEU R 126 -14.19 -37.81 28.65
CA LEU R 126 -15.22 -37.78 29.66
C LEU R 126 -15.40 -39.10 30.39
N GLU R 127 -14.74 -40.18 29.92
CA GLU R 127 -14.82 -41.52 30.49
C GLU R 127 -16.26 -42.01 30.49
N VAL R 128 -16.93 -41.81 29.36
CA VAL R 128 -18.32 -42.25 29.18
C VAL R 128 -18.37 -43.07 27.89
N PRO R 129 -19.35 -43.96 27.78
CA PRO R 129 -19.55 -44.66 26.51
C PRO R 129 -19.91 -43.71 25.38
N LEU R 130 -19.57 -44.11 24.16
CA LEU R 130 -19.76 -43.25 22.99
C LEU R 130 -21.23 -42.93 22.76
N TYR R 131 -22.11 -43.91 22.97
CA TYR R 131 -23.54 -43.64 22.83
C TYR R 131 -24.03 -42.68 23.91
N SER R 132 -23.48 -42.75 25.12
CA SER R 132 -23.82 -41.80 26.16
C SER R 132 -23.40 -40.39 25.78
N TYR R 133 -22.19 -40.24 25.22
CA TYR R 133 -21.72 -38.93 24.80
C TYR R 133 -22.55 -38.38 23.64
N LEU R 134 -22.90 -39.24 22.68
CA LEU R 134 -23.58 -38.77 21.48
C LEU R 134 -25.07 -38.49 21.74
N GLY R 135 -25.72 -39.31 22.55
CA GLY R 135 -27.17 -39.21 22.67
C GLY R 135 -27.70 -38.82 24.03
N GLY R 136 -26.82 -38.60 25.00
CA GLY R 136 -27.25 -38.17 26.31
C GLY R 136 -27.49 -39.34 27.26
N PHE R 137 -28.31 -39.07 28.28
CA PHE R 137 -28.53 -40.06 29.33
C PHE R 137 -29.61 -41.07 28.97
N ASN R 138 -30.54 -40.73 28.10
CA ASN R 138 -31.69 -41.58 27.80
C ASN R 138 -31.46 -42.41 26.54
N THR R 139 -30.37 -43.18 26.54
CA THR R 139 -30.00 -44.02 25.41
C THR R 139 -30.17 -45.47 25.83
N LYS R 140 -31.26 -46.10 25.39
CA LYS R 140 -31.61 -47.43 25.87
C LYS R 140 -32.07 -48.40 24.80
N VAL R 141 -32.53 -47.94 23.64
CA VAL R 141 -33.16 -48.82 22.65
C VAL R 141 -32.09 -49.48 21.81
N LEU R 142 -32.14 -50.78 21.74
CA LEU R 142 -31.25 -51.58 20.90
C LEU R 142 -31.89 -51.76 19.54
N PRO R 143 -31.16 -51.48 18.46
CA PRO R 143 -31.79 -51.47 17.13
C PRO R 143 -32.21 -52.86 16.68
N THR R 144 -33.26 -52.88 15.86
CA THR R 144 -33.69 -54.10 15.20
C THR R 144 -32.90 -54.28 13.92
N PRO R 145 -32.16 -55.38 13.76
CA PRO R 145 -31.28 -55.52 12.60
C PRO R 145 -31.98 -56.06 11.37
N MET R 146 -31.55 -55.57 10.21
CA MET R 146 -31.96 -56.09 8.92
C MET R 146 -30.76 -56.88 8.38
N MET R 147 -30.76 -58.18 8.65
CA MET R 147 -29.65 -59.06 8.31
C MET R 147 -29.75 -59.47 6.85
N ASN R 148 -28.87 -58.94 6.01
CA ASN R 148 -28.84 -59.27 4.59
C ASN R 148 -28.43 -60.72 4.41
N ILE R 149 -29.28 -61.53 3.78
CA ILE R 149 -29.03 -62.95 3.70
C ILE R 149 -28.94 -63.47 2.27
N ILE R 150 -29.52 -62.80 1.28
CA ILE R 150 -29.51 -63.23 -0.11
C ILE R 150 -29.25 -62.00 -0.97
N ASN R 151 -28.36 -62.13 -1.95
CA ASN R 151 -27.97 -61.03 -2.82
C ASN R 151 -28.31 -61.38 -4.26
N GLY R 152 -28.83 -60.38 -4.97
CA GLY R 152 -29.13 -60.50 -6.38
C GLY R 152 -28.79 -59.23 -7.12
N GLY R 153 -29.52 -58.96 -8.20
CA GLY R 153 -29.35 -57.72 -8.94
C GLY R 153 -27.98 -57.62 -9.57
N SER R 154 -27.30 -56.52 -9.30
CA SER R 154 -25.95 -56.30 -9.81
C SER R 154 -24.88 -57.00 -8.97
N HIS R 155 -25.26 -57.68 -7.90
CA HIS R 155 -24.34 -58.42 -7.05
C HIS R 155 -24.37 -59.92 -7.30
N SER R 156 -25.05 -60.36 -8.36
CA SER R 156 -25.19 -61.78 -8.61
C SER R 156 -25.37 -62.02 -10.10
N ASP R 157 -25.02 -63.24 -10.50
CA ASP R 157 -25.34 -63.68 -11.83
C ASP R 157 -26.72 -64.26 -11.95
N ALA R 158 -27.43 -64.49 -10.83
CA ALA R 158 -28.78 -65.05 -10.79
C ALA R 158 -29.78 -64.12 -11.48
N PRO R 159 -30.88 -64.67 -12.06
CA PRO R 159 -31.91 -63.77 -12.65
C PRO R 159 -32.86 -63.24 -11.59
N ILE R 160 -32.33 -62.35 -10.75
CA ILE R 160 -33.10 -61.66 -9.71
C ILE R 160 -32.83 -60.18 -9.87
N ALA R 161 -33.89 -59.39 -10.00
CA ALA R 161 -33.70 -57.95 -10.14
C ALA R 161 -33.39 -57.27 -8.80
N PHE R 162 -33.95 -57.79 -7.71
CA PHE R 162 -33.79 -57.15 -6.41
C PHE R 162 -32.36 -57.33 -5.89
N GLN R 163 -31.80 -56.25 -5.37
CA GLN R 163 -30.40 -56.25 -4.98
C GLN R 163 -30.18 -57.07 -3.71
N GLU R 164 -31.03 -56.87 -2.70
CA GLU R 164 -30.82 -57.53 -1.41
C GLU R 164 -32.12 -58.10 -0.87
N PHE R 165 -31.98 -59.20 -0.15
CA PHE R 165 -33.04 -59.79 0.65
C PHE R 165 -32.54 -59.91 2.08
N MET R 166 -33.38 -59.55 3.04
CA MET R 166 -32.97 -59.44 4.43
C MET R 166 -33.97 -60.15 5.32
N ILE R 167 -33.49 -60.61 6.47
CA ILE R 167 -34.32 -61.15 7.53
C ILE R 167 -34.32 -60.16 8.69
N VAL R 168 -35.51 -59.91 9.23
CA VAL R 168 -35.69 -59.00 10.34
C VAL R 168 -36.22 -59.80 11.53
N PRO R 169 -35.37 -60.09 12.51
CA PRO R 169 -35.82 -60.87 13.69
C PRO R 169 -36.51 -59.98 14.73
N ALA R 170 -37.63 -59.39 14.35
CA ALA R 170 -38.34 -58.44 15.18
C ALA R 170 -39.13 -59.08 16.31
N GLY R 171 -39.30 -60.40 16.29
CA GLY R 171 -40.04 -61.10 17.32
C GLY R 171 -39.21 -61.56 18.50
N ALA R 172 -37.92 -61.26 18.53
CA ALA R 172 -37.07 -61.68 19.62
C ALA R 172 -37.24 -60.79 20.84
N PRO R 173 -37.04 -61.33 22.05
CA PRO R 173 -37.20 -60.49 23.24
C PRO R 173 -36.06 -59.50 23.44
N THR R 174 -34.83 -59.91 23.18
CA THR R 174 -33.65 -59.08 23.38
C THR R 174 -32.83 -59.06 22.10
N PHE R 175 -31.85 -58.15 22.04
CA PHE R 175 -30.97 -58.11 20.89
C PHE R 175 -30.08 -59.34 20.82
N LYS R 176 -29.69 -59.89 21.98
CA LYS R 176 -28.90 -61.12 22.01
C LYS R 176 -29.65 -62.27 21.34
N GLU R 177 -30.93 -62.42 21.67
CA GLU R 177 -31.76 -63.44 21.03
C GLU R 177 -31.93 -63.17 19.55
N ALA R 178 -32.10 -61.90 19.16
CA ALA R 178 -32.25 -61.56 17.74
C ALA R 178 -31.00 -61.92 16.94
N LEU R 179 -29.83 -61.63 17.51
CA LEU R 179 -28.58 -62.00 16.86
C LEU R 179 -28.43 -63.51 16.75
N ARG R 180 -28.81 -64.24 17.81
CA ARG R 180 -28.76 -65.70 17.78
C ARG R 180 -29.67 -66.27 16.71
N TRP R 181 -30.89 -65.73 16.60
CA TRP R 181 -31.83 -66.18 15.58
C TRP R 181 -31.32 -65.91 14.19
N GLY R 182 -30.73 -64.73 13.98
CA GLY R 182 -30.18 -64.43 12.67
C GLY R 182 -29.02 -65.31 12.30
N ALA R 183 -28.13 -65.60 13.26
CA ALA R 183 -27.02 -66.51 13.00
C ALA R 183 -27.52 -67.91 12.67
N GLU R 184 -28.53 -68.39 13.41
CA GLU R 184 -29.05 -69.73 13.18
C GLU R 184 -29.75 -69.84 11.84
N ILE R 185 -30.50 -68.80 11.44
CA ILE R 185 -31.14 -68.79 10.13
C ILE R 185 -30.09 -68.71 9.02
N PHE R 186 -29.01 -67.96 9.26
CA PHE R 186 -27.91 -67.88 8.31
C PHE R 186 -27.26 -69.25 8.08
N HIS R 187 -27.04 -69.99 9.17
CA HIS R 187 -26.44 -71.31 9.04
C HIS R 187 -27.39 -72.33 8.42
N ALA R 188 -28.69 -72.24 8.76
CA ALA R 188 -29.68 -73.12 8.14
C ALA R 188 -29.79 -72.88 6.63
N LEU R 189 -29.73 -71.61 6.22
CA LEU R 189 -29.71 -71.29 4.80
C LEU R 189 -28.45 -71.80 4.13
N LYS R 190 -27.31 -71.71 4.83
CA LYS R 190 -26.06 -72.25 4.29
C LYS R 190 -26.19 -73.75 4.04
N LYS R 191 -26.79 -74.48 4.99
CA LYS R 191 -26.99 -75.92 4.82
C LYS R 191 -27.96 -76.22 3.68
N ILE R 192 -29.04 -75.43 3.56
CA ILE R 192 -30.01 -75.64 2.49
C ILE R 192 -29.37 -75.41 1.13
N LEU R 193 -28.55 -74.36 1.01
CA LEU R 193 -27.86 -74.09 -0.25
C LEU R 193 -26.84 -75.16 -0.58
N LYS R 194 -26.11 -75.67 0.42
CA LYS R 194 -25.17 -76.76 0.18
C LYS R 194 -25.88 -78.03 -0.29
N GLU R 195 -27.04 -78.34 0.32
CA GLU R 195 -27.82 -79.49 -0.13
C GLU R 195 -28.36 -79.29 -1.54
N ARG R 196 -28.76 -78.05 -1.86
CA ARG R 196 -29.27 -77.73 -3.19
C ARG R 196 -28.18 -77.64 -4.24
N GLY R 197 -26.91 -77.63 -3.84
CA GLY R 197 -25.82 -77.54 -4.79
C GLY R 197 -25.49 -76.13 -5.25
N LEU R 198 -25.99 -75.11 -4.56
CA LEU R 198 -25.76 -73.73 -4.96
C LEU R 198 -24.53 -73.16 -4.27
N GLU R 199 -24.09 -72.00 -4.75
CA GLU R 199 -22.89 -71.35 -4.25
C GLU R 199 -23.11 -70.87 -2.81
N THR R 200 -22.11 -71.11 -1.96
CA THR R 200 -22.16 -70.80 -0.55
C THR R 200 -21.24 -69.64 -0.15
N ALA R 201 -20.24 -69.33 -0.95
CA ALA R 201 -19.33 -68.24 -0.61
C ALA R 201 -20.05 -66.90 -0.52
N VAL R 202 -19.51 -66.02 0.31
CA VAL R 202 -20.18 -64.79 0.67
C VAL R 202 -19.65 -63.64 -0.18
N GLY R 203 -20.41 -62.55 -0.19
CA GLY R 203 -20.06 -61.37 -0.96
C GLY R 203 -19.56 -60.23 -0.11
N ASP R 204 -19.83 -59.01 -0.56
CA ASP R 204 -19.28 -57.82 0.09
C ASP R 204 -19.82 -57.66 1.50
N GLU R 205 -21.12 -57.93 1.69
CA GLU R 205 -21.72 -57.74 3.00
C GLU R 205 -21.82 -59.02 3.81
N GLY R 206 -21.30 -60.14 3.29
CA GLY R 206 -21.38 -61.40 3.97
C GLY R 206 -22.54 -62.28 3.56
N GLY R 207 -23.35 -61.84 2.60
CA GLY R 207 -24.49 -62.62 2.18
C GLY R 207 -24.20 -63.51 0.98
N PHE R 208 -25.06 -64.49 0.78
CA PHE R 208 -24.89 -65.43 -0.32
C PHE R 208 -25.41 -64.83 -1.62
N ALA R 209 -24.90 -65.35 -2.74
CA ALA R 209 -25.41 -65.00 -4.07
C ALA R 209 -25.60 -66.26 -4.91
N PRO R 210 -26.61 -67.07 -4.60
CA PRO R 210 -26.79 -68.35 -5.30
C PRO R 210 -27.44 -68.12 -6.66
N ARG R 211 -27.61 -69.21 -7.40
CA ARG R 211 -28.26 -69.18 -8.71
C ARG R 211 -29.71 -69.63 -8.53
N PHE R 212 -30.55 -68.69 -8.12
CA PHE R 212 -31.96 -68.98 -7.92
C PHE R 212 -32.71 -68.87 -9.24
N ASN R 213 -33.96 -69.32 -9.22
CA ASN R 213 -34.82 -69.16 -10.39
C ASN R 213 -35.36 -67.74 -10.51
N GLY R 214 -35.54 -67.07 -9.38
CA GLY R 214 -36.08 -65.72 -9.40
C GLY R 214 -36.25 -65.21 -7.99
N THR R 215 -36.91 -64.05 -7.89
CA THR R 215 -37.16 -63.42 -6.60
C THR R 215 -38.02 -64.30 -5.71
N GLU R 216 -39.08 -64.89 -6.29
CA GLU R 216 -40.00 -65.73 -5.52
C GLU R 216 -39.29 -66.93 -4.93
N ASP R 217 -38.41 -67.58 -5.71
CA ASP R 217 -37.66 -68.73 -5.23
C ASP R 217 -36.73 -68.36 -4.08
N GLY R 218 -36.10 -67.18 -4.18
CA GLY R 218 -35.25 -66.71 -3.09
C GLY R 218 -36.03 -66.45 -1.81
N VAL R 219 -37.22 -65.86 -1.93
CA VAL R 219 -38.00 -65.61 -0.73
C VAL R 219 -38.50 -66.92 -0.12
N GLU R 220 -38.91 -67.88 -0.97
CA GLU R 220 -39.36 -69.18 -0.46
C GLU R 220 -38.23 -69.94 0.23
N THR R 221 -37.01 -69.88 -0.31
CA THR R 221 -35.91 -70.58 0.35
C THR R 221 -35.47 -69.85 1.62
N ILE R 222 -35.63 -68.53 1.69
CA ILE R 222 -35.38 -67.82 2.94
C ILE R 222 -36.39 -68.25 4.01
N ILE R 223 -37.66 -68.38 3.62
CA ILE R 223 -38.69 -68.82 4.55
C ILE R 223 -38.44 -70.26 4.99
N LYS R 224 -37.97 -71.10 4.07
CA LYS R 224 -37.61 -72.48 4.42
C LYS R 224 -36.45 -72.51 5.41
N ALA R 225 -35.46 -71.63 5.23
CA ALA R 225 -34.36 -71.55 6.18
C ALA R 225 -34.83 -71.08 7.55
N ILE R 226 -35.75 -70.11 7.57
CA ILE R 226 -36.32 -69.63 8.85
C ILE R 226 -37.04 -70.76 9.57
N GLU R 227 -37.85 -71.53 8.82
CA GLU R 227 -38.58 -72.63 9.44
C GLU R 227 -37.66 -73.77 9.85
N ALA R 228 -36.57 -73.99 9.11
CA ALA R 228 -35.59 -74.99 9.49
C ALA R 228 -34.85 -74.61 10.76
N ALA R 229 -34.61 -73.31 10.96
CA ALA R 229 -34.01 -72.85 12.21
C ALA R 229 -34.98 -72.93 13.39
N GLY R 230 -36.27 -73.09 13.13
CA GLY R 230 -37.24 -73.23 14.19
C GLY R 230 -37.95 -71.95 14.59
N TYR R 231 -38.22 -71.06 13.64
CA TYR R 231 -38.89 -69.80 13.91
C TYR R 231 -40.03 -69.61 12.91
N VAL R 232 -41.04 -68.87 13.36
CA VAL R 232 -42.27 -68.68 12.58
C VAL R 232 -42.10 -67.46 11.71
N PRO R 233 -42.12 -67.60 10.37
CA PRO R 233 -42.13 -66.42 9.50
C PRO R 233 -43.40 -65.61 9.69
N GLY R 234 -43.24 -64.29 9.68
CA GLY R 234 -44.35 -63.38 9.88
C GLY R 234 -44.71 -63.11 11.32
N LYS R 235 -44.17 -63.88 12.27
CA LYS R 235 -44.37 -63.63 13.69
C LYS R 235 -43.07 -63.36 14.41
N ASP R 236 -42.05 -64.17 14.18
CA ASP R 236 -40.73 -63.97 14.75
C ASP R 236 -39.78 -63.27 13.79
N VAL R 237 -39.72 -63.74 12.54
CA VAL R 237 -38.76 -63.24 11.56
C VAL R 237 -39.53 -62.80 10.31
N PHE R 238 -39.19 -61.63 9.80
CA PHE R 238 -39.85 -61.02 8.66
C PHE R 238 -38.84 -60.88 7.53
N ILE R 239 -39.33 -60.48 6.35
CA ILE R 239 -38.51 -60.38 5.16
C ILE R 239 -38.46 -58.92 4.72
N GLY R 240 -37.28 -58.44 4.39
CA GLY R 240 -37.12 -57.14 3.78
C GLY R 240 -36.46 -57.24 2.43
N LEU R 241 -36.69 -56.25 1.57
CA LEU R 241 -36.11 -56.22 0.24
C LEU R 241 -35.42 -54.88 0.03
N ASP R 242 -34.29 -54.92 -0.66
CA ASP R 242 -33.63 -53.74 -1.20
C ASP R 242 -33.66 -53.95 -2.70
N CYS R 243 -34.71 -53.43 -3.34
CA CYS R 243 -34.90 -53.63 -4.77
C CYS R 243 -33.83 -52.92 -5.58
N ALA R 244 -33.45 -51.70 -5.16
CA ALA R 244 -32.56 -50.81 -5.90
C ALA R 244 -32.99 -50.65 -7.34
N SER R 245 -34.25 -50.25 -7.50
CA SER R 245 -34.85 -50.18 -8.82
C SER R 245 -34.23 -49.14 -9.71
N SER R 246 -33.44 -48.20 -9.16
CA SER R 246 -32.71 -47.24 -9.98
C SER R 246 -31.68 -47.91 -10.88
N GLU R 247 -31.28 -49.15 -10.56
CA GLU R 247 -30.33 -49.88 -11.41
C GLU R 247 -30.99 -50.43 -12.67
N PHE R 248 -32.24 -50.86 -12.59
CA PHE R 248 -32.94 -51.43 -13.73
C PHE R 248 -34.13 -50.57 -14.14
N TYR R 249 -33.99 -49.25 -14.05
CA TYR R 249 -35.04 -48.33 -14.45
C TYR R 249 -34.64 -47.64 -15.74
N ASP R 250 -35.53 -47.68 -16.73
CA ASP R 250 -35.34 -46.96 -17.99
C ASP R 250 -35.91 -45.57 -17.84
N ALA R 251 -35.03 -44.57 -17.75
CA ALA R 251 -35.50 -43.20 -17.50
C ALA R 251 -36.21 -42.61 -18.71
N GLU R 252 -35.72 -42.91 -19.91
CA GLU R 252 -36.31 -42.33 -21.11
C GLU R 252 -37.68 -42.92 -21.47
N HIS R 253 -37.87 -44.21 -21.28
CA HIS R 253 -39.15 -44.91 -21.37
C HIS R 253 -40.03 -44.86 -20.14
N LYS R 254 -39.52 -44.37 -19.00
CA LYS R 254 -40.27 -44.30 -17.75
C LYS R 254 -40.83 -45.66 -17.36
N VAL R 255 -40.04 -46.72 -17.55
CA VAL R 255 -40.49 -48.08 -17.28
C VAL R 255 -39.38 -48.81 -16.51
N TYR R 256 -39.77 -49.57 -15.51
CA TYR R 256 -38.85 -50.37 -14.71
C TYR R 256 -38.53 -51.65 -15.50
N GLY R 257 -37.43 -51.62 -16.23
CA GLY R 257 -37.07 -52.75 -17.07
C GLY R 257 -36.40 -53.88 -16.31
N TYR R 258 -37.17 -54.94 -16.06
CA TYR R 258 -36.66 -56.10 -15.35
C TYR R 258 -35.78 -56.99 -16.21
N THR R 259 -35.72 -56.73 -17.52
CA THR R 259 -34.94 -57.56 -18.43
C THR R 259 -33.43 -57.37 -18.26
N LYS R 260 -32.99 -56.34 -17.54
CA LYS R 260 -31.57 -56.10 -17.36
C LYS R 260 -30.92 -57.22 -16.55
N PHE R 261 -31.63 -57.74 -15.54
CA PHE R 261 -31.08 -58.77 -14.68
C PHE R 261 -31.73 -60.13 -14.82
N GLU R 262 -32.92 -60.21 -15.40
CA GLU R 262 -33.67 -61.47 -15.48
C GLU R 262 -33.83 -61.96 -16.92
N GLY R 263 -32.85 -61.68 -17.77
CA GLY R 263 -32.88 -62.19 -19.14
C GLY R 263 -33.79 -61.39 -20.04
N GLU R 264 -33.85 -61.81 -21.30
CA GLU R 264 -34.61 -61.06 -22.30
C GLU R 264 -36.12 -61.19 -22.10
N GLY R 265 -36.58 -62.34 -21.64
CA GLY R 265 -38.00 -62.60 -21.53
C GLY R 265 -38.68 -62.08 -20.28
N ALA R 266 -37.97 -61.35 -19.43
CA ALA R 266 -38.54 -60.85 -18.18
C ALA R 266 -39.61 -59.81 -18.45
N ALA R 267 -40.60 -59.77 -17.55
CA ALA R 267 -41.69 -58.81 -17.68
C ALA R 267 -41.19 -57.38 -17.50
N VAL R 268 -41.68 -56.48 -18.35
CA VAL R 268 -41.28 -55.08 -18.31
C VAL R 268 -42.43 -54.31 -17.67
N ARG R 269 -42.19 -53.73 -16.51
CA ARG R 269 -43.24 -53.18 -15.65
C ARG R 269 -43.15 -51.67 -15.60
N THR R 270 -44.27 -50.99 -15.81
CA THR R 270 -44.38 -49.54 -15.67
C THR R 270 -44.50 -49.19 -14.20
N ALA R 271 -44.85 -47.93 -13.90
CA ALA R 271 -44.88 -47.47 -12.51
C ALA R 271 -45.98 -48.18 -11.72
N ALA R 272 -47.22 -48.17 -12.23
CA ALA R 272 -48.32 -48.82 -11.53
C ALA R 272 -48.17 -50.33 -11.52
N GLU R 273 -47.59 -50.89 -12.59
CA GLU R 273 -47.31 -52.32 -12.61
C GLU R 273 -46.25 -52.70 -11.57
N GLN R 274 -45.26 -51.84 -11.36
CA GLN R 274 -44.34 -52.05 -10.25
C GLN R 274 -45.05 -51.93 -8.90
N ILE R 275 -45.98 -50.98 -8.78
CA ILE R 275 -46.73 -50.79 -7.53
C ILE R 275 -47.48 -52.05 -7.14
N ASP R 276 -48.26 -52.60 -8.07
CA ASP R 276 -49.05 -53.77 -7.70
C ASP R 276 -48.22 -55.05 -7.72
N TYR R 277 -47.06 -55.06 -8.39
CA TYR R 277 -46.12 -56.16 -8.22
C TYR R 277 -45.58 -56.19 -6.80
N LEU R 278 -45.18 -55.04 -6.27
CA LEU R 278 -44.73 -54.95 -4.88
C LEU R 278 -45.86 -55.30 -3.92
N GLU R 279 -47.08 -54.89 -4.24
CA GLU R 279 -48.23 -55.25 -3.41
C GLU R 279 -48.47 -56.76 -3.41
N GLU R 280 -48.32 -57.41 -4.57
CA GLU R 280 -48.46 -58.86 -4.63
C GLU R 280 -47.37 -59.56 -3.83
N LEU R 281 -46.15 -59.04 -3.89
CA LEU R 281 -45.06 -59.59 -3.08
C LEU R 281 -45.34 -59.44 -1.59
N VAL R 282 -45.89 -58.29 -1.19
CA VAL R 282 -46.24 -58.05 0.20
C VAL R 282 -47.36 -58.98 0.66
N ASN R 283 -48.34 -59.21 -0.20
CA ASN R 283 -49.44 -60.09 0.19
C ASN R 283 -49.02 -61.55 0.22
N LYS R 284 -48.10 -61.96 -0.67
CA LYS R 284 -47.70 -63.36 -0.72
C LYS R 284 -46.78 -63.74 0.43
N TYR R 285 -45.88 -62.85 0.81
CA TYR R 285 -44.80 -63.16 1.72
C TYR R 285 -44.82 -62.23 2.92
N PRO R 286 -44.24 -62.64 4.06
CA PRO R 286 -44.19 -61.75 5.24
C PRO R 286 -43.16 -60.64 5.11
N ILE R 287 -43.42 -59.68 4.24
CA ILE R 287 -42.49 -58.60 3.94
C ILE R 287 -42.86 -57.40 4.78
N ILE R 288 -41.89 -56.89 5.54
CA ILE R 288 -42.08 -55.72 6.36
C ILE R 288 -41.34 -54.50 5.80
N THR R 289 -40.30 -54.68 5.00
CA THR R 289 -39.49 -53.58 4.52
C THR R 289 -39.28 -53.71 3.01
N ILE R 290 -39.42 -52.59 2.30
CA ILE R 290 -39.04 -52.48 0.89
C ILE R 290 -38.22 -51.21 0.76
N GLU R 291 -37.04 -51.31 0.18
CA GLU R 291 -36.10 -50.21 0.07
C GLU R 291 -35.80 -49.97 -1.40
N ASP R 292 -35.86 -48.70 -1.80
CA ASP R 292 -35.59 -48.26 -3.17
C ASP R 292 -36.48 -49.01 -4.16
N GLY R 293 -37.77 -49.09 -3.83
CA GLY R 293 -38.72 -49.72 -4.72
C GLY R 293 -39.07 -48.89 -5.93
N MET R 294 -38.64 -47.62 -5.96
CA MET R 294 -38.85 -46.72 -7.09
C MET R 294 -37.53 -46.02 -7.41
N ASP R 295 -37.47 -45.44 -8.60
CA ASP R 295 -36.27 -44.72 -9.01
C ASP R 295 -36.08 -43.48 -8.15
N GLU R 296 -34.84 -42.99 -8.13
CA GLU R 296 -34.49 -41.89 -7.26
C GLU R 296 -35.13 -40.60 -7.77
N ASN R 297 -35.59 -40.60 -9.03
CA ASN R 297 -36.23 -39.45 -9.65
C ASN R 297 -37.71 -39.66 -9.94
N ASP R 298 -38.26 -40.83 -9.59
CA ASP R 298 -39.70 -41.08 -9.78
C ASP R 298 -40.43 -40.66 -8.53
N TRP R 299 -40.69 -39.36 -8.43
CA TRP R 299 -41.35 -38.81 -7.25
C TRP R 299 -42.84 -39.18 -7.22
N ASP R 300 -43.51 -39.11 -8.38
CA ASP R 300 -44.92 -39.48 -8.43
C ASP R 300 -45.12 -40.97 -8.13
N GLY R 301 -44.22 -41.81 -8.64
CA GLY R 301 -44.27 -43.23 -8.32
C GLY R 301 -44.02 -43.50 -6.85
N TRP R 302 -43.10 -42.76 -6.23
CA TRP R 302 -42.84 -42.90 -4.80
C TRP R 302 -44.06 -42.49 -3.99
N LYS R 303 -44.72 -41.40 -4.39
CA LYS R 303 -45.95 -40.97 -3.70
C LYS R 303 -47.06 -42.00 -3.85
N ALA R 304 -47.22 -42.58 -5.04
CA ALA R 304 -48.18 -43.65 -5.24
C ALA R 304 -47.82 -44.90 -4.44
N LEU R 305 -46.53 -45.17 -4.27
CA LEU R 305 -46.16 -46.32 -3.46
C LEU R 305 -46.47 -46.10 -2.00
N THR R 306 -46.24 -44.89 -1.51
CA THR R 306 -46.55 -44.58 -0.11
C THR R 306 -48.04 -44.56 0.14
N GLU R 307 -48.84 -44.07 -0.83
CA GLU R 307 -50.28 -44.16 -0.66
C GLU R 307 -50.75 -45.60 -0.62
N ARG R 308 -50.16 -46.48 -1.45
CA ARG R 308 -50.69 -47.84 -1.56
C ARG R 308 -50.24 -48.72 -0.40
N LEU R 309 -48.95 -48.73 -0.11
CA LEU R 309 -48.37 -49.68 0.81
C LEU R 309 -47.75 -49.06 2.05
N GLY R 310 -47.77 -47.73 2.18
CA GLY R 310 -47.07 -47.08 3.27
C GLY R 310 -47.65 -47.34 4.65
N GLY R 311 -48.93 -47.73 4.72
CA GLY R 311 -49.55 -47.96 6.01
C GLY R 311 -49.13 -49.24 6.70
N LYS R 312 -48.65 -50.24 5.94
CA LYS R 312 -48.33 -51.53 6.50
C LYS R 312 -46.91 -52.00 6.19
N VAL R 313 -46.22 -51.39 5.23
CA VAL R 313 -44.89 -51.79 4.82
C VAL R 313 -43.97 -50.59 4.88
N GLN R 314 -42.82 -50.75 5.53
CA GLN R 314 -41.83 -49.69 5.63
C GLN R 314 -41.14 -49.49 4.28
N LEU R 315 -41.20 -48.29 3.75
CA LEU R 315 -40.60 -47.92 2.48
C LEU R 315 -39.41 -47.01 2.74
N VAL R 316 -38.21 -47.50 2.47
CA VAL R 316 -36.97 -46.82 2.78
C VAL R 316 -36.45 -46.15 1.52
N GLY R 317 -36.05 -44.89 1.64
CA GLY R 317 -35.40 -44.20 0.54
C GLY R 317 -33.90 -44.10 0.76
N ASP R 318 -33.13 -44.90 0.04
CA ASP R 318 -31.67 -44.86 0.19
C ASP R 318 -31.05 -43.90 -0.80
N ASP R 319 -31.14 -44.28 -2.02
CA ASP R 319 -30.90 -43.44 -3.13
C ASP R 319 -31.93 -42.32 -3.39
N PHE R 320 -33.15 -42.47 -2.88
CA PHE R 320 -34.15 -41.42 -3.03
C PHE R 320 -33.76 -40.15 -2.28
N PHE R 321 -33.24 -40.29 -1.08
CA PHE R 321 -32.88 -39.16 -0.24
C PHE R 321 -31.39 -38.89 -0.14
N VAL R 322 -30.56 -39.93 -0.05
CA VAL R 322 -29.10 -39.91 -0.07
C VAL R 322 -28.64 -39.12 1.18
N THR R 323 -29.33 -39.33 2.31
CA THR R 323 -28.98 -38.70 3.61
C THR R 323 -28.92 -37.15 3.46
N ASN R 324 -29.79 -36.60 2.62
CA ASN R 324 -29.78 -35.18 2.37
C ASN R 324 -30.97 -34.58 3.07
N THR R 325 -30.73 -33.52 3.83
CA THR R 325 -31.79 -32.82 4.54
C THR R 325 -32.82 -32.22 3.59
N ALA R 326 -32.37 -31.64 2.47
CA ALA R 326 -33.29 -31.05 1.51
C ALA R 326 -34.20 -32.10 0.87
N TYR R 327 -33.63 -33.24 0.49
CA TYR R 327 -34.42 -34.29 -0.13
C TYR R 327 -35.36 -34.94 0.86
N LEU R 328 -34.92 -35.11 2.11
CA LEU R 328 -35.80 -35.64 3.13
C LEU R 328 -36.95 -34.68 3.42
N GLU R 329 -36.65 -33.37 3.46
CA GLU R 329 -37.70 -32.37 3.66
C GLU R 329 -38.69 -32.39 2.51
N LYS R 330 -38.17 -32.48 1.28
CA LYS R 330 -39.04 -32.59 0.14
C LYS R 330 -39.85 -33.86 0.27
N GLY R 331 -39.26 -35.01 0.53
CA GLY R 331 -40.06 -36.24 0.69
C GLY R 331 -41.13 -36.22 1.78
N ILE R 332 -40.84 -35.53 2.90
CA ILE R 332 -41.83 -35.36 3.96
C ILE R 332 -42.98 -34.48 3.49
N ALA R 333 -42.67 -33.41 2.75
CA ALA R 333 -43.70 -32.52 2.22
C ALA R 333 -44.66 -33.23 1.26
N GLU R 334 -44.12 -34.11 0.40
CA GLU R 334 -44.92 -34.77 -0.62
C GLU R 334 -45.39 -36.15 -0.22
N HIS R 335 -45.18 -36.55 1.04
CA HIS R 335 -45.59 -37.86 1.57
C HIS R 335 -44.98 -39.00 0.75
N ALA R 336 -43.69 -38.88 0.46
CA ALA R 336 -42.94 -39.88 -0.28
C ALA R 336 -42.09 -40.66 0.71
N ALA R 337 -42.22 -41.98 0.68
CA ALA R 337 -41.64 -42.95 1.61
C ALA R 337 -42.04 -42.69 3.07
N ASN R 338 -41.60 -43.57 3.97
CA ASN R 338 -41.78 -43.31 5.39
C ASN R 338 -40.55 -43.71 6.18
N SER R 339 -39.40 -43.85 5.51
CA SER R 339 -38.15 -44.22 6.15
C SER R 339 -37.01 -43.70 5.29
N ILE R 340 -35.91 -43.35 5.93
CA ILE R 340 -34.69 -42.91 5.26
C ILE R 340 -33.51 -43.76 5.72
N LEU R 341 -32.66 -44.12 4.77
CA LEU R 341 -31.47 -44.87 5.08
C LEU R 341 -30.37 -43.84 5.35
N ILE R 342 -29.79 -43.87 6.54
CA ILE R 342 -28.80 -42.89 6.98
C ILE R 342 -27.42 -43.50 6.81
N LYS R 343 -26.60 -42.88 5.96
CA LYS R 343 -25.20 -43.25 5.80
C LYS R 343 -24.33 -42.06 6.16
N VAL R 344 -23.39 -42.29 7.09
CA VAL R 344 -22.65 -41.19 7.71
C VAL R 344 -21.76 -40.50 6.69
N ASN R 345 -21.12 -41.25 5.80
CA ASN R 345 -20.20 -40.68 4.83
C ASN R 345 -20.91 -40.09 3.62
N GLN R 346 -22.21 -40.31 3.45
CA GLN R 346 -22.97 -39.60 2.44
C GLN R 346 -23.25 -38.15 2.76
N ILE R 347 -23.05 -37.75 4.01
CA ILE R 347 -23.22 -36.35 4.37
C ILE R 347 -21.94 -35.84 5.02
N GLY R 348 -21.12 -36.73 5.56
CA GLY R 348 -19.75 -36.46 5.92
C GLY R 348 -19.50 -35.83 7.28
N THR R 349 -20.50 -35.74 8.14
CA THR R 349 -20.37 -35.08 9.43
C THR R 349 -21.35 -35.66 10.42
N LEU R 350 -20.91 -35.87 11.67
CA LEU R 350 -21.78 -36.41 12.71
C LEU R 350 -22.93 -35.46 13.05
N THR R 351 -22.65 -34.15 13.09
CA THR R 351 -23.69 -33.17 13.38
C THR R 351 -24.80 -33.21 12.34
N GLU R 352 -24.43 -33.28 11.06
CA GLU R 352 -25.43 -33.34 10.00
C GLU R 352 -26.15 -34.68 9.96
N THR R 353 -25.45 -35.76 10.32
CA THR R 353 -26.09 -37.07 10.44
C THR R 353 -27.17 -37.05 11.50
N PHE R 354 -26.87 -36.46 12.66
CA PHE R 354 -27.87 -36.39 13.72
C PHE R 354 -28.99 -35.42 13.39
N ASP R 355 -28.68 -34.37 12.62
CA ASP R 355 -29.73 -33.47 12.14
C ASP R 355 -30.70 -34.19 11.22
N ALA R 356 -30.18 -35.01 10.30
CA ALA R 356 -31.03 -35.79 9.41
C ALA R 356 -31.86 -36.80 10.18
N ILE R 357 -31.26 -37.45 11.19
CA ILE R 357 -31.99 -38.42 12.01
C ILE R 357 -33.13 -37.74 12.77
N GLU R 358 -32.85 -36.57 13.35
CA GLU R 358 -33.87 -35.84 14.08
C GLU R 358 -35.00 -35.35 13.18
N MET R 359 -34.65 -34.86 11.98
CA MET R 359 -35.66 -34.43 11.03
C MET R 359 -36.54 -35.59 10.57
N ALA R 360 -35.93 -36.76 10.35
CA ALA R 360 -36.71 -37.94 9.99
C ALA R 360 -37.62 -38.37 11.14
N LYS R 361 -37.11 -38.35 12.37
CA LYS R 361 -37.92 -38.77 13.52
C LYS R 361 -39.11 -37.84 13.76
N GLU R 362 -38.90 -36.53 13.59
CA GLU R 362 -39.97 -35.57 13.79
C GLU R 362 -41.14 -35.71 12.82
N ALA R 363 -40.92 -36.32 11.66
CA ALA R 363 -41.97 -36.46 10.66
C ALA R 363 -42.69 -37.79 10.74
N GLY R 364 -42.39 -38.62 11.73
CA GLY R 364 -42.93 -39.95 11.80
C GLY R 364 -42.16 -40.98 11.00
N TYR R 365 -41.07 -40.58 10.37
CA TYR R 365 -40.25 -41.50 9.60
C TYR R 365 -39.30 -42.25 10.52
N THR R 366 -38.82 -43.40 10.06
CA THR R 366 -37.80 -44.15 10.76
C THR R 366 -36.45 -43.94 10.10
N ALA R 367 -35.43 -43.70 10.91
CA ALA R 367 -34.06 -43.57 10.40
C ALA R 367 -33.34 -44.88 10.60
N VAL R 368 -32.77 -45.42 9.52
CA VAL R 368 -32.09 -46.70 9.55
C VAL R 368 -30.62 -46.44 9.31
N VAL R 369 -29.81 -46.59 10.36
CA VAL R 369 -28.36 -46.42 10.21
C VAL R 369 -27.81 -47.56 9.36
N SER R 370 -27.00 -47.24 8.37
CA SER R 370 -26.60 -48.22 7.38
C SER R 370 -25.10 -48.26 7.23
N HIS R 371 -24.65 -49.39 6.75
CA HIS R 371 -23.27 -49.66 6.44
C HIS R 371 -22.99 -49.40 4.96
N ARG R 372 -21.71 -49.40 4.61
CA ARG R 372 -21.27 -49.29 3.23
C ARG R 372 -20.70 -50.61 2.77
N SER R 373 -20.51 -50.73 1.45
CA SER R 373 -19.95 -51.95 0.88
C SER R 373 -18.52 -52.18 1.34
N GLY R 374 -17.74 -51.12 1.45
CA GLY R 374 -16.41 -51.21 2.02
C GLY R 374 -16.38 -50.64 3.42
N GLU R 375 -16.30 -51.49 4.42
CA GLU R 375 -16.36 -51.09 5.82
C GLU R 375 -14.99 -51.28 6.48
N THR R 376 -14.95 -51.03 7.78
CA THR R 376 -13.72 -51.10 8.55
C THR R 376 -14.02 -51.85 9.84
N GLU R 377 -13.03 -51.88 10.73
CA GLU R 377 -13.22 -52.40 12.09
C GLU R 377 -13.90 -51.39 12.99
N ASP R 378 -14.13 -50.18 12.50
CA ASP R 378 -14.80 -49.14 13.26
C ASP R 378 -16.29 -49.43 13.35
N SER R 379 -16.83 -49.38 14.56
CA SER R 379 -18.24 -49.70 14.79
C SER R 379 -18.99 -48.52 15.39
N THR R 380 -18.76 -47.32 14.84
CA THR R 380 -19.39 -46.11 15.37
C THR R 380 -20.89 -46.06 15.05
N ILE R 381 -21.31 -46.71 13.96
CA ILE R 381 -22.71 -46.61 13.57
C ILE R 381 -23.61 -47.34 14.56
N ALA R 382 -23.08 -48.36 15.25
CA ALA R 382 -23.83 -49.00 16.34
C ALA R 382 -24.09 -48.02 17.47
N ASP R 383 -23.06 -47.25 17.85
CA ASP R 383 -23.22 -46.21 18.87
C ASP R 383 -24.15 -45.11 18.41
N ILE R 384 -24.15 -44.79 17.12
CA ILE R 384 -25.08 -43.80 16.58
C ILE R 384 -26.51 -44.30 16.67
N ALA R 385 -26.73 -45.57 16.32
CA ALA R 385 -28.07 -46.16 16.37
C ALA R 385 -28.61 -46.20 17.79
N VAL R 386 -27.77 -46.57 18.76
CA VAL R 386 -28.23 -46.59 20.15
C VAL R 386 -28.40 -45.16 20.67
N ALA R 387 -27.51 -44.25 20.27
CA ALA R 387 -27.56 -42.87 20.75
C ALA R 387 -28.83 -42.16 20.28
N THR R 388 -29.22 -42.39 19.05
CA THR R 388 -30.41 -41.74 18.50
C THR R 388 -31.69 -42.44 18.86
N ASN R 389 -31.62 -43.63 19.47
CA ASN R 389 -32.77 -44.50 19.74
C ASN R 389 -33.57 -44.76 18.45
N ALA R 390 -32.83 -44.96 17.36
CA ALA R 390 -33.44 -45.14 16.04
C ALA R 390 -34.27 -46.41 15.99
N GLY R 391 -33.79 -47.47 16.64
CA GLY R 391 -34.53 -48.70 16.72
C GLY R 391 -34.39 -49.61 15.52
N GLN R 392 -33.59 -49.23 14.52
CA GLN R 392 -33.39 -50.05 13.32
C GLN R 392 -31.97 -49.82 12.82
N ILE R 393 -31.30 -50.92 12.47
CA ILE R 393 -29.96 -50.86 11.91
C ILE R 393 -29.90 -51.79 10.71
N LYS R 394 -28.96 -51.51 9.82
CA LYS R 394 -28.70 -52.33 8.63
C LYS R 394 -27.18 -52.35 8.46
N THR R 395 -26.54 -53.39 9.00
CA THR R 395 -25.09 -53.43 9.02
C THR R 395 -24.57 -54.75 8.40
N GLY R 396 -25.40 -55.45 7.64
CA GLY R 396 -24.92 -56.56 6.85
C GLY R 396 -25.32 -57.92 7.40
N SER R 397 -24.58 -58.94 6.98
CA SER R 397 -24.92 -60.33 7.28
C SER R 397 -24.18 -60.79 8.54
N LEU R 398 -24.13 -62.10 8.73
CA LEU R 398 -23.55 -62.72 9.91
C LEU R 398 -22.27 -63.44 9.56
N SER R 399 -21.54 -62.94 8.56
CA SER R 399 -20.36 -63.63 8.07
C SER R 399 -19.08 -62.87 8.31
N ARG R 400 -18.93 -61.65 7.83
CA ARG R 400 -17.62 -61.02 7.85
C ARG R 400 -17.50 -60.07 9.04
N THR R 401 -16.27 -59.92 9.56
CA THR R 401 -16.01 -59.06 10.73
C THR R 401 -16.32 -57.60 10.49
N ASP R 402 -16.18 -57.12 9.26
CA ASP R 402 -16.73 -55.79 8.92
C ASP R 402 -18.20 -55.59 9.27
N ARG R 403 -18.97 -56.68 9.45
CA ARG R 403 -20.38 -56.64 9.80
C ARG R 403 -20.56 -57.11 11.22
N ILE R 404 -19.80 -58.14 11.63
CA ILE R 404 -19.89 -58.73 12.96
C ILE R 404 -19.39 -57.75 14.01
N ALA R 405 -18.53 -56.79 13.63
CA ALA R 405 -18.02 -55.82 14.58
C ALA R 405 -19.13 -54.95 15.14
N LYS R 406 -20.09 -54.56 14.30
CA LYS R 406 -21.20 -53.75 14.77
C LYS R 406 -22.14 -54.55 15.65
N TYR R 407 -22.37 -55.82 15.31
CA TYR R 407 -23.19 -56.69 16.15
C TYR R 407 -22.53 -56.93 17.51
N ASN R 408 -21.20 -57.09 17.52
CA ASN R 408 -20.48 -57.26 18.78
C ASN R 408 -20.53 -55.99 19.62
N GLN R 409 -20.42 -54.83 18.97
CA GLN R 409 -20.55 -53.56 19.67
C GLN R 409 -21.94 -53.39 20.25
N LEU R 410 -22.97 -53.82 19.52
CA LEU R 410 -24.33 -53.75 20.04
C LEU R 410 -24.53 -54.71 21.21
N LEU R 411 -23.90 -55.88 21.16
CA LEU R 411 -23.91 -56.79 22.30
C LEU R 411 -23.26 -56.17 23.52
N ARG R 412 -22.13 -55.50 23.32
CA ARG R 412 -21.46 -54.80 24.42
C ARG R 412 -22.32 -53.68 24.99
N ILE R 413 -23.00 -52.93 24.12
CA ILE R 413 -23.87 -51.84 24.57
C ILE R 413 -25.04 -52.39 25.37
N GLU R 414 -25.64 -53.49 24.91
CA GLU R 414 -26.72 -54.12 25.66
C GLU R 414 -26.26 -54.61 27.02
N ASP R 415 -25.07 -55.22 27.08
CA ASP R 415 -24.52 -55.68 28.35
C ASP R 415 -24.25 -54.52 29.30
N GLN R 416 -23.70 -53.40 28.78
CA GLN R 416 -23.47 -52.23 29.60
C GLN R 416 -24.76 -51.63 30.13
N LEU R 417 -25.78 -51.53 29.28
CA LEU R 417 -27.06 -50.98 29.71
C LEU R 417 -27.72 -51.86 30.76
N GLY R 418 -27.64 -53.17 30.60
CA GLY R 418 -28.15 -54.07 31.62
C GLY R 418 -29.65 -54.16 31.58
N GLU R 419 -30.31 -53.92 32.72
CA GLU R 419 -31.76 -53.99 32.79
C GLU R 419 -32.46 -52.82 32.12
N VAL R 420 -31.72 -51.76 31.79
CA VAL R 420 -32.32 -50.60 31.17
C VAL R 420 -32.53 -50.79 29.66
N ALA R 421 -31.70 -51.64 29.04
CA ALA R 421 -31.75 -51.86 27.60
C ALA R 421 -33.10 -52.42 27.16
N GLU R 422 -33.62 -51.89 26.06
CA GLU R 422 -34.90 -52.32 25.52
C GLU R 422 -34.75 -52.69 24.06
N TYR R 423 -35.22 -53.88 23.71
CA TYR R 423 -35.35 -54.31 22.32
C TYR R 423 -36.83 -54.31 21.97
N ARG R 424 -37.23 -53.37 21.11
CA ARG R 424 -38.65 -53.17 20.85
C ARG R 424 -39.18 -54.02 19.71
N GLY R 425 -38.34 -54.39 18.76
CA GLY R 425 -38.76 -55.22 17.65
C GLY R 425 -39.77 -54.54 16.76
N LEU R 426 -40.99 -55.08 16.70
CA LEU R 426 -42.03 -54.51 15.86
C LEU R 426 -42.42 -53.10 16.31
N LYS R 427 -42.29 -52.81 17.61
CA LYS R 427 -42.57 -51.49 18.12
C LYS R 427 -41.55 -50.45 17.66
N SER R 428 -40.41 -50.87 17.09
CA SER R 428 -39.47 -49.93 16.51
C SER R 428 -39.87 -49.51 15.10
N PHE R 429 -40.88 -50.15 14.52
CA PHE R 429 -41.44 -49.73 13.24
C PHE R 429 -42.62 -48.79 13.49
N TYR R 430 -42.33 -47.66 14.14
CA TYR R 430 -43.37 -46.73 14.53
C TYR R 430 -43.95 -45.96 13.35
N ASN R 431 -43.32 -46.03 12.19
CA ASN R 431 -43.86 -45.43 10.97
C ASN R 431 -45.03 -46.20 10.39
N LEU R 432 -45.33 -47.40 10.90
CA LEU R 432 -46.43 -48.21 10.42
C LEU R 432 -47.57 -48.24 11.43
N LYS R 433 -48.79 -48.40 10.92
CA LYS R 433 -49.95 -48.50 11.78
C LYS R 433 -49.94 -49.84 12.50
N LYS R 434 -50.61 -49.88 13.66
CA LYS R 434 -50.76 -51.06 14.50
C LYS R 434 -49.40 -51.65 14.90
N MET S 1 7.45 -35.14 30.66
CA MET S 1 7.70 -35.82 31.93
C MET S 1 8.61 -37.03 31.69
N SER S 2 8.55 -37.58 30.49
CA SER S 2 9.52 -38.55 30.01
C SER S 2 10.52 -37.93 29.06
N ILE S 3 10.45 -36.63 28.83
CA ILE S 3 11.39 -35.96 27.93
C ILE S 3 12.71 -35.77 28.64
N ILE S 4 13.81 -36.16 27.97
CA ILE S 4 15.14 -35.99 28.52
C ILE S 4 15.45 -34.51 28.64
N THR S 5 15.75 -34.07 29.86
CA THR S 5 16.08 -32.68 30.10
C THR S 5 17.52 -32.43 30.49
N ASP S 6 18.21 -33.43 31.03
CA ASP S 6 19.58 -33.22 31.46
C ASP S 6 20.42 -34.45 31.14
N VAL S 7 21.58 -34.22 30.53
CA VAL S 7 22.57 -35.28 30.30
C VAL S 7 23.91 -34.76 30.80
N TYR S 8 24.44 -35.40 31.85
CA TYR S 8 25.72 -35.03 32.42
C TYR S 8 26.69 -36.19 32.26
N ALA S 9 27.98 -35.87 32.15
CA ALA S 9 29.01 -36.89 32.13
C ALA S 9 30.14 -36.49 33.05
N ARG S 10 30.84 -37.49 33.57
CA ARG S 10 31.96 -37.21 34.44
C ARG S 10 32.96 -38.35 34.31
N GLU S 11 34.19 -38.08 34.74
CA GLU S 11 35.29 -39.03 34.64
C GLU S 11 35.46 -39.75 35.97
N VAL S 12 35.40 -41.07 35.93
CA VAL S 12 35.54 -41.94 37.09
C VAL S 12 36.61 -42.97 36.81
N LEU S 13 36.80 -43.90 37.73
CA LEU S 13 37.82 -44.91 37.62
C LEU S 13 37.20 -46.28 37.41
N ASP S 14 37.91 -47.13 36.68
CA ASP S 14 37.48 -48.49 36.41
C ASP S 14 38.12 -49.43 37.45
N SER S 15 37.97 -50.74 37.23
CA SER S 15 38.46 -51.72 38.17
C SER S 15 39.98 -51.85 38.14
N ARG S 16 40.67 -51.29 37.17
CA ARG S 16 42.12 -51.33 37.12
C ARG S 16 42.77 -50.01 37.51
N GLY S 17 41.99 -48.99 37.84
CA GLY S 17 42.53 -47.69 38.17
C GLY S 17 42.70 -46.75 37.01
N ASN S 18 42.47 -47.20 35.79
CA ASN S 18 42.46 -46.37 34.61
C ASN S 18 41.14 -45.59 34.52
N PRO S 19 41.17 -44.40 33.95
CA PRO S 19 39.94 -43.62 33.84
C PRO S 19 38.93 -44.23 32.88
N THR S 20 37.67 -43.96 33.16
CA THR S 20 36.56 -44.20 32.25
C THR S 20 35.55 -43.10 32.52
N LEU S 21 34.42 -43.14 31.86
CA LEU S 21 33.41 -42.11 32.03
C LEU S 21 32.09 -42.73 32.46
N GLU S 22 31.29 -41.92 33.15
CA GLU S 22 29.94 -42.29 33.50
C GLU S 22 29.01 -41.15 33.10
N VAL S 23 27.79 -41.52 32.73
CA VAL S 23 26.80 -40.59 32.21
C VAL S 23 25.54 -40.69 33.08
N GLU S 24 24.89 -39.56 33.30
CA GLU S 24 23.66 -39.49 34.06
C GLU S 24 22.62 -38.77 33.22
N VAL S 25 21.38 -39.28 33.22
CA VAL S 25 20.29 -38.72 32.44
C VAL S 25 19.13 -38.44 33.38
N TYR S 26 18.60 -37.21 33.31
CA TYR S 26 17.41 -36.79 34.04
C TYR S 26 16.33 -36.42 33.05
N THR S 27 15.12 -36.95 33.27
CA THR S 27 13.96 -36.57 32.48
C THR S 27 13.19 -35.48 33.21
N GLU S 28 12.13 -34.98 32.56
CA GLU S 28 11.38 -33.83 33.07
C GLU S 28 10.70 -34.13 34.40
N SER S 29 10.16 -35.34 34.55
CA SER S 29 9.52 -35.72 35.79
C SER S 29 10.50 -36.13 36.88
N GLY S 30 11.78 -36.25 36.57
CA GLY S 30 12.77 -36.62 37.54
C GLY S 30 13.27 -38.04 37.48
N ALA S 31 12.88 -38.80 36.47
CA ALA S 31 13.44 -40.14 36.28
C ALA S 31 14.93 -40.04 36.00
N PHE S 32 15.69 -40.89 36.68
CA PHE S 32 17.14 -40.79 36.68
C PHE S 32 17.74 -42.10 36.19
N GLY S 33 18.79 -41.99 35.39
CA GLY S 33 19.51 -43.16 34.95
C GLY S 33 21.01 -42.93 34.84
N ARG S 34 21.81 -43.86 35.36
CA ARG S 34 23.26 -43.74 35.34
C ARG S 34 23.87 -44.90 34.57
N GLY S 35 24.71 -44.59 33.59
CA GLY S 35 25.43 -45.60 32.84
C GLY S 35 26.94 -45.49 32.96
N MET S 36 27.58 -46.60 33.30
CA MET S 36 29.02 -46.66 33.50
C MET S 36 29.62 -47.52 32.39
N VAL S 37 30.72 -47.06 31.80
CA VAL S 37 31.28 -47.66 30.60
C VAL S 37 32.47 -48.53 30.99
N PRO S 38 32.52 -49.79 30.56
CA PRO S 38 33.73 -50.60 30.79
C PRO S 38 34.88 -50.12 29.91
N SER S 39 36.09 -50.44 30.36
CA SER S 39 37.30 -50.00 29.68
C SER S 39 37.58 -50.90 28.47
N GLY S 40 37.54 -50.30 27.29
CA GLY S 40 37.79 -51.03 26.07
C GLY S 40 39.09 -50.65 25.40
N ALA S 41 39.12 -50.69 24.07
CA ALA S 41 40.31 -50.40 23.30
C ALA S 41 40.03 -49.29 22.30
N SER S 42 40.96 -48.35 22.20
CA SER S 42 40.87 -47.24 21.25
C SER S 42 41.49 -47.58 19.89
N THR S 43 41.96 -48.82 19.71
CA THR S 43 42.52 -49.27 18.44
C THR S 43 41.77 -50.50 17.95
N GLY S 44 41.78 -50.69 16.65
CA GLY S 44 41.09 -51.80 16.02
C GLY S 44 40.54 -51.42 14.66
N GLU S 45 40.77 -52.27 13.66
CA GLU S 45 40.36 -51.94 12.30
C GLU S 45 38.84 -51.94 12.15
N HIS S 46 38.18 -52.95 12.71
CA HIS S 46 36.74 -53.14 12.52
C HIS S 46 36.04 -53.32 13.86
N GLU S 47 36.35 -52.43 14.79
CA GLU S 47 35.67 -52.38 16.08
C GLU S 47 35.50 -50.94 16.50
N ALA S 48 34.49 -50.70 17.33
CA ALA S 48 34.23 -49.36 17.83
C ALA S 48 35.34 -48.93 18.78
N VAL S 49 35.86 -47.72 18.57
CA VAL S 49 37.03 -47.24 19.30
C VAL S 49 36.58 -46.21 20.33
N GLU S 50 37.13 -46.31 21.53
CA GLU S 50 36.91 -45.33 22.56
C GLU S 50 37.81 -44.12 22.33
N LEU S 51 37.43 -43.00 22.94
CA LEU S 51 38.17 -41.76 22.81
C LEU S 51 38.93 -41.49 24.10
N ARG S 52 40.24 -41.26 23.96
CA ARG S 52 41.10 -40.96 25.10
C ARG S 52 41.73 -39.58 24.93
N ASP S 53 42.22 -39.04 26.03
CA ASP S 53 42.80 -37.70 26.03
C ASP S 53 44.10 -37.66 25.25
N GLY S 54 44.97 -38.65 25.47
CA GLY S 54 46.29 -38.64 24.86
C GLY S 54 47.29 -37.78 25.58
N ASP S 55 46.90 -37.13 26.67
CA ASP S 55 47.83 -36.30 27.45
C ASP S 55 48.63 -37.21 28.35
N LYS S 56 49.91 -37.40 28.03
CA LYS S 56 50.76 -38.32 28.78
C LYS S 56 51.01 -37.86 30.20
N ALA S 57 50.82 -36.57 30.50
CA ALA S 57 50.97 -36.09 31.86
C ALA S 57 49.81 -36.48 32.77
N ARG S 58 48.63 -36.76 32.20
CA ARG S 58 47.44 -37.10 32.96
C ARG S 58 47.10 -38.56 32.71
N TYR S 59 47.23 -39.38 33.77
CA TYR S 59 46.85 -40.79 33.77
C TYR S 59 47.59 -41.62 32.73
N GLY S 60 48.75 -41.16 32.28
CA GLY S 60 49.48 -41.84 31.22
C GLY S 60 48.76 -41.84 29.89
N GLY S 61 48.09 -40.75 29.55
CA GLY S 61 47.37 -40.67 28.29
C GLY S 61 46.05 -41.39 28.26
N LEU S 62 45.58 -41.90 29.40
CA LEU S 62 44.36 -42.69 29.47
C LEU S 62 43.17 -41.93 30.00
N GLY S 63 43.26 -40.60 30.09
CA GLY S 63 42.13 -39.82 30.57
C GLY S 63 40.97 -39.84 29.59
N THR S 64 39.79 -39.55 30.09
CA THR S 64 38.56 -39.54 29.29
C THR S 64 37.86 -38.20 29.37
N GLN S 65 38.61 -37.11 29.45
CA GLN S 65 37.99 -35.79 29.49
C GLN S 65 37.41 -35.42 28.13
N LYS S 66 38.01 -35.89 27.03
CA LYS S 66 37.51 -35.58 25.70
C LYS S 66 36.13 -36.19 25.47
N ALA S 67 35.93 -37.45 25.88
CA ALA S 67 34.63 -38.09 25.75
C ALA S 67 33.59 -37.46 26.66
N VAL S 68 34.01 -37.06 27.88
CA VAL S 68 33.10 -36.38 28.80
C VAL S 68 32.66 -35.04 28.22
N ASP S 69 33.59 -34.28 27.64
CA ASP S 69 33.26 -33.04 26.96
C ASP S 69 32.36 -33.28 25.76
N ASN S 70 32.57 -34.38 25.05
CA ASN S 70 31.69 -34.72 23.93
C ASN S 70 30.27 -34.98 24.40
N VAL S 71 30.11 -35.69 25.52
CA VAL S 71 28.77 -35.92 26.05
C VAL S 71 28.14 -34.62 26.53
N ASN S 72 28.92 -33.80 27.23
CA ASN S 72 28.35 -32.61 27.86
C ASN S 72 28.03 -31.52 26.85
N ASN S 73 28.78 -31.44 25.75
CA ASN S 73 28.70 -30.31 24.84
C ASN S 73 28.16 -30.64 23.46
N VAL S 74 28.24 -31.90 23.03
CA VAL S 74 27.82 -32.31 21.70
C VAL S 74 26.61 -33.23 21.76
N ILE S 75 26.71 -34.33 22.52
CA ILE S 75 25.63 -35.31 22.59
C ILE S 75 24.44 -34.74 23.35
N ALA S 76 24.68 -34.01 24.44
CA ALA S 76 23.61 -33.57 25.32
C ALA S 76 22.64 -32.62 24.61
N GLU S 77 23.16 -31.71 23.80
CA GLU S 77 22.28 -30.79 23.07
C GLU S 77 21.44 -31.52 22.03
N HIS S 78 21.99 -32.57 21.42
CA HIS S 78 21.25 -33.32 20.41
C HIS S 78 20.20 -34.21 21.05
N ILE S 79 20.48 -34.73 22.24
CA ILE S 79 19.62 -35.74 22.84
C ILE S 79 18.54 -35.13 23.74
N ILE S 80 18.80 -33.97 24.33
CA ILE S 80 17.82 -33.31 25.18
C ILE S 80 16.62 -32.90 24.32
N GLY S 81 15.43 -33.29 24.76
CA GLY S 81 14.21 -33.12 24.01
C GLY S 81 13.62 -34.41 23.50
N PHE S 82 14.44 -35.46 23.39
CA PHE S 82 13.94 -36.77 23.00
C PHE S 82 13.11 -37.37 24.12
N ASP S 83 12.24 -38.30 23.76
CA ASP S 83 11.57 -39.12 24.76
C ASP S 83 12.55 -40.17 25.27
N VAL S 84 12.53 -40.41 26.59
CA VAL S 84 13.50 -41.32 27.19
C VAL S 84 13.22 -42.77 26.78
N ARG S 85 12.00 -43.08 26.35
CA ARG S 85 11.67 -44.42 25.90
C ARG S 85 11.94 -44.61 24.42
N ASP S 86 12.45 -43.59 23.73
CA ASP S 86 12.84 -43.71 22.34
C ASP S 86 14.31 -44.15 22.21
N GLN S 87 14.60 -45.35 22.72
CA GLN S 87 15.99 -45.81 22.78
C GLN S 87 16.57 -46.01 21.38
N GLN S 88 15.80 -46.62 20.47
CA GLN S 88 16.28 -46.81 19.10
C GLN S 88 16.48 -45.49 18.39
N GLY S 89 15.56 -44.55 18.57
CA GLY S 89 15.71 -43.23 17.95
C GLY S 89 16.90 -42.45 18.48
N ILE S 90 17.11 -42.48 19.80
CA ILE S 90 18.27 -41.83 20.42
C ILE S 90 19.56 -42.44 19.93
N ASP S 91 19.61 -43.77 19.85
CA ASP S 91 20.82 -44.46 19.42
C ASP S 91 21.14 -44.18 17.96
N ARG S 92 20.12 -44.18 17.10
CA ARG S 92 20.32 -43.85 15.70
C ARG S 92 20.74 -42.40 15.52
N ALA S 93 20.16 -41.49 16.31
CA ALA S 93 20.54 -40.09 16.25
C ALA S 93 21.99 -39.88 16.67
N MET S 94 22.44 -40.61 17.69
CA MET S 94 23.82 -40.46 18.13
C MET S 94 24.79 -41.09 17.13
N ILE S 95 24.39 -42.21 16.50
CA ILE S 95 25.22 -42.81 15.45
C ILE S 95 25.36 -41.87 14.27
N ALA S 96 24.26 -41.20 13.89
CA ALA S 96 24.32 -40.21 12.81
C ALA S 96 25.15 -39.00 13.21
N LEU S 97 25.06 -38.58 14.48
CA LEU S 97 25.84 -37.45 14.97
C LEU S 97 27.33 -37.74 14.93
N ASP S 98 27.73 -38.98 15.26
CA ASP S 98 29.13 -39.36 15.12
C ASP S 98 29.56 -39.33 13.65
N GLY S 99 28.77 -39.95 12.78
CA GLY S 99 29.09 -39.94 11.36
C GLY S 99 30.29 -40.78 10.96
N THR S 100 30.67 -41.76 11.79
CA THR S 100 31.88 -42.54 11.55
C THR S 100 31.55 -44.00 11.86
N PRO S 101 31.96 -44.94 11.00
CA PRO S 101 31.60 -46.36 11.21
C PRO S 101 32.09 -46.95 12.52
N ASN S 102 33.25 -46.53 13.02
CA ASN S 102 33.77 -47.05 14.28
C ASN S 102 33.57 -46.10 15.45
N LYS S 103 32.74 -45.06 15.28
CA LYS S 103 32.39 -44.11 16.34
C LYS S 103 33.62 -43.42 16.92
N GLY S 104 34.55 -43.04 16.04
CA GLY S 104 35.78 -42.43 16.49
C GLY S 104 35.69 -40.95 16.80
N LYS S 105 34.68 -40.27 16.26
CA LYS S 105 34.57 -38.83 16.48
C LYS S 105 34.07 -38.53 17.90
N LEU S 106 32.86 -38.97 18.22
CA LEU S 106 32.32 -38.75 19.56
C LEU S 106 32.93 -39.71 20.58
N GLY S 107 33.29 -40.91 20.15
CA GLY S 107 33.80 -41.90 21.06
C GLY S 107 32.76 -42.98 21.33
N ALA S 108 33.15 -44.25 21.15
CA ALA S 108 32.22 -45.34 21.40
C ALA S 108 31.84 -45.44 22.88
N ASN S 109 32.78 -45.12 23.77
CA ASN S 109 32.51 -45.17 25.19
C ASN S 109 31.45 -44.15 25.60
N ALA S 110 31.52 -42.94 25.03
CA ALA S 110 30.53 -41.90 25.31
C ALA S 110 29.15 -42.31 24.82
N ILE S 111 29.08 -42.87 23.62
CA ILE S 111 27.81 -43.29 23.03
C ILE S 111 27.20 -44.43 23.82
N LEU S 112 28.02 -45.40 24.24
CA LEU S 112 27.53 -46.50 25.07
C LEU S 112 27.04 -46.01 26.43
N GLY S 113 27.76 -45.07 27.03
CA GLY S 113 27.33 -44.52 28.30
C GLY S 113 26.00 -43.81 28.22
N VAL S 114 25.80 -43.03 27.16
CA VAL S 114 24.52 -42.33 26.99
C VAL S 114 23.40 -43.34 26.70
N SER S 115 23.71 -44.41 25.94
CA SER S 115 22.73 -45.45 25.66
C SER S 115 22.26 -46.13 26.93
N ILE S 116 23.21 -46.52 27.79
CA ILE S 116 22.89 -47.20 29.04
C ILE S 116 22.13 -46.28 29.98
N ALA S 117 22.56 -45.02 30.07
CA ALA S 117 21.89 -44.05 30.93
C ALA S 117 20.46 -43.79 30.48
N VAL S 118 20.24 -43.72 29.16
CA VAL S 118 18.89 -43.52 28.63
C VAL S 118 18.01 -44.73 28.91
N ALA S 119 18.54 -45.95 28.71
CA ALA S 119 17.76 -47.15 28.98
C ALA S 119 17.39 -47.26 30.45
N ARG S 120 18.33 -46.93 31.34
CA ARG S 120 18.05 -47.01 32.78
C ARG S 120 17.10 -45.92 33.23
N ALA S 121 17.19 -44.72 32.66
CA ALA S 121 16.23 -43.67 32.98
C ALA S 121 14.84 -44.04 32.47
N ALA S 122 14.75 -44.70 31.33
CA ALA S 122 13.45 -45.14 30.82
C ALA S 122 12.86 -46.24 31.69
N ALA S 123 13.69 -47.17 32.16
CA ALA S 123 13.21 -48.20 33.09
C ALA S 123 12.78 -47.59 34.43
N ASP S 124 13.50 -46.57 34.90
CA ASP S 124 13.10 -45.87 36.11
C ASP S 124 11.78 -45.12 35.92
N TYR S 125 11.59 -44.50 34.74
CA TYR S 125 10.37 -43.76 34.49
C TYR S 125 9.16 -44.68 34.44
N LEU S 126 9.30 -45.85 33.81
CA LEU S 126 8.21 -46.80 33.73
C LEU S 126 8.03 -47.63 34.99
N GLU S 127 8.95 -47.50 35.96
CA GLU S 127 8.90 -48.23 37.23
C GLU S 127 8.90 -49.73 37.01
N VAL S 128 9.70 -50.19 36.05
CA VAL S 128 9.82 -51.61 35.74
C VAL S 128 11.28 -51.99 35.91
N PRO S 129 11.58 -53.27 36.13
CA PRO S 129 12.97 -53.71 36.13
C PRO S 129 13.62 -53.51 34.76
N LEU S 130 14.94 -53.34 34.78
CA LEU S 130 15.68 -53.03 33.55
C LEU S 130 15.57 -54.16 32.53
N TYR S 131 15.60 -55.41 32.99
CA TYR S 131 15.47 -56.53 32.05
C TYR S 131 14.07 -56.59 31.45
N SER S 132 13.04 -56.18 32.22
CA SER S 132 11.69 -56.11 31.67
C SER S 132 11.58 -55.04 30.59
N TYR S 133 12.21 -53.89 30.80
CA TYR S 133 12.20 -52.84 29.78
C TYR S 133 12.97 -53.26 28.55
N LEU S 134 14.10 -53.94 28.74
CA LEU S 134 14.97 -54.29 27.61
C LEU S 134 14.41 -55.46 26.81
N GLY S 135 13.83 -56.45 27.45
CA GLY S 135 13.45 -57.67 26.76
C GLY S 135 11.98 -58.01 26.76
N GLY S 136 11.16 -57.18 27.39
CA GLY S 136 9.73 -57.41 27.39
C GLY S 136 9.27 -58.28 28.55
N PHE S 137 8.02 -58.74 28.42
CA PHE S 137 7.40 -59.50 29.50
C PHE S 137 7.96 -60.91 29.62
N ASN S 138 8.52 -61.46 28.55
CA ASN S 138 8.98 -62.84 28.54
C ASN S 138 10.50 -62.88 28.77
N THR S 139 10.88 -62.52 30.00
CA THR S 139 12.28 -62.52 30.43
C THR S 139 12.38 -63.38 31.68
N LYS S 140 12.85 -64.61 31.53
CA LYS S 140 12.83 -65.54 32.65
C LYS S 140 14.11 -66.35 32.81
N VAL S 141 14.98 -66.40 31.81
CA VAL S 141 16.09 -67.36 31.80
C VAL S 141 17.30 -66.75 32.47
N LEU S 142 17.76 -67.38 33.50
CA LEU S 142 18.96 -66.99 34.24
C LEU S 142 20.17 -67.61 33.58
N PRO S 143 21.17 -66.82 33.20
CA PRO S 143 22.26 -67.34 32.39
C PRO S 143 23.15 -68.31 33.15
N THR S 144 23.69 -69.27 32.42
CA THR S 144 24.68 -70.20 32.94
C THR S 144 26.04 -69.53 32.94
N PRO S 145 26.71 -69.43 34.08
CA PRO S 145 27.98 -68.69 34.11
C PRO S 145 29.19 -69.57 33.79
N MET S 146 30.02 -69.11 32.87
CA MET S 146 31.36 -69.68 32.68
C MET S 146 32.30 -68.76 33.43
N MET S 147 32.64 -69.14 34.64
CA MET S 147 33.47 -68.30 35.50
C MET S 147 34.93 -68.71 35.55
N ASN S 148 35.80 -67.71 35.41
CA ASN S 148 37.23 -67.94 35.37
C ASN S 148 37.70 -68.49 36.70
N ILE S 149 38.56 -69.51 36.62
CA ILE S 149 39.17 -70.10 37.80
C ILE S 149 40.70 -70.02 37.76
N ILE S 150 41.32 -70.12 36.58
CA ILE S 150 42.77 -70.22 36.41
C ILE S 150 43.14 -69.45 35.16
N ASN S 151 44.23 -68.70 35.22
CA ASN S 151 44.69 -67.91 34.10
C ASN S 151 46.04 -68.33 33.61
N GLY S 152 46.33 -67.95 32.39
CA GLY S 152 47.58 -68.26 31.75
C GLY S 152 47.86 -67.28 30.65
N GLY S 153 48.60 -67.73 29.65
CA GLY S 153 48.87 -66.96 28.46
C GLY S 153 49.65 -65.70 28.77
N SER S 154 49.08 -64.56 28.38
CA SER S 154 49.67 -63.25 28.62
C SER S 154 49.26 -62.65 29.95
N HIS S 155 48.40 -63.33 30.72
CA HIS S 155 48.00 -62.89 32.04
C HIS S 155 48.72 -63.63 33.16
N SER S 156 49.71 -64.46 32.83
CA SER S 156 50.40 -65.26 33.83
C SER S 156 51.79 -65.60 33.31
N ASP S 157 52.68 -65.92 34.25
CA ASP S 157 54.05 -66.30 33.95
C ASP S 157 54.24 -67.80 33.87
N ALA S 158 53.19 -68.59 34.06
CA ALA S 158 53.28 -70.03 33.95
C ALA S 158 53.44 -70.43 32.49
N PRO S 159 54.00 -71.64 32.23
CA PRO S 159 54.07 -72.14 30.84
C PRO S 159 52.73 -72.70 30.34
N ILE S 160 51.72 -71.83 30.29
CA ILE S 160 50.40 -72.17 29.79
C ILE S 160 50.09 -71.20 28.67
N ALA S 161 49.80 -71.73 27.49
CA ALA S 161 49.48 -70.86 26.35
C ALA S 161 48.06 -70.32 26.42
N PHE S 162 47.12 -71.11 26.93
CA PHE S 162 45.72 -70.71 26.95
C PHE S 162 45.50 -69.58 27.94
N GLN S 163 44.73 -68.58 27.51
CA GLN S 163 44.54 -67.38 28.31
C GLN S 163 43.70 -67.66 29.55
N GLU S 164 42.57 -68.35 29.41
CA GLU S 164 41.66 -68.52 30.54
C GLU S 164 41.13 -69.94 30.62
N PHE S 165 40.88 -70.36 31.85
CA PHE S 165 40.18 -71.60 32.17
C PHE S 165 38.98 -71.23 33.03
N MET S 166 37.83 -71.85 32.74
CA MET S 166 36.61 -71.50 33.43
C MET S 166 35.89 -72.77 33.87
N ILE S 167 35.08 -72.64 34.90
CA ILE S 167 34.14 -73.69 35.32
C ILE S 167 32.74 -73.26 34.93
N VAL S 168 31.96 -74.21 34.43
CA VAL S 168 30.58 -73.99 34.03
C VAL S 168 29.70 -74.96 34.81
N PRO S 169 29.01 -74.48 35.84
CA PRO S 169 28.11 -75.37 36.64
C PRO S 169 26.76 -75.57 35.97
N ALA S 170 26.76 -76.35 34.92
CA ALA S 170 25.57 -76.46 34.14
C ALA S 170 24.60 -77.51 34.68
N GLY S 171 25.02 -78.33 35.64
CA GLY S 171 24.15 -79.28 36.28
C GLY S 171 23.41 -78.76 37.50
N ALA S 172 23.53 -77.48 37.80
CA ALA S 172 22.89 -76.92 38.99
C ALA S 172 21.38 -76.75 38.78
N PRO S 173 20.60 -76.91 39.84
CA PRO S 173 19.14 -76.75 39.69
C PRO S 173 18.70 -75.30 39.52
N THR S 174 19.34 -74.37 40.22
CA THR S 174 19.03 -72.95 40.13
C THR S 174 20.32 -72.17 39.94
N PHE S 175 20.17 -70.88 39.65
CA PHE S 175 21.35 -70.02 39.55
C PHE S 175 22.00 -69.79 40.90
N LYS S 176 21.19 -69.75 41.97
CA LYS S 176 21.73 -69.62 43.32
C LYS S 176 22.63 -70.78 43.67
N GLU S 177 22.19 -72.00 43.35
CA GLU S 177 23.01 -73.18 43.58
C GLU S 177 24.26 -73.17 42.71
N ALA S 178 24.14 -72.71 41.46
CA ALA S 178 25.30 -72.63 40.57
C ALA S 178 26.34 -71.66 41.11
N LEU S 179 25.89 -70.52 41.62
CA LEU S 179 26.79 -69.56 42.24
C LEU S 179 27.47 -70.13 43.47
N ARG S 180 26.71 -70.85 44.30
CA ARG S 180 27.31 -71.50 45.47
C ARG S 180 28.35 -72.55 45.08
N TRP S 181 28.04 -73.35 44.04
CA TRP S 181 28.99 -74.35 43.56
C TRP S 181 30.26 -73.72 43.04
N GLY S 182 30.13 -72.63 42.28
CA GLY S 182 31.31 -71.95 41.77
C GLY S 182 32.17 -71.34 42.86
N ALA S 183 31.52 -70.71 43.86
CA ALA S 183 32.26 -70.13 44.97
C ALA S 183 32.98 -71.19 45.78
N GLU S 184 32.31 -72.33 46.02
CA GLU S 184 32.93 -73.40 46.79
C GLU S 184 34.08 -74.05 46.04
N ILE S 185 33.94 -74.25 44.72
CA ILE S 185 35.05 -74.78 43.92
C ILE S 185 36.21 -73.79 43.89
N PHE S 186 35.91 -72.49 43.83
CA PHE S 186 36.93 -71.46 43.90
C PHE S 186 37.71 -71.52 45.20
N HIS S 187 37.00 -71.69 46.33
CA HIS S 187 37.68 -71.75 47.63
C HIS S 187 38.47 -73.05 47.78
N ALA S 188 37.94 -74.16 47.27
CA ALA S 188 38.66 -75.43 47.33
C ALA S 188 39.93 -75.40 46.49
N LEU S 189 39.87 -74.76 45.31
CA LEU S 189 41.07 -74.59 44.49
C LEU S 189 42.06 -73.67 45.17
N LYS S 190 41.56 -72.64 45.88
CA LYS S 190 42.45 -71.78 46.66
C LYS S 190 43.18 -72.58 47.74
N LYS S 191 42.46 -73.47 48.42
CA LYS S 191 43.09 -74.33 49.43
C LYS S 191 44.11 -75.26 48.81
N ILE S 192 43.80 -75.83 47.63
CA ILE S 192 44.73 -76.73 46.95
C ILE S 192 45.99 -75.99 46.52
N LEU S 193 45.84 -74.77 45.99
CA LEU S 193 46.99 -73.97 45.59
C LEU S 193 47.84 -73.58 46.79
N LYS S 194 47.20 -73.24 47.92
CA LYS S 194 47.94 -72.93 49.14
C LYS S 194 48.72 -74.15 49.63
N GLU S 195 48.10 -75.33 49.59
CA GLU S 195 48.80 -76.56 49.98
C GLU S 195 49.99 -76.82 49.06
N ARG S 196 49.81 -76.63 47.75
CA ARG S 196 50.89 -76.86 46.79
C ARG S 196 51.96 -75.80 46.84
N GLY S 197 51.74 -74.70 47.57
CA GLY S 197 52.72 -73.65 47.66
C GLY S 197 52.67 -72.63 46.55
N LEU S 198 51.67 -72.70 45.68
CA LEU S 198 51.52 -71.74 44.59
C LEU S 198 50.93 -70.44 45.12
N GLU S 199 50.79 -69.47 44.23
CA GLU S 199 50.37 -68.14 44.61
C GLU S 199 48.85 -68.09 44.74
N THR S 200 48.38 -67.11 45.50
CA THR S 200 46.96 -66.95 45.81
C THR S 200 46.37 -65.64 45.33
N ALA S 201 47.21 -64.62 45.08
CA ALA S 201 46.70 -63.32 44.66
C ALA S 201 46.01 -63.41 43.29
N VAL S 202 44.93 -62.67 43.15
CA VAL S 202 44.08 -62.75 41.97
C VAL S 202 44.49 -61.67 40.98
N GLY S 203 44.14 -61.89 39.71
CA GLY S 203 44.48 -60.98 38.63
C GLY S 203 43.36 -60.02 38.34
N ASP S 204 43.35 -59.51 37.09
CA ASP S 204 42.39 -58.49 36.68
C ASP S 204 40.95 -59.00 36.74
N GLU S 205 40.71 -60.19 36.27
CA GLU S 205 39.44 -60.86 36.22
C GLU S 205 39.04 -61.56 37.53
N GLY S 206 39.89 -61.54 38.55
CA GLY S 206 39.57 -62.16 39.81
C GLY S 206 40.03 -63.59 39.95
N GLY S 207 40.58 -64.18 38.92
CA GLY S 207 41.04 -65.54 39.03
C GLY S 207 42.51 -65.65 39.37
N PHE S 208 42.90 -66.83 39.83
CA PHE S 208 44.30 -67.08 40.15
C PHE S 208 45.12 -67.18 38.87
N ALA S 209 46.40 -66.82 38.97
CA ALA S 209 47.36 -67.02 37.89
C ALA S 209 48.60 -67.72 38.44
N PRO S 210 48.48 -68.99 38.85
CA PRO S 210 49.60 -69.66 39.51
C PRO S 210 50.59 -70.19 38.49
N ARG S 211 51.75 -70.60 39.01
CA ARG S 211 52.83 -71.12 38.18
C ARG S 211 52.67 -72.64 38.07
N PHE S 212 51.85 -73.06 37.12
CA PHE S 212 51.60 -74.48 36.89
C PHE S 212 52.71 -75.06 36.01
N ASN S 213 52.50 -76.29 35.53
CA ASN S 213 53.42 -76.91 34.60
C ASN S 213 52.94 -76.83 33.16
N GLY S 214 51.64 -76.79 32.94
CA GLY S 214 51.12 -76.74 31.58
C GLY S 214 49.61 -76.68 31.60
N THR S 215 49.03 -76.86 30.41
CA THR S 215 47.57 -76.87 30.28
C THR S 215 46.96 -78.08 31.00
N GLU S 216 47.55 -79.26 30.80
CA GLU S 216 47.01 -80.49 31.38
C GLU S 216 47.05 -80.45 32.91
N ASP S 217 48.15 -79.91 33.47
CA ASP S 217 48.23 -79.78 34.92
C ASP S 217 47.18 -78.83 35.45
N GLY S 218 46.94 -77.71 34.75
CA GLY S 218 45.91 -76.78 35.18
C GLY S 218 44.53 -77.37 35.17
N VAL S 219 44.17 -78.08 34.08
CA VAL S 219 42.86 -78.70 33.99
C VAL S 219 42.72 -79.81 35.03
N GLU S 220 43.81 -80.56 35.28
CA GLU S 220 43.78 -81.60 36.30
C GLU S 220 43.55 -81.02 37.69
N THR S 221 44.20 -79.89 38.00
CA THR S 221 43.98 -79.24 39.28
C THR S 221 42.55 -78.70 39.41
N ILE S 222 42.00 -78.18 38.30
CA ILE S 222 40.62 -77.70 38.31
C ILE S 222 39.65 -78.85 38.59
N ILE S 223 39.86 -80.00 37.94
CA ILE S 223 39.01 -81.17 38.18
C ILE S 223 39.16 -81.67 39.61
N LYS S 224 40.39 -81.66 40.13
CA LYS S 224 40.64 -82.06 41.51
C LYS S 224 39.92 -81.16 42.50
N ALA S 225 39.92 -79.86 42.24
CA ALA S 225 39.19 -78.91 43.08
C ALA S 225 37.69 -79.12 42.99
N ILE S 226 37.17 -79.40 41.78
CA ILE S 226 35.75 -79.68 41.60
C ILE S 226 35.33 -80.89 42.41
N GLU S 227 36.14 -81.95 42.36
CA GLU S 227 35.84 -83.15 43.15
C GLU S 227 36.01 -82.90 44.66
N ALA S 228 36.96 -82.05 45.04
CA ALA S 228 37.16 -81.72 46.45
C ALA S 228 35.95 -80.97 47.02
N ALA S 229 35.37 -80.07 46.22
CA ALA S 229 34.15 -79.38 46.66
C ALA S 229 32.98 -80.36 46.80
N GLY S 230 32.97 -81.43 46.03
CA GLY S 230 31.94 -82.46 46.16
C GLY S 230 31.01 -82.54 44.97
N TYR S 231 31.51 -82.22 43.78
CA TYR S 231 30.71 -82.21 42.57
C TYR S 231 31.37 -83.05 41.49
N VAL S 232 30.55 -83.72 40.70
CA VAL S 232 31.02 -84.63 39.66
C VAL S 232 31.43 -83.82 38.43
N PRO S 233 32.69 -83.92 37.99
CA PRO S 233 33.07 -83.30 36.72
C PRO S 233 32.44 -84.04 35.55
N GLY S 234 31.96 -83.27 34.58
CA GLY S 234 31.30 -83.82 33.42
C GLY S 234 29.83 -84.08 33.59
N LYS S 235 29.31 -83.99 34.81
CA LYS S 235 27.88 -84.07 35.08
C LYS S 235 27.34 -82.81 35.73
N ASP S 236 28.01 -82.32 36.78
CA ASP S 236 27.61 -81.13 37.50
C ASP S 236 28.36 -79.90 37.01
N VAL S 237 29.68 -79.98 36.90
CA VAL S 237 30.51 -78.84 36.49
C VAL S 237 31.34 -79.28 35.30
N PHE S 238 31.45 -78.40 34.30
CA PHE S 238 32.22 -78.62 33.10
C PHE S 238 33.35 -77.61 33.04
N ILE S 239 34.29 -77.85 32.14
CA ILE S 239 35.44 -76.95 31.94
C ILE S 239 35.20 -76.15 30.67
N GLY S 240 35.81 -74.97 30.62
CA GLY S 240 35.81 -74.17 29.42
C GLY S 240 37.16 -73.49 29.24
N LEU S 241 37.50 -73.23 27.99
CA LEU S 241 38.80 -72.67 27.64
C LEU S 241 38.60 -71.36 26.89
N ASP S 242 39.50 -70.41 27.14
CA ASP S 242 39.67 -69.23 26.30
C ASP S 242 41.12 -69.28 25.85
N CYS S 243 41.34 -69.87 24.67
CA CYS S 243 42.69 -70.07 24.17
C CYS S 243 43.38 -68.76 23.83
N ALA S 244 42.62 -67.81 23.26
CA ALA S 244 43.16 -66.58 22.68
C ALA S 244 44.29 -66.92 21.71
N SER S 245 43.94 -67.73 20.71
CA SER S 245 44.93 -68.26 19.79
C SER S 245 45.57 -67.21 18.91
N SER S 246 45.01 -66.00 18.85
CA SER S 246 45.62 -64.93 18.07
C SER S 246 46.93 -64.46 18.66
N GLU S 247 47.10 -64.59 19.98
CA GLU S 247 48.30 -64.08 20.65
C GLU S 247 49.53 -64.94 20.35
N PHE S 248 49.34 -66.24 20.10
CA PHE S 248 50.46 -67.12 19.76
C PHE S 248 50.29 -67.70 18.36
N TYR S 249 49.74 -66.92 17.43
CA TYR S 249 49.62 -67.32 16.04
C TYR S 249 50.62 -66.52 15.21
N ASP S 250 51.46 -67.22 14.46
CA ASP S 250 52.41 -66.60 13.56
C ASP S 250 51.72 -66.46 12.20
N ALA S 251 51.46 -65.22 11.78
CA ALA S 251 50.78 -65.00 10.50
C ALA S 251 51.69 -65.32 9.32
N GLU S 252 52.99 -65.05 9.45
CA GLU S 252 53.93 -65.26 8.36
C GLU S 252 54.07 -66.74 8.06
N HIS S 253 54.24 -67.57 9.08
CA HIS S 253 54.41 -69.00 8.88
C HIS S 253 53.10 -69.77 8.89
N LYS S 254 51.98 -69.10 9.20
CA LYS S 254 50.65 -69.72 9.28
C LYS S 254 50.65 -70.91 10.24
N VAL S 255 51.28 -70.72 11.40
CA VAL S 255 51.42 -71.78 12.38
C VAL S 255 51.06 -71.21 13.74
N TYR S 256 50.63 -72.08 14.65
CA TYR S 256 50.31 -71.75 16.04
C TYR S 256 51.53 -72.10 16.89
N GLY S 257 52.29 -71.08 17.26
CA GLY S 257 53.50 -71.27 18.03
C GLY S 257 53.30 -71.19 19.53
N TYR S 258 53.28 -72.35 20.18
CA TYR S 258 53.17 -72.40 21.63
C TYR S 258 54.45 -71.99 22.33
N THR S 259 55.56 -71.82 21.58
CA THR S 259 56.82 -71.41 22.18
C THR S 259 56.78 -70.00 22.77
N LYS S 260 55.79 -69.19 22.42
CA LYS S 260 55.71 -67.84 22.98
C LYS S 260 55.40 -67.88 24.48
N PHE S 261 54.59 -68.85 24.91
CA PHE S 261 54.16 -68.91 26.30
C PHE S 261 54.57 -70.18 27.04
N GLU S 262 54.81 -71.28 26.33
CA GLU S 262 55.03 -72.58 26.95
C GLU S 262 56.50 -72.97 27.02
N GLY S 263 57.41 -72.07 26.66
CA GLY S 263 58.83 -72.37 26.76
C GLY S 263 59.54 -72.48 25.42
N GLU S 264 60.58 -73.31 25.34
CA GLU S 264 61.41 -73.40 24.15
C GLU S 264 61.23 -74.71 23.42
N GLY S 265 60.93 -75.79 24.13
CA GLY S 265 60.66 -77.06 23.50
C GLY S 265 59.18 -77.28 23.27
N ALA S 266 58.41 -76.19 23.30
CA ALA S 266 56.97 -76.25 23.13
C ALA S 266 56.62 -76.67 21.70
N ALA S 267 55.50 -77.38 21.58
CA ALA S 267 55.06 -77.87 20.29
C ALA S 267 54.63 -76.72 19.39
N VAL S 268 54.91 -76.87 18.10
CA VAL S 268 54.51 -75.90 17.09
C VAL S 268 53.51 -76.62 16.18
N ARG S 269 52.27 -76.14 16.16
CA ARG S 269 51.18 -76.86 15.54
C ARG S 269 50.57 -76.05 14.41
N THR S 270 50.28 -76.70 13.29
CA THR S 270 49.57 -76.05 12.18
C THR S 270 48.09 -75.94 12.53
N ALA S 271 47.26 -75.55 11.56
CA ALA S 271 45.82 -75.47 11.82
C ALA S 271 45.23 -76.86 12.10
N ALA S 272 45.58 -77.84 11.25
CA ALA S 272 45.11 -79.20 11.46
C ALA S 272 45.65 -79.80 12.76
N GLU S 273 46.91 -79.54 13.07
CA GLU S 273 47.49 -80.00 14.32
C GLU S 273 46.84 -79.35 15.54
N GLN S 274 46.50 -78.06 15.43
CA GLN S 274 45.76 -77.37 16.48
C GLN S 274 44.38 -77.99 16.69
N ILE S 275 43.69 -78.32 15.59
CA ILE S 275 42.40 -79.00 15.68
C ILE S 275 42.53 -80.34 16.37
N ASP S 276 43.56 -81.11 16.00
CA ASP S 276 43.81 -82.39 16.66
C ASP S 276 44.09 -82.23 18.14
N TYR S 277 44.89 -81.22 18.52
CA TYR S 277 45.17 -80.98 19.93
C TYR S 277 43.93 -80.60 20.71
N LEU S 278 43.08 -79.74 20.13
CA LEU S 278 41.84 -79.34 20.79
C LEU S 278 40.87 -80.51 20.91
N GLU S 279 40.79 -81.36 19.88
CA GLU S 279 39.94 -82.54 19.95
C GLU S 279 40.44 -83.53 21.00
N GLU S 280 41.75 -83.70 21.10
CA GLU S 280 42.33 -84.55 22.14
C GLU S 280 42.02 -84.01 23.53
N LEU S 281 42.11 -82.69 23.70
CA LEU S 281 41.77 -82.08 24.98
C LEU S 281 40.30 -82.28 25.32
N VAL S 282 39.42 -82.15 24.33
CA VAL S 282 37.99 -82.33 24.56
C VAL S 282 37.68 -83.78 24.91
N ASN S 283 38.33 -84.73 24.25
CA ASN S 283 38.11 -86.14 24.57
C ASN S 283 38.65 -86.48 25.95
N LYS S 284 39.76 -85.85 26.36
CA LYS S 284 40.41 -86.16 27.63
C LYS S 284 39.70 -85.57 28.83
N TYR S 285 39.17 -84.35 28.71
CA TYR S 285 38.62 -83.59 29.82
C TYR S 285 37.19 -83.18 29.52
N PRO S 286 36.38 -82.84 30.55
CA PRO S 286 35.00 -82.40 30.29
C PRO S 286 34.90 -80.96 29.79
N ILE S 287 35.57 -80.66 28.68
CA ILE S 287 35.56 -79.33 28.10
C ILE S 287 34.31 -79.17 27.25
N ILE S 288 33.56 -78.11 27.51
CA ILE S 288 32.28 -77.93 26.82
C ILE S 288 32.32 -76.67 25.96
N THR S 289 33.15 -75.68 26.33
CA THR S 289 33.28 -74.46 25.56
C THR S 289 34.75 -74.22 25.27
N ILE S 290 35.05 -73.78 24.05
CA ILE S 290 36.37 -73.32 23.64
C ILE S 290 36.18 -71.98 22.95
N GLU S 291 36.93 -70.98 23.39
CA GLU S 291 36.81 -69.62 22.89
C GLU S 291 38.11 -69.21 22.25
N ASP S 292 38.01 -68.68 21.02
CA ASP S 292 39.16 -68.24 20.22
C ASP S 292 40.18 -69.36 20.06
N GLY S 293 39.69 -70.54 19.67
CA GLY S 293 40.57 -71.67 19.41
C GLY S 293 41.39 -71.54 18.16
N MET S 294 41.06 -70.56 17.31
CA MET S 294 41.80 -70.26 16.09
C MET S 294 42.05 -68.77 16.01
N ASP S 295 42.89 -68.37 15.05
CA ASP S 295 43.20 -66.97 14.87
C ASP S 295 41.97 -66.21 14.37
N GLU S 296 41.96 -64.91 14.63
CA GLU S 296 40.86 -64.06 14.21
C GLU S 296 40.73 -63.93 12.70
N ASN S 297 41.76 -64.32 11.95
CA ASN S 297 41.75 -64.25 10.49
C ASN S 297 41.92 -65.61 9.84
N ASP S 298 41.87 -66.71 10.60
CA ASP S 298 42.04 -68.05 10.06
C ASP S 298 40.65 -68.65 9.83
N TRP S 299 40.02 -68.24 8.74
CA TRP S 299 38.64 -68.65 8.47
C TRP S 299 38.57 -70.12 8.08
N ASP S 300 39.55 -70.60 7.31
CA ASP S 300 39.56 -72.02 6.93
C ASP S 300 39.76 -72.91 8.15
N GLY S 301 40.66 -72.53 9.05
CA GLY S 301 40.86 -73.29 10.28
C GLY S 301 39.63 -73.26 11.17
N TRP S 302 38.96 -72.10 11.25
CA TRP S 302 37.72 -71.99 12.00
C TRP S 302 36.64 -72.89 11.43
N LYS S 303 36.52 -72.93 10.11
CA LYS S 303 35.53 -73.78 9.46
C LYS S 303 35.81 -75.26 9.70
N ALA S 304 37.09 -75.66 9.62
CA ALA S 304 37.44 -77.05 9.87
C ALA S 304 37.21 -77.44 11.34
N LEU S 305 37.51 -76.52 12.26
CA LEU S 305 37.27 -76.76 13.68
C LEU S 305 35.78 -76.88 13.98
N THR S 306 34.95 -76.06 13.33
CA THR S 306 33.50 -76.18 13.52
C THR S 306 32.96 -77.44 12.87
N GLU S 307 33.58 -77.89 11.79
CA GLU S 307 33.19 -79.17 11.23
C GLU S 307 33.50 -80.31 12.19
N ARG S 308 34.66 -80.27 12.84
CA ARG S 308 35.07 -81.41 13.66
C ARG S 308 34.41 -81.37 15.04
N LEU S 309 34.57 -80.27 15.76
CA LEU S 309 34.13 -80.17 17.15
C LEU S 309 32.85 -79.38 17.34
N GLY S 310 32.20 -78.95 16.25
CA GLY S 310 31.04 -78.09 16.40
C GLY S 310 29.77 -78.79 16.84
N GLY S 311 29.74 -80.11 16.81
CA GLY S 311 28.55 -80.83 17.22
C GLY S 311 28.47 -81.13 18.69
N LYS S 312 29.62 -81.12 19.37
CA LYS S 312 29.70 -81.47 20.77
C LYS S 312 30.30 -80.39 21.65
N VAL S 313 31.03 -79.45 21.08
CA VAL S 313 31.72 -78.40 21.83
C VAL S 313 31.24 -77.05 21.32
N GLN S 314 30.85 -76.17 22.24
CA GLN S 314 30.56 -74.80 21.87
C GLN S 314 31.86 -74.07 21.53
N LEU S 315 31.90 -73.45 20.36
CA LEU S 315 33.05 -72.71 19.86
C LEU S 315 32.67 -71.24 19.77
N VAL S 316 33.25 -70.42 20.64
CA VAL S 316 32.92 -69.01 20.75
C VAL S 316 33.97 -68.21 19.99
N GLY S 317 33.52 -67.26 19.18
CA GLY S 317 34.43 -66.34 18.53
C GLY S 317 34.41 -64.97 19.17
N ASP S 318 35.48 -64.63 19.90
CA ASP S 318 35.59 -63.32 20.52
C ASP S 318 36.35 -62.34 19.64
N ASP S 319 37.62 -62.65 19.36
CA ASP S 319 38.37 -61.87 18.40
C ASP S 319 38.01 -62.23 16.97
N PHE S 320 37.36 -63.39 16.78
CA PHE S 320 36.94 -63.82 15.45
C PHE S 320 35.85 -62.92 14.90
N PHE S 321 34.81 -62.68 15.70
CA PHE S 321 33.69 -61.85 15.26
C PHE S 321 33.77 -60.41 15.72
N VAL S 322 34.35 -60.16 16.89
CA VAL S 322 34.58 -58.83 17.49
C VAL S 322 33.18 -58.20 17.64
N THR S 323 32.18 -59.04 17.96
CA THR S 323 30.76 -58.69 18.03
C THR S 323 30.28 -57.74 16.91
N ASN S 324 30.81 -57.97 15.72
CA ASN S 324 30.51 -57.16 14.55
C ASN S 324 29.46 -57.88 13.74
N THR S 325 28.45 -57.14 13.27
CA THR S 325 27.38 -57.73 12.50
C THR S 325 27.88 -58.33 11.20
N ALA S 326 28.78 -57.63 10.50
CA ALA S 326 29.27 -58.11 9.21
C ALA S 326 30.09 -59.39 9.36
N TYR S 327 30.97 -59.44 10.36
CA TYR S 327 31.74 -60.66 10.60
C TYR S 327 30.85 -61.81 11.03
N LEU S 328 29.79 -61.52 11.79
CA LEU S 328 28.86 -62.56 12.17
C LEU S 328 28.07 -63.08 10.96
N GLU S 329 27.68 -62.19 10.04
CA GLU S 329 27.08 -62.64 8.77
C GLU S 329 28.00 -63.56 8.01
N LYS S 330 29.26 -63.16 7.87
CA LYS S 330 30.23 -63.97 7.14
C LYS S 330 30.45 -65.32 7.83
N GLY S 331 30.50 -65.33 9.15
CA GLY S 331 30.68 -66.58 9.88
C GLY S 331 29.49 -67.52 9.78
N ILE S 332 28.27 -66.97 9.84
CA ILE S 332 27.08 -67.80 9.69
C ILE S 332 27.00 -68.37 8.28
N ALA S 333 27.35 -67.56 7.27
CA ALA S 333 27.35 -68.03 5.89
C ALA S 333 28.40 -69.10 5.67
N GLU S 334 29.57 -68.96 6.28
CA GLU S 334 30.68 -69.87 6.07
C GLU S 334 30.74 -71.00 7.07
N HIS S 335 29.74 -71.12 7.97
CA HIS S 335 29.67 -72.16 8.99
C HIS S 335 30.90 -72.16 9.89
N ALA S 336 31.30 -70.97 10.33
CA ALA S 336 32.43 -70.78 11.22
C ALA S 336 31.91 -70.43 12.59
N ALA S 337 32.36 -71.19 13.60
CA ALA S 337 31.92 -71.14 15.00
C ALA S 337 30.43 -71.45 15.16
N ASN S 338 29.98 -71.57 16.41
CA ASN S 338 28.56 -71.73 16.67
C ASN S 338 28.11 -70.86 17.85
N SER S 339 28.91 -69.85 18.19
CA SER S 339 28.63 -68.96 19.31
C SER S 339 29.45 -67.69 19.11
N ILE S 340 28.92 -66.59 19.64
CA ILE S 340 29.59 -65.29 19.54
C ILE S 340 29.65 -64.68 20.93
N LEU S 341 30.80 -64.10 21.26
CA LEU S 341 30.97 -63.42 22.52
C LEU S 341 30.50 -61.99 22.30
N ILE S 342 29.55 -61.52 23.10
CA ILE S 342 28.91 -60.22 22.90
C ILE S 342 29.48 -59.25 23.94
N LYS S 343 30.27 -58.28 23.47
CA LYS S 343 30.79 -57.21 24.31
C LYS S 343 30.12 -55.90 23.88
N VAL S 344 29.49 -55.22 24.84
CA VAL S 344 28.64 -54.09 24.50
C VAL S 344 29.43 -52.83 24.15
N ASN S 345 30.68 -52.71 24.59
CA ASN S 345 31.51 -51.55 24.29
C ASN S 345 32.36 -51.73 23.04
N GLN S 346 32.37 -52.93 22.45
CA GLN S 346 32.97 -53.10 21.13
C GLN S 346 32.01 -52.66 20.03
N ILE S 347 30.75 -52.43 20.36
CA ILE S 347 29.76 -51.87 19.45
C ILE S 347 29.44 -50.43 19.79
N GLY S 348 29.14 -50.15 21.05
CA GLY S 348 28.88 -48.82 21.52
C GLY S 348 27.43 -48.43 21.64
N THR S 349 26.50 -49.38 21.51
CA THR S 349 25.08 -49.08 21.50
C THR S 349 24.28 -50.31 21.91
N LEU S 350 23.29 -50.11 22.79
CA LEU S 350 22.43 -51.21 23.21
C LEU S 350 21.58 -51.76 22.06
N THR S 351 21.08 -50.87 21.18
CA THR S 351 20.28 -51.29 20.03
C THR S 351 21.06 -52.24 19.14
N GLU S 352 22.30 -51.90 18.83
CA GLU S 352 23.08 -52.76 17.96
C GLU S 352 23.55 -54.02 18.67
N THR S 353 23.78 -53.95 19.99
CA THR S 353 24.07 -55.16 20.77
C THR S 353 22.92 -56.14 20.71
N PHE S 354 21.69 -55.65 20.89
CA PHE S 354 20.53 -56.53 20.82
C PHE S 354 20.30 -57.04 19.41
N ASP S 355 20.59 -56.21 18.39
CA ASP S 355 20.53 -56.65 17.00
C ASP S 355 21.48 -57.82 16.75
N ALA S 356 22.71 -57.71 17.26
CA ALA S 356 23.68 -58.78 17.11
C ALA S 356 23.24 -60.03 17.86
N ILE S 357 22.64 -59.87 19.05
CA ILE S 357 22.20 -61.02 19.83
C ILE S 357 21.10 -61.79 19.10
N GLU S 358 20.06 -61.08 18.62
CA GLU S 358 18.99 -61.77 17.91
C GLU S 358 19.43 -62.32 16.56
N MET S 359 20.33 -61.63 15.85
CA MET S 359 20.89 -62.17 14.63
C MET S 359 21.66 -63.46 14.87
N ALA S 360 22.45 -63.51 15.93
CA ALA S 360 23.15 -64.74 16.28
C ALA S 360 22.17 -65.84 16.68
N LYS S 361 21.11 -65.48 17.42
CA LYS S 361 20.12 -66.46 17.84
C LYS S 361 19.40 -67.07 16.65
N GLU S 362 19.07 -66.26 15.65
CA GLU S 362 18.36 -66.73 14.46
C GLU S 362 19.15 -67.77 13.66
N ALA S 363 20.47 -67.80 13.82
CA ALA S 363 21.31 -68.76 13.11
C ALA S 363 21.60 -70.02 13.91
N GLY S 364 21.06 -70.14 15.13
CA GLY S 364 21.42 -71.24 16.00
C GLY S 364 22.65 -71.01 16.82
N TYR S 365 23.22 -69.81 16.78
CA TYR S 365 24.36 -69.46 17.61
C TYR S 365 23.87 -68.99 18.97
N THR S 366 24.74 -69.08 19.95
CA THR S 366 24.44 -68.59 21.28
C THR S 366 25.21 -67.29 21.52
N ALA S 367 24.52 -66.30 22.07
CA ALA S 367 25.15 -65.04 22.43
C ALA S 367 25.58 -65.10 23.88
N VAL S 368 26.88 -65.01 24.13
CA VAL S 368 27.42 -65.06 25.48
C VAL S 368 27.78 -63.64 25.85
N VAL S 369 26.99 -63.02 26.73
CA VAL S 369 27.28 -61.66 27.17
C VAL S 369 28.53 -61.67 28.04
N SER S 370 29.47 -60.78 27.75
CA SER S 370 30.79 -60.85 28.35
C SER S 370 31.16 -59.53 28.99
N HIS S 371 32.07 -59.64 29.95
CA HIS S 371 32.63 -58.48 30.62
C HIS S 371 33.92 -58.08 29.91
N ARG S 372 34.50 -56.98 30.36
CA ARG S 372 35.78 -56.51 29.88
C ARG S 372 36.83 -56.71 30.98
N SER S 373 38.10 -56.49 30.62
CA SER S 373 39.18 -56.61 31.58
C SER S 373 39.04 -55.56 32.69
N GLY S 374 38.72 -54.33 32.32
CA GLY S 374 38.46 -53.30 33.31
C GLY S 374 36.98 -52.98 33.41
N GLU S 375 36.34 -53.48 34.46
CA GLU S 375 34.90 -53.33 34.62
C GLU S 375 34.58 -52.24 35.64
N THR S 376 33.30 -52.13 35.97
CA THR S 376 32.81 -51.11 36.89
C THR S 376 31.80 -51.76 37.83
N GLU S 377 31.24 -50.96 38.72
CA GLU S 377 30.17 -51.44 39.60
C GLU S 377 28.83 -51.57 38.89
N ASP S 378 28.70 -50.96 37.71
CA ASP S 378 27.52 -51.13 36.87
C ASP S 378 27.35 -52.57 36.46
N SER S 379 26.13 -53.09 36.52
CA SER S 379 25.87 -54.49 36.19
C SER S 379 24.75 -54.61 35.16
N THR S 380 24.83 -53.80 34.09
CA THR S 380 23.80 -53.81 33.06
C THR S 380 23.89 -55.07 32.19
N ILE S 381 25.07 -55.68 32.08
CA ILE S 381 25.21 -56.85 31.22
C ILE S 381 24.43 -58.04 31.79
N ALA S 382 24.23 -58.09 33.11
CA ALA S 382 23.38 -59.11 33.70
C ALA S 382 21.93 -58.95 33.27
N ASP S 383 21.43 -57.71 33.28
CA ASP S 383 20.07 -57.43 32.80
C ASP S 383 19.95 -57.68 31.31
N ILE S 384 21.02 -57.43 30.55
CA ILE S 384 21.02 -57.75 29.12
C ILE S 384 20.93 -59.26 28.91
N ALA S 385 21.71 -60.03 29.69
CA ALA S 385 21.71 -61.48 29.56
C ALA S 385 20.35 -62.08 29.91
N VAL S 386 19.69 -61.55 30.94
CA VAL S 386 18.36 -62.03 31.29
C VAL S 386 17.32 -61.57 30.25
N ALA S 387 17.46 -60.33 29.76
CA ALA S 387 16.47 -59.76 28.86
C ALA S 387 16.40 -60.49 27.53
N THR S 388 17.55 -60.88 26.99
CA THR S 388 17.55 -61.60 25.72
C THR S 388 17.32 -63.09 25.88
N ASN S 389 17.23 -63.59 27.12
CA ASN S 389 17.12 -65.03 27.42
C ASN S 389 18.28 -65.80 26.80
N ALA S 390 19.46 -65.16 26.82
CA ALA S 390 20.65 -65.73 26.15
C ALA S 390 21.07 -67.03 26.81
N GLY S 391 20.98 -67.10 28.14
CA GLY S 391 21.26 -68.31 28.86
C GLY S 391 22.72 -68.60 29.10
N GLN S 392 23.63 -67.71 28.66
CA GLN S 392 25.05 -67.84 28.94
C GLN S 392 25.61 -66.47 29.29
N ILE S 393 26.43 -66.42 30.33
CA ILE S 393 27.14 -65.20 30.70
C ILE S 393 28.57 -65.57 31.05
N LYS S 394 29.47 -64.61 30.84
CA LYS S 394 30.89 -64.76 31.18
C LYS S 394 31.25 -63.44 31.82
N THR S 395 31.17 -63.38 33.15
CA THR S 395 31.32 -62.11 33.88
C THR S 395 32.44 -62.19 34.93
N GLY S 396 33.29 -63.21 34.89
CA GLY S 396 34.51 -63.21 35.68
C GLY S 396 34.47 -64.22 36.83
N SER S 397 35.41 -64.07 37.74
CA SER S 397 35.62 -65.02 38.83
C SER S 397 34.82 -64.57 40.06
N LEU S 398 35.14 -65.10 41.23
CA LEU S 398 34.33 -64.97 42.44
C LEU S 398 35.12 -64.25 43.49
N SER S 399 35.87 -63.29 43.04
CA SER S 399 36.74 -62.70 44.01
C SER S 399 36.84 -61.22 43.92
N ARG S 400 36.07 -60.49 43.08
CA ARG S 400 36.10 -59.02 43.04
C ARG S 400 34.69 -58.53 42.70
N THR S 401 34.25 -57.39 43.25
CA THR S 401 32.88 -56.96 42.96
C THR S 401 32.65 -56.35 41.60
N ASP S 402 33.70 -56.15 40.81
CA ASP S 402 33.48 -55.95 39.39
C ASP S 402 32.88 -57.16 38.67
N ARG S 403 32.87 -58.33 39.33
CA ARG S 403 32.21 -59.52 38.86
C ARG S 403 31.09 -59.92 39.80
N ILE S 404 31.32 -59.77 41.12
CA ILE S 404 30.33 -60.06 42.13
C ILE S 404 29.13 -59.12 42.00
N ALA S 405 29.33 -57.92 41.45
CA ALA S 405 28.21 -57.02 41.20
C ALA S 405 27.25 -57.63 40.19
N LYS S 406 27.76 -58.24 39.14
CA LYS S 406 26.91 -58.84 38.14
C LYS S 406 26.27 -60.12 38.69
N TYR S 407 27.05 -60.87 39.48
CA TYR S 407 26.49 -62.08 40.11
C TYR S 407 25.37 -61.74 41.08
N ASN S 408 25.53 -60.65 41.84
CA ASN S 408 24.49 -60.20 42.77
C ASN S 408 23.29 -59.65 42.02
N GLN S 409 23.52 -58.99 40.88
CA GLN S 409 22.40 -58.54 40.05
C GLN S 409 21.60 -59.73 39.54
N LEU S 410 22.28 -60.80 39.15
CA LEU S 410 21.58 -62.00 38.70
C LEU S 410 20.84 -62.68 39.85
N LEU S 411 21.42 -62.66 41.06
CA LEU S 411 20.72 -63.16 42.23
C LEU S 411 19.45 -62.36 42.51
N ARG S 412 19.54 -61.04 42.39
CA ARG S 412 18.37 -60.18 42.58
C ARG S 412 17.32 -60.44 41.52
N ILE S 413 17.73 -60.63 40.27
CA ILE S 413 16.79 -60.89 39.18
C ILE S 413 16.07 -62.22 39.40
N GLU S 414 16.82 -63.25 39.81
CA GLU S 414 16.21 -64.54 40.10
C GLU S 414 15.25 -64.46 41.27
N ASP S 415 15.59 -63.65 42.28
CA ASP S 415 14.68 -63.44 43.40
C ASP S 415 13.40 -62.72 42.97
N GLN S 416 13.54 -61.72 42.10
CA GLN S 416 12.38 -60.96 41.62
C GLN S 416 11.48 -61.81 40.73
N LEU S 417 12.06 -62.69 39.93
CA LEU S 417 11.25 -63.48 39.01
C LEU S 417 10.45 -64.55 39.73
N GLY S 418 10.93 -65.02 40.88
CA GLY S 418 10.17 -65.94 41.70
C GLY S 418 10.05 -67.34 41.10
N GLU S 419 8.83 -67.85 41.02
CA GLU S 419 8.59 -69.16 40.44
C GLU S 419 8.83 -69.16 38.93
N VAL S 420 8.74 -67.99 38.30
CA VAL S 420 8.90 -67.88 36.86
C VAL S 420 10.34 -68.16 36.44
N ALA S 421 11.32 -67.79 37.28
CA ALA S 421 12.73 -67.88 36.94
C ALA S 421 13.14 -69.29 36.56
N GLU S 422 13.94 -69.39 35.50
CA GLU S 422 14.37 -70.67 34.96
C GLU S 422 15.88 -70.68 34.83
N TYR S 423 16.51 -71.78 35.22
CA TYR S 423 17.93 -72.01 35.00
C TYR S 423 18.04 -73.22 34.10
N ARG S 424 18.22 -72.99 32.79
CA ARG S 424 18.24 -74.08 31.83
C ARG S 424 19.46 -74.98 32.03
N GLY S 425 20.60 -74.37 32.37
CA GLY S 425 21.80 -75.15 32.61
C GLY S 425 22.37 -75.75 31.34
N LEU S 426 22.51 -77.08 31.31
CA LEU S 426 23.01 -77.77 30.11
C LEU S 426 22.12 -77.58 28.90
N LYS S 427 20.84 -77.27 29.10
CA LYS S 427 19.94 -77.01 27.98
C LYS S 427 20.21 -75.66 27.33
N SER S 428 20.90 -74.73 28.02
CA SER S 428 21.18 -73.43 27.44
C SER S 428 22.19 -73.49 26.30
N PHE S 429 22.87 -74.62 26.13
CA PHE S 429 23.76 -74.85 24.99
C PHE S 429 22.95 -75.43 23.85
N TYR S 430 22.05 -74.60 23.30
CA TYR S 430 21.20 -75.04 22.21
C TYR S 430 21.94 -75.11 20.88
N ASN S 431 23.16 -74.61 20.80
CA ASN S 431 23.97 -74.71 19.61
C ASN S 431 24.58 -76.10 19.43
N LEU S 432 24.41 -76.99 20.40
CA LEU S 432 24.92 -78.35 20.32
C LEU S 432 23.78 -79.30 19.97
N LYS S 433 24.12 -80.58 19.86
CA LYS S 433 23.17 -81.62 19.50
C LYS S 433 22.74 -82.39 20.74
N LYS S 434 21.54 -82.95 20.68
CA LYS S 434 20.94 -83.76 21.75
C LYS S 434 20.87 -83.02 23.08
N MET T 1 13.60 -21.32 21.70
CA MET T 1 12.90 -21.04 22.95
C MET T 1 12.93 -22.29 23.84
N LYS T 2 13.88 -22.33 24.77
CA LYS T 2 14.06 -23.48 25.63
C LYS T 2 14.15 -23.02 27.09
N ASN T 3 14.61 -21.79 27.30
CA ASN T 3 14.77 -21.30 28.66
C ASN T 3 13.44 -21.07 29.35
N PHE T 4 12.41 -20.72 28.59
CA PHE T 4 11.09 -20.43 29.12
C PHE T 4 10.05 -21.34 28.48
N LYS T 5 8.88 -21.43 29.11
CA LYS T 5 7.77 -22.23 28.62
C LYS T 5 6.48 -21.42 28.75
N ILE T 6 5.40 -21.97 28.19
CA ILE T 6 4.10 -21.33 28.28
C ILE T 6 3.56 -21.41 29.70
N SER T 7 3.10 -20.28 30.22
CA SER T 7 2.59 -20.26 31.58
C SER T 7 1.24 -20.97 31.66
N SER T 8 0.96 -21.58 32.81
CA SER T 8 -0.29 -22.31 32.98
C SER T 8 -1.48 -21.36 33.08
N THR T 9 -1.27 -20.17 33.64
CA THR T 9 -2.36 -19.18 33.72
C THR T 9 -2.79 -18.71 32.34
N TYR T 10 -1.81 -18.45 31.45
CA TYR T 10 -2.15 -18.05 30.09
C TYR T 10 -2.80 -19.20 29.33
N ARG T 11 -2.34 -20.44 29.56
CA ARG T 11 -2.95 -21.59 28.91
C ARG T 11 -4.40 -21.77 29.35
N ALA T 12 -4.69 -21.61 30.64
CA ALA T 12 -6.06 -21.68 31.13
C ALA T 12 -6.92 -20.56 30.55
N ALA T 13 -6.34 -19.35 30.45
CA ALA T 13 -7.05 -18.20 29.89
C ALA T 13 -7.40 -18.41 28.46
N ARG T 14 -6.45 -18.89 27.69
CA ARG T 14 -6.71 -19.18 26.30
C ARG T 14 -7.72 -20.32 26.16
N LYS T 15 -7.65 -21.31 27.05
CA LYS T 15 -8.54 -22.46 26.94
C LYS T 15 -9.99 -22.07 27.16
N GLN T 16 -10.30 -21.33 28.21
CA GLN T 16 -11.70 -21.02 28.48
C GLN T 16 -12.02 -19.54 28.21
N GLN T 17 -11.25 -18.89 27.36
CA GLN T 17 -11.77 -17.76 26.60
C GLN T 17 -12.04 -18.15 25.15
N LYS T 18 -11.70 -19.40 24.79
CA LYS T 18 -11.99 -19.99 23.48
C LYS T 18 -11.40 -19.18 22.33
N THR T 19 -10.18 -18.69 22.53
CA THR T 19 -9.55 -17.89 21.49
C THR T 19 -9.10 -18.73 20.30
N ALA T 20 -8.86 -20.03 20.52
CA ALA T 20 -8.49 -20.91 19.42
C ALA T 20 -9.69 -21.33 18.57
N ASN T 21 -10.90 -21.02 19.02
CA ASN T 21 -12.11 -21.26 18.25
C ASN T 21 -12.41 -20.16 17.26
N ARG T 22 -11.62 -19.09 17.26
CA ARG T 22 -11.85 -17.89 16.45
C ARG T 22 -10.59 -17.50 15.71
N LYS T 23 -9.98 -18.47 15.04
CA LYS T 23 -8.74 -18.23 14.32
C LYS T 23 -8.94 -17.30 13.13
N SER T 24 -7.92 -16.51 12.84
CA SER T 24 -7.87 -15.67 11.64
C SER T 24 -6.83 -16.25 10.71
N PHE T 25 -7.10 -16.23 9.41
CA PHE T 25 -6.21 -16.84 8.42
C PHE T 25 -5.66 -15.78 7.49
N TYR T 26 -4.47 -16.03 6.96
CA TYR T 26 -3.77 -15.08 6.12
C TYR T 26 -3.18 -15.80 4.92
N ASN T 27 -2.99 -15.04 3.84
CA ASN T 27 -2.31 -15.56 2.66
C ASN T 27 -0.81 -15.30 2.81
N ASP T 28 -0.05 -15.50 1.73
CA ASP T 28 1.41 -15.37 1.83
C ASP T 28 1.86 -13.93 2.01
N GLU T 29 1.00 -12.96 1.71
CA GLU T 29 1.31 -11.55 1.92
C GLU T 29 0.82 -11.03 3.26
N GLY T 30 0.36 -11.92 4.13
CA GLY T 30 -0.13 -11.50 5.44
C GLY T 30 -1.41 -10.68 5.41
N TYR T 31 -2.37 -11.07 4.59
CA TYR T 31 -3.66 -10.40 4.49
C TYR T 31 -4.75 -11.37 4.88
N MET T 32 -5.70 -10.88 5.68
CA MET T 32 -6.78 -11.69 6.23
C MET T 32 -7.63 -12.27 5.12
N ILE T 33 -7.87 -13.57 5.24
CA ILE T 33 -8.61 -14.26 4.21
C ILE T 33 -9.59 -15.20 4.92
N SER T 34 -10.67 -15.58 4.23
CA SER T 34 -11.65 -16.50 4.81
C SER T 34 -11.04 -17.91 4.92
N PRO T 35 -11.55 -18.76 5.83
CA PRO T 35 -10.99 -20.13 5.95
C PRO T 35 -11.09 -20.96 4.68
N SER T 36 -12.10 -20.71 3.83
CA SER T 36 -12.23 -21.43 2.57
C SER T 36 -11.08 -21.12 1.62
N GLU T 37 -10.81 -19.83 1.39
CA GLU T 37 -9.67 -19.48 0.55
C GLU T 37 -8.33 -19.81 1.17
N TRP T 38 -8.23 -19.81 2.50
CA TRP T 38 -7.02 -20.28 3.15
C TRP T 38 -6.78 -21.75 2.87
N ALA T 39 -7.83 -22.57 2.98
CA ALA T 39 -7.72 -23.99 2.68
C ALA T 39 -7.37 -24.21 1.22
N ASP T 40 -7.91 -23.34 0.35
CA ASP T 40 -7.74 -23.56 -1.06
C ASP T 40 -6.26 -23.24 -1.38
N GLY T 41 -5.73 -22.14 -0.79
CA GLY T 41 -4.33 -21.77 -1.00
C GLY T 41 -3.35 -22.75 -0.40
N VAL T 42 -3.66 -23.30 0.79
CA VAL T 42 -2.79 -24.29 1.41
C VAL T 42 -2.74 -25.57 0.58
N ILE T 43 -3.90 -26.02 0.08
CA ILE T 43 -3.94 -27.20 -0.78
C ILE T 43 -3.18 -26.95 -2.07
N LYS T 44 -3.35 -25.77 -2.67
CA LYS T 44 -2.64 -25.45 -3.89
C LYS T 44 -1.15 -25.18 -3.70
N GLY T 45 -0.69 -25.01 -2.46
CA GLY T 45 0.69 -24.72 -2.21
C GLY T 45 1.05 -23.25 -2.16
N LEU T 46 0.09 -22.35 -2.33
CA LEU T 46 0.38 -20.93 -2.37
C LEU T 46 0.44 -20.31 -0.98
N ILE T 47 0.11 -21.06 0.07
CA ILE T 47 0.15 -20.59 1.46
C ILE T 47 0.86 -21.64 2.31
N ASN T 48 1.77 -21.19 3.17
CA ASN T 48 2.38 -22.10 4.13
C ASN T 48 1.39 -22.31 5.25
N PRO T 49 0.92 -23.53 5.50
CA PRO T 49 -0.10 -23.73 6.55
C PRO T 49 0.37 -23.43 7.95
N LYS T 50 1.68 -23.39 8.19
CA LYS T 50 2.18 -23.28 9.56
C LYS T 50 2.09 -21.85 10.09
N ASN T 51 2.73 -20.90 9.42
CA ASN T 51 2.75 -19.52 9.89
C ASN T 51 1.73 -18.64 9.17
N SER T 52 0.46 -19.02 9.15
CA SER T 52 -0.51 -18.21 8.44
C SER T 52 -1.83 -18.08 9.19
N TRP T 53 -1.82 -18.28 10.51
CA TRP T 53 -3.04 -18.14 11.27
C TRP T 53 -2.74 -17.61 12.65
N SER T 54 -3.76 -17.05 13.30
CA SER T 54 -3.64 -16.44 14.61
C SER T 54 -4.73 -16.96 15.54
N ASN T 55 -4.39 -17.07 16.82
CA ASN T 55 -5.31 -17.57 17.85
C ASN T 55 -6.02 -16.44 18.59
N ASP T 56 -6.74 -15.59 17.84
CA ASP T 56 -7.48 -14.44 18.40
C ASP T 56 -6.63 -13.61 19.34
N HIS T 57 -7.15 -13.22 20.49
CA HIS T 57 -6.44 -12.44 21.48
C HIS T 57 -6.98 -12.79 22.85
N VAL T 58 -6.06 -12.97 23.80
CA VAL T 58 -6.40 -13.21 25.20
C VAL T 58 -6.34 -11.87 25.92
N LYS T 59 -7.38 -11.56 26.68
CA LYS T 59 -7.48 -10.30 27.39
C LYS T 59 -6.83 -10.41 28.78
N GLY T 60 -6.47 -9.25 29.32
CA GLY T 60 -6.14 -9.14 30.71
C GLY T 60 -4.68 -9.00 31.09
N TYR T 61 -3.77 -8.87 30.12
CA TYR T 61 -2.35 -8.58 30.38
C TYR T 61 -1.69 -9.67 31.20
N LEU T 62 -2.14 -10.91 31.04
CA LEU T 62 -1.53 -12.02 31.76
C LEU T 62 -0.13 -12.30 31.23
N PRO T 63 0.78 -12.75 32.10
CA PRO T 63 2.11 -13.18 31.61
C PRO T 63 1.96 -14.43 30.76
N ARG T 64 2.44 -14.35 29.52
CA ARG T 64 2.27 -15.47 28.61
C ARG T 64 3.22 -16.62 28.90
N VAL T 65 4.27 -16.38 29.68
CA VAL T 65 5.46 -17.22 29.65
C VAL T 65 6.05 -17.26 31.06
N SER T 66 6.52 -18.43 31.49
CA SER T 66 7.11 -18.67 32.79
C SER T 66 8.44 -19.38 32.65
N PRO T 67 9.39 -19.18 33.59
CA PRO T 67 10.70 -19.82 33.48
C PRO T 67 10.62 -21.33 33.53
N ARG T 68 11.47 -21.98 32.73
CA ARG T 68 11.53 -23.43 32.68
C ARG T 68 12.67 -23.92 33.58
N SER T 69 12.48 -25.10 34.13
CA SER T 69 13.40 -25.64 35.10
C SER T 69 14.06 -26.90 34.57
N HIS T 70 15.18 -27.26 35.20
CA HIS T 70 15.90 -28.49 34.88
C HIS T 70 16.51 -29.02 36.17
N TRP T 71 17.16 -30.17 36.06
CA TRP T 71 17.78 -30.86 37.19
C TRP T 71 19.27 -30.63 37.17
N THR T 72 19.81 -30.15 38.29
CA THR T 72 21.24 -30.01 38.49
C THR T 72 21.85 -31.37 38.79
N LYS T 73 23.17 -31.41 38.94
CA LYS T 73 23.88 -32.69 38.98
C LYS T 73 23.59 -33.46 40.25
N ASN T 74 23.16 -32.76 41.31
CA ASN T 74 22.81 -33.39 42.57
C ASN T 74 21.31 -33.63 42.71
N GLY T 75 20.54 -33.49 41.62
CA GLY T 75 19.13 -33.79 41.66
C GLY T 75 18.25 -32.69 42.18
N TYR T 76 18.77 -31.47 42.31
CA TYR T 76 17.95 -30.33 42.70
C TYR T 76 17.42 -29.62 41.46
N ARG T 77 16.36 -28.86 41.64
CA ARG T 77 15.74 -28.16 40.52
C ARG T 77 16.39 -26.78 40.41
N GLU T 78 16.41 -26.24 39.19
CA GLU T 78 17.02 -24.94 38.98
C GLU T 78 16.47 -24.35 37.70
N TYR T 79 16.27 -23.03 37.67
CA TYR T 79 15.88 -22.35 36.44
C TYR T 79 16.97 -22.53 35.39
N LEU T 80 16.55 -22.66 34.14
CA LEU T 80 17.49 -22.98 33.06
C LEU T 80 18.47 -21.85 32.81
N GLY T 81 18.01 -20.61 32.83
CA GLY T 81 18.86 -19.49 32.49
C GLY T 81 19.44 -18.71 33.64
N ILE T 82 19.17 -19.12 34.89
CA ILE T 82 19.58 -18.33 36.04
C ILE T 82 21.10 -18.35 36.20
N GLY T 83 21.74 -19.47 35.89
CA GLY T 83 23.12 -19.66 36.25
C GLY T 83 24.08 -19.44 35.10
N LYS T 84 23.59 -19.52 33.86
CA LYS T 84 24.44 -19.24 32.71
C LYS T 84 24.06 -17.85 32.17
N SER T 85 23.43 -17.00 32.97
CA SER T 85 22.97 -15.71 32.43
C SER T 85 24.12 -14.85 31.92
N ARG T 86 25.20 -14.69 32.69
CA ARG T 86 26.33 -13.81 32.37
C ARG T 86 27.58 -14.26 33.12
N ASP T 87 28.76 -13.84 32.62
CA ASP T 87 30.02 -14.19 33.28
C ASP T 87 30.93 -12.96 33.46
N ILE T 88 30.79 -11.96 32.60
CA ILE T 88 31.62 -10.75 32.63
C ILE T 88 30.72 -9.53 32.75
N PRO T 89 31.18 -8.40 33.39
CA PRO T 89 30.28 -7.25 33.60
C PRO T 89 30.23 -6.30 32.40
N GLU T 90 30.69 -6.78 31.24
CA GLU T 90 30.67 -6.10 29.95
C GLU T 90 31.54 -4.86 29.90
N LYS T 91 32.42 -4.66 30.89
CA LYS T 91 33.25 -3.44 31.02
C LYS T 91 32.25 -2.29 31.10
N GLU T 92 32.51 -1.15 30.41
CA GLU T 92 31.54 -0.07 30.17
C GLU T 92 31.26 0.65 31.50
N PRO T 93 30.67 1.85 31.51
CA PRO T 93 30.28 2.76 30.43
C PRO T 93 31.36 3.74 30.03
N GLU T 94 30.96 4.74 29.25
CA GLU T 94 31.84 5.82 28.85
C GLU T 94 31.26 7.11 29.39
N VAL T 95 32.07 7.86 30.12
CA VAL T 95 31.62 9.09 30.77
C VAL T 95 32.04 10.23 29.84
N ILE T 96 31.11 10.67 29.01
CA ILE T 96 31.34 11.77 28.07
C ILE T 96 31.29 13.10 28.78
N GLU T 97 32.30 13.94 28.55
CA GLU T 97 32.39 15.25 29.18
C GLU T 97 31.59 16.24 28.30
N MET T 98 30.50 16.73 28.87
CA MET T 98 29.49 17.64 28.32
C MET T 98 29.04 18.68 29.33
N MET T 99 30.02 19.29 30.04
CA MET T 99 29.70 20.34 30.99
C MET T 99 29.04 21.54 30.31
N ASP T 100 29.41 21.82 29.06
CA ASP T 100 28.80 22.90 28.28
C ASP T 100 27.53 22.36 27.63
N LEU T 101 26.44 22.39 28.40
CA LEU T 101 25.15 21.93 27.89
C LEU T 101 24.07 22.60 28.71
N GLU T 102 23.24 23.41 28.07
CA GLU T 102 22.14 24.09 28.75
C GLU T 102 20.99 23.12 28.94
N LEU T 103 20.74 22.73 30.18
CA LEU T 103 19.67 21.80 30.48
C LEU T 103 18.36 22.55 30.56
N VAL T 104 17.26 21.81 30.49
CA VAL T 104 15.93 22.38 30.57
C VAL T 104 15.27 21.85 31.85
N VAL T 105 14.74 22.76 32.66
CA VAL T 105 14.09 22.42 33.91
C VAL T 105 12.86 21.53 33.71
#